data_3S28
#
_entry.id   3S28
#
_cell.length_a   276.750
_cell.length_b   261.880
_cell.length_c   160.190
_cell.angle_alpha   90.00
_cell.angle_beta   108.70
_cell.angle_gamma   90.00
#
_symmetry.space_group_name_H-M   'C 1 2 1'
#
loop_
_entity.id
_entity.type
_entity.pdbx_description
1 polymer 'Sucrose synthase 1'
2 non-polymer "URIDINE-5'-DIPHOSPHATE"
3 non-polymer 1,5-anhydro-D-arabino-hex-1-enitol
4 non-polymer 1,5-anhydro-D-fructose
5 non-polymer 'SULFATE ION'
6 non-polymer 'MALONIC ACID'
7 non-polymer 'POTASSIUM ION'
8 water water
#
_entity_poly.entity_id   1
_entity_poly.type   'polypeptide(L)'
_entity_poly.pdbx_seq_one_letter_code
;MANAERMITRVHSQRERLNETLVSERNEVLALLSRVEAKGKGILQQNQIIAEFEALPEQTRKKLEGGPFFDLLKSTQEAI
VLPPWVALAVRPRPGVWEYLRVNLHALVVEELQPAEFLHFKEELVDGVKNGNFTLELDFEPFNASIPRPTLHKYIGNGVD
FLNRHLSAKLFHDKESLLPLLKFLRLHSHQGKNLMLSEKIQNLNTLQHTLRKAEEYLAELKSETLYEEFEAKFEEIGLER
GWGDNAERVLDMIRLLLDLLEAPDPCTLETFLGRVPMVFNVVILSPHGYFAQDNVLGYPDTGGQVVYILDQVRALEIEML
QRIKQQGLNIKPRILILTRLLPDAVGTTCGERLERVYDSEYCDILRVPFRTEKGIVRKWISRFEVWPYLETYTEDAAVEL
SKELNGKPDLIIGNYSDGNLVASLLAHKLGVTQCTIAHALEKTKYPDSDIYWKKLDDKYHFSCQFTADIFAMNHTDFIIT
STFQEIAGSKETVGQYESHTAFTLPGLYRVVHGIDVFDPKFNIVSPGADMSIYFPYTEEKRRLTKFHSEIEELLYSDVEN
KEHLCVLKDKKKPILFTMARLDRVKNLSGLVEWYGKNTRLRELANLVVVGGDRRKESKDNEEKAEMKKMYDLIEEYKLNG
QFRWISSQMDRVRNGELYRYICDTKGAFVQPALYEAFGLTVVEAMTCGLPTFATCKGGPAEIIVHGKSGFHIDPYHGDQA
ADTLADFFTKCKEDPSHWDEISKGGLQRIEEKYTWQIYSQRLLTLTGVYGFWKHVSNLDRLEARRYLEMFYALKYRPLAQ
AVPLAQDDVEHHHHHH
;
_entity_poly.pdbx_strand_id   A,B,C,D,E,F,G,H
#
# COMPACT_ATOMS: atom_id res chain seq x y z
N ASN A 27 -77.63 14.70 -35.79
CA ASN A 27 -78.22 15.49 -36.87
C ASN A 27 -77.95 14.86 -38.24
N GLU A 28 -78.50 13.67 -38.46
CA GLU A 28 -78.30 12.98 -39.72
C GLU A 28 -78.70 13.83 -40.92
N VAL A 29 -79.63 14.75 -40.69
CA VAL A 29 -80.05 15.70 -41.73
C VAL A 29 -79.06 16.84 -41.85
N LEU A 30 -78.94 17.63 -40.78
CA LEU A 30 -78.09 18.81 -40.74
C LEU A 30 -76.62 18.54 -41.14
N ALA A 31 -75.99 17.57 -40.48
CA ALA A 31 -74.57 17.28 -40.69
C ALA A 31 -74.26 16.96 -42.16
N LEU A 32 -75.12 16.17 -42.79
CA LEU A 32 -74.98 15.82 -44.20
C LEU A 32 -74.90 17.09 -45.04
N LEU A 33 -75.57 18.13 -44.55
CA LEU A 33 -75.77 19.35 -45.34
C LEU A 33 -74.50 20.19 -45.48
N SER A 34 -73.74 20.32 -44.40
CA SER A 34 -72.46 21.05 -44.47
C SER A 34 -71.53 20.36 -45.46
N ARG A 35 -71.34 19.06 -45.27
CA ARG A 35 -70.53 18.25 -46.18
C ARG A 35 -70.96 18.50 -47.62
N VAL A 36 -72.26 18.64 -47.82
CA VAL A 36 -72.81 18.99 -49.12
C VAL A 36 -72.02 20.16 -49.70
N GLU A 37 -72.12 21.32 -49.04
CA GLU A 37 -71.41 22.50 -49.50
C GLU A 37 -69.91 22.26 -49.60
N ALA A 38 -69.39 21.42 -48.72
CA ALA A 38 -67.95 21.17 -48.64
C ALA A 38 -67.38 20.74 -49.99
N LYS A 39 -67.94 19.67 -50.57
CA LYS A 39 -67.47 19.16 -51.85
C LYS A 39 -67.52 20.25 -52.92
N GLY A 40 -68.31 21.28 -52.66
CA GLY A 40 -68.47 22.36 -53.61
C GLY A 40 -67.16 22.99 -54.04
N LYS A 41 -66.37 23.43 -53.05
CA LYS A 41 -65.13 24.15 -53.34
C LYS A 41 -64.11 23.32 -54.13
N GLY A 42 -64.37 22.02 -54.23
CA GLY A 42 -63.54 21.14 -55.04
C GLY A 42 -62.31 20.62 -54.32
N ILE A 43 -61.42 19.99 -55.08
CA ILE A 43 -60.22 19.40 -54.49
C ILE A 43 -59.22 20.53 -54.24
N LEU A 44 -58.85 20.70 -52.97
CA LEU A 44 -58.09 21.87 -52.55
C LEU A 44 -57.81 21.88 -51.03
N GLN A 45 -57.05 22.88 -50.60
CA GLN A 45 -56.76 23.11 -49.20
C GLN A 45 -57.90 23.84 -48.48
N GLN A 46 -58.40 23.24 -47.41
CA GLN A 46 -59.42 23.88 -46.59
C GLN A 46 -58.86 24.46 -45.30
N ASN A 47 -58.86 25.78 -45.19
CA ASN A 47 -58.34 26.46 -44.02
C ASN A 47 -59.51 26.96 -43.17
N GLN A 48 -59.29 27.05 -41.86
CA GLN A 48 -60.37 27.32 -40.90
C GLN A 48 -61.29 28.43 -41.41
N ILE A 49 -60.74 29.62 -41.63
CA ILE A 49 -61.51 30.69 -42.24
C ILE A 49 -62.34 30.14 -43.43
N ILE A 50 -61.67 29.69 -44.49
CA ILE A 50 -62.36 29.11 -45.64
C ILE A 50 -63.30 27.97 -45.22
N ALA A 51 -62.78 27.05 -44.42
CA ALA A 51 -63.37 25.72 -44.21
C ALA A 51 -64.47 25.78 -43.19
N GLU A 52 -64.76 26.98 -42.74
CA GLU A 52 -65.90 27.26 -41.90
C GLU A 52 -66.66 28.45 -42.49
N PHE A 53 -65.99 29.60 -42.52
CA PHE A 53 -66.60 30.87 -42.89
C PHE A 53 -67.45 30.74 -44.15
N GLU A 54 -66.97 29.95 -45.10
CA GLU A 54 -67.76 29.68 -46.30
C GLU A 54 -68.88 28.73 -45.89
N ALA A 55 -68.51 27.53 -45.47
CA ALA A 55 -69.50 26.49 -45.19
C ALA A 55 -70.64 26.91 -44.27
N LEU A 56 -70.35 27.13 -42.99
CA LEU A 56 -71.42 27.41 -42.03
C LEU A 56 -72.12 28.76 -42.22
N PRO A 57 -71.35 29.86 -42.29
CA PRO A 57 -71.96 31.19 -42.46
C PRO A 57 -72.62 31.41 -43.83
N GLU A 58 -72.17 30.69 -44.86
CA GLU A 58 -72.82 30.75 -46.18
C GLU A 58 -73.93 29.69 -46.21
N GLN A 59 -74.13 29.04 -45.07
CA GLN A 59 -75.19 28.07 -44.88
C GLN A 59 -76.50 28.78 -44.53
N THR A 60 -77.51 27.99 -44.17
CA THR A 60 -78.82 28.53 -43.84
C THR A 60 -79.04 28.55 -42.34
N ARG A 61 -80.21 28.99 -41.90
CA ARG A 61 -80.59 28.98 -40.49
C ARG A 61 -80.71 27.54 -40.02
N LYS A 62 -80.56 26.63 -40.98
CA LYS A 62 -80.65 25.19 -40.74
C LYS A 62 -79.55 24.81 -39.77
N LYS A 63 -78.70 25.77 -39.45
CA LYS A 63 -77.65 25.55 -38.48
C LYS A 63 -78.22 24.83 -37.27
N LEU A 64 -79.00 25.55 -36.45
CA LEU A 64 -79.52 24.95 -35.22
C LEU A 64 -78.35 24.21 -34.59
N GLU A 65 -77.17 24.84 -34.67
CA GLU A 65 -75.90 24.15 -34.46
C GLU A 65 -75.31 24.19 -33.05
N GLY A 66 -76.07 24.71 -32.10
CA GLY A 66 -75.59 24.76 -30.72
C GLY A 66 -75.55 23.36 -30.18
N GLY A 67 -75.79 22.38 -31.07
CA GLY A 67 -75.58 20.98 -30.76
C GLY A 67 -74.09 20.62 -30.88
N PRO A 68 -73.76 19.35 -30.65
CA PRO A 68 -72.36 18.88 -30.56
C PRO A 68 -71.52 18.99 -31.83
N PHE A 69 -72.08 18.69 -33.00
CA PHE A 69 -71.27 18.64 -34.24
C PHE A 69 -70.57 19.95 -34.59
N PHE A 70 -71.07 21.06 -34.06
CA PHE A 70 -70.47 22.36 -34.36
C PHE A 70 -69.15 22.58 -33.63
N ASP A 71 -69.03 22.02 -32.43
CA ASP A 71 -67.82 22.18 -31.60
C ASP A 71 -66.59 21.56 -32.25
N LEU A 72 -66.73 20.32 -32.70
CA LEU A 72 -65.67 19.61 -33.43
C LEU A 72 -65.44 20.27 -34.78
N LEU A 73 -66.51 20.88 -35.31
CA LEU A 73 -66.46 21.52 -36.61
C LEU A 73 -65.61 22.79 -36.60
N LYS A 74 -65.73 23.57 -35.54
CA LYS A 74 -65.07 24.87 -35.50
C LYS A 74 -63.67 24.81 -34.89
N SER A 75 -63.29 23.63 -34.41
CA SER A 75 -61.94 23.41 -33.93
C SER A 75 -61.07 22.85 -35.05
N THR A 76 -61.66 22.75 -36.24
CA THR A 76 -60.93 22.21 -37.38
C THR A 76 -59.95 23.24 -37.91
N GLN A 77 -58.67 22.87 -37.92
CA GLN A 77 -57.62 23.76 -38.37
C GLN A 77 -57.49 23.81 -39.87
N GLU A 78 -57.56 22.65 -40.50
CA GLU A 78 -57.60 22.57 -41.95
C GLU A 78 -58.33 21.31 -42.38
N ALA A 79 -58.91 21.35 -43.57
CA ALA A 79 -59.63 20.20 -44.12
C ALA A 79 -59.11 19.92 -45.52
N ILE A 80 -58.76 18.67 -45.77
CA ILE A 80 -58.24 18.29 -47.09
C ILE A 80 -59.38 17.81 -47.96
N VAL A 81 -59.67 18.60 -49.00
CA VAL A 81 -60.78 18.32 -49.89
C VAL A 81 -60.30 17.47 -51.04
N LEU A 82 -60.86 16.26 -51.14
CA LEU A 82 -60.58 15.32 -52.22
C LEU A 82 -61.91 14.82 -52.81
N PRO A 83 -61.83 13.83 -53.71
CA PRO A 83 -63.02 13.05 -54.09
C PRO A 83 -63.54 12.46 -52.79
N PRO A 84 -64.52 11.54 -52.82
CA PRO A 84 -65.61 11.43 -51.84
C PRO A 84 -65.20 11.59 -50.37
N TRP A 85 -63.95 11.35 -50.01
CA TRP A 85 -63.49 11.71 -48.66
C TRP A 85 -62.99 13.16 -48.54
N VAL A 86 -63.26 13.77 -47.38
CA VAL A 86 -62.54 14.96 -46.94
C VAL A 86 -61.87 14.67 -45.60
N ALA A 87 -60.63 15.11 -45.44
CA ALA A 87 -59.88 14.84 -44.22
C ALA A 87 -59.79 16.08 -43.34
N LEU A 88 -59.92 15.87 -42.02
CA LEU A 88 -59.97 16.98 -41.07
C LEU A 88 -58.93 16.90 -39.97
N ALA A 89 -58.16 17.97 -39.83
CA ALA A 89 -57.26 18.12 -38.70
C ALA A 89 -57.98 18.91 -37.62
N VAL A 90 -58.16 18.30 -36.45
CA VAL A 90 -58.97 18.94 -35.41
C VAL A 90 -58.19 19.24 -34.13
N ARG A 91 -58.40 20.45 -33.62
CA ARG A 91 -57.58 21.01 -32.56
C ARG A 91 -58.43 21.55 -31.41
N PRO A 92 -58.94 20.65 -30.55
CA PRO A 92 -59.80 20.95 -29.41
C PRO A 92 -59.19 21.97 -28.50
N ARG A 93 -57.91 21.73 -28.22
CA ARG A 93 -57.14 22.54 -27.29
C ARG A 93 -55.78 22.75 -27.94
N PRO A 94 -55.01 23.71 -27.41
CA PRO A 94 -53.66 23.88 -27.95
C PRO A 94 -52.87 22.61 -27.69
N GLY A 95 -52.14 22.14 -28.69
CA GLY A 95 -51.26 21.00 -28.52
C GLY A 95 -51.95 19.65 -28.42
N VAL A 96 -53.26 19.64 -28.62
CA VAL A 96 -54.02 18.40 -28.65
C VAL A 96 -54.71 18.29 -30.00
N TRP A 97 -54.35 17.27 -30.77
CA TRP A 97 -54.84 17.11 -32.14
C TRP A 97 -55.47 15.75 -32.34
N GLU A 98 -56.55 15.71 -33.10
CA GLU A 98 -57.09 14.44 -33.59
C GLU A 98 -57.47 14.59 -35.06
N TYR A 99 -57.12 13.59 -35.86
CA TYR A 99 -57.36 13.64 -37.29
C TYR A 99 -58.43 12.64 -37.64
N LEU A 100 -59.24 12.97 -38.65
CA LEU A 100 -60.27 12.03 -39.08
C LEU A 100 -60.74 12.26 -40.51
N ARG A 101 -61.36 11.24 -41.07
CA ARG A 101 -61.83 11.27 -42.44
C ARG A 101 -63.34 11.03 -42.46
N VAL A 102 -64.08 11.93 -43.10
CA VAL A 102 -65.52 11.76 -43.22
C VAL A 102 -65.86 11.53 -44.69
N ASN A 103 -66.95 10.80 -44.94
CA ASN A 103 -67.36 10.53 -46.31
C ASN A 103 -68.17 11.67 -46.89
N LEU A 104 -67.76 12.17 -48.05
CA LEU A 104 -68.39 13.34 -48.68
C LEU A 104 -69.90 13.15 -48.81
N HIS A 105 -70.32 12.05 -49.44
CA HIS A 105 -71.71 11.62 -49.32
C HIS A 105 -71.70 10.32 -48.55
N ALA A 106 -72.11 10.39 -47.29
CA ALA A 106 -72.14 9.24 -46.41
C ALA A 106 -72.45 9.75 -45.02
N LEU A 107 -72.78 8.83 -44.10
CA LEU A 107 -72.87 9.16 -42.69
C LEU A 107 -71.59 8.81 -41.92
N VAL A 108 -70.61 8.23 -42.61
CA VAL A 108 -69.47 7.61 -41.95
C VAL A 108 -68.24 8.50 -41.74
N VAL A 109 -67.73 8.48 -40.51
CA VAL A 109 -66.53 9.24 -40.16
C VAL A 109 -65.55 8.35 -39.38
N GLU A 110 -64.37 8.12 -39.95
CA GLU A 110 -63.38 7.22 -39.37
C GLU A 110 -62.11 7.94 -38.93
N GLU A 111 -61.66 7.63 -37.71
CA GLU A 111 -60.44 8.21 -37.16
C GLU A 111 -59.21 7.96 -38.04
N LEU A 112 -58.33 8.95 -38.10
CA LEU A 112 -57.09 8.82 -38.86
C LEU A 112 -55.86 8.98 -37.97
N GLN A 113 -54.87 8.14 -38.21
CA GLN A 113 -53.55 8.30 -37.61
C GLN A 113 -52.90 9.51 -38.26
N PRO A 114 -51.97 10.16 -37.54
CA PRO A 114 -51.25 11.30 -38.10
C PRO A 114 -50.65 10.99 -39.46
N ALA A 115 -50.00 9.85 -39.59
CA ALA A 115 -49.39 9.46 -40.86
C ALA A 115 -50.42 9.39 -41.99
N GLU A 116 -51.63 8.93 -41.67
CA GLU A 116 -52.70 8.80 -42.65
C GLU A 116 -53.22 10.14 -43.11
N PHE A 117 -53.43 11.05 -42.16
CA PHE A 117 -53.86 12.39 -42.50
C PHE A 117 -52.88 13.01 -43.49
N LEU A 118 -51.59 12.79 -43.24
CA LEU A 118 -50.54 13.32 -44.10
C LEU A 118 -50.50 12.60 -45.46
N HIS A 119 -51.10 11.42 -45.53
CA HIS A 119 -51.25 10.74 -46.81
C HIS A 119 -52.06 11.65 -47.73
N PHE A 120 -53.23 12.07 -47.24
CA PHE A 120 -54.14 12.89 -48.02
C PHE A 120 -53.44 14.06 -48.67
N LYS A 121 -52.68 14.79 -47.86
CA LYS A 121 -51.95 15.96 -48.37
C LYS A 121 -50.98 15.55 -49.46
N GLU A 122 -50.23 14.48 -49.21
CA GLU A 122 -49.30 13.99 -50.21
C GLU A 122 -50.07 13.66 -51.48
N GLU A 123 -51.20 12.98 -51.32
CA GLU A 123 -52.00 12.58 -52.46
C GLU A 123 -52.58 13.79 -53.22
N LEU A 124 -53.05 14.78 -52.48
CA LEU A 124 -53.64 15.97 -53.09
C LEU A 124 -52.65 16.77 -53.95
N VAL A 125 -51.37 16.50 -53.78
CA VAL A 125 -50.35 17.22 -54.52
C VAL A 125 -49.72 16.36 -55.60
N ASP A 126 -49.02 15.32 -55.18
CA ASP A 126 -48.29 14.46 -56.11
C ASP A 126 -49.23 13.53 -56.87
N GLY A 127 -50.38 13.23 -56.27
CA GLY A 127 -51.37 12.35 -56.87
C GLY A 127 -51.29 10.98 -56.26
N VAL A 128 -50.12 10.67 -55.70
CA VAL A 128 -49.92 9.41 -54.97
C VAL A 128 -49.35 9.74 -53.59
N LYS A 129 -49.42 8.79 -52.66
CA LYS A 129 -48.81 8.99 -51.35
C LYS A 129 -47.30 8.90 -51.53
N ASN A 130 -46.54 9.10 -50.46
CA ASN A 130 -45.09 8.95 -50.54
C ASN A 130 -44.72 7.47 -50.61
N GLY A 131 -43.58 7.15 -51.22
CA GLY A 131 -43.18 5.77 -51.36
C GLY A 131 -43.30 5.08 -50.02
N ASN A 132 -43.88 3.88 -50.03
CA ASN A 132 -44.20 3.20 -48.78
C ASN A 132 -43.03 3.20 -47.82
N PHE A 133 -41.85 2.99 -48.37
CA PHE A 133 -40.65 2.87 -47.55
C PHE A 133 -39.81 4.15 -47.43
N THR A 134 -40.31 5.25 -48.01
CA THR A 134 -39.69 6.56 -47.83
C THR A 134 -39.86 7.14 -46.41
N LEU A 135 -38.94 8.01 -46.02
CA LEU A 135 -38.75 8.40 -44.63
C LEU A 135 -39.95 8.99 -43.90
N GLU A 136 -40.15 8.49 -42.69
CA GLU A 136 -41.12 9.04 -41.75
C GLU A 136 -40.35 9.43 -40.48
N LEU A 137 -40.28 10.74 -40.18
CA LEU A 137 -39.64 11.19 -38.93
C LEU A 137 -40.58 11.15 -37.74
N ASP A 138 -40.19 10.41 -36.71
CA ASP A 138 -40.94 10.40 -35.48
C ASP A 138 -39.95 10.59 -34.35
N PHE A 139 -40.03 11.72 -33.66
CA PHE A 139 -39.16 11.97 -32.51
C PHE A 139 -39.80 11.57 -31.17
N GLU A 140 -41.06 11.15 -31.23
CA GLU A 140 -41.83 10.84 -30.03
C GLU A 140 -41.13 9.86 -29.08
N PRO A 141 -40.81 8.66 -29.57
CA PRO A 141 -40.17 7.62 -28.78
C PRO A 141 -38.81 8.04 -28.22
N PHE A 142 -38.17 9.01 -28.87
CA PHE A 142 -36.87 9.46 -28.40
C PHE A 142 -36.98 10.43 -27.24
N ASN A 143 -38.17 10.95 -27.02
CA ASN A 143 -38.36 11.95 -25.97
C ASN A 143 -38.89 11.43 -24.62
N ALA A 144 -39.15 10.12 -24.54
CA ALA A 144 -39.89 9.56 -23.42
C ALA A 144 -39.15 9.76 -22.09
N SER A 145 -37.95 10.29 -22.17
CA SER A 145 -37.06 10.41 -21.01
C SER A 145 -37.79 10.94 -19.79
N ILE A 146 -38.57 12.00 -19.97
CA ILE A 146 -39.32 12.59 -18.89
C ILE A 146 -40.78 12.40 -19.17
N PRO A 147 -41.61 12.38 -18.13
CA PRO A 147 -43.05 12.39 -18.39
C PRO A 147 -43.35 13.73 -19.04
N ARG A 148 -44.52 13.88 -19.66
CA ARG A 148 -44.79 15.15 -20.31
C ARG A 148 -46.00 15.78 -19.67
N PRO A 149 -45.95 17.11 -19.50
CA PRO A 149 -47.08 17.87 -18.95
C PRO A 149 -48.20 17.85 -19.95
N THR A 150 -49.42 17.66 -19.49
CA THR A 150 -50.60 17.80 -20.34
C THR A 150 -51.24 19.16 -20.13
N LEU A 151 -50.68 19.92 -19.21
CA LEU A 151 -51.26 21.18 -18.76
C LEU A 151 -50.81 22.39 -19.58
N HIS A 152 -51.78 23.13 -20.08
CA HIS A 152 -51.53 24.37 -20.79
C HIS A 152 -50.53 25.23 -20.01
N LYS A 153 -50.67 25.25 -18.69
CA LYS A 153 -49.79 26.04 -17.83
C LYS A 153 -48.29 25.77 -18.02
N TYR A 154 -47.94 24.53 -18.34
CA TYR A 154 -46.52 24.19 -18.47
C TYR A 154 -45.95 24.42 -19.85
N ILE A 155 -46.80 24.70 -20.84
CA ILE A 155 -46.30 25.08 -22.14
C ILE A 155 -45.44 26.35 -22.00
N GLY A 156 -44.22 26.27 -22.50
CA GLY A 156 -43.27 27.36 -22.38
C GLY A 156 -42.68 27.47 -20.99
N ASN A 157 -43.23 26.70 -20.07
CA ASN A 157 -42.73 26.59 -18.69
C ASN A 157 -41.79 25.44 -18.30
N GLY A 158 -41.30 24.68 -19.27
CA GLY A 158 -40.67 23.40 -19.02
C GLY A 158 -39.63 23.30 -17.93
N VAL A 159 -38.86 24.35 -17.66
CA VAL A 159 -37.84 24.24 -16.62
C VAL A 159 -38.49 24.00 -15.26
N ASP A 160 -39.68 24.55 -15.08
CA ASP A 160 -40.46 24.32 -13.86
C ASP A 160 -40.81 22.86 -13.75
N PHE A 161 -41.08 22.26 -14.90
CA PHE A 161 -41.42 20.85 -14.96
C PHE A 161 -40.21 19.97 -14.72
N LEU A 162 -39.11 20.28 -15.39
CA LEU A 162 -37.88 19.53 -15.21
C LEU A 162 -37.41 19.66 -13.77
N ASN A 163 -37.72 20.79 -13.15
CA ASN A 163 -37.32 21.03 -11.77
C ASN A 163 -38.00 20.09 -10.79
N ARG A 164 -39.26 19.78 -11.06
CA ARG A 164 -40.04 18.89 -10.23
C ARG A 164 -39.68 17.42 -10.52
N HIS A 165 -39.30 17.11 -11.75
CA HIS A 165 -38.84 15.77 -12.08
C HIS A 165 -37.52 15.47 -11.38
N LEU A 166 -36.53 16.35 -11.53
CA LEU A 166 -35.24 16.17 -10.88
C LEU A 166 -35.40 16.18 -9.38
N SER A 167 -36.20 17.11 -8.90
CA SER A 167 -36.47 17.25 -7.48
C SER A 167 -36.92 15.91 -6.92
N ALA A 168 -37.87 15.28 -7.60
CA ALA A 168 -38.37 13.97 -7.21
C ALA A 168 -37.36 12.85 -7.45
N LYS A 169 -36.79 12.81 -8.64
CA LYS A 169 -35.82 11.76 -8.93
C LYS A 169 -34.69 11.80 -7.90
N LEU A 170 -34.43 12.99 -7.37
CA LEU A 170 -33.34 13.19 -6.42
C LEU A 170 -33.65 12.75 -5.00
N PHE A 171 -34.92 12.54 -4.69
CA PHE A 171 -35.28 12.40 -3.29
C PHE A 171 -34.94 11.01 -2.76
N HIS A 172 -34.02 11.00 -1.80
CA HIS A 172 -33.46 9.79 -1.19
C HIS A 172 -33.23 8.67 -2.21
N ASP A 173 -32.37 8.97 -3.18
CA ASP A 173 -31.94 8.00 -4.17
C ASP A 173 -30.44 8.24 -4.30
N LYS A 174 -29.62 7.26 -3.94
CA LYS A 174 -28.19 7.51 -3.93
C LYS A 174 -27.63 7.50 -5.35
N GLU A 175 -28.05 6.53 -6.15
CA GLU A 175 -27.66 6.48 -7.56
C GLU A 175 -28.08 7.76 -8.28
N SER A 176 -29.02 8.48 -7.68
CA SER A 176 -29.49 9.76 -8.20
C SER A 176 -28.59 10.95 -7.84
N LEU A 177 -28.11 10.99 -6.60
CA LEU A 177 -27.36 12.15 -6.10
C LEU A 177 -25.91 12.20 -6.61
N LEU A 178 -25.33 11.04 -6.88
CA LEU A 178 -23.93 10.97 -7.28
C LEU A 178 -23.59 11.90 -8.44
N PRO A 179 -24.42 11.93 -9.48
CA PRO A 179 -24.13 12.80 -10.62
C PRO A 179 -23.92 14.25 -10.18
N LEU A 180 -24.77 14.76 -9.28
CA LEU A 180 -24.62 16.13 -8.79
C LEU A 180 -23.27 16.34 -8.11
N LEU A 181 -22.79 15.33 -7.39
CA LEU A 181 -21.48 15.39 -6.74
C LEU A 181 -20.37 15.35 -7.77
N LYS A 182 -20.53 14.49 -8.78
CA LYS A 182 -19.54 14.36 -9.85
C LYS A 182 -19.47 15.70 -10.59
N PHE A 183 -20.65 16.29 -10.78
CA PHE A 183 -20.75 17.59 -11.41
C PHE A 183 -19.91 18.60 -10.64
N LEU A 184 -20.19 18.75 -9.36
CA LEU A 184 -19.52 19.78 -8.57
C LEU A 184 -18.03 19.52 -8.42
N ARG A 185 -17.65 18.24 -8.41
CA ARG A 185 -16.26 17.86 -8.25
C ARG A 185 -15.47 18.10 -9.54
N LEU A 186 -16.06 17.69 -10.66
CA LEU A 186 -15.41 17.88 -11.95
C LEU A 186 -15.39 19.35 -12.38
N HIS A 187 -16.29 20.14 -11.79
CA HIS A 187 -16.48 21.51 -12.22
C HIS A 187 -15.27 22.41 -11.98
N SER A 188 -14.81 23.03 -13.06
CA SER A 188 -13.63 23.88 -13.02
C SER A 188 -13.67 24.85 -14.19
N HIS A 189 -12.88 25.91 -14.12
CA HIS A 189 -12.74 26.80 -15.26
C HIS A 189 -11.30 27.29 -15.43
N GLN A 190 -10.74 27.12 -16.62
CA GLN A 190 -9.40 27.61 -16.94
C GLN A 190 -8.33 27.07 -15.99
N GLY A 191 -8.39 25.77 -15.69
CA GLY A 191 -7.40 25.14 -14.84
C GLY A 191 -7.49 25.51 -13.37
N LYS A 192 -8.64 26.03 -12.96
CA LYS A 192 -8.88 26.46 -11.60
C LYS A 192 -10.08 25.69 -11.06
N ASN A 193 -9.91 25.02 -9.93
CA ASN A 193 -10.99 24.17 -9.41
C ASN A 193 -12.06 24.98 -8.71
N LEU A 194 -13.31 24.54 -8.85
CA LEU A 194 -14.44 25.26 -8.28
C LEU A 194 -15.29 24.32 -7.44
N MET A 195 -16.09 24.86 -6.52
CA MET A 195 -16.98 24.02 -5.69
C MET A 195 -16.22 22.94 -4.90
N LEU A 196 -16.43 21.67 -5.23
CA LEU A 196 -15.76 20.55 -4.57
C LEU A 196 -14.42 20.14 -5.17
N SER A 197 -13.45 19.78 -4.33
CA SER A 197 -12.18 19.26 -4.82
C SER A 197 -12.19 17.73 -4.92
N GLU A 198 -11.08 17.16 -5.39
CA GLU A 198 -10.99 15.71 -5.54
C GLU A 198 -10.95 14.98 -4.20
N LYS A 199 -10.76 15.74 -3.12
CA LYS A 199 -10.76 15.16 -1.78
C LYS A 199 -12.12 14.60 -1.40
N ILE A 200 -13.16 14.96 -2.14
CA ILE A 200 -14.50 14.42 -1.87
C ILE A 200 -14.83 13.33 -2.89
N GLN A 201 -14.79 12.07 -2.47
CA GLN A 201 -15.12 10.97 -3.39
C GLN A 201 -16.52 10.36 -3.28
N ASN A 202 -17.30 10.78 -2.28
CA ASN A 202 -18.62 10.18 -2.04
C ASN A 202 -19.60 11.01 -1.23
N LEU A 203 -20.88 10.66 -1.32
CA LEU A 203 -21.93 11.41 -0.63
C LEU A 203 -21.71 11.52 0.87
N ASN A 204 -21.10 10.50 1.45
CA ASN A 204 -20.85 10.49 2.89
C ASN A 204 -19.88 11.60 3.31
N THR A 205 -18.76 11.72 2.60
CA THR A 205 -17.80 12.75 2.92
C THR A 205 -18.34 14.14 2.57
N LEU A 206 -19.07 14.23 1.47
CA LEU A 206 -19.64 15.51 1.04
C LEU A 206 -20.59 16.02 2.10
N GLN A 207 -21.45 15.12 2.56
CA GLN A 207 -22.41 15.40 3.62
C GLN A 207 -21.69 15.86 4.88
N HIS A 208 -20.60 15.17 5.20
CA HIS A 208 -19.80 15.47 6.38
C HIS A 208 -19.11 16.84 6.27
N THR A 209 -18.49 17.09 5.13
CA THR A 209 -17.78 18.33 4.89
C THR A 209 -18.68 19.56 4.94
N LEU A 210 -19.82 19.48 4.25
CA LEU A 210 -20.76 20.59 4.23
C LEU A 210 -21.19 20.97 5.65
N ARG A 211 -21.55 19.97 6.45
CA ARG A 211 -21.94 20.22 7.82
C ARG A 211 -20.79 20.92 8.54
N LYS A 212 -19.58 20.38 8.41
CA LYS A 212 -18.42 20.98 9.03
C LYS A 212 -18.26 22.43 8.61
N ALA A 213 -18.39 22.69 7.31
CA ALA A 213 -18.29 24.04 6.80
C ALA A 213 -19.38 24.93 7.39
N GLU A 214 -20.59 24.39 7.49
CA GLU A 214 -21.72 25.15 8.00
C GLU A 214 -21.43 25.61 9.43
N GLU A 215 -21.11 24.65 10.30
CA GLU A 215 -20.83 24.94 11.70
C GLU A 215 -19.78 26.05 11.82
N TYR A 216 -18.72 25.93 11.05
CA TYR A 216 -17.67 26.95 11.06
C TYR A 216 -18.21 28.32 10.63
N LEU A 217 -18.91 28.36 9.51
CA LEU A 217 -19.33 29.62 8.93
C LEU A 217 -20.34 30.38 9.78
N ALA A 218 -21.25 29.66 10.41
CA ALA A 218 -22.33 30.31 11.14
C ALA A 218 -21.80 31.12 12.32
N GLU A 219 -20.55 30.86 12.70
CA GLU A 219 -19.90 31.59 13.78
C GLU A 219 -19.33 32.96 13.36
N LEU A 220 -18.91 33.07 12.11
CA LEU A 220 -18.29 34.28 11.57
C LEU A 220 -19.25 35.45 11.29
N LYS A 221 -18.70 36.66 11.20
CA LYS A 221 -19.47 37.82 10.78
C LYS A 221 -19.93 37.68 9.32
N SER A 222 -21.14 38.13 9.04
CA SER A 222 -21.74 38.01 7.69
C SER A 222 -20.83 38.49 6.54
N GLU A 223 -20.13 39.59 6.79
CA GLU A 223 -19.34 40.26 5.76
C GLU A 223 -17.93 39.70 5.63
N THR A 224 -17.62 38.67 6.41
CA THR A 224 -16.31 38.06 6.35
C THR A 224 -16.06 37.60 4.92
N LEU A 225 -14.92 38.00 4.34
CA LEU A 225 -14.61 37.64 2.96
C LEU A 225 -14.13 36.20 2.82
N TYR A 226 -14.40 35.59 1.68
CA TYR A 226 -14.02 34.20 1.46
C TYR A 226 -12.54 33.93 1.77
N GLU A 227 -11.68 34.90 1.49
CA GLU A 227 -10.23 34.71 1.68
C GLU A 227 -9.87 34.30 3.11
N GLU A 228 -10.50 34.93 4.10
CA GLU A 228 -10.30 34.54 5.49
C GLU A 228 -10.40 33.03 5.63
N PHE A 229 -11.59 32.49 5.39
CA PHE A 229 -11.84 31.08 5.63
C PHE A 229 -11.41 30.15 4.49
N GLU A 230 -10.80 30.74 3.46
CA GLU A 230 -10.34 29.95 2.31
C GLU A 230 -9.36 28.87 2.72
N ALA A 231 -8.42 29.24 3.60
CA ALA A 231 -7.39 28.30 4.04
C ALA A 231 -8.05 27.01 4.56
N LYS A 232 -8.98 27.18 5.49
CA LYS A 232 -9.73 26.07 6.08
C LYS A 232 -10.50 25.26 5.04
N PHE A 233 -11.32 25.96 4.24
CA PHE A 233 -12.14 25.33 3.22
C PHE A 233 -11.36 24.38 2.32
N GLU A 234 -10.11 24.77 1.99
CA GLU A 234 -9.26 23.96 1.12
C GLU A 234 -8.80 22.66 1.78
N GLU A 235 -8.67 22.67 3.10
CA GLU A 235 -8.31 21.47 3.84
C GLU A 235 -9.42 20.45 3.76
N ILE A 236 -10.65 20.90 3.97
CA ILE A 236 -11.79 19.99 4.02
C ILE A 236 -12.38 19.68 2.65
N GLY A 237 -11.80 20.26 1.61
CA GLY A 237 -12.16 19.93 0.23
C GLY A 237 -13.05 20.92 -0.50
N LEU A 238 -13.23 22.11 0.06
CA LEU A 238 -14.06 23.13 -0.58
C LEU A 238 -13.27 24.14 -1.39
N GLU A 239 -13.47 24.15 -2.70
CA GLU A 239 -12.87 25.16 -3.59
C GLU A 239 -13.80 26.36 -3.79
N ARG A 240 -13.31 27.36 -4.51
CA ARG A 240 -14.04 28.62 -4.67
C ARG A 240 -15.34 28.54 -5.49
N GLY A 241 -16.15 29.58 -5.35
CA GLY A 241 -17.40 29.71 -6.07
C GLY A 241 -18.68 29.56 -5.27
N TRP A 242 -18.58 29.36 -3.97
CA TRP A 242 -19.78 29.27 -3.13
C TRP A 242 -20.34 30.66 -2.85
N GLY A 243 -19.47 31.65 -2.75
CA GLY A 243 -19.90 33.02 -2.52
C GLY A 243 -18.74 33.88 -2.10
N ASP A 244 -18.93 35.19 -2.13
CA ASP A 244 -17.84 36.13 -1.84
C ASP A 244 -17.60 36.35 -0.34
N ASN A 245 -18.67 36.26 0.45
CA ASN A 245 -18.59 36.48 1.89
C ASN A 245 -19.15 35.29 2.66
N ALA A 246 -19.16 35.37 3.99
CA ALA A 246 -19.58 34.24 4.80
C ALA A 246 -21.06 33.99 4.58
N GLU A 247 -21.83 35.07 4.62
CA GLU A 247 -23.25 34.97 4.47
C GLU A 247 -23.63 34.16 3.23
N ARG A 248 -23.15 34.60 2.07
CA ARG A 248 -23.52 33.95 0.82
C ARG A 248 -23.02 32.51 0.77
N VAL A 249 -21.83 32.27 1.27
CA VAL A 249 -21.30 30.91 1.26
C VAL A 249 -22.18 30.02 2.11
N LEU A 250 -22.71 30.58 3.20
CA LEU A 250 -23.57 29.85 4.10
C LEU A 250 -24.87 29.38 3.41
N ASP A 251 -25.57 30.31 2.77
CA ASP A 251 -26.81 29.95 2.07
C ASP A 251 -26.58 28.86 1.01
N MET A 252 -25.49 28.96 0.26
CA MET A 252 -25.20 28.00 -0.79
C MET A 252 -24.94 26.62 -0.22
N ILE A 253 -24.23 26.57 0.89
CA ILE A 253 -23.94 25.29 1.52
C ILE A 253 -25.23 24.70 2.06
N ARG A 254 -26.02 25.52 2.75
CA ARG A 254 -27.31 25.07 3.26
C ARG A 254 -28.27 24.60 2.15
N LEU A 255 -28.26 25.29 1.02
CA LEU A 255 -29.02 24.86 -0.16
C LEU A 255 -28.69 23.44 -0.58
N LEU A 256 -27.40 23.17 -0.73
CA LEU A 256 -26.94 21.86 -1.19
C LEU A 256 -27.26 20.76 -0.18
N LEU A 257 -27.10 21.07 1.10
CA LEU A 257 -27.43 20.12 2.15
C LEU A 257 -28.89 19.74 1.99
N ASP A 258 -29.72 20.75 1.77
CA ASP A 258 -31.14 20.54 1.47
C ASP A 258 -31.37 19.53 0.35
N LEU A 259 -30.69 19.68 -0.78
CA LEU A 259 -30.89 18.76 -1.91
C LEU A 259 -30.43 17.34 -1.59
N LEU A 260 -29.51 17.22 -0.64
CA LEU A 260 -29.07 15.91 -0.19
C LEU A 260 -30.07 15.31 0.80
N GLU A 261 -30.87 16.17 1.40
CA GLU A 261 -31.83 15.76 2.42
C GLU A 261 -33.26 15.71 1.86
N ALA A 262 -33.83 16.89 1.59
CA ALA A 262 -35.19 17.00 1.07
C ALA A 262 -35.25 17.93 -0.18
N PRO A 263 -34.98 17.36 -1.36
CA PRO A 263 -35.00 18.14 -2.60
C PRO A 263 -36.38 18.73 -2.89
N ASP A 264 -36.44 20.02 -3.20
CA ASP A 264 -37.65 20.62 -3.72
C ASP A 264 -37.33 21.44 -4.97
N PRO A 265 -38.33 21.70 -5.81
CA PRO A 265 -38.02 22.40 -7.06
C PRO A 265 -37.35 23.75 -6.83
N CYS A 266 -37.84 24.54 -5.88
CA CYS A 266 -37.27 25.89 -5.69
C CYS A 266 -35.82 25.82 -5.23
N THR A 267 -35.54 24.93 -4.30
CA THR A 267 -34.17 24.74 -3.84
C THR A 267 -33.29 24.31 -5.00
N LEU A 268 -33.73 23.30 -5.75
CA LEU A 268 -32.95 22.78 -6.85
C LEU A 268 -32.60 23.89 -7.84
N GLU A 269 -33.62 24.62 -8.29
CA GLU A 269 -33.40 25.66 -9.27
C GLU A 269 -32.42 26.67 -8.72
N THR A 270 -32.65 27.13 -7.52
CA THR A 270 -31.84 28.21 -6.96
C THR A 270 -30.36 27.82 -6.85
N PHE A 271 -30.08 26.61 -6.39
CA PHE A 271 -28.70 26.20 -6.24
C PHE A 271 -28.03 26.10 -7.60
N LEU A 272 -28.71 25.45 -8.54
CA LEU A 272 -28.14 25.25 -9.86
C LEU A 272 -27.94 26.57 -10.58
N GLY A 273 -28.83 27.51 -10.33
CA GLY A 273 -28.72 28.81 -10.94
C GLY A 273 -27.55 29.60 -10.38
N ARG A 274 -27.19 29.30 -9.13
CA ARG A 274 -26.14 30.00 -8.40
C ARG A 274 -24.71 29.53 -8.71
N VAL A 275 -24.56 28.23 -8.96
CA VAL A 275 -23.26 27.65 -9.22
C VAL A 275 -22.62 28.41 -10.38
N PRO A 276 -21.43 29.00 -10.18
CA PRO A 276 -20.86 29.69 -11.35
C PRO A 276 -20.60 28.71 -12.47
N MET A 277 -21.16 28.99 -13.64
CA MET A 277 -21.03 28.13 -14.82
C MET A 277 -20.66 28.93 -16.05
N VAL A 278 -21.53 29.88 -16.40
CA VAL A 278 -21.44 30.56 -17.68
C VAL A 278 -20.42 31.70 -17.62
N PHE A 279 -19.38 31.54 -18.42
CA PHE A 279 -18.23 32.44 -18.51
C PHE A 279 -17.98 32.81 -19.97
N ASN A 280 -17.68 31.80 -20.78
CA ASN A 280 -17.52 31.98 -22.21
C ASN A 280 -18.83 31.63 -22.94
N VAL A 281 -19.35 32.56 -23.74
CA VAL A 281 -20.60 32.31 -24.45
C VAL A 281 -20.42 32.53 -25.95
N VAL A 282 -20.93 31.59 -26.75
CA VAL A 282 -20.84 31.68 -28.21
C VAL A 282 -22.24 31.79 -28.86
N ILE A 283 -22.45 32.87 -29.60
CA ILE A 283 -23.72 33.10 -30.26
C ILE A 283 -23.56 33.01 -31.79
N LEU A 284 -24.51 32.36 -32.45
CA LEU A 284 -24.38 32.05 -33.87
C LEU A 284 -25.41 32.82 -34.69
N SER A 285 -24.91 33.66 -35.60
CA SER A 285 -25.76 34.43 -36.51
C SER A 285 -25.10 34.61 -37.90
N PRO A 286 -24.96 33.53 -38.67
CA PRO A 286 -24.20 33.62 -39.93
C PRO A 286 -24.77 34.60 -40.99
N HIS A 287 -26.08 34.61 -41.20
CA HIS A 287 -26.63 35.36 -42.32
C HIS A 287 -26.78 36.86 -42.05
N GLY A 288 -27.21 37.59 -43.07
CA GLY A 288 -27.40 39.02 -42.97
C GLY A 288 -26.09 39.78 -43.02
N TYR A 289 -26.18 41.11 -42.92
CA TYR A 289 -25.01 41.91 -42.68
C TYR A 289 -25.08 42.22 -41.19
N PHE A 290 -24.26 41.56 -40.40
CA PHE A 290 -24.43 41.71 -38.96
C PHE A 290 -23.47 42.77 -38.48
N ALA A 291 -23.98 43.92 -38.07
CA ALA A 291 -23.11 45.01 -37.64
C ALA A 291 -23.85 45.98 -36.77
N GLN A 292 -23.13 46.98 -36.27
CA GLN A 292 -23.73 47.95 -35.36
C GLN A 292 -24.15 49.27 -36.01
N ASP A 293 -23.88 49.44 -37.30
CA ASP A 293 -24.28 50.65 -38.02
C ASP A 293 -24.31 50.38 -39.51
N ASN A 294 -25.06 51.21 -40.23
CA ASN A 294 -25.09 51.17 -41.69
C ASN A 294 -25.56 49.84 -42.26
N VAL A 295 -26.40 49.15 -41.50
CA VAL A 295 -26.91 47.82 -41.87
C VAL A 295 -28.44 47.66 -41.83
N LEU A 296 -29.04 47.93 -40.68
CA LEU A 296 -30.44 47.58 -40.44
C LEU A 296 -31.35 48.02 -41.57
N GLY A 297 -32.12 47.07 -42.09
CA GLY A 297 -32.96 47.31 -43.24
C GLY A 297 -32.42 46.69 -44.52
N TYR A 298 -31.14 46.36 -44.56
CA TYR A 298 -30.62 45.62 -45.69
C TYR A 298 -31.34 44.28 -45.70
N PRO A 299 -31.31 43.58 -46.83
CA PRO A 299 -31.86 42.23 -46.84
C PRO A 299 -31.34 41.39 -45.68
N ASP A 300 -32.23 40.62 -45.03
CA ASP A 300 -31.83 39.66 -44.00
C ASP A 300 -31.29 40.31 -42.72
N THR A 301 -31.20 41.62 -42.72
CA THR A 301 -30.67 42.32 -41.55
C THR A 301 -31.78 43.09 -40.83
N GLY A 302 -31.96 42.81 -39.55
CA GLY A 302 -33.23 43.03 -38.89
C GLY A 302 -33.22 42.84 -37.38
N GLY A 303 -34.40 42.59 -36.84
CA GLY A 303 -34.57 42.41 -35.41
C GLY A 303 -33.69 41.33 -34.83
N GLN A 304 -33.24 40.41 -35.66
CA GLN A 304 -32.37 39.36 -35.15
C GLN A 304 -31.02 39.98 -34.70
N VAL A 305 -30.50 40.87 -35.53
CA VAL A 305 -29.28 41.60 -35.22
C VAL A 305 -29.51 42.49 -34.01
N VAL A 306 -30.68 43.10 -33.96
CA VAL A 306 -31.01 43.98 -32.84
C VAL A 306 -31.12 43.22 -31.52
N TYR A 307 -31.93 42.16 -31.54
CA TYR A 307 -32.11 41.29 -30.39
C TYR A 307 -30.75 40.85 -29.83
N ILE A 308 -29.90 40.31 -30.70
CA ILE A 308 -28.61 39.78 -30.27
C ILE A 308 -27.68 40.80 -29.61
N LEU A 309 -27.57 41.99 -30.21
CA LEU A 309 -26.76 43.06 -29.63
C LEU A 309 -27.24 43.49 -28.25
N ASP A 310 -28.56 43.55 -28.06
CA ASP A 310 -29.15 43.87 -26.75
C ASP A 310 -28.89 42.73 -25.77
N GLN A 311 -29.14 41.52 -26.24
CA GLN A 311 -28.98 40.30 -25.49
C GLN A 311 -27.61 40.20 -24.82
N VAL A 312 -26.55 40.33 -25.62
CA VAL A 312 -25.21 40.12 -25.10
C VAL A 312 -24.88 41.15 -24.04
N ARG A 313 -25.21 42.41 -24.32
CA ARG A 313 -25.01 43.48 -23.33
C ARG A 313 -25.68 43.15 -22.00
N ALA A 314 -26.96 42.80 -22.06
CA ALA A 314 -27.70 42.47 -20.85
C ALA A 314 -27.05 41.29 -20.12
N LEU A 315 -26.60 40.33 -20.92
CA LEU A 315 -26.07 39.07 -20.45
C LEU A 315 -24.70 39.24 -19.80
N GLU A 316 -23.90 40.16 -20.34
CA GLU A 316 -22.58 40.44 -19.82
C GLU A 316 -22.67 41.02 -18.42
N ILE A 317 -23.61 41.95 -18.25
CA ILE A 317 -23.80 42.62 -16.98
C ILE A 317 -24.16 41.62 -15.88
N GLU A 318 -24.92 40.60 -16.25
CA GLU A 318 -25.36 39.60 -15.29
C GLU A 318 -24.23 38.63 -15.00
N MET A 319 -23.50 38.24 -16.04
CA MET A 319 -22.42 37.29 -15.85
C MET A 319 -21.39 37.88 -14.91
N LEU A 320 -21.05 39.16 -15.11
CA LEU A 320 -20.07 39.81 -14.25
C LEU A 320 -20.58 39.81 -12.82
N GLN A 321 -21.86 40.12 -12.68
CA GLN A 321 -22.53 40.13 -11.41
C GLN A 321 -22.35 38.77 -10.73
N ARG A 322 -22.80 37.71 -11.39
CA ARG A 322 -22.72 36.36 -10.84
C ARG A 322 -21.32 36.03 -10.36
N ILE A 323 -20.36 36.21 -11.27
CA ILE A 323 -18.96 35.91 -11.02
C ILE A 323 -18.48 36.61 -9.75
N LYS A 324 -18.83 37.88 -9.60
CA LYS A 324 -18.46 38.63 -8.40
C LYS A 324 -19.11 38.02 -7.15
N GLN A 325 -20.44 37.87 -7.18
CA GLN A 325 -21.17 37.31 -6.06
C GLN A 325 -20.66 35.95 -5.58
N GLN A 326 -20.12 35.16 -6.51
CA GLN A 326 -19.66 33.82 -6.18
C GLN A 326 -18.19 33.78 -5.79
N GLY A 327 -17.58 34.96 -5.70
CA GLY A 327 -16.22 35.10 -5.23
C GLY A 327 -15.13 34.83 -6.26
N LEU A 328 -15.43 35.10 -7.53
CA LEU A 328 -14.48 34.80 -8.60
C LEU A 328 -14.01 36.04 -9.38
N ASN A 329 -12.78 35.98 -9.86
CA ASN A 329 -12.22 37.03 -10.70
C ASN A 329 -12.22 36.82 -12.22
N ILE A 330 -12.80 35.72 -12.66
CA ILE A 330 -12.79 35.34 -14.07
C ILE A 330 -13.25 36.46 -15.00
N LYS A 331 -12.54 36.61 -16.11
CA LYS A 331 -12.96 37.52 -17.17
C LYS A 331 -13.78 36.73 -18.19
N PRO A 332 -15.05 37.12 -18.33
CA PRO A 332 -16.02 36.45 -19.21
C PRO A 332 -15.72 36.80 -20.65
N ARG A 333 -16.25 36.02 -21.60
CA ARG A 333 -16.22 36.45 -22.99
C ARG A 333 -17.50 36.04 -23.71
N ILE A 334 -18.10 36.97 -24.44
CA ILE A 334 -19.22 36.60 -25.30
C ILE A 334 -18.84 36.87 -26.76
N LEU A 335 -18.92 35.83 -27.58
CA LEU A 335 -18.60 35.95 -28.98
C LEU A 335 -19.82 35.72 -29.85
N ILE A 336 -20.07 36.66 -30.76
CA ILE A 336 -21.11 36.52 -31.78
C ILE A 336 -20.46 36.12 -33.09
N LEU A 337 -20.73 34.89 -33.53
CA LEU A 337 -20.15 34.39 -34.76
C LEU A 337 -21.07 34.74 -35.93
N THR A 338 -20.51 35.40 -36.94
CA THR A 338 -21.24 35.66 -38.16
C THR A 338 -20.31 35.56 -39.35
N ARG A 339 -20.86 35.73 -40.55
CA ARG A 339 -20.07 35.63 -41.76
C ARG A 339 -19.22 36.87 -41.92
N LEU A 340 -18.03 36.70 -42.44
CA LEU A 340 -17.21 37.82 -42.83
C LEU A 340 -17.53 38.18 -44.27
N LEU A 341 -17.91 39.44 -44.52
CA LEU A 341 -18.21 39.91 -45.87
C LEU A 341 -17.20 40.97 -46.30
N PRO A 342 -16.25 40.58 -47.15
CA PRO A 342 -15.14 41.46 -47.50
C PRO A 342 -15.53 42.61 -48.41
N ASP A 343 -16.58 42.42 -49.21
CA ASP A 343 -17.02 43.41 -50.21
C ASP A 343 -18.17 44.33 -49.80
N ALA A 344 -18.61 44.26 -48.56
CA ALA A 344 -19.75 45.07 -48.15
C ALA A 344 -19.19 46.38 -47.63
N VAL A 345 -19.43 47.45 -48.38
CA VAL A 345 -18.74 48.71 -48.14
C VAL A 345 -19.67 49.61 -47.38
N GLY A 346 -19.09 50.47 -46.55
CA GLY A 346 -19.89 51.31 -45.69
C GLY A 346 -20.12 50.57 -44.40
N THR A 347 -19.70 49.31 -44.35
CA THR A 347 -19.92 48.49 -43.16
C THR A 347 -18.62 47.94 -42.57
N THR A 348 -18.71 47.48 -41.33
CA THR A 348 -17.60 46.85 -40.63
C THR A 348 -17.61 45.33 -40.85
N CYS A 349 -18.48 44.89 -41.74
CA CYS A 349 -18.72 43.47 -41.97
C CYS A 349 -17.53 42.69 -42.52
N GLY A 350 -16.45 43.38 -42.88
CA GLY A 350 -15.30 42.69 -43.44
C GLY A 350 -14.13 42.56 -42.48
N GLU A 351 -14.33 42.99 -41.22
CA GLU A 351 -13.30 42.84 -40.21
C GLU A 351 -13.67 41.68 -39.32
N ARG A 352 -12.64 40.99 -38.83
CA ARG A 352 -12.80 39.72 -38.13
C ARG A 352 -13.28 39.88 -36.70
N LEU A 353 -12.91 40.98 -36.07
CA LEU A 353 -13.21 41.17 -34.64
C LEU A 353 -13.66 42.58 -34.31
N GLU A 354 -14.82 42.70 -33.69
CA GLU A 354 -15.42 44.01 -33.43
C GLU A 354 -15.99 44.09 -32.02
N ARG A 355 -15.48 45.02 -31.23
CA ARG A 355 -16.05 45.24 -29.89
C ARG A 355 -17.47 45.80 -30.00
N VAL A 356 -18.40 45.21 -29.23
CA VAL A 356 -19.80 45.62 -29.26
C VAL A 356 -19.99 46.86 -28.40
N TYR A 357 -20.70 47.85 -28.92
CA TYR A 357 -20.84 49.13 -28.24
C TYR A 357 -21.31 48.94 -26.82
N ASP A 358 -20.68 49.64 -25.90
CA ASP A 358 -21.09 49.58 -24.50
C ASP A 358 -20.88 48.24 -23.79
N SER A 359 -19.84 47.52 -24.16
CA SER A 359 -19.44 46.33 -23.41
C SER A 359 -17.92 46.24 -23.33
N GLU A 360 -17.40 45.65 -22.26
CA GLU A 360 -15.99 45.29 -22.20
C GLU A 360 -15.69 43.96 -22.86
N TYR A 361 -16.54 42.98 -22.57
CA TYR A 361 -16.31 41.59 -22.98
C TYR A 361 -17.05 40.99 -24.19
N CYS A 362 -17.93 41.76 -24.83
CA CYS A 362 -18.67 41.23 -25.99
C CYS A 362 -18.02 41.63 -27.31
N ASP A 363 -17.69 40.63 -28.13
CA ASP A 363 -17.10 40.89 -29.45
C ASP A 363 -17.87 40.20 -30.56
N ILE A 364 -17.89 40.80 -31.73
CA ILE A 364 -18.37 40.10 -32.92
C ILE A 364 -17.19 39.42 -33.60
N LEU A 365 -17.32 38.13 -33.87
CA LEU A 365 -16.27 37.41 -34.56
C LEU A 365 -16.76 36.95 -35.92
N ARG A 366 -16.16 37.48 -36.98
CA ARG A 366 -16.55 37.09 -38.33
C ARG A 366 -15.61 36.06 -38.93
N VAL A 367 -16.18 35.13 -39.66
CA VAL A 367 -15.42 34.09 -40.31
C VAL A 367 -15.99 33.99 -41.71
N PRO A 368 -15.12 33.79 -42.72
CA PRO A 368 -15.59 33.74 -44.12
C PRO A 368 -16.25 32.42 -44.48
N PHE A 369 -17.15 32.47 -45.45
CA PHE A 369 -17.64 31.25 -46.11
C PHE A 369 -16.52 30.87 -47.08
N ARG A 370 -16.37 29.58 -47.36
CA ARG A 370 -15.40 29.19 -48.36
C ARG A 370 -15.70 27.84 -48.98
N THR A 371 -15.09 27.60 -50.14
CA THR A 371 -15.12 26.30 -50.80
C THR A 371 -13.68 25.84 -51.04
N GLU A 372 -13.52 24.74 -51.74
CA GLU A 372 -12.19 24.28 -52.13
C GLU A 372 -11.49 25.37 -52.94
N LYS A 373 -12.26 26.19 -53.65
CA LYS A 373 -11.73 27.26 -54.48
C LYS A 373 -11.19 28.45 -53.67
N GLY A 374 -11.38 28.46 -52.36
CA GLY A 374 -11.03 29.60 -51.53
C GLY A 374 -12.26 30.39 -51.08
N ILE A 375 -12.05 31.48 -50.35
CA ILE A 375 -13.19 32.16 -49.70
C ILE A 375 -14.21 32.74 -50.70
N VAL A 376 -15.44 32.92 -50.24
CA VAL A 376 -16.51 33.48 -51.05
C VAL A 376 -16.84 34.88 -50.56
N ARG A 377 -16.66 35.85 -51.43
CA ARG A 377 -16.78 37.25 -51.03
C ARG A 377 -18.21 37.81 -50.99
N LYS A 378 -19.03 37.48 -51.99
CA LYS A 378 -20.32 38.17 -52.14
C LYS A 378 -21.37 37.75 -51.14
N TRP A 379 -22.16 38.71 -50.69
CA TRP A 379 -23.27 38.43 -49.80
C TRP A 379 -24.19 37.38 -50.42
N ILE A 380 -24.70 36.50 -49.56
CA ILE A 380 -25.64 35.47 -49.97
C ILE A 380 -26.92 35.51 -49.14
N SER A 381 -28.06 35.46 -49.83
CA SER A 381 -29.37 35.45 -49.18
C SER A 381 -29.47 34.33 -48.16
N ARG A 382 -30.14 34.61 -47.05
CA ARG A 382 -30.28 33.63 -45.98
C ARG A 382 -30.86 32.30 -46.50
N PHE A 383 -31.60 32.35 -47.60
CA PHE A 383 -32.20 31.16 -48.19
C PHE A 383 -31.17 30.27 -48.94
N GLU A 384 -30.06 30.88 -49.33
CA GLU A 384 -29.02 30.16 -50.05
C GLU A 384 -27.76 29.71 -49.30
N VAL A 385 -27.68 29.99 -47.99
CA VAL A 385 -26.41 29.78 -47.28
C VAL A 385 -26.07 28.32 -47.02
N TRP A 386 -27.00 27.43 -47.31
CA TRP A 386 -26.95 26.06 -46.78
C TRP A 386 -25.67 25.29 -47.06
N PRO A 387 -25.18 25.34 -48.30
CA PRO A 387 -24.01 24.52 -48.66
C PRO A 387 -22.74 24.95 -47.95
N TYR A 388 -22.70 26.16 -47.40
CA TYR A 388 -21.52 26.68 -46.71
C TYR A 388 -21.41 26.41 -45.20
N LEU A 389 -22.51 26.00 -44.57
CA LEU A 389 -22.59 26.01 -43.11
C LEU A 389 -21.66 25.02 -42.40
N GLU A 390 -21.46 23.83 -42.98
CA GLU A 390 -20.65 22.80 -42.34
C GLU A 390 -19.17 23.16 -42.34
N THR A 391 -18.68 23.67 -43.46
CA THR A 391 -17.31 24.16 -43.50
C THR A 391 -17.21 25.36 -42.58
N TYR A 392 -18.28 26.17 -42.58
CA TYR A 392 -18.34 27.30 -41.66
C TYR A 392 -18.13 26.83 -40.22
N THR A 393 -18.84 25.76 -39.83
CA THR A 393 -18.75 25.27 -38.47
C THR A 393 -17.32 24.91 -38.08
N GLU A 394 -16.63 24.20 -38.99
CA GLU A 394 -15.24 23.83 -38.78
C GLU A 394 -14.35 25.08 -38.61
N ASP A 395 -14.46 26.03 -39.53
CA ASP A 395 -13.62 27.22 -39.45
C ASP A 395 -13.90 27.95 -38.14
N ALA A 396 -15.17 28.05 -37.81
CA ALA A 396 -15.62 28.79 -36.64
C ALA A 396 -15.10 28.20 -35.34
N ALA A 397 -14.95 26.89 -35.32
CA ALA A 397 -14.43 26.22 -34.13
C ALA A 397 -12.97 26.58 -33.93
N VAL A 398 -12.23 26.63 -35.03
CA VAL A 398 -10.83 27.03 -35.01
C VAL A 398 -10.68 28.46 -34.50
N GLU A 399 -11.50 29.35 -35.05
CA GLU A 399 -11.39 30.76 -34.71
C GLU A 399 -11.76 31.04 -33.26
N LEU A 400 -12.92 30.54 -32.87
CA LEU A 400 -13.46 30.88 -31.55
C LEU A 400 -12.60 30.19 -30.50
N SER A 401 -11.91 29.14 -30.93
CA SER A 401 -10.91 28.50 -30.07
C SER A 401 -9.72 29.44 -29.80
N LYS A 402 -9.28 30.15 -30.84
CA LYS A 402 -8.22 31.15 -30.68
C LYS A 402 -8.64 32.26 -29.75
N GLU A 403 -9.91 32.65 -29.80
CA GLU A 403 -10.36 33.77 -28.98
C GLU A 403 -10.65 33.39 -27.53
N LEU A 404 -11.24 32.23 -27.31
CA LEU A 404 -11.64 31.87 -25.95
C LEU A 404 -10.53 31.23 -25.15
N ASN A 405 -10.48 31.58 -23.88
CA ASN A 405 -9.60 30.93 -22.95
C ASN A 405 -10.49 29.91 -22.19
N GLY A 406 -10.27 28.64 -22.49
CA GLY A 406 -11.23 27.61 -22.11
C GLY A 406 -12.24 27.45 -23.23
N LYS A 407 -13.18 26.53 -23.07
CA LYS A 407 -14.16 26.31 -24.14
C LYS A 407 -15.43 27.04 -23.81
N PRO A 408 -16.40 26.99 -24.73
CA PRO A 408 -17.66 27.69 -24.48
C PRO A 408 -18.39 27.00 -23.36
N ASP A 409 -18.93 27.77 -22.43
CA ASP A 409 -19.82 27.25 -21.41
C ASP A 409 -21.29 27.25 -21.86
N LEU A 410 -21.60 28.00 -22.91
CA LEU A 410 -22.94 28.01 -23.48
C LEU A 410 -22.88 28.32 -24.97
N ILE A 411 -23.73 27.67 -25.76
CA ILE A 411 -23.83 27.99 -27.17
C ILE A 411 -25.29 28.28 -27.54
N ILE A 412 -25.53 29.45 -28.12
CA ILE A 412 -26.89 29.83 -28.49
C ILE A 412 -27.03 29.94 -29.99
N GLY A 413 -27.95 29.18 -30.56
CA GLY A 413 -28.22 29.24 -31.97
C GLY A 413 -29.26 30.29 -32.27
N ASN A 414 -29.19 30.87 -33.47
CA ASN A 414 -30.16 31.88 -33.87
C ASN A 414 -30.61 31.66 -35.31
N TYR A 415 -31.92 31.53 -35.43
CA TYR A 415 -32.63 31.19 -36.64
C TYR A 415 -32.13 29.88 -37.26
N SER A 416 -32.23 29.71 -38.57
CA SER A 416 -32.17 28.36 -39.09
C SER A 416 -30.76 27.91 -39.23
N ASP A 417 -29.97 28.78 -39.85
CA ASP A 417 -28.55 28.57 -40.07
C ASP A 417 -27.79 28.59 -38.76
N GLY A 418 -28.09 29.57 -37.92
CA GLY A 418 -27.48 29.67 -36.61
C GLY A 418 -27.76 28.47 -35.73
N ASN A 419 -28.99 27.97 -35.77
CA ASN A 419 -29.34 26.75 -35.06
C ASN A 419 -28.64 25.51 -35.63
N LEU A 420 -28.59 25.42 -36.95
CA LEU A 420 -27.88 24.33 -37.60
C LEU A 420 -26.42 24.33 -37.17
N VAL A 421 -25.75 25.47 -37.26
CA VAL A 421 -24.35 25.54 -36.87
C VAL A 421 -24.17 25.34 -35.37
N ALA A 422 -25.08 25.90 -34.58
CA ALA A 422 -24.95 25.79 -33.13
C ALA A 422 -25.00 24.35 -32.69
N SER A 423 -25.80 23.55 -33.40
CA SER A 423 -25.98 22.14 -33.07
C SER A 423 -24.70 21.35 -33.37
N LEU A 424 -24.13 21.56 -34.55
CA LEU A 424 -22.85 20.95 -34.90
C LEU A 424 -21.76 21.32 -33.90
N LEU A 425 -21.70 22.58 -33.53
CA LEU A 425 -20.72 23.03 -32.56
C LEU A 425 -20.89 22.38 -31.20
N ALA A 426 -22.12 22.37 -30.69
CA ALA A 426 -22.35 21.87 -29.35
C ALA A 426 -22.02 20.39 -29.29
N HIS A 427 -22.26 19.71 -30.41
CA HIS A 427 -21.96 18.29 -30.57
C HIS A 427 -20.45 18.12 -30.52
N LYS A 428 -19.74 18.85 -31.38
CA LYS A 428 -18.30 18.83 -31.47
C LYS A 428 -17.58 19.20 -30.17
N LEU A 429 -18.05 20.25 -29.50
CA LEU A 429 -17.37 20.72 -28.28
C LEU A 429 -17.94 20.22 -26.96
N GLY A 430 -19.07 19.51 -27.00
CA GLY A 430 -19.71 19.07 -25.78
C GLY A 430 -20.13 20.22 -24.89
N VAL A 431 -20.94 21.12 -25.43
CA VAL A 431 -21.40 22.26 -24.67
C VAL A 431 -22.95 22.34 -24.59
N THR A 432 -23.45 22.84 -23.47
CA THR A 432 -24.88 23.07 -23.34
C THR A 432 -25.34 24.00 -24.45
N GLN A 433 -26.45 23.62 -25.08
CA GLN A 433 -26.95 24.33 -26.24
C GLN A 433 -28.36 24.87 -26.04
N CYS A 434 -28.57 26.11 -26.46
CA CYS A 434 -29.89 26.70 -26.52
C CYS A 434 -30.16 27.12 -27.96
N THR A 435 -31.39 27.01 -28.43
CA THR A 435 -31.72 27.63 -29.71
C THR A 435 -32.86 28.61 -29.59
N ILE A 436 -32.83 29.62 -30.46
CA ILE A 436 -33.83 30.67 -30.54
C ILE A 436 -34.22 30.79 -32.01
N ALA A 437 -35.47 30.51 -32.34
CA ALA A 437 -35.91 30.48 -33.75
C ALA A 437 -35.92 31.84 -34.45
N HIS A 438 -36.47 32.83 -33.77
CA HIS A 438 -36.60 34.21 -34.25
C HIS A 438 -37.59 34.28 -35.39
N ALA A 439 -37.83 33.14 -36.02
CA ALA A 439 -38.94 32.98 -36.94
C ALA A 439 -38.83 31.57 -37.48
N LEU A 440 -39.95 31.04 -37.94
CA LEU A 440 -39.98 29.75 -38.58
C LEU A 440 -40.71 29.94 -39.89
N GLU A 441 -39.98 29.78 -40.98
CA GLU A 441 -40.48 30.20 -42.27
C GLU A 441 -41.70 29.40 -42.69
N LYS A 442 -41.82 28.18 -42.18
CA LYS A 442 -42.96 27.35 -42.56
C LYS A 442 -44.29 28.05 -42.29
N THR A 443 -44.36 28.83 -41.21
CA THR A 443 -45.56 29.61 -40.88
C THR A 443 -45.64 30.89 -41.71
N LYS A 444 -44.51 31.51 -41.97
CA LYS A 444 -44.49 32.74 -42.76
C LYS A 444 -44.95 32.51 -44.20
N TYR A 445 -44.72 31.31 -44.70
CA TYR A 445 -45.09 30.97 -46.08
C TYR A 445 -46.07 29.82 -46.07
N PRO A 446 -47.37 30.14 -46.02
CA PRO A 446 -48.45 29.16 -45.94
C PRO A 446 -48.33 28.09 -47.01
N ASP A 447 -48.51 26.84 -46.60
CA ASP A 447 -48.50 25.70 -47.51
C ASP A 447 -47.16 25.56 -48.22
N SER A 448 -46.10 26.08 -47.62
CA SER A 448 -44.78 26.02 -48.23
C SER A 448 -44.15 24.65 -48.00
N ASP A 449 -44.70 23.88 -47.06
CA ASP A 449 -44.27 22.51 -46.86
C ASP A 449 -44.87 21.57 -47.90
N ILE A 450 -46.16 21.70 -48.13
CA ILE A 450 -46.86 20.82 -49.05
C ILE A 450 -46.48 21.17 -50.49
N TYR A 451 -46.38 22.47 -50.74
CA TYR A 451 -46.00 23.04 -52.03
C TYR A 451 -44.50 23.31 -52.16
N TRP A 452 -43.72 22.83 -51.20
CA TRP A 452 -42.28 23.05 -51.16
C TRP A 452 -41.58 22.82 -52.50
N LYS A 453 -41.99 21.79 -53.23
CA LYS A 453 -41.30 21.43 -54.46
C LYS A 453 -41.18 22.59 -55.45
N LYS A 454 -42.29 23.26 -55.76
CA LYS A 454 -42.25 24.38 -56.69
C LYS A 454 -41.52 25.61 -56.12
N LEU A 455 -41.44 25.69 -54.80
CA LEU A 455 -40.73 26.76 -54.13
C LEU A 455 -39.21 26.58 -54.03
N ASP A 456 -38.73 25.36 -54.27
CA ASP A 456 -37.38 25.00 -53.86
C ASP A 456 -36.23 25.69 -54.60
N ASP A 457 -36.37 25.91 -55.90
CA ASP A 457 -35.27 26.51 -56.63
C ASP A 457 -34.98 27.92 -56.12
N LYS A 458 -36.02 28.57 -55.61
CA LYS A 458 -35.91 29.90 -55.03
C LYS A 458 -35.60 29.86 -53.51
N TYR A 459 -36.49 29.29 -52.70
CA TYR A 459 -36.30 29.31 -51.24
C TYR A 459 -35.52 28.17 -50.55
N HIS A 460 -35.33 27.04 -51.23
CA HIS A 460 -34.64 25.89 -50.62
C HIS A 460 -35.19 25.47 -49.26
N PHE A 461 -36.52 25.49 -49.13
CA PHE A 461 -37.18 25.13 -47.87
C PHE A 461 -36.93 23.68 -47.44
N SER A 462 -36.61 22.81 -48.38
CA SER A 462 -36.22 21.45 -48.03
C SER A 462 -34.95 21.46 -47.15
N CYS A 463 -34.02 22.37 -47.42
CA CYS A 463 -32.86 22.50 -46.55
C CYS A 463 -33.27 23.08 -45.21
N GLN A 464 -34.05 24.15 -45.28
CA GLN A 464 -34.35 24.93 -44.09
C GLN A 464 -35.15 24.15 -43.05
N PHE A 465 -36.28 23.60 -43.47
CA PHE A 465 -37.13 22.82 -42.58
C PHE A 465 -36.34 21.67 -42.00
N THR A 466 -35.58 20.99 -42.85
CA THR A 466 -34.68 19.96 -42.36
C THR A 466 -33.82 20.50 -41.22
N ALA A 467 -33.23 21.68 -41.40
CA ALA A 467 -32.34 22.23 -40.37
C ALA A 467 -33.13 22.55 -39.10
N ASP A 468 -34.29 23.17 -39.29
CA ASP A 468 -35.14 23.54 -38.18
C ASP A 468 -35.53 22.35 -37.32
N ILE A 469 -36.04 21.29 -37.96
CA ILE A 469 -36.39 20.09 -37.23
C ILE A 469 -35.14 19.52 -36.56
N PHE A 470 -34.03 19.56 -37.27
CA PHE A 470 -32.77 19.05 -36.74
C PHE A 470 -32.32 19.76 -35.46
N ALA A 471 -32.25 21.08 -35.50
CA ALA A 471 -31.79 21.86 -34.35
C ALA A 471 -32.80 21.80 -33.21
N MET A 472 -34.07 21.91 -33.57
CA MET A 472 -35.19 21.92 -32.63
C MET A 472 -35.13 20.74 -31.65
N ASN A 473 -34.92 19.55 -32.18
CA ASN A 473 -34.71 18.35 -31.37
C ASN A 473 -33.30 18.16 -30.82
N HIS A 474 -32.31 18.72 -31.49
CA HIS A 474 -30.93 18.55 -31.07
C HIS A 474 -30.58 19.37 -29.81
N THR A 475 -31.16 20.54 -29.68
CA THR A 475 -30.79 21.45 -28.59
C THR A 475 -31.20 20.92 -27.20
N ASP A 476 -30.55 21.46 -26.16
CA ASP A 476 -30.92 21.14 -24.78
C ASP A 476 -32.16 21.88 -24.31
N PHE A 477 -32.22 23.18 -24.57
CA PHE A 477 -33.43 23.93 -24.30
C PHE A 477 -33.68 24.94 -25.38
N ILE A 478 -34.93 25.38 -25.47
CA ILE A 478 -35.36 26.32 -26.47
C ILE A 478 -35.91 27.57 -25.78
N ILE A 479 -35.56 28.74 -26.30
CA ILE A 479 -36.17 29.97 -25.81
C ILE A 479 -37.12 30.54 -26.86
N THR A 480 -38.30 30.97 -26.44
CA THR A 480 -39.20 31.68 -27.33
C THR A 480 -39.54 33.03 -26.72
N SER A 481 -40.06 33.93 -27.55
CA SER A 481 -40.42 35.28 -27.12
C SER A 481 -41.84 35.41 -26.60
N THR A 482 -42.68 34.42 -26.89
CA THR A 482 -44.09 34.47 -26.53
C THR A 482 -44.65 33.06 -26.43
N PHE A 483 -45.77 32.92 -25.71
CA PHE A 483 -46.48 31.65 -25.72
C PHE A 483 -46.95 31.31 -27.11
N GLN A 484 -47.57 32.28 -27.79
CA GLN A 484 -48.11 32.02 -29.12
C GLN A 484 -47.06 31.34 -30.02
N GLU A 485 -45.81 31.79 -29.93
CA GLU A 485 -44.73 31.19 -30.72
C GLU A 485 -44.69 29.64 -30.59
N ILE A 486 -45.01 29.13 -29.40
CA ILE A 486 -45.08 27.67 -29.23
C ILE A 486 -46.46 27.11 -29.60
N ALA A 487 -47.45 27.36 -28.73
CA ALA A 487 -48.80 26.78 -28.87
C ALA A 487 -49.90 27.66 -29.47
N GLY A 488 -49.58 28.88 -29.86
CA GLY A 488 -50.58 29.73 -30.48
C GLY A 488 -51.64 30.21 -29.52
N SER A 489 -52.89 30.07 -29.94
CA SER A 489 -54.03 30.47 -29.13
C SER A 489 -55.02 29.32 -29.07
N LYS A 490 -56.19 29.56 -28.47
CA LYS A 490 -57.27 28.57 -28.49
C LYS A 490 -57.75 28.31 -29.92
N GLU A 491 -58.01 29.38 -30.66
CA GLU A 491 -58.50 29.25 -32.04
C GLU A 491 -57.42 28.98 -33.10
N THR A 492 -56.18 29.40 -32.85
CA THR A 492 -55.11 29.27 -33.85
C THR A 492 -53.90 28.46 -33.38
N VAL A 493 -53.16 27.92 -34.34
CA VAL A 493 -52.04 27.03 -34.08
C VAL A 493 -50.71 27.76 -33.91
N GLY A 494 -49.90 27.32 -32.96
CA GLY A 494 -48.63 27.96 -32.67
C GLY A 494 -47.57 27.76 -33.74
N GLN A 495 -46.50 28.54 -33.68
CA GLN A 495 -45.44 28.41 -34.68
C GLN A 495 -44.70 27.09 -34.59
N TYR A 496 -44.15 26.78 -33.41
CA TYR A 496 -43.51 25.48 -33.27
C TYR A 496 -44.52 24.37 -33.43
N GLU A 497 -45.73 24.58 -32.92
CA GLU A 497 -46.76 23.55 -32.90
C GLU A 497 -47.10 23.11 -34.31
N SER A 498 -47.02 24.06 -35.24
CA SER A 498 -47.34 23.77 -36.63
C SER A 498 -46.35 22.80 -37.21
N HIS A 499 -45.28 22.54 -36.45
CA HIS A 499 -44.23 21.57 -36.83
C HIS A 499 -44.35 20.16 -36.23
N THR A 500 -45.42 19.94 -35.46
CA THR A 500 -45.66 18.63 -34.87
C THR A 500 -45.88 17.58 -35.95
N ALA A 501 -46.81 17.85 -36.86
CA ALA A 501 -47.05 16.92 -37.96
C ALA A 501 -47.20 17.66 -39.28
N PHE A 502 -46.30 17.39 -40.21
CA PHE A 502 -46.47 17.92 -41.55
C PHE A 502 -45.79 17.00 -42.53
N THR A 503 -45.88 17.34 -43.81
CA THR A 503 -45.24 16.52 -44.82
C THR A 503 -44.72 17.37 -45.96
N LEU A 504 -43.66 16.89 -46.59
CA LEU A 504 -43.12 17.52 -47.76
C LEU A 504 -43.17 16.45 -48.82
N PRO A 505 -44.27 16.43 -49.59
CA PRO A 505 -44.52 15.31 -50.50
C PRO A 505 -43.34 15.06 -51.42
N GLY A 506 -42.90 13.80 -51.47
CA GLY A 506 -41.80 13.40 -52.31
C GLY A 506 -40.45 13.52 -51.65
N LEU A 507 -40.43 14.04 -50.43
CA LEU A 507 -39.16 14.17 -49.71
C LEU A 507 -39.21 13.30 -48.46
N TYR A 508 -39.95 13.74 -47.46
CA TYR A 508 -40.22 12.92 -46.30
C TYR A 508 -41.43 13.45 -45.57
N ARG A 509 -41.81 12.75 -44.51
CA ARG A 509 -43.02 13.08 -43.78
C ARG A 509 -42.74 13.10 -42.29
N VAL A 510 -43.17 14.16 -41.61
CA VAL A 510 -42.90 14.28 -40.19
C VAL A 510 -44.16 13.94 -39.42
N VAL A 511 -44.15 12.78 -38.76
CA VAL A 511 -45.30 12.33 -37.98
C VAL A 511 -45.39 12.94 -36.59
N HIS A 512 -44.26 12.99 -35.90
CA HIS A 512 -44.13 13.88 -34.74
C HIS A 512 -42.78 14.57 -34.90
N GLY A 513 -42.78 15.86 -35.20
CA GLY A 513 -41.51 16.56 -35.31
C GLY A 513 -41.10 17.34 -34.08
N ILE A 514 -42.09 17.78 -33.32
CA ILE A 514 -41.86 18.47 -32.06
C ILE A 514 -43.15 18.40 -31.28
N ASP A 515 -43.07 18.59 -29.98
CA ASP A 515 -44.27 18.55 -29.17
C ASP A 515 -44.37 19.79 -28.30
N VAL A 516 -45.46 20.51 -28.48
CA VAL A 516 -45.72 21.75 -27.79
C VAL A 516 -45.55 21.62 -26.26
N PHE A 517 -45.71 20.41 -25.73
CA PHE A 517 -45.54 20.19 -24.28
C PHE A 517 -44.12 19.83 -23.86
N ASP A 518 -43.20 19.79 -24.81
CA ASP A 518 -41.80 19.48 -24.51
C ASP A 518 -41.25 20.39 -23.41
N PRO A 519 -40.62 19.80 -22.40
CA PRO A 519 -40.13 20.51 -21.20
C PRO A 519 -38.99 21.46 -21.51
N LYS A 520 -38.38 21.33 -22.68
CA LYS A 520 -37.27 22.21 -23.07
C LYS A 520 -37.69 23.63 -23.51
N PHE A 521 -38.97 23.82 -23.85
CA PHE A 521 -39.47 25.15 -24.21
C PHE A 521 -39.51 26.10 -23.02
N ASN A 522 -38.96 27.28 -23.19
CA ASN A 522 -39.02 28.30 -22.15
C ASN A 522 -39.31 29.68 -22.73
N ILE A 523 -40.35 30.34 -22.26
CA ILE A 523 -40.68 31.65 -22.81
C ILE A 523 -39.83 32.65 -22.03
N VAL A 524 -38.93 33.33 -22.72
CA VAL A 524 -38.19 34.43 -22.10
C VAL A 524 -38.28 35.64 -23.03
N SER A 525 -38.98 36.65 -22.57
CA SER A 525 -39.37 37.73 -23.47
C SER A 525 -38.31 38.80 -23.49
N PRO A 526 -38.01 39.31 -24.70
CA PRO A 526 -37.02 40.37 -24.91
C PRO A 526 -37.65 41.73 -24.62
N GLY A 527 -36.91 42.78 -24.96
CA GLY A 527 -37.32 44.14 -24.65
C GLY A 527 -36.70 45.05 -25.68
N ALA A 528 -36.83 46.35 -25.47
CA ALA A 528 -36.19 47.35 -26.30
C ALA A 528 -35.22 48.12 -25.43
N ASP A 529 -34.04 48.47 -25.95
CA ASP A 529 -33.06 49.18 -25.14
C ASP A 529 -33.69 50.47 -24.61
N MET A 530 -33.71 50.62 -23.29
CA MET A 530 -34.44 51.73 -22.70
C MET A 530 -33.73 53.08 -22.82
N SER A 531 -32.45 53.07 -23.15
CA SER A 531 -31.75 54.31 -23.39
C SER A 531 -32.04 54.79 -24.80
N ILE A 532 -32.35 53.84 -25.68
CA ILE A 532 -32.77 54.16 -27.04
C ILE A 532 -34.26 54.51 -27.18
N TYR A 533 -35.12 53.73 -26.53
CA TYR A 533 -36.56 53.89 -26.70
C TYR A 533 -37.19 54.20 -25.37
N PHE A 534 -37.85 55.35 -25.29
CA PHE A 534 -38.50 55.76 -24.07
C PHE A 534 -39.66 56.66 -24.40
N PRO A 535 -40.43 57.04 -23.36
CA PRO A 535 -41.72 57.69 -23.63
C PRO A 535 -41.48 59.06 -24.23
N TYR A 536 -42.32 59.44 -25.20
CA TYR A 536 -42.10 60.64 -25.97
C TYR A 536 -42.31 61.87 -25.12
N THR A 537 -42.88 61.65 -23.92
CA THR A 537 -43.27 62.74 -23.03
C THR A 537 -42.19 63.18 -22.04
N GLU A 538 -41.03 62.52 -22.05
CA GLU A 538 -39.96 62.98 -21.17
C GLU A 538 -39.06 63.92 -21.97
N GLU A 539 -39.16 65.22 -21.67
CA GLU A 539 -38.62 66.25 -22.54
C GLU A 539 -37.12 66.40 -22.38
N LYS A 540 -36.66 66.30 -21.15
CA LYS A 540 -35.25 66.39 -20.87
C LYS A 540 -34.49 65.42 -21.77
N ARG A 541 -35.09 64.26 -21.99
CA ARG A 541 -34.43 63.20 -22.75
C ARG A 541 -34.58 63.25 -24.27
N ARG A 542 -35.53 64.01 -24.79
CA ARG A 542 -35.76 63.99 -26.24
C ARG A 542 -34.51 64.47 -26.94
N LEU A 543 -34.18 63.93 -28.12
CA LEU A 543 -32.95 64.37 -28.74
C LEU A 543 -33.28 65.36 -29.82
N THR A 544 -33.10 66.62 -29.50
CA THR A 544 -33.67 67.66 -30.35
C THR A 544 -32.76 67.97 -31.52
N LYS A 545 -31.49 67.62 -31.36
CA LYS A 545 -30.53 67.91 -32.39
C LYS A 545 -30.83 67.09 -33.63
N PHE A 546 -31.69 66.08 -33.48
CA PHE A 546 -32.11 65.30 -34.64
C PHE A 546 -33.35 65.88 -35.33
N HIS A 547 -33.96 66.89 -34.75
CA HIS A 547 -35.21 67.38 -35.32
C HIS A 547 -35.06 68.01 -36.69
N SER A 548 -33.95 68.70 -36.93
CA SER A 548 -33.70 69.23 -38.25
C SER A 548 -33.72 68.09 -39.30
N GLU A 549 -32.87 67.09 -39.10
CA GLU A 549 -32.83 65.96 -40.02
C GLU A 549 -34.19 65.30 -40.22
N ILE A 550 -34.88 64.99 -39.13
CA ILE A 550 -36.15 64.29 -39.21
C ILE A 550 -37.16 65.07 -40.07
N GLU A 551 -37.24 66.37 -39.84
CA GLU A 551 -38.20 67.19 -40.57
C GLU A 551 -37.89 67.14 -42.05
N GLU A 552 -36.60 67.14 -42.38
CA GLU A 552 -36.23 67.05 -43.79
C GLU A 552 -36.71 65.71 -44.33
N LEU A 553 -36.50 64.68 -43.53
CA LEU A 553 -36.85 63.31 -43.89
C LEU A 553 -38.34 63.16 -44.23
N LEU A 554 -39.18 63.55 -43.29
CA LEU A 554 -40.61 63.49 -43.48
C LEU A 554 -41.11 64.55 -44.45
N TYR A 555 -40.80 65.81 -44.14
CA TYR A 555 -41.52 66.95 -44.70
C TYR A 555 -40.93 67.69 -45.90
N SER A 556 -39.73 67.33 -46.32
CA SER A 556 -39.07 68.13 -47.35
C SER A 556 -39.70 67.88 -48.72
N ASP A 557 -39.49 68.80 -49.65
CA ASP A 557 -40.06 68.64 -50.98
C ASP A 557 -39.13 67.91 -51.93
N VAL A 558 -38.00 67.44 -51.42
CA VAL A 558 -37.06 66.73 -52.28
C VAL A 558 -37.39 65.27 -52.41
N GLU A 559 -37.41 64.77 -53.64
CA GLU A 559 -37.62 63.35 -53.87
C GLU A 559 -36.34 62.74 -54.43
N ASN A 560 -35.82 61.74 -53.71
CA ASN A 560 -34.57 61.07 -54.08
C ASN A 560 -34.54 59.66 -53.50
N LYS A 561 -33.39 59.01 -53.61
CA LYS A 561 -33.31 57.63 -53.19
C LYS A 561 -33.48 57.49 -51.68
N GLU A 562 -33.39 58.62 -50.97
CA GLU A 562 -33.65 58.64 -49.53
C GLU A 562 -35.13 58.71 -49.18
N HIS A 563 -35.88 59.48 -49.95
CA HIS A 563 -37.33 59.52 -49.76
C HIS A 563 -38.10 59.83 -51.05
N LEU A 564 -39.26 59.19 -51.20
CA LEU A 564 -40.09 59.38 -52.37
C LEU A 564 -41.45 59.97 -52.04
N CYS A 565 -41.98 60.67 -53.01
CA CYS A 565 -43.08 61.62 -52.88
C CYS A 565 -42.93 62.64 -51.77
N VAL A 566 -44.06 63.12 -51.30
CA VAL A 566 -44.05 64.38 -50.57
C VAL A 566 -45.25 64.53 -49.69
N LEU A 567 -45.10 65.16 -48.54
CA LEU A 567 -46.25 65.38 -47.71
C LEU A 567 -46.71 66.80 -47.95
N LYS A 568 -47.96 66.95 -48.38
CA LYS A 568 -48.54 68.23 -48.71
C LYS A 568 -48.92 69.02 -47.46
N ASP A 569 -49.48 68.34 -46.46
CA ASP A 569 -49.89 69.01 -45.23
C ASP A 569 -49.10 68.49 -44.04
N LYS A 570 -48.28 69.34 -43.45
CA LYS A 570 -47.36 68.93 -42.40
C LYS A 570 -48.03 68.78 -41.03
N LYS A 571 -49.29 69.18 -40.92
CA LYS A 571 -49.96 69.15 -39.62
C LYS A 571 -50.74 67.87 -39.29
N LYS A 572 -50.95 67.02 -40.28
CA LYS A 572 -51.69 65.78 -40.07
C LYS A 572 -50.91 64.83 -39.16
N PRO A 573 -51.63 64.00 -38.40
CA PRO A 573 -50.97 62.86 -37.75
C PRO A 573 -50.33 61.97 -38.81
N ILE A 574 -49.34 61.20 -38.40
CA ILE A 574 -48.70 60.30 -39.34
C ILE A 574 -48.98 58.86 -38.98
N LEU A 575 -49.34 58.10 -40.00
CA LEU A 575 -49.47 56.66 -39.86
C LEU A 575 -48.11 56.10 -40.26
N PHE A 576 -47.41 55.54 -39.28
CA PHE A 576 -45.99 55.19 -39.46
C PHE A 576 -45.74 53.68 -39.48
N THR A 577 -44.86 53.25 -40.37
CA THR A 577 -44.27 51.93 -40.27
C THR A 577 -42.80 51.93 -40.69
N MET A 578 -42.03 51.05 -40.08
CA MET A 578 -40.64 50.83 -40.45
C MET A 578 -40.39 49.31 -40.47
N ALA A 579 -39.67 48.83 -41.50
CA ALA A 579 -39.35 47.40 -41.58
C ALA A 579 -38.49 47.07 -42.77
N ARG A 580 -37.90 45.87 -42.77
CA ARG A 580 -37.24 45.37 -43.96
C ARG A 580 -38.34 45.30 -45.00
N LEU A 581 -37.97 45.42 -46.27
CA LEU A 581 -38.96 45.31 -47.31
C LEU A 581 -38.88 43.90 -47.87
N ASP A 582 -39.88 43.10 -47.53
CA ASP A 582 -40.08 41.84 -48.22
C ASP A 582 -41.57 41.48 -48.26
N ARG A 583 -41.88 40.35 -48.91
CA ARG A 583 -43.26 40.02 -49.24
C ARG A 583 -44.12 39.85 -48.00
N VAL A 584 -43.59 39.14 -47.01
CA VAL A 584 -44.36 38.82 -45.82
C VAL A 584 -44.61 40.07 -45.00
N LYS A 585 -43.66 41.01 -45.02
CA LYS A 585 -43.81 42.26 -44.29
C LYS A 585 -44.96 43.07 -44.85
N ASN A 586 -45.25 42.85 -46.13
CA ASN A 586 -46.50 43.32 -46.73
C ASN A 586 -46.69 44.82 -46.65
N LEU A 587 -45.60 45.57 -46.79
CA LEU A 587 -45.73 47.03 -46.77
C LEU A 587 -46.57 47.51 -47.95
N SER A 588 -46.45 46.82 -49.09
CA SER A 588 -47.23 47.14 -50.27
C SER A 588 -48.74 47.01 -49.99
N GLY A 589 -49.09 46.01 -49.19
CA GLY A 589 -50.48 45.84 -48.78
C GLY A 589 -50.98 47.08 -48.05
N LEU A 590 -50.26 47.47 -47.01
CA LEU A 590 -50.60 48.67 -46.27
C LEU A 590 -50.84 49.82 -47.25
N VAL A 591 -49.89 50.02 -48.17
CA VAL A 591 -49.99 51.14 -49.11
C VAL A 591 -51.32 51.11 -49.85
N GLU A 592 -51.68 49.96 -50.39
CA GLU A 592 -52.97 49.82 -51.03
C GLU A 592 -54.15 50.07 -50.10
N TRP A 593 -54.17 49.46 -48.92
CA TRP A 593 -55.27 49.72 -48.01
C TRP A 593 -55.41 51.24 -47.83
N TYR A 594 -54.30 51.90 -47.55
CA TYR A 594 -54.28 53.35 -47.37
C TYR A 594 -54.78 54.09 -48.62
N GLY A 595 -54.34 53.63 -49.80
CA GLY A 595 -54.67 54.29 -51.06
C GLY A 595 -56.14 54.23 -51.42
N LYS A 596 -56.79 53.11 -51.07
CA LYS A 596 -58.20 52.91 -51.35
C LYS A 596 -59.09 53.73 -50.41
N ASN A 597 -58.60 53.98 -49.21
CA ASN A 597 -59.49 54.44 -48.15
C ASN A 597 -59.38 55.95 -47.96
N THR A 598 -60.42 56.65 -48.39
CA THR A 598 -60.40 58.11 -48.50
C THR A 598 -60.61 58.71 -47.13
N ARG A 599 -61.25 57.94 -46.28
CA ARG A 599 -61.51 58.39 -44.93
C ARG A 599 -60.18 58.50 -44.18
N LEU A 600 -59.32 57.51 -44.37
CA LEU A 600 -58.03 57.46 -43.69
C LEU A 600 -57.03 58.46 -44.26
N ARG A 601 -56.92 58.51 -45.59
CA ARG A 601 -56.04 59.47 -46.24
C ARG A 601 -56.37 60.88 -45.80
N GLU A 602 -57.64 61.14 -45.53
CA GLU A 602 -58.03 62.48 -45.10
C GLU A 602 -57.51 62.75 -43.70
N LEU A 603 -57.56 61.75 -42.84
CA LEU A 603 -57.18 61.91 -41.44
C LEU A 603 -55.66 61.91 -41.19
N ALA A 604 -54.90 61.21 -42.02
CA ALA A 604 -53.49 61.00 -41.71
C ALA A 604 -52.59 60.83 -42.92
N ASN A 605 -51.33 61.23 -42.76
CA ASN A 605 -50.31 60.93 -43.77
C ASN A 605 -49.67 59.57 -43.56
N LEU A 606 -49.38 58.88 -44.66
CA LEU A 606 -48.75 57.60 -44.57
C LEU A 606 -47.22 57.70 -44.81
N VAL A 607 -46.46 57.23 -43.83
CA VAL A 607 -45.00 57.21 -43.92
C VAL A 607 -44.50 55.78 -43.73
N VAL A 608 -43.81 55.27 -44.74
CA VAL A 608 -43.29 53.92 -44.74
C VAL A 608 -41.76 53.91 -44.88
N VAL A 609 -41.06 53.41 -43.87
CA VAL A 609 -39.63 53.14 -44.03
C VAL A 609 -39.47 51.70 -44.46
N GLY A 610 -39.03 51.48 -45.70
CA GLY A 610 -38.49 50.20 -46.06
C GLY A 610 -37.82 50.14 -47.42
N GLY A 611 -36.85 49.25 -47.55
CA GLY A 611 -36.00 49.18 -48.72
C GLY A 611 -34.82 50.14 -48.62
N ASP A 612 -33.69 49.79 -49.21
CA ASP A 612 -32.66 50.80 -49.37
C ASP A 612 -32.54 51.11 -50.85
N ARG A 613 -33.02 52.29 -51.23
CA ARG A 613 -33.05 52.65 -52.63
C ARG A 613 -31.78 53.39 -53.02
N ARG A 614 -30.96 53.71 -52.03
CA ARG A 614 -29.65 54.30 -52.26
C ARG A 614 -28.85 53.40 -53.20
N LYS A 615 -29.09 52.10 -53.10
CA LYS A 615 -28.38 51.14 -53.93
C LYS A 615 -29.29 50.26 -54.78
N GLU A 616 -28.67 49.40 -55.57
CA GLU A 616 -29.36 48.49 -56.47
C GLU A 616 -29.64 47.23 -55.69
N SER A 617 -30.91 46.85 -55.58
CA SER A 617 -31.24 45.72 -54.74
C SER A 617 -30.73 44.41 -55.30
N LYS A 618 -30.10 43.61 -54.45
CA LYS A 618 -29.67 42.26 -54.78
C LYS A 618 -30.64 41.17 -54.30
N ASP A 619 -31.72 41.56 -53.61
CA ASP A 619 -32.64 40.62 -53.00
C ASP A 619 -33.94 40.51 -53.78
N ASN A 620 -34.34 39.30 -54.12
CA ASN A 620 -35.51 39.10 -54.98
C ASN A 620 -36.80 39.75 -54.49
N GLU A 621 -37.20 39.44 -53.26
CA GLU A 621 -38.44 39.97 -52.73
C GLU A 621 -38.40 41.49 -52.64
N GLU A 622 -37.26 42.05 -52.26
CA GLU A 622 -37.16 43.49 -52.18
C GLU A 622 -37.45 44.12 -53.54
N LYS A 623 -36.73 43.67 -54.57
CA LYS A 623 -36.97 44.14 -55.93
C LYS A 623 -38.44 44.05 -56.31
N ALA A 624 -39.05 42.89 -56.10
CA ALA A 624 -40.45 42.70 -56.44
C ALA A 624 -41.30 43.73 -55.73
N GLU A 625 -40.97 43.95 -54.47
CA GLU A 625 -41.78 44.75 -53.59
C GLU A 625 -41.63 46.22 -53.95
N MET A 626 -40.45 46.61 -54.39
CA MET A 626 -40.23 47.98 -54.84
C MET A 626 -41.11 48.32 -56.05
N LYS A 627 -41.11 47.43 -57.03
CA LYS A 627 -41.93 47.61 -58.22
C LYS A 627 -43.39 47.88 -57.83
N LYS A 628 -43.93 47.08 -56.91
CA LYS A 628 -45.31 47.29 -56.47
C LYS A 628 -45.46 48.69 -55.88
N MET A 629 -44.52 49.07 -55.02
CA MET A 629 -44.59 50.36 -54.34
C MET A 629 -44.71 51.46 -55.38
N TYR A 630 -43.84 51.43 -56.39
CA TYR A 630 -43.85 52.46 -57.41
C TYR A 630 -45.22 52.52 -58.08
N ASP A 631 -45.69 51.36 -58.52
CA ASP A 631 -47.01 51.28 -59.16
C ASP A 631 -48.10 51.84 -58.28
N LEU A 632 -48.11 51.42 -57.01
CA LEU A 632 -49.15 51.89 -56.08
C LEU A 632 -49.14 53.41 -55.97
N ILE A 633 -47.97 54.00 -56.06
CA ILE A 633 -47.86 55.45 -55.98
C ILE A 633 -48.66 56.12 -57.10
N GLU A 634 -48.53 55.57 -58.30
CA GLU A 634 -49.21 56.11 -59.47
C GLU A 634 -50.67 55.68 -59.52
N GLU A 635 -50.94 54.42 -59.21
CA GLU A 635 -52.32 53.93 -59.24
C GLU A 635 -53.23 54.74 -58.31
N TYR A 636 -52.81 54.89 -57.07
CA TYR A 636 -53.62 55.58 -56.07
C TYR A 636 -53.29 57.04 -55.93
N LYS A 637 -52.42 57.53 -56.81
CA LYS A 637 -52.08 58.93 -56.84
C LYS A 637 -51.76 59.36 -55.41
N LEU A 638 -50.69 58.77 -54.87
CA LEU A 638 -50.39 58.90 -53.46
C LEU A 638 -49.56 60.14 -53.16
N ASN A 639 -49.09 60.83 -54.19
CA ASN A 639 -48.31 62.02 -53.92
C ASN A 639 -49.05 63.10 -53.13
N GLY A 640 -48.43 63.55 -52.05
CA GLY A 640 -48.95 64.58 -51.19
C GLY A 640 -49.56 64.04 -49.92
N GLN A 641 -50.03 62.79 -49.97
CA GLN A 641 -50.40 62.02 -48.78
C GLN A 641 -49.38 60.96 -48.29
N PHE A 642 -48.28 60.79 -49.00
CA PHE A 642 -47.43 59.62 -48.81
C PHE A 642 -45.95 59.97 -48.89
N ARG A 643 -45.17 59.43 -47.97
CA ARG A 643 -43.72 59.58 -48.02
C ARG A 643 -43.06 58.23 -47.82
N TRP A 644 -42.33 57.79 -48.83
CA TRP A 644 -41.66 56.49 -48.79
C TRP A 644 -40.16 56.67 -48.50
N ILE A 645 -39.76 56.26 -47.30
CA ILE A 645 -38.40 56.51 -46.81
C ILE A 645 -37.50 55.26 -46.88
N SER A 646 -36.25 55.48 -47.25
CA SER A 646 -35.26 54.40 -47.31
C SER A 646 -34.80 53.95 -45.93
N SER A 647 -34.19 52.76 -45.87
CA SER A 647 -33.84 52.12 -44.61
C SER A 647 -33.11 53.08 -43.69
N GLN A 648 -33.60 53.13 -42.46
CA GLN A 648 -33.06 54.03 -41.47
C GLN A 648 -32.19 53.24 -40.51
N MET A 649 -30.88 53.45 -40.60
CA MET A 649 -29.93 52.51 -40.01
C MET A 649 -29.36 52.85 -38.63
N ASP A 650 -29.72 54.01 -38.09
CA ASP A 650 -29.24 54.40 -36.77
C ASP A 650 -30.36 54.39 -35.75
N ARG A 651 -30.26 53.45 -34.83
CA ARG A 651 -31.28 53.25 -33.83
C ARG A 651 -31.39 54.49 -32.95
N VAL A 652 -30.32 55.27 -32.88
CA VAL A 652 -30.37 56.37 -31.94
C VAL A 652 -31.39 57.40 -32.41
N ARG A 653 -31.29 57.77 -33.68
CA ARG A 653 -32.25 58.69 -34.28
C ARG A 653 -33.61 57.99 -34.42
N ASN A 654 -33.58 56.70 -34.74
CA ASN A 654 -34.81 55.93 -34.84
C ASN A 654 -35.69 56.07 -33.61
N GLY A 655 -35.09 56.01 -32.44
CA GLY A 655 -35.85 56.21 -31.22
C GLY A 655 -36.55 57.56 -31.30
N GLU A 656 -35.82 58.57 -31.71
CA GLU A 656 -36.37 59.91 -31.81
C GLU A 656 -37.45 59.96 -32.90
N LEU A 657 -37.23 59.25 -34.00
CA LEU A 657 -38.22 59.15 -35.05
C LEU A 657 -39.59 58.70 -34.49
N TYR A 658 -39.60 57.61 -33.74
CA TYR A 658 -40.84 57.16 -33.12
C TYR A 658 -41.44 58.29 -32.31
N ARG A 659 -40.64 58.84 -31.41
CA ARG A 659 -41.09 59.92 -30.54
C ARG A 659 -41.66 61.10 -31.35
N TYR A 660 -41.13 61.32 -32.54
CA TYR A 660 -41.62 62.42 -33.35
C TYR A 660 -43.02 62.10 -33.90
N ILE A 661 -43.24 60.84 -34.25
CA ILE A 661 -44.54 60.44 -34.72
C ILE A 661 -45.56 60.68 -33.58
N CYS A 662 -45.19 60.34 -32.36
CA CYS A 662 -46.06 60.59 -31.21
C CYS A 662 -46.46 62.05 -31.13
N ASP A 663 -45.50 62.92 -31.37
CA ASP A 663 -45.75 64.35 -31.35
C ASP A 663 -46.91 64.69 -32.26
N THR A 664 -47.00 64.02 -33.40
CA THR A 664 -48.05 64.28 -34.38
C THR A 664 -49.34 63.55 -34.04
N LYS A 665 -49.33 62.85 -32.91
CA LYS A 665 -50.49 62.04 -32.51
C LYS A 665 -50.85 60.99 -33.56
N GLY A 666 -49.83 60.45 -34.22
CA GLY A 666 -50.00 59.41 -35.21
C GLY A 666 -50.06 58.05 -34.56
N ALA A 667 -49.72 57.00 -35.31
CA ALA A 667 -49.74 55.66 -34.75
C ALA A 667 -48.82 54.75 -35.55
N PHE A 668 -48.45 53.63 -34.94
CA PHE A 668 -47.62 52.66 -35.64
C PHE A 668 -48.52 51.59 -36.21
N VAL A 669 -48.19 51.11 -37.41
CA VAL A 669 -48.94 49.99 -37.99
C VAL A 669 -48.01 48.93 -38.55
N GLN A 670 -48.32 47.70 -38.19
CA GLN A 670 -47.49 46.57 -38.55
C GLN A 670 -48.40 45.60 -39.34
N PRO A 671 -48.47 45.81 -40.67
CA PRO A 671 -49.38 45.05 -41.52
C PRO A 671 -48.78 43.78 -42.08
N ALA A 672 -48.17 42.96 -41.26
CA ALA A 672 -47.48 41.80 -41.79
C ALA A 672 -48.46 40.67 -42.00
N LEU A 673 -48.25 39.88 -43.06
CA LEU A 673 -49.08 38.69 -43.28
C LEU A 673 -48.80 37.68 -42.18
N TYR A 674 -47.55 37.58 -41.75
CA TYR A 674 -47.24 36.89 -40.51
C TYR A 674 -46.02 37.55 -39.88
N GLU A 675 -46.03 37.69 -38.57
CA GLU A 675 -44.90 38.28 -37.87
C GLU A 675 -44.54 37.42 -36.67
N ALA A 676 -43.32 36.85 -36.67
CA ALA A 676 -42.94 35.88 -35.66
C ALA A 676 -42.92 36.46 -34.25
N PHE A 677 -42.35 37.65 -34.10
CA PHE A 677 -42.43 38.40 -32.83
C PHE A 677 -42.89 39.85 -32.99
N GLY A 678 -42.15 40.64 -33.77
CA GLY A 678 -42.33 42.07 -33.82
C GLY A 678 -41.69 43.09 -32.87
N LEU A 679 -40.37 43.05 -32.77
CA LEU A 679 -39.61 44.06 -32.03
C LEU A 679 -40.04 45.52 -32.27
N THR A 680 -40.37 45.88 -33.52
CA THR A 680 -40.81 47.26 -33.79
C THR A 680 -42.08 47.61 -33.05
N VAL A 681 -42.92 46.59 -32.82
CA VAL A 681 -44.13 46.75 -32.01
C VAL A 681 -43.74 47.12 -30.58
N VAL A 682 -42.73 46.45 -30.05
CA VAL A 682 -42.24 46.79 -28.72
C VAL A 682 -41.62 48.20 -28.67
N GLU A 683 -40.87 48.53 -29.71
CA GLU A 683 -40.22 49.84 -29.76
C GLU A 683 -41.26 50.94 -29.78
N ALA A 684 -42.21 50.79 -30.69
CA ALA A 684 -43.33 51.73 -30.82
C ALA A 684 -44.06 51.90 -29.49
N MET A 685 -44.49 50.78 -28.91
CA MET A 685 -45.21 50.83 -27.64
C MET A 685 -44.40 51.48 -26.53
N THR A 686 -43.08 51.29 -26.58
CA THR A 686 -42.22 51.76 -25.50
C THR A 686 -42.02 53.27 -25.55
N CYS A 687 -42.21 53.86 -26.74
CA CYS A 687 -42.10 55.30 -26.93
C CYS A 687 -43.45 55.97 -26.79
N GLY A 688 -44.48 55.18 -26.52
CA GLY A 688 -45.80 55.72 -26.31
C GLY A 688 -46.60 55.88 -27.58
N LEU A 689 -46.16 55.23 -28.66
CA LEU A 689 -46.89 55.29 -29.93
C LEU A 689 -47.96 54.21 -29.99
N PRO A 690 -49.24 54.62 -30.01
CA PRO A 690 -50.32 53.65 -30.12
C PRO A 690 -50.11 52.76 -31.34
N THR A 691 -50.21 51.44 -31.16
CA THR A 691 -49.81 50.49 -32.19
C THR A 691 -50.93 49.61 -32.71
N PHE A 692 -51.00 49.48 -34.03
CA PHE A 692 -51.94 48.58 -34.69
C PHE A 692 -51.12 47.51 -35.39
N ALA A 693 -51.17 46.27 -34.90
CA ALA A 693 -50.31 45.21 -35.41
C ALA A 693 -51.07 43.98 -35.87
N THR A 694 -50.49 43.29 -36.85
CA THR A 694 -51.04 42.06 -37.41
C THR A 694 -51.39 41.04 -36.34
N CYS A 695 -52.52 40.37 -36.51
CA CYS A 695 -52.99 39.38 -35.55
C CYS A 695 -52.42 38.00 -35.87
N LYS A 696 -51.59 37.93 -36.90
CA LYS A 696 -50.99 36.67 -37.30
C LYS A 696 -49.56 36.58 -36.77
N GLY A 697 -49.33 35.69 -35.83
CA GLY A 697 -48.03 35.58 -35.18
C GLY A 697 -47.94 36.26 -33.82
N GLY A 698 -46.71 36.52 -33.40
CA GLY A 698 -46.43 37.08 -32.09
C GLY A 698 -47.22 38.29 -31.61
N PRO A 699 -47.37 39.32 -32.45
CA PRO A 699 -48.01 40.56 -31.97
C PRO A 699 -49.42 40.33 -31.43
N ALA A 700 -50.03 39.19 -31.75
CA ALA A 700 -51.31 38.81 -31.19
C ALA A 700 -51.25 38.70 -29.67
N GLU A 701 -50.12 38.20 -29.17
CA GLU A 701 -49.89 38.10 -27.73
C GLU A 701 -49.39 39.40 -27.13
N ILE A 702 -48.52 40.08 -27.86
CA ILE A 702 -47.90 41.29 -27.33
C ILE A 702 -48.96 42.31 -26.95
N ILE A 703 -49.90 42.55 -27.87
CA ILE A 703 -50.91 43.58 -27.71
C ILE A 703 -52.23 43.05 -27.18
N VAL A 704 -52.80 43.79 -26.24
CA VAL A 704 -54.14 43.47 -25.77
C VAL A 704 -55.11 44.45 -26.40
N HIS A 705 -55.99 43.92 -27.26
CA HIS A 705 -56.83 44.75 -28.10
C HIS A 705 -57.74 45.68 -27.29
N GLY A 706 -57.68 46.96 -27.64
CA GLY A 706 -58.48 47.97 -26.98
C GLY A 706 -57.85 48.51 -25.72
N LYS A 707 -56.78 47.87 -25.27
CA LYS A 707 -56.14 48.26 -24.02
C LYS A 707 -54.71 48.75 -24.24
N SER A 708 -53.83 47.85 -24.69
CA SER A 708 -52.45 48.20 -24.98
C SER A 708 -52.16 48.47 -26.45
N GLY A 709 -53.18 48.37 -27.30
CA GLY A 709 -53.05 48.54 -28.73
C GLY A 709 -54.24 47.97 -29.50
N PHE A 710 -54.06 47.66 -30.78
CA PHE A 710 -55.15 47.06 -31.56
C PHE A 710 -54.65 46.02 -32.53
N HIS A 711 -55.48 45.01 -32.76
CA HIS A 711 -55.14 43.98 -33.72
C HIS A 711 -55.77 44.30 -35.05
N ILE A 712 -55.07 44.02 -36.13
CA ILE A 712 -55.67 44.10 -37.45
C ILE A 712 -55.37 42.81 -38.19
N ASP A 713 -56.22 42.47 -39.16
CA ASP A 713 -56.04 41.25 -39.92
C ASP A 713 -55.57 41.58 -41.34
N PRO A 714 -54.31 41.26 -41.63
CA PRO A 714 -53.76 41.59 -42.94
C PRO A 714 -54.58 40.96 -44.06
N TYR A 715 -55.35 39.94 -43.74
CA TYR A 715 -56.20 39.35 -44.76
C TYR A 715 -57.47 40.15 -45.02
N HIS A 716 -57.93 40.93 -44.05
CA HIS A 716 -58.89 41.93 -44.41
C HIS A 716 -58.29 43.31 -44.24
N GLY A 717 -57.85 43.89 -45.36
CA GLY A 717 -57.06 45.10 -45.32
C GLY A 717 -57.91 46.34 -45.24
N ASP A 718 -59.08 46.26 -45.87
CA ASP A 718 -59.99 47.38 -45.93
C ASP A 718 -60.53 47.67 -44.54
N GLN A 719 -60.81 46.61 -43.78
CA GLN A 719 -61.22 46.78 -42.39
C GLN A 719 -60.06 47.35 -41.59
N ALA A 720 -58.86 46.90 -41.91
CA ALA A 720 -57.67 47.44 -41.28
C ALA A 720 -57.68 48.96 -41.44
N ALA A 721 -57.83 49.42 -42.68
CA ALA A 721 -57.84 50.87 -42.93
C ALA A 721 -58.99 51.60 -42.22
N ASP A 722 -60.18 50.98 -42.17
CA ASP A 722 -61.30 51.58 -41.44
C ASP A 722 -61.04 51.66 -39.92
N THR A 723 -60.50 50.58 -39.36
CA THR A 723 -60.14 50.59 -37.94
C THR A 723 -59.24 51.79 -37.64
N LEU A 724 -58.17 51.91 -38.41
CA LEU A 724 -57.28 53.06 -38.34
C LEU A 724 -58.05 54.38 -38.45
N ALA A 725 -58.88 54.46 -39.48
CA ALA A 725 -59.79 55.59 -39.65
C ALA A 725 -60.62 55.85 -38.39
N ASP A 726 -61.21 54.80 -37.84
CA ASP A 726 -62.02 54.99 -36.64
C ASP A 726 -61.20 55.58 -35.50
N PHE A 727 -60.04 55.00 -35.25
CA PHE A 727 -59.15 55.46 -34.19
C PHE A 727 -58.81 56.94 -34.36
N PHE A 728 -58.39 57.33 -35.56
CA PHE A 728 -58.09 58.74 -35.79
C PHE A 728 -59.32 59.62 -35.59
N THR A 729 -60.46 59.21 -36.15
CA THR A 729 -61.70 59.95 -35.91
C THR A 729 -61.96 60.15 -34.43
N LYS A 730 -61.98 59.07 -33.66
CA LYS A 730 -62.25 59.18 -32.22
C LYS A 730 -61.26 60.09 -31.56
N CYS A 731 -59.98 60.01 -31.95
CA CYS A 731 -58.94 60.81 -31.32
C CYS A 731 -59.12 62.29 -31.63
N LYS A 732 -59.63 62.59 -32.83
CA LYS A 732 -59.96 63.96 -33.17
C LYS A 732 -61.11 64.46 -32.28
N GLU A 733 -62.12 63.62 -32.07
CA GLU A 733 -63.23 63.97 -31.18
C GLU A 733 -62.80 63.99 -29.71
N ASP A 734 -62.12 62.92 -29.27
CA ASP A 734 -61.66 62.81 -27.89
C ASP A 734 -60.16 62.51 -27.80
N PRO A 735 -59.33 63.56 -27.73
CA PRO A 735 -57.87 63.39 -27.70
C PRO A 735 -57.37 62.48 -26.58
N SER A 736 -58.15 62.32 -25.51
CA SER A 736 -57.69 61.50 -24.41
C SER A 736 -57.77 60.02 -24.76
N HIS A 737 -58.40 59.74 -25.89
CA HIS A 737 -58.47 58.38 -26.41
C HIS A 737 -57.07 57.93 -26.81
N TRP A 738 -56.34 58.81 -27.47
CA TRP A 738 -54.97 58.57 -27.88
C TRP A 738 -54.13 58.30 -26.64
N ASP A 739 -54.18 59.22 -25.67
CA ASP A 739 -53.41 59.10 -24.44
C ASP A 739 -53.69 57.81 -23.69
N GLU A 740 -54.93 57.32 -23.79
CA GLU A 740 -55.34 56.12 -23.10
C GLU A 740 -54.58 54.91 -23.62
N ILE A 741 -54.54 54.78 -24.95
CA ILE A 741 -53.88 53.66 -25.60
C ILE A 741 -52.37 53.76 -25.39
N SER A 742 -51.86 54.99 -25.47
CA SER A 742 -50.45 55.22 -25.24
C SER A 742 -50.05 54.67 -23.86
N LYS A 743 -50.84 54.95 -22.84
CA LYS A 743 -50.53 54.47 -21.51
C LYS A 743 -50.68 52.96 -21.45
N GLY A 744 -51.65 52.44 -22.18
CA GLY A 744 -51.86 51.01 -22.24
C GLY A 744 -50.58 50.34 -22.71
N GLY A 745 -50.08 50.79 -23.86
CA GLY A 745 -48.85 50.27 -24.42
C GLY A 745 -47.70 50.32 -23.43
N LEU A 746 -47.47 51.48 -22.82
CA LEU A 746 -46.32 51.62 -21.91
C LEU A 746 -46.37 50.65 -20.74
N GLN A 747 -47.50 50.60 -20.05
CA GLN A 747 -47.65 49.67 -18.92
C GLN A 747 -47.49 48.24 -19.38
N ARG A 748 -47.98 47.96 -20.58
CA ARG A 748 -47.93 46.62 -21.14
C ARG A 748 -46.49 46.16 -21.30
N ILE A 749 -45.68 46.98 -21.96
CA ILE A 749 -44.25 46.73 -22.11
C ILE A 749 -43.56 46.58 -20.75
N GLU A 750 -43.80 47.53 -19.85
CA GLU A 750 -43.22 47.50 -18.52
C GLU A 750 -43.38 46.13 -17.87
N GLU A 751 -44.58 45.57 -18.01
CA GLU A 751 -44.97 44.34 -17.34
C GLU A 751 -44.33 43.08 -17.93
N LYS A 752 -44.33 42.97 -19.24
CA LYS A 752 -43.88 41.76 -19.92
C LYS A 752 -42.50 41.89 -20.55
N TYR A 753 -42.33 42.80 -21.50
CA TYR A 753 -41.09 42.76 -22.26
C TYR A 753 -40.07 43.81 -21.85
N THR A 754 -39.02 43.32 -21.15
CA THR A 754 -37.89 44.11 -20.69
C THR A 754 -36.70 43.19 -20.51
N TRP A 755 -35.49 43.72 -20.61
CA TRP A 755 -34.28 42.89 -20.62
C TRP A 755 -33.71 42.52 -19.26
N GLN A 756 -34.17 43.17 -18.19
CA GLN A 756 -33.55 42.95 -16.88
C GLN A 756 -33.71 41.52 -16.39
N ILE A 757 -34.94 41.03 -16.41
CA ILE A 757 -35.24 39.65 -16.02
C ILE A 757 -34.60 38.63 -16.97
N TYR A 758 -34.48 38.99 -18.23
CA TYR A 758 -34.06 38.05 -19.27
C TYR A 758 -32.78 37.31 -18.94
N SER A 759 -31.74 38.05 -18.59
CA SER A 759 -30.43 37.43 -18.45
C SER A 759 -30.41 36.46 -17.29
N GLN A 760 -30.96 36.88 -16.17
CA GLN A 760 -31.03 36.00 -15.02
C GLN A 760 -31.72 34.71 -15.42
N ARG A 761 -32.86 34.84 -16.11
CA ARG A 761 -33.61 33.68 -16.57
C ARG A 761 -32.71 32.79 -17.40
N LEU A 762 -32.08 33.37 -18.41
CA LEU A 762 -31.25 32.59 -19.31
C LEU A 762 -30.20 31.82 -18.54
N LEU A 763 -29.55 32.46 -17.58
CA LEU A 763 -28.42 31.84 -16.89
C LEU A 763 -28.84 30.75 -15.94
N THR A 764 -30.04 30.90 -15.39
CA THR A 764 -30.60 29.86 -14.54
C THR A 764 -30.95 28.64 -15.38
N LEU A 765 -31.42 28.88 -16.61
CA LEU A 765 -31.78 27.80 -17.49
C LEU A 765 -30.57 26.97 -17.82
N THR A 766 -29.46 27.64 -18.12
CA THR A 766 -28.22 26.98 -18.42
C THR A 766 -27.80 26.13 -17.24
N GLY A 767 -27.95 26.67 -16.03
CA GLY A 767 -27.63 25.90 -14.85
C GLY A 767 -28.41 24.59 -14.81
N VAL A 768 -29.73 24.72 -14.91
CA VAL A 768 -30.62 23.59 -14.76
C VAL A 768 -30.48 22.58 -15.91
N TYR A 769 -30.44 23.08 -17.15
CA TYR A 769 -30.34 22.18 -18.30
C TYR A 769 -28.97 21.57 -18.46
N GLY A 770 -27.97 22.27 -17.94
CA GLY A 770 -26.61 21.76 -17.92
C GLY A 770 -26.52 20.53 -17.06
N PHE A 771 -27.05 20.63 -15.83
CA PHE A 771 -27.05 19.49 -14.93
C PHE A 771 -27.89 18.34 -15.50
N TRP A 772 -29.09 18.67 -15.99
CA TRP A 772 -29.95 17.67 -16.61
C TRP A 772 -29.20 16.89 -17.69
N LYS A 773 -28.29 17.55 -18.38
CA LYS A 773 -27.49 16.89 -19.39
C LYS A 773 -26.89 15.61 -18.86
N HIS A 774 -26.28 15.70 -17.68
CA HIS A 774 -25.51 14.59 -17.10
C HIS A 774 -26.38 13.45 -16.54
N VAL A 775 -27.55 13.79 -16.05
CA VAL A 775 -28.50 12.79 -15.57
C VAL A 775 -29.16 12.05 -16.73
N SER A 776 -29.65 12.82 -17.69
CA SER A 776 -30.46 12.30 -18.78
C SER A 776 -29.61 11.74 -19.93
N ASN A 777 -28.30 11.84 -19.78
CA ASN A 777 -27.34 11.51 -20.82
C ASN A 777 -27.57 10.18 -21.53
N LEU A 778 -27.97 9.16 -20.78
CA LEU A 778 -28.10 7.81 -21.34
C LEU A 778 -29.29 7.63 -22.28
N ASP A 779 -30.43 8.27 -22.01
CA ASP A 779 -31.57 8.13 -22.91
C ASP A 779 -31.44 8.99 -24.17
N ARG A 780 -30.81 10.14 -24.02
CA ARG A 780 -30.62 11.05 -25.15
C ARG A 780 -29.53 10.54 -26.08
N LEU A 781 -28.85 9.47 -25.66
CA LEU A 781 -27.86 8.83 -26.49
C LEU A 781 -28.51 8.25 -27.75
N GLU A 782 -29.67 7.65 -27.60
CA GLU A 782 -30.46 7.18 -28.75
C GLU A 782 -30.85 8.33 -29.67
N ALA A 783 -31.41 9.40 -29.10
CA ALA A 783 -31.81 10.56 -29.88
C ALA A 783 -30.60 11.23 -30.54
N ARG A 784 -29.44 11.12 -29.91
CA ARG A 784 -28.22 11.71 -30.47
C ARG A 784 -27.83 11.02 -31.78
N ARG A 785 -27.85 9.69 -31.77
CA ARG A 785 -27.60 8.92 -32.98
C ARG A 785 -28.62 9.21 -34.09
N TYR A 786 -29.90 9.24 -33.75
CA TYR A 786 -30.98 9.49 -34.72
C TYR A 786 -30.72 10.81 -35.45
N LEU A 787 -30.50 11.87 -34.69
CA LEU A 787 -30.21 13.18 -35.27
C LEU A 787 -28.93 13.14 -36.10
N GLU A 788 -27.85 12.59 -35.54
CA GLU A 788 -26.60 12.45 -36.28
C GLU A 788 -26.80 11.84 -37.66
N MET A 789 -27.67 10.83 -37.72
CA MET A 789 -27.92 10.14 -38.98
C MET A 789 -28.80 11.00 -39.89
N PHE A 790 -29.74 11.72 -39.30
CA PHE A 790 -30.61 12.63 -40.03
C PHE A 790 -29.82 13.79 -40.67
N TYR A 791 -28.84 14.29 -39.95
CA TYR A 791 -28.03 15.36 -40.49
C TYR A 791 -27.23 14.83 -41.65
N ALA A 792 -26.49 13.76 -41.38
CA ALA A 792 -25.59 13.18 -42.35
C ALA A 792 -26.30 12.78 -43.62
N LEU A 793 -27.38 12.03 -43.49
CA LEU A 793 -28.03 11.41 -44.64
C LEU A 793 -29.16 12.23 -45.25
N LYS A 794 -29.58 13.28 -44.56
CA LYS A 794 -30.71 14.08 -45.03
C LYS A 794 -30.25 15.50 -45.33
N TYR A 795 -29.74 16.17 -44.30
CA TYR A 795 -29.28 17.54 -44.47
C TYR A 795 -28.12 17.68 -45.48
N ARG A 796 -27.02 16.95 -45.25
CA ARG A 796 -25.84 17.15 -46.11
C ARG A 796 -26.14 16.98 -47.60
N PRO A 797 -26.85 15.92 -47.98
CA PRO A 797 -27.12 15.75 -49.42
C PRO A 797 -27.97 16.90 -49.93
N LEU A 798 -28.94 17.35 -49.14
CA LEU A 798 -29.82 18.42 -49.57
C LEU A 798 -29.03 19.70 -49.77
N ALA A 799 -28.19 19.99 -48.79
CA ALA A 799 -27.44 21.24 -48.75
C ALA A 799 -26.39 21.29 -49.85
N GLN A 800 -25.84 20.13 -50.20
CA GLN A 800 -24.81 20.06 -51.22
C GLN A 800 -25.44 20.29 -52.59
N ALA A 801 -26.76 20.12 -52.68
CA ALA A 801 -27.47 20.36 -53.92
C ALA A 801 -27.77 21.84 -54.17
N VAL A 802 -27.78 22.66 -53.12
CA VAL A 802 -28.00 24.08 -53.33
C VAL A 802 -26.85 24.65 -54.15
N PRO A 803 -27.16 25.32 -55.28
CA PRO A 803 -26.09 25.87 -56.12
C PRO A 803 -25.25 26.90 -55.36
N LEU A 804 -23.94 26.88 -55.58
CA LEU A 804 -23.05 27.82 -54.93
C LEU A 804 -23.09 29.22 -55.56
N ALA A 805 -22.79 30.23 -54.76
CA ALA A 805 -22.59 31.58 -55.25
C ALA A 805 -21.37 31.59 -56.18
N GLN A 806 -21.38 32.48 -57.17
CA GLN A 806 -20.25 32.64 -58.08
C GLN A 806 -19.66 34.04 -57.98
N ASP A 807 -18.45 34.17 -57.44
CA ASP A 807 -17.73 35.46 -57.42
C ASP A 807 -17.15 35.75 -58.81
N GLU B 28 -2.39 5.09 23.19
CA GLU B 28 -1.85 4.15 24.17
C GLU B 28 -2.03 4.66 25.60
N VAL B 29 -0.96 5.16 26.20
CA VAL B 29 -1.04 5.80 27.51
C VAL B 29 -1.43 7.28 27.34
N LEU B 30 -1.55 7.70 26.08
CA LEU B 30 -2.01 9.04 25.76
C LEU B 30 -3.30 9.26 26.53
N ALA B 31 -4.25 8.34 26.37
CA ALA B 31 -5.37 8.25 27.30
C ALA B 31 -5.25 6.94 28.06
N LEU B 32 -4.82 7.06 29.31
CA LEU B 32 -4.59 5.94 30.21
C LEU B 32 -5.25 6.28 31.53
N LEU B 33 -4.76 7.36 32.12
CA LEU B 33 -5.16 7.81 33.45
C LEU B 33 -6.48 8.57 33.39
N SER B 34 -7.05 8.64 32.18
CA SER B 34 -8.41 9.11 32.01
C SER B 34 -9.40 8.02 32.45
N ARG B 35 -9.38 6.88 31.77
CA ARG B 35 -10.24 5.74 32.11
C ARG B 35 -9.83 5.04 33.42
N VAL B 36 -8.60 5.30 33.87
CA VAL B 36 -8.16 4.80 35.17
C VAL B 36 -8.67 5.67 36.33
N GLU B 37 -8.92 6.94 36.04
CA GLU B 37 -9.52 7.88 37.00
C GLU B 37 -11.04 7.89 36.87
N ALA B 38 -11.51 7.19 35.84
CA ALA B 38 -12.91 6.92 35.57
C ALA B 38 -13.25 5.62 36.28
N LYS B 39 -12.29 5.17 37.08
CA LYS B 39 -12.07 3.78 37.49
C LYS B 39 -12.85 3.31 38.71
N GLY B 40 -13.85 4.05 39.16
CA GLY B 40 -14.21 4.04 40.57
C GLY B 40 -13.89 5.34 41.27
N LYS B 41 -13.73 6.39 40.47
CA LYS B 41 -13.76 7.75 40.99
C LYS B 41 -14.92 7.80 42.00
N GLY B 42 -16.13 7.55 41.52
CA GLY B 42 -17.28 7.40 42.42
C GLY B 42 -18.29 6.39 41.90
N ILE B 43 -19.27 6.03 42.73
CA ILE B 43 -20.28 5.04 42.33
C ILE B 43 -21.57 5.69 41.83
N LEU B 44 -22.53 4.87 41.42
CA LEU B 44 -23.76 5.35 40.81
C LEU B 44 -23.48 6.12 39.51
N GLN B 45 -23.96 7.36 39.45
CA GLN B 45 -23.74 8.20 38.27
C GLN B 45 -24.43 9.56 38.37
N GLN B 46 -24.03 10.49 37.51
CA GLN B 46 -24.65 11.82 37.46
C GLN B 46 -24.53 12.54 36.10
N ASN B 47 -25.03 13.78 36.05
CA ASN B 47 -25.24 14.54 34.80
C ASN B 47 -24.00 15.21 34.22
N GLN B 48 -24.19 16.11 33.25
CA GLN B 48 -23.07 16.79 32.59
C GLN B 48 -22.02 17.37 33.54
N ILE B 49 -22.48 17.95 34.65
CA ILE B 49 -21.57 18.47 35.68
C ILE B 49 -20.78 17.33 36.31
N ILE B 50 -21.17 16.10 35.97
CA ILE B 50 -20.56 14.88 36.50
C ILE B 50 -19.36 14.42 35.69
N ALA B 51 -19.59 14.08 34.43
CA ALA B 51 -18.49 13.71 33.55
C ALA B 51 -17.47 14.85 33.64
N GLU B 52 -17.97 16.03 33.98
CA GLU B 52 -17.15 17.23 34.18
C GLU B 52 -16.69 17.41 35.63
N PHE B 53 -17.07 16.46 36.49
CA PHE B 53 -16.53 16.38 37.85
C PHE B 53 -15.16 15.68 37.98
N GLU B 54 -14.97 14.59 37.21
CA GLU B 54 -13.81 13.68 37.40
C GLU B 54 -12.76 13.71 36.28
N ALA B 55 -13.12 13.31 35.05
CA ALA B 55 -12.20 13.45 33.92
C ALA B 55 -11.98 14.94 33.74
N LEU B 56 -12.80 15.69 34.47
CA LEU B 56 -12.63 17.10 34.80
C LEU B 56 -11.36 17.15 35.64
N PRO B 57 -11.08 18.28 36.31
CA PRO B 57 -9.74 18.55 36.84
C PRO B 57 -9.07 17.31 37.48
N GLU B 58 -9.87 16.38 38.00
CA GLU B 58 -9.39 15.08 38.49
C GLU B 58 -9.11 14.13 37.31
N GLN B 59 -8.90 12.83 37.58
CA GLN B 59 -8.28 11.95 36.59
C GLN B 59 -6.78 12.09 36.79
N THR B 60 -6.46 12.95 37.75
CA THR B 60 -5.12 13.41 38.14
C THR B 60 -4.27 14.11 37.06
N ARG B 61 -2.96 13.87 37.05
CA ARG B 61 -2.07 14.61 36.15
C ARG B 61 -1.67 13.89 34.86
N LYS B 62 -2.08 12.63 34.72
CA LYS B 62 -1.82 11.87 33.50
C LYS B 62 -2.96 12.20 32.56
N LYS B 63 -3.91 12.95 33.10
CA LYS B 63 -4.96 13.59 32.33
C LYS B 63 -4.47 14.98 31.92
N LEU B 64 -3.22 15.28 32.27
CA LEU B 64 -2.50 16.45 31.75
C LEU B 64 -2.03 16.14 30.32
N GLU B 65 -2.28 14.89 29.91
CA GLU B 65 -2.03 14.38 28.57
C GLU B 65 -3.04 14.97 27.59
N GLY B 66 -3.92 15.81 28.11
CA GLY B 66 -5.24 16.06 27.55
C GLY B 66 -5.35 16.81 26.24
N GLY B 67 -4.22 16.98 25.54
CA GLY B 67 -4.29 17.47 24.17
C GLY B 67 -5.37 16.65 23.48
N PRO B 68 -6.13 17.29 22.57
CA PRO B 68 -7.49 16.91 22.17
C PRO B 68 -7.67 15.57 21.46
N PHE B 69 -7.63 14.50 22.25
CA PHE B 69 -8.09 13.17 21.85
C PHE B 69 -9.59 13.11 22.15
N PHE B 70 -10.12 14.28 22.54
CA PHE B 70 -11.49 14.50 23.01
C PHE B 70 -12.55 14.48 21.91
N ASP B 71 -13.75 14.90 22.30
CA ASP B 71 -14.93 15.01 21.44
C ASP B 71 -15.72 13.71 21.29
N LEU B 72 -15.13 12.58 21.66
CA LEU B 72 -15.93 11.49 22.17
C LEU B 72 -15.97 11.63 23.69
N LEU B 73 -15.07 12.47 24.20
CA LEU B 73 -15.01 12.76 25.62
C LEU B 73 -15.77 14.02 26.01
N LYS B 74 -16.17 14.80 25.02
CA LYS B 74 -16.94 16.00 25.30
C LYS B 74 -18.41 15.60 25.31
N SER B 75 -19.11 15.96 26.38
CA SER B 75 -20.46 15.43 26.61
C SER B 75 -20.46 13.90 26.81
N THR B 76 -21.19 13.19 25.95
CA THR B 76 -21.50 11.77 26.14
C THR B 76 -22.65 11.66 27.15
N GLN B 77 -22.91 12.78 27.84
CA GLN B 77 -24.15 13.08 28.57
C GLN B 77 -24.45 12.22 29.81
N GLU B 78 -23.77 11.09 29.94
CA GLU B 78 -23.96 10.22 31.11
C GLU B 78 -22.66 9.62 31.62
N ALA B 79 -22.34 9.86 32.91
CA ALA B 79 -21.23 9.18 33.56
C ALA B 79 -21.76 8.26 34.66
N ILE B 80 -21.71 6.94 34.42
CA ILE B 80 -22.32 5.97 35.34
C ILE B 80 -21.35 4.87 35.73
N VAL B 81 -20.99 4.80 37.01
CA VAL B 81 -19.88 3.95 37.43
C VAL B 81 -20.22 2.72 38.27
N LEU B 82 -20.16 1.56 37.63
CA LEU B 82 -19.85 0.28 38.27
C LEU B 82 -18.56 -0.13 37.58
N PRO B 83 -17.45 -0.23 38.33
CA PRO B 83 -16.15 -0.34 37.65
C PRO B 83 -15.60 -1.74 37.23
N PRO B 84 -16.38 -2.60 36.54
CA PRO B 84 -15.75 -3.69 35.79
C PRO B 84 -15.07 -3.15 34.54
N TRP B 85 -15.64 -2.07 34.01
CA TRP B 85 -15.28 -1.47 32.74
C TRP B 85 -15.65 0.01 32.78
N VAL B 86 -15.55 0.67 31.61
CA VAL B 86 -16.00 2.04 31.46
C VAL B 86 -17.30 2.07 30.66
N ALA B 87 -18.25 2.89 31.09
CA ALA B 87 -19.54 2.99 30.42
C ALA B 87 -19.56 4.22 29.53
N LEU B 88 -19.51 3.98 28.21
CA LEU B 88 -19.36 5.09 27.26
C LEU B 88 -20.41 5.08 26.14
N ALA B 89 -21.29 6.07 26.18
CA ALA B 89 -22.28 6.31 25.13
C ALA B 89 -22.32 7.80 24.85
N VAL B 90 -22.00 8.21 23.63
CA VAL B 90 -21.87 9.64 23.38
C VAL B 90 -22.77 10.24 22.30
N ARG B 91 -22.94 11.55 22.40
CA ARG B 91 -23.91 12.31 21.64
C ARG B 91 -23.24 13.50 20.98
N PRO B 92 -22.53 13.23 19.88
CA PRO B 92 -21.81 14.25 19.11
C PRO B 92 -22.75 15.34 18.60
N ARG B 93 -23.87 14.89 18.04
CA ARG B 93 -24.88 15.77 17.47
C ARG B 93 -26.22 15.37 18.05
N PRO B 94 -27.17 16.32 18.13
CA PRO B 94 -28.52 15.95 18.53
C PRO B 94 -29.04 14.82 17.65
N GLY B 95 -29.55 13.76 18.27
CA GLY B 95 -30.12 12.65 17.53
C GLY B 95 -29.16 11.52 17.20
N VAL B 96 -27.86 11.80 17.29
CA VAL B 96 -26.87 10.78 16.97
C VAL B 96 -26.28 10.15 18.22
N TRP B 97 -26.47 8.84 18.35
CA TRP B 97 -26.01 8.11 19.52
C TRP B 97 -25.07 6.95 19.15
N GLU B 98 -23.89 6.95 19.76
CA GLU B 98 -22.97 5.81 19.65
C GLU B 98 -22.43 5.46 21.04
N TYR B 99 -22.60 4.20 21.44
CA TYR B 99 -22.09 3.71 22.72
C TYR B 99 -21.35 2.41 22.49
N LEU B 100 -20.12 2.27 22.97
CA LEU B 100 -19.54 0.94 22.92
C LEU B 100 -19.09 0.34 24.24
N ARG B 101 -17.91 0.74 24.69
CA ARG B 101 -17.35 0.13 25.90
C ARG B 101 -15.92 0.58 26.11
N VAL B 102 -15.42 0.37 27.32
CA VAL B 102 -14.00 0.44 27.58
C VAL B 102 -13.65 -0.63 28.59
N ASN B 103 -12.57 -1.37 28.36
CA ASN B 103 -12.07 -2.28 29.36
C ASN B 103 -11.62 -1.42 30.53
N LEU B 104 -11.55 -1.99 31.73
CA LEU B 104 -11.08 -1.20 32.86
C LEU B 104 -9.77 -0.56 32.45
N HIS B 105 -9.07 -1.23 31.55
CA HIS B 105 -7.85 -0.70 30.96
C HIS B 105 -7.37 -1.52 29.76
N ALA B 106 -6.31 -1.04 29.13
CA ALA B 106 -5.43 -1.86 28.29
C ALA B 106 -5.92 -2.31 26.90
N LEU B 107 -7.22 -2.17 26.59
CA LEU B 107 -7.75 -2.86 25.43
C LEU B 107 -9.25 -2.69 25.18
N VAL B 108 -9.73 -3.32 24.11
CA VAL B 108 -11.16 -3.56 23.92
C VAL B 108 -12.09 -2.35 23.76
N VAL B 109 -12.05 -1.71 22.60
CA VAL B 109 -13.03 -0.67 22.28
C VAL B 109 -14.39 -1.32 22.02
N GLU B 110 -14.51 -2.08 20.93
CA GLU B 110 -15.69 -2.95 20.72
C GLU B 110 -17.06 -2.25 20.72
N GLU B 111 -17.37 -1.51 19.66
CA GLU B 111 -18.62 -0.73 19.59
C GLU B 111 -19.88 -1.55 19.89
N LEU B 112 -20.71 -1.00 20.79
CA LEU B 112 -21.91 -1.66 21.31
C LEU B 112 -23.21 -1.41 20.54
N GLN B 113 -24.04 -2.45 20.50
CA GLN B 113 -25.43 -2.28 20.15
C GLN B 113 -26.06 -1.42 21.26
N PRO B 114 -27.17 -0.74 20.96
CA PRO B 114 -27.77 0.08 22.02
C PRO B 114 -28.24 -0.81 23.17
N ALA B 115 -28.86 -1.93 22.83
CA ALA B 115 -29.42 -2.85 23.81
C ALA B 115 -28.37 -3.24 24.86
N GLU B 116 -27.12 -3.36 24.42
CA GLU B 116 -26.05 -3.81 25.30
C GLU B 116 -25.48 -2.72 26.20
N PHE B 117 -25.71 -1.47 25.86
CA PHE B 117 -25.34 -0.39 26.77
C PHE B 117 -26.30 -0.38 27.97
N LEU B 118 -27.55 -0.74 27.71
CA LEU B 118 -28.56 -0.83 28.77
C LEU B 118 -28.29 -1.99 29.72
N HIS B 119 -27.72 -3.09 29.20
CA HIS B 119 -27.32 -4.22 30.03
C HIS B 119 -26.50 -3.69 31.19
N PHE B 120 -25.62 -2.75 30.88
CA PHE B 120 -24.70 -2.14 31.84
C PHE B 120 -25.47 -1.39 32.92
N LYS B 121 -26.57 -0.75 32.54
CA LYS B 121 -27.36 0.10 33.44
C LYS B 121 -28.24 -0.73 34.37
N GLU B 122 -28.69 -1.87 33.88
CA GLU B 122 -29.54 -2.75 34.67
C GLU B 122 -28.71 -3.47 35.71
N GLU B 123 -27.41 -3.56 35.46
CA GLU B 123 -26.49 -4.20 36.40
C GLU B 123 -26.17 -3.29 37.58
N LEU B 124 -26.07 -2.00 37.32
CA LEU B 124 -25.73 -1.05 38.37
C LEU B 124 -26.80 -1.03 39.45
N VAL B 125 -27.94 -1.67 39.17
CA VAL B 125 -29.03 -1.69 40.14
C VAL B 125 -29.34 -3.09 40.68
N ASP B 126 -29.81 -3.98 39.81
CA ASP B 126 -30.24 -5.31 40.23
C ASP B 126 -29.09 -6.30 40.47
N GLY B 127 -27.96 -6.08 39.79
CA GLY B 127 -26.78 -6.91 39.97
C GLY B 127 -26.56 -7.94 38.87
N VAL B 128 -27.64 -8.29 38.17
CA VAL B 128 -27.54 -9.06 36.95
C VAL B 128 -28.37 -8.30 35.92
N LYS B 129 -28.40 -8.80 34.68
CA LYS B 129 -29.18 -8.12 33.64
C LYS B 129 -30.63 -8.61 33.66
N ASN B 130 -31.46 -8.04 32.78
CA ASN B 130 -32.80 -8.55 32.59
C ASN B 130 -32.72 -9.90 31.89
N GLY B 131 -33.60 -10.83 32.25
CA GLY B 131 -33.50 -12.19 31.75
C GLY B 131 -33.45 -12.22 30.24
N ASN B 132 -32.84 -13.24 29.67
CA ASN B 132 -32.59 -13.26 28.23
C ASN B 132 -33.85 -12.90 27.43
N PHE B 133 -34.95 -13.52 27.80
CA PHE B 133 -36.21 -13.42 27.07
C PHE B 133 -37.17 -12.36 27.62
N THR B 134 -36.69 -11.58 28.59
CA THR B 134 -37.37 -10.37 29.05
C THR B 134 -37.56 -9.35 27.94
N LEU B 135 -38.67 -8.62 28.02
CA LEU B 135 -39.12 -7.76 26.94
C LEU B 135 -38.07 -6.77 26.46
N GLU B 136 -37.97 -6.63 25.15
CA GLU B 136 -37.17 -5.59 24.53
C GLU B 136 -38.06 -4.86 23.52
N LEU B 137 -38.19 -3.54 23.69
CA LEU B 137 -39.03 -2.72 22.84
C LEU B 137 -38.24 -2.04 21.73
N ASP B 138 -38.58 -2.34 20.49
CA ASP B 138 -37.92 -1.69 19.36
C ASP B 138 -38.97 -1.20 18.38
N PHE B 139 -39.08 0.11 18.23
CA PHE B 139 -39.99 0.66 17.23
C PHE B 139 -39.30 0.96 15.90
N GLU B 140 -37.97 0.88 15.90
CA GLU B 140 -37.16 1.22 14.72
C GLU B 140 -37.63 0.50 13.46
N PRO B 141 -37.65 -0.84 13.51
CA PRO B 141 -38.05 -1.62 12.34
C PRO B 141 -39.49 -1.34 11.94
N PHE B 142 -40.27 -0.82 12.89
CA PHE B 142 -41.70 -0.70 12.68
C PHE B 142 -42.11 0.48 11.80
N ASN B 143 -41.26 1.49 11.71
CA ASN B 143 -41.47 2.45 10.65
C ASN B 143 -40.32 2.41 9.66
N ALA B 144 -40.58 1.80 8.51
CA ALA B 144 -39.80 1.96 7.29
C ALA B 144 -40.51 2.93 6.38
N SER B 145 -41.65 3.44 6.86
CA SER B 145 -42.64 4.10 6.01
C SER B 145 -42.01 5.08 5.04
N ILE B 146 -41.50 6.19 5.59
CA ILE B 146 -40.75 7.16 4.82
C ILE B 146 -39.30 6.90 5.13
N PRO B 147 -38.39 7.65 4.51
CA PRO B 147 -37.03 7.69 5.05
C PRO B 147 -37.02 8.69 6.20
N ARG B 148 -35.88 8.92 6.83
CA ARG B 148 -35.82 9.92 7.87
C ARG B 148 -34.75 10.94 7.60
N PRO B 149 -35.03 12.20 7.90
CA PRO B 149 -34.03 13.25 7.69
C PRO B 149 -32.86 13.01 8.62
N THR B 150 -31.64 13.20 8.12
CA THR B 150 -30.46 13.17 8.97
C THR B 150 -30.03 14.58 9.36
N LEU B 151 -30.73 15.57 8.80
CA LEU B 151 -30.36 16.97 8.98
C LEU B 151 -31.01 17.61 10.21
N HIS B 152 -30.20 18.31 11.00
CA HIS B 152 -30.71 19.04 12.16
C HIS B 152 -31.95 19.88 11.83
N LYS B 153 -31.97 20.51 10.66
CA LYS B 153 -33.05 21.42 10.27
C LYS B 153 -34.44 20.78 10.24
N TYR B 154 -34.53 19.47 10.09
CA TYR B 154 -35.84 18.81 9.98
C TYR B 154 -36.39 18.26 11.28
N ILE B 155 -35.67 18.46 12.37
CA ILE B 155 -36.19 18.04 13.66
C ILE B 155 -37.27 19.05 14.04
N GLY B 156 -38.49 18.56 14.25
CA GLY B 156 -39.62 19.42 14.53
C GLY B 156 -40.19 20.04 13.26
N ASN B 157 -39.52 19.81 12.15
CA ASN B 157 -40.02 20.21 10.83
C ASN B 157 -40.75 19.17 9.98
N GLY B 158 -41.03 18.02 10.56
CA GLY B 158 -41.47 16.84 9.83
C GLY B 158 -42.52 17.06 8.76
N VAL B 159 -43.47 17.95 8.99
CA VAL B 159 -44.48 18.19 7.97
C VAL B 159 -43.83 18.62 6.66
N ASP B 160 -42.77 19.44 6.75
CA ASP B 160 -42.05 19.91 5.57
C ASP B 160 -41.40 18.76 4.84
N PHE B 161 -40.99 17.75 5.61
CA PHE B 161 -40.33 16.60 5.05
C PHE B 161 -41.32 15.68 4.38
N LEU B 162 -42.41 15.39 5.09
CA LEU B 162 -43.46 14.52 4.57
C LEU B 162 -44.04 15.09 3.28
N ASN B 163 -44.25 16.41 3.27
CA ASN B 163 -44.67 17.09 2.06
C ASN B 163 -43.79 16.75 0.88
N ARG B 164 -42.48 16.75 1.10
CA ARG B 164 -41.52 16.55 0.01
C ARG B 164 -41.43 15.09 -0.43
N HIS B 165 -41.57 14.17 0.51
CA HIS B 165 -41.69 12.76 0.16
C HIS B 165 -42.98 12.47 -0.61
N LEU B 166 -44.09 13.04 -0.17
CA LEU B 166 -45.38 12.85 -0.84
C LEU B 166 -45.38 13.50 -2.23
N SER B 167 -44.82 14.70 -2.30
CA SER B 167 -44.66 15.40 -3.55
C SER B 167 -43.95 14.52 -4.56
N ALA B 168 -42.91 13.82 -4.13
CA ALA B 168 -42.17 12.91 -5.00
C ALA B 168 -42.98 11.67 -5.35
N LYS B 169 -43.46 10.95 -4.34
CA LYS B 169 -44.23 9.74 -4.57
C LYS B 169 -45.39 10.05 -5.49
N LEU B 170 -45.89 11.27 -5.40
CA LEU B 170 -47.03 11.66 -6.20
C LEU B 170 -46.65 11.95 -7.65
N PHE B 171 -45.37 12.21 -7.94
CA PHE B 171 -45.03 12.71 -9.26
C PHE B 171 -45.04 11.56 -10.28
N HIS B 172 -45.96 11.73 -11.23
CA HIS B 172 -46.20 10.78 -12.31
C HIS B 172 -46.13 9.31 -11.85
N ASP B 173 -47.05 8.97 -10.96
CA ASP B 173 -47.39 7.59 -10.65
C ASP B 173 -48.92 7.55 -10.57
N LYS B 174 -49.55 6.78 -11.45
CA LYS B 174 -51.00 6.71 -11.43
C LYS B 174 -51.44 6.10 -10.12
N GLU B 175 -50.89 4.92 -9.82
CA GLU B 175 -51.24 4.20 -8.60
C GLU B 175 -51.14 5.12 -7.38
N SER B 176 -50.20 6.05 -7.42
CA SER B 176 -49.93 6.91 -6.27
C SER B 176 -50.95 8.04 -6.12
N LEU B 177 -51.55 8.44 -7.23
CA LEU B 177 -52.55 9.50 -7.22
C LEU B 177 -53.94 9.02 -6.77
N LEU B 178 -54.26 7.77 -7.09
CA LEU B 178 -55.57 7.22 -6.78
C LEU B 178 -56.01 7.53 -5.35
N PRO B 179 -55.12 7.31 -4.37
CA PRO B 179 -55.37 7.63 -2.96
C PRO B 179 -55.94 9.04 -2.77
N LEU B 180 -55.40 10.00 -3.51
CA LEU B 180 -55.87 11.37 -3.43
C LEU B 180 -57.29 11.49 -3.96
N LEU B 181 -57.55 10.83 -5.09
CA LEU B 181 -58.88 10.84 -5.69
C LEU B 181 -59.90 10.25 -4.74
N LYS B 182 -59.64 9.02 -4.31
CA LYS B 182 -60.49 8.36 -3.34
C LYS B 182 -60.74 9.25 -2.12
N PHE B 183 -59.67 9.87 -1.63
CA PHE B 183 -59.74 10.75 -0.46
C PHE B 183 -60.82 11.82 -0.61
N LEU B 184 -60.74 12.56 -1.72
CA LEU B 184 -61.67 13.64 -1.99
C LEU B 184 -63.04 13.11 -2.40
N ARG B 185 -63.05 11.86 -2.83
CA ARG B 185 -64.28 11.22 -3.31
C ARG B 185 -65.19 10.81 -2.16
N LEU B 186 -64.59 10.20 -1.14
CA LEU B 186 -65.32 9.76 0.03
C LEU B 186 -65.61 10.92 0.98
N HIS B 187 -64.76 11.95 0.93
CA HIS B 187 -64.86 13.04 1.89
C HIS B 187 -66.24 13.71 1.88
N SER B 188 -66.86 13.73 3.06
CA SER B 188 -68.20 14.28 3.26
C SER B 188 -68.39 14.60 4.73
N HIS B 189 -69.38 15.42 5.04
CA HIS B 189 -69.65 15.71 6.45
C HIS B 189 -71.14 15.71 6.78
N GLN B 190 -71.52 14.93 7.78
CA GLN B 190 -72.91 14.91 8.25
C GLN B 190 -73.86 14.63 7.09
N GLY B 191 -73.43 13.74 6.19
CA GLY B 191 -74.25 13.28 5.09
C GLY B 191 -74.15 14.12 3.82
N LYS B 192 -73.71 15.37 3.95
CA LYS B 192 -73.48 16.20 2.79
C LYS B 192 -72.14 15.85 2.14
N ASN B 193 -72.15 15.67 0.82
CA ASN B 193 -70.93 15.34 0.11
C ASN B 193 -70.07 16.59 -0.08
N LEU B 194 -68.76 16.41 -0.15
CA LEU B 194 -67.83 17.52 -0.29
C LEU B 194 -66.80 17.25 -1.38
N MET B 195 -66.19 18.31 -1.93
CA MET B 195 -65.18 18.11 -2.96
C MET B 195 -65.75 17.36 -4.18
N LEU B 196 -65.26 16.15 -4.42
CA LEU B 196 -65.73 15.33 -5.53
C LEU B 196 -66.93 14.44 -5.21
N SER B 197 -67.86 14.33 -6.15
CA SER B 197 -69.01 13.43 -6.01
C SER B 197 -68.64 11.99 -6.33
N GLU B 198 -69.64 11.11 -6.32
CA GLU B 198 -69.41 9.70 -6.63
C GLU B 198 -69.32 9.49 -8.14
N LYS B 199 -69.68 10.51 -8.90
CA LYS B 199 -69.65 10.45 -10.35
C LYS B 199 -68.24 10.17 -10.89
N ILE B 200 -67.22 10.64 -10.18
CA ILE B 200 -65.86 10.56 -10.69
C ILE B 200 -65.20 9.29 -10.21
N GLN B 201 -65.02 8.33 -11.12
CA GLN B 201 -64.43 7.05 -10.76
C GLN B 201 -62.94 6.86 -11.08
N ASN B 202 -62.33 7.85 -11.76
CA ASN B 202 -60.96 7.70 -12.24
C ASN B 202 -60.25 9.01 -12.55
N LEU B 203 -58.92 8.96 -12.65
CA LEU B 203 -58.14 10.17 -12.86
C LEU B 203 -58.40 10.91 -14.18
N ASN B 204 -58.70 10.15 -15.23
CA ASN B 204 -58.94 10.75 -16.54
C ASN B 204 -60.17 11.64 -16.50
N THR B 205 -61.24 11.13 -15.88
CA THR B 205 -62.46 11.90 -15.71
C THR B 205 -62.26 13.12 -14.81
N LEU B 206 -61.54 12.93 -13.70
CA LEU B 206 -61.25 14.06 -12.83
C LEU B 206 -60.46 15.10 -13.59
N GLN B 207 -59.45 14.65 -14.33
CA GLN B 207 -58.63 15.54 -15.13
C GLN B 207 -59.55 16.38 -16.00
N HIS B 208 -60.42 15.70 -16.75
CA HIS B 208 -61.37 16.34 -17.67
C HIS B 208 -62.33 17.30 -16.95
N THR B 209 -62.90 16.86 -15.83
CA THR B 209 -63.86 17.66 -15.09
C THR B 209 -63.23 18.95 -14.53
N LEU B 210 -62.07 18.81 -13.90
CA LEU B 210 -61.36 19.95 -13.34
C LEU B 210 -61.08 20.95 -14.44
N ARG B 211 -60.68 20.40 -15.59
CA ARG B 211 -60.46 21.19 -16.79
C ARG B 211 -61.71 22.00 -17.15
N LYS B 212 -62.83 21.29 -17.33
CA LYS B 212 -64.08 21.94 -17.74
C LYS B 212 -64.45 23.03 -16.75
N ALA B 213 -64.34 22.71 -15.45
CA ALA B 213 -64.65 23.65 -14.39
C ALA B 213 -63.81 24.93 -14.48
N GLU B 214 -62.49 24.76 -14.54
CA GLU B 214 -61.57 25.89 -14.66
C GLU B 214 -62.00 26.82 -15.80
N GLU B 215 -62.25 26.21 -16.95
CA GLU B 215 -62.63 26.98 -18.13
C GLU B 215 -63.87 27.80 -17.83
N TYR B 216 -64.91 27.12 -17.37
CA TYR B 216 -66.17 27.79 -17.02
C TYR B 216 -65.94 28.97 -16.09
N LEU B 217 -65.17 28.74 -15.02
CA LEU B 217 -64.99 29.74 -13.98
C LEU B 217 -64.17 30.96 -14.42
N ALA B 218 -63.17 30.71 -15.26
CA ALA B 218 -62.26 31.77 -15.68
C ALA B 218 -63.01 32.96 -16.29
N GLU B 219 -64.17 32.67 -16.87
CA GLU B 219 -64.98 33.69 -17.51
C GLU B 219 -65.76 34.56 -16.52
N LEU B 220 -66.26 33.94 -15.45
CA LEU B 220 -67.09 34.64 -14.47
C LEU B 220 -66.29 35.63 -13.61
N LYS B 221 -66.96 36.70 -13.19
CA LYS B 221 -66.35 37.72 -12.35
C LYS B 221 -65.82 37.12 -11.05
N SER B 222 -64.71 37.67 -10.55
CA SER B 222 -64.06 37.15 -9.32
C SER B 222 -65.02 36.96 -8.15
N GLU B 223 -65.90 37.93 -7.95
CA GLU B 223 -66.74 37.98 -6.74
C GLU B 223 -68.03 37.16 -6.85
N THR B 224 -68.21 36.47 -7.97
CA THR B 224 -69.40 35.63 -8.18
C THR B 224 -69.52 34.55 -7.11
N LEU B 225 -70.69 34.46 -6.49
CA LEU B 225 -70.92 33.50 -5.40
C LEU B 225 -71.17 32.07 -5.89
N TYR B 226 -70.72 31.11 -5.10
CA TYR B 226 -70.73 29.70 -5.49
C TYR B 226 -72.08 29.24 -6.01
N GLU B 227 -73.15 29.61 -5.32
CA GLU B 227 -74.50 29.14 -5.66
C GLU B 227 -74.78 29.28 -7.15
N GLU B 228 -74.32 30.39 -7.73
CA GLU B 228 -74.46 30.61 -9.17
C GLU B 228 -74.04 29.37 -9.93
N PHE B 229 -72.76 29.03 -9.83
CA PHE B 229 -72.24 27.89 -10.57
C PHE B 229 -72.47 26.54 -9.90
N GLU B 230 -73.14 26.57 -8.76
CA GLU B 230 -73.42 25.32 -8.06
C GLU B 230 -74.10 24.31 -8.97
N ALA B 231 -75.03 24.80 -9.79
CA ALA B 231 -75.81 23.93 -10.66
C ALA B 231 -74.91 23.14 -11.62
N LYS B 232 -74.08 23.87 -12.34
CA LYS B 232 -73.15 23.28 -13.29
C LYS B 232 -72.26 22.26 -12.58
N PHE B 233 -71.54 22.70 -11.55
CA PHE B 233 -70.63 21.84 -10.80
C PHE B 233 -71.31 20.54 -10.38
N GLU B 234 -72.52 20.66 -9.84
CA GLU B 234 -73.25 19.48 -9.41
C GLU B 234 -73.32 18.50 -10.58
N GLU B 235 -73.62 19.03 -11.76
CA GLU B 235 -73.73 18.24 -12.99
C GLU B 235 -72.47 17.43 -13.25
N ILE B 236 -71.34 18.11 -13.20
CA ILE B 236 -70.07 17.54 -13.63
C ILE B 236 -69.35 16.72 -12.55
N GLY B 237 -69.96 16.59 -11.38
CA GLY B 237 -69.35 15.81 -10.30
C GLY B 237 -68.64 16.64 -9.24
N LEU B 238 -68.91 17.94 -9.20
CA LEU B 238 -68.26 18.80 -8.21
C LEU B 238 -69.19 19.23 -7.09
N GLU B 239 -68.94 18.70 -5.90
CA GLU B 239 -69.69 19.06 -4.71
C GLU B 239 -69.09 20.30 -4.05
N ARG B 240 -69.69 20.76 -2.96
CA ARG B 240 -69.19 21.93 -2.22
C ARG B 240 -67.92 21.67 -1.40
N GLY B 241 -67.27 22.77 -1.00
CA GLY B 241 -66.01 22.73 -0.28
C GLY B 241 -64.81 23.20 -1.07
N TRP B 242 -65.03 23.66 -2.29
CA TRP B 242 -63.98 24.25 -3.10
C TRP B 242 -63.69 25.71 -2.74
N GLY B 243 -64.70 26.43 -2.29
CA GLY B 243 -64.54 27.83 -1.96
C GLY B 243 -65.89 28.53 -1.85
N ASP B 244 -65.87 29.76 -1.34
CA ASP B 244 -67.10 30.54 -1.22
C ASP B 244 -67.48 31.24 -2.53
N ASN B 245 -66.50 31.83 -3.21
CA ASN B 245 -66.75 32.53 -4.46
C ASN B 245 -65.92 31.98 -5.62
N ALA B 246 -66.10 32.55 -6.81
CA ALA B 246 -65.49 32.01 -8.02
C ALA B 246 -63.96 32.08 -7.94
N GLU B 247 -63.46 33.23 -7.48
CA GLU B 247 -62.03 33.45 -7.34
C GLU B 247 -61.33 32.32 -6.58
N ARG B 248 -61.90 31.98 -5.42
CA ARG B 248 -61.33 30.95 -4.57
C ARG B 248 -61.51 29.54 -5.15
N VAL B 249 -62.69 29.27 -5.71
CA VAL B 249 -62.93 27.97 -6.31
C VAL B 249 -61.89 27.76 -7.41
N LEU B 250 -61.58 28.85 -8.10
CA LEU B 250 -60.61 28.80 -9.17
C LEU B 250 -59.22 28.40 -8.65
N ASP B 251 -58.70 29.19 -7.71
CA ASP B 251 -57.40 28.91 -7.11
C ASP B 251 -57.28 27.45 -6.68
N MET B 252 -58.30 26.95 -5.98
CA MET B 252 -58.29 25.58 -5.46
C MET B 252 -58.25 24.53 -6.57
N ILE B 253 -59.01 24.76 -7.63
CA ILE B 253 -59.08 23.78 -8.71
C ILE B 253 -57.75 23.74 -9.42
N ARG B 254 -57.16 24.91 -9.60
CA ARG B 254 -55.82 25.01 -10.18
C ARG B 254 -54.80 24.20 -9.38
N LEU B 255 -54.77 24.41 -8.07
CA LEU B 255 -53.91 23.64 -7.16
C LEU B 255 -54.02 22.16 -7.41
N LEU B 256 -55.23 21.67 -7.60
CA LEU B 256 -55.43 20.24 -7.75
C LEU B 256 -54.91 19.77 -9.10
N LEU B 257 -55.21 20.53 -10.15
CA LEU B 257 -54.68 20.22 -11.46
C LEU B 257 -53.17 20.09 -11.31
N ASP B 258 -52.57 21.11 -10.70
CA ASP B 258 -51.15 21.12 -10.41
C ASP B 258 -50.64 19.85 -9.74
N LEU B 259 -51.41 19.29 -8.81
CA LEU B 259 -50.97 18.09 -8.12
C LEU B 259 -51.01 16.88 -9.05
N LEU B 260 -51.93 16.91 -10.00
CA LEU B 260 -52.08 15.81 -10.95
C LEU B 260 -50.96 15.83 -11.98
N GLU B 261 -50.40 17.02 -12.20
CA GLU B 261 -49.41 17.23 -13.25
C GLU B 261 -47.99 17.16 -12.70
N ALA B 262 -47.64 18.18 -11.92
CA ALA B 262 -46.31 18.32 -11.33
C ALA B 262 -46.46 18.71 -9.87
N PRO B 263 -46.59 17.73 -9.00
CA PRO B 263 -46.71 17.94 -7.55
C PRO B 263 -45.45 18.51 -6.93
N ASP B 264 -45.60 19.56 -6.12
CA ASP B 264 -44.49 20.11 -5.36
C ASP B 264 -44.91 20.35 -3.91
N PRO B 265 -43.94 20.41 -2.98
CA PRO B 265 -44.26 20.46 -1.56
C PRO B 265 -45.18 21.63 -1.18
N CYS B 266 -44.95 22.82 -1.72
CA CYS B 266 -45.75 23.98 -1.34
C CYS B 266 -47.20 23.80 -1.77
N THR B 267 -47.41 23.35 -3.00
CA THR B 267 -48.76 23.15 -3.52
C THR B 267 -49.52 22.08 -2.74
N LEU B 268 -48.88 20.94 -2.50
CA LEU B 268 -49.48 19.86 -1.74
C LEU B 268 -49.94 20.33 -0.36
N GLU B 269 -49.06 21.02 0.35
CA GLU B 269 -49.38 21.49 1.68
C GLU B 269 -50.52 22.48 1.61
N THR B 270 -50.40 23.45 0.71
CA THR B 270 -51.45 24.44 0.55
C THR B 270 -52.82 23.81 0.24
N PHE B 271 -52.86 22.86 -0.70
CA PHE B 271 -54.13 22.27 -1.07
C PHE B 271 -54.72 21.43 0.05
N LEU B 272 -53.90 20.61 0.68
CA LEU B 272 -54.42 19.77 1.76
C LEU B 272 -54.77 20.60 2.99
N GLY B 273 -54.09 21.73 3.15
CA GLY B 273 -54.38 22.60 4.26
C GLY B 273 -55.77 23.16 4.09
N ARG B 274 -56.08 23.48 2.84
CA ARG B 274 -57.29 24.21 2.46
C ARG B 274 -58.56 23.35 2.32
N VAL B 275 -58.40 22.05 2.11
CA VAL B 275 -59.56 21.18 2.01
C VAL B 275 -60.34 21.32 3.31
N PRO B 276 -61.64 21.67 3.22
CA PRO B 276 -62.37 21.71 4.50
C PRO B 276 -62.42 20.32 5.10
N MET B 277 -61.91 20.21 6.32
CA MET B 277 -61.71 18.92 6.98
C MET B 277 -62.17 18.88 8.43
N VAL B 278 -61.56 19.76 9.23
CA VAL B 278 -61.79 19.83 10.65
C VAL B 278 -63.03 20.66 11.00
N PHE B 279 -64.00 19.98 11.61
CA PHE B 279 -65.30 20.53 12.00
C PHE B 279 -65.52 20.23 13.47
N ASN B 280 -65.58 18.95 13.82
CA ASN B 280 -65.66 18.51 15.20
C ASN B 280 -64.32 18.14 15.79
N VAL B 281 -63.90 18.83 16.83
CA VAL B 281 -62.63 18.54 17.50
C VAL B 281 -62.81 18.04 18.93
N VAL B 282 -62.13 16.95 19.27
CA VAL B 282 -62.19 16.37 20.60
C VAL B 282 -60.82 16.41 21.30
N ILE B 283 -60.75 17.12 22.43
CA ILE B 283 -59.50 17.36 23.14
C ILE B 283 -59.52 16.65 24.49
N LEU B 284 -58.44 15.98 24.85
CA LEU B 284 -58.44 15.16 26.07
C LEU B 284 -57.54 15.73 27.17
N SER B 285 -58.13 16.06 28.31
CA SER B 285 -57.39 16.46 29.50
C SER B 285 -58.06 15.94 30.78
N PRO B 286 -57.99 14.62 31.03
CA PRO B 286 -58.72 14.01 32.15
C PRO B 286 -58.37 14.49 33.57
N HIS B 287 -57.08 14.57 33.89
CA HIS B 287 -56.68 14.81 35.29
C HIS B 287 -56.81 16.28 35.69
N GLY B 288 -56.50 16.57 36.96
CA GLY B 288 -56.53 17.94 37.44
C GLY B 288 -57.95 18.44 37.70
N TYR B 289 -58.08 19.69 38.16
CA TYR B 289 -59.38 20.30 38.26
C TYR B 289 -59.48 21.22 37.07
N PHE B 290 -60.21 20.83 36.04
CA PHE B 290 -60.13 21.57 34.80
C PHE B 290 -61.27 22.56 34.72
N ALA B 291 -60.95 23.84 34.76
CA ALA B 291 -62.00 24.86 34.79
C ALA B 291 -61.54 26.27 34.49
N GLN B 292 -62.50 27.17 34.42
CA GLN B 292 -62.23 28.54 34.03
C GLN B 292 -62.02 29.49 35.19
N ASP B 293 -62.29 29.03 36.42
CA ASP B 293 -62.13 29.84 37.63
C ASP B 293 -61.93 28.98 38.86
N ASN B 294 -61.26 29.53 39.86
CA ASN B 294 -61.17 28.89 41.17
C ASN B 294 -60.42 27.57 41.12
N VAL B 295 -59.51 27.46 40.17
CA VAL B 295 -58.78 26.22 39.97
C VAL B 295 -57.27 26.41 39.99
N LEU B 296 -56.76 27.26 39.11
CA LEU B 296 -55.33 27.34 38.84
C LEU B 296 -54.48 27.44 40.11
N GLY B 297 -53.46 26.59 40.18
CA GLY B 297 -52.60 26.51 41.34
C GLY B 297 -52.90 25.28 42.15
N TYR B 298 -54.08 24.69 42.00
CA TYR B 298 -54.38 23.43 42.67
C TYR B 298 -53.42 22.38 42.15
N PRO B 299 -53.28 21.28 42.89
CA PRO B 299 -52.44 20.17 42.44
C PRO B 299 -52.82 19.78 41.01
N ASP B 300 -51.81 19.52 40.17
CA ASP B 300 -52.07 19.00 38.83
C ASP B 300 -52.74 20.00 37.88
N THR B 301 -53.00 21.20 38.37
CA THR B 301 -53.81 22.16 37.61
C THR B 301 -53.03 23.44 37.37
N GLY B 302 -52.76 23.71 36.09
CA GLY B 302 -51.65 24.56 35.71
C GLY B 302 -51.67 24.89 34.23
N GLY B 303 -50.51 25.26 33.70
CA GLY B 303 -50.37 25.72 32.34
C GLY B 303 -51.06 24.85 31.29
N GLN B 304 -51.18 23.57 31.57
CA GLN B 304 -51.94 22.72 30.66
C GLN B 304 -53.40 23.21 30.48
N VAL B 305 -54.06 23.55 31.58
CA VAL B 305 -55.43 24.06 31.50
C VAL B 305 -55.46 25.41 30.78
N VAL B 306 -54.48 26.24 31.11
CA VAL B 306 -54.36 27.57 30.51
C VAL B 306 -54.16 27.44 29.01
N TYR B 307 -53.27 26.53 28.64
CA TYR B 307 -52.92 26.24 27.25
C TYR B 307 -54.16 25.84 26.47
N ILE B 308 -54.86 24.82 26.95
CA ILE B 308 -56.03 24.30 26.24
C ILE B 308 -57.16 25.32 26.08
N LEU B 309 -57.41 26.13 27.11
CA LEU B 309 -58.41 27.18 26.98
C LEU B 309 -58.05 28.21 25.91
N ASP B 310 -56.80 28.67 25.89
CA ASP B 310 -56.35 29.61 24.86
C ASP B 310 -56.39 28.91 23.51
N GLN B 311 -55.91 27.66 23.49
CA GLN B 311 -55.85 26.89 22.28
C GLN B 311 -57.20 26.79 21.57
N VAL B 312 -58.24 26.34 22.29
CA VAL B 312 -59.53 26.13 21.65
C VAL B 312 -60.14 27.43 21.14
N ARG B 313 -60.08 28.48 21.95
CA ARG B 313 -60.51 29.81 21.50
C ARG B 313 -59.89 30.16 20.14
N ALA B 314 -58.57 30.01 20.04
CA ALA B 314 -57.86 30.39 18.82
C ALA B 314 -58.30 29.48 17.67
N LEU B 315 -58.50 28.23 18.00
CA LEU B 315 -58.82 27.22 17.01
C LEU B 315 -60.19 27.50 16.45
N GLU B 316 -61.15 27.77 17.34
CA GLU B 316 -62.52 28.00 16.92
C GLU B 316 -62.59 29.12 15.90
N ILE B 317 -61.89 30.21 16.19
CA ILE B 317 -61.85 31.34 15.26
C ILE B 317 -61.35 30.91 13.88
N GLU B 318 -60.25 30.18 13.84
CA GLU B 318 -59.65 29.77 12.57
C GLU B 318 -60.60 28.84 11.84
N MET B 319 -61.19 27.90 12.57
CA MET B 319 -62.14 26.96 11.99
C MET B 319 -63.33 27.66 11.32
N LEU B 320 -63.92 28.63 12.01
CA LEU B 320 -65.03 29.37 11.45
C LEU B 320 -64.58 30.06 10.17
N GLN B 321 -63.45 30.75 10.27
CA GLN B 321 -62.82 31.43 9.16
C GLN B 321 -62.67 30.51 7.95
N ARG B 322 -62.12 29.33 8.18
CA ARG B 322 -61.88 28.35 7.12
C ARG B 322 -63.18 27.82 6.53
N ILE B 323 -64.11 27.44 7.40
CA ILE B 323 -65.40 26.92 6.95
C ILE B 323 -66.11 27.92 6.05
N LYS B 324 -66.17 29.17 6.48
CA LYS B 324 -66.77 30.24 5.69
C LYS B 324 -66.12 30.35 4.30
N GLN B 325 -64.81 30.52 4.27
CA GLN B 325 -64.05 30.69 3.03
C GLN B 325 -64.21 29.55 2.01
N GLN B 326 -64.55 28.36 2.49
CA GLN B 326 -64.66 27.20 1.60
C GLN B 326 -66.08 26.98 1.08
N GLY B 327 -66.98 27.90 1.40
CA GLY B 327 -68.37 27.82 0.97
C GLY B 327 -69.23 26.87 1.77
N LEU B 328 -68.92 26.72 3.06
CA LEU B 328 -69.71 25.87 3.95
C LEU B 328 -70.38 26.66 5.06
N ASN B 329 -71.57 26.21 5.45
CA ASN B 329 -72.24 26.75 6.63
C ASN B 329 -72.14 25.92 7.91
N ILE B 330 -71.43 24.81 7.83
CA ILE B 330 -71.35 23.85 8.93
C ILE B 330 -70.97 24.53 10.24
N LYS B 331 -71.62 24.11 11.32
CA LYS B 331 -71.36 24.64 12.66
C LYS B 331 -70.34 23.76 13.40
N PRO B 332 -69.21 24.36 13.79
CA PRO B 332 -68.11 23.62 14.41
C PRO B 332 -68.44 23.29 15.84
N ARG B 333 -67.83 22.23 16.37
CA ARG B 333 -67.94 21.91 17.79
C ARG B 333 -66.59 21.46 18.31
N ILE B 334 -66.14 22.05 19.41
CA ILE B 334 -64.93 21.60 20.08
C ILE B 334 -65.27 21.18 21.51
N LEU B 335 -64.99 19.92 21.84
CA LEU B 335 -65.22 19.43 23.19
C LEU B 335 -63.93 19.11 23.90
N ILE B 336 -63.77 19.65 25.11
CA ILE B 336 -62.67 19.30 25.97
C ILE B 336 -63.17 18.24 26.93
N LEU B 337 -62.68 17.01 26.78
CA LEU B 337 -63.05 15.91 27.68
C LEU B 337 -62.18 15.96 28.92
N THR B 338 -62.79 16.09 30.09
CA THR B 338 -62.04 15.90 31.32
C THR B 338 -62.91 15.18 32.30
N ARG B 339 -62.41 14.98 33.50
CA ARG B 339 -63.10 14.20 34.51
C ARG B 339 -64.15 15.02 35.24
N LEU B 340 -65.24 14.35 35.61
CA LEU B 340 -66.27 14.94 36.46
C LEU B 340 -65.92 14.68 37.94
N LEU B 341 -65.69 15.77 38.69
CA LEU B 341 -65.48 15.70 40.12
C LEU B 341 -66.68 16.33 40.80
N PRO B 342 -67.56 15.50 41.37
CA PRO B 342 -68.83 15.94 41.96
C PRO B 342 -68.64 16.74 43.26
N ASP B 343 -67.55 16.44 43.97
CA ASP B 343 -67.26 17.02 45.29
C ASP B 343 -66.30 18.22 45.32
N ALA B 344 -65.88 18.74 44.18
CA ALA B 344 -64.94 19.84 44.25
C ALA B 344 -65.80 21.08 44.34
N VAL B 345 -65.73 21.74 45.48
CA VAL B 345 -66.69 22.78 45.78
C VAL B 345 -66.01 24.10 45.55
N GLY B 346 -66.79 25.09 45.11
CA GLY B 346 -66.22 26.38 44.79
C GLY B 346 -65.85 26.36 43.33
N THR B 347 -65.99 25.20 42.68
CA THR B 347 -65.69 25.04 41.26
C THR B 347 -66.86 24.51 40.45
N THR B 348 -66.75 24.65 39.13
CA THR B 348 -67.74 24.12 38.20
C THR B 348 -67.41 22.70 37.73
N CYS B 349 -66.40 22.09 38.34
CA CYS B 349 -65.93 20.77 37.96
C CYS B 349 -66.98 19.68 38.08
N GLY B 350 -68.12 20.00 38.69
CA GLY B 350 -69.15 18.99 38.91
C GLY B 350 -70.30 19.04 37.92
N GLU B 351 -70.19 19.91 36.92
CA GLU B 351 -71.20 19.99 35.87
C GLU B 351 -70.70 19.40 34.58
N ARG B 352 -71.53 18.56 33.97
CA ARG B 352 -71.20 17.80 32.76
C ARG B 352 -70.73 18.69 31.61
N LEU B 353 -71.52 19.72 31.30
CA LEU B 353 -71.22 20.56 30.16
C LEU B 353 -71.07 22.03 30.59
N GLU B 354 -69.98 22.66 30.17
CA GLU B 354 -69.72 24.07 30.48
C GLU B 354 -69.17 24.81 29.26
N ARG B 355 -69.83 25.90 28.88
CA ARG B 355 -69.35 26.74 27.78
C ARG B 355 -68.05 27.50 28.15
N VAL B 356 -67.08 27.51 27.23
CA VAL B 356 -65.81 28.21 27.44
C VAL B 356 -65.99 29.70 27.20
N TYR B 357 -65.34 30.50 28.02
CA TYR B 357 -65.52 31.95 27.98
C TYR B 357 -65.03 32.58 26.68
N ASP B 358 -65.83 33.49 26.14
CA ASP B 358 -65.53 34.14 24.85
C ASP B 358 -65.50 33.20 23.65
N SER B 359 -66.37 32.20 23.65
CA SER B 359 -66.49 31.33 22.50
C SER B 359 -67.93 30.85 22.34
N GLU B 360 -68.42 30.77 21.11
CA GLU B 360 -69.72 30.14 20.89
C GLU B 360 -69.72 28.62 20.80
N TYR B 361 -68.72 28.06 20.13
CA TYR B 361 -68.68 26.62 19.90
C TYR B 361 -67.79 25.70 20.76
N CYS B 362 -67.02 26.26 21.69
CA CYS B 362 -66.15 25.43 22.55
C CYS B 362 -66.79 25.09 23.89
N ASP B 363 -66.90 23.81 24.20
CA ASP B 363 -67.51 23.36 25.46
C ASP B 363 -66.62 22.37 26.20
N ILE B 364 -66.58 22.51 27.52
CA ILE B 364 -65.97 21.49 28.38
C ILE B 364 -66.99 20.39 28.62
N LEU B 365 -66.58 19.15 28.41
CA LEU B 365 -67.47 18.01 28.62
C LEU B 365 -66.88 17.10 29.68
N ARG B 366 -67.55 17.04 30.83
CA ARG B 366 -67.03 16.27 31.96
C ARG B 366 -67.70 14.91 32.12
N VAL B 367 -66.87 13.88 32.18
CA VAL B 367 -67.36 12.53 32.39
C VAL B 367 -66.65 11.97 33.61
N PRO B 368 -67.38 11.25 34.46
CA PRO B 368 -66.88 10.66 35.71
C PRO B 368 -66.03 9.39 35.55
N PHE B 369 -65.05 9.20 36.43
CA PHE B 369 -64.42 7.88 36.55
C PHE B 369 -65.41 6.93 37.20
N ARG B 370 -65.28 5.64 36.94
CA ARG B 370 -66.09 4.66 37.66
C ARG B 370 -65.48 3.28 37.68
N THR B 371 -65.96 2.46 38.62
CA THR B 371 -65.65 1.06 38.66
C THR B 371 -66.96 0.31 38.77
N GLU B 372 -66.88 -1.00 38.94
CA GLU B 372 -68.08 -1.85 39.03
C GLU B 372 -69.02 -1.37 40.14
N LYS B 373 -68.44 -0.76 41.16
CA LYS B 373 -69.18 -0.26 42.32
C LYS B 373 -69.92 1.06 42.07
N GLY B 374 -69.72 1.66 40.90
CA GLY B 374 -70.29 2.96 40.57
C GLY B 374 -69.29 4.11 40.55
N ILE B 375 -69.75 5.33 40.28
CA ILE B 375 -68.84 6.44 40.01
C ILE B 375 -67.89 6.72 41.17
N VAL B 376 -66.71 7.22 40.84
CA VAL B 376 -65.70 7.55 41.82
C VAL B 376 -65.68 9.05 42.03
N ARG B 377 -66.01 9.49 43.25
CA ARG B 377 -66.21 10.90 43.54
C ARG B 377 -64.95 11.73 43.77
N LYS B 378 -63.99 11.20 44.52
CA LYS B 378 -62.89 12.03 45.02
C LYS B 378 -61.86 12.44 43.96
N TRP B 379 -61.23 13.59 44.16
CA TRP B 379 -60.14 13.99 43.29
C TRP B 379 -59.02 12.95 43.37
N ILE B 380 -58.34 12.70 42.27
CA ILE B 380 -57.20 11.79 42.28
C ILE B 380 -55.98 12.42 41.62
N SER B 381 -54.82 12.23 42.24
CA SER B 381 -53.54 12.67 41.70
C SER B 381 -53.31 12.07 40.33
N ARG B 382 -52.69 12.83 39.44
CA ARG B 382 -52.45 12.39 38.07
C ARG B 382 -51.59 11.12 37.97
N PHE B 383 -50.83 10.82 39.01
CA PHE B 383 -50.00 9.62 39.03
C PHE B 383 -50.85 8.39 39.30
N GLU B 384 -52.03 8.60 39.89
CA GLU B 384 -52.93 7.52 40.28
C GLU B 384 -54.13 7.20 39.36
N VAL B 385 -54.29 7.95 38.28
CA VAL B 385 -55.52 7.84 37.49
C VAL B 385 -55.54 6.63 36.55
N TRP B 386 -54.42 5.93 36.48
CA TRP B 386 -54.24 4.87 35.49
C TRP B 386 -55.34 3.81 35.44
N PRO B 387 -55.66 3.21 36.60
CA PRO B 387 -56.68 2.16 36.55
C PRO B 387 -57.99 2.61 35.91
N TYR B 388 -58.27 3.91 35.94
CA TYR B 388 -59.57 4.41 35.47
C TYR B 388 -59.68 4.78 34.00
N LEU B 389 -58.56 4.90 33.30
CA LEU B 389 -58.56 5.53 31.97
C LEU B 389 -59.27 4.74 30.86
N GLU B 390 -59.23 3.42 30.94
CA GLU B 390 -59.81 2.61 29.89
C GLU B 390 -61.33 2.72 29.87
N THR B 391 -61.95 2.54 31.04
CA THR B 391 -63.40 2.68 31.17
C THR B 391 -63.80 4.13 30.87
N TYR B 392 -62.94 5.07 31.24
CA TYR B 392 -63.19 6.48 30.97
C TYR B 392 -63.33 6.68 29.48
N THR B 393 -62.44 6.03 28.73
CA THR B 393 -62.45 6.10 27.27
C THR B 393 -63.80 5.70 26.68
N GLU B 394 -64.30 4.53 27.07
CA GLU B 394 -65.60 4.05 26.64
C GLU B 394 -66.70 5.06 26.94
N ASP B 395 -66.78 5.48 28.20
CA ASP B 395 -67.83 6.40 28.63
C ASP B 395 -67.73 7.72 27.87
N ALA B 396 -66.52 8.27 27.82
CA ALA B 396 -66.31 9.49 27.04
C ALA B 396 -66.78 9.27 25.61
N ALA B 397 -66.46 8.11 25.04
CA ALA B 397 -66.87 7.78 23.69
C ALA B 397 -68.38 8.01 23.55
N VAL B 398 -69.13 7.45 24.48
CA VAL B 398 -70.59 7.58 24.48
C VAL B 398 -71.09 9.02 24.63
N GLU B 399 -70.61 9.69 25.66
CA GLU B 399 -70.99 11.08 25.89
C GLU B 399 -70.72 11.96 24.67
N LEU B 400 -69.52 11.86 24.11
CA LEU B 400 -69.14 12.73 23.00
C LEU B 400 -69.97 12.37 21.77
N SER B 401 -70.23 11.08 21.57
CA SER B 401 -71.17 10.66 20.54
C SER B 401 -72.52 11.39 20.64
N LYS B 402 -72.99 11.59 21.88
CA LYS B 402 -74.25 12.29 22.12
C LYS B 402 -74.15 13.76 21.76
N GLU B 403 -73.03 14.38 22.09
CA GLU B 403 -72.84 15.81 21.87
C GLU B 403 -72.49 16.14 20.42
N LEU B 404 -71.89 15.19 19.72
CA LEU B 404 -71.36 15.49 18.40
C LEU B 404 -72.30 15.13 17.26
N ASN B 405 -72.32 16.02 16.27
CA ASN B 405 -73.04 15.79 15.04
C ASN B 405 -71.98 15.36 14.03
N GLY B 406 -71.99 14.07 13.69
CA GLY B 406 -70.90 13.45 12.97
C GLY B 406 -69.89 12.93 13.97
N LYS B 407 -68.79 12.33 13.50
CA LYS B 407 -67.75 11.90 14.41
C LYS B 407 -66.70 12.97 14.55
N PRO B 408 -65.71 12.75 15.43
CA PRO B 408 -64.65 13.73 15.63
C PRO B 408 -63.80 13.79 14.38
N ASP B 409 -63.44 14.99 13.93
CA ASP B 409 -62.52 15.10 12.81
C ASP B 409 -61.06 15.19 13.23
N LEU B 410 -60.83 15.46 14.52
CA LEU B 410 -59.49 15.48 15.07
C LEU B 410 -59.55 15.09 16.54
N ILE B 411 -58.56 14.35 17.00
CA ILE B 411 -58.45 14.05 18.41
C ILE B 411 -57.08 14.48 18.91
N ILE B 412 -57.05 15.39 19.88
CA ILE B 412 -55.80 15.82 20.44
C ILE B 412 -55.63 15.33 21.87
N GLY B 413 -54.56 14.55 22.08
CA GLY B 413 -54.23 14.08 23.41
C GLY B 413 -53.43 15.11 24.17
N ASN B 414 -53.54 15.10 25.49
CA ASN B 414 -52.78 16.01 26.34
C ASN B 414 -52.23 15.30 27.58
N TYR B 415 -50.94 15.49 27.79
CA TYR B 415 -50.14 14.81 28.79
C TYR B 415 -50.25 13.27 28.70
N SER B 416 -50.05 12.54 29.79
CA SER B 416 -49.89 11.09 29.68
C SER B 416 -51.21 10.40 29.58
N ASP B 417 -52.10 10.80 30.48
CA ASP B 417 -53.40 10.17 30.61
C ASP B 417 -54.23 10.62 29.43
N GLY B 418 -54.03 11.86 29.01
CA GLY B 418 -54.77 12.39 27.89
C GLY B 418 -54.34 11.69 26.61
N ASN B 419 -53.04 11.43 26.50
CA ASN B 419 -52.47 10.79 25.31
C ASN B 419 -52.84 9.32 25.23
N LEU B 420 -52.79 8.63 26.37
CA LEU B 420 -53.27 7.27 26.46
C LEU B 420 -54.72 7.20 25.93
N VAL B 421 -55.58 8.05 26.46
CA VAL B 421 -57.00 7.98 26.13
C VAL B 421 -57.25 8.38 24.67
N ALA B 422 -56.62 9.45 24.22
CA ALA B 422 -56.78 9.88 22.84
C ALA B 422 -56.34 8.77 21.88
N SER B 423 -55.28 8.06 22.23
CA SER B 423 -54.87 6.92 21.42
C SER B 423 -56.02 5.92 21.30
N LEU B 424 -56.59 5.52 22.44
CA LEU B 424 -57.68 4.55 22.41
C LEU B 424 -58.89 5.04 21.62
N LEU B 425 -59.20 6.33 21.72
CA LEU B 425 -60.36 6.87 21.05
C LEU B 425 -60.19 6.85 19.55
N ALA B 426 -59.03 7.32 19.10
CA ALA B 426 -58.74 7.49 17.69
C ALA B 426 -58.71 6.14 16.97
N HIS B 427 -58.13 5.15 17.64
CA HIS B 427 -58.25 3.76 17.23
C HIS B 427 -59.72 3.45 17.03
N LYS B 428 -60.47 3.46 18.14
CA LYS B 428 -61.88 3.11 18.15
C LYS B 428 -62.69 3.83 17.08
N LEU B 429 -62.55 5.14 17.01
CA LEU B 429 -63.39 5.93 16.13
C LEU B 429 -62.83 6.11 14.73
N GLY B 430 -61.59 5.69 14.51
CA GLY B 430 -60.94 5.91 13.24
C GLY B 430 -60.77 7.39 12.92
N VAL B 431 -60.09 8.13 13.79
CA VAL B 431 -59.89 9.56 13.56
C VAL B 431 -58.42 10.00 13.70
N THR B 432 -58.00 10.94 12.86
CA THR B 432 -56.64 11.48 12.93
C THR B 432 -56.32 11.96 14.34
N GLN B 433 -55.12 11.64 14.80
CA GLN B 433 -54.75 11.85 16.19
C GLN B 433 -53.48 12.67 16.35
N CYS B 434 -53.52 13.61 17.29
CA CYS B 434 -52.36 14.42 17.63
C CYS B 434 -52.07 14.24 19.12
N THR B 435 -50.79 14.22 19.49
CA THR B 435 -50.49 14.21 20.91
C THR B 435 -49.59 15.37 21.27
N ILE B 436 -49.78 15.86 22.49
CA ILE B 436 -48.99 16.96 23.06
C ILE B 436 -48.61 16.54 24.47
N ALA B 437 -47.32 16.55 24.77
CA ALA B 437 -46.86 16.01 26.05
C ALA B 437 -47.12 16.97 27.21
N HIS B 438 -46.78 18.23 26.98
CA HIS B 438 -46.81 19.32 27.97
C HIS B 438 -45.76 19.10 29.06
N ALA B 439 -45.29 17.86 29.15
CA ALA B 439 -44.16 17.53 29.98
C ALA B 439 -44.03 16.03 29.91
N LEU B 440 -42.83 15.53 30.20
CA LEU B 440 -42.57 14.12 30.25
C LEU B 440 -41.81 13.88 31.55
N GLU B 441 -42.39 13.08 32.42
CA GLU B 441 -41.93 13.02 33.80
C GLU B 441 -40.51 12.45 33.90
N LYS B 442 -40.13 11.62 32.94
CA LYS B 442 -38.80 11.02 32.97
C LYS B 442 -37.68 12.07 33.00
N THR B 443 -37.90 13.21 32.34
CA THR B 443 -36.94 14.31 32.38
C THR B 443 -37.04 15.14 33.66
N LYS B 444 -38.24 15.17 34.23
CA LYS B 444 -38.48 15.94 35.46
C LYS B 444 -38.02 15.17 36.70
N TYR B 445 -38.04 13.85 36.64
CA TYR B 445 -37.57 13.05 37.75
C TYR B 445 -36.38 12.21 37.32
N PRO B 446 -35.17 12.77 37.43
CA PRO B 446 -33.93 12.16 36.92
C PRO B 446 -33.71 10.76 37.47
N ASP B 447 -33.26 9.85 36.61
CA ASP B 447 -33.03 8.47 37.01
C ASP B 447 -34.31 7.82 37.48
N SER B 448 -35.45 8.36 37.06
CA SER B 448 -36.72 7.79 37.45
C SER B 448 -36.97 6.52 36.65
N ASP B 449 -36.27 6.39 35.52
CA ASP B 449 -36.35 5.18 34.71
C ASP B 449 -35.61 4.00 35.34
N ILE B 450 -34.35 4.22 35.69
CA ILE B 450 -33.48 3.16 36.21
C ILE B 450 -33.80 2.85 37.67
N TYR B 451 -34.19 3.88 38.40
CA TYR B 451 -34.60 3.77 39.80
C TYR B 451 -36.12 3.62 39.99
N TRP B 452 -36.82 3.42 38.89
CA TRP B 452 -38.28 3.32 38.88
C TRP B 452 -38.90 2.43 39.96
N LYS B 453 -38.29 1.29 40.23
CA LYS B 453 -38.88 0.35 41.19
C LYS B 453 -39.16 1.02 42.54
N LYS B 454 -38.22 1.82 43.02
CA LYS B 454 -38.36 2.43 44.33
C LYS B 454 -39.36 3.59 44.33
N LEU B 455 -39.60 4.18 43.15
CA LEU B 455 -40.53 5.29 43.07
C LEU B 455 -41.94 4.81 42.75
N ASP B 456 -42.08 3.53 42.44
CA ASP B 456 -43.31 3.08 41.80
C ASP B 456 -44.59 3.14 42.67
N ASP B 457 -44.47 2.81 43.94
CA ASP B 457 -45.65 2.84 44.82
C ASP B 457 -46.18 4.27 45.01
N LYS B 458 -45.30 5.25 44.81
CA LYS B 458 -45.69 6.65 44.95
C LYS B 458 -46.13 7.24 43.62
N TYR B 459 -45.20 7.31 42.68
CA TYR B 459 -45.44 7.91 41.36
C TYR B 459 -45.99 6.98 40.27
N HIS B 460 -45.89 5.67 40.47
CA HIS B 460 -46.37 4.69 39.49
C HIS B 460 -45.84 4.90 38.07
N PHE B 461 -44.56 5.19 37.93
CA PHE B 461 -43.99 5.50 36.62
C PHE B 461 -44.07 4.35 35.59
N SER B 462 -44.04 3.11 36.07
CA SER B 462 -44.20 1.98 35.17
C SER B 462 -45.44 2.15 34.29
N CYS B 463 -46.49 2.75 34.83
CA CYS B 463 -47.67 3.09 34.01
C CYS B 463 -47.40 4.25 33.07
N GLN B 464 -46.91 5.35 33.64
CA GLN B 464 -46.78 6.57 32.87
C GLN B 464 -45.84 6.40 31.69
N PHE B 465 -44.60 5.99 31.97
CA PHE B 465 -43.62 5.76 30.92
C PHE B 465 -44.21 4.86 29.82
N THR B 466 -44.88 3.79 30.23
CA THR B 466 -45.51 2.90 29.27
C THR B 466 -46.54 3.67 28.44
N ALA B 467 -47.38 4.45 29.09
CA ALA B 467 -48.42 5.17 28.37
C ALA B 467 -47.80 6.25 27.48
N ASP B 468 -46.73 6.87 27.96
CA ASP B 468 -45.99 7.82 27.15
C ASP B 468 -45.51 7.17 25.86
N ILE B 469 -44.75 6.07 26.01
CA ILE B 469 -44.19 5.35 24.87
C ILE B 469 -45.27 4.90 23.89
N PHE B 470 -46.37 4.40 24.43
CA PHE B 470 -47.50 3.91 23.64
C PHE B 470 -48.09 5.00 22.76
N ALA B 471 -48.48 6.11 23.37
CA ALA B 471 -49.11 7.23 22.68
C ALA B 471 -48.17 7.85 21.67
N MET B 472 -46.90 7.86 22.03
CA MET B 472 -45.86 8.51 21.24
C MET B 472 -45.81 7.91 19.85
N ASN B 473 -45.80 6.59 19.79
CA ASN B 473 -45.84 5.85 18.54
C ASN B 473 -47.22 5.65 17.93
N HIS B 474 -48.25 5.58 18.76
CA HIS B 474 -49.61 5.40 18.28
C HIS B 474 -50.07 6.63 17.48
N THR B 475 -49.67 7.83 17.91
CA THR B 475 -50.26 9.05 17.36
C THR B 475 -49.87 9.32 15.90
N ASP B 476 -50.74 10.03 15.18
CA ASP B 476 -50.47 10.39 13.80
C ASP B 476 -49.41 11.49 13.70
N PHE B 477 -49.60 12.57 14.46
CA PHE B 477 -48.54 13.55 14.62
C PHE B 477 -48.42 14.07 16.04
N ILE B 478 -47.30 14.72 16.30
CA ILE B 478 -46.95 15.19 17.62
C ILE B 478 -46.66 16.69 17.55
N ILE B 479 -47.21 17.44 18.51
CA ILE B 479 -46.89 18.86 18.61
C ILE B 479 -45.98 19.14 19.83
N THR B 480 -44.99 19.99 19.66
CA THR B 480 -44.15 20.39 20.78
C THR B 480 -44.06 21.91 20.80
N SER B 481 -43.67 22.48 21.94
CA SER B 481 -43.62 23.93 22.08
C SER B 481 -42.27 24.56 21.79
N THR B 482 -41.25 23.72 21.63
CA THR B 482 -39.88 24.16 21.40
C THR B 482 -39.12 23.05 20.69
N PHE B 483 -38.00 23.42 20.07
CA PHE B 483 -37.06 22.42 19.55
C PHE B 483 -36.45 21.62 20.71
N GLN B 484 -36.21 22.31 21.82
CA GLN B 484 -35.59 21.70 22.99
C GLN B 484 -36.36 20.46 23.43
N GLU B 485 -37.67 20.51 23.29
CA GLU B 485 -38.56 19.46 23.76
C GLU B 485 -38.33 18.14 23.02
N ILE B 486 -37.73 18.24 21.85
CA ILE B 486 -37.44 17.05 21.05
C ILE B 486 -35.98 16.67 21.14
N ALA B 487 -35.11 17.43 20.48
CA ALA B 487 -33.67 17.17 20.42
C ALA B 487 -32.75 17.95 21.38
N GLY B 488 -33.33 18.78 22.26
CA GLY B 488 -32.54 19.52 23.22
C GLY B 488 -31.59 20.53 22.60
N SER B 489 -30.30 20.41 22.92
CA SER B 489 -29.29 21.27 22.31
C SER B 489 -28.05 20.47 22.00
N LYS B 490 -26.98 21.17 21.58
CA LYS B 490 -25.72 20.51 21.28
C LYS B 490 -25.19 19.80 22.53
N GLU B 491 -25.28 20.50 23.66
CA GLU B 491 -24.74 20.02 24.93
C GLU B 491 -25.65 19.01 25.64
N THR B 492 -26.95 19.26 25.63
CA THR B 492 -27.88 18.47 26.43
C THR B 492 -28.93 17.71 25.62
N VAL B 493 -29.31 16.53 26.09
CA VAL B 493 -30.32 15.71 25.43
C VAL B 493 -31.72 16.33 25.57
N GLY B 494 -32.58 16.07 24.59
CA GLY B 494 -33.93 16.63 24.60
C GLY B 494 -34.88 15.81 25.45
N GLN B 495 -36.10 16.33 25.61
CA GLN B 495 -37.12 15.62 26.38
C GLN B 495 -37.53 14.32 25.70
N TYR B 496 -37.95 14.41 24.44
CA TYR B 496 -38.29 13.19 23.69
C TYR B 496 -37.06 12.31 23.45
N GLU B 497 -35.92 12.93 23.18
CA GLU B 497 -34.70 12.22 22.82
C GLU B 497 -34.31 11.23 23.91
N SER B 498 -34.55 11.62 25.15
CA SER B 498 -34.20 10.80 26.31
C SER B 498 -35.03 9.53 26.37
N HIS B 499 -36.03 9.43 25.50
CA HIS B 499 -36.87 8.23 25.45
C HIS B 499 -36.43 7.27 24.35
N THR B 500 -35.37 7.63 23.63
CA THR B 500 -34.88 6.82 22.52
C THR B 500 -34.28 5.52 23.02
N ALA B 501 -33.36 5.64 23.97
CA ALA B 501 -32.82 4.45 24.61
C ALA B 501 -32.79 4.59 26.12
N PHE B 502 -33.58 3.76 26.80
CA PHE B 502 -33.61 3.76 28.25
C PHE B 502 -34.12 2.41 28.72
N THR B 503 -33.90 2.09 29.99
CA THR B 503 -34.39 0.83 30.52
C THR B 503 -35.05 1.00 31.89
N LEU B 504 -35.96 0.09 32.20
CA LEU B 504 -36.58 0.01 33.51
C LEU B 504 -36.24 -1.36 34.05
N PRO B 505 -35.10 -1.48 34.75
CA PRO B 505 -34.60 -2.82 35.06
C PRO B 505 -35.65 -3.65 35.76
N GLY B 506 -35.89 -4.85 35.25
CA GLY B 506 -36.88 -5.73 35.84
C GLY B 506 -38.24 -5.67 35.16
N LEU B 507 -38.48 -4.62 34.40
CA LEU B 507 -39.78 -4.41 33.76
C LEU B 507 -39.65 -4.61 32.26
N TYR B 508 -38.89 -3.72 31.64
CA TYR B 508 -38.57 -3.87 30.24
C TYR B 508 -37.45 -2.94 29.81
N ARG B 509 -37.05 -3.06 28.55
CA ARG B 509 -35.91 -2.34 28.04
C ARG B 509 -36.35 -1.69 26.74
N VAL B 510 -36.23 -0.38 26.64
CA VAL B 510 -36.67 0.26 25.41
C VAL B 510 -35.42 0.56 24.60
N VAL B 511 -35.21 -0.21 23.54
CA VAL B 511 -34.00 -0.10 22.74
C VAL B 511 -34.02 1.06 21.74
N HIS B 512 -35.09 1.17 20.95
CA HIS B 512 -35.39 2.41 20.26
C HIS B 512 -36.87 2.74 20.52
N GLY B 513 -37.15 3.75 21.35
CA GLY B 513 -38.54 4.11 21.60
C GLY B 513 -39.13 5.26 20.83
N ILE B 514 -38.25 6.16 20.40
CA ILE B 514 -38.64 7.27 19.56
C ILE B 514 -37.38 7.70 18.83
N ASP B 515 -37.54 8.27 17.64
CA ASP B 515 -36.42 8.82 16.90
C ASP B 515 -36.60 10.32 16.83
N VAL B 516 -35.61 11.07 17.28
CA VAL B 516 -35.72 12.51 17.31
C VAL B 516 -36.04 13.04 15.91
N PHE B 517 -35.73 12.23 14.91
CA PHE B 517 -35.90 12.64 13.51
C PHE B 517 -37.25 12.26 12.89
N ASP B 518 -38.10 11.60 13.66
CA ASP B 518 -39.37 11.09 13.14
C ASP B 518 -40.16 12.22 12.48
N PRO B 519 -40.61 12.01 11.24
CA PRO B 519 -41.29 13.02 10.43
C PRO B 519 -42.55 13.58 11.10
N LYS B 520 -43.04 12.90 12.13
CA LYS B 520 -44.25 13.33 12.84
C LYS B 520 -44.07 14.48 13.84
N PHE B 521 -42.88 14.71 14.34
CA PHE B 521 -42.65 15.86 15.22
C PHE B 521 -42.90 17.20 14.52
N ASN B 522 -43.70 18.06 15.13
CA ASN B 522 -43.91 19.41 14.62
C ASN B 522 -43.88 20.46 15.72
N ILE B 523 -43.02 21.46 15.58
CA ILE B 523 -42.94 22.52 16.58
C ILE B 523 -43.98 23.57 16.27
N VAL B 524 -44.94 23.75 17.19
CA VAL B 524 -45.89 24.83 17.07
C VAL B 524 -45.95 25.48 18.44
N SER B 525 -45.50 26.70 18.52
CA SER B 525 -45.34 27.33 19.82
C SER B 525 -46.61 28.05 20.22
N PRO B 526 -46.98 27.93 21.50
CA PRO B 526 -48.17 28.57 22.08
C PRO B 526 -47.89 30.03 22.36
N GLY B 527 -48.82 30.69 23.03
CA GLY B 527 -48.72 32.10 23.28
C GLY B 527 -49.40 32.42 24.58
N ALA B 528 -49.45 33.71 24.91
CA ALA B 528 -50.21 34.16 26.05
C ALA B 528 -51.38 34.96 25.49
N ASP B 529 -52.54 34.88 26.14
CA ASP B 529 -53.70 35.62 25.65
C ASP B 529 -53.43 37.11 25.85
N MET B 530 -53.50 37.87 24.75
CA MET B 530 -53.01 39.24 24.75
C MET B 530 -53.99 40.28 25.31
N SER B 531 -55.22 39.85 25.55
CA SER B 531 -56.17 40.67 26.30
C SER B 531 -55.91 40.54 27.80
N ILE B 532 -55.38 39.40 28.21
CA ILE B 532 -54.97 39.17 29.59
C ILE B 532 -53.57 39.70 29.92
N TYR B 533 -52.66 39.58 28.97
CA TYR B 533 -51.27 39.93 29.21
C TYR B 533 -50.76 40.93 28.18
N PHE B 534 -50.30 42.07 28.66
CA PHE B 534 -49.74 43.08 27.78
C PHE B 534 -48.70 43.90 28.51
N PRO B 535 -48.05 44.83 27.80
CA PRO B 535 -46.99 45.64 28.38
C PRO B 535 -47.52 46.50 29.50
N TYR B 536 -46.78 46.60 30.60
CA TYR B 536 -47.20 47.34 31.78
C TYR B 536 -47.30 48.82 31.46
N THR B 537 -46.75 49.18 30.31
CA THR B 537 -46.63 50.58 29.92
C THR B 537 -47.89 51.18 29.33
N GLU B 538 -48.85 50.35 28.92
CA GLU B 538 -50.00 50.94 28.24
C GLU B 538 -51.01 51.25 29.33
N GLU B 539 -51.15 52.53 29.62
CA GLU B 539 -51.86 52.99 30.80
C GLU B 539 -53.36 52.96 30.56
N LYS B 540 -53.74 53.14 29.30
CA LYS B 540 -55.15 53.09 28.93
C LYS B 540 -55.71 51.75 29.35
N ARG B 541 -54.89 50.72 29.14
CA ARG B 541 -55.27 49.32 29.37
C ARG B 541 -55.15 48.76 30.77
N ARG B 542 -54.33 49.37 31.61
CA ARG B 542 -54.09 48.85 32.97
C ARG B 542 -55.41 48.72 33.72
N LEU B 543 -55.52 47.72 34.60
CA LEU B 543 -56.74 47.63 35.39
C LEU B 543 -56.46 48.15 36.80
N THR B 544 -56.92 49.36 37.07
CA THR B 544 -56.66 50.02 38.34
C THR B 544 -57.65 49.54 39.37
N LYS B 545 -58.79 49.09 38.87
CA LYS B 545 -59.86 48.59 39.69
C LYS B 545 -59.30 47.53 40.64
N PHE B 546 -58.23 46.87 40.22
CA PHE B 546 -57.61 45.81 41.01
C PHE B 546 -56.55 46.28 41.99
N HIS B 547 -56.19 47.56 41.95
CA HIS B 547 -55.04 47.99 42.73
C HIS B 547 -55.30 48.01 44.25
N SER B 548 -56.53 48.26 44.65
CA SER B 548 -56.87 48.07 46.06
C SER B 548 -56.49 46.67 46.53
N GLU B 549 -56.97 45.65 45.83
CA GLU B 549 -56.72 44.24 46.19
C GLU B 549 -55.25 43.86 46.17
N ILE B 550 -54.54 44.32 45.14
CA ILE B 550 -53.14 43.96 44.98
C ILE B 550 -52.29 44.59 46.07
N GLU B 551 -52.66 45.80 46.50
CA GLU B 551 -52.00 46.48 47.61
C GLU B 551 -52.12 45.62 48.87
N GLU B 552 -53.33 45.15 49.16
CA GLU B 552 -53.54 44.30 50.33
C GLU B 552 -52.72 43.03 50.19
N LEU B 553 -52.85 42.41 49.04
CA LEU B 553 -52.22 41.13 48.73
C LEU B 553 -50.74 41.13 49.07
N LEU B 554 -50.03 42.14 48.58
CA LEU B 554 -48.59 42.28 48.81
C LEU B 554 -48.26 42.87 50.17
N TYR B 555 -48.72 44.09 50.37
CA TYR B 555 -48.21 44.95 51.44
C TYR B 555 -48.91 44.92 52.81
N SER B 556 -50.06 44.25 52.92
CA SER B 556 -50.80 44.29 54.17
C SER B 556 -50.09 43.56 55.30
N ASP B 557 -50.38 43.96 56.54
CA ASP B 557 -49.73 43.43 57.72
C ASP B 557 -50.46 42.21 58.28
N VAL B 558 -51.48 41.75 57.57
CA VAL B 558 -52.20 40.56 57.98
C VAL B 558 -51.53 39.30 57.46
N GLU B 559 -51.24 38.36 58.37
CA GLU B 559 -50.74 37.04 58.00
C GLU B 559 -51.86 36.01 58.13
N ASN B 560 -52.12 35.29 57.04
CA ASN B 560 -53.19 34.30 57.00
C ASN B 560 -52.94 33.25 55.93
N LYS B 561 -53.96 32.46 55.63
CA LYS B 561 -53.84 31.39 54.66
C LYS B 561 -53.73 31.93 53.25
N GLU B 562 -54.08 33.19 53.09
CA GLU B 562 -53.97 33.87 51.81
C GLU B 562 -52.55 34.37 51.55
N HIS B 563 -51.93 34.93 52.59
CA HIS B 563 -50.55 35.34 52.49
C HIS B 563 -49.81 35.29 53.82
N LEU B 564 -48.54 34.89 53.75
CA LEU B 564 -47.71 34.72 54.93
C LEU B 564 -46.50 35.65 54.96
N CYS B 565 -46.02 35.86 56.16
CA CYS B 565 -45.15 36.96 56.57
C CYS B 565 -45.66 38.32 56.16
N VAL B 566 -44.75 39.25 55.94
CA VAL B 566 -45.11 40.66 55.71
C VAL B 566 -43.93 41.38 55.04
N LEU B 567 -44.21 42.49 54.37
CA LEU B 567 -43.14 43.24 53.73
C LEU B 567 -42.94 44.57 54.44
N LYS B 568 -41.81 44.70 55.12
CA LYS B 568 -41.44 45.90 55.84
C LYS B 568 -41.38 47.11 54.90
N ASP B 569 -40.56 47.01 53.86
CA ASP B 569 -40.32 48.14 52.97
C ASP B 569 -41.15 48.02 51.68
N LYS B 570 -42.13 48.88 51.55
CA LYS B 570 -43.10 48.78 50.46
C LYS B 570 -42.57 49.35 49.13
N LYS B 571 -41.45 50.07 49.18
CA LYS B 571 -40.92 50.73 47.98
C LYS B 571 -39.89 49.93 47.16
N LYS B 572 -39.41 48.80 47.69
CA LYS B 572 -38.42 48.00 46.99
C LYS B 572 -38.99 47.40 45.71
N PRO B 573 -38.10 47.04 44.77
CA PRO B 573 -38.50 46.16 43.67
C PRO B 573 -38.83 44.77 44.21
N ILE B 574 -39.77 44.10 43.55
CA ILE B 574 -40.17 42.78 43.99
C ILE B 574 -39.57 41.70 43.10
N LEU B 575 -39.00 40.69 43.74
CA LEU B 575 -38.58 39.53 42.99
C LEU B 575 -39.73 38.52 43.06
N PHE B 576 -40.39 38.30 41.93
CA PHE B 576 -41.68 37.64 41.91
C PHE B 576 -41.66 36.26 41.25
N THR B 577 -42.47 35.35 41.76
CA THR B 577 -42.69 34.07 41.10
C THR B 577 -44.07 33.52 41.47
N MET B 578 -44.65 32.77 40.55
CA MET B 578 -45.97 32.17 40.73
C MET B 578 -46.03 30.80 40.05
N ALA B 579 -46.58 29.79 40.73
CA ALA B 579 -46.56 28.44 40.18
C ALA B 579 -47.28 27.45 41.05
N ARG B 580 -47.61 26.31 40.46
CA ARG B 580 -48.05 25.16 41.24
C ARG B 580 -46.92 24.88 42.21
N LEU B 581 -47.26 24.40 43.41
CA LEU B 581 -46.23 24.11 44.38
C LEU B 581 -45.98 22.61 44.41
N ASP B 582 -44.84 22.20 43.86
CA ASP B 582 -44.34 20.83 43.99
C ASP B 582 -42.81 20.80 43.97
N ARG B 583 -42.23 19.61 44.06
CA ARG B 583 -40.80 19.49 44.26
C ARG B 583 -40.05 20.06 43.06
N VAL B 584 -40.46 19.62 41.87
CA VAL B 584 -39.80 20.03 40.65
C VAL B 584 -39.88 21.54 40.46
N LYS B 585 -41.03 22.14 40.78
CA LYS B 585 -41.15 23.59 40.65
C LYS B 585 -40.11 24.30 41.50
N ASN B 586 -39.69 23.61 42.56
CA ASN B 586 -38.57 24.04 43.39
C ASN B 586 -38.74 25.42 44.02
N LEU B 587 -39.97 25.77 44.41
CA LEU B 587 -40.18 27.08 45.00
C LEU B 587 -39.41 27.23 46.32
N SER B 588 -39.31 26.13 47.06
CA SER B 588 -38.55 26.12 48.29
C SER B 588 -37.09 26.49 48.01
N GLY B 589 -36.56 25.99 46.90
CA GLY B 589 -35.19 26.29 46.52
C GLY B 589 -34.96 27.79 46.43
N LEU B 590 -35.78 28.46 45.63
CA LEU B 590 -35.67 29.90 45.44
C LEU B 590 -35.69 30.64 46.75
N VAL B 591 -36.53 30.18 47.66
CA VAL B 591 -36.66 30.86 48.95
C VAL B 591 -35.34 30.79 49.70
N GLU B 592 -34.72 29.61 49.71
CA GLU B 592 -33.40 29.46 50.34
C GLU B 592 -32.32 30.37 49.72
N TRP B 593 -32.20 30.34 48.40
CA TRP B 593 -31.25 31.21 47.73
C TRP B 593 -31.41 32.62 48.23
N TYR B 594 -32.66 33.10 48.24
CA TYR B 594 -32.96 34.45 48.71
C TYR B 594 -32.55 34.62 50.17
N GLY B 595 -32.90 33.64 51.00
CA GLY B 595 -32.56 33.67 52.40
C GLY B 595 -31.10 33.97 52.65
N LYS B 596 -30.21 33.29 51.94
CA LYS B 596 -28.77 33.39 52.17
C LYS B 596 -28.07 34.64 51.59
N ASN B 597 -28.67 35.29 50.59
CA ASN B 597 -27.97 36.39 49.93
C ASN B 597 -28.51 37.74 50.40
N THR B 598 -27.70 38.41 51.20
CA THR B 598 -28.15 39.56 51.97
C THR B 598 -28.16 40.80 51.08
N ARG B 599 -27.39 40.73 50.00
CA ARG B 599 -27.36 41.83 49.06
C ARG B 599 -28.64 41.80 48.24
N LEU B 600 -29.07 40.60 47.85
CA LEU B 600 -30.33 40.41 47.15
C LEU B 600 -31.46 40.82 48.09
N ARG B 601 -31.49 40.23 49.28
CA ARG B 601 -32.50 40.58 50.28
C ARG B 601 -32.60 42.08 50.51
N GLU B 602 -31.47 42.78 50.41
CA GLU B 602 -31.46 44.22 50.61
C GLU B 602 -32.03 44.97 49.42
N LEU B 603 -31.74 44.50 48.21
CA LEU B 603 -32.15 45.18 46.98
C LEU B 603 -33.61 44.94 46.60
N ALA B 604 -34.17 43.82 47.06
CA ALA B 604 -35.48 43.39 46.58
C ALA B 604 -36.30 42.60 47.61
N ASN B 605 -37.63 42.70 47.48
CA ASN B 605 -38.56 41.87 48.26
C ASN B 605 -38.89 40.63 47.47
N LEU B 606 -38.98 39.50 48.16
CA LEU B 606 -39.36 38.24 47.52
C LEU B 606 -40.85 37.91 47.71
N VAL B 607 -41.56 37.84 46.60
CA VAL B 607 -42.96 37.46 46.63
C VAL B 607 -43.17 36.13 45.92
N VAL B 608 -43.48 35.08 46.68
CA VAL B 608 -43.76 33.79 46.07
C VAL B 608 -45.23 33.40 46.15
N VAL B 609 -45.79 33.05 45.01
CA VAL B 609 -47.16 32.54 44.96
C VAL B 609 -47.09 31.07 44.62
N GLY B 610 -47.42 30.20 45.57
CA GLY B 610 -47.78 28.85 45.22
C GLY B 610 -48.33 28.03 46.37
N GLY B 611 -49.19 27.08 46.05
CA GLY B 611 -49.94 26.35 47.06
C GLY B 611 -51.23 27.05 47.44
N ASP B 612 -52.24 26.27 47.79
CA ASP B 612 -53.47 26.85 48.34
C ASP B 612 -53.58 26.44 49.79
N ARG B 613 -53.37 27.42 50.67
CA ARG B 613 -53.31 27.17 52.09
C ARG B 613 -54.66 27.42 52.75
N ARG B 614 -55.64 27.79 51.93
CA ARG B 614 -57.00 28.03 52.39
C ARG B 614 -57.66 26.72 52.81
N LYS B 615 -57.30 25.65 52.11
CA LYS B 615 -57.79 24.32 52.47
C LYS B 615 -56.64 23.42 52.91
N GLU B 616 -56.98 22.21 53.31
CA GLU B 616 -55.97 21.23 53.67
C GLU B 616 -55.52 20.55 52.39
N SER B 617 -54.21 20.36 52.27
CA SER B 617 -53.67 19.82 51.04
C SER B 617 -53.81 18.31 50.96
N LYS B 618 -54.32 17.83 49.83
CA LYS B 618 -54.44 16.39 49.59
C LYS B 618 -53.28 15.80 48.76
N ASP B 619 -52.36 16.66 48.31
CA ASP B 619 -51.29 16.23 47.42
C ASP B 619 -49.97 16.03 48.17
N ASN B 620 -49.26 14.95 47.86
CA ASN B 620 -48.02 14.64 48.56
C ASN B 620 -46.90 15.68 48.46
N GLU B 621 -46.53 16.03 47.23
CA GLU B 621 -45.45 16.98 47.03
C GLU B 621 -45.80 18.35 47.61
N GLU B 622 -47.03 18.78 47.36
CA GLU B 622 -47.49 20.06 47.88
C GLU B 622 -47.32 20.13 49.40
N LYS B 623 -47.71 19.03 50.07
CA LYS B 623 -47.60 18.99 51.51
C LYS B 623 -46.13 19.14 51.94
N ALA B 624 -45.26 18.30 51.39
CA ALA B 624 -43.84 18.37 51.71
C ALA B 624 -43.30 19.78 51.50
N GLU B 625 -43.63 20.32 50.34
CA GLU B 625 -43.11 21.61 49.94
C GLU B 625 -43.55 22.67 50.93
N MET B 626 -44.76 22.51 51.46
CA MET B 626 -45.29 23.49 52.40
C MET B 626 -44.51 23.50 53.72
N LYS B 627 -44.10 22.33 54.18
CA LYS B 627 -43.25 22.25 55.36
C LYS B 627 -41.92 22.98 55.14
N LYS B 628 -41.22 22.66 54.05
CA LYS B 628 -39.96 23.35 53.74
C LYS B 628 -40.09 24.89 53.74
N MET B 629 -41.18 25.43 53.20
CA MET B 629 -41.40 26.89 53.18
C MET B 629 -41.57 27.42 54.60
N TYR B 630 -42.39 26.74 55.39
CA TYR B 630 -42.61 27.11 56.79
C TYR B 630 -41.28 27.16 57.52
N ASP B 631 -40.48 26.11 57.35
CA ASP B 631 -39.18 25.99 57.99
C ASP B 631 -38.19 27.08 57.52
N LEU B 632 -38.16 27.36 56.23
CA LEU B 632 -37.19 28.33 55.71
C LEU B 632 -37.50 29.72 56.20
N ILE B 633 -38.77 30.00 56.46
CA ILE B 633 -39.18 31.32 56.92
C ILE B 633 -38.57 31.61 58.30
N GLU B 634 -38.59 30.60 59.16
CA GLU B 634 -37.97 30.70 60.47
C GLU B 634 -36.44 30.73 60.35
N GLU B 635 -35.89 29.81 59.58
CA GLU B 635 -34.44 29.67 59.41
C GLU B 635 -33.75 30.96 58.97
N TYR B 636 -34.22 31.54 57.89
CA TYR B 636 -33.63 32.76 57.35
C TYR B 636 -34.33 34.02 57.83
N LYS B 637 -35.25 33.85 58.77
CA LYS B 637 -35.94 34.97 59.39
C LYS B 637 -36.43 35.87 58.28
N LEU B 638 -37.33 35.34 57.47
CA LEU B 638 -37.72 35.98 56.23
C LEU B 638 -38.80 37.04 56.43
N ASN B 639 -39.42 37.05 57.60
CA ASN B 639 -40.45 38.02 57.86
C ASN B 639 -39.93 39.43 57.63
N GLY B 640 -40.70 40.18 56.83
CA GLY B 640 -40.43 41.57 56.49
C GLY B 640 -39.73 41.79 55.15
N GLN B 641 -38.97 40.80 54.67
CA GLN B 641 -38.50 40.80 53.27
C GLN B 641 -39.27 39.87 52.32
N PHE B 642 -40.23 39.11 52.87
CA PHE B 642 -40.82 37.98 52.17
C PHE B 642 -42.34 38.00 52.25
N ARG B 643 -43.02 37.66 51.17
CA ARG B 643 -44.48 37.50 51.21
C ARG B 643 -44.87 36.24 50.47
N TRP B 644 -45.44 35.26 51.18
CA TRP B 644 -45.81 33.98 50.56
C TRP B 644 -47.33 33.92 50.31
N ILE B 645 -47.72 34.05 49.04
CA ILE B 645 -49.13 34.23 48.70
C ILE B 645 -49.68 32.93 48.15
N SER B 646 -50.93 32.64 48.47
CA SER B 646 -51.56 31.40 48.03
C SER B 646 -51.98 31.51 46.58
N SER B 647 -52.52 30.42 46.04
CA SER B 647 -52.82 30.33 44.62
C SER B 647 -53.69 31.47 44.14
N GLN B 648 -53.25 32.14 43.09
CA GLN B 648 -54.04 33.18 42.46
C GLN B 648 -54.83 32.58 41.31
N MET B 649 -56.14 32.46 41.48
CA MET B 649 -56.93 31.64 40.57
C MET B 649 -57.51 32.38 39.37
N ASP B 650 -57.34 33.70 39.37
CA ASP B 650 -57.90 34.54 38.32
C ASP B 650 -56.85 35.19 37.41
N ARG B 651 -56.81 34.73 36.16
CA ARG B 651 -55.85 35.21 35.18
C ARG B 651 -56.02 36.72 34.95
N VAL B 652 -57.25 37.19 34.96
CA VAL B 652 -57.48 38.60 34.65
C VAL B 652 -56.73 39.49 35.63
N ARG B 653 -56.90 39.25 36.93
CA ARG B 653 -56.18 40.02 37.92
C ARG B 653 -54.69 39.67 37.90
N ASN B 654 -54.38 38.41 37.63
CA ASN B 654 -52.99 37.97 37.52
C ASN B 654 -52.18 38.76 36.51
N GLY B 655 -52.81 39.09 35.39
CA GLY B 655 -52.16 39.90 34.37
C GLY B 655 -51.80 41.27 34.92
N GLU B 656 -52.69 41.79 35.77
CA GLU B 656 -52.47 43.09 36.40
C GLU B 656 -51.46 42.98 37.53
N LEU B 657 -51.39 41.81 38.13
CA LEU B 657 -50.39 41.55 39.15
C LEU B 657 -48.99 41.62 38.53
N TYR B 658 -48.81 40.96 37.38
CA TYR B 658 -47.55 41.00 36.65
C TYR B 658 -47.12 42.45 36.36
N ARG B 659 -48.03 43.21 35.76
CA ARG B 659 -47.76 44.61 35.42
C ARG B 659 -47.43 45.43 36.67
N TYR B 660 -48.00 45.06 37.82
CA TYR B 660 -47.68 45.75 39.07
C TYR B 660 -46.23 45.54 39.47
N ILE B 661 -45.76 44.30 39.40
CA ILE B 661 -44.35 43.99 39.65
C ILE B 661 -43.45 44.85 38.76
N CYS B 662 -43.88 45.07 37.52
CA CYS B 662 -43.20 45.98 36.59
C CYS B 662 -43.10 47.38 37.18
N ASP B 663 -44.21 47.85 37.73
CA ASP B 663 -44.24 49.17 38.35
C ASP B 663 -43.13 49.36 39.37
N THR B 664 -42.75 48.27 40.05
CA THR B 664 -41.72 48.34 41.06
C THR B 664 -40.34 48.09 40.49
N LYS B 665 -40.27 47.91 39.17
CA LYS B 665 -39.00 47.61 38.50
C LYS B 665 -38.36 46.38 39.11
N GLY B 666 -39.17 45.36 39.37
CA GLY B 666 -38.69 44.10 39.88
C GLY B 666 -38.39 43.14 38.74
N ALA B 667 -38.38 41.85 39.03
CA ALA B 667 -38.15 40.85 38.00
C ALA B 667 -38.90 39.58 38.34
N PHE B 668 -39.06 38.72 37.34
CA PHE B 668 -39.72 37.44 37.52
C PHE B 668 -38.68 36.33 37.51
N VAL B 669 -38.73 35.43 38.49
CA VAL B 669 -37.78 34.34 38.55
C VAL B 669 -38.46 33.00 38.57
N GLN B 670 -37.92 32.05 37.79
CA GLN B 670 -38.50 30.73 37.68
C GLN B 670 -37.43 29.67 37.95
N PRO B 671 -37.32 29.25 39.22
CA PRO B 671 -36.23 28.39 39.70
C PRO B 671 -36.47 26.89 39.57
N ALA B 672 -36.93 26.40 38.44
CA ALA B 672 -37.33 25.00 38.39
C ALA B 672 -36.17 24.09 38.05
N LEU B 673 -36.06 23.00 38.79
CA LEU B 673 -35.06 22.00 38.49
C LEU B 673 -35.21 21.61 37.03
N TYR B 674 -36.45 21.38 36.60
CA TYR B 674 -36.74 21.18 35.18
C TYR B 674 -38.10 21.76 34.84
N GLU B 675 -38.17 22.44 33.69
CA GLU B 675 -39.41 23.03 33.22
C GLU B 675 -39.61 22.67 31.75
N ALA B 676 -40.68 21.95 31.45
CA ALA B 676 -40.87 21.44 30.08
C ALA B 676 -41.05 22.57 29.07
N PHE B 677 -41.86 23.55 29.42
CA PHE B 677 -42.04 24.74 28.57
C PHE B 677 -41.88 26.06 29.33
N GLY B 678 -42.72 26.28 30.35
CA GLY B 678 -42.83 27.58 30.99
C GLY B 678 -43.72 28.73 30.54
N LEU B 679 -45.01 28.47 30.40
CA LEU B 679 -45.99 29.54 30.14
C LEU B 679 -45.84 30.81 31.03
N THR B 680 -45.52 30.66 32.31
CA THR B 680 -45.35 31.86 33.14
C THR B 680 -44.20 32.70 32.63
N VAL B 681 -43.23 32.06 31.99
CA VAL B 681 -42.11 32.75 31.40
C VAL B 681 -42.59 33.62 30.24
N VAL B 682 -43.42 33.03 29.38
CA VAL B 682 -44.03 33.78 28.30
C VAL B 682 -44.92 34.91 28.82
N GLU B 683 -45.67 34.64 29.88
CA GLU B 683 -46.57 35.65 30.47
C GLU B 683 -45.79 36.86 30.99
N ALA B 684 -44.78 36.58 31.79
CA ALA B 684 -43.88 37.61 32.33
C ALA B 684 -43.31 38.52 31.24
N MET B 685 -42.69 37.90 30.23
CA MET B 685 -42.06 38.66 29.17
C MET B 685 -43.09 39.50 28.42
N THR B 686 -44.28 38.93 28.22
CA THR B 686 -45.37 39.59 27.50
C THR B 686 -45.83 40.86 28.21
N CYS B 687 -45.72 40.88 29.53
CA CYS B 687 -46.13 42.04 30.31
C CYS B 687 -45.04 43.09 30.38
N GLY B 688 -43.83 42.68 30.01
CA GLY B 688 -42.67 43.55 30.06
C GLY B 688 -41.73 43.22 31.21
N LEU B 689 -42.09 42.24 32.04
CA LEU B 689 -41.31 41.91 33.23
C LEU B 689 -40.05 41.09 32.92
N PRO B 690 -38.86 41.68 33.16
CA PRO B 690 -37.57 41.03 32.91
C PRO B 690 -37.48 39.70 33.64
N THR B 691 -37.10 38.66 32.92
CA THR B 691 -37.28 37.31 33.43
C THR B 691 -35.99 36.51 33.57
N PHE B 692 -35.77 35.95 34.75
CA PHE B 692 -34.67 35.04 34.99
C PHE B 692 -35.29 33.66 35.13
N ALA B 693 -34.90 32.74 34.27
CA ALA B 693 -35.56 31.44 34.25
C ALA B 693 -34.57 30.31 34.15
N THR B 694 -34.99 29.13 34.65
CA THR B 694 -34.15 27.96 34.68
C THR B 694 -33.68 27.61 33.29
N CYS B 695 -32.46 27.08 33.23
CA CYS B 695 -31.84 26.66 31.99
C CYS B 695 -32.17 25.20 31.69
N LYS B 696 -32.96 24.57 32.55
CA LYS B 696 -33.26 23.15 32.38
C LYS B 696 -34.65 22.99 31.77
N GLY B 697 -34.71 22.58 30.50
CA GLY B 697 -35.95 22.54 29.74
C GLY B 697 -36.21 23.73 28.81
N GLY B 698 -37.47 23.89 28.40
CA GLY B 698 -37.86 24.85 27.40
C GLY B 698 -37.46 26.32 27.54
N PRO B 699 -37.41 26.86 28.77
CA PRO B 699 -36.99 28.25 28.96
C PRO B 699 -35.58 28.54 28.40
N ALA B 700 -34.78 27.49 28.22
CA ALA B 700 -33.48 27.62 27.59
C ALA B 700 -33.60 28.17 26.16
N GLU B 701 -34.63 27.69 25.47
CA GLU B 701 -34.99 28.13 24.13
C GLU B 701 -35.83 29.41 24.11
N ILE B 702 -36.72 29.57 25.08
CA ILE B 702 -37.59 30.74 25.08
C ILE B 702 -36.77 32.01 25.22
N ILE B 703 -35.84 31.99 26.17
CA ILE B 703 -35.05 33.18 26.48
C ILE B 703 -33.69 33.18 25.80
N VAL B 704 -33.36 34.32 25.20
CA VAL B 704 -32.01 34.55 24.70
C VAL B 704 -31.25 35.35 25.76
N HIS B 705 -30.23 34.71 26.32
CA HIS B 705 -29.56 35.25 27.50
C HIS B 705 -28.96 36.63 27.26
N GLY B 706 -29.22 37.54 28.19
CA GLY B 706 -28.70 38.90 28.11
C GLY B 706 -29.44 39.77 27.10
N LYS B 707 -30.39 39.19 26.39
CA LYS B 707 -31.09 39.93 25.34
C LYS B 707 -32.59 40.06 25.61
N SER B 708 -33.30 38.93 25.63
CA SER B 708 -34.70 38.89 26.05
C SER B 708 -34.91 38.43 27.51
N GLY B 709 -33.81 38.14 28.21
CA GLY B 709 -33.87 37.71 29.61
C GLY B 709 -32.58 37.04 30.03
N PHE B 710 -32.58 36.37 31.18
CA PHE B 710 -31.39 35.67 31.66
C PHE B 710 -31.69 34.22 32.05
N HIS B 711 -30.73 33.33 31.85
CA HIS B 711 -30.84 31.95 32.30
C HIS B 711 -30.18 31.86 33.66
N ILE B 712 -30.72 31.01 34.53
CA ILE B 712 -30.01 30.60 35.74
C ILE B 712 -30.03 29.07 35.80
N ASP B 713 -29.05 28.51 36.50
CA ASP B 713 -28.99 27.07 36.75
C ASP B 713 -29.59 26.85 38.13
N PRO B 714 -30.63 26.02 38.23
CA PRO B 714 -31.23 25.75 39.54
C PRO B 714 -30.27 24.94 40.41
N TYR B 715 -29.28 24.33 39.79
CA TYR B 715 -28.31 23.57 40.56
C TYR B 715 -27.24 24.43 41.19
N HIS B 716 -27.02 25.64 40.69
CA HIS B 716 -26.31 26.57 41.53
C HIS B 716 -27.22 27.73 41.89
N GLY B 717 -27.74 27.70 43.11
CA GLY B 717 -28.76 28.64 43.51
C GLY B 717 -28.14 29.94 43.90
N ASP B 718 -27.00 29.82 44.60
CA ASP B 718 -26.34 30.96 45.18
C ASP B 718 -25.81 31.86 44.07
N GLN B 719 -25.42 31.23 42.97
CA GLN B 719 -25.04 31.97 41.78
C GLN B 719 -26.27 32.66 41.17
N ALA B 720 -27.38 31.94 41.11
CA ALA B 720 -28.62 32.55 40.66
C ALA B 720 -28.98 33.77 41.52
N ALA B 721 -28.98 33.59 42.84
CA ALA B 721 -29.31 34.67 43.76
C ALA B 721 -28.45 35.91 43.50
N ASP B 722 -27.16 35.68 43.25
CA ASP B 722 -26.23 36.77 43.02
C ASP B 722 -26.40 37.42 41.64
N THR B 723 -26.62 36.59 40.63
CA THR B 723 -26.97 37.09 39.30
C THR B 723 -28.11 38.09 39.41
N LEU B 724 -29.15 37.69 40.15
CA LEU B 724 -30.28 38.57 40.46
C LEU B 724 -29.85 39.88 41.13
N ALA B 725 -29.07 39.77 42.20
CA ALA B 725 -28.55 40.93 42.89
C ALA B 725 -27.74 41.83 41.94
N ASP B 726 -27.02 41.20 41.02
CA ASP B 726 -26.28 41.96 40.00
C ASP B 726 -27.21 42.77 39.11
N PHE B 727 -28.33 42.16 38.70
CA PHE B 727 -29.30 42.84 37.83
C PHE B 727 -29.90 44.06 38.51
N PHE B 728 -30.27 43.88 39.78
CA PHE B 728 -30.88 44.97 40.53
C PHE B 728 -29.88 46.07 40.78
N THR B 729 -28.65 45.68 41.12
CA THR B 729 -27.57 46.65 41.27
C THR B 729 -27.41 47.49 40.01
N LYS B 730 -27.29 46.83 38.86
CA LYS B 730 -27.12 47.54 37.59
C LYS B 730 -28.28 48.48 37.26
N CYS B 731 -29.51 47.99 37.44
CA CYS B 731 -30.71 48.78 37.15
C CYS B 731 -30.84 50.01 38.05
N LYS B 732 -30.22 49.94 39.23
CA LYS B 732 -30.26 51.04 40.20
C LYS B 732 -29.34 52.15 39.70
N GLU B 733 -28.16 51.76 39.24
CA GLU B 733 -27.25 52.67 38.55
C GLU B 733 -27.82 53.12 37.21
N ASP B 734 -28.17 52.15 36.37
CA ASP B 734 -28.65 52.43 35.03
C ASP B 734 -30.06 51.88 34.82
N PRO B 735 -31.07 52.66 35.22
CA PRO B 735 -32.49 52.28 35.15
C PRO B 735 -32.90 51.84 33.75
N SER B 736 -32.16 52.28 32.74
CA SER B 736 -32.47 51.89 31.37
C SER B 736 -32.02 50.47 31.09
N HIS B 737 -31.20 49.92 31.97
CA HIS B 737 -30.78 48.53 31.82
C HIS B 737 -31.99 47.61 31.98
N TRP B 738 -32.94 48.05 32.78
CA TRP B 738 -34.18 47.33 33.00
C TRP B 738 -35.03 47.40 31.74
N ASP B 739 -35.25 48.60 31.23
CA ASP B 739 -36.01 48.79 30.00
C ASP B 739 -35.46 48.00 28.80
N GLU B 740 -34.13 47.87 28.73
CA GLU B 740 -33.49 47.10 27.66
C GLU B 740 -34.04 45.68 27.66
N ILE B 741 -33.90 45.00 28.79
CA ILE B 741 -34.34 43.64 28.92
C ILE B 741 -35.84 43.55 28.71
N SER B 742 -36.57 44.49 29.30
CA SER B 742 -38.02 44.55 29.16
C SER B 742 -38.40 44.50 27.69
N LYS B 743 -37.80 45.37 26.90
CA LYS B 743 -38.08 45.43 25.47
C LYS B 743 -37.61 44.17 24.77
N GLY B 744 -36.45 43.68 25.17
CA GLY B 744 -35.91 42.46 24.62
C GLY B 744 -36.91 41.32 24.67
N GLY B 745 -37.54 41.16 25.83
CA GLY B 745 -38.58 40.16 26.02
C GLY B 745 -39.81 40.42 25.18
N LEU B 746 -40.34 41.65 25.25
CA LEU B 746 -41.51 42.01 24.48
C LEU B 746 -41.35 41.55 23.03
N GLN B 747 -40.18 41.81 22.46
CA GLN B 747 -39.92 41.50 21.07
C GLN B 747 -39.75 40.01 20.82
N ARG B 748 -39.10 39.34 21.77
CA ARG B 748 -38.93 37.90 21.67
C ARG B 748 -40.28 37.20 21.58
N ILE B 749 -41.23 37.63 22.42
CA ILE B 749 -42.59 37.10 22.38
C ILE B 749 -43.25 37.37 21.03
N GLU B 750 -43.26 38.63 20.62
CA GLU B 750 -43.82 39.01 19.32
C GLU B 750 -43.27 38.14 18.19
N GLU B 751 -42.00 37.81 18.26
CA GLU B 751 -41.32 37.06 17.21
C GLU B 751 -41.70 35.57 17.20
N LYS B 752 -41.77 34.99 18.39
CA LYS B 752 -41.92 33.53 18.53
C LYS B 752 -43.30 33.07 19.02
N TYR B 753 -43.71 33.51 20.20
CA TYR B 753 -44.89 32.90 20.83
C TYR B 753 -46.18 33.73 20.79
N THR B 754 -47.09 33.30 19.92
CA THR B 754 -48.36 33.97 19.70
C THR B 754 -49.33 32.93 19.20
N TRP B 755 -50.63 33.16 19.41
CA TRP B 755 -51.61 32.13 19.13
C TRP B 755 -52.19 32.08 17.71
N GLN B 756 -52.00 33.12 16.91
CA GLN B 756 -52.75 33.17 15.63
C GLN B 756 -52.19 32.22 14.58
N ILE B 757 -50.86 32.19 14.45
CA ILE B 757 -50.21 31.24 13.57
C ILE B 757 -50.54 29.82 14.03
N TYR B 758 -50.65 29.66 15.35
CA TYR B 758 -50.79 28.34 15.95
C TYR B 758 -51.90 27.54 15.32
N SER B 759 -53.10 28.11 15.32
CA SER B 759 -54.27 27.36 14.91
C SER B 759 -54.19 27.00 13.43
N GLN B 760 -53.79 27.98 12.62
CA GLN B 760 -53.54 27.75 11.19
C GLN B 760 -52.57 26.58 10.96
N ARG B 761 -51.43 26.63 11.64
CA ARG B 761 -50.45 25.57 11.56
C ARG B 761 -51.15 24.25 11.86
N LEU B 762 -51.85 24.20 12.98
CA LEU B 762 -52.45 22.96 13.46
C LEU B 762 -53.51 22.40 12.53
N LEU B 763 -54.29 23.25 11.88
CA LEU B 763 -55.28 22.76 10.92
C LEU B 763 -54.60 22.22 9.66
N THR B 764 -53.66 22.99 9.11
CA THR B 764 -52.90 22.54 7.97
C THR B 764 -52.30 21.17 8.26
N LEU B 765 -51.60 21.06 9.38
CA LEU B 765 -51.03 19.79 9.79
C LEU B 765 -52.04 18.65 9.72
N THR B 766 -53.27 18.92 10.14
CA THR B 766 -54.29 17.87 10.21
C THR B 766 -54.66 17.41 8.82
N GLY B 767 -54.75 18.36 7.89
CA GLY B 767 -55.00 18.01 6.50
C GLY B 767 -53.92 17.10 5.95
N VAL B 768 -52.67 17.56 6.07
CA VAL B 768 -51.54 16.80 5.57
C VAL B 768 -51.43 15.42 6.21
N TYR B 769 -51.33 15.37 7.53
CA TYR B 769 -51.20 14.07 8.19
C TYR B 769 -52.44 13.22 7.97
N GLY B 770 -53.56 13.90 7.70
CA GLY B 770 -54.80 13.21 7.43
C GLY B 770 -54.72 12.44 6.13
N PHE B 771 -54.26 13.10 5.09
CA PHE B 771 -54.08 12.45 3.80
C PHE B 771 -53.04 11.35 3.88
N TRP B 772 -51.89 11.69 4.46
CA TRP B 772 -50.80 10.74 4.65
C TRP B 772 -51.29 9.46 5.31
N LYS B 773 -52.27 9.58 6.19
CA LYS B 773 -52.84 8.44 6.89
C LYS B 773 -53.34 7.36 5.93
N HIS B 774 -53.94 7.77 4.83
CA HIS B 774 -54.49 6.84 3.84
C HIS B 774 -53.44 6.23 2.90
N VAL B 775 -52.46 7.05 2.49
CA VAL B 775 -51.36 6.55 1.69
C VAL B 775 -50.58 5.48 2.47
N SER B 776 -50.09 5.89 3.64
CA SER B 776 -49.18 5.07 4.44
C SER B 776 -49.87 4.07 5.37
N ASN B 777 -51.20 4.02 5.31
CA ASN B 777 -51.97 3.07 6.10
C ASN B 777 -51.43 1.65 6.01
N LEU B 778 -51.05 1.26 4.80
CA LEU B 778 -50.64 -0.10 4.51
C LEU B 778 -49.44 -0.54 5.35
N ASP B 779 -48.36 0.24 5.31
CA ASP B 779 -47.17 -0.09 6.09
C ASP B 779 -47.44 -0.19 7.59
N ARG B 780 -48.03 0.86 8.15
CA ARG B 780 -48.14 1.01 9.60
C ARG B 780 -48.92 -0.11 10.24
N LEU B 781 -49.62 -0.89 9.42
CA LEU B 781 -50.48 -1.95 9.92
C LEU B 781 -49.78 -2.89 10.90
N GLU B 782 -48.47 -3.04 10.75
CA GLU B 782 -47.71 -3.89 11.66
C GLU B 782 -47.44 -3.17 12.97
N ALA B 783 -47.05 -1.91 12.88
CA ALA B 783 -46.80 -1.10 14.07
C ALA B 783 -48.09 -0.97 14.88
N ARG B 784 -49.21 -0.99 14.18
CA ARG B 784 -50.50 -0.86 14.83
C ARG B 784 -50.73 -2.04 15.75
N ARG B 785 -50.51 -3.25 15.21
CA ARG B 785 -50.66 -4.48 15.98
C ARG B 785 -49.65 -4.57 17.11
N TYR B 786 -48.41 -4.20 16.83
CA TYR B 786 -47.38 -4.14 17.86
C TYR B 786 -47.90 -3.32 19.02
N LEU B 787 -48.37 -2.12 18.69
CA LEU B 787 -48.89 -1.19 19.69
C LEU B 787 -50.18 -1.71 20.34
N GLU B 788 -51.00 -2.45 19.58
CA GLU B 788 -52.18 -3.06 20.16
C GLU B 788 -51.78 -4.01 21.27
N MET B 789 -50.77 -4.82 20.99
CA MET B 789 -50.31 -5.82 21.94
C MET B 789 -49.72 -5.19 23.19
N PHE B 790 -48.89 -4.16 22.99
CA PHE B 790 -48.23 -3.45 24.09
C PHE B 790 -49.25 -2.94 25.11
N TYR B 791 -50.28 -2.28 24.60
CA TYR B 791 -51.32 -1.79 25.49
C TYR B 791 -51.91 -2.95 26.26
N ALA B 792 -52.41 -3.95 25.53
CA ALA B 792 -53.16 -5.05 26.13
C ALA B 792 -52.35 -5.89 27.14
N LEU B 793 -51.13 -6.25 26.79
CA LEU B 793 -50.33 -7.14 27.64
C LEU B 793 -49.32 -6.41 28.52
N LYS B 794 -49.23 -5.10 28.41
CA LYS B 794 -48.25 -4.36 29.20
C LYS B 794 -48.93 -3.30 30.07
N TYR B 795 -49.61 -2.36 29.41
CA TYR B 795 -50.33 -1.32 30.13
C TYR B 795 -51.45 -1.84 31.03
N ARG B 796 -52.42 -2.54 30.46
CA ARG B 796 -53.58 -3.01 31.23
C ARG B 796 -53.19 -3.64 32.58
N PRO B 797 -52.21 -4.55 32.56
CA PRO B 797 -51.78 -5.20 33.80
C PRO B 797 -51.17 -4.22 34.79
N LEU B 798 -50.36 -3.29 34.31
CA LEU B 798 -49.73 -2.29 35.17
C LEU B 798 -50.79 -1.39 35.79
N ALA B 799 -51.74 -0.99 34.96
CA ALA B 799 -52.84 -0.12 35.38
C ALA B 799 -53.68 -0.79 36.45
N GLN B 800 -54.06 -2.05 36.20
CA GLN B 800 -54.90 -2.79 37.14
C GLN B 800 -54.19 -3.03 38.48
N ALA B 801 -52.86 -3.04 38.44
CA ALA B 801 -52.07 -3.16 39.66
C ALA B 801 -52.18 -1.90 40.54
N VAL B 802 -52.27 -0.73 39.92
CA VAL B 802 -52.42 0.53 40.63
C VAL B 802 -53.65 0.55 41.55
N PRO B 803 -53.44 0.85 42.84
CA PRO B 803 -54.51 0.79 43.85
C PRO B 803 -55.64 1.77 43.56
N LEU B 804 -56.88 1.28 43.69
CA LEU B 804 -58.05 2.11 43.50
C LEU B 804 -58.22 3.13 44.64
N ALA B 805 -58.78 4.29 44.29
CA ALA B 805 -59.15 5.28 45.28
C ALA B 805 -60.35 4.78 46.11
N GLN B 806 -60.40 5.19 47.37
CA GLN B 806 -61.49 4.80 48.27
C GLN B 806 -62.33 5.99 48.73
N ASP B 807 -63.62 5.98 48.39
CA ASP B 807 -64.57 7.04 48.76
C ASP B 807 -65.19 6.88 50.16
N ASN C 27 -85.27 -19.21 -3.95
CA ASN C 27 -86.33 -19.75 -3.10
C ASN C 27 -86.57 -18.89 -1.86
N GLU C 28 -87.41 -17.87 -2.04
CA GLU C 28 -87.68 -16.90 -0.97
C GLU C 28 -88.26 -17.51 0.32
N VAL C 29 -89.17 -18.47 0.18
CA VAL C 29 -89.84 -19.04 1.36
C VAL C 29 -89.13 -20.32 1.86
N LEU C 30 -88.09 -20.76 1.16
CA LEU C 30 -87.40 -21.99 1.50
C LEU C 30 -86.32 -21.84 2.57
N ALA C 31 -85.28 -21.08 2.27
CA ALA C 31 -84.13 -20.94 3.18
C ALA C 31 -84.58 -20.58 4.59
N LEU C 32 -85.65 -19.80 4.71
CA LEU C 32 -86.18 -19.37 5.99
C LEU C 32 -86.48 -20.57 6.86
N LEU C 33 -86.62 -21.71 6.22
CA LEU C 33 -87.04 -22.93 6.87
C LEU C 33 -85.83 -23.67 7.46
N SER C 34 -84.91 -24.08 6.60
CA SER C 34 -83.67 -24.71 7.05
C SER C 34 -83.06 -23.88 8.18
N ARG C 35 -83.12 -22.56 8.03
CA ARG C 35 -82.58 -21.64 9.03
C ARG C 35 -83.41 -21.68 10.31
N VAL C 36 -84.63 -22.20 10.21
CA VAL C 36 -85.50 -22.35 11.36
C VAL C 36 -85.05 -23.52 12.24
N GLU C 37 -85.07 -24.72 11.68
CA GLU C 37 -84.55 -25.89 12.37
C GLU C 37 -83.16 -25.63 12.96
N ALA C 38 -82.33 -24.92 12.22
CA ALA C 38 -81.02 -24.54 12.71
C ALA C 38 -81.15 -23.81 14.05
N LYS C 39 -82.20 -22.98 14.16
CA LYS C 39 -82.46 -22.22 15.39
C LYS C 39 -83.12 -23.06 16.49
N GLY C 40 -83.90 -24.06 16.09
CA GLY C 40 -84.59 -24.92 17.03
C GLY C 40 -83.61 -25.58 17.99
N LYS C 41 -82.37 -25.74 17.54
CA LYS C 41 -81.31 -26.33 18.35
C LYS C 41 -80.83 -25.33 19.40
N GLY C 42 -81.32 -24.09 19.30
CA GLY C 42 -81.05 -23.07 20.29
C GLY C 42 -79.63 -22.52 20.29
N ILE C 43 -79.06 -22.36 21.49
CA ILE C 43 -77.74 -21.77 21.65
C ILE C 43 -76.68 -22.86 21.64
N LEU C 44 -75.88 -22.85 20.58
CA LEU C 44 -74.82 -23.84 20.35
C LEU C 44 -74.22 -23.54 18.98
N GLN C 45 -73.18 -24.27 18.61
CA GLN C 45 -72.81 -24.35 17.20
C GLN C 45 -72.76 -25.81 16.84
N GLN C 46 -72.85 -26.13 15.56
CA GLN C 46 -72.69 -27.52 15.14
C GLN C 46 -71.91 -27.68 13.85
N ASN C 47 -71.03 -28.68 13.84
CA ASN C 47 -70.05 -28.83 12.78
C ASN C 47 -70.56 -29.65 11.60
N GLN C 48 -70.66 -29.04 10.42
CA GLN C 48 -70.70 -29.85 9.21
C GLN C 48 -71.80 -30.88 9.37
N ILE C 49 -71.40 -32.14 9.51
CA ILE C 49 -72.31 -33.28 9.50
C ILE C 49 -73.56 -32.90 10.26
N ILE C 50 -73.45 -32.62 11.55
CA ILE C 50 -74.61 -32.12 12.30
C ILE C 50 -75.32 -30.97 11.55
N ALA C 51 -74.57 -29.96 11.10
CA ALA C 51 -75.17 -28.88 10.30
C ALA C 51 -75.84 -29.44 9.06
N GLU C 52 -75.08 -30.17 8.24
CA GLU C 52 -75.61 -30.79 7.03
C GLU C 52 -76.78 -31.70 7.35
N PHE C 53 -76.49 -32.80 8.02
CA PHE C 53 -77.49 -33.81 8.35
C PHE C 53 -78.70 -33.20 9.04
N GLU C 54 -78.48 -32.42 10.09
CA GLU C 54 -79.60 -31.83 10.80
C GLU C 54 -80.56 -31.16 9.83
N ALA C 55 -80.17 -30.02 9.28
CA ALA C 55 -81.04 -29.28 8.39
C ALA C 55 -81.52 -30.06 7.16
N LEU C 56 -80.61 -30.29 6.21
CA LEU C 56 -81.02 -30.74 4.89
C LEU C 56 -81.76 -32.09 4.87
N PRO C 57 -81.09 -33.17 5.30
CA PRO C 57 -81.68 -34.52 5.26
C PRO C 57 -82.83 -34.75 6.24
N GLU C 58 -82.73 -34.18 7.44
CA GLU C 58 -83.77 -34.33 8.45
C GLU C 58 -84.94 -33.41 8.14
N GLN C 59 -84.72 -32.56 7.13
CA GLN C 59 -85.76 -31.68 6.60
C GLN C 59 -86.75 -32.45 5.77
N THR C 60 -87.90 -31.86 5.52
CA THR C 60 -88.97 -32.51 4.80
C THR C 60 -88.59 -32.69 3.32
N ARG C 61 -89.48 -33.25 2.51
CA ARG C 61 -89.16 -33.60 1.12
C ARG C 61 -89.26 -32.37 0.23
N LYS C 62 -89.58 -31.25 0.85
CA LYS C 62 -89.69 -29.97 0.17
C LYS C 62 -88.34 -29.57 -0.40
N LYS C 63 -87.30 -30.37 -0.09
CA LYS C 63 -85.93 -29.98 -0.38
C LYS C 63 -85.75 -29.38 -1.79
N LEU C 64 -85.83 -30.21 -2.83
CA LEU C 64 -85.64 -29.70 -4.18
C LEU C 64 -84.41 -28.80 -4.17
N GLU C 65 -83.42 -29.19 -3.38
CA GLU C 65 -82.33 -28.30 -2.97
C GLU C 65 -81.06 -28.31 -3.80
N GLY C 66 -81.08 -29.00 -4.94
CA GLY C 66 -79.91 -29.08 -5.77
C GLY C 66 -79.55 -27.71 -6.34
N GLY C 67 -80.32 -26.70 -5.96
CA GLY C 67 -80.07 -25.32 -6.36
C GLY C 67 -78.87 -24.69 -5.66
N PRO C 68 -78.70 -23.37 -5.83
CA PRO C 68 -77.52 -22.59 -5.39
C PRO C 68 -77.27 -22.59 -3.88
N PHE C 69 -78.31 -22.37 -3.09
CA PHE C 69 -78.14 -22.23 -1.64
C PHE C 69 -77.46 -23.45 -1.03
N PHE C 70 -77.58 -24.58 -1.71
CA PHE C 70 -77.02 -25.83 -1.19
C PHE C 70 -75.49 -25.79 -1.10
N ASP C 71 -74.84 -25.39 -2.18
CA ASP C 71 -73.39 -25.35 -2.20
C ASP C 71 -72.85 -24.66 -0.95
N LEU C 72 -73.47 -23.55 -0.58
CA LEU C 72 -73.06 -22.75 0.57
C LEU C 72 -73.10 -23.55 1.87
N LEU C 73 -74.26 -24.14 2.17
CA LEU C 73 -74.39 -24.98 3.36
C LEU C 73 -73.40 -26.14 3.26
N LYS C 74 -73.46 -26.85 2.14
CA LYS C 74 -72.63 -28.03 1.93
C LYS C 74 -71.16 -27.69 2.14
N SER C 75 -70.82 -26.42 1.99
CA SER C 75 -69.45 -25.96 2.16
C SER C 75 -69.14 -25.45 3.57
N THR C 76 -70.15 -25.44 4.44
CA THR C 76 -70.00 -24.86 5.77
C THR C 76 -69.32 -25.78 6.79
N GLN C 77 -68.23 -25.29 7.38
CA GLN C 77 -67.44 -26.08 8.33
C GLN C 77 -68.08 -26.09 9.71
N GLU C 78 -68.57 -24.94 10.14
CA GLU C 78 -69.38 -24.87 11.35
C GLU C 78 -70.36 -23.69 11.29
N ALA C 79 -71.51 -23.85 11.93
CA ALA C 79 -72.47 -22.76 12.07
C ALA C 79 -72.55 -22.39 13.54
N ILE C 80 -72.41 -21.10 13.85
CA ILE C 80 -72.54 -20.66 15.22
C ILE C 80 -73.83 -19.90 15.42
N VAL C 81 -74.76 -20.51 16.15
CA VAL C 81 -76.10 -19.98 16.24
C VAL C 81 -76.39 -19.26 17.56
N LEU C 82 -76.84 -18.01 17.45
CA LEU C 82 -77.35 -17.27 18.59
C LEU C 82 -78.80 -16.92 18.28
N PRO C 83 -79.51 -16.32 19.25
CA PRO C 83 -80.95 -16.30 18.98
C PRO C 83 -81.38 -15.52 17.74
N PRO C 84 -80.92 -14.27 17.59
CA PRO C 84 -81.31 -13.50 16.40
C PRO C 84 -80.62 -13.98 15.13
N TRP C 85 -79.39 -14.49 15.26
CA TRP C 85 -78.54 -14.72 14.08
C TRP C 85 -77.94 -16.12 14.09
N VAL C 86 -77.53 -16.58 12.90
CA VAL C 86 -76.65 -17.74 12.80
C VAL C 86 -75.42 -17.37 11.98
N ALA C 87 -74.25 -17.63 12.55
CA ALA C 87 -72.98 -17.31 11.88
C ALA C 87 -72.44 -18.52 11.11
N LEU C 88 -71.87 -18.27 9.94
CA LEU C 88 -71.39 -19.35 9.08
C LEU C 88 -69.94 -19.15 8.65
N ALA C 89 -69.14 -20.20 8.82
CA ALA C 89 -67.79 -20.23 8.28
C ALA C 89 -67.78 -21.10 7.03
N VAL C 90 -67.55 -20.50 5.88
CA VAL C 90 -67.64 -21.26 4.64
C VAL C 90 -66.26 -21.54 4.05
N ARG C 91 -66.08 -22.78 3.58
CA ARG C 91 -64.81 -23.23 3.05
C ARG C 91 -65.00 -23.77 1.65
N PRO C 92 -65.07 -22.86 0.68
CA PRO C 92 -65.21 -23.21 -0.73
C PRO C 92 -64.10 -24.16 -1.15
N ARG C 93 -62.87 -23.82 -0.73
CA ARG C 93 -61.68 -24.60 -1.04
C ARG C 93 -60.72 -24.53 0.12
N PRO C 94 -59.82 -25.54 0.23
CA PRO C 94 -58.82 -25.49 1.29
C PRO C 94 -58.11 -24.15 1.31
N GLY C 95 -57.95 -23.57 2.50
CA GLY C 95 -57.25 -22.30 2.65
C GLY C 95 -58.08 -21.07 2.32
N VAL C 96 -59.29 -21.29 1.82
CA VAL C 96 -60.17 -20.21 1.38
C VAL C 96 -61.44 -20.14 2.22
N TRP C 97 -61.58 -19.06 3.00
CA TRP C 97 -62.68 -18.93 3.94
C TRP C 97 -63.44 -17.63 3.78
N GLU C 98 -64.77 -17.72 3.67
CA GLU C 98 -65.64 -16.53 3.80
C GLU C 98 -66.47 -16.68 5.05
N TYR C 99 -66.57 -15.62 5.85
CA TYR C 99 -67.44 -15.64 7.03
C TYR C 99 -68.70 -14.78 6.82
N LEU C 100 -69.87 -15.39 7.00
CA LEU C 100 -71.15 -14.68 6.86
C LEU C 100 -71.95 -14.62 8.17
N ARG C 101 -73.11 -13.97 8.10
CA ARG C 101 -74.08 -13.98 9.19
C ARG C 101 -75.47 -13.96 8.55
N VAL C 102 -76.39 -14.75 9.08
CA VAL C 102 -77.75 -14.75 8.56
C VAL C 102 -78.80 -14.71 9.66
N ASN C 103 -79.86 -13.97 9.38
CA ASN C 103 -80.96 -13.81 10.32
C ASN C 103 -81.98 -14.93 10.14
N LEU C 104 -82.27 -15.65 11.23
CA LEU C 104 -83.19 -16.77 11.19
C LEU C 104 -84.56 -16.32 10.70
N HIS C 105 -84.85 -15.04 10.87
CA HIS C 105 -86.09 -14.43 10.39
C HIS C 105 -85.72 -13.25 9.50
N ALA C 106 -86.49 -13.03 8.45
CA ALA C 106 -86.24 -11.91 7.55
C ALA C 106 -85.22 -12.21 6.44
N LEU C 107 -84.58 -13.37 6.50
CA LEU C 107 -83.70 -13.82 5.41
C LEU C 107 -82.78 -12.73 4.87
N VAL C 108 -81.78 -12.34 5.66
CA VAL C 108 -80.83 -11.31 5.25
C VAL C 108 -79.38 -11.78 5.39
N VAL C 109 -78.67 -11.88 4.26
CA VAL C 109 -77.28 -12.34 4.26
C VAL C 109 -76.29 -11.17 4.29
N GLU C 110 -75.38 -11.20 5.27
CA GLU C 110 -74.41 -10.13 5.46
C GLU C 110 -72.97 -10.64 5.60
N GLU C 111 -72.03 -9.97 4.93
CA GLU C 111 -70.61 -10.34 5.00
C GLU C 111 -70.05 -10.09 6.39
N LEU C 112 -69.03 -10.86 6.76
CA LEU C 112 -68.47 -10.77 8.11
C LEU C 112 -66.96 -10.98 8.11
N GLN C 113 -66.26 -10.20 8.92
CA GLN C 113 -64.81 -10.33 9.05
C GLN C 113 -64.43 -11.41 10.06
N PRO C 114 -63.23 -11.98 9.91
CA PRO C 114 -62.86 -13.09 10.80
C PRO C 114 -63.07 -12.70 12.24
N ALA C 115 -62.63 -11.51 12.63
CA ALA C 115 -62.78 -11.10 14.02
C ALA C 115 -64.25 -11.06 14.46
N GLU C 116 -65.11 -10.51 13.61
CA GLU C 116 -66.53 -10.41 13.93
C GLU C 116 -67.16 -11.78 14.12
N PHE C 117 -66.77 -12.72 13.26
CA PHE C 117 -67.24 -14.10 13.39
C PHE C 117 -66.75 -14.72 14.71
N LEU C 118 -65.56 -14.36 15.15
CA LEU C 118 -65.02 -14.86 16.41
C LEU C 118 -65.71 -14.22 17.62
N HIS C 119 -66.51 -13.20 17.37
CA HIS C 119 -67.34 -12.59 18.42
C HIS C 119 -68.44 -13.56 18.80
N PHE C 120 -69.08 -14.15 17.79
CA PHE C 120 -70.13 -15.14 18.01
C PHE C 120 -69.70 -16.28 18.93
N LYS C 121 -68.45 -16.72 18.81
CA LYS C 121 -67.97 -17.79 19.66
C LYS C 121 -67.80 -17.29 21.09
N GLU C 122 -67.14 -16.14 21.22
CA GLU C 122 -66.87 -15.55 22.52
C GLU C 122 -68.16 -15.25 23.29
N GLU C 123 -69.21 -14.87 22.57
CA GLU C 123 -70.53 -14.68 23.19
C GLU C 123 -71.11 -16.01 23.64
N LEU C 124 -71.02 -17.00 22.77
CA LEU C 124 -71.59 -18.31 23.02
C LEU C 124 -71.13 -18.90 24.34
N VAL C 125 -69.94 -18.52 24.78
CA VAL C 125 -69.36 -19.07 26.00
C VAL C 125 -69.39 -18.11 27.17
N ASP C 126 -68.70 -16.99 27.04
CA ASP C 126 -68.64 -16.01 28.12
C ASP C 126 -69.95 -15.25 28.35
N GLY C 127 -70.82 -15.25 27.35
CA GLY C 127 -72.08 -14.52 27.40
C GLY C 127 -71.91 -13.12 26.84
N VAL C 128 -70.67 -12.67 26.84
CA VAL C 128 -70.27 -11.42 26.21
C VAL C 128 -69.00 -11.68 25.38
N LYS C 129 -68.67 -10.76 24.46
CA LYS C 129 -67.51 -10.94 23.61
C LYS C 129 -66.22 -10.74 24.42
N ASN C 130 -65.07 -10.83 23.78
CA ASN C 130 -63.81 -10.52 24.47
C ASN C 130 -63.68 -9.01 24.71
N GLY C 131 -63.00 -8.63 25.78
CA GLY C 131 -62.94 -7.25 26.20
C GLY C 131 -62.58 -6.34 25.04
N ASN C 132 -63.19 -5.15 25.02
CA ASN C 132 -63.02 -4.22 23.91
C ASN C 132 -61.54 -4.06 23.55
N PHE C 133 -60.69 -3.93 24.57
CA PHE C 133 -59.26 -3.79 24.36
C PHE C 133 -58.43 -5.08 24.51
N THR C 134 -59.11 -6.19 24.72
CA THR C 134 -58.45 -7.51 24.75
C THR C 134 -57.73 -7.87 23.44
N LEU C 135 -56.55 -8.48 23.58
CA LEU C 135 -55.64 -8.72 22.47
C LEU C 135 -56.17 -9.52 21.29
N GLU C 136 -55.99 -8.97 20.10
CA GLU C 136 -56.18 -9.69 18.85
C GLU C 136 -54.80 -10.01 18.26
N LEU C 137 -54.48 -11.30 18.14
CA LEU C 137 -53.29 -11.72 17.43
C LEU C 137 -53.57 -11.72 15.94
N ASP C 138 -52.81 -10.93 15.19
CA ASP C 138 -52.93 -10.97 13.73
C ASP C 138 -51.55 -11.01 13.12
N PHE C 139 -51.21 -12.11 12.46
CA PHE C 139 -49.89 -12.19 11.84
C PHE C 139 -49.85 -11.76 10.37
N GLU C 140 -51.02 -11.57 9.76
CA GLU C 140 -51.11 -11.33 8.33
C GLU C 140 -50.20 -10.22 7.78
N PRO C 141 -50.15 -9.06 8.46
CA PRO C 141 -49.31 -7.94 8.02
C PRO C 141 -47.81 -8.20 8.19
N PHE C 142 -47.44 -9.18 9.02
CA PHE C 142 -46.04 -9.51 9.18
C PHE C 142 -45.55 -10.49 8.13
N ASN C 143 -46.49 -11.11 7.44
CA ASN C 143 -46.19 -12.17 6.50
C ASN C 143 -46.09 -11.69 5.03
N ALA C 144 -46.25 -10.39 4.83
CA ALA C 144 -46.45 -9.83 3.48
C ALA C 144 -45.14 -9.57 2.71
N SER C 145 -44.02 -9.95 3.30
CA SER C 145 -42.72 -9.84 2.65
C SER C 145 -42.75 -10.39 1.23
N ILE C 146 -43.34 -11.57 1.06
CA ILE C 146 -43.50 -12.16 -0.26
C ILE C 146 -44.99 -12.19 -0.57
N PRO C 147 -45.33 -12.15 -1.86
CA PRO C 147 -46.72 -12.39 -2.23
C PRO C 147 -47.02 -13.86 -1.90
N ARG C 148 -48.29 -14.22 -1.84
CA ARG C 148 -48.59 -15.58 -1.42
C ARG C 148 -49.22 -16.34 -2.55
N PRO C 149 -48.90 -17.63 -2.62
CA PRO C 149 -49.45 -18.55 -3.61
C PRO C 149 -50.93 -18.74 -3.38
N THR C 150 -51.72 -18.68 -4.45
CA THR C 150 -53.13 -18.98 -4.38
C THR C 150 -53.52 -20.37 -4.85
N LEU C 151 -52.54 -21.13 -5.34
CA LEU C 151 -52.81 -22.43 -5.97
C LEU C 151 -52.69 -23.59 -5.01
N HIS C 152 -53.59 -24.55 -5.13
CA HIS C 152 -53.56 -25.75 -4.32
C HIS C 152 -52.17 -26.39 -4.33
N LYS C 153 -51.58 -26.47 -5.52
CA LYS C 153 -50.31 -27.14 -5.73
C LYS C 153 -49.14 -26.61 -4.89
N TYR C 154 -49.21 -25.36 -4.44
CA TYR C 154 -48.09 -24.82 -3.67
C TYR C 154 -48.19 -25.06 -2.16
N ILE C 155 -49.34 -25.56 -1.71
CA ILE C 155 -49.50 -25.89 -0.31
C ILE C 155 -48.60 -27.07 0.01
N GLY C 156 -47.72 -26.89 0.99
CA GLY C 156 -46.74 -27.89 1.38
C GLY C 156 -45.51 -27.84 0.51
N ASN C 157 -45.64 -27.17 -0.63
CA ASN C 157 -44.55 -27.01 -1.60
C ASN C 157 -43.71 -25.72 -1.57
N GLY C 158 -43.89 -24.91 -0.54
CA GLY C 158 -43.34 -23.57 -0.49
C GLY C 158 -41.90 -23.32 -0.92
N VAL C 159 -40.95 -24.21 -0.62
CA VAL C 159 -39.59 -23.94 -1.06
C VAL C 159 -39.55 -23.76 -2.59
N ASP C 160 -40.40 -24.50 -3.30
CA ASP C 160 -40.58 -24.33 -4.74
C ASP C 160 -40.91 -22.90 -5.08
N PHE C 161 -41.88 -22.37 -4.35
CA PHE C 161 -42.38 -21.01 -4.56
C PHE C 161 -41.33 -19.95 -4.22
N LEU C 162 -40.64 -20.14 -3.11
CA LEU C 162 -39.61 -19.20 -2.66
C LEU C 162 -38.45 -19.17 -3.65
N ASN C 163 -38.14 -20.32 -4.25
CA ASN C 163 -37.07 -20.39 -5.25
C ASN C 163 -37.35 -19.52 -6.46
N ARG C 164 -38.59 -19.55 -6.93
CA ARG C 164 -39.00 -18.78 -8.09
C ARG C 164 -39.00 -17.30 -7.77
N HIS C 165 -39.32 -16.98 -6.51
CA HIS C 165 -39.32 -15.60 -6.04
C HIS C 165 -37.91 -15.03 -5.87
N LEU C 166 -37.01 -15.80 -5.28
CA LEU C 166 -35.61 -15.38 -5.14
C LEU C 166 -34.94 -15.34 -6.51
N SER C 167 -35.23 -16.37 -7.29
CA SER C 167 -34.67 -16.51 -8.62
C SER C 167 -34.94 -15.24 -9.43
N ALA C 168 -36.16 -14.72 -9.32
CA ALA C 168 -36.56 -13.52 -10.04
C ALA C 168 -35.99 -12.24 -9.43
N LYS C 169 -36.09 -12.12 -8.11
CA LYS C 169 -35.54 -10.96 -7.41
C LYS C 169 -34.04 -10.89 -7.64
N LEU C 170 -33.43 -12.04 -7.94
CA LEU C 170 -32.00 -12.09 -8.16
C LEU C 170 -31.62 -11.73 -9.58
N PHE C 171 -32.58 -11.71 -10.51
CA PHE C 171 -32.22 -11.58 -11.90
C PHE C 171 -31.89 -10.14 -12.24
N HIS C 172 -30.62 -9.95 -12.61
CA HIS C 172 -30.04 -8.66 -12.94
C HIS C 172 -30.55 -7.57 -12.01
N ASP C 173 -30.25 -7.77 -10.73
CA ASP C 173 -30.40 -6.75 -9.70
C ASP C 173 -29.10 -6.83 -8.90
N LYS C 174 -28.30 -5.78 -8.97
CA LYS C 174 -27.01 -5.84 -8.33
C LYS C 174 -27.20 -5.83 -6.81
N GLU C 175 -28.09 -4.97 -6.34
CA GLU C 175 -28.38 -4.88 -4.91
C GLU C 175 -28.84 -6.23 -4.36
N SER C 176 -29.51 -7.02 -5.19
CA SER C 176 -30.03 -8.33 -4.80
C SER C 176 -29.00 -9.49 -4.83
N LEU C 177 -28.01 -9.42 -5.72
CA LEU C 177 -26.97 -10.44 -5.80
C LEU C 177 -25.89 -10.27 -4.74
N LEU C 178 -25.85 -9.10 -4.12
CA LEU C 178 -24.84 -8.80 -3.12
C LEU C 178 -24.96 -9.69 -1.89
N PRO C 179 -26.20 -9.89 -1.43
CA PRO C 179 -26.46 -10.80 -0.31
C PRO C 179 -25.86 -12.17 -0.56
N LEU C 180 -26.04 -12.69 -1.77
CA LEU C 180 -25.46 -13.98 -2.13
C LEU C 180 -23.94 -13.94 -1.95
N LEU C 181 -23.35 -12.79 -2.29
CA LEU C 181 -21.90 -12.62 -2.19
C LEU C 181 -21.45 -12.49 -0.76
N LYS C 182 -22.13 -11.63 0.00
CA LYS C 182 -21.80 -11.44 1.41
C LYS C 182 -21.95 -12.79 2.09
N PHE C 183 -23.03 -13.48 1.76
CA PHE C 183 -23.33 -14.77 2.34
C PHE C 183 -22.16 -15.72 2.16
N LEU C 184 -21.77 -15.95 0.91
CA LEU C 184 -20.70 -16.88 0.59
C LEU C 184 -19.36 -16.40 1.11
N ARG C 185 -19.25 -15.09 1.29
CA ARG C 185 -18.01 -14.46 1.71
C ARG C 185 -17.82 -14.65 3.21
N LEU C 186 -18.91 -14.51 3.95
CA LEU C 186 -18.88 -14.65 5.41
C LEU C 186 -18.90 -16.10 5.86
N HIS C 187 -19.50 -16.96 5.05
CA HIS C 187 -19.70 -18.37 5.40
C HIS C 187 -18.42 -19.08 5.82
N SER C 188 -18.51 -19.82 6.92
CA SER C 188 -17.37 -20.56 7.45
C SER C 188 -17.84 -21.57 8.49
N HIS C 189 -16.91 -22.36 9.03
CA HIS C 189 -17.20 -23.19 10.18
C HIS C 189 -15.97 -23.34 11.07
N GLN C 190 -16.18 -23.26 12.39
CA GLN C 190 -15.09 -23.51 13.34
C GLN C 190 -13.82 -22.72 12.96
N GLY C 191 -14.01 -21.51 12.43
CA GLY C 191 -12.88 -20.69 12.02
C GLY C 191 -12.23 -21.04 10.69
N LYS C 192 -12.70 -22.10 10.03
CA LYS C 192 -12.29 -22.42 8.66
C LYS C 192 -13.12 -21.56 7.71
N ASN C 193 -12.45 -20.84 6.81
CA ASN C 193 -13.17 -20.05 5.81
C ASN C 193 -13.60 -20.96 4.68
N LEU C 194 -14.81 -20.73 4.17
CA LEU C 194 -15.37 -21.59 3.13
C LEU C 194 -15.80 -20.78 1.92
N MET C 195 -15.96 -21.42 0.77
CA MET C 195 -16.44 -20.70 -0.40
C MET C 195 -15.51 -19.52 -0.80
N LEU C 196 -15.99 -18.28 -0.67
CA LEU C 196 -15.16 -17.12 -0.97
C LEU C 196 -14.37 -16.58 0.24
N SER C 197 -13.13 -16.15 0.02
CA SER C 197 -12.34 -15.50 1.06
C SER C 197 -12.59 -13.99 1.11
N GLU C 198 -11.78 -13.28 1.90
CA GLU C 198 -11.95 -11.84 2.04
C GLU C 198 -11.40 -11.06 0.83
N LYS C 199 -10.70 -11.77 -0.06
CA LYS C 199 -10.15 -11.17 -1.27
C LYS C 199 -11.21 -10.70 -2.25
N ILE C 200 -12.38 -11.34 -2.24
CA ILE C 200 -13.42 -10.96 -3.18
C ILE C 200 -14.31 -9.96 -2.47
N GLN C 201 -14.20 -8.69 -2.85
CA GLN C 201 -15.04 -7.66 -2.22
C GLN C 201 -16.28 -7.23 -3.01
N ASN C 202 -16.43 -7.71 -4.23
CA ASN C 202 -17.49 -7.19 -5.10
C ASN C 202 -17.88 -8.10 -6.26
N LEU C 203 -19.05 -7.84 -6.81
CA LEU C 203 -19.61 -8.66 -7.89
C LEU C 203 -18.68 -8.83 -9.09
N ASN C 204 -17.97 -7.77 -9.46
CA ASN C 204 -17.06 -7.83 -10.61
C ASN C 204 -15.87 -8.75 -10.36
N THR C 205 -15.23 -8.58 -9.20
CA THR C 205 -14.08 -9.38 -8.83
C THR C 205 -14.49 -10.84 -8.68
N LEU C 206 -15.71 -11.05 -8.22
CA LEU C 206 -16.29 -12.39 -8.17
C LEU C 206 -16.53 -12.92 -9.57
N GLN C 207 -17.27 -12.13 -10.34
CA GLN C 207 -17.56 -12.44 -11.74
C GLN C 207 -16.27 -12.78 -12.49
N HIS C 208 -15.21 -12.03 -12.18
CA HIS C 208 -13.91 -12.23 -12.80
C HIS C 208 -13.21 -13.52 -12.33
N THR C 209 -13.22 -13.75 -11.02
CA THR C 209 -12.55 -14.91 -10.42
C THR C 209 -13.17 -16.24 -10.84
N LEU C 210 -14.51 -16.29 -10.85
CA LEU C 210 -15.23 -17.51 -11.20
C LEU C 210 -14.94 -17.93 -12.63
N ARG C 211 -14.82 -16.93 -13.50
CA ARG C 211 -14.47 -17.16 -14.89
C ARG C 211 -13.06 -17.78 -15.00
N LYS C 212 -12.12 -17.21 -14.28
CA LYS C 212 -10.74 -17.67 -14.31
C LYS C 212 -10.64 -19.07 -13.74
N ALA C 213 -11.38 -19.30 -12.67
CA ALA C 213 -11.45 -20.63 -12.06
C ALA C 213 -11.96 -21.64 -13.06
N GLU C 214 -13.00 -21.26 -13.81
CA GLU C 214 -13.64 -22.14 -14.78
C GLU C 214 -12.69 -22.52 -15.91
N GLU C 215 -11.92 -21.55 -16.38
CA GLU C 215 -10.94 -21.83 -17.43
C GLU C 215 -9.95 -22.90 -16.95
N TYR C 216 -9.30 -22.62 -15.83
CA TYR C 216 -8.29 -23.50 -15.26
C TYR C 216 -8.79 -24.93 -15.07
N LEU C 217 -9.91 -25.09 -14.39
CA LEU C 217 -10.42 -26.43 -14.10
C LEU C 217 -10.84 -27.20 -15.35
N ALA C 218 -11.18 -26.47 -16.41
CA ALA C 218 -11.71 -27.10 -17.61
C ALA C 218 -10.72 -28.05 -18.28
N GLU C 219 -9.44 -27.69 -18.24
CA GLU C 219 -8.43 -28.48 -18.94
C GLU C 219 -7.93 -29.68 -18.14
N LEU C 220 -8.19 -29.68 -16.83
CA LEU C 220 -7.76 -30.78 -15.95
C LEU C 220 -8.62 -32.05 -16.09
N LYS C 221 -8.03 -33.18 -15.68
CA LYS C 221 -8.78 -34.43 -15.67
C LYS C 221 -9.88 -34.38 -14.62
N SER C 222 -11.05 -34.90 -14.99
CA SER C 222 -12.25 -34.78 -14.15
C SER C 222 -11.94 -35.15 -12.70
N GLU C 223 -11.13 -36.20 -12.54
CA GLU C 223 -10.93 -36.85 -11.25
C GLU C 223 -9.88 -36.19 -10.37
N THR C 224 -9.25 -35.12 -10.85
CA THR C 224 -8.23 -34.41 -10.08
C THR C 224 -8.76 -33.99 -8.71
N LEU C 225 -7.98 -34.22 -7.67
CA LEU C 225 -8.40 -33.87 -6.31
C LEU C 225 -8.14 -32.40 -5.99
N TYR C 226 -9.01 -31.83 -5.16
CA TYR C 226 -8.96 -30.39 -4.86
C TYR C 226 -7.59 -29.90 -4.37
N GLU C 227 -6.80 -30.77 -3.75
CA GLU C 227 -5.49 -30.36 -3.22
C GLU C 227 -4.57 -29.81 -4.31
N GLU C 228 -4.61 -30.38 -5.51
CA GLU C 228 -3.83 -29.86 -6.65
C GLU C 228 -4.03 -28.35 -6.83
N PHE C 229 -5.24 -27.95 -7.19
CA PHE C 229 -5.51 -26.56 -7.53
C PHE C 229 -5.81 -25.68 -6.31
N GLU C 230 -5.73 -26.27 -5.13
CA GLU C 230 -6.00 -25.51 -3.90
C GLU C 230 -5.06 -24.33 -3.81
N ALA C 231 -3.84 -24.53 -4.30
CA ALA C 231 -2.84 -23.47 -4.32
C ALA C 231 -3.38 -22.29 -5.14
N LYS C 232 -3.75 -22.57 -6.39
CA LYS C 232 -4.26 -21.56 -7.30
C LYS C 232 -5.45 -20.85 -6.67
N PHE C 233 -6.46 -21.63 -6.30
CA PHE C 233 -7.72 -21.08 -5.80
C PHE C 233 -7.52 -20.05 -4.68
N GLU C 234 -6.74 -20.41 -3.67
CA GLU C 234 -6.56 -19.52 -2.52
C GLU C 234 -6.00 -18.15 -2.92
N GLU C 235 -5.18 -18.13 -3.97
CA GLU C 235 -4.65 -16.88 -4.52
C GLU C 235 -5.74 -15.97 -5.08
N ILE C 236 -6.65 -16.54 -5.87
CA ILE C 236 -7.72 -15.77 -6.49
C ILE C 236 -8.92 -15.58 -5.55
N GLY C 237 -8.81 -16.12 -4.33
CA GLY C 237 -9.80 -15.89 -3.29
C GLY C 237 -10.80 -17.01 -3.04
N LEU C 238 -10.56 -18.17 -3.63
CA LEU C 238 -11.46 -19.30 -3.43
C LEU C 238 -11.04 -20.24 -2.31
N GLU C 239 -11.84 -20.28 -1.26
CA GLU C 239 -11.61 -21.21 -0.16
C GLU C 239 -12.30 -22.54 -0.43
N ARG C 240 -12.18 -23.48 0.51
CA ARG C 240 -12.69 -24.83 0.31
C ARG C 240 -14.22 -24.98 0.36
N GLY C 241 -14.71 -26.10 -0.17
CA GLY C 241 -16.13 -26.41 -0.17
C GLY C 241 -16.86 -26.37 -1.50
N TRP C 242 -16.13 -26.14 -2.58
CA TRP C 242 -16.72 -26.21 -3.90
C TRP C 242 -16.91 -27.64 -4.38
N GLY C 243 -16.12 -28.55 -3.81
CA GLY C 243 -16.24 -29.97 -4.11
C GLY C 243 -14.97 -30.73 -3.78
N ASP C 244 -15.03 -32.05 -3.86
CA ASP C 244 -13.88 -32.91 -3.58
C ASP C 244 -12.90 -33.03 -4.74
N ASN C 245 -13.42 -33.03 -5.96
CA ASN C 245 -12.54 -33.08 -7.12
C ASN C 245 -12.89 -32.02 -8.15
N ALA C 246 -12.14 -31.99 -9.24
CA ALA C 246 -12.26 -30.94 -10.22
C ALA C 246 -13.63 -30.93 -10.87
N GLU C 247 -14.14 -32.11 -11.21
CA GLU C 247 -15.42 -32.17 -11.89
C GLU C 247 -16.48 -31.47 -11.07
N ARG C 248 -16.51 -31.78 -9.78
CA ARG C 248 -17.51 -31.22 -8.88
C ARG C 248 -17.30 -29.73 -8.64
N VAL C 249 -16.07 -29.31 -8.37
CA VAL C 249 -15.77 -27.88 -8.24
C VAL C 249 -16.22 -27.11 -9.48
N LEU C 250 -15.97 -27.68 -10.65
CA LEU C 250 -16.34 -27.06 -11.92
C LEU C 250 -17.85 -26.87 -12.05
N ASP C 251 -18.60 -27.95 -11.94
CA ASP C 251 -20.04 -27.89 -12.05
C ASP C 251 -20.63 -26.83 -11.11
N MET C 252 -20.17 -26.85 -9.87
CA MET C 252 -20.66 -25.94 -8.84
C MET C 252 -20.34 -24.49 -9.15
N ILE C 253 -19.15 -24.24 -9.66
CA ILE C 253 -18.74 -22.90 -10.06
C ILE C 253 -19.63 -22.41 -11.21
N ARG C 254 -19.84 -23.27 -12.21
CA ARG C 254 -20.72 -22.91 -13.31
C ARG C 254 -22.14 -22.54 -12.85
N LEU C 255 -22.60 -23.20 -11.79
CA LEU C 255 -23.90 -22.88 -11.20
C LEU C 255 -23.94 -21.43 -10.76
N LEU C 256 -22.92 -21.03 -10.02
CA LEU C 256 -22.88 -19.70 -9.43
C LEU C 256 -22.77 -18.63 -10.51
N LEU C 257 -21.99 -18.94 -11.54
CA LEU C 257 -21.84 -18.04 -12.68
C LEU C 257 -23.21 -17.77 -13.26
N ASP C 258 -23.97 -18.85 -13.41
CA ASP C 258 -25.33 -18.79 -13.91
C ASP C 258 -26.23 -17.91 -13.06
N LEU C 259 -26.10 -18.01 -11.75
CA LEU C 259 -26.89 -17.22 -10.82
C LEU C 259 -26.63 -15.73 -10.97
N LEU C 260 -25.37 -15.37 -11.23
CA LEU C 260 -25.01 -13.97 -11.42
C LEU C 260 -25.49 -13.45 -12.78
N GLU C 261 -25.83 -14.38 -13.67
CA GLU C 261 -26.15 -14.06 -15.04
C GLU C 261 -27.65 -14.16 -15.31
N ALA C 262 -28.14 -15.39 -15.32
CA ALA C 262 -29.54 -15.70 -15.55
C ALA C 262 -30.03 -16.72 -14.54
N PRO C 263 -30.45 -16.25 -13.36
CA PRO C 263 -30.97 -17.15 -12.32
C PRO C 263 -32.29 -17.81 -12.72
N ASP C 264 -32.37 -19.12 -12.52
CA ASP C 264 -33.63 -19.87 -12.62
C ASP C 264 -33.79 -20.66 -11.32
N PRO C 265 -35.02 -21.07 -11.00
CA PRO C 265 -35.22 -21.67 -9.67
C PRO C 265 -34.47 -22.98 -9.48
N CYS C 266 -34.37 -23.80 -10.54
CA CYS C 266 -33.68 -25.08 -10.44
C CYS C 266 -32.19 -24.88 -10.13
N THR C 267 -31.56 -23.97 -10.85
CA THR C 267 -30.16 -23.66 -10.58
C THR C 267 -29.99 -23.11 -9.17
N LEU C 268 -30.83 -22.17 -8.79
CA LEU C 268 -30.74 -21.57 -7.46
C LEU C 268 -30.75 -22.66 -6.38
N GLU C 269 -31.79 -23.48 -6.41
CA GLU C 269 -31.95 -24.54 -5.42
C GLU C 269 -30.76 -25.49 -5.38
N THR C 270 -30.40 -26.06 -6.54
CA THR C 270 -29.28 -26.98 -6.61
C THR C 270 -28.04 -26.38 -5.94
N PHE C 271 -27.70 -25.16 -6.32
CA PHE C 271 -26.56 -24.51 -5.71
C PHE C 271 -26.77 -24.39 -4.21
N LEU C 272 -27.87 -23.76 -3.80
CA LEU C 272 -28.08 -23.48 -2.38
C LEU C 272 -28.06 -24.74 -1.52
N GLY C 273 -28.42 -25.86 -2.10
CA GLY C 273 -28.42 -27.12 -1.38
C GLY C 273 -27.04 -27.75 -1.32
N ARG C 274 -26.19 -27.38 -2.28
CA ARG C 274 -24.84 -27.94 -2.39
C ARG C 274 -23.82 -27.30 -1.44
N VAL C 275 -24.02 -26.02 -1.11
CA VAL C 275 -23.11 -25.31 -0.20
C VAL C 275 -22.98 -26.05 1.11
N PRO C 276 -21.73 -26.42 1.51
CA PRO C 276 -21.66 -27.10 2.80
C PRO C 276 -22.13 -26.17 3.90
N MET C 277 -23.13 -26.61 4.66
CA MET C 277 -23.82 -25.76 5.61
C MET C 277 -23.99 -26.43 6.97
N VAL C 278 -24.75 -27.52 6.95
CA VAL C 278 -25.09 -28.25 8.15
C VAL C 278 -23.95 -29.17 8.59
N PHE C 279 -23.44 -28.92 9.79
CA PHE C 279 -22.39 -29.72 10.38
C PHE C 279 -22.89 -30.18 11.76
N ASN C 280 -23.17 -29.23 12.65
CA ASN C 280 -23.83 -29.53 13.91
C ASN C 280 -25.35 -29.36 13.84
N VAL C 281 -26.09 -30.35 14.32
CA VAL C 281 -27.55 -30.25 14.37
C VAL C 281 -28.12 -30.47 15.78
N VAL C 282 -29.04 -29.59 16.20
CA VAL C 282 -29.65 -29.69 17.53
C VAL C 282 -31.16 -29.91 17.47
N ILE C 283 -31.60 -31.02 18.06
CA ILE C 283 -32.99 -31.44 17.99
C ILE C 283 -33.63 -31.38 19.39
N LEU C 284 -34.83 -30.84 19.46
CA LEU C 284 -35.49 -30.61 20.73
C LEU C 284 -36.71 -31.53 20.94
N SER C 285 -36.58 -32.45 21.89
CA SER C 285 -37.70 -33.31 22.31
C SER C 285 -37.67 -33.57 23.82
N PRO C 286 -38.08 -32.57 24.62
CA PRO C 286 -37.97 -32.59 26.09
C PRO C 286 -38.89 -33.57 26.85
N HIS C 287 -40.12 -33.81 26.38
CA HIS C 287 -41.08 -34.56 27.18
C HIS C 287 -41.00 -36.07 26.95
N GLY C 288 -41.81 -36.82 27.70
CA GLY C 288 -41.86 -38.28 27.61
C GLY C 288 -40.59 -38.92 28.11
N TYR C 289 -40.49 -40.25 27.98
CA TYR C 289 -39.24 -40.91 28.33
C TYR C 289 -38.52 -41.20 27.04
N PHE C 290 -37.48 -40.43 26.74
CA PHE C 290 -36.85 -40.55 25.42
C PHE C 290 -35.64 -41.46 25.56
N ALA C 291 -35.75 -42.64 24.96
CA ALA C 291 -34.76 -43.70 25.14
C ALA C 291 -34.86 -44.65 23.96
N GLN C 292 -33.85 -45.50 23.79
CA GLN C 292 -33.87 -46.43 22.66
C GLN C 292 -34.41 -47.78 23.04
N ASP C 293 -34.73 -47.96 24.33
CA ASP C 293 -35.27 -49.21 24.84
C ASP C 293 -36.09 -48.97 26.11
N ASN C 294 -37.00 -49.91 26.38
CA ASN C 294 -37.76 -49.91 27.63
C ASN C 294 -38.66 -48.69 27.83
N VAL C 295 -39.13 -48.10 26.74
CA VAL C 295 -39.88 -46.84 26.79
C VAL C 295 -41.24 -46.88 26.08
N LEU C 296 -41.24 -47.22 24.80
CA LEU C 296 -42.42 -47.03 23.95
C LEU C 296 -43.70 -47.58 24.55
N GLY C 297 -44.73 -46.74 24.58
CA GLY C 297 -46.00 -47.08 25.21
C GLY C 297 -46.12 -46.43 26.57
N TYR C 298 -44.99 -46.07 27.17
CA TYR C 298 -45.02 -45.23 28.37
C TYR C 298 -45.78 -43.96 28.01
N PRO C 299 -46.37 -43.30 28.99
CA PRO C 299 -47.12 -42.09 28.62
C PRO C 299 -46.21 -41.07 27.94
N ASP C 300 -46.74 -40.37 26.93
CA ASP C 300 -45.99 -39.29 26.26
C ASP C 300 -44.80 -39.82 25.45
N THR C 301 -44.61 -41.13 25.47
CA THR C 301 -43.50 -41.76 24.78
C THR C 301 -44.00 -42.66 23.65
N GLY C 302 -43.63 -42.34 22.41
CA GLY C 302 -44.30 -42.86 21.24
C GLY C 302 -43.61 -42.45 19.95
N GLY C 303 -44.36 -42.45 18.85
CA GLY C 303 -43.81 -42.24 17.52
C GLY C 303 -42.89 -41.05 17.33
N GLN C 304 -43.11 -39.99 18.11
CA GLN C 304 -42.18 -38.87 18.11
C GLN C 304 -40.75 -39.31 18.49
N VAL C 305 -40.64 -40.20 19.47
CA VAL C 305 -39.34 -40.78 19.80
C VAL C 305 -38.85 -41.62 18.63
N VAL C 306 -39.77 -42.34 18.01
CA VAL C 306 -39.42 -43.22 16.91
C VAL C 306 -38.94 -42.44 15.70
N TYR C 307 -39.75 -41.48 15.26
CA TYR C 307 -39.45 -40.58 14.17
C TYR C 307 -38.07 -39.93 14.35
N ILE C 308 -37.84 -39.31 15.51
CA ILE C 308 -36.58 -38.60 15.73
C ILE C 308 -35.37 -39.51 15.63
N LEU C 309 -35.51 -40.75 16.10
CA LEU C 309 -34.38 -41.67 16.08
C LEU C 309 -34.05 -42.13 14.66
N ASP C 310 -35.09 -42.40 13.87
CA ASP C 310 -34.92 -42.76 12.46
C ASP C 310 -34.32 -41.58 11.72
N GLN C 311 -34.83 -40.41 12.05
CA GLN C 311 -34.44 -39.17 11.40
C GLN C 311 -32.92 -38.96 11.54
N VAL C 312 -32.41 -38.91 12.77
CA VAL C 312 -31.00 -38.58 12.97
C VAL C 312 -30.08 -39.59 12.29
N ARG C 313 -30.45 -40.86 12.31
CA ARG C 313 -29.67 -41.87 11.60
C ARG C 313 -29.55 -41.50 10.12
N ALA C 314 -30.67 -41.21 9.48
CA ALA C 314 -30.68 -40.92 8.06
C ALA C 314 -29.94 -39.60 7.81
N LEU C 315 -30.24 -38.63 8.64
CA LEU C 315 -29.67 -37.30 8.50
C LEU C 315 -28.14 -37.34 8.58
N GLU C 316 -27.62 -38.21 9.44
CA GLU C 316 -26.18 -38.31 9.63
C GLU C 316 -25.55 -38.90 8.38
N ILE C 317 -26.15 -39.96 7.87
CA ILE C 317 -25.63 -40.59 6.66
C ILE C 317 -25.50 -39.59 5.53
N GLU C 318 -26.56 -38.83 5.31
CA GLU C 318 -26.59 -37.81 4.28
C GLU C 318 -25.56 -36.71 4.53
N MET C 319 -25.50 -36.21 5.77
CA MET C 319 -24.52 -35.19 6.14
C MET C 319 -23.08 -35.57 5.83
N LEU C 320 -22.72 -36.82 6.09
CA LEU C 320 -21.36 -37.28 5.81
C LEU C 320 -21.09 -37.28 4.30
N GLN C 321 -22.04 -37.81 3.55
CA GLN C 321 -22.02 -37.81 2.10
C GLN C 321 -21.75 -36.39 1.58
N ARG C 322 -22.56 -35.44 2.05
CA ARG C 322 -22.44 -34.06 1.61
C ARG C 322 -21.07 -33.46 1.94
N ILE C 323 -20.69 -33.50 3.21
CA ILE C 323 -19.42 -32.95 3.63
C ILE C 323 -18.27 -33.55 2.81
N LYS C 324 -18.32 -34.85 2.55
CA LYS C 324 -17.29 -35.48 1.73
C LYS C 324 -17.26 -34.87 0.34
N GLN C 325 -18.40 -34.93 -0.35
CA GLN C 325 -18.50 -34.42 -1.73
C GLN C 325 -18.05 -32.97 -1.91
N GLN C 326 -18.14 -32.17 -0.87
CA GLN C 326 -17.75 -30.77 -0.99
C GLN C 326 -16.27 -30.57 -0.63
N GLY C 327 -15.58 -31.69 -0.37
CA GLY C 327 -14.15 -31.68 -0.10
C GLY C 327 -13.84 -31.19 1.30
N LEU C 328 -14.62 -31.66 2.26
CA LEU C 328 -14.40 -31.26 3.65
C LEU C 328 -14.21 -32.46 4.57
N ASN C 329 -13.31 -32.31 5.54
CA ASN C 329 -13.10 -33.34 6.54
C ASN C 329 -13.78 -33.15 7.90
N ILE C 330 -14.60 -32.11 8.03
CA ILE C 330 -15.26 -31.83 9.30
C ILE C 330 -16.07 -33.02 9.83
N LYS C 331 -16.04 -33.19 11.14
CA LYS C 331 -16.82 -34.24 11.79
C LYS C 331 -18.13 -33.66 12.31
N PRO C 332 -19.26 -34.22 11.83
CA PRO C 332 -20.59 -33.73 12.17
C PRO C 332 -20.98 -34.10 13.60
N ARG C 333 -21.98 -33.43 14.14
CA ARG C 333 -22.53 -33.84 15.41
C ARG C 333 -24.04 -33.58 15.44
N ILE C 334 -24.79 -34.51 16.01
CA ILE C 334 -26.24 -34.32 16.18
C ILE C 334 -26.67 -34.60 17.62
N LEU C 335 -27.29 -33.61 18.24
CA LEU C 335 -27.70 -33.74 19.62
C LEU C 335 -29.21 -33.75 19.68
N ILE C 336 -29.77 -34.75 20.36
CA ILE C 336 -31.20 -34.74 20.66
C ILE C 336 -31.35 -34.27 22.10
N LEU C 337 -31.87 -33.06 22.28
CA LEU C 337 -31.99 -32.48 23.61
C LEU C 337 -33.27 -32.95 24.26
N THR C 338 -33.13 -33.65 25.39
CA THR C 338 -34.31 -34.08 26.13
C THR C 338 -34.11 -33.96 27.62
N ARG C 339 -35.13 -34.30 28.39
CA ARG C 339 -35.07 -34.13 29.83
C ARG C 339 -34.38 -35.29 30.53
N LEU C 340 -33.58 -34.99 31.53
CA LEU C 340 -32.95 -36.00 32.36
C LEU C 340 -33.97 -36.45 33.41
N LEU C 341 -34.30 -37.75 33.41
CA LEU C 341 -35.13 -38.31 34.45
C LEU C 341 -34.28 -39.27 35.27
N PRO C 342 -33.87 -38.85 36.47
CA PRO C 342 -32.90 -39.58 37.29
C PRO C 342 -33.48 -40.86 37.87
N ASP C 343 -34.75 -40.77 38.24
CA ASP C 343 -35.44 -41.83 38.97
C ASP C 343 -36.25 -42.76 38.09
N ALA C 344 -36.17 -42.57 36.77
CA ALA C 344 -36.75 -43.54 35.86
C ALA C 344 -35.80 -44.74 35.84
N VAL C 345 -36.34 -45.91 36.17
CA VAL C 345 -35.50 -47.11 36.30
C VAL C 345 -35.90 -48.12 35.25
N GLY C 346 -34.95 -48.96 34.87
CA GLY C 346 -35.17 -49.86 33.76
C GLY C 346 -34.89 -49.13 32.46
N THR C 347 -34.68 -47.81 32.53
CA THR C 347 -34.36 -47.03 31.35
C THR C 347 -33.01 -46.33 31.42
N THR C 348 -32.63 -45.70 30.32
CA THR C 348 -31.40 -44.94 30.20
C THR C 348 -31.63 -43.44 30.43
N CYS C 349 -32.87 -43.09 30.75
CA CYS C 349 -33.27 -41.70 30.85
C CYS C 349 -32.53 -40.93 31.96
N GLY C 350 -31.74 -41.64 32.75
CA GLY C 350 -30.99 -40.99 33.81
C GLY C 350 -29.56 -40.66 33.45
N GLU C 351 -29.14 -41.03 32.24
CA GLU C 351 -27.78 -40.73 31.82
C GLU C 351 -27.74 -39.53 30.86
N ARG C 352 -26.76 -38.66 31.09
CA ARG C 352 -26.65 -37.37 30.41
C ARG C 352 -26.38 -37.46 28.90
N LEU C 353 -25.56 -38.42 28.50
CA LEU C 353 -25.18 -38.54 27.10
C LEU C 353 -25.32 -39.98 26.63
N GLU C 354 -26.05 -40.21 25.55
CA GLU C 354 -26.26 -41.57 25.03
C GLU C 354 -26.05 -41.65 23.51
N ARG C 355 -25.09 -42.48 23.09
CA ARG C 355 -24.91 -42.73 21.66
C ARG C 355 -26.14 -43.41 21.05
N VAL C 356 -26.56 -42.93 19.87
CA VAL C 356 -27.70 -43.53 19.18
C VAL C 356 -27.24 -44.74 18.38
N TYR C 357 -28.02 -45.81 18.43
CA TYR C 357 -27.60 -47.06 17.83
C TYR C 357 -27.41 -46.92 16.32
N ASP C 358 -26.33 -47.48 15.82
CA ASP C 358 -26.03 -47.46 14.41
C ASP C 358 -25.71 -46.07 13.86
N SER C 359 -25.02 -45.27 14.66
CA SER C 359 -24.55 -43.96 14.21
C SER C 359 -23.23 -43.62 14.88
N GLU C 360 -22.34 -42.97 14.15
CA GLU C 360 -21.10 -42.51 14.75
C GLU C 360 -21.24 -41.19 15.50
N TYR C 361 -21.97 -40.26 14.90
CA TYR C 361 -22.13 -38.92 15.47
C TYR C 361 -23.39 -38.49 16.24
N CYS C 362 -24.39 -39.36 16.37
CA CYS C 362 -25.65 -38.97 17.01
C CYS C 362 -25.73 -39.31 18.51
N ASP C 363 -25.97 -38.31 19.35
CA ASP C 363 -26.12 -38.53 20.79
C ASP C 363 -27.42 -37.96 21.37
N ILE C 364 -27.99 -38.66 22.33
CA ILE C 364 -29.06 -38.05 23.13
C ILE C 364 -28.37 -37.29 24.25
N LEU C 365 -28.82 -36.07 24.48
CA LEU C 365 -28.24 -35.23 25.52
C LEU C 365 -29.36 -34.88 26.46
N ARG C 366 -29.26 -35.35 27.70
CA ARG C 366 -30.32 -35.13 28.66
C ARG C 366 -29.91 -34.03 29.63
N VAL C 367 -30.81 -33.07 29.84
CA VAL C 367 -30.59 -32.02 30.83
C VAL C 367 -31.81 -31.94 31.74
N PRO C 368 -31.58 -31.73 33.04
CA PRO C 368 -32.68 -31.76 33.99
C PRO C 368 -33.53 -30.49 34.01
N PHE C 369 -34.82 -30.66 34.34
CA PHE C 369 -35.66 -29.54 34.74
C PHE C 369 -35.19 -29.09 36.11
N ARG C 370 -35.22 -27.78 36.36
CA ARG C 370 -34.88 -27.32 37.71
C ARG C 370 -35.55 -26.01 38.09
N THR C 371 -35.57 -25.74 39.39
CA THR C 371 -36.12 -24.51 39.93
C THR C 371 -35.08 -23.95 40.88
N GLU C 372 -35.42 -22.86 41.57
CA GLU C 372 -34.50 -22.27 42.54
C GLU C 372 -34.15 -23.26 43.66
N LYS C 373 -35.02 -24.26 43.83
CA LYS C 373 -34.82 -25.32 44.82
C LYS C 373 -33.78 -26.36 44.34
N GLY C 374 -33.50 -26.36 43.04
CA GLY C 374 -32.68 -27.40 42.44
C GLY C 374 -33.45 -28.38 41.57
N ILE C 375 -32.76 -29.38 41.03
CA ILE C 375 -33.30 -30.20 39.96
C ILE C 375 -34.54 -30.99 40.35
N VAL C 376 -35.47 -31.13 39.40
CA VAL C 376 -36.74 -31.79 39.64
C VAL C 376 -36.72 -33.21 39.09
N ARG C 377 -36.87 -34.19 39.97
CA ARG C 377 -36.62 -35.60 39.64
C ARG C 377 -37.72 -36.33 38.87
N LYS C 378 -38.97 -36.10 39.25
CA LYS C 378 -40.08 -36.94 38.81
C LYS C 378 -40.54 -36.64 37.40
N TRP C 379 -40.89 -37.68 36.66
CA TRP C 379 -41.48 -37.47 35.34
C TRP C 379 -42.67 -36.53 35.48
N ILE C 380 -42.83 -35.66 34.49
CA ILE C 380 -43.96 -34.76 34.44
C ILE C 380 -44.62 -34.89 33.07
N SER C 381 -45.95 -34.76 33.05
CA SER C 381 -46.73 -34.88 31.82
C SER C 381 -46.43 -33.76 30.82
N ARG C 382 -46.67 -34.04 29.54
CA ARG C 382 -46.37 -33.05 28.52
C ARG C 382 -47.23 -31.80 28.72
N PHE C 383 -48.49 -32.01 29.11
CA PHE C 383 -49.36 -30.87 29.39
C PHE C 383 -48.91 -30.01 30.58
N GLU C 384 -48.06 -30.56 31.45
CA GLU C 384 -47.54 -29.80 32.59
C GLU C 384 -46.12 -29.21 32.53
N VAL C 385 -45.41 -29.39 31.43
CA VAL C 385 -43.98 -29.02 31.43
C VAL C 385 -43.72 -27.51 31.35
N TRP C 386 -44.75 -26.77 30.95
CA TRP C 386 -44.63 -25.37 30.57
C TRP C 386 -43.81 -24.46 31.49
N PRO C 387 -44.01 -24.55 32.80
CA PRO C 387 -43.20 -23.74 33.70
C PRO C 387 -41.69 -24.03 33.68
N TYR C 388 -41.28 -25.21 33.22
CA TYR C 388 -39.86 -25.56 33.26
C TYR C 388 -39.05 -25.25 31.99
N LEU C 389 -39.75 -24.89 30.91
CA LEU C 389 -39.13 -24.84 29.57
C LEU C 389 -38.09 -23.74 29.38
N GLU C 390 -38.37 -22.56 29.92
CA GLU C 390 -37.43 -21.45 29.78
C GLU C 390 -36.11 -21.73 30.49
N THR C 391 -36.17 -22.24 31.72
CA THR C 391 -34.95 -22.57 32.43
C THR C 391 -34.23 -23.70 31.70
N TYR C 392 -35.02 -24.60 31.14
CA TYR C 392 -34.48 -25.70 30.38
C TYR C 392 -33.62 -25.18 29.23
N THR C 393 -34.18 -24.21 28.51
CA THR C 393 -33.51 -23.58 27.39
C THR C 393 -32.09 -23.10 27.75
N GLU C 394 -32.02 -22.30 28.82
CA GLU C 394 -30.75 -21.78 29.29
C GLU C 394 -29.77 -22.91 29.60
N ASP C 395 -30.21 -23.88 30.40
CA ASP C 395 -29.34 -25.00 30.76
C ASP C 395 -28.93 -25.82 29.53
N ALA C 396 -29.89 -26.09 28.66
CA ALA C 396 -29.64 -26.80 27.41
C ALA C 396 -28.52 -26.10 26.63
N ALA C 397 -28.65 -24.78 26.50
CA ALA C 397 -27.68 -23.97 25.78
C ALA C 397 -26.28 -24.15 26.34
N VAL C 398 -26.16 -24.01 27.66
CA VAL C 398 -24.87 -24.19 28.30
C VAL C 398 -24.32 -25.57 27.98
N GLU C 399 -25.17 -26.58 28.09
CA GLU C 399 -24.75 -27.96 27.88
C GLU C 399 -24.34 -28.25 26.45
N LEU C 400 -25.20 -27.92 25.49
CA LEU C 400 -24.90 -28.23 24.10
C LEU C 400 -23.67 -27.46 23.64
N SER C 401 -23.42 -26.32 24.27
CA SER C 401 -22.24 -25.53 23.98
C SER C 401 -20.95 -26.27 24.39
N LYS C 402 -21.06 -27.12 25.40
CA LYS C 402 -19.94 -27.94 25.83
C LYS C 402 -19.70 -29.09 24.87
N GLU C 403 -20.78 -29.67 24.35
CA GLU C 403 -20.67 -30.82 23.49
C GLU C 403 -20.25 -30.43 22.08
N LEU C 404 -20.82 -29.34 21.58
CA LEU C 404 -20.63 -28.96 20.17
C LEU C 404 -19.34 -28.20 19.91
N ASN C 405 -18.73 -28.49 18.78
CA ASN C 405 -17.59 -27.72 18.34
C ASN C 405 -18.09 -26.75 17.25
N GLY C 406 -18.13 -25.46 17.60
CA GLY C 406 -18.89 -24.49 16.82
C GLY C 406 -20.35 -24.50 17.24
N LYS C 407 -21.10 -23.48 16.84
CA LYS C 407 -22.52 -23.44 17.22
C LYS C 407 -23.36 -24.31 16.30
N PRO C 408 -24.68 -24.39 16.58
CA PRO C 408 -25.58 -25.20 15.75
C PRO C 408 -25.79 -24.58 14.39
N ASP C 409 -25.73 -25.40 13.34
CA ASP C 409 -26.07 -24.94 11.99
C ASP C 409 -27.56 -25.06 11.71
N LEU C 410 -28.24 -25.87 12.50
CA LEU C 410 -29.67 -26.15 12.32
C LEU C 410 -30.32 -26.49 13.66
N ILE C 411 -31.56 -26.04 13.86
CA ILE C 411 -32.28 -26.38 15.08
C ILE C 411 -33.69 -26.81 14.76
N ILE C 412 -34.03 -28.03 15.15
CA ILE C 412 -35.36 -28.55 14.86
C ILE C 412 -36.16 -28.71 16.15
N GLY C 413 -37.30 -28.02 16.21
CA GLY C 413 -38.24 -28.19 17.30
C GLY C 413 -39.16 -29.35 17.02
N ASN C 414 -39.56 -30.05 18.08
CA ASN C 414 -40.53 -31.13 17.98
C ASN C 414 -41.64 -30.98 19.00
N TYR C 415 -42.86 -31.10 18.49
CA TYR C 415 -44.12 -30.86 19.19
C TYR C 415 -44.19 -29.45 19.84
N SER C 416 -44.93 -29.32 20.94
CA SER C 416 -45.19 -27.98 21.48
C SER C 416 -44.06 -27.46 22.31
N ASP C 417 -43.60 -28.31 23.22
CA ASP C 417 -42.56 -27.94 24.15
C ASP C 417 -41.22 -27.89 23.42
N GLY C 418 -41.07 -28.75 22.42
CA GLY C 418 -39.87 -28.75 21.60
C GLY C 418 -39.80 -27.52 20.71
N ASN C 419 -40.91 -27.19 20.06
CA ASN C 419 -40.95 -26.01 19.21
C ASN C 419 -40.71 -24.74 20.02
N LEU C 420 -41.33 -24.68 21.20
CA LEU C 420 -41.17 -23.55 22.10
C LEU C 420 -39.70 -23.31 22.40
N VAL C 421 -39.01 -24.34 22.91
CA VAL C 421 -37.61 -24.19 23.27
C VAL C 421 -36.74 -24.02 22.03
N ALA C 422 -37.17 -24.66 20.95
CA ALA C 422 -36.44 -24.60 19.67
C ALA C 422 -36.36 -23.16 19.18
N SER C 423 -37.50 -22.47 19.26
CA SER C 423 -37.57 -21.05 18.97
C SER C 423 -36.59 -20.26 19.83
N LEU C 424 -36.74 -20.34 21.15
CA LEU C 424 -35.90 -19.55 22.05
C LEU C 424 -34.41 -19.74 21.80
N LEU C 425 -34.01 -20.97 21.51
CA LEU C 425 -32.60 -21.27 21.25
C LEU C 425 -32.17 -20.64 19.94
N ALA C 426 -33.02 -20.81 18.92
CA ALA C 426 -32.76 -20.24 17.61
C ALA C 426 -32.48 -18.75 17.72
N HIS C 427 -33.37 -18.06 18.41
CA HIS C 427 -33.27 -16.62 18.61
C HIS C 427 -32.02 -16.24 19.41
N LYS C 428 -31.75 -17.02 20.47
CA LYS C 428 -30.60 -16.77 21.32
C LYS C 428 -29.29 -16.98 20.56
N LEU C 429 -29.19 -18.12 19.87
CA LEU C 429 -27.95 -18.52 19.22
C LEU C 429 -27.83 -18.11 17.75
N GLY C 430 -28.88 -17.52 17.20
CA GLY C 430 -28.83 -17.04 15.83
C GLY C 430 -28.70 -18.16 14.83
N VAL C 431 -29.62 -19.10 14.87
CA VAL C 431 -29.52 -20.26 14.00
C VAL C 431 -30.80 -20.53 13.21
N THR C 432 -30.64 -21.12 12.05
CA THR C 432 -31.75 -21.47 11.17
C THR C 432 -32.61 -22.51 11.85
N GLN C 433 -33.91 -22.25 11.94
CA GLN C 433 -34.82 -23.09 12.71
C GLN C 433 -35.95 -23.69 11.88
N CYS C 434 -36.26 -24.94 12.19
CA CYS C 434 -37.34 -25.69 11.58
C CYS C 434 -38.19 -26.20 12.72
N THR C 435 -39.50 -26.31 12.50
CA THR C 435 -40.36 -26.89 13.52
C THR C 435 -41.16 -28.03 12.91
N ILE C 436 -41.40 -29.06 13.72
CA ILE C 436 -42.25 -30.18 13.35
C ILE C 436 -43.27 -30.36 14.47
N ALA C 437 -44.56 -30.27 14.15
CA ALA C 437 -45.62 -30.40 15.15
C ALA C 437 -45.71 -31.81 15.75
N HIS C 438 -45.86 -32.79 14.87
CA HIS C 438 -46.08 -34.20 15.19
C HIS C 438 -47.50 -34.41 15.66
N ALA C 439 -48.13 -33.32 16.08
CA ALA C 439 -49.55 -33.29 16.32
C ALA C 439 -49.88 -31.92 16.85
N LEU C 440 -51.15 -31.55 16.71
CA LEU C 440 -51.62 -30.26 17.16
C LEU C 440 -52.82 -30.54 18.02
N GLU C 441 -52.69 -30.20 19.30
CA GLU C 441 -53.69 -30.63 20.27
C GLU C 441 -55.07 -30.07 19.95
N LYS C 442 -55.13 -28.83 19.47
CA LYS C 442 -56.43 -28.22 19.22
C LYS C 442 -57.32 -29.09 18.31
N THR C 443 -56.73 -29.77 17.33
CA THR C 443 -57.51 -30.63 16.44
C THR C 443 -57.77 -32.01 17.03
N LYS C 444 -56.96 -32.41 18.00
CA LYS C 444 -57.18 -33.68 18.70
C LYS C 444 -58.26 -33.57 19.78
N TYR C 445 -58.43 -32.38 20.32
CA TYR C 445 -59.39 -32.13 21.37
C TYR C 445 -60.41 -31.11 20.88
N PRO C 446 -61.44 -31.58 20.18
CA PRO C 446 -62.44 -30.75 19.51
C PRO C 446 -62.99 -29.65 20.41
N ASP C 447 -63.09 -28.46 19.86
CA ASP C 447 -63.61 -27.31 20.60
C ASP C 447 -62.78 -27.04 21.85
N SER C 448 -61.52 -27.47 21.87
CA SER C 448 -60.67 -27.22 23.02
C SER C 448 -60.16 -25.79 23.06
N ASP C 449 -60.35 -25.06 21.97
CA ASP C 449 -60.04 -23.63 21.98
C ASP C 449 -61.14 -22.82 22.68
N ILE C 450 -62.39 -23.06 22.29
CA ILE C 450 -63.50 -22.25 22.73
C ILE C 450 -63.89 -22.63 24.16
N TYR C 451 -63.70 -23.91 24.47
CA TYR C 451 -63.96 -24.49 25.80
C TYR C 451 -62.70 -24.52 26.65
N TRP C 452 -61.65 -23.86 26.18
CA TRP C 452 -60.34 -23.94 26.80
C TRP C 452 -60.41 -23.78 28.30
N LYS C 453 -61.36 -22.97 28.79
CA LYS C 453 -61.40 -22.60 30.21
C LYS C 453 -61.60 -23.79 31.16
N LYS C 454 -62.60 -24.62 30.90
CA LYS C 454 -62.79 -25.81 31.73
C LYS C 454 -61.58 -26.76 31.66
N LEU C 455 -61.08 -27.00 30.45
CA LEU C 455 -59.98 -27.93 30.22
C LEU C 455 -58.62 -27.46 30.75
N ASP C 456 -58.52 -26.21 31.17
CA ASP C 456 -57.20 -25.63 31.44
C ASP C 456 -56.56 -26.14 32.72
N ASP C 457 -57.38 -26.38 33.73
CA ASP C 457 -56.85 -26.92 34.98
C ASP C 457 -56.16 -28.25 34.71
N LYS C 458 -56.80 -29.07 33.89
CA LYS C 458 -56.24 -30.38 33.54
C LYS C 458 -55.14 -30.29 32.45
N TYR C 459 -55.50 -29.84 31.24
CA TYR C 459 -54.59 -29.86 30.09
C TYR C 459 -53.70 -28.63 29.84
N HIS C 460 -53.98 -27.50 30.50
CA HIS C 460 -53.20 -26.27 30.32
C HIS C 460 -53.06 -25.83 28.87
N PHE C 461 -54.12 -25.96 28.09
CA PHE C 461 -54.10 -25.64 26.67
C PHE C 461 -53.86 -24.16 26.36
N SER C 462 -54.13 -23.27 27.31
CA SER C 462 -53.82 -21.87 27.09
C SER C 462 -52.31 -21.75 26.88
N CYS C 463 -51.55 -22.45 27.72
CA CYS C 463 -50.10 -22.47 27.57
C CYS C 463 -49.71 -23.08 26.23
N GLN C 464 -50.31 -24.23 25.92
CA GLN C 464 -49.87 -25.01 24.78
C GLN C 464 -50.17 -24.33 23.46
N PHE C 465 -51.43 -23.93 23.28
CA PHE C 465 -51.85 -23.23 22.08
C PHE C 465 -50.99 -21.98 21.90
N THR C 466 -50.66 -21.35 23.00
CA THR C 466 -49.85 -20.15 22.90
C THR C 466 -48.51 -20.46 22.27
N ALA C 467 -47.85 -21.51 22.75
CA ALA C 467 -46.55 -21.88 22.19
C ALA C 467 -46.68 -22.34 20.73
N ASP C 468 -47.79 -22.99 20.41
CA ASP C 468 -48.03 -23.44 19.04
C ASP C 468 -48.01 -22.26 18.07
N ILE C 469 -48.84 -21.25 18.34
CA ILE C 469 -48.84 -20.01 17.58
C ILE C 469 -47.46 -19.36 17.53
N PHE C 470 -46.81 -19.29 18.67
CA PHE C 470 -45.46 -18.70 18.77
C PHE C 470 -44.42 -19.31 17.83
N ALA C 471 -44.25 -20.63 17.89
CA ALA C 471 -43.19 -21.28 17.12
C ALA C 471 -43.59 -21.44 15.66
N MET C 472 -44.88 -21.63 15.44
CA MET C 472 -45.42 -21.69 14.09
C MET C 472 -44.91 -20.51 13.26
N ASN C 473 -45.05 -19.32 13.82
CA ASN C 473 -44.61 -18.09 13.17
C ASN C 473 -43.11 -17.79 13.30
N HIS C 474 -42.53 -18.13 14.45
CA HIS C 474 -41.14 -17.81 14.77
C HIS C 474 -40.09 -18.63 13.99
N THR C 475 -40.48 -19.83 13.54
CA THR C 475 -39.53 -20.68 12.84
C THR C 475 -39.35 -20.23 11.40
N ASP C 476 -38.19 -20.55 10.83
CA ASP C 476 -37.88 -20.28 9.43
C ASP C 476 -38.69 -21.16 8.46
N PHE C 477 -38.69 -22.47 8.65
CA PHE C 477 -39.57 -23.34 7.88
C PHE C 477 -40.28 -24.39 8.73
N ILE C 478 -41.33 -24.98 8.15
CA ILE C 478 -42.16 -25.96 8.83
C ILE C 478 -42.20 -27.26 8.02
N ILE C 479 -41.83 -28.38 8.63
CA ILE C 479 -41.96 -29.66 7.96
C ILE C 479 -43.22 -30.41 8.41
N THR C 480 -44.04 -30.86 7.45
CA THR C 480 -45.20 -31.70 7.78
C THR C 480 -45.05 -33.07 7.12
N SER C 481 -45.80 -34.05 7.64
CA SER C 481 -45.73 -35.41 7.11
C SER C 481 -46.78 -35.71 6.05
N THR C 482 -47.75 -34.83 5.89
CA THR C 482 -48.83 -34.99 4.93
C THR C 482 -49.36 -33.64 4.49
N PHE C 483 -50.04 -33.62 3.34
CA PHE C 483 -50.78 -32.44 2.93
C PHE C 483 -51.94 -32.15 3.89
N GLN C 484 -52.69 -33.19 4.27
CA GLN C 484 -53.84 -33.01 5.16
C GLN C 484 -53.43 -32.29 6.44
N GLU C 485 -52.22 -32.60 6.91
CA GLU C 485 -51.71 -31.93 8.10
C GLU C 485 -51.75 -30.40 7.92
N ILE C 486 -51.65 -29.92 6.68
CA ILE C 486 -51.76 -28.47 6.43
C ILE C 486 -53.18 -28.02 6.09
N ALA C 487 -53.60 -28.32 4.87
CA ALA C 487 -54.87 -27.84 4.34
C ALA C 487 -55.99 -28.87 4.44
N GLY C 488 -55.69 -30.03 5.02
CA GLY C 488 -56.68 -31.08 5.17
C GLY C 488 -57.09 -31.70 3.84
N SER C 489 -58.40 -31.74 3.61
CA SER C 489 -58.95 -32.27 2.37
C SER C 489 -59.96 -31.27 1.82
N LYS C 490 -60.67 -31.65 0.76
CA LYS C 490 -61.69 -30.77 0.21
C LYS C 490 -62.85 -30.60 1.19
N GLU C 491 -63.26 -31.71 1.79
CA GLU C 491 -64.37 -31.70 2.75
C GLU C 491 -64.00 -31.28 4.18
N THR C 492 -62.76 -31.53 4.61
CA THR C 492 -62.40 -31.26 6.01
C THR C 492 -61.17 -30.36 6.22
N VAL C 493 -61.25 -29.54 7.27
CA VAL C 493 -60.23 -28.55 7.57
C VAL C 493 -58.96 -29.21 8.07
N GLY C 494 -57.80 -28.71 7.62
CA GLY C 494 -56.52 -29.25 8.04
C GLY C 494 -56.08 -28.86 9.43
N GLN C 495 -54.99 -29.47 9.90
CA GLN C 495 -54.52 -29.24 11.26
C GLN C 495 -54.00 -27.83 11.49
N TYR C 496 -53.03 -27.38 10.71
CA TYR C 496 -52.59 -26.00 10.82
C TYR C 496 -53.73 -25.08 10.40
N GLU C 497 -54.46 -25.48 9.35
CA GLU C 497 -55.53 -24.64 8.82
C GLU C 497 -56.51 -24.20 9.92
N SER C 498 -56.75 -25.05 10.91
CA SER C 498 -57.68 -24.70 11.99
C SER C 498 -57.09 -23.66 12.95
N HIS C 499 -55.83 -23.32 12.75
CA HIS C 499 -55.18 -22.26 13.54
C HIS C 499 -55.19 -20.90 12.82
N THR C 500 -55.80 -20.86 11.63
CA THR C 500 -55.89 -19.61 10.89
C THR C 500 -56.67 -18.56 11.66
N ALA C 501 -57.92 -18.90 11.98
CA ALA C 501 -58.75 -18.05 12.82
C ALA C 501 -59.42 -18.86 13.94
N PHE C 502 -59.07 -18.55 15.18
CA PHE C 502 -59.70 -19.20 16.32
C PHE C 502 -59.67 -18.25 17.49
N THR C 503 -60.46 -18.54 18.52
CA THR C 503 -60.47 -17.71 19.70
C THR C 503 -60.45 -18.54 20.98
N LEU C 504 -59.88 -17.98 22.05
CA LEU C 504 -59.93 -18.56 23.37
C LEU C 504 -60.61 -17.55 24.28
N PRO C 505 -61.95 -17.63 24.41
CA PRO C 505 -62.72 -16.57 25.05
C PRO C 505 -62.19 -16.24 26.44
N GLY C 506 -61.95 -14.96 26.69
CA GLY C 506 -61.40 -14.52 27.96
C GLY C 506 -59.88 -14.45 27.99
N LEU C 507 -59.23 -15.10 27.01
CA LEU C 507 -57.77 -15.09 26.98
C LEU C 507 -57.24 -14.22 25.86
N TYR C 508 -57.52 -14.59 24.62
CA TYR C 508 -57.22 -13.73 23.48
C TYR C 508 -57.86 -14.24 22.19
N ARG C 509 -57.67 -13.50 21.10
CA ARG C 509 -58.31 -13.79 19.82
C ARG C 509 -57.30 -13.84 18.68
N VAL C 510 -57.30 -14.95 17.93
CA VAL C 510 -56.37 -15.07 16.82
C VAL C 510 -57.13 -14.88 15.52
N VAL C 511 -56.94 -13.71 14.91
CA VAL C 511 -57.65 -13.32 13.69
C VAL C 511 -57.04 -13.92 12.43
N HIS C 512 -55.72 -13.83 12.30
CA HIS C 512 -55.01 -14.68 11.37
C HIS C 512 -53.79 -15.21 12.11
N GLY C 513 -53.79 -16.51 12.43
CA GLY C 513 -52.64 -17.07 13.12
C GLY C 513 -51.62 -17.75 12.24
N ILE C 514 -52.10 -18.27 11.12
CA ILE C 514 -51.23 -18.96 10.17
C ILE C 514 -51.93 -19.02 8.84
N ASP C 515 -51.18 -19.22 7.78
CA ASP C 515 -51.79 -19.31 6.45
C ASP C 515 -51.35 -20.57 5.74
N VAL C 516 -52.33 -21.34 5.30
CA VAL C 516 -52.11 -22.59 4.60
C VAL C 516 -51.16 -22.40 3.42
N PHE C 517 -51.21 -21.23 2.79
CA PHE C 517 -50.39 -20.98 1.61
C PHE C 517 -49.02 -20.40 1.97
N ASP C 518 -48.73 -20.28 3.25
CA ASP C 518 -47.42 -19.78 3.65
C ASP C 518 -46.35 -20.65 2.99
N PRO C 519 -45.42 -19.99 2.29
CA PRO C 519 -44.27 -20.60 1.59
C PRO C 519 -43.33 -21.37 2.51
N LYS C 520 -43.43 -21.17 3.83
CA LYS C 520 -42.55 -21.89 4.75
C LYS C 520 -42.93 -23.37 4.94
N PHE C 521 -44.19 -23.72 4.69
CA PHE C 521 -44.61 -25.11 4.83
C PHE C 521 -43.96 -26.01 3.80
N ASN C 522 -43.39 -27.12 4.26
CA ASN C 522 -42.90 -28.14 3.35
C ASN C 522 -43.25 -29.54 3.81
N ILE C 523 -43.94 -30.28 2.94
CA ILE C 523 -44.25 -31.65 3.25
C ILE C 523 -43.03 -32.51 2.94
N VAL C 524 -42.48 -33.15 3.96
CA VAL C 524 -41.47 -34.16 3.75
C VAL C 524 -41.91 -35.38 4.53
N SER C 525 -42.31 -36.42 3.82
CA SER C 525 -42.89 -37.58 4.47
C SER C 525 -41.81 -38.42 5.12
N PRO C 526 -42.05 -38.86 6.36
CA PRO C 526 -41.11 -39.72 7.07
C PRO C 526 -41.30 -41.15 6.59
N GLY C 527 -40.65 -42.10 7.22
CA GLY C 527 -40.74 -43.49 6.80
C GLY C 527 -40.57 -44.44 7.97
N ALA C 528 -40.59 -45.73 7.68
CA ALA C 528 -40.31 -46.74 8.69
C ALA C 528 -38.93 -47.31 8.40
N ASP C 529 -38.13 -47.50 9.45
CA ASP C 529 -36.80 -48.05 9.28
C ASP C 529 -36.94 -49.39 8.57
N MET C 530 -36.28 -49.54 7.43
CA MET C 530 -36.50 -50.71 6.60
C MET C 530 -35.63 -51.91 6.97
N SER C 531 -34.72 -51.72 7.93
CA SER C 531 -34.05 -52.86 8.53
C SER C 531 -34.98 -53.49 9.56
N ILE C 532 -35.81 -52.66 10.19
CA ILE C 532 -36.81 -53.14 11.15
C ILE C 532 -38.13 -53.68 10.59
N TYR C 533 -38.68 -53.03 9.57
CA TYR C 533 -39.98 -53.46 9.05
C TYR C 533 -39.92 -53.77 7.56
N PHE C 534 -40.20 -55.02 7.22
CA PHE C 534 -40.24 -55.45 5.83
C PHE C 534 -41.37 -56.44 5.60
N PRO C 535 -41.49 -56.92 4.37
CA PRO C 535 -42.62 -57.81 4.06
C PRO C 535 -42.53 -59.13 4.81
N TYR C 536 -43.70 -59.65 5.20
CA TYR C 536 -43.79 -60.88 5.97
C TYR C 536 -43.48 -62.09 5.10
N THR C 537 -43.34 -61.84 3.80
CA THR C 537 -43.11 -62.91 2.84
C THR C 537 -41.65 -63.16 2.51
N GLU C 538 -40.74 -62.36 3.04
CA GLU C 538 -39.33 -62.63 2.77
C GLU C 538 -38.86 -63.47 3.92
N GLU C 539 -38.63 -64.74 3.64
CA GLU C 539 -38.48 -65.74 4.70
C GLU C 539 -37.10 -65.75 5.31
N LYS C 540 -36.08 -65.66 4.46
CA LYS C 540 -34.71 -65.61 4.94
C LYS C 540 -34.61 -64.50 5.96
N ARG C 541 -35.41 -63.45 5.75
CA ARG C 541 -35.37 -62.24 6.58
C ARG C 541 -36.12 -62.34 7.93
N ARG C 542 -37.11 -63.22 8.02
CA ARG C 542 -37.90 -63.35 9.25
C ARG C 542 -36.97 -63.64 10.40
N LEU C 543 -37.31 -63.15 11.59
CA LEU C 543 -36.52 -63.45 12.78
C LEU C 543 -37.28 -64.53 13.53
N THR C 544 -36.75 -65.73 13.48
CA THR C 544 -37.45 -66.90 14.01
C THR C 544 -37.29 -67.08 15.52
N LYS C 545 -36.09 -66.77 16.03
CA LYS C 545 -35.79 -66.93 17.45
C LYS C 545 -36.74 -66.16 18.37
N PHE C 546 -37.41 -65.15 17.83
CA PHE C 546 -38.42 -64.44 18.58
C PHE C 546 -39.73 -65.22 18.66
N HIS C 547 -39.92 -66.14 17.71
CA HIS C 547 -41.17 -66.89 17.60
C HIS C 547 -41.56 -67.59 18.90
N SER C 548 -40.57 -67.93 19.72
CA SER C 548 -40.83 -68.51 21.02
C SER C 548 -41.62 -67.54 21.90
N GLU C 549 -41.10 -66.32 22.05
CA GLU C 549 -41.72 -65.34 22.93
C GLU C 549 -43.09 -64.88 22.43
N ILE C 550 -43.22 -64.72 21.11
CA ILE C 550 -44.49 -64.31 20.51
C ILE C 550 -45.59 -65.32 20.79
N GLU C 551 -45.28 -66.60 20.55
CA GLU C 551 -46.23 -67.67 20.86
C GLU C 551 -46.77 -67.49 22.27
N GLU C 552 -45.87 -67.29 23.22
CA GLU C 552 -46.25 -67.12 24.61
C GLU C 552 -47.09 -65.88 24.76
N LEU C 553 -46.69 -64.82 24.07
CA LEU C 553 -47.32 -63.50 24.19
C LEU C 553 -48.77 -63.50 23.69
N LEU C 554 -48.96 -64.06 22.51
CA LEU C 554 -50.26 -64.14 21.87
C LEU C 554 -51.13 -65.22 22.50
N TYR C 555 -50.67 -66.45 22.37
CA TYR C 555 -51.50 -67.63 22.60
C TYR C 555 -51.45 -68.35 23.97
N SER C 556 -50.60 -67.92 24.89
CA SER C 556 -50.43 -68.62 26.16
C SER C 556 -51.68 -68.56 27.06
N ASP C 557 -51.79 -69.51 27.97
CA ASP C 557 -52.96 -69.59 28.87
C ASP C 557 -52.79 -68.83 30.18
N VAL C 558 -51.70 -68.09 30.32
CA VAL C 558 -51.43 -67.33 31.54
C VAL C 558 -52.01 -65.92 31.45
N GLU C 559 -52.76 -65.51 32.47
CA GLU C 559 -53.26 -64.13 32.57
C GLU C 559 -52.47 -63.37 33.63
N ASN C 560 -51.77 -62.33 33.20
CA ASN C 560 -50.97 -61.51 34.12
C ASN C 560 -50.84 -60.06 33.67
N LYS C 561 -49.99 -59.31 34.35
CA LYS C 561 -49.74 -57.92 34.01
C LYS C 561 -49.12 -57.75 32.62
N GLU C 562 -48.57 -58.82 32.07
CA GLU C 562 -48.00 -58.77 30.73
C GLU C 562 -49.07 -58.90 29.67
N HIS C 563 -50.09 -59.72 29.93
CA HIS C 563 -51.23 -59.87 29.03
C HIS C 563 -52.49 -60.30 29.76
N LEU C 564 -53.64 -59.87 29.26
CA LEU C 564 -54.90 -60.24 29.88
C LEU C 564 -55.80 -61.02 28.94
N CYS C 565 -56.72 -61.75 29.55
CA CYS C 565 -57.50 -62.83 28.96
C CYS C 565 -56.67 -63.88 28.24
N VAL C 566 -57.24 -64.50 27.22
CA VAL C 566 -56.58 -65.60 26.53
C VAL C 566 -57.25 -65.81 25.19
N LEU C 567 -56.55 -66.42 24.25
CA LEU C 567 -57.14 -66.74 22.97
C LEU C 567 -57.55 -68.20 22.92
N LYS C 568 -58.85 -68.44 22.75
CA LYS C 568 -59.39 -69.79 22.70
C LYS C 568 -58.90 -70.55 21.47
N ASP C 569 -59.16 -70.01 20.28
CA ASP C 569 -58.78 -70.69 19.06
C ASP C 569 -57.55 -70.07 18.43
N LYS C 570 -56.44 -70.80 18.44
CA LYS C 570 -55.18 -70.28 17.93
C LYS C 570 -55.18 -70.01 16.42
N LYS C 571 -56.13 -70.60 15.69
CA LYS C 571 -56.13 -70.56 14.23
C LYS C 571 -56.84 -69.36 13.57
N LYS C 572 -57.65 -68.64 14.36
CA LYS C 572 -58.40 -67.50 13.85
C LYS C 572 -57.44 -66.39 13.41
N PRO C 573 -57.85 -65.57 12.43
CA PRO C 573 -57.06 -64.38 12.09
C PRO C 573 -57.04 -63.37 13.23
N ILE C 574 -55.96 -62.62 13.32
CA ILE C 574 -55.82 -61.64 14.39
C ILE C 574 -56.08 -60.22 13.88
N LEU C 575 -56.96 -59.52 14.59
CA LEU C 575 -57.17 -58.10 14.38
C LEU C 575 -56.26 -57.41 15.38
N PHE C 576 -55.23 -56.75 14.86
CA PHE C 576 -54.13 -56.25 15.69
C PHE C 576 -54.04 -54.74 15.77
N THR C 577 -53.81 -54.24 16.97
CA THR C 577 -53.51 -52.84 17.17
C THR C 577 -52.50 -52.71 18.30
N MET C 578 -51.62 -51.71 18.18
CA MET C 578 -50.61 -51.43 19.17
C MET C 578 -50.48 -49.91 19.20
N ALA C 579 -50.42 -49.32 20.39
CA ALA C 579 -50.47 -47.87 20.52
C ALA C 579 -50.31 -47.43 21.96
N ARG C 580 -49.99 -46.15 22.15
CA ARG C 580 -50.06 -45.55 23.47
C ARG C 580 -51.51 -45.63 23.95
N LEU C 581 -51.72 -45.70 25.26
CA LEU C 581 -53.07 -45.82 25.78
C LEU C 581 -53.59 -44.48 26.27
N ASP C 582 -54.53 -43.91 25.53
CA ASP C 582 -55.20 -42.69 25.98
C ASP C 582 -56.49 -42.39 25.21
N ARG C 583 -57.14 -41.30 25.60
CA ARG C 583 -58.51 -41.03 25.19
C ARG C 583 -58.61 -40.99 23.68
N VAL C 584 -57.68 -40.26 23.06
CA VAL C 584 -57.71 -39.99 21.62
C VAL C 584 -57.44 -41.22 20.77
N LYS C 585 -56.47 -42.04 21.19
CA LYS C 585 -56.14 -43.27 20.46
C LYS C 585 -57.37 -44.15 20.43
N ASN C 586 -58.24 -43.92 21.41
CA ASN C 586 -59.55 -44.54 21.44
C ASN C 586 -59.49 -46.05 21.26
N LEU C 587 -58.69 -46.73 22.06
CA LEU C 587 -58.57 -48.18 21.97
C LEU C 587 -59.80 -48.82 22.59
N SER C 588 -60.23 -48.24 23.71
CA SER C 588 -61.40 -48.72 24.44
C SER C 588 -62.60 -48.73 23.52
N GLY C 589 -62.65 -47.77 22.60
CA GLY C 589 -63.71 -47.75 21.62
C GLY C 589 -63.61 -49.03 20.82
N LEU C 590 -62.46 -49.28 20.21
CA LEU C 590 -62.33 -50.43 19.33
C LEU C 590 -62.77 -51.67 20.08
N VAL C 591 -62.24 -51.84 21.29
CA VAL C 591 -62.55 -53.00 22.11
C VAL C 591 -64.05 -53.19 22.18
N GLU C 592 -64.77 -52.08 22.39
CA GLU C 592 -66.23 -52.10 22.47
C GLU C 592 -66.96 -52.36 21.14
N TRP C 593 -66.44 -51.84 20.03
CA TRP C 593 -67.05 -52.14 18.73
C TRP C 593 -66.98 -53.63 18.54
N TYR C 594 -65.80 -54.17 18.76
CA TYR C 594 -65.54 -55.59 18.64
C TYR C 594 -66.45 -56.40 19.57
N GLY C 595 -66.60 -55.93 20.81
CA GLY C 595 -67.33 -56.64 21.84
C GLY C 595 -68.83 -56.72 21.61
N LYS C 596 -69.39 -55.71 20.96
CA LYS C 596 -70.80 -55.70 20.61
C LYS C 596 -71.06 -56.67 19.44
N ASN C 597 -70.07 -56.83 18.57
CA ASN C 597 -70.28 -57.45 17.27
C ASN C 597 -69.85 -58.91 17.25
N THR C 598 -70.85 -59.78 17.14
CA THR C 598 -70.64 -61.21 17.18
C THR C 598 -69.96 -61.73 15.93
N ARG C 599 -70.45 -61.29 14.76
CA ARG C 599 -69.92 -61.75 13.49
C ARG C 599 -68.43 -61.48 13.42
N LEU C 600 -68.02 -60.35 13.99
CA LEU C 600 -66.60 -60.02 14.03
C LEU C 600 -65.87 -60.97 14.97
N ARG C 601 -66.41 -61.12 16.17
CA ARG C 601 -65.86 -62.01 17.18
C ARG C 601 -65.62 -63.45 16.68
N GLU C 602 -66.48 -63.92 15.78
CA GLU C 602 -66.33 -65.23 15.19
C GLU C 602 -65.18 -65.29 14.21
N LEU C 603 -65.05 -64.23 13.42
CA LEU C 603 -64.12 -64.21 12.30
C LEU C 603 -62.65 -64.08 12.71
N ALA C 604 -62.39 -63.34 13.79
CA ALA C 604 -61.02 -63.10 14.23
C ALA C 604 -60.88 -62.73 15.70
N ASN C 605 -59.66 -62.91 16.23
CA ASN C 605 -59.34 -62.56 17.61
C ASN C 605 -58.78 -61.14 17.71
N LEU C 606 -59.27 -60.37 18.68
CA LEU C 606 -58.78 -59.01 18.87
C LEU C 606 -57.57 -59.01 19.80
N VAL C 607 -56.44 -58.58 19.26
CA VAL C 607 -55.23 -58.44 20.04
C VAL C 607 -54.90 -56.95 20.14
N VAL C 608 -54.87 -56.44 21.36
CA VAL C 608 -54.61 -55.04 21.60
C VAL C 608 -53.40 -54.86 22.51
N VAL C 609 -52.41 -54.14 22.00
CA VAL C 609 -51.25 -53.80 22.79
C VAL C 609 -51.41 -52.35 23.22
N GLY C 610 -51.63 -52.12 24.52
CA GLY C 610 -51.49 -50.78 25.08
C GLY C 610 -51.53 -50.72 26.59
N GLY C 611 -50.86 -49.72 27.14
CA GLY C 611 -50.66 -49.59 28.58
C GLY C 611 -49.45 -50.41 29.00
N ASP C 612 -48.74 -49.98 30.05
CA ASP C 612 -47.82 -50.89 30.70
C ASP C 612 -48.35 -51.14 32.09
N ARG C 613 -48.87 -52.34 32.30
CA ARG C 613 -49.52 -52.68 33.56
C ARG C 613 -48.52 -53.26 34.55
N ARG C 614 -47.31 -53.52 34.05
CA ARG C 614 -46.20 -53.98 34.88
C ARG C 614 -45.99 -53.04 36.06
N LYS C 615 -46.38 -51.78 35.89
CA LYS C 615 -46.26 -50.80 36.97
C LYS C 615 -47.56 -50.06 37.22
N GLU C 616 -47.50 -49.18 38.22
CA GLU C 616 -48.62 -48.30 38.57
C GLU C 616 -48.69 -47.14 37.58
N SER C 617 -49.85 -46.95 36.96
CA SER C 617 -49.99 -45.91 35.95
C SER C 617 -49.92 -44.52 36.59
N LYS C 618 -48.99 -43.70 36.10
CA LYS C 618 -48.80 -42.35 36.61
C LYS C 618 -49.53 -41.30 35.76
N ASP C 619 -50.23 -41.74 34.72
CA ASP C 619 -50.84 -40.81 33.77
C ASP C 619 -52.36 -40.83 33.86
N ASN C 620 -52.96 -39.64 33.84
CA ASN C 620 -54.42 -39.51 33.94
C ASN C 620 -55.20 -40.33 32.93
N GLU C 621 -55.06 -40.00 31.65
CA GLU C 621 -55.80 -40.69 30.60
C GLU C 621 -55.51 -42.20 30.54
N GLU C 622 -54.26 -42.58 30.80
CA GLU C 622 -53.90 -43.99 30.76
C GLU C 622 -54.69 -44.75 31.80
N LYS C 623 -54.75 -44.19 33.01
CA LYS C 623 -55.56 -44.75 34.09
C LYS C 623 -57.03 -44.85 33.71
N ALA C 624 -57.63 -43.73 33.33
CA ALA C 624 -59.03 -43.71 32.94
C ALA C 624 -59.27 -44.78 31.89
N GLU C 625 -58.30 -44.92 31.00
CA GLU C 625 -58.44 -45.79 29.86
C GLU C 625 -58.35 -47.25 30.29
N MET C 626 -57.47 -47.53 31.25
CA MET C 626 -57.31 -48.88 31.77
C MET C 626 -58.61 -49.40 32.39
N LYS C 627 -59.20 -48.59 33.26
CA LYS C 627 -60.49 -48.93 33.86
C LYS C 627 -61.52 -49.26 32.78
N LYS C 628 -61.64 -48.39 31.78
CA LYS C 628 -62.56 -48.65 30.68
C LYS C 628 -62.28 -50.00 30.02
N MET C 629 -61.00 -50.30 29.85
CA MET C 629 -60.59 -51.59 29.28
C MET C 629 -61.10 -52.75 30.11
N TYR C 630 -60.79 -52.75 31.41
CA TYR C 630 -61.23 -53.79 32.34
C TYR C 630 -62.74 -54.01 32.28
N ASP C 631 -63.50 -52.93 32.46
CA ASP C 631 -64.96 -53.01 32.50
C ASP C 631 -65.55 -53.57 31.21
N LEU C 632 -64.88 -53.29 30.10
CA LEU C 632 -65.33 -53.78 28.79
C LEU C 632 -65.11 -55.27 28.70
N ILE C 633 -64.03 -55.72 29.34
CA ILE C 633 -63.73 -57.13 29.40
C ILE C 633 -64.88 -57.89 30.06
N GLU C 634 -65.25 -57.46 31.26
CA GLU C 634 -66.34 -58.08 32.02
C GLU C 634 -67.68 -57.97 31.29
N GLU C 635 -68.09 -56.73 31.00
CA GLU C 635 -69.38 -56.45 30.36
C GLU C 635 -69.61 -57.21 29.04
N TYR C 636 -68.59 -57.26 28.19
CA TYR C 636 -68.73 -57.92 26.91
C TYR C 636 -68.24 -59.37 26.90
N LYS C 637 -67.86 -59.85 28.09
CA LYS C 637 -67.42 -61.23 28.27
C LYS C 637 -66.40 -61.59 27.20
N LEU C 638 -65.27 -60.89 27.26
CA LEU C 638 -64.31 -60.89 26.15
C LEU C 638 -63.34 -62.08 26.09
N ASN C 639 -63.19 -62.78 27.21
CA ASN C 639 -62.24 -63.89 27.27
C ASN C 639 -62.45 -64.97 26.20
N GLY C 640 -61.34 -65.35 25.56
CA GLY C 640 -61.30 -66.36 24.52
C GLY C 640 -61.31 -65.78 23.11
N GLN C 641 -61.88 -64.59 22.96
CA GLN C 641 -61.71 -63.84 21.71
C GLN C 641 -60.68 -62.70 21.75
N PHE C 642 -60.10 -62.44 22.91
CA PHE C 642 -59.43 -61.16 23.12
C PHE C 642 -58.18 -61.33 23.99
N ARG C 643 -57.11 -60.69 23.56
CA ARG C 643 -55.84 -60.75 24.27
C ARG C 643 -55.30 -59.34 24.42
N TRP C 644 -55.24 -58.84 25.64
CA TRP C 644 -54.81 -57.47 25.88
C TRP C 644 -53.39 -57.41 26.43
N ILE C 645 -52.46 -56.96 25.59
CA ILE C 645 -51.04 -57.09 25.87
C ILE C 645 -50.48 -55.77 26.37
N SER C 646 -49.51 -55.83 27.29
CA SER C 646 -48.89 -54.62 27.77
C SER C 646 -47.97 -54.06 26.71
N SER C 647 -47.39 -52.91 26.99
CA SER C 647 -46.56 -52.21 26.01
C SER C 647 -45.38 -53.05 25.56
N GLN C 648 -45.18 -53.09 24.25
CA GLN C 648 -44.06 -53.82 23.67
C GLN C 648 -42.94 -52.85 23.32
N MET C 649 -41.85 -52.90 24.07
CA MET C 649 -40.87 -51.83 24.05
C MET C 649 -39.68 -52.06 23.12
N ASP C 650 -39.62 -53.22 22.47
CA ASP C 650 -38.50 -53.49 21.57
C ASP C 650 -38.91 -53.51 20.09
N ARG C 651 -38.46 -52.51 19.35
CA ARG C 651 -38.92 -52.34 17.97
C ARG C 651 -38.56 -53.55 17.11
N VAL C 652 -37.43 -54.19 17.41
CA VAL C 652 -37.00 -55.35 16.64
C VAL C 652 -38.02 -56.48 16.72
N ARG C 653 -38.32 -56.91 17.95
CA ARG C 653 -39.35 -57.93 18.14
C ARG C 653 -40.69 -57.45 17.62
N ASN C 654 -40.93 -56.14 17.75
CA ASN C 654 -42.14 -55.54 17.21
C ASN C 654 -42.25 -55.73 15.70
N GLY C 655 -41.14 -55.55 15.01
CA GLY C 655 -41.11 -55.85 13.59
C GLY C 655 -41.63 -57.24 13.34
N GLU C 656 -41.04 -58.22 14.01
CA GLU C 656 -41.44 -59.61 13.78
C GLU C 656 -42.88 -59.87 14.23
N LEU C 657 -43.24 -59.31 15.37
CA LEU C 657 -44.63 -59.38 15.82
C LEU C 657 -45.61 -58.94 14.73
N TYR C 658 -45.33 -57.81 14.10
CA TYR C 658 -46.14 -57.35 12.97
C TYR C 658 -46.25 -58.46 11.93
N ARG C 659 -45.10 -59.00 11.55
CA ARG C 659 -45.02 -60.03 10.53
C ARG C 659 -45.83 -61.27 10.90
N TYR C 660 -45.90 -61.57 12.19
CA TYR C 660 -46.67 -62.70 12.67
C TYR C 660 -48.15 -62.50 12.35
N ILE C 661 -48.68 -61.33 12.70
CA ILE C 661 -50.08 -61.03 12.47
C ILE C 661 -50.42 -61.33 11.01
N CYS C 662 -49.46 -61.10 10.14
CA CYS C 662 -49.64 -61.39 8.72
C CYS C 662 -49.74 -62.88 8.47
N ASP C 663 -48.91 -63.65 9.16
CA ASP C 663 -48.96 -65.10 9.04
C ASP C 663 -50.39 -65.57 9.26
N THR C 664 -51.11 -64.92 10.16
CA THR C 664 -52.46 -65.36 10.50
C THR C 664 -53.55 -64.84 9.54
N LYS C 665 -53.15 -64.03 8.56
CA LYS C 665 -54.07 -63.40 7.61
C LYS C 665 -55.05 -62.48 8.34
N GLY C 666 -54.52 -61.75 9.32
CA GLY C 666 -55.29 -60.78 10.07
C GLY C 666 -55.13 -59.38 9.49
N ALA C 667 -55.24 -58.39 10.35
CA ALA C 667 -55.22 -57.01 9.89
C ALA C 667 -54.80 -56.07 11.00
N PHE C 668 -54.33 -54.90 10.61
CA PHE C 668 -54.06 -53.85 11.58
C PHE C 668 -55.23 -52.90 11.52
N VAL C 669 -55.69 -52.45 12.67
CA VAL C 669 -56.72 -51.43 12.72
C VAL C 669 -56.27 -50.33 13.65
N GLN C 670 -56.57 -49.09 13.27
CA GLN C 670 -56.16 -47.93 14.03
C GLN C 670 -57.39 -47.03 14.26
N PRO C 671 -58.13 -47.29 15.35
CA PRO C 671 -59.41 -46.65 15.61
C PRO C 671 -59.29 -45.36 16.40
N ALA C 672 -58.42 -44.45 15.98
CA ALA C 672 -58.25 -43.21 16.72
C ALA C 672 -59.37 -42.23 16.38
N LEU C 673 -59.72 -41.38 17.34
CA LEU C 673 -60.67 -40.31 17.08
C LEU C 673 -60.01 -39.26 16.18
N TYR C 674 -58.74 -38.97 16.46
CA TYR C 674 -57.90 -38.19 15.56
C TYR C 674 -56.48 -38.73 15.59
N GLU C 675 -55.86 -38.86 14.42
CA GLU C 675 -54.46 -39.30 14.34
C GLU C 675 -53.66 -38.35 13.45
N ALA C 676 -52.71 -37.64 14.04
CA ALA C 676 -52.02 -36.57 13.28
C ALA C 676 -51.40 -37.13 12.01
N PHE C 677 -50.56 -38.16 12.17
CA PHE C 677 -49.87 -38.86 11.07
C PHE C 677 -50.20 -40.35 11.01
N GLY C 678 -49.94 -41.08 12.10
CA GLY C 678 -49.96 -42.53 12.10
C GLY C 678 -48.80 -43.44 11.68
N LEU C 679 -47.65 -43.26 12.30
CA LEU C 679 -46.50 -44.14 12.08
C LEU C 679 -46.80 -45.65 12.12
N THR C 680 -47.57 -46.12 13.10
CA THR C 680 -47.92 -47.54 13.13
C THR C 680 -48.48 -47.98 11.78
N VAL C 681 -49.40 -47.19 11.24
CA VAL C 681 -49.99 -47.46 9.93
C VAL C 681 -48.92 -47.73 8.87
N VAL C 682 -47.88 -46.92 8.86
CA VAL C 682 -46.80 -47.13 7.91
C VAL C 682 -46.09 -48.45 8.20
N GLU C 683 -45.76 -48.68 9.47
CA GLU C 683 -45.10 -49.91 9.91
C GLU C 683 -45.91 -51.12 9.47
N ALA C 684 -47.21 -51.06 9.71
CA ALA C 684 -48.12 -52.11 9.30
C ALA C 684 -48.01 -52.34 7.79
N MET C 685 -48.23 -51.26 7.04
CA MET C 685 -48.22 -51.35 5.58
C MET C 685 -46.89 -51.91 5.10
N THR C 686 -45.81 -51.46 5.73
CA THR C 686 -44.48 -51.87 5.31
C THR C 686 -44.33 -53.37 5.41
N CYS C 687 -44.98 -53.98 6.39
CA CYS C 687 -44.83 -55.41 6.66
C CYS C 687 -45.78 -56.29 5.83
N GLY C 688 -46.78 -55.68 5.19
CA GLY C 688 -47.74 -56.41 4.38
C GLY C 688 -49.10 -56.59 5.04
N LEU C 689 -49.24 -56.03 6.24
CA LEU C 689 -50.47 -56.20 7.01
C LEU C 689 -51.52 -55.18 6.58
N PRO C 690 -52.63 -55.66 6.01
CA PRO C 690 -53.73 -54.81 5.55
C PRO C 690 -54.27 -53.94 6.67
N THR C 691 -54.42 -52.64 6.39
CA THR C 691 -54.69 -51.68 7.45
C THR C 691 -56.01 -50.94 7.32
N PHE C 692 -56.72 -50.86 8.44
CA PHE C 692 -57.93 -50.07 8.54
C PHE C 692 -57.65 -48.96 9.56
N ALA C 693 -57.59 -47.73 9.09
CA ALA C 693 -57.25 -46.64 9.99
C ALA C 693 -58.26 -45.51 9.97
N THR C 694 -58.32 -44.80 11.08
CA THR C 694 -59.21 -43.67 11.26
C THR C 694 -59.03 -42.64 10.14
N CYS C 695 -60.14 -42.11 9.64
CA CYS C 695 -60.13 -41.15 8.55
C CYS C 695 -59.92 -39.76 9.12
N LYS C 696 -59.79 -39.68 10.44
CA LYS C 696 -59.64 -38.38 11.10
C LYS C 696 -58.16 -38.04 11.29
N GLY C 697 -57.67 -37.05 10.54
CA GLY C 697 -56.26 -36.71 10.55
C GLY C 697 -55.44 -37.39 9.45
N GLY C 698 -54.13 -37.44 9.66
CA GLY C 698 -53.18 -37.92 8.67
C GLY C 698 -53.48 -39.24 7.99
N PRO C 699 -53.84 -40.28 8.75
CA PRO C 699 -54.03 -41.57 8.08
C PRO C 699 -54.97 -41.49 6.88
N ALA C 700 -55.83 -40.48 6.81
CA ALA C 700 -56.67 -40.28 5.62
C ALA C 700 -55.86 -40.24 4.33
N GLU C 701 -54.76 -39.47 4.35
CA GLU C 701 -53.91 -39.30 3.19
C GLU C 701 -53.01 -40.51 2.94
N ILE C 702 -52.57 -41.15 4.02
CA ILE C 702 -51.67 -42.29 3.88
C ILE C 702 -52.32 -43.41 3.09
N ILE C 703 -53.60 -43.64 3.34
CA ILE C 703 -54.33 -44.74 2.74
C ILE C 703 -55.29 -44.29 1.63
N VAL C 704 -55.36 -45.10 0.57
CA VAL C 704 -56.36 -44.89 -0.46
C VAL C 704 -57.43 -45.98 -0.35
N HIS C 705 -58.62 -45.58 0.09
CA HIS C 705 -59.64 -46.53 0.52
C HIS C 705 -59.96 -47.54 -0.56
N GLY C 706 -59.85 -48.81 -0.19
CA GLY C 706 -60.09 -49.89 -1.12
C GLY C 706 -58.86 -50.25 -1.94
N LYS C 707 -57.78 -49.48 -1.79
CA LYS C 707 -56.59 -49.70 -2.61
C LYS C 707 -55.34 -50.08 -1.81
N SER C 708 -54.89 -49.17 -0.95
CA SER C 708 -53.79 -49.44 -0.04
C SER C 708 -54.25 -49.85 1.36
N GLY C 709 -55.56 -49.96 1.56
CA GLY C 709 -56.12 -50.25 2.87
C GLY C 709 -57.54 -49.72 2.94
N PHE C 710 -58.03 -49.47 4.14
CA PHE C 710 -59.38 -48.93 4.25
C PHE C 710 -59.51 -47.88 5.32
N HIS C 711 -60.46 -46.99 5.14
CA HIS C 711 -60.77 -45.99 6.14
C HIS C 711 -61.95 -46.47 6.96
N ILE C 712 -61.93 -46.13 8.24
CA ILE C 712 -63.05 -46.42 9.11
C ILE C 712 -63.35 -45.16 9.92
N ASP C 713 -64.60 -44.95 10.28
CA ASP C 713 -64.93 -43.75 11.05
C ASP C 713 -64.97 -44.03 12.54
N PRO C 714 -64.07 -43.41 13.32
CA PRO C 714 -64.03 -43.62 14.77
C PRO C 714 -65.30 -43.10 15.43
N TYR C 715 -65.99 -42.21 14.75
CA TYR C 715 -67.25 -41.69 15.27
C TYR C 715 -68.43 -42.61 14.99
N HIS C 716 -68.30 -43.49 14.01
CA HIS C 716 -69.22 -44.61 13.92
C HIS C 716 -68.49 -45.93 14.13
N GLY C 717 -68.67 -46.53 15.31
CA GLY C 717 -67.91 -47.71 15.68
C GLY C 717 -68.48 -49.04 15.24
N ASP C 718 -69.80 -49.12 15.15
CA ASP C 718 -70.49 -50.36 14.80
C ASP C 718 -70.38 -50.62 13.29
N GLN C 719 -70.35 -49.54 12.51
CA GLN C 719 -70.10 -49.64 11.08
C GLN C 719 -68.65 -50.04 10.86
N ALA C 720 -67.79 -49.58 11.77
CA ALA C 720 -66.36 -49.90 11.69
C ALA C 720 -66.18 -51.40 11.74
N ALA C 721 -66.72 -51.99 12.81
CA ALA C 721 -66.60 -53.42 13.01
C ALA C 721 -67.20 -54.17 11.82
N ASP C 722 -68.40 -53.76 11.41
CA ASP C 722 -69.11 -54.40 10.31
C ASP C 722 -68.25 -54.41 9.05
N THR C 723 -67.63 -53.28 8.77
CA THR C 723 -66.70 -53.14 7.65
C THR C 723 -65.51 -54.11 7.77
N LEU C 724 -65.01 -54.25 8.99
CA LEU C 724 -63.95 -55.20 9.28
C LEU C 724 -64.40 -56.64 9.08
N ALA C 725 -65.49 -57.02 9.76
CA ALA C 725 -66.05 -58.35 9.56
C ALA C 725 -66.28 -58.60 8.07
N ASP C 726 -66.64 -57.55 7.34
CA ASP C 726 -66.87 -57.67 5.91
C ASP C 726 -65.59 -58.03 5.17
N PHE C 727 -64.51 -57.32 5.50
CA PHE C 727 -63.22 -57.65 4.91
C PHE C 727 -62.90 -59.11 5.16
N PHE C 728 -63.04 -59.52 6.40
CA PHE C 728 -62.71 -60.89 6.79
C PHE C 728 -63.57 -61.94 6.08
N THR C 729 -64.88 -61.69 6.01
CA THR C 729 -65.76 -62.55 5.23
C THR C 729 -65.22 -62.70 3.81
N LYS C 730 -64.99 -61.56 3.17
CA LYS C 730 -64.47 -61.56 1.81
C LYS C 730 -63.17 -62.38 1.69
N CYS C 731 -62.26 -62.21 2.64
CA CYS C 731 -60.97 -62.91 2.61
C CYS C 731 -61.11 -64.42 2.79
N LYS C 732 -62.20 -64.83 3.41
CA LYS C 732 -62.47 -66.25 3.65
C LYS C 732 -63.00 -66.89 2.38
N GLU C 733 -63.85 -66.15 1.66
CA GLU C 733 -64.41 -66.64 0.39
C GLU C 733 -63.40 -66.50 -0.73
N ASP C 734 -62.68 -65.39 -0.73
CA ASP C 734 -61.63 -65.12 -1.71
C ASP C 734 -60.33 -64.75 -1.04
N PRO C 735 -59.45 -65.73 -0.83
CA PRO C 735 -58.18 -65.57 -0.13
C PRO C 735 -57.29 -64.48 -0.74
N SER C 736 -57.41 -64.25 -2.04
CA SER C 736 -56.53 -63.31 -2.74
C SER C 736 -56.89 -61.84 -2.52
N HIS C 737 -58.10 -61.59 -2.00
CA HIS C 737 -58.53 -60.24 -1.66
C HIS C 737 -57.71 -59.69 -0.49
N TRP C 738 -57.13 -60.59 0.28
CA TRP C 738 -56.24 -60.21 1.36
C TRP C 738 -54.90 -59.77 0.78
N ASP C 739 -54.44 -60.48 -0.25
CA ASP C 739 -53.16 -60.20 -0.90
C ASP C 739 -53.17 -58.92 -1.73
N GLU C 740 -54.32 -58.61 -2.31
CA GLU C 740 -54.49 -57.38 -3.07
C GLU C 740 -54.25 -56.17 -2.17
N ILE C 741 -54.91 -56.15 -1.02
CA ILE C 741 -54.73 -55.07 -0.06
C ILE C 741 -53.31 -55.09 0.49
N SER C 742 -52.75 -56.29 0.66
CA SER C 742 -51.37 -56.43 1.12
C SER C 742 -50.40 -55.74 0.16
N LYS C 743 -50.56 -56.00 -1.13
CA LYS C 743 -49.69 -55.39 -2.15
C LYS C 743 -49.93 -53.88 -2.30
N GLY C 744 -51.20 -53.47 -2.21
CA GLY C 744 -51.58 -52.08 -2.32
C GLY C 744 -50.87 -51.21 -1.31
N GLY C 745 -50.85 -51.67 -0.05
CA GLY C 745 -50.15 -50.96 1.01
C GLY C 745 -48.64 -50.95 0.85
N LEU C 746 -48.08 -52.07 0.42
CA LEU C 746 -46.65 -52.19 0.18
C LEU C 746 -46.19 -51.22 -0.90
N GLN C 747 -46.95 -51.17 -1.98
CA GLN C 747 -46.61 -50.28 -3.09
C GLN C 747 -46.68 -48.83 -2.64
N ARG C 748 -47.79 -48.50 -2.00
CA ARG C 748 -48.03 -47.16 -1.50
C ARG C 748 -46.81 -46.64 -0.75
N ILE C 749 -46.27 -47.47 0.14
CA ILE C 749 -45.13 -47.10 0.96
C ILE C 749 -43.92 -46.77 0.10
N GLU C 750 -43.54 -47.71 -0.74
CA GLU C 750 -42.35 -47.56 -1.56
C GLU C 750 -42.39 -46.22 -2.29
N GLU C 751 -43.60 -45.81 -2.68
CA GLU C 751 -43.81 -44.61 -3.46
C GLU C 751 -43.71 -43.31 -2.65
N LYS C 752 -44.34 -43.28 -1.47
CA LYS C 752 -44.42 -42.06 -0.67
C LYS C 752 -43.47 -42.01 0.53
N TYR C 753 -43.63 -42.94 1.47
CA TYR C 753 -42.94 -42.78 2.75
C TYR C 753 -41.69 -43.66 2.85
N THR C 754 -40.54 -43.02 2.76
CA THR C 754 -39.27 -43.71 2.94
C THR C 754 -38.27 -42.65 3.39
N TRP C 755 -37.25 -43.04 4.13
CA TRP C 755 -36.40 -42.05 4.78
C TRP C 755 -35.29 -41.51 3.89
N GLN C 756 -35.03 -42.16 2.75
CA GLN C 756 -33.83 -41.77 2.01
C GLN C 756 -33.98 -40.36 1.44
N ILE C 757 -35.11 -40.13 0.77
CA ILE C 757 -35.38 -38.82 0.21
C ILE C 757 -35.46 -37.77 1.31
N TYR C 758 -36.02 -38.17 2.45
CA TYR C 758 -36.29 -37.24 3.54
C TYR C 758 -35.07 -36.43 3.96
N SER C 759 -33.96 -37.10 4.16
CA SER C 759 -32.78 -36.39 4.64
C SER C 759 -32.22 -35.42 3.59
N GLN C 760 -32.30 -35.77 2.31
CA GLN C 760 -31.77 -34.90 1.27
C GLN C 760 -32.58 -33.62 1.20
N ARG C 761 -33.91 -33.79 1.27
CA ARG C 761 -34.80 -32.66 1.20
C ARG C 761 -34.51 -31.70 2.33
N LEU C 762 -34.55 -32.22 3.55
CA LEU C 762 -34.33 -31.42 4.75
C LEU C 762 -33.03 -30.63 4.70
N LEU C 763 -32.00 -31.19 4.06
CA LEU C 763 -30.74 -30.47 3.94
C LEU C 763 -30.80 -29.38 2.87
N THR C 764 -31.42 -29.69 1.74
CA THR C 764 -31.59 -28.70 0.72
C THR C 764 -32.33 -27.52 1.32
N LEU C 765 -33.44 -27.81 1.99
CA LEU C 765 -34.28 -26.77 2.59
C LEU C 765 -33.53 -25.86 3.55
N THR C 766 -32.63 -26.43 4.35
CA THR C 766 -31.84 -25.63 5.29
C THR C 766 -30.92 -24.66 4.56
N GLY C 767 -30.50 -25.03 3.36
CA GLY C 767 -29.71 -24.14 2.53
C GLY C 767 -30.51 -22.96 1.98
N VAL C 768 -31.66 -23.27 1.38
CA VAL C 768 -32.54 -22.25 0.80
C VAL C 768 -33.02 -21.28 1.87
N TYR C 769 -33.69 -21.79 2.90
CA TYR C 769 -34.20 -20.92 3.96
C TYR C 769 -33.07 -20.26 4.76
N GLY C 770 -31.92 -20.91 4.84
CA GLY C 770 -30.80 -20.32 5.55
C GLY C 770 -30.37 -19.04 4.86
N PHE C 771 -30.39 -19.08 3.53
CA PHE C 771 -30.03 -17.93 2.72
C PHE C 771 -31.16 -16.90 2.68
N TRP C 772 -32.37 -17.39 2.51
CA TRP C 772 -33.53 -16.53 2.51
C TRP C 772 -33.51 -15.63 3.74
N LYS C 773 -32.99 -16.15 4.85
CA LYS C 773 -32.88 -15.36 6.09
C LYS C 773 -32.18 -14.04 5.88
N HIS C 774 -31.04 -14.08 5.19
CA HIS C 774 -30.25 -12.88 4.94
C HIS C 774 -30.99 -11.90 4.04
N VAL C 775 -31.56 -12.41 2.96
CA VAL C 775 -32.31 -11.57 2.03
C VAL C 775 -33.53 -10.93 2.70
N SER C 776 -34.32 -11.74 3.39
CA SER C 776 -35.58 -11.27 3.96
C SER C 776 -35.45 -10.72 5.39
N ASN C 777 -34.21 -10.69 5.90
CA ASN C 777 -33.93 -10.30 7.27
C ASN C 777 -34.58 -9.00 7.75
N LEU C 778 -34.53 -7.96 6.91
CA LEU C 778 -35.05 -6.66 7.30
C LEU C 778 -36.55 -6.68 7.62
N ASP C 779 -37.33 -7.45 6.85
CA ASP C 779 -38.77 -7.52 7.10
C ASP C 779 -39.20 -8.43 8.26
N ARG C 780 -38.47 -9.51 8.48
CA ARG C 780 -38.85 -10.42 9.56
C ARG C 780 -38.49 -9.80 10.90
N LEU C 781 -37.69 -8.75 10.85
CA LEU C 781 -37.29 -8.04 12.07
C LEU C 781 -38.52 -7.49 12.81
N GLU C 782 -39.57 -7.22 12.06
CA GLU C 782 -40.83 -6.77 12.66
C GLU C 782 -41.62 -7.91 13.28
N ALA C 783 -41.73 -9.03 12.57
CA ALA C 783 -42.39 -10.20 13.13
C ALA C 783 -41.59 -10.69 14.33
N ARG C 784 -40.29 -10.48 14.27
CA ARG C 784 -39.42 -10.90 15.35
C ARG C 784 -39.81 -10.18 16.63
N ARG C 785 -39.85 -8.86 16.58
CA ARG C 785 -40.21 -8.07 17.75
C ARG C 785 -41.65 -8.34 18.21
N TYR C 786 -42.55 -8.55 17.25
CA TYR C 786 -43.93 -8.91 17.56
C TYR C 786 -43.95 -10.15 18.43
N LEU C 787 -43.23 -11.17 17.97
CA LEU C 787 -43.23 -12.47 18.63
C LEU C 787 -42.53 -12.39 19.98
N GLU C 788 -41.41 -11.68 20.04
CA GLU C 788 -40.73 -11.50 21.31
C GLU C 788 -41.71 -11.00 22.36
N MET C 789 -42.54 -10.03 22.00
CA MET C 789 -43.45 -9.41 22.97
C MET C 789 -44.52 -10.40 23.37
N PHE C 790 -44.96 -11.20 22.41
CA PHE C 790 -45.96 -12.24 22.63
C PHE C 790 -45.44 -13.32 23.56
N TYR C 791 -44.17 -13.65 23.42
CA TYR C 791 -43.58 -14.64 24.31
C TYR C 791 -43.49 -14.12 25.74
N ALA C 792 -42.85 -12.97 25.90
CA ALA C 792 -42.62 -12.40 27.23
C ALA C 792 -43.88 -11.95 27.97
N LEU C 793 -44.80 -11.29 27.26
CA LEU C 793 -45.98 -10.72 27.92
C LEU C 793 -47.19 -11.63 27.96
N LYS C 794 -47.14 -12.74 27.24
CA LYS C 794 -48.27 -13.67 27.16
C LYS C 794 -47.93 -15.08 27.64
N TYR C 795 -46.98 -15.73 26.97
CA TYR C 795 -46.56 -17.08 27.35
C TYR C 795 -45.99 -17.18 28.77
N ARG C 796 -44.99 -16.37 29.09
CA ARG C 796 -44.34 -16.49 30.40
C ARG C 796 -45.35 -16.49 31.55
N PRO C 797 -46.19 -15.45 31.62
CA PRO C 797 -47.24 -15.33 32.63
C PRO C 797 -48.12 -16.58 32.70
N LEU C 798 -48.54 -17.12 31.56
CA LEU C 798 -49.34 -18.33 31.56
C LEU C 798 -48.56 -19.53 32.09
N ALA C 799 -47.32 -19.66 31.66
CA ALA C 799 -46.50 -20.82 32.04
C ALA C 799 -46.17 -20.80 33.52
N GLN C 800 -45.93 -19.60 34.05
CA GLN C 800 -45.61 -19.46 35.46
C GLN C 800 -46.83 -19.77 36.31
N ALA C 801 -48.01 -19.69 35.70
CA ALA C 801 -49.26 -19.90 36.39
C ALA C 801 -49.59 -21.38 36.52
N VAL C 802 -48.77 -22.21 35.89
CA VAL C 802 -48.98 -23.65 35.94
C VAL C 802 -48.31 -24.19 37.20
N PRO C 803 -49.04 -25.00 37.98
CA PRO C 803 -48.55 -25.55 39.24
C PRO C 803 -47.31 -26.42 39.03
N LEU C 804 -46.27 -26.18 39.83
CA LEU C 804 -45.02 -26.94 39.73
C LEU C 804 -45.15 -28.35 40.30
N ALA C 805 -44.23 -29.23 39.90
CA ALA C 805 -44.23 -30.59 40.41
C ALA C 805 -43.70 -30.60 41.85
N GLN C 806 -44.06 -31.64 42.60
CA GLN C 806 -43.60 -31.81 43.99
C GLN C 806 -42.95 -33.19 44.22
N ASP C 807 -41.66 -33.18 44.60
CA ASP C 807 -40.93 -34.41 44.90
C ASP C 807 -41.14 -34.86 46.35
N ASN D 27 10.79 -4.56 -20.04
CA ASN D 27 11.85 -4.93 -20.97
C ASN D 27 11.56 -4.44 -22.39
N GLU D 28 12.02 -3.23 -22.70
CA GLU D 28 11.69 -2.58 -23.96
C GLU D 28 12.59 -2.93 -25.15
N VAL D 29 13.73 -3.56 -24.90
CA VAL D 29 14.63 -3.95 -25.99
C VAL D 29 13.96 -5.02 -26.86
N LEU D 30 13.01 -5.72 -26.26
CA LEU D 30 12.32 -6.84 -26.89
C LEU D 30 11.10 -6.41 -27.71
N ALA D 31 10.10 -5.83 -27.03
CA ALA D 31 8.89 -5.35 -27.70
C ALA D 31 9.23 -4.45 -28.90
N LEU D 32 10.31 -3.69 -28.79
CA LEU D 32 10.76 -2.81 -29.86
C LEU D 32 11.35 -3.63 -31.00
N LEU D 33 11.79 -4.84 -30.67
CA LEU D 33 12.25 -5.77 -31.69
C LEU D 33 11.10 -6.11 -32.62
N SER D 34 9.99 -6.58 -32.04
CA SER D 34 8.82 -6.93 -32.81
C SER D 34 8.29 -5.72 -33.58
N ARG D 35 8.18 -4.61 -32.87
CA ARG D 35 7.65 -3.38 -33.47
C ARG D 35 8.45 -2.95 -34.70
N VAL D 36 9.78 -2.86 -34.56
CA VAL D 36 10.63 -2.49 -35.68
C VAL D 36 10.50 -3.47 -36.84
N GLU D 37 10.09 -4.70 -36.52
CA GLU D 37 9.81 -5.71 -37.54
C GLU D 37 8.46 -5.43 -38.17
N ALA D 38 7.53 -4.94 -37.35
CA ALA D 38 6.21 -4.56 -37.82
C ALA D 38 6.30 -3.46 -38.87
N LYS D 39 7.05 -2.39 -38.55
CA LYS D 39 7.23 -1.29 -39.51
C LYS D 39 7.86 -1.79 -40.80
N GLY D 40 8.77 -2.74 -40.67
CA GLY D 40 9.50 -3.26 -41.81
C GLY D 40 8.54 -3.75 -42.88
N LYS D 41 7.32 -4.05 -42.46
CA LYS D 41 6.28 -4.51 -43.38
C LYS D 41 5.63 -3.38 -44.19
N GLY D 42 5.68 -2.16 -43.67
CA GLY D 42 5.07 -1.02 -44.33
C GLY D 42 3.61 -0.84 -43.97
N ILE D 43 3.04 0.31 -44.31
CA ILE D 43 1.65 0.57 -43.97
C ILE D 43 0.70 -0.38 -44.71
N LEU D 44 -0.11 -1.11 -43.94
CA LEU D 44 -1.18 -1.96 -44.48
C LEU D 44 -1.79 -2.77 -43.32
N GLN D 45 -2.82 -3.57 -43.60
CA GLN D 45 -3.35 -4.46 -42.58
C GLN D 45 -2.53 -5.74 -42.40
N GLN D 46 -2.51 -6.26 -41.18
CA GLN D 46 -1.92 -7.56 -40.92
C GLN D 46 -2.79 -8.44 -40.05
N ASN D 47 -3.19 -9.60 -40.58
CA ASN D 47 -3.93 -10.59 -39.79
C ASN D 47 -3.01 -11.33 -38.82
N GLN D 48 -3.57 -11.95 -37.78
CA GLN D 48 -2.75 -12.76 -36.89
C GLN D 48 -2.13 -13.89 -37.71
N ILE D 49 -2.74 -14.15 -38.86
CA ILE D 49 -2.15 -15.02 -39.87
C ILE D 49 -0.69 -14.59 -39.96
N ILE D 50 -0.46 -13.35 -40.37
CA ILE D 50 0.90 -12.84 -40.44
C ILE D 50 1.30 -12.49 -39.03
N ALA D 51 0.81 -11.36 -38.51
CA ALA D 51 0.88 -11.10 -37.08
C ALA D 51 2.25 -11.52 -36.55
N GLU D 52 2.23 -12.44 -35.59
CA GLU D 52 3.45 -13.04 -35.06
C GLU D 52 4.21 -13.90 -36.08
N PHE D 53 3.50 -14.44 -37.07
CA PHE D 53 4.13 -15.26 -38.10
C PHE D 53 5.40 -14.56 -38.55
N GLU D 54 5.24 -13.38 -39.15
CA GLU D 54 6.41 -12.56 -39.47
C GLU D 54 7.20 -12.15 -38.22
N ALA D 55 6.51 -11.90 -37.11
CA ALA D 55 7.19 -11.33 -35.94
C ALA D 55 7.70 -12.32 -34.90
N LEU D 56 6.81 -12.91 -34.11
CA LEU D 56 7.25 -13.73 -32.98
C LEU D 56 8.04 -15.00 -33.34
N PRO D 57 7.43 -15.93 -34.11
CA PRO D 57 8.18 -17.09 -34.62
C PRO D 57 9.28 -16.70 -35.61
N GLU D 58 8.97 -15.77 -36.51
CA GLU D 58 9.93 -15.33 -37.51
C GLU D 58 10.98 -14.45 -36.85
N GLN D 59 10.77 -14.17 -35.57
CA GLN D 59 11.76 -13.45 -34.78
C GLN D 59 12.93 -14.35 -34.44
N THR D 60 14.05 -13.71 -34.12
CA THR D 60 15.27 -14.38 -33.72
C THR D 60 15.05 -15.08 -32.39
N ARG D 61 15.94 -16.02 -32.04
CA ARG D 61 15.76 -16.86 -30.87
C ARG D 61 15.61 -15.98 -29.63
N LYS D 62 15.89 -14.69 -29.82
CA LYS D 62 15.74 -13.68 -28.77
C LYS D 62 14.31 -13.62 -28.24
N LYS D 63 13.37 -14.28 -28.94
CA LYS D 63 11.98 -14.30 -28.50
C LYS D 63 11.97 -14.62 -27.02
N LEU D 64 12.29 -15.89 -26.71
CA LEU D 64 12.51 -16.29 -25.33
C LEU D 64 11.43 -15.68 -24.45
N GLU D 65 10.20 -15.68 -24.96
CA GLU D 65 9.16 -14.87 -24.33
C GLU D 65 8.16 -15.63 -23.47
N GLY D 66 7.22 -16.33 -24.10
CA GLY D 66 6.09 -16.82 -23.34
C GLY D 66 5.63 -15.61 -22.57
N GLY D 67 5.21 -15.80 -21.32
CA GLY D 67 5.05 -14.69 -20.40
C GLY D 67 4.10 -13.60 -20.89
N PRO D 68 4.24 -12.39 -20.31
CA PRO D 68 3.42 -11.21 -20.62
C PRO D 68 3.67 -10.63 -22.02
N PHE D 69 2.62 -10.06 -22.60
CA PHE D 69 2.68 -9.41 -23.91
C PHE D 69 2.76 -10.41 -25.06
N PHE D 70 3.03 -11.66 -24.75
CA PHE D 70 2.97 -12.69 -25.78
C PHE D 70 1.51 -13.00 -26.03
N ASP D 71 0.75 -13.14 -24.95
CA ASP D 71 -0.68 -13.38 -25.02
C ASP D 71 -1.39 -12.23 -25.73
N LEU D 72 -1.15 -11.02 -25.23
CA LEU D 72 -1.74 -9.82 -25.82
C LEU D 72 -1.54 -9.80 -27.34
N LEU D 73 -0.38 -10.22 -27.80
CA LEU D 73 -0.12 -10.34 -29.24
C LEU D 73 -0.72 -11.62 -29.82
N LYS D 74 -0.74 -12.68 -29.01
CA LYS D 74 -1.28 -13.97 -29.46
C LYS D 74 -2.77 -13.86 -29.75
N SER D 75 -3.45 -13.03 -28.98
CA SER D 75 -4.90 -12.87 -29.11
C SER D 75 -5.26 -11.72 -30.04
N THR D 76 -4.25 -11.09 -30.63
CA THR D 76 -4.48 -9.97 -31.53
C THR D 76 -5.09 -10.47 -32.83
N GLN D 77 -6.25 -9.93 -33.17
CA GLN D 77 -6.98 -10.36 -34.36
C GLN D 77 -6.44 -9.69 -35.61
N GLU D 78 -6.16 -8.39 -35.53
CA GLU D 78 -5.51 -7.69 -36.63
C GLU D 78 -4.72 -6.48 -36.13
N ALA D 79 -3.62 -6.19 -36.81
CA ALA D 79 -2.84 -4.99 -36.54
C ALA D 79 -2.86 -4.10 -37.77
N ILE D 80 -3.29 -2.86 -37.58
CA ILE D 80 -3.24 -1.87 -38.65
C ILE D 80 -1.98 -1.06 -38.46
N VAL D 81 -1.04 -1.22 -39.39
CA VAL D 81 0.27 -0.59 -39.28
C VAL D 81 0.37 0.62 -40.19
N LEU D 82 0.51 1.80 -39.60
CA LEU D 82 0.94 2.95 -40.39
C LEU D 82 2.26 3.43 -39.77
N PRO D 83 2.91 4.42 -40.40
CA PRO D 83 4.36 4.45 -40.09
C PRO D 83 4.77 4.70 -38.65
N PRO D 84 4.23 5.75 -38.00
CA PRO D 84 4.63 6.02 -36.61
C PRO D 84 4.06 5.03 -35.59
N TRP D 85 2.89 4.49 -35.90
CA TRP D 85 2.09 3.74 -34.93
C TRP D 85 1.58 2.44 -35.52
N VAL D 86 1.19 1.53 -34.64
CA VAL D 86 0.44 0.35 -35.06
C VAL D 86 -0.78 0.21 -34.15
N ALA D 87 -1.96 0.10 -34.75
CA ALA D 87 -3.17 -0.14 -33.96
C ALA D 87 -3.46 -1.63 -33.87
N LEU D 88 -3.82 -2.06 -32.67
CA LEU D 88 -4.08 -3.48 -32.41
C LEU D 88 -5.50 -3.70 -31.93
N ALA D 89 -6.20 -4.64 -32.58
CA ALA D 89 -7.51 -5.10 -32.11
C ALA D 89 -7.35 -6.42 -31.37
N VAL D 90 -7.65 -6.42 -30.08
CA VAL D 90 -7.32 -7.56 -29.24
C VAL D 90 -8.57 -8.27 -28.75
N ARG D 91 -8.55 -9.60 -28.88
CA ARG D 91 -9.73 -10.40 -28.64
C ARG D 91 -9.46 -11.49 -27.63
N PRO D 92 -9.44 -11.12 -26.35
CA PRO D 92 -9.20 -11.99 -25.19
C PRO D 92 -10.14 -13.20 -25.14
N ARG D 93 -11.42 -12.94 -25.34
CA ARG D 93 -12.46 -13.96 -25.33
C ARG D 93 -13.37 -13.68 -26.51
N PRO D 94 -14.08 -14.71 -27.01
CA PRO D 94 -15.07 -14.41 -28.05
C PRO D 94 -16.07 -13.42 -27.48
N GLY D 95 -16.36 -12.35 -28.21
CA GLY D 95 -17.32 -11.36 -27.75
C GLY D 95 -16.70 -10.18 -27.00
N VAL D 96 -15.47 -10.34 -26.56
CA VAL D 96 -14.77 -9.30 -25.83
C VAL D 96 -13.62 -8.75 -26.66
N TRP D 97 -13.54 -7.43 -26.76
CA TRP D 97 -12.57 -6.78 -27.62
C TRP D 97 -11.99 -5.53 -26.98
N GLU D 98 -10.67 -5.38 -27.02
CA GLU D 98 -10.08 -4.11 -26.64
C GLU D 98 -9.11 -3.62 -27.71
N TYR D 99 -9.13 -2.31 -27.98
CA TYR D 99 -8.28 -1.74 -29.03
C TYR D 99 -7.13 -0.91 -28.46
N LEU D 100 -5.96 -1.00 -29.10
CA LEU D 100 -4.74 -0.36 -28.58
C LEU D 100 -3.89 0.29 -29.67
N ARG D 101 -3.32 1.45 -29.35
CA ARG D 101 -2.32 2.09 -30.21
C ARG D 101 -0.96 2.01 -29.51
N VAL D 102 0.05 1.52 -30.22
CA VAL D 102 1.40 1.45 -29.67
C VAL D 102 2.43 1.96 -30.66
N ASN D 103 3.39 2.74 -30.16
CA ASN D 103 4.44 3.31 -31.00
C ASN D 103 5.33 2.29 -31.67
N LEU D 104 5.46 2.41 -32.98
CA LEU D 104 6.42 1.57 -33.70
C LEU D 104 7.80 1.68 -33.07
N HIS D 105 8.30 2.90 -32.94
CA HIS D 105 9.47 3.10 -32.09
C HIS D 105 9.08 3.95 -30.89
N ALA D 106 8.94 3.30 -29.74
CA ALA D 106 8.66 3.94 -28.47
C ALA D 106 8.33 2.85 -27.46
N LEU D 107 8.17 3.22 -26.20
CA LEU D 107 7.68 2.28 -25.21
C LEU D 107 6.17 2.43 -24.93
N VAL D 108 5.52 3.36 -25.63
CA VAL D 108 4.17 3.78 -25.25
C VAL D 108 3.03 2.86 -25.72
N VAL D 109 2.06 2.64 -24.84
CA VAL D 109 0.84 1.92 -25.19
C VAL D 109 -0.40 2.64 -24.70
N GLU D 110 -1.25 3.07 -25.63
CA GLU D 110 -2.47 3.81 -25.30
C GLU D 110 -3.71 3.01 -25.68
N GLU D 111 -4.83 3.27 -24.99
CA GLU D 111 -6.06 2.54 -25.25
C GLU D 111 -6.98 3.28 -26.21
N LEU D 112 -7.37 2.60 -27.29
CA LEU D 112 -8.26 3.18 -28.28
C LEU D 112 -9.70 2.84 -28.00
N GLN D 113 -10.58 3.81 -28.22
CA GLN D 113 -12.00 3.53 -28.28
C GLN D 113 -12.28 2.95 -29.66
N PRO D 114 -13.30 2.11 -29.78
CA PRO D 114 -13.60 1.48 -31.06
C PRO D 114 -13.62 2.47 -32.22
N ALA D 115 -14.23 3.64 -32.01
CA ALA D 115 -14.28 4.62 -33.09
C ALA D 115 -12.89 5.04 -33.50
N GLU D 116 -12.01 5.23 -32.52
CA GLU D 116 -10.65 5.69 -32.75
C GLU D 116 -9.84 4.70 -33.58
N PHE D 117 -9.95 3.42 -33.26
CA PHE D 117 -9.32 2.36 -34.04
C PHE D 117 -9.90 2.30 -35.46
N LEU D 118 -11.21 2.49 -35.60
CA LEU D 118 -11.79 2.53 -36.94
C LEU D 118 -11.25 3.75 -37.68
N HIS D 119 -10.80 4.74 -36.92
CA HIS D 119 -10.13 5.91 -37.47
C HIS D 119 -8.84 5.54 -38.17
N PHE D 120 -8.05 4.69 -37.53
CA PHE D 120 -6.80 4.21 -38.07
C PHE D 120 -6.98 3.56 -39.43
N LYS D 121 -7.98 2.69 -39.52
CA LYS D 121 -8.24 1.96 -40.75
C LYS D 121 -8.53 2.93 -41.90
N GLU D 122 -9.34 3.94 -41.63
CA GLU D 122 -9.73 4.89 -42.65
C GLU D 122 -8.54 5.68 -43.18
N GLU D 123 -7.59 5.96 -42.31
CA GLU D 123 -6.37 6.66 -42.72
C GLU D 123 -5.51 5.77 -43.62
N LEU D 124 -5.51 4.47 -43.34
CA LEU D 124 -4.74 3.51 -44.12
C LEU D 124 -5.18 3.45 -45.59
N VAL D 125 -6.36 3.96 -45.89
CA VAL D 125 -6.97 3.77 -47.20
C VAL D 125 -7.26 5.08 -47.93
N ASP D 126 -8.09 5.93 -47.34
CA ASP D 126 -8.42 7.22 -47.93
C ASP D 126 -7.27 8.23 -47.80
N GLY D 127 -6.38 7.98 -46.85
CA GLY D 127 -5.31 8.93 -46.53
C GLY D 127 -5.73 9.80 -45.36
N VAL D 128 -7.04 9.82 -45.13
CA VAL D 128 -7.64 10.63 -44.08
C VAL D 128 -8.76 9.84 -43.40
N LYS D 129 -9.00 10.13 -42.12
CA LYS D 129 -10.17 9.59 -41.43
C LYS D 129 -11.41 10.16 -42.09
N ASN D 130 -12.55 9.48 -41.93
CA ASN D 130 -13.82 9.96 -42.49
C ASN D 130 -14.21 11.35 -41.96
N GLY D 131 -14.91 12.12 -42.80
CA GLY D 131 -15.31 13.49 -42.48
C GLY D 131 -15.98 13.62 -41.13
N ASN D 132 -15.68 14.73 -40.44
CA ASN D 132 -16.09 14.90 -39.06
C ASN D 132 -17.55 14.51 -38.83
N PHE D 133 -18.42 15.00 -39.69
CA PHE D 133 -19.87 14.80 -39.53
C PHE D 133 -20.41 13.61 -40.34
N THR D 134 -19.49 12.86 -40.93
CA THR D 134 -19.80 11.58 -41.56
C THR D 134 -20.36 10.56 -40.56
N LEU D 135 -21.20 9.68 -41.08
CA LEU D 135 -22.07 8.83 -40.29
C LEU D 135 -21.40 7.77 -39.42
N GLU D 136 -21.77 7.74 -38.14
CA GLU D 136 -21.41 6.64 -37.26
C GLU D 136 -22.65 5.83 -36.92
N LEU D 137 -22.70 4.58 -37.39
CA LEU D 137 -23.77 3.67 -37.04
C LEU D 137 -23.52 3.07 -35.65
N ASP D 138 -24.42 3.31 -34.71
CA ASP D 138 -24.26 2.72 -33.39
C ASP D 138 -25.57 2.14 -32.90
N PHE D 139 -25.64 0.82 -32.77
CA PHE D 139 -26.87 0.19 -32.31
C PHE D 139 -26.92 -0.06 -30.82
N GLU D 140 -25.78 0.14 -30.16
CA GLU D 140 -25.62 -0.23 -28.76
C GLU D 140 -26.65 0.41 -27.83
N PRO D 141 -26.85 1.73 -27.96
CA PRO D 141 -27.81 2.43 -27.11
C PRO D 141 -29.27 2.02 -27.35
N PHE D 142 -29.53 1.40 -28.50
CA PHE D 142 -30.88 0.93 -28.84
C PHE D 142 -31.20 -0.43 -28.24
N ASN D 143 -30.16 -1.14 -27.80
CA ASN D 143 -30.32 -2.49 -27.26
C ASN D 143 -30.40 -2.59 -25.75
N ALA D 144 -30.38 -1.45 -25.06
CA ALA D 144 -30.39 -1.43 -23.59
C ALA D 144 -31.67 -2.00 -22.96
N SER D 145 -32.66 -2.33 -23.79
CA SER D 145 -33.93 -2.88 -23.32
C SER D 145 -33.74 -4.00 -22.33
N ILE D 146 -33.28 -5.15 -22.81
CA ILE D 146 -32.90 -6.25 -21.94
C ILE D 146 -31.45 -6.09 -21.58
N PRO D 147 -31.07 -6.50 -20.37
CA PRO D 147 -29.63 -6.56 -20.16
C PRO D 147 -29.06 -7.60 -21.13
N ARG D 148 -27.74 -7.77 -21.12
CA ARG D 148 -27.14 -8.71 -22.04
C ARG D 148 -26.31 -9.71 -21.26
N PRO D 149 -26.34 -10.96 -21.70
CA PRO D 149 -25.53 -11.99 -21.06
C PRO D 149 -24.05 -11.72 -21.33
N THR D 150 -23.22 -11.92 -20.32
CA THR D 150 -21.78 -11.91 -20.50
C THR D 150 -21.17 -13.30 -20.62
N LEU D 151 -21.99 -14.34 -20.51
CA LEU D 151 -21.48 -15.71 -20.48
C LEU D 151 -21.43 -16.37 -21.86
N HIS D 152 -20.33 -17.05 -22.15
CA HIS D 152 -20.13 -17.74 -23.43
C HIS D 152 -21.31 -18.68 -23.73
N LYS D 153 -21.95 -19.18 -22.68
CA LYS D 153 -22.94 -20.22 -22.86
C LYS D 153 -24.24 -19.71 -23.47
N TYR D 154 -24.48 -18.40 -23.41
CA TYR D 154 -25.72 -17.89 -23.98
C TYR D 154 -25.58 -17.41 -25.42
N ILE D 155 -24.36 -17.49 -25.94
CA ILE D 155 -24.12 -17.14 -27.33
C ILE D 155 -24.75 -18.24 -28.19
N GLY D 156 -25.67 -17.84 -29.06
CA GLY D 156 -26.45 -18.78 -29.85
C GLY D 156 -27.53 -19.45 -29.04
N ASN D 157 -27.50 -19.22 -27.74
CA ASN D 157 -28.53 -19.67 -26.80
C ASN D 157 -29.64 -18.71 -26.34
N GLY D 158 -29.71 -17.55 -26.97
CA GLY D 158 -30.52 -16.45 -26.46
C GLY D 158 -31.94 -16.72 -26.05
N VAL D 159 -32.63 -17.67 -26.69
CA VAL D 159 -34.00 -17.95 -26.26
C VAL D 159 -34.02 -18.43 -24.81
N ASP D 160 -32.97 -19.12 -24.37
CA ASP D 160 -32.87 -19.52 -22.98
C ASP D 160 -32.75 -18.32 -22.04
N PHE D 161 -31.89 -17.37 -22.39
CA PHE D 161 -31.73 -16.17 -21.60
C PHE D 161 -33.05 -15.40 -21.56
N LEU D 162 -33.66 -15.25 -22.71
CA LEU D 162 -34.91 -14.50 -22.81
C LEU D 162 -36.01 -15.12 -21.94
N ASN D 163 -36.09 -16.44 -21.97
CA ASN D 163 -37.06 -17.15 -21.15
C ASN D 163 -36.92 -16.85 -19.68
N ARG D 164 -35.67 -16.70 -19.25
CA ARG D 164 -35.36 -16.48 -17.83
C ARG D 164 -35.63 -15.05 -17.43
N HIS D 165 -35.40 -14.13 -18.35
CA HIS D 165 -35.74 -12.74 -18.11
C HIS D 165 -37.27 -12.56 -18.09
N LEU D 166 -37.95 -13.07 -19.11
CA LEU D 166 -39.41 -13.00 -19.15
C LEU D 166 -40.02 -13.61 -17.90
N SER D 167 -39.48 -14.76 -17.52
CA SER D 167 -39.99 -15.52 -16.39
C SER D 167 -39.97 -14.67 -15.14
N ALA D 168 -38.87 -13.97 -14.93
CA ALA D 168 -38.71 -13.08 -13.79
C ALA D 168 -39.61 -11.86 -13.91
N LYS D 169 -39.53 -11.16 -15.04
CA LYS D 169 -40.37 -9.99 -15.28
C LYS D 169 -41.84 -10.35 -15.08
N LEU D 170 -42.17 -11.61 -15.33
CA LEU D 170 -43.53 -12.09 -15.20
C LEU D 170 -43.94 -12.42 -13.77
N PHE D 171 -42.98 -12.60 -12.86
CA PHE D 171 -43.34 -13.19 -11.58
C PHE D 171 -43.99 -12.14 -10.70
N HIS D 172 -45.26 -12.41 -10.40
CA HIS D 172 -46.16 -11.50 -9.68
C HIS D 172 -45.97 -10.03 -10.09
N ASP D 173 -46.23 -9.75 -11.36
CA ASP D 173 -46.35 -8.38 -11.82
C ASP D 173 -47.64 -8.33 -12.61
N LYS D 174 -48.63 -7.62 -12.07
CA LYS D 174 -49.95 -7.62 -12.68
C LYS D 174 -49.81 -6.98 -14.04
N GLU D 175 -49.13 -5.84 -14.09
CA GLU D 175 -48.86 -5.14 -15.34
C GLU D 175 -48.00 -5.98 -16.28
N SER D 176 -47.27 -6.93 -15.71
CA SER D 176 -46.44 -7.84 -16.50
C SER D 176 -47.24 -8.96 -17.15
N LEU D 177 -48.16 -9.53 -16.39
CA LEU D 177 -48.99 -10.63 -16.88
C LEU D 177 -50.05 -10.19 -17.90
N LEU D 178 -50.42 -8.92 -17.87
CA LEU D 178 -51.45 -8.37 -18.76
C LEU D 178 -51.20 -8.60 -20.24
N PRO D 179 -49.98 -8.33 -20.71
CA PRO D 179 -49.66 -8.55 -22.13
C PRO D 179 -49.96 -9.99 -22.54
N LEU D 180 -49.77 -10.92 -21.61
CA LEU D 180 -50.02 -12.32 -21.89
C LEU D 180 -51.51 -12.57 -22.11
N LEU D 181 -52.33 -12.00 -21.24
CA LEU D 181 -53.78 -12.11 -21.33
C LEU D 181 -54.30 -11.48 -22.62
N LYS D 182 -53.78 -10.28 -22.91
CA LYS D 182 -54.16 -9.57 -24.12
C LYS D 182 -53.74 -10.40 -25.32
N PHE D 183 -52.55 -11.00 -25.23
CA PHE D 183 -52.04 -11.81 -26.32
C PHE D 183 -52.98 -12.95 -26.65
N LEU D 184 -53.30 -13.74 -25.62
CA LEU D 184 -54.19 -14.88 -25.78
C LEU D 184 -55.60 -14.45 -26.13
N ARG D 185 -55.98 -13.24 -25.71
CA ARG D 185 -57.34 -12.75 -25.93
C ARG D 185 -57.54 -12.34 -27.38
N LEU D 186 -56.58 -11.62 -27.95
CA LEU D 186 -56.67 -11.18 -29.32
C LEU D 186 -56.34 -12.31 -30.30
N HIS D 187 -55.52 -13.25 -29.86
CA HIS D 187 -55.04 -14.29 -30.74
C HIS D 187 -56.19 -14.97 -31.48
N SER D 188 -56.05 -15.08 -32.79
CA SER D 188 -57.09 -15.68 -33.64
C SER D 188 -56.49 -16.16 -34.96
N HIS D 189 -57.22 -17.00 -35.68
CA HIS D 189 -56.83 -17.30 -37.06
C HIS D 189 -58.02 -17.47 -38.02
N GLN D 190 -57.95 -16.81 -39.17
CA GLN D 190 -58.99 -16.86 -40.21
C GLN D 190 -60.41 -16.69 -39.67
N GLY D 191 -60.59 -15.64 -38.86
CA GLY D 191 -61.88 -15.27 -38.33
C GLY D 191 -62.27 -16.05 -37.09
N LYS D 192 -61.60 -17.18 -36.87
CA LYS D 192 -61.91 -18.03 -35.74
C LYS D 192 -61.08 -17.66 -34.52
N ASN D 193 -61.73 -17.59 -33.37
CA ASN D 193 -61.08 -17.20 -32.12
C ASN D 193 -60.36 -18.38 -31.47
N LEU D 194 -59.20 -18.10 -30.88
CA LEU D 194 -58.40 -19.14 -30.26
C LEU D 194 -58.14 -18.81 -28.78
N MET D 195 -57.83 -19.82 -27.97
CA MET D 195 -57.50 -19.57 -26.57
C MET D 195 -58.61 -18.88 -25.78
N LEU D 196 -58.37 -17.65 -25.33
CA LEU D 196 -59.37 -16.89 -24.59
C LEU D 196 -60.33 -16.10 -25.50
N SER D 197 -61.60 -15.98 -25.09
CA SER D 197 -62.57 -15.15 -25.81
C SER D 197 -62.65 -13.76 -25.21
N GLU D 198 -63.55 -12.94 -25.72
CA GLU D 198 -63.68 -11.55 -25.25
C GLU D 198 -64.23 -11.45 -23.84
N LYS D 199 -64.78 -12.56 -23.34
CA LYS D 199 -65.35 -12.59 -22.00
C LYS D 199 -64.32 -12.43 -20.88
N ILE D 200 -63.05 -12.79 -21.12
CA ILE D 200 -62.09 -12.66 -20.04
C ILE D 200 -61.39 -11.32 -20.18
N GLN D 201 -61.74 -10.37 -19.30
CA GLN D 201 -61.16 -9.02 -19.38
C GLN D 201 -60.02 -8.69 -18.40
N ASN D 202 -59.73 -9.59 -17.47
CA ASN D 202 -58.79 -9.26 -16.40
C ASN D 202 -58.16 -10.49 -15.75
N LEU D 203 -57.03 -10.29 -15.10
CA LEU D 203 -56.28 -11.42 -14.57
C LEU D 203 -57.12 -12.28 -13.62
N ASN D 204 -58.03 -11.64 -12.90
CA ASN D 204 -58.90 -12.34 -11.95
C ASN D 204 -59.86 -13.32 -12.62
N THR D 205 -60.66 -12.80 -13.56
CA THR D 205 -61.60 -13.61 -14.31
C THR D 205 -60.89 -14.81 -14.94
N LEU D 206 -59.70 -14.54 -15.50
CA LEU D 206 -58.88 -15.56 -16.14
C LEU D 206 -58.46 -16.62 -15.15
N GLN D 207 -57.91 -16.18 -14.03
CA GLN D 207 -57.48 -17.06 -12.96
C GLN D 207 -58.65 -17.93 -12.55
N HIS D 208 -59.82 -17.32 -12.43
CA HIS D 208 -61.03 -18.01 -12.03
C HIS D 208 -61.51 -19.03 -13.05
N THR D 209 -61.53 -18.62 -14.33
CA THR D 209 -61.95 -19.51 -15.41
C THR D 209 -61.03 -20.72 -15.56
N LEU D 210 -59.72 -20.48 -15.48
CA LEU D 210 -58.73 -21.55 -15.59
C LEU D 210 -58.96 -22.59 -14.52
N ARG D 211 -59.06 -22.12 -13.27
CA ARG D 211 -59.27 -23.01 -12.13
C ARG D 211 -60.57 -23.80 -12.27
N LYS D 212 -61.63 -23.11 -12.65
CA LYS D 212 -62.92 -23.75 -12.89
C LYS D 212 -62.79 -24.80 -13.99
N ALA D 213 -62.14 -24.41 -15.09
CA ALA D 213 -61.92 -25.33 -16.19
C ALA D 213 -61.08 -26.52 -15.75
N GLU D 214 -60.05 -26.26 -14.94
CA GLU D 214 -59.16 -27.34 -14.50
C GLU D 214 -59.94 -28.38 -13.73
N GLU D 215 -60.84 -27.92 -12.86
CA GLU D 215 -61.61 -28.82 -12.02
C GLU D 215 -62.52 -29.71 -12.87
N TYR D 216 -63.26 -29.10 -13.79
CA TYR D 216 -64.15 -29.84 -14.68
C TYR D 216 -63.41 -30.98 -15.41
N LEU D 217 -62.28 -30.66 -16.02
CA LEU D 217 -61.54 -31.65 -16.82
C LEU D 217 -60.87 -32.73 -15.96
N ALA D 218 -60.48 -32.37 -14.75
CA ALA D 218 -59.76 -33.29 -13.87
C ALA D 218 -60.54 -34.57 -13.66
N GLU D 219 -61.86 -34.48 -13.79
CA GLU D 219 -62.72 -35.65 -13.65
C GLU D 219 -62.76 -36.55 -14.89
N LEU D 220 -62.84 -35.94 -16.07
CA LEU D 220 -63.12 -36.66 -17.32
C LEU D 220 -62.02 -37.63 -17.75
N LYS D 221 -62.39 -38.59 -18.59
CA LYS D 221 -61.44 -39.56 -19.10
C LYS D 221 -60.38 -38.87 -19.96
N SER D 222 -59.14 -39.31 -19.80
CA SER D 222 -58.01 -38.70 -20.49
C SER D 222 -58.27 -38.54 -21.98
N GLU D 223 -58.94 -39.51 -22.58
CA GLU D 223 -59.09 -39.54 -24.05
C GLU D 223 -60.33 -38.83 -24.58
N THR D 224 -61.09 -38.18 -23.69
CA THR D 224 -62.29 -37.43 -24.10
C THR D 224 -61.98 -36.32 -25.11
N LEU D 225 -62.67 -36.33 -26.25
CA LEU D 225 -62.40 -35.35 -27.30
C LEU D 225 -62.90 -33.95 -26.95
N TYR D 226 -62.17 -32.94 -27.39
CA TYR D 226 -62.48 -31.56 -27.06
C TYR D 226 -63.95 -31.21 -27.37
N GLU D 227 -64.53 -31.86 -28.37
CA GLU D 227 -65.90 -31.52 -28.80
C GLU D 227 -66.94 -31.78 -27.71
N GLU D 228 -66.67 -32.78 -26.86
CA GLU D 228 -67.53 -33.04 -25.69
C GLU D 228 -67.65 -31.80 -24.81
N PHE D 229 -66.53 -31.35 -24.25
CA PHE D 229 -66.57 -30.19 -23.35
C PHE D 229 -66.50 -28.84 -24.04
N GLU D 230 -66.45 -28.84 -25.37
CA GLU D 230 -66.43 -27.61 -26.14
C GLU D 230 -67.54 -26.67 -25.69
N ALA D 231 -68.75 -27.22 -25.57
CA ALA D 231 -69.90 -26.44 -25.14
C ALA D 231 -69.64 -25.71 -23.83
N LYS D 232 -69.22 -26.47 -22.81
CA LYS D 232 -68.94 -25.93 -21.48
C LYS D 232 -67.88 -24.83 -21.50
N PHE D 233 -66.76 -25.10 -22.17
CA PHE D 233 -65.66 -24.14 -22.28
C PHE D 233 -66.09 -22.79 -22.86
N GLU D 234 -66.82 -22.81 -23.97
CA GLU D 234 -67.22 -21.57 -24.64
C GLU D 234 -68.02 -20.63 -23.72
N GLU D 235 -68.88 -21.22 -22.88
CA GLU D 235 -69.65 -20.45 -21.90
C GLU D 235 -68.75 -19.64 -20.98
N ILE D 236 -67.70 -20.28 -20.48
CA ILE D 236 -66.80 -19.66 -19.51
C ILE D 236 -65.70 -18.82 -20.16
N GLY D 237 -65.70 -18.76 -21.49
CA GLY D 237 -64.77 -17.91 -22.21
C GLY D 237 -63.55 -18.59 -22.83
N LEU D 238 -63.56 -19.91 -22.87
CA LEU D 238 -62.44 -20.62 -23.48
C LEU D 238 -62.70 -21.04 -24.95
N GLU D 239 -61.86 -20.56 -25.84
CA GLU D 239 -61.91 -20.96 -27.24
C GLU D 239 -60.96 -22.13 -27.52
N ARG D 240 -60.97 -22.63 -28.75
CA ARG D 240 -60.18 -23.80 -29.10
C ARG D 240 -58.65 -23.61 -29.15
N GLY D 241 -57.91 -24.71 -29.11
CA GLY D 241 -56.46 -24.67 -29.21
C GLY D 241 -55.68 -24.99 -27.94
N TRP D 242 -56.40 -25.35 -26.89
CA TRP D 242 -55.76 -25.83 -25.67
C TRP D 242 -55.30 -27.26 -25.80
N GLY D 243 -55.95 -28.02 -26.70
CA GLY D 243 -55.64 -29.43 -26.92
C GLY D 243 -56.75 -30.14 -27.69
N ASP D 244 -56.46 -31.34 -28.18
CA ASP D 244 -57.46 -32.16 -28.87
C ASP D 244 -58.35 -32.92 -27.91
N ASN D 245 -57.77 -33.36 -26.80
CA ASN D 245 -58.51 -34.08 -25.78
C ASN D 245 -58.30 -33.49 -24.39
N ALA D 246 -58.99 -34.05 -23.39
CA ALA D 246 -58.99 -33.50 -22.05
C ALA D 246 -57.62 -33.54 -21.37
N GLU D 247 -56.88 -34.61 -21.63
CA GLU D 247 -55.56 -34.76 -21.03
C GLU D 247 -54.64 -33.62 -21.41
N ARG D 248 -54.58 -33.32 -22.71
CA ARG D 248 -53.71 -32.27 -23.22
C ARG D 248 -54.18 -30.92 -22.70
N VAL D 249 -55.46 -30.62 -22.91
CA VAL D 249 -56.06 -29.37 -22.46
C VAL D 249 -55.73 -29.09 -20.99
N LEU D 250 -55.66 -30.15 -20.20
CA LEU D 250 -55.40 -29.99 -18.77
C LEU D 250 -53.97 -29.51 -18.49
N ASP D 251 -52.99 -30.15 -19.10
CA ASP D 251 -51.61 -29.69 -18.96
C ASP D 251 -51.48 -28.26 -19.44
N MET D 252 -52.18 -27.93 -20.52
CA MET D 252 -52.13 -26.58 -21.08
C MET D 252 -52.67 -25.57 -20.08
N ILE D 253 -53.85 -25.86 -19.56
CA ILE D 253 -54.50 -24.95 -18.62
C ILE D 253 -53.74 -24.89 -17.30
N ARG D 254 -53.08 -25.99 -16.94
CA ARG D 254 -52.25 -25.97 -15.74
C ARG D 254 -50.98 -25.13 -15.90
N LEU D 255 -50.35 -25.22 -17.07
CA LEU D 255 -49.20 -24.39 -17.40
C LEU D 255 -49.52 -22.92 -17.20
N LEU D 256 -50.68 -22.51 -17.69
CA LEU D 256 -51.08 -21.11 -17.62
C LEU D 256 -51.35 -20.67 -16.19
N LEU D 257 -52.07 -21.49 -15.44
CA LEU D 257 -52.29 -21.21 -14.02
C LEU D 257 -50.93 -21.02 -13.36
N ASP D 258 -49.98 -21.83 -13.80
CA ASP D 258 -48.62 -21.79 -13.29
C ASP D 258 -47.90 -20.50 -13.64
N LEU D 259 -48.14 -19.99 -14.84
CA LEU D 259 -47.51 -18.75 -15.27
C LEU D 259 -48.10 -17.54 -14.57
N LEU D 260 -49.35 -17.65 -14.12
CA LEU D 260 -50.00 -16.55 -13.40
C LEU D 260 -49.63 -16.59 -11.93
N GLU D 261 -49.08 -17.71 -11.49
CA GLU D 261 -48.75 -17.94 -10.09
C GLU D 261 -47.25 -17.87 -9.81
N ALA D 262 -46.52 -18.89 -10.25
CA ALA D 262 -45.07 -18.92 -10.08
C ALA D 262 -44.39 -19.28 -11.39
N PRO D 263 -44.11 -18.26 -12.21
CA PRO D 263 -43.43 -18.41 -13.49
C PRO D 263 -42.01 -18.94 -13.36
N ASP D 264 -41.69 -19.97 -14.15
CA ASP D 264 -40.31 -20.42 -14.33
C ASP D 264 -40.08 -20.69 -15.82
N PRO D 265 -38.81 -20.64 -16.25
CA PRO D 265 -38.44 -20.66 -17.67
C PRO D 265 -38.97 -21.88 -18.43
N CYS D 266 -38.87 -23.07 -17.87
CA CYS D 266 -39.28 -24.25 -18.60
C CYS D 266 -40.76 -24.19 -18.86
N THR D 267 -41.52 -23.79 -17.85
CA THR D 267 -42.95 -23.67 -18.03
C THR D 267 -43.24 -22.67 -19.14
N LEU D 268 -42.68 -21.47 -18.99
CA LEU D 268 -42.91 -20.41 -19.96
C LEU D 268 -42.64 -20.88 -21.38
N GLU D 269 -41.46 -21.45 -21.60
CA GLU D 269 -41.06 -21.89 -22.94
C GLU D 269 -42.03 -22.93 -23.47
N THR D 270 -42.40 -23.88 -22.63
CA THR D 270 -43.30 -24.94 -23.03
C THR D 270 -44.67 -24.41 -23.43
N PHE D 271 -45.25 -23.56 -22.59
CA PHE D 271 -46.54 -22.97 -22.89
C PHE D 271 -46.53 -22.20 -24.21
N LEU D 272 -45.61 -21.25 -24.34
CA LEU D 272 -45.58 -20.39 -25.51
C LEU D 272 -45.30 -21.22 -26.77
N GLY D 273 -44.40 -22.19 -26.65
CA GLY D 273 -44.06 -23.03 -27.77
C GLY D 273 -45.25 -23.84 -28.22
N ARG D 274 -46.11 -24.18 -27.25
CA ARG D 274 -47.29 -25.01 -27.51
C ARG D 274 -48.50 -24.27 -28.11
N VAL D 275 -48.71 -23.02 -27.71
CA VAL D 275 -49.84 -22.27 -28.25
C VAL D 275 -49.76 -22.32 -29.76
N PRO D 276 -50.81 -22.84 -30.44
CA PRO D 276 -50.75 -22.81 -31.91
C PRO D 276 -50.70 -21.39 -32.42
N MET D 277 -49.69 -21.10 -33.23
CA MET D 277 -49.43 -19.78 -33.78
C MET D 277 -49.21 -19.85 -35.27
N VAL D 278 -48.20 -20.63 -35.64
CA VAL D 278 -47.72 -20.65 -36.99
C VAL D 278 -48.54 -21.58 -37.90
N PHE D 279 -49.17 -20.96 -38.89
CA PHE D 279 -50.08 -21.60 -39.84
C PHE D 279 -49.60 -21.23 -41.24
N ASN D 280 -49.60 -19.93 -41.52
CA ASN D 280 -49.03 -19.39 -42.75
C ASN D 280 -47.59 -18.91 -42.58
N VAL D 281 -46.66 -19.56 -43.25
CA VAL D 281 -45.27 -19.14 -43.21
C VAL D 281 -44.83 -18.58 -44.54
N VAL D 282 -44.05 -17.50 -44.50
CA VAL D 282 -43.48 -16.92 -45.71
C VAL D 282 -41.95 -16.89 -45.65
N ILE D 283 -41.33 -17.44 -46.68
CA ILE D 283 -39.87 -17.59 -46.76
C ILE D 283 -39.30 -16.85 -47.98
N LEU D 284 -38.33 -15.97 -47.75
CA LEU D 284 -37.79 -15.13 -48.82
C LEU D 284 -36.41 -15.58 -49.30
N SER D 285 -36.33 -15.93 -50.58
CA SER D 285 -35.06 -16.19 -51.27
C SER D 285 -35.11 -15.75 -52.73
N PRO D 286 -34.96 -14.44 -52.99
CA PRO D 286 -35.10 -13.83 -54.33
C PRO D 286 -34.07 -14.24 -55.40
N HIS D 287 -32.79 -14.36 -55.03
CA HIS D 287 -31.75 -14.48 -56.04
C HIS D 287 -31.49 -15.93 -56.48
N GLY D 288 -30.60 -16.09 -57.45
CA GLY D 288 -30.28 -17.42 -57.98
C GLY D 288 -31.41 -17.94 -58.86
N TYR D 289 -31.25 -19.17 -59.37
CA TYR D 289 -32.35 -19.84 -60.05
C TYR D 289 -32.91 -20.84 -59.06
N PHE D 290 -34.04 -20.53 -58.45
CA PHE D 290 -34.49 -21.35 -57.34
C PHE D 290 -35.52 -22.34 -57.84
N ALA D 291 -35.18 -23.62 -57.87
CA ALA D 291 -36.12 -24.62 -58.36
C ALA D 291 -35.74 -26.00 -57.87
N GLN D 292 -36.58 -26.99 -58.20
CA GLN D 292 -36.40 -28.34 -57.67
C GLN D 292 -35.61 -29.27 -58.57
N ASP D 293 -35.37 -28.82 -59.80
CA ASP D 293 -34.67 -29.60 -60.82
C ASP D 293 -33.96 -28.70 -61.81
N ASN D 294 -32.82 -29.20 -62.28
CA ASN D 294 -31.98 -28.61 -63.31
C ASN D 294 -31.47 -27.24 -62.94
N VAL D 295 -31.51 -26.87 -61.67
CA VAL D 295 -30.77 -25.68 -61.27
C VAL D 295 -29.46 -25.78 -60.44
N LEU D 296 -29.11 -26.93 -59.90
CA LEU D 296 -28.14 -26.88 -58.80
C LEU D 296 -26.71 -26.71 -59.30
N GLY D 297 -26.04 -25.63 -58.91
CA GLY D 297 -24.71 -25.38 -59.40
C GLY D 297 -24.64 -24.25 -60.42
N TYR D 298 -25.79 -23.74 -60.86
CA TYR D 298 -25.76 -22.52 -61.64
C TYR D 298 -25.24 -21.45 -60.71
N PRO D 299 -24.81 -20.31 -61.26
CA PRO D 299 -24.44 -19.17 -60.42
C PRO D 299 -25.52 -18.86 -59.38
N ASP D 300 -25.08 -18.59 -58.16
CA ASP D 300 -26.00 -18.14 -57.10
C ASP D 300 -26.95 -19.23 -56.61
N THR D 301 -26.83 -20.44 -57.18
CA THR D 301 -27.77 -21.52 -56.90
C THR D 301 -27.12 -22.75 -56.26
N GLY D 302 -27.45 -23.02 -55.00
CA GLY D 302 -26.62 -23.85 -54.14
C GLY D 302 -27.33 -24.17 -52.86
N GLY D 303 -26.58 -24.52 -51.82
CA GLY D 303 -27.15 -25.00 -50.58
C GLY D 303 -28.29 -24.21 -49.97
N GLN D 304 -28.28 -22.90 -50.15
CA GLN D 304 -29.40 -22.09 -49.73
C GLN D 304 -30.72 -22.65 -50.31
N VAL D 305 -30.70 -23.13 -51.54
CA VAL D 305 -31.88 -23.72 -52.14
C VAL D 305 -32.11 -25.10 -51.53
N VAL D 306 -31.03 -25.84 -51.36
CA VAL D 306 -31.11 -27.16 -50.78
C VAL D 306 -31.66 -27.07 -49.35
N TYR D 307 -31.15 -26.10 -48.60
CA TYR D 307 -31.53 -25.85 -47.21
C TYR D 307 -33.05 -25.61 -47.11
N ILE D 308 -33.52 -24.63 -47.86
CA ILE D 308 -34.91 -24.22 -47.77
C ILE D 308 -35.87 -25.34 -48.13
N LEU D 309 -35.62 -26.02 -49.24
CA LEU D 309 -36.45 -27.16 -49.62
C LEU D 309 -36.53 -28.24 -48.54
N ASP D 310 -35.40 -28.56 -47.90
CA ASP D 310 -35.40 -29.47 -46.75
C ASP D 310 -36.17 -28.87 -45.56
N GLN D 311 -36.03 -27.55 -45.39
CA GLN D 311 -36.61 -26.82 -44.28
C GLN D 311 -38.14 -26.85 -44.33
N VAL D 312 -38.71 -26.45 -45.47
CA VAL D 312 -40.17 -26.40 -45.60
C VAL D 312 -40.81 -27.76 -45.34
N ARG D 313 -40.30 -28.80 -45.98
CA ARG D 313 -40.85 -30.12 -45.73
C ARG D 313 -40.84 -30.48 -44.23
N ALA D 314 -39.70 -30.29 -43.57
CA ALA D 314 -39.61 -30.66 -42.15
C ALA D 314 -40.58 -29.81 -41.35
N LEU D 315 -40.78 -28.59 -41.81
CA LEU D 315 -41.59 -27.60 -41.11
C LEU D 315 -43.08 -27.91 -41.26
N GLU D 316 -43.51 -28.24 -42.48
CA GLU D 316 -44.91 -28.56 -42.72
C GLU D 316 -45.35 -29.74 -41.87
N ILE D 317 -44.54 -30.80 -41.90
CA ILE D 317 -44.80 -31.97 -41.09
C ILE D 317 -45.03 -31.62 -39.63
N GLU D 318 -44.16 -30.75 -39.11
CA GLU D 318 -44.25 -30.32 -37.71
C GLU D 318 -45.48 -29.46 -37.46
N MET D 319 -45.79 -28.56 -38.39
CA MET D 319 -46.97 -27.71 -38.26
C MET D 319 -48.25 -28.53 -38.18
N LEU D 320 -48.42 -29.46 -39.11
CA LEU D 320 -49.61 -30.30 -39.13
C LEU D 320 -49.75 -31.00 -37.80
N GLN D 321 -48.67 -31.63 -37.36
CA GLN D 321 -48.60 -32.30 -36.08
C GLN D 321 -49.11 -31.40 -34.97
N ARG D 322 -48.62 -30.18 -34.90
CA ARG D 322 -48.99 -29.23 -33.86
C ARG D 322 -50.46 -28.86 -33.95
N ILE D 323 -50.90 -28.52 -35.15
CA ILE D 323 -52.27 -28.11 -35.39
C ILE D 323 -53.24 -29.16 -34.85
N LYS D 324 -52.97 -30.42 -35.16
CA LYS D 324 -53.78 -31.55 -34.71
C LYS D 324 -53.80 -31.65 -33.18
N GLN D 325 -52.61 -31.73 -32.58
CA GLN D 325 -52.47 -31.87 -31.13
C GLN D 325 -53.25 -30.83 -30.32
N GLN D 326 -53.39 -29.62 -30.85
CA GLN D 326 -54.09 -28.54 -30.15
C GLN D 326 -55.59 -28.50 -30.50
N GLY D 327 -56.04 -29.49 -31.26
CA GLY D 327 -57.44 -29.59 -31.62
C GLY D 327 -57.91 -28.60 -32.68
N LEU D 328 -57.15 -28.50 -33.77
CA LEU D 328 -57.50 -27.58 -34.84
C LEU D 328 -57.50 -28.28 -36.19
N ASN D 329 -58.39 -27.84 -37.06
CA ASN D 329 -58.47 -28.34 -38.42
C ASN D 329 -57.81 -27.51 -39.51
N ILE D 330 -57.14 -26.43 -39.12
CA ILE D 330 -56.58 -25.46 -40.08
C ILE D 330 -55.64 -26.08 -41.10
N LYS D 331 -55.79 -25.66 -42.36
CA LYS D 331 -54.85 -26.01 -43.42
C LYS D 331 -53.71 -24.99 -43.45
N PRO D 332 -52.46 -25.47 -43.29
CA PRO D 332 -51.27 -24.62 -43.33
C PRO D 332 -50.88 -24.26 -44.77
N ARG D 333 -50.16 -23.16 -44.93
CA ARG D 333 -49.54 -22.85 -46.22
C ARG D 333 -48.14 -22.28 -45.99
N ILE D 334 -47.16 -22.81 -46.70
CA ILE D 334 -45.80 -22.29 -46.67
C ILE D 334 -45.43 -21.79 -48.06
N LEU D 335 -45.07 -20.51 -48.18
CA LEU D 335 -44.72 -19.96 -49.49
C LEU D 335 -43.26 -19.56 -49.53
N ILE D 336 -42.54 -20.04 -50.55
CA ILE D 336 -41.17 -19.60 -50.77
C ILE D 336 -41.21 -18.58 -51.88
N LEU D 337 -40.95 -17.32 -51.54
CA LEU D 337 -40.94 -16.23 -52.49
C LEU D 337 -39.58 -16.12 -53.14
N THR D 338 -39.51 -16.25 -54.45
CA THR D 338 -38.27 -16.04 -55.18
C THR D 338 -38.58 -15.29 -56.45
N ARG D 339 -37.57 -15.09 -57.30
CA ARG D 339 -37.77 -14.34 -58.53
C ARG D 339 -38.27 -15.24 -59.65
N LEU D 340 -39.17 -14.69 -60.45
CA LEU D 340 -39.63 -15.35 -61.66
C LEU D 340 -38.65 -14.99 -62.77
N LEU D 341 -38.12 -16.01 -63.44
CA LEU D 341 -37.15 -15.84 -64.51
C LEU D 341 -37.69 -16.42 -65.82
N PRO D 342 -38.37 -15.58 -66.61
CA PRO D 342 -39.10 -16.00 -67.82
C PRO D 342 -38.23 -16.75 -68.85
N ASP D 343 -37.00 -16.31 -69.00
CA ASP D 343 -36.12 -16.83 -70.05
C ASP D 343 -35.16 -17.95 -69.64
N ALA D 344 -35.28 -18.49 -68.42
CA ALA D 344 -34.35 -19.55 -68.05
C ALA D 344 -34.99 -20.87 -68.46
N VAL D 345 -34.42 -21.49 -69.47
CA VAL D 345 -35.08 -22.58 -70.18
C VAL D 345 -34.49 -23.88 -69.68
N GLY D 346 -35.29 -24.92 -69.65
CA GLY D 346 -34.84 -26.16 -69.04
C GLY D 346 -35.14 -26.13 -67.57
N THR D 347 -35.82 -25.07 -67.11
CA THR D 347 -36.25 -24.95 -65.72
C THR D 347 -37.72 -24.53 -65.57
N THR D 348 -38.22 -24.67 -64.35
CA THR D 348 -39.57 -24.22 -64.01
C THR D 348 -39.52 -22.80 -63.44
N CYS D 349 -38.35 -22.18 -63.49
CA CYS D 349 -38.19 -20.84 -62.94
C CYS D 349 -39.14 -19.80 -63.52
N GLY D 350 -39.74 -20.10 -64.66
CA GLY D 350 -40.61 -19.14 -65.32
C GLY D 350 -42.07 -19.20 -64.88
N GLU D 351 -42.39 -20.12 -63.97
CA GLU D 351 -43.78 -20.27 -63.56
C GLU D 351 -44.08 -19.70 -62.17
N ARG D 352 -45.24 -19.07 -62.03
CA ARG D 352 -45.59 -18.36 -60.81
C ARG D 352 -45.67 -19.25 -59.55
N LEU D 353 -46.28 -20.42 -59.66
CA LEU D 353 -46.57 -21.23 -58.49
C LEU D 353 -46.14 -22.68 -58.71
N GLU D 354 -45.37 -23.23 -57.79
CA GLU D 354 -44.87 -24.59 -57.96
C GLU D 354 -44.92 -25.38 -56.67
N ARG D 355 -45.58 -26.53 -56.69
CA ARG D 355 -45.62 -27.42 -55.52
C ARG D 355 -44.26 -28.03 -55.22
N VAL D 356 -43.84 -27.95 -53.96
CA VAL D 356 -42.58 -28.56 -53.53
C VAL D 356 -42.81 -30.05 -53.42
N TYR D 357 -41.93 -30.83 -54.02
CA TYR D 357 -42.05 -32.27 -54.04
C TYR D 357 -42.23 -32.83 -52.64
N ASP D 358 -43.09 -33.81 -52.51
CA ASP D 358 -43.26 -34.52 -51.25
C ASP D 358 -43.85 -33.63 -50.16
N SER D 359 -44.79 -32.77 -50.52
CA SER D 359 -45.51 -31.96 -49.54
C SER D 359 -46.90 -31.59 -50.05
N GLU D 360 -47.86 -31.46 -49.14
CA GLU D 360 -49.19 -30.99 -49.51
C GLU D 360 -49.31 -29.47 -49.61
N TYR D 361 -48.76 -28.80 -48.60
CA TYR D 361 -48.90 -27.36 -48.44
C TYR D 361 -47.77 -26.36 -48.81
N CYS D 362 -46.61 -26.85 -49.25
CA CYS D 362 -45.49 -25.95 -49.59
C CYS D 362 -45.40 -25.59 -51.07
N ASP D 363 -45.52 -24.30 -51.38
CA ASP D 363 -45.46 -23.88 -52.77
C ASP D 363 -44.37 -22.83 -52.98
N ILE D 364 -43.71 -22.90 -54.13
CA ILE D 364 -42.78 -21.84 -54.51
C ILE D 364 -43.60 -20.79 -55.22
N LEU D 365 -43.51 -19.56 -54.75
CA LEU D 365 -44.24 -18.47 -55.37
C LEU D 365 -43.25 -17.54 -56.01
N ARG D 366 -43.44 -17.28 -57.30
CA ARG D 366 -42.48 -16.48 -58.04
C ARG D 366 -43.05 -15.16 -58.55
N VAL D 367 -42.33 -14.08 -58.26
CA VAL D 367 -42.74 -12.74 -58.69
C VAL D 367 -41.59 -12.15 -59.51
N PRO D 368 -41.93 -11.43 -60.59
CA PRO D 368 -40.88 -10.80 -61.41
C PRO D 368 -40.28 -9.52 -60.80
N PHE D 369 -39.02 -9.28 -61.16
CA PHE D 369 -38.38 -7.98 -60.96
C PHE D 369 -38.99 -7.05 -61.99
N ARG D 370 -39.17 -5.78 -61.65
CA ARG D 370 -39.65 -4.85 -62.64
C ARG D 370 -39.29 -3.39 -62.33
N THR D 371 -39.35 -2.57 -63.37
CA THR D 371 -39.14 -1.15 -63.29
C THR D 371 -40.31 -0.43 -63.96
N GLU D 372 -40.23 0.89 -64.09
CA GLU D 372 -41.28 1.64 -64.77
C GLU D 372 -41.47 1.13 -66.19
N LYS D 373 -40.42 0.60 -66.78
CA LYS D 373 -40.44 0.11 -68.16
C LYS D 373 -41.11 -1.27 -68.35
N GLY D 374 -41.50 -1.91 -67.25
CA GLY D 374 -42.04 -3.26 -67.30
C GLY D 374 -41.08 -4.31 -66.76
N ILE D 375 -41.50 -5.58 -66.77
CA ILE D 375 -40.74 -6.63 -66.09
C ILE D 375 -39.38 -6.88 -66.72
N VAL D 376 -38.40 -7.24 -65.87
CA VAL D 376 -37.04 -7.52 -66.31
C VAL D 376 -36.87 -9.01 -66.48
N ARG D 377 -36.52 -9.44 -67.69
CA ARG D 377 -36.44 -10.87 -68.00
C ARG D 377 -35.17 -11.59 -67.55
N LYS D 378 -34.00 -11.00 -67.77
CA LYS D 378 -32.76 -11.76 -67.64
C LYS D 378 -32.36 -12.06 -66.21
N TRP D 379 -31.61 -13.14 -66.04
CA TRP D 379 -31.03 -13.44 -64.74
C TRP D 379 -30.07 -12.33 -64.33
N ILE D 380 -30.04 -12.04 -63.03
CA ILE D 380 -29.16 -11.02 -62.50
C ILE D 380 -28.39 -11.60 -61.34
N SER D 381 -27.09 -11.28 -61.29
CA SER D 381 -26.23 -11.80 -60.26
C SER D 381 -26.69 -11.32 -58.90
N ARG D 382 -26.49 -12.15 -57.89
CA ARG D 382 -26.90 -11.78 -56.53
C ARG D 382 -26.28 -10.45 -56.07
N PHE D 383 -25.11 -10.09 -56.59
CA PHE D 383 -24.49 -8.81 -56.25
C PHE D 383 -25.20 -7.60 -56.90
N GLU D 384 -25.93 -7.84 -57.97
CA GLU D 384 -26.62 -6.77 -58.70
C GLU D 384 -28.12 -6.54 -58.48
N VAL D 385 -28.75 -7.29 -57.58
CA VAL D 385 -30.22 -7.25 -57.49
C VAL D 385 -30.78 -6.06 -56.69
N TRP D 386 -29.92 -5.32 -56.01
CA TRP D 386 -30.33 -4.31 -55.05
C TRP D 386 -31.36 -3.30 -55.55
N PRO D 387 -31.19 -2.80 -56.77
CA PRO D 387 -32.16 -1.81 -57.25
C PRO D 387 -33.59 -2.36 -57.35
N TYR D 388 -33.74 -3.68 -57.50
CA TYR D 388 -35.07 -4.25 -57.71
C TYR D 388 -35.83 -4.69 -56.47
N LEU D 389 -35.16 -4.69 -55.31
CA LEU D 389 -35.68 -5.33 -54.09
C LEU D 389 -36.91 -4.67 -53.46
N GLU D 390 -36.98 -3.35 -53.52
CA GLU D 390 -38.09 -2.64 -52.92
C GLU D 390 -39.39 -2.86 -53.69
N THR D 391 -39.33 -2.70 -55.01
CA THR D 391 -40.50 -2.94 -55.83
C THR D 391 -40.88 -4.41 -55.71
N TYR D 392 -39.89 -5.27 -55.60
CA TYR D 392 -40.15 -6.69 -55.41
C TYR D 392 -40.99 -6.90 -54.14
N THR D 393 -40.63 -6.20 -53.06
CA THR D 393 -41.35 -6.32 -51.81
C THR D 393 -42.83 -5.95 -51.97
N GLU D 394 -43.08 -4.83 -52.64
CA GLU D 394 -44.44 -4.43 -52.96
C GLU D 394 -45.23 -5.52 -53.69
N ASP D 395 -44.67 -6.04 -54.78
CA ASP D 395 -45.39 -7.02 -55.60
C ASP D 395 -45.58 -8.32 -54.85
N ALA D 396 -44.56 -8.69 -54.10
CA ALA D 396 -44.59 -9.94 -53.36
C ALA D 396 -45.71 -9.93 -52.34
N ALA D 397 -45.89 -8.77 -51.71
CA ALA D 397 -46.94 -8.56 -50.73
C ALA D 397 -48.34 -8.81 -51.33
N VAL D 398 -48.55 -8.33 -52.54
CA VAL D 398 -49.80 -8.56 -53.23
C VAL D 398 -49.99 -10.03 -53.54
N GLU D 399 -48.95 -10.67 -54.07
CA GLU D 399 -49.07 -12.05 -54.49
C GLU D 399 -49.28 -12.99 -53.32
N LEU D 400 -48.44 -12.89 -52.29
CA LEU D 400 -48.60 -13.83 -51.19
C LEU D 400 -49.99 -13.63 -50.57
N SER D 401 -50.45 -12.38 -50.57
CA SER D 401 -51.78 -12.04 -50.08
C SER D 401 -52.94 -12.69 -50.89
N LYS D 402 -52.69 -13.01 -52.16
CA LYS D 402 -53.67 -13.76 -52.95
C LYS D 402 -53.67 -15.24 -52.62
N GLU D 403 -52.50 -15.77 -52.28
CA GLU D 403 -52.37 -17.19 -51.93
C GLU D 403 -52.78 -17.52 -50.50
N LEU D 404 -52.49 -16.63 -49.57
CA LEU D 404 -52.76 -16.91 -48.17
C LEU D 404 -54.20 -16.63 -47.76
N ASN D 405 -54.70 -17.45 -46.83
CA ASN D 405 -55.94 -17.12 -46.15
C ASN D 405 -55.59 -16.58 -44.76
N GLY D 406 -55.77 -15.27 -44.58
CA GLY D 406 -55.22 -14.60 -43.42
C GLY D 406 -53.77 -14.23 -43.68
N LYS D 407 -53.17 -13.43 -42.79
CA LYS D 407 -51.82 -12.95 -43.04
C LYS D 407 -50.78 -14.01 -42.69
N PRO D 408 -49.50 -13.71 -42.97
CA PRO D 408 -48.40 -14.61 -42.62
C PRO D 408 -48.25 -14.62 -41.12
N ASP D 409 -48.09 -15.78 -40.51
CA ASP D 409 -47.78 -15.81 -39.08
C ASP D 409 -46.29 -15.69 -38.78
N LEU D 410 -45.47 -16.06 -39.75
CA LEU D 410 -44.03 -16.01 -39.60
C LEU D 410 -43.40 -15.71 -40.94
N ILE D 411 -42.37 -14.86 -40.93
CA ILE D 411 -41.65 -14.50 -42.13
C ILE D 411 -40.16 -14.73 -41.91
N ILE D 412 -39.54 -15.52 -42.80
CA ILE D 412 -38.11 -15.80 -42.68
C ILE D 412 -37.31 -15.29 -43.86
N GLY D 413 -36.36 -14.41 -43.57
CA GLY D 413 -35.47 -13.90 -44.60
C GLY D 413 -34.30 -14.85 -44.77
N ASN D 414 -33.77 -14.90 -45.99
CA ASN D 414 -32.64 -15.75 -46.33
C ASN D 414 -31.62 -14.99 -47.18
N TYR D 415 -30.38 -15.03 -46.70
CA TYR D 415 -29.24 -14.26 -47.19
C TYR D 415 -29.50 -12.75 -47.24
N SER D 416 -28.82 -12.03 -48.13
CA SER D 416 -28.80 -10.58 -47.96
C SER D 416 -30.05 -9.93 -48.50
N ASP D 417 -30.38 -10.31 -49.73
CA ASP D 417 -31.52 -9.76 -50.44
C ASP D 417 -32.80 -10.26 -49.80
N GLY D 418 -32.79 -11.52 -49.39
CA GLY D 418 -33.95 -12.11 -48.74
C GLY D 418 -34.20 -11.49 -47.39
N ASN D 419 -33.13 -11.33 -46.61
CA ASN D 419 -33.25 -10.68 -45.31
C ASN D 419 -33.70 -9.22 -45.43
N LEU D 420 -33.23 -8.54 -46.47
CA LEU D 420 -33.66 -7.18 -46.76
C LEU D 420 -35.17 -7.17 -46.98
N VAL D 421 -35.63 -7.98 -47.93
CA VAL D 421 -37.04 -8.02 -48.26
C VAL D 421 -37.87 -8.47 -47.07
N ALA D 422 -37.33 -9.44 -46.34
CA ALA D 422 -38.03 -10.02 -45.21
C ALA D 422 -38.31 -8.95 -44.17
N SER D 423 -37.35 -8.05 -43.99
CA SER D 423 -37.50 -6.96 -43.02
C SER D 423 -38.62 -6.00 -43.44
N LEU D 424 -38.60 -5.56 -44.69
CA LEU D 424 -39.65 -4.69 -45.21
C LEU D 424 -41.04 -5.31 -45.11
N LEU D 425 -41.17 -6.60 -45.38
CA LEU D 425 -42.47 -7.25 -45.34
C LEU D 425 -42.98 -7.38 -43.92
N ALA D 426 -42.10 -7.77 -43.01
CA ALA D 426 -42.46 -7.94 -41.61
C ALA D 426 -42.98 -6.62 -41.04
N HIS D 427 -42.32 -5.54 -41.42
CA HIS D 427 -42.71 -4.19 -41.00
C HIS D 427 -44.08 -3.84 -41.58
N LYS D 428 -44.18 -3.96 -42.89
CA LYS D 428 -45.41 -3.72 -43.63
C LYS D 428 -46.59 -4.51 -43.05
N LEU D 429 -46.42 -5.81 -42.86
CA LEU D 429 -47.54 -6.67 -42.49
C LEU D 429 -47.68 -6.94 -41.00
N GLY D 430 -46.76 -6.44 -40.19
CA GLY D 430 -46.90 -6.67 -38.77
C GLY D 430 -46.77 -8.15 -38.42
N VAL D 431 -45.64 -8.74 -38.76
CA VAL D 431 -45.44 -10.18 -38.59
C VAL D 431 -44.10 -10.46 -37.93
N THR D 432 -44.06 -11.44 -37.03
CA THR D 432 -42.83 -11.88 -36.39
C THR D 432 -41.81 -12.23 -37.47
N GLN D 433 -40.58 -11.71 -37.33
CA GLN D 433 -39.55 -11.91 -38.34
C GLN D 433 -38.38 -12.71 -37.80
N CYS D 434 -37.85 -13.60 -38.64
CA CYS D 434 -36.61 -14.32 -38.38
C CYS D 434 -35.71 -14.09 -39.61
N THR D 435 -34.40 -14.14 -39.42
CA THR D 435 -33.49 -14.08 -40.57
C THR D 435 -32.44 -15.18 -40.50
N ILE D 436 -31.94 -15.58 -41.67
CA ILE D 436 -30.83 -16.53 -41.78
C ILE D 436 -29.86 -16.05 -42.85
N ALA D 437 -28.59 -15.87 -42.46
CA ALA D 437 -27.62 -15.28 -43.37
C ALA D 437 -27.21 -16.24 -44.50
N HIS D 438 -26.95 -17.48 -44.14
CA HIS D 438 -26.44 -18.54 -45.01
C HIS D 438 -25.01 -18.24 -45.45
N ALA D 439 -24.63 -16.98 -45.34
CA ALA D 439 -23.24 -16.57 -45.47
C ALA D 439 -23.22 -15.06 -45.36
N LEU D 440 -22.06 -14.52 -45.00
CA LEU D 440 -21.87 -13.09 -44.87
C LEU D 440 -20.63 -12.72 -45.67
N GLU D 441 -20.83 -11.97 -46.75
CA GLU D 441 -19.76 -11.78 -47.70
C GLU D 441 -18.54 -11.14 -47.04
N LYS D 442 -18.77 -10.31 -46.03
CA LYS D 442 -17.66 -9.58 -45.44
C LYS D 442 -16.56 -10.53 -44.92
N THR D 443 -16.93 -11.73 -44.47
CA THR D 443 -15.93 -12.74 -44.12
C THR D 443 -15.37 -13.51 -45.31
N LYS D 444 -16.16 -13.63 -46.37
CA LYS D 444 -15.73 -14.41 -47.52
C LYS D 444 -14.78 -13.63 -48.38
N TYR D 445 -14.90 -12.31 -48.34
CA TYR D 445 -14.03 -11.43 -49.11
C TYR D 445 -13.28 -10.54 -48.15
N PRO D 446 -12.15 -11.05 -47.61
CA PRO D 446 -11.37 -10.36 -46.58
C PRO D 446 -11.01 -8.93 -46.96
N ASP D 447 -11.16 -8.04 -46.00
CA ASP D 447 -10.88 -6.62 -46.19
C ASP D 447 -11.76 -5.99 -47.27
N SER D 448 -12.92 -6.60 -47.52
CA SER D 448 -13.88 -6.05 -48.47
C SER D 448 -14.58 -4.83 -47.90
N ASP D 449 -14.59 -4.70 -46.58
CA ASP D 449 -15.14 -3.50 -45.94
C ASP D 449 -14.24 -2.27 -46.12
N ILE D 450 -12.98 -2.42 -45.75
CA ILE D 450 -12.04 -1.30 -45.79
C ILE D 450 -11.68 -0.95 -47.22
N TYR D 451 -11.64 -1.95 -48.08
CA TYR D 451 -11.39 -1.82 -49.52
C TYR D 451 -12.63 -1.72 -50.41
N TRP D 452 -13.80 -1.58 -49.79
CA TRP D 452 -15.06 -1.63 -50.53
C TRP D 452 -15.11 -0.78 -51.79
N LYS D 453 -14.44 0.36 -51.78
CA LYS D 453 -14.58 1.31 -52.89
C LYS D 453 -14.05 0.72 -54.20
N LYS D 454 -12.86 0.13 -54.14
CA LYS D 454 -12.28 -0.46 -55.34
C LYS D 454 -13.10 -1.67 -55.79
N LEU D 455 -13.75 -2.34 -54.83
CA LEU D 455 -14.58 -3.50 -55.10
C LEU D 455 -16.02 -3.20 -55.57
N ASP D 456 -16.43 -1.94 -55.57
CA ASP D 456 -17.85 -1.64 -55.66
C ASP D 456 -18.49 -1.77 -57.05
N ASP D 457 -17.79 -1.31 -58.09
CA ASP D 457 -18.33 -1.43 -59.44
C ASP D 457 -18.69 -2.89 -59.72
N LYS D 458 -17.90 -3.79 -59.18
CA LYS D 458 -18.08 -5.22 -59.44
C LYS D 458 -19.07 -5.86 -58.47
N TYR D 459 -18.74 -5.86 -57.17
CA TYR D 459 -19.57 -6.47 -56.11
C TYR D 459 -20.64 -5.63 -55.38
N HIS D 460 -20.64 -4.31 -55.53
CA HIS D 460 -21.64 -3.46 -54.87
C HIS D 460 -21.80 -3.75 -53.38
N PHE D 461 -20.69 -4.06 -52.71
CA PHE D 461 -20.70 -4.43 -51.29
C PHE D 461 -21.21 -3.32 -50.35
N SER D 462 -21.20 -2.08 -50.82
CA SER D 462 -21.80 -0.99 -50.07
C SER D 462 -23.31 -1.19 -49.91
N CYS D 463 -23.98 -1.63 -50.97
CA CYS D 463 -25.38 -2.02 -50.84
C CYS D 463 -25.56 -3.20 -49.90
N GLN D 464 -24.69 -4.20 -50.04
CA GLN D 464 -24.91 -5.46 -49.37
C GLN D 464 -24.61 -5.40 -47.89
N PHE D 465 -23.48 -4.79 -47.53
CA PHE D 465 -23.14 -4.66 -46.11
C PHE D 465 -24.16 -3.78 -45.39
N THR D 466 -24.76 -2.85 -46.13
CA THR D 466 -25.87 -2.09 -45.58
C THR D 466 -27.08 -2.99 -45.32
N ALA D 467 -27.49 -3.76 -46.31
CA ALA D 467 -28.65 -4.64 -46.12
C ALA D 467 -28.42 -5.51 -44.90
N ASP D 468 -27.21 -6.05 -44.79
CA ASP D 468 -26.90 -7.02 -43.74
C ASP D 468 -27.07 -6.41 -42.38
N ILE D 469 -26.38 -5.29 -42.17
CA ILE D 469 -26.41 -4.58 -40.89
C ILE D 469 -27.86 -4.25 -40.54
N PHE D 470 -28.60 -3.83 -41.56
CA PHE D 470 -30.01 -3.50 -41.41
C PHE D 470 -30.84 -4.68 -40.94
N ALA D 471 -30.86 -5.75 -41.73
CA ALA D 471 -31.71 -6.91 -41.43
C ALA D 471 -31.34 -7.55 -40.10
N MET D 472 -30.04 -7.56 -39.83
CA MET D 472 -29.47 -8.10 -38.61
C MET D 472 -30.12 -7.51 -37.35
N ASN D 473 -30.23 -6.19 -37.32
CA ASN D 473 -30.89 -5.50 -36.21
C ASN D 473 -32.41 -5.39 -36.30
N HIS D 474 -32.96 -5.52 -37.50
CA HIS D 474 -34.39 -5.35 -37.68
C HIS D 474 -35.17 -6.60 -37.25
N THR D 475 -34.59 -7.78 -37.46
CA THR D 475 -35.31 -9.03 -37.22
C THR D 475 -35.60 -9.25 -35.73
N ASP D 476 -36.59 -10.09 -35.46
CA ASP D 476 -36.92 -10.47 -34.09
C ASP D 476 -35.97 -11.51 -33.52
N PHE D 477 -35.72 -12.57 -34.29
CA PHE D 477 -34.69 -13.52 -33.91
C PHE D 477 -33.88 -13.97 -35.11
N ILE D 478 -32.72 -14.55 -34.83
CA ILE D 478 -31.77 -14.96 -35.85
C ILE D 478 -31.38 -16.42 -35.67
N ILE D 479 -31.41 -17.18 -36.76
CA ILE D 479 -30.98 -18.57 -36.73
C ILE D 479 -29.62 -18.73 -37.43
N THR D 480 -28.72 -19.45 -36.79
CA THR D 480 -27.43 -19.76 -37.39
C THR D 480 -27.25 -21.27 -37.44
N SER D 481 -26.38 -21.73 -38.32
CA SER D 481 -26.16 -23.17 -38.48
C SER D 481 -25.12 -23.67 -37.49
N THR D 482 -24.33 -22.76 -36.91
CA THR D 482 -23.26 -23.14 -35.98
C THR D 482 -22.96 -22.03 -35.01
N PHE D 483 -22.35 -22.38 -33.89
CA PHE D 483 -21.78 -21.39 -32.99
C PHE D 483 -20.76 -20.48 -33.69
N GLN D 484 -19.87 -21.05 -34.51
CA GLN D 484 -18.80 -20.21 -35.08
C GLN D 484 -19.32 -19.08 -35.99
N GLU D 485 -20.43 -19.35 -36.69
CA GLU D 485 -21.09 -18.31 -37.49
C GLU D 485 -21.39 -17.05 -36.67
N ILE D 486 -21.60 -17.20 -35.36
CA ILE D 486 -21.78 -16.06 -34.47
C ILE D 486 -20.47 -15.58 -33.83
N ALA D 487 -19.99 -16.34 -32.86
CA ALA D 487 -18.80 -15.99 -32.07
C ALA D 487 -17.46 -16.65 -32.44
N GLY D 488 -17.43 -17.47 -33.49
CA GLY D 488 -16.19 -18.07 -33.97
C GLY D 488 -15.58 -19.11 -33.04
N SER D 489 -14.27 -18.99 -32.79
CA SER D 489 -13.59 -19.86 -31.82
C SER D 489 -12.76 -19.02 -30.87
N LYS D 490 -11.99 -19.67 -30.00
CA LYS D 490 -11.12 -18.92 -29.10
C LYS D 490 -10.07 -18.13 -29.87
N GLU D 491 -9.45 -18.74 -30.86
CA GLU D 491 -8.41 -18.09 -31.64
C GLU D 491 -8.92 -17.13 -32.72
N THR D 492 -10.08 -17.42 -33.30
CA THR D 492 -10.56 -16.64 -34.45
C THR D 492 -12.01 -16.13 -34.36
N VAL D 493 -12.23 -14.96 -34.94
CA VAL D 493 -13.51 -14.26 -34.84
C VAL D 493 -14.60 -14.88 -35.69
N GLY D 494 -15.83 -14.75 -35.22
CA GLY D 494 -16.99 -15.31 -35.91
C GLY D 494 -17.51 -14.47 -37.06
N GLN D 495 -18.44 -15.04 -37.82
CA GLN D 495 -18.99 -14.35 -38.98
C GLN D 495 -19.76 -13.09 -38.61
N TYR D 496 -20.68 -13.20 -37.65
CA TYR D 496 -21.38 -12.03 -37.15
C TYR D 496 -20.45 -11.16 -36.30
N GLU D 497 -19.67 -11.80 -35.44
CA GLU D 497 -18.80 -11.06 -34.54
C GLU D 497 -18.00 -10.04 -35.31
N SER D 498 -17.67 -10.37 -36.55
CA SER D 498 -16.86 -9.48 -37.37
C SER D 498 -17.64 -8.25 -37.84
N HIS D 499 -18.94 -8.22 -37.57
CA HIS D 499 -19.77 -7.07 -37.91
C HIS D 499 -19.99 -6.13 -36.72
N THR D 500 -19.43 -6.50 -35.57
CA THR D 500 -19.53 -5.69 -34.37
C THR D 500 -18.87 -4.32 -34.57
N ALA D 501 -17.62 -4.31 -35.01
CA ALA D 501 -17.04 -3.02 -35.35
C ALA D 501 -16.32 -3.04 -36.69
N PHE D 502 -16.85 -2.30 -37.65
CA PHE D 502 -16.12 -2.13 -38.91
C PHE D 502 -16.39 -0.76 -39.50
N THR D 503 -15.75 -0.49 -40.63
CA THR D 503 -15.87 0.81 -41.27
C THR D 503 -15.73 0.68 -42.79
N LEU D 504 -16.44 1.55 -43.52
CA LEU D 504 -16.31 1.61 -44.97
C LEU D 504 -15.86 3.02 -45.30
N PRO D 505 -14.54 3.24 -45.37
CA PRO D 505 -13.99 4.60 -45.45
C PRO D 505 -14.57 5.38 -46.61
N GLY D 506 -15.07 6.58 -46.30
CA GLY D 506 -15.73 7.40 -47.28
C GLY D 506 -17.23 7.16 -47.33
N LEU D 507 -17.73 6.19 -46.56
CA LEU D 507 -19.16 5.84 -46.60
C LEU D 507 -19.83 5.98 -45.24
N TYR D 508 -19.51 5.06 -44.34
CA TYR D 508 -19.87 5.24 -42.95
C TYR D 508 -19.06 4.30 -42.07
N ARG D 509 -19.31 4.36 -40.77
CA ARG D 509 -18.48 3.67 -39.81
C ARG D 509 -19.39 2.98 -38.81
N VAL D 510 -19.24 1.67 -38.65
CA VAL D 510 -20.12 0.98 -37.76
C VAL D 510 -19.35 0.76 -36.47
N VAL D 511 -19.73 1.53 -35.46
CA VAL D 511 -19.06 1.50 -34.17
C VAL D 511 -19.51 0.31 -33.32
N HIS D 512 -20.81 0.11 -33.18
CA HIS D 512 -21.30 -1.20 -32.74
C HIS D 512 -22.44 -1.59 -33.70
N GLY D 513 -22.19 -2.55 -34.60
CA GLY D 513 -23.21 -2.95 -35.56
C GLY D 513 -23.99 -4.18 -35.18
N ILE D 514 -23.39 -5.05 -34.37
CA ILE D 514 -24.07 -6.22 -33.83
C ILE D 514 -23.30 -6.72 -32.63
N ASP D 515 -23.96 -7.50 -31.77
CA ASP D 515 -23.32 -7.98 -30.55
C ASP D 515 -23.51 -9.47 -30.42
N VAL D 516 -22.39 -10.18 -30.40
CA VAL D 516 -22.38 -11.63 -30.32
C VAL D 516 -23.24 -12.16 -29.16
N PHE D 517 -23.42 -11.37 -28.10
CA PHE D 517 -24.19 -11.84 -26.94
C PHE D 517 -25.69 -11.57 -27.07
N ASP D 518 -26.09 -10.97 -28.18
CA ASP D 518 -27.48 -10.63 -28.38
C ASP D 518 -28.38 -11.84 -28.17
N PRO D 519 -29.39 -11.68 -27.31
CA PRO D 519 -30.40 -12.69 -26.97
C PRO D 519 -31.19 -13.17 -28.19
N LYS D 520 -31.11 -12.46 -29.31
CA LYS D 520 -31.84 -12.88 -30.51
C LYS D 520 -31.16 -13.98 -31.34
N PHE D 521 -29.90 -14.28 -31.02
CA PHE D 521 -29.16 -15.34 -31.71
C PHE D 521 -29.54 -16.75 -31.24
N ASN D 522 -29.89 -17.62 -32.17
CA ASN D 522 -30.15 -19.02 -31.84
C ASN D 522 -29.50 -20.00 -32.81
N ILE D 523 -28.62 -20.86 -32.31
CA ILE D 523 -28.02 -21.87 -33.17
C ILE D 523 -29.04 -22.98 -33.33
N VAL D 524 -29.48 -23.23 -34.56
CA VAL D 524 -30.33 -24.38 -34.84
C VAL D 524 -29.74 -25.01 -36.08
N SER D 525 -29.24 -26.23 -35.94
CA SER D 525 -28.44 -26.79 -37.02
C SER D 525 -29.30 -27.55 -38.00
N PRO D 526 -29.00 -27.37 -39.30
CA PRO D 526 -29.63 -28.09 -40.41
C PRO D 526 -29.13 -29.51 -40.52
N GLY D 527 -29.54 -30.19 -41.59
CA GLY D 527 -29.19 -31.58 -41.83
C GLY D 527 -29.22 -31.86 -43.31
N ALA D 528 -29.06 -33.12 -43.68
CA ALA D 528 -29.16 -33.55 -45.06
C ALA D 528 -30.32 -34.52 -45.15
N ASP D 529 -31.12 -34.42 -46.22
CA ASP D 529 -32.27 -35.30 -46.36
C ASP D 529 -31.81 -36.75 -46.32
N MET D 530 -32.33 -37.50 -45.36
CA MET D 530 -31.82 -38.82 -45.07
C MET D 530 -32.36 -39.86 -46.04
N SER D 531 -33.32 -39.46 -46.87
CA SER D 531 -33.80 -40.34 -47.94
C SER D 531 -32.83 -40.27 -49.12
N ILE D 532 -32.23 -39.10 -49.31
CA ILE D 532 -31.25 -38.90 -50.37
C ILE D 532 -29.84 -39.36 -50.03
N TYR D 533 -29.39 -39.04 -48.81
CA TYR D 533 -28.04 -39.37 -48.40
C TYR D 533 -28.02 -40.30 -47.19
N PHE D 534 -27.56 -41.52 -47.40
CA PHE D 534 -27.43 -42.50 -46.32
C PHE D 534 -26.09 -43.16 -46.47
N PRO D 535 -25.76 -44.03 -45.52
CA PRO D 535 -24.45 -44.69 -45.53
C PRO D 535 -24.32 -45.60 -46.74
N TYR D 536 -23.14 -45.53 -47.39
CA TYR D 536 -22.88 -46.31 -48.58
C TYR D 536 -22.95 -47.80 -48.31
N THR D 537 -22.95 -48.18 -47.04
CA THR D 537 -22.94 -49.58 -46.67
C THR D 537 -24.28 -50.30 -46.75
N GLU D 538 -25.37 -49.56 -46.94
CA GLU D 538 -26.65 -50.27 -46.96
C GLU D 538 -26.98 -50.64 -48.41
N GLU D 539 -26.87 -51.93 -48.72
CA GLU D 539 -26.92 -52.35 -50.12
C GLU D 539 -28.35 -52.32 -50.61
N LYS D 540 -29.27 -52.69 -49.73
CA LYS D 540 -30.69 -52.73 -50.07
C LYS D 540 -31.11 -51.39 -50.65
N ARG D 541 -30.58 -50.31 -50.07
CA ARG D 541 -30.96 -48.96 -50.47
C ARG D 541 -30.14 -48.34 -51.59
N ARG D 542 -28.99 -48.92 -51.91
CA ARG D 542 -28.14 -48.37 -52.97
C ARG D 542 -28.93 -48.31 -54.27
N LEU D 543 -28.76 -47.24 -55.05
CA LEU D 543 -29.50 -47.17 -56.29
C LEU D 543 -28.55 -47.58 -57.40
N THR D 544 -28.71 -48.78 -57.90
CA THR D 544 -27.71 -49.32 -58.80
C THR D 544 -28.08 -48.97 -60.22
N LYS D 545 -29.31 -48.49 -60.38
CA LYS D 545 -29.81 -48.15 -61.69
C LYS D 545 -29.06 -46.91 -62.19
N PHE D 546 -28.33 -46.26 -61.29
CA PHE D 546 -27.54 -45.10 -61.67
C PHE D 546 -26.10 -45.42 -62.06
N HIS D 547 -25.65 -46.66 -61.85
CA HIS D 547 -24.22 -46.94 -62.00
C HIS D 547 -23.70 -46.78 -63.42
N SER D 548 -24.49 -47.16 -64.41
CA SER D 548 -24.07 -46.98 -65.79
C SER D 548 -23.72 -45.51 -66.03
N GLU D 549 -24.67 -44.62 -65.74
CA GLU D 549 -24.45 -43.18 -65.91
C GLU D 549 -23.23 -42.69 -65.14
N ILE D 550 -23.17 -43.03 -63.86
CA ILE D 550 -22.05 -42.63 -63.02
C ILE D 550 -20.72 -43.05 -63.65
N GLU D 551 -20.67 -44.27 -64.16
CA GLU D 551 -19.43 -44.81 -64.73
C GLU D 551 -19.04 -44.02 -65.97
N GLU D 552 -20.03 -43.62 -66.76
CA GLU D 552 -19.71 -42.88 -67.98
C GLU D 552 -19.18 -41.52 -67.54
N LEU D 553 -19.74 -41.04 -66.43
CA LEU D 553 -19.46 -39.72 -65.92
C LEU D 553 -18.05 -39.63 -65.39
N LEU D 554 -17.69 -40.63 -64.60
CA LEU D 554 -16.36 -40.74 -64.02
C LEU D 554 -15.35 -41.22 -65.04
N TYR D 555 -15.59 -42.44 -65.53
CA TYR D 555 -14.58 -43.24 -66.21
C TYR D 555 -14.52 -43.26 -67.74
N SER D 556 -15.42 -42.56 -68.43
CA SER D 556 -15.47 -42.63 -69.91
C SER D 556 -14.33 -41.87 -70.58
N ASP D 557 -14.09 -42.19 -71.86
CA ASP D 557 -13.03 -41.54 -72.66
C ASP D 557 -13.51 -40.35 -73.48
N VAL D 558 -14.75 -39.95 -73.29
CA VAL D 558 -15.30 -38.81 -74.01
C VAL D 558 -15.00 -37.49 -73.30
N GLU D 559 -14.42 -36.53 -74.00
CA GLU D 559 -14.20 -35.18 -73.46
C GLU D 559 -15.14 -34.18 -74.11
N ASN D 560 -16.01 -33.58 -73.31
CA ASN D 560 -17.04 -32.67 -73.82
C ASN D 560 -17.49 -31.72 -72.71
N LYS D 561 -18.57 -30.99 -72.96
CA LYS D 561 -19.05 -30.01 -72.01
C LYS D 561 -19.51 -30.64 -70.69
N GLU D 562 -19.82 -31.93 -70.71
CA GLU D 562 -20.16 -32.61 -69.47
C GLU D 562 -18.96 -33.02 -68.64
N HIS D 563 -17.87 -33.44 -69.29
CA HIS D 563 -16.66 -33.80 -68.57
C HIS D 563 -15.40 -33.58 -69.36
N LEU D 564 -14.35 -33.16 -68.65
CA LEU D 564 -13.08 -32.84 -69.29
C LEU D 564 -11.95 -33.70 -68.75
N CYS D 565 -11.00 -33.93 -69.65
CA CYS D 565 -10.01 -35.00 -69.61
C CYS D 565 -10.59 -36.38 -69.40
N VAL D 566 -9.77 -37.25 -68.80
CA VAL D 566 -10.09 -38.67 -68.72
C VAL D 566 -9.30 -39.29 -67.59
N LEU D 567 -9.83 -40.34 -66.98
CA LEU D 567 -9.08 -41.03 -65.95
C LEU D 567 -8.46 -42.28 -66.56
N LYS D 568 -7.14 -42.39 -66.40
CA LYS D 568 -6.38 -43.50 -66.96
C LYS D 568 -6.62 -44.81 -66.19
N ASP D 569 -6.59 -44.76 -64.86
CA ASP D 569 -6.79 -45.95 -64.04
C ASP D 569 -8.06 -45.93 -63.18
N LYS D 570 -9.04 -46.75 -63.56
CA LYS D 570 -10.35 -46.74 -62.92
C LYS D 570 -10.33 -47.39 -61.52
N LYS D 571 -9.21 -48.00 -61.16
CA LYS D 571 -9.11 -48.74 -59.91
C LYS D 571 -8.65 -47.90 -58.70
N LYS D 572 -8.15 -46.70 -58.95
CA LYS D 572 -7.67 -45.86 -57.86
C LYS D 572 -8.85 -45.38 -57.02
N PRO D 573 -8.58 -44.90 -55.80
CA PRO D 573 -9.54 -44.15 -55.01
C PRO D 573 -9.73 -42.77 -55.62
N ILE D 574 -10.92 -42.19 -55.48
CA ILE D 574 -11.18 -40.87 -56.02
C ILE D 574 -11.21 -39.79 -54.92
N LEU D 575 -10.51 -38.70 -55.19
CA LEU D 575 -10.58 -37.52 -54.35
C LEU D 575 -11.64 -36.62 -54.98
N PHE D 576 -12.73 -36.40 -54.27
CA PHE D 576 -13.92 -35.82 -54.89
C PHE D 576 -14.33 -34.49 -54.27
N THR D 577 -14.77 -33.57 -55.11
CA THR D 577 -15.37 -32.34 -54.64
C THR D 577 -16.52 -31.96 -55.57
N MET D 578 -17.51 -31.28 -55.00
CA MET D 578 -18.64 -30.76 -55.79
C MET D 578 -19.04 -29.39 -55.22
N ALA D 579 -19.29 -28.43 -56.11
CA ALA D 579 -19.63 -27.07 -55.67
C ALA D 579 -19.97 -26.15 -56.82
N ARG D 580 -20.59 -25.02 -56.49
CA ARG D 580 -20.68 -23.93 -57.44
C ARG D 580 -19.24 -23.54 -57.72
N LEU D 581 -18.97 -23.03 -58.92
CA LEU D 581 -17.62 -22.62 -59.22
C LEU D 581 -17.55 -21.12 -59.07
N ASP D 582 -16.90 -20.67 -57.99
CA ASP D 582 -16.52 -19.27 -57.86
C ASP D 582 -15.17 -19.14 -57.11
N ARG D 583 -14.70 -17.92 -56.94
CA ARG D 583 -13.37 -17.70 -56.43
C ARG D 583 -13.22 -18.33 -55.05
N VAL D 584 -14.11 -17.94 -54.14
CA VAL D 584 -14.01 -18.36 -52.75
C VAL D 584 -14.04 -19.89 -52.61
N LYS D 585 -14.90 -20.54 -53.40
CA LYS D 585 -14.99 -21.99 -53.37
C LYS D 585 -13.63 -22.60 -53.67
N ASN D 586 -12.84 -21.90 -54.48
CA ASN D 586 -11.42 -22.20 -54.61
C ASN D 586 -11.13 -23.60 -55.13
N LEU D 587 -11.89 -24.03 -56.14
CA LEU D 587 -11.67 -25.34 -56.76
C LEU D 587 -10.40 -25.37 -57.61
N SER D 588 -10.11 -24.25 -58.26
CA SER D 588 -8.87 -24.12 -59.01
C SER D 588 -7.67 -24.25 -58.06
N GLY D 589 -7.87 -23.89 -56.80
CA GLY D 589 -6.82 -24.05 -55.80
C GLY D 589 -6.52 -25.52 -55.59
N LEU D 590 -7.57 -26.27 -55.27
CA LEU D 590 -7.47 -27.69 -55.10
C LEU D 590 -6.74 -28.30 -56.28
N VAL D 591 -7.18 -27.94 -57.47
CA VAL D 591 -6.60 -28.51 -58.69
C VAL D 591 -5.10 -28.28 -58.72
N GLU D 592 -4.66 -27.09 -58.30
CA GLU D 592 -3.23 -26.79 -58.24
C GLU D 592 -2.53 -27.61 -57.17
N TRP D 593 -3.07 -27.64 -55.95
CA TRP D 593 -2.46 -28.44 -54.89
C TRP D 593 -2.27 -29.85 -55.41
N TYR D 594 -3.33 -30.41 -56.00
CA TYR D 594 -3.30 -31.75 -56.56
C TYR D 594 -2.23 -31.90 -57.65
N GLY D 595 -2.17 -30.94 -58.57
CA GLY D 595 -1.23 -31.00 -59.69
C GLY D 595 0.25 -31.02 -59.30
N LYS D 596 0.60 -30.23 -58.29
CA LYS D 596 1.99 -30.10 -57.87
C LYS D 596 2.51 -31.34 -57.16
N ASN D 597 1.59 -32.14 -56.61
CA ASN D 597 1.98 -33.18 -55.67
C ASN D 597 1.93 -34.56 -56.32
N THR D 598 3.10 -35.11 -56.61
CA THR D 598 3.20 -36.36 -57.34
C THR D 598 2.71 -37.51 -56.47
N ARG D 599 3.04 -37.40 -55.19
CA ARG D 599 2.65 -38.41 -54.22
C ARG D 599 1.13 -38.61 -54.20
N LEU D 600 0.39 -37.51 -54.26
CA LEU D 600 -1.06 -37.60 -54.21
C LEU D 600 -1.66 -38.06 -55.54
N ARG D 601 -1.18 -37.49 -56.64
CA ARG D 601 -1.59 -37.93 -57.98
C ARG D 601 -1.40 -39.43 -58.17
N GLU D 602 -0.44 -39.99 -57.45
CA GLU D 602 -0.19 -41.43 -57.52
C GLU D 602 -1.18 -42.25 -56.72
N LEU D 603 -1.61 -41.71 -55.59
CA LEU D 603 -2.53 -42.41 -54.68
C LEU D 603 -3.99 -42.32 -55.09
N ALA D 604 -4.35 -41.21 -55.75
CA ALA D 604 -5.76 -40.93 -56.03
C ALA D 604 -6.02 -40.14 -57.30
N ASN D 605 -7.20 -40.39 -57.87
CA ASN D 605 -7.71 -39.62 -58.99
C ASN D 605 -8.45 -38.40 -58.48
N LEU D 606 -8.29 -37.28 -59.16
CA LEU D 606 -9.05 -36.11 -58.77
C LEU D 606 -10.29 -35.93 -59.66
N VAL D 607 -11.45 -35.90 -59.01
CA VAL D 607 -12.70 -35.61 -59.69
C VAL D 607 -13.36 -34.38 -59.06
N VAL D 608 -13.60 -33.38 -59.89
CA VAL D 608 -14.18 -32.13 -59.44
C VAL D 608 -15.44 -31.80 -60.20
N VAL D 609 -16.58 -31.74 -59.52
CA VAL D 609 -17.80 -31.22 -60.14
C VAL D 609 -17.91 -29.72 -59.85
N GLY D 610 -17.83 -28.90 -60.89
CA GLY D 610 -18.18 -27.50 -60.78
C GLY D 610 -18.25 -26.73 -62.08
N GLY D 611 -19.07 -25.69 -62.09
CA GLY D 611 -19.34 -24.94 -63.31
C GLY D 611 -20.29 -25.71 -64.21
N ASP D 612 -20.98 -25.02 -65.11
CA ASP D 612 -21.76 -25.73 -66.10
C ASP D 612 -21.28 -25.35 -67.49
N ARG D 613 -20.64 -26.29 -68.17
CA ARG D 613 -20.01 -25.97 -69.43
C ARG D 613 -20.90 -26.29 -70.62
N ARG D 614 -22.09 -26.79 -70.33
CA ARG D 614 -23.09 -27.02 -71.34
C ARG D 614 -23.45 -25.72 -72.01
N LYS D 615 -23.39 -24.62 -71.25
CA LYS D 615 -23.77 -23.30 -71.75
C LYS D 615 -22.74 -22.20 -71.51
N GLU D 616 -23.06 -21.01 -72.00
CA GLU D 616 -22.19 -19.85 -71.86
C GLU D 616 -22.30 -19.29 -70.45
N SER D 617 -21.18 -19.18 -69.75
CA SER D 617 -21.25 -18.63 -68.41
C SER D 617 -21.48 -17.12 -68.44
N LYS D 618 -22.54 -16.68 -67.76
CA LYS D 618 -22.84 -15.26 -67.66
C LYS D 618 -22.26 -14.64 -66.39
N ASP D 619 -21.61 -15.47 -65.57
CA ASP D 619 -21.12 -15.04 -64.26
C ASP D 619 -19.61 -14.71 -64.25
N ASN D 620 -19.27 -13.58 -63.65
CA ASN D 620 -17.88 -13.14 -63.60
C ASN D 620 -16.90 -14.12 -62.97
N GLU D 621 -17.06 -14.40 -61.68
CA GLU D 621 -16.17 -15.35 -61.02
C GLU D 621 -16.13 -16.69 -61.75
N GLU D 622 -17.29 -17.25 -62.06
CA GLU D 622 -17.34 -18.53 -62.77
C GLU D 622 -16.48 -18.52 -64.01
N LYS D 623 -16.71 -17.54 -64.89
CA LYS D 623 -15.92 -17.38 -66.10
C LYS D 623 -14.44 -17.38 -65.75
N ALA D 624 -14.06 -16.55 -64.80
CA ALA D 624 -12.67 -16.43 -64.39
C ALA D 624 -12.15 -17.80 -63.99
N GLU D 625 -12.92 -18.46 -63.14
CA GLU D 625 -12.50 -19.70 -62.53
C GLU D 625 -12.37 -20.78 -63.61
N MET D 626 -13.25 -20.72 -64.62
CA MET D 626 -13.20 -21.71 -65.67
C MET D 626 -11.89 -21.65 -66.43
N LYS D 627 -11.42 -20.44 -66.70
CA LYS D 627 -10.19 -20.25 -67.44
C LYS D 627 -8.98 -20.78 -66.65
N LYS D 628 -8.92 -20.48 -65.35
CA LYS D 628 -7.88 -21.01 -64.49
C LYS D 628 -7.85 -22.53 -64.55
N MET D 629 -9.03 -23.15 -64.52
CA MET D 629 -9.15 -24.60 -64.58
C MET D 629 -8.49 -25.13 -65.86
N TYR D 630 -8.88 -24.58 -67.00
CA TYR D 630 -8.30 -24.97 -68.29
C TYR D 630 -6.78 -24.90 -68.25
N ASP D 631 -6.24 -23.75 -67.85
CA ASP D 631 -4.81 -23.57 -67.82
C ASP D 631 -4.16 -24.61 -66.92
N LEU D 632 -4.74 -24.82 -65.74
CA LEU D 632 -4.15 -25.77 -64.79
C LEU D 632 -4.03 -27.15 -65.40
N ILE D 633 -5.04 -27.51 -66.16
CA ILE D 633 -5.05 -28.80 -66.83
C ILE D 633 -3.83 -28.95 -67.73
N GLU D 634 -3.49 -27.88 -68.44
CA GLU D 634 -2.32 -27.92 -69.31
C GLU D 634 -1.00 -27.81 -68.52
N GLU D 635 -0.96 -26.91 -67.55
CA GLU D 635 0.25 -26.66 -66.76
C GLU D 635 0.76 -27.91 -66.06
N TYR D 636 -0.13 -28.57 -65.34
CA TYR D 636 0.22 -29.76 -64.56
C TYR D 636 -0.02 -31.05 -65.31
N LYS D 637 -0.37 -30.92 -66.59
CA LYS D 637 -0.55 -32.09 -67.46
C LYS D 637 -1.44 -33.09 -66.73
N LEU D 638 -2.69 -32.69 -66.51
CA LEU D 638 -3.58 -33.43 -65.62
C LEU D 638 -4.37 -34.52 -66.33
N ASN D 639 -4.34 -34.55 -67.65
CA ASN D 639 -5.05 -35.62 -68.30
C ASN D 639 -4.58 -36.98 -67.81
N GLY D 640 -5.55 -37.83 -67.53
CA GLY D 640 -5.35 -39.17 -67.04
C GLY D 640 -5.41 -39.32 -65.54
N GLN D 641 -5.10 -38.27 -64.78
CA GLN D 641 -5.37 -38.26 -63.33
C GLN D 641 -6.61 -37.47 -62.89
N PHE D 642 -7.27 -36.79 -63.84
CA PHE D 642 -8.19 -35.71 -63.49
C PHE D 642 -9.44 -35.72 -64.35
N ARG D 643 -10.60 -35.58 -63.73
CA ARG D 643 -11.84 -35.55 -64.48
C ARG D 643 -12.71 -34.40 -64.00
N TRP D 644 -12.93 -33.43 -64.88
CA TRP D 644 -13.60 -32.21 -64.50
C TRP D 644 -15.04 -32.22 -64.98
N ILE D 645 -15.97 -32.37 -64.06
CA ILE D 645 -17.36 -32.59 -64.40
C ILE D 645 -18.20 -31.34 -64.24
N SER D 646 -19.20 -31.20 -65.12
CA SER D 646 -20.20 -30.13 -65.04
C SER D 646 -21.23 -30.31 -63.93
N SER D 647 -21.94 -29.23 -63.61
CA SER D 647 -22.86 -29.18 -62.49
C SER D 647 -23.77 -30.36 -62.54
N GLN D 648 -23.95 -30.99 -61.38
CA GLN D 648 -24.79 -32.16 -61.26
C GLN D 648 -26.05 -31.74 -60.54
N MET D 649 -27.16 -31.68 -61.27
CA MET D 649 -28.35 -31.02 -60.77
C MET D 649 -29.42 -31.92 -60.13
N ASP D 650 -29.20 -33.23 -60.13
CA ASP D 650 -30.18 -34.12 -59.53
C ASP D 650 -29.68 -34.72 -58.21
N ARG D 651 -30.27 -34.27 -57.12
CA ARG D 651 -29.79 -34.63 -55.80
C ARG D 651 -29.87 -36.15 -55.58
N VAL D 652 -30.82 -36.79 -56.24
CA VAL D 652 -31.01 -38.22 -56.01
C VAL D 652 -29.80 -38.99 -56.52
N ARG D 653 -29.38 -38.68 -57.74
CA ARG D 653 -28.22 -39.34 -58.32
C ARG D 653 -26.93 -38.94 -57.58
N ASN D 654 -26.93 -37.70 -57.06
CA ASN D 654 -25.81 -37.19 -56.29
C ASN D 654 -25.59 -38.06 -55.07
N GLY D 655 -26.67 -38.42 -54.41
CA GLY D 655 -26.59 -39.29 -53.26
C GLY D 655 -25.80 -40.52 -53.63
N GLU D 656 -26.11 -41.06 -54.80
CA GLU D 656 -25.45 -42.27 -55.27
C GLU D 656 -23.99 -42.00 -55.63
N LEU D 657 -23.75 -40.89 -56.32
CA LEU D 657 -22.40 -40.49 -56.65
C LEU D 657 -21.49 -40.50 -55.41
N TYR D 658 -21.97 -39.94 -54.31
CA TYR D 658 -21.19 -39.87 -53.08
C TYR D 658 -20.87 -41.28 -52.60
N ARG D 659 -21.89 -42.13 -52.64
CA ARG D 659 -21.74 -43.49 -52.16
C ARG D 659 -20.79 -44.26 -53.07
N TYR D 660 -20.75 -43.86 -54.33
CA TYR D 660 -19.85 -44.46 -55.30
C TYR D 660 -18.38 -44.13 -54.98
N ILE D 661 -18.13 -42.87 -54.64
CA ILE D 661 -16.81 -42.44 -54.21
C ILE D 661 -16.37 -43.28 -53.02
N CYS D 662 -17.31 -43.59 -52.14
CA CYS D 662 -17.02 -44.45 -50.99
C CYS D 662 -16.54 -45.82 -51.45
N ASP D 663 -17.23 -46.39 -52.44
CA ASP D 663 -16.86 -47.68 -52.97
C ASP D 663 -15.38 -47.73 -53.40
N THR D 664 -14.87 -46.62 -53.91
CA THR D 664 -13.49 -46.59 -54.36
C THR D 664 -12.56 -46.34 -53.17
N LYS D 665 -13.15 -46.19 -51.99
CA LYS D 665 -12.39 -45.94 -50.77
C LYS D 665 -11.62 -44.63 -50.85
N GLY D 666 -12.29 -43.60 -51.36
CA GLY D 666 -11.70 -42.28 -51.55
C GLY D 666 -12.07 -41.28 -50.46
N ALA D 667 -12.11 -40.00 -50.83
CA ALA D 667 -12.38 -38.95 -49.86
C ALA D 667 -13.08 -37.77 -50.49
N PHE D 668 -13.78 -37.01 -49.65
CA PHE D 668 -14.30 -35.71 -50.05
C PHE D 668 -13.37 -34.62 -49.55
N VAL D 669 -13.11 -33.63 -50.39
CA VAL D 669 -12.33 -32.47 -49.96
C VAL D 669 -13.04 -31.15 -50.28
N GLN D 670 -12.98 -30.21 -49.35
CA GLN D 670 -13.64 -28.92 -49.50
C GLN D 670 -12.66 -27.77 -49.26
N PRO D 671 -12.00 -27.29 -50.33
CA PRO D 671 -10.94 -26.30 -50.17
C PRO D 671 -11.39 -24.85 -50.24
N ALA D 672 -12.45 -24.45 -49.54
CA ALA D 672 -12.92 -23.08 -49.68
C ALA D 672 -11.96 -22.18 -48.93
N LEU D 673 -11.71 -20.99 -49.47
CA LEU D 673 -10.96 -19.99 -48.75
C LEU D 673 -11.78 -19.66 -47.50
N TYR D 674 -13.10 -19.54 -47.66
CA TYR D 674 -13.98 -19.45 -46.51
C TYR D 674 -15.27 -20.18 -46.83
N GLU D 675 -15.77 -20.97 -45.89
CA GLU D 675 -17.08 -21.63 -46.07
C GLU D 675 -18.00 -21.30 -44.90
N ALA D 676 -19.15 -20.68 -45.20
CA ALA D 676 -20.01 -20.19 -44.13
C ALA D 676 -20.56 -21.35 -43.31
N PHE D 677 -21.10 -22.34 -44.00
CA PHE D 677 -21.55 -23.57 -43.35
C PHE D 677 -20.98 -24.83 -43.97
N GLY D 678 -21.27 -25.06 -45.26
CA GLY D 678 -20.94 -26.31 -45.91
C GLY D 678 -21.80 -27.56 -45.93
N LEU D 679 -23.02 -27.43 -46.40
CA LEU D 679 -23.90 -28.61 -46.61
C LEU D 679 -23.25 -29.85 -47.27
N THR D 680 -22.38 -29.68 -48.28
CA THR D 680 -21.76 -30.86 -48.89
C THR D 680 -20.85 -31.61 -47.90
N VAL D 681 -20.24 -30.87 -46.97
CA VAL D 681 -19.47 -31.49 -45.90
C VAL D 681 -20.37 -32.45 -45.14
N VAL D 682 -21.56 -31.99 -44.81
CA VAL D 682 -22.55 -32.82 -44.15
C VAL D 682 -23.00 -33.95 -45.07
N GLU D 683 -23.24 -33.65 -46.34
CA GLU D 683 -23.65 -34.69 -47.28
C GLU D 683 -22.65 -35.85 -47.34
N ALA D 684 -21.38 -35.54 -47.57
CA ALA D 684 -20.32 -36.55 -47.63
C ALA D 684 -20.23 -37.39 -46.35
N MET D 685 -20.16 -36.73 -45.20
CA MET D 685 -20.07 -37.46 -43.94
C MET D 685 -21.26 -38.40 -43.75
N THR D 686 -22.45 -37.93 -44.14
CA THR D 686 -23.68 -38.69 -43.99
C THR D 686 -23.69 -39.95 -44.86
N CYS D 687 -23.02 -39.89 -46.01
CA CYS D 687 -22.89 -41.08 -46.87
C CYS D 687 -21.73 -41.98 -46.46
N GLY D 688 -20.94 -41.54 -45.47
CA GLY D 688 -19.83 -42.33 -44.98
C GLY D 688 -18.51 -41.99 -45.63
N LEU D 689 -18.50 -40.91 -46.41
CA LEU D 689 -17.31 -40.50 -47.13
C LEU D 689 -16.41 -39.64 -46.26
N PRO D 690 -15.21 -40.16 -45.93
CA PRO D 690 -14.25 -39.41 -45.10
C PRO D 690 -13.94 -38.03 -45.68
N THR D 691 -13.94 -37.01 -44.82
CA THR D 691 -13.93 -35.63 -45.31
C THR D 691 -12.78 -34.73 -44.83
N PHE D 692 -12.19 -34.01 -45.76
CA PHE D 692 -11.16 -33.03 -45.46
C PHE D 692 -11.73 -31.68 -45.83
N ALA D 693 -12.00 -30.85 -44.82
CA ALA D 693 -12.67 -29.58 -45.09
C ALA D 693 -11.89 -28.37 -44.61
N THR D 694 -12.11 -27.25 -45.30
CA THR D 694 -11.45 -26.00 -44.97
C THR D 694 -11.69 -25.68 -43.51
N CYS D 695 -10.66 -25.15 -42.85
CA CYS D 695 -10.79 -24.79 -41.45
C CYS D 695 -11.30 -23.35 -41.29
N LYS D 696 -11.52 -22.69 -42.42
CA LYS D 696 -12.02 -21.33 -42.41
C LYS D 696 -13.56 -21.30 -42.54
N GLY D 697 -14.27 -20.92 -41.48
CA GLY D 697 -15.72 -20.97 -41.47
C GLY D 697 -16.36 -22.18 -40.77
N GLY D 698 -17.61 -22.44 -41.13
CA GLY D 698 -18.39 -23.49 -40.49
C GLY D 698 -17.75 -24.87 -40.34
N PRO D 699 -17.10 -25.38 -41.41
CA PRO D 699 -16.57 -26.74 -41.30
C PRO D 699 -15.62 -26.94 -40.12
N ALA D 700 -15.09 -25.87 -39.52
CA ALA D 700 -14.25 -26.01 -38.34
C ALA D 700 -15.04 -26.57 -37.15
N GLU D 701 -16.29 -26.16 -37.05
CA GLU D 701 -17.18 -26.66 -36.01
C GLU D 701 -17.78 -28.02 -36.36
N ILE D 702 -18.05 -28.23 -37.65
CA ILE D 702 -18.69 -29.47 -38.09
C ILE D 702 -17.79 -30.68 -37.85
N ILE D 703 -16.54 -30.58 -38.27
CA ILE D 703 -15.60 -31.69 -38.18
C ILE D 703 -14.76 -31.63 -36.91
N VAL D 704 -14.60 -32.77 -36.24
CA VAL D 704 -13.65 -32.84 -35.15
C VAL D 704 -12.38 -33.52 -35.69
N HIS D 705 -11.34 -32.73 -35.82
CA HIS D 705 -10.15 -33.18 -36.53
C HIS D 705 -9.65 -34.51 -35.96
N GLY D 706 -9.38 -35.46 -36.85
CA GLY D 706 -8.84 -36.75 -36.46
C GLY D 706 -9.90 -37.72 -35.99
N LYS D 707 -11.15 -37.27 -35.92
CA LYS D 707 -12.22 -38.08 -35.35
C LYS D 707 -13.40 -38.22 -36.32
N SER D 708 -14.06 -37.11 -36.65
CA SER D 708 -15.12 -37.09 -37.66
C SER D 708 -14.63 -36.62 -39.04
N GLY D 709 -13.34 -36.32 -39.15
CA GLY D 709 -12.76 -35.88 -40.41
C GLY D 709 -11.48 -35.12 -40.15
N PHE D 710 -10.97 -34.43 -41.16
CA PHE D 710 -9.74 -33.65 -40.99
C PHE D 710 -9.92 -32.22 -41.49
N HIS D 711 -9.25 -31.29 -40.83
CA HIS D 711 -9.23 -29.91 -41.26
C HIS D 711 -8.01 -29.69 -42.12
N ILE D 712 -8.16 -28.85 -43.14
CA ILE D 712 -7.05 -28.40 -43.95
C ILE D 712 -7.13 -26.88 -44.06
N ASP D 713 -5.99 -26.27 -44.37
CA ASP D 713 -5.90 -24.82 -44.48
C ASP D 713 -5.73 -24.43 -45.94
N PRO D 714 -6.76 -23.81 -46.53
CA PRO D 714 -6.68 -23.39 -47.94
C PRO D 714 -5.49 -22.47 -48.17
N TYR D 715 -4.99 -21.88 -47.11
CA TYR D 715 -3.85 -20.97 -47.21
C TYR D 715 -2.51 -21.68 -47.24
N HIS D 716 -2.46 -22.92 -46.75
CA HIS D 716 -1.36 -23.79 -47.14
C HIS D 716 -1.89 -25.01 -47.88
N GLY D 717 -1.77 -25.01 -49.19
CA GLY D 717 -2.41 -26.06 -49.99
C GLY D 717 -1.52 -27.25 -50.18
N ASP D 718 -0.21 -26.99 -50.16
CA ASP D 718 0.78 -28.04 -50.35
C ASP D 718 0.76 -28.92 -49.11
N GLN D 719 0.58 -28.31 -47.93
CA GLN D 719 0.42 -29.07 -46.70
C GLN D 719 -0.88 -29.85 -46.74
N ALA D 720 -1.89 -29.26 -47.39
CA ALA D 720 -3.18 -29.90 -47.54
C ALA D 720 -3.03 -31.17 -48.38
N ALA D 721 -2.38 -31.05 -49.54
CA ALA D 721 -2.18 -32.17 -50.45
C ALA D 721 -1.38 -33.27 -49.78
N ASP D 722 -0.31 -32.89 -49.09
CA ASP D 722 0.46 -33.86 -48.31
C ASP D 722 -0.40 -34.54 -47.22
N THR D 723 -1.20 -33.76 -46.52
CA THR D 723 -2.14 -34.33 -45.55
C THR D 723 -3.07 -35.40 -46.16
N LEU D 724 -3.53 -35.16 -47.39
CA LEU D 724 -4.37 -36.12 -48.12
C LEU D 724 -3.56 -37.35 -48.55
N ALA D 725 -2.40 -37.09 -49.15
CA ALA D 725 -1.45 -38.15 -49.47
C ALA D 725 -1.20 -39.03 -48.23
N ASP D 726 -0.99 -38.40 -47.08
CA ASP D 726 -0.83 -39.16 -45.84
C ASP D 726 -2.01 -40.08 -45.56
N PHE D 727 -3.22 -39.52 -45.56
CA PHE D 727 -4.43 -40.31 -45.31
C PHE D 727 -4.50 -41.53 -46.23
N PHE D 728 -4.33 -41.30 -47.53
CA PHE D 728 -4.45 -42.38 -48.49
C PHE D 728 -3.35 -43.43 -48.30
N THR D 729 -2.15 -42.99 -47.88
CA THR D 729 -1.09 -43.93 -47.59
C THR D 729 -1.40 -44.79 -46.38
N LYS D 730 -1.85 -44.17 -45.29
CA LYS D 730 -2.25 -44.96 -44.11
C LYS D 730 -3.32 -45.98 -44.50
N CYS D 731 -4.35 -45.50 -45.20
CA CYS D 731 -5.47 -46.34 -45.60
C CYS D 731 -5.02 -47.55 -46.40
N LYS D 732 -4.04 -47.32 -47.26
CA LYS D 732 -3.44 -48.40 -48.04
C LYS D 732 -2.78 -49.43 -47.13
N GLU D 733 -1.95 -48.98 -46.20
CA GLU D 733 -1.34 -49.91 -45.24
C GLU D 733 -2.39 -50.53 -44.32
N ASP D 734 -3.33 -49.73 -43.84
CA ASP D 734 -4.36 -50.23 -42.93
C ASP D 734 -5.77 -49.76 -43.27
N PRO D 735 -6.47 -50.49 -44.14
CA PRO D 735 -7.76 -50.07 -44.68
C PRO D 735 -8.75 -49.72 -43.57
N SER D 736 -8.54 -50.24 -42.37
CA SER D 736 -9.45 -49.93 -41.27
C SER D 736 -9.36 -48.46 -40.87
N HIS D 737 -8.25 -47.82 -41.23
CA HIS D 737 -8.09 -46.39 -40.97
C HIS D 737 -9.25 -45.65 -41.60
N TRP D 738 -9.51 -45.96 -42.86
CA TRP D 738 -10.62 -45.40 -43.63
C TRP D 738 -11.91 -45.56 -42.84
N ASP D 739 -12.22 -46.79 -42.47
CA ASP D 739 -13.43 -47.10 -41.73
C ASP D 739 -13.65 -46.25 -40.47
N GLU D 740 -12.57 -46.03 -39.71
CA GLU D 740 -12.64 -45.21 -38.51
C GLU D 740 -13.27 -43.84 -38.79
N ILE D 741 -12.71 -43.13 -39.77
CA ILE D 741 -13.16 -41.78 -40.09
C ILE D 741 -14.59 -41.84 -40.58
N SER D 742 -14.86 -42.76 -41.49
CA SER D 742 -16.21 -42.93 -42.03
C SER D 742 -17.24 -43.02 -40.91
N LYS D 743 -16.97 -43.91 -39.96
CA LYS D 743 -17.84 -44.08 -38.80
C LYS D 743 -17.84 -42.83 -37.94
N GLY D 744 -16.67 -42.20 -37.84
CA GLY D 744 -16.53 -40.97 -37.08
C GLY D 744 -17.51 -39.93 -37.59
N GLY D 745 -17.46 -39.67 -38.90
CA GLY D 745 -18.38 -38.74 -39.53
C GLY D 745 -19.82 -39.13 -39.33
N LEU D 746 -20.16 -40.38 -39.62
CA LEU D 746 -21.54 -40.86 -39.51
C LEU D 746 -22.16 -40.53 -38.16
N GLN D 747 -21.38 -40.74 -37.10
CA GLN D 747 -21.85 -40.52 -35.75
C GLN D 747 -22.04 -39.03 -35.48
N ARG D 748 -21.03 -38.25 -35.88
CA ARG D 748 -21.05 -36.81 -35.74
C ARG D 748 -22.34 -36.22 -36.31
N ILE D 749 -22.69 -36.63 -37.52
CA ILE D 749 -23.94 -36.18 -38.12
C ILE D 749 -25.14 -36.55 -37.26
N GLU D 750 -25.27 -37.82 -36.93
CA GLU D 750 -26.38 -38.30 -36.10
C GLU D 750 -26.56 -37.45 -34.84
N GLU D 751 -25.44 -37.07 -34.24
CA GLU D 751 -25.44 -36.32 -33.00
C GLU D 751 -25.86 -34.86 -33.20
N LYS D 752 -25.28 -34.21 -34.20
CA LYS D 752 -25.41 -32.76 -34.39
C LYS D 752 -26.39 -32.33 -35.48
N TYR D 753 -26.18 -32.76 -36.73
CA TYR D 753 -26.96 -32.18 -37.82
C TYR D 753 -28.04 -33.07 -38.43
N THR D 754 -29.30 -32.76 -38.08
CA THR D 754 -30.47 -33.45 -38.62
C THR D 754 -31.72 -32.60 -38.50
N TRP D 755 -32.70 -32.89 -39.33
CA TRP D 755 -33.83 -31.98 -39.50
C TRP D 755 -34.96 -32.19 -38.52
N GLN D 756 -34.92 -33.28 -37.76
CA GLN D 756 -36.05 -33.63 -36.91
C GLN D 756 -36.29 -32.54 -35.87
N ILE D 757 -35.22 -32.20 -35.16
CA ILE D 757 -35.29 -31.23 -34.08
C ILE D 757 -35.50 -29.81 -34.59
N TYR D 758 -34.94 -29.52 -35.76
CA TYR D 758 -34.90 -28.15 -36.28
C TYR D 758 -36.27 -27.51 -36.25
N SER D 759 -37.23 -28.16 -36.89
CA SER D 759 -38.54 -27.54 -37.06
C SER D 759 -39.20 -27.27 -35.71
N GLN D 760 -39.16 -28.24 -34.80
CA GLN D 760 -39.74 -28.03 -33.48
C GLN D 760 -39.08 -26.83 -32.80
N ARG D 761 -37.75 -26.81 -32.84
CA ARG D 761 -36.98 -25.67 -32.31
C ARG D 761 -37.45 -24.34 -32.89
N LEU D 762 -37.67 -24.30 -34.20
CA LEU D 762 -38.04 -23.06 -34.88
C LEU D 762 -39.41 -22.60 -34.44
N LEU D 763 -40.36 -23.52 -34.39
CA LEU D 763 -41.73 -23.17 -34.02
C LEU D 763 -41.81 -22.68 -32.58
N THR D 764 -40.92 -23.20 -31.73
CA THR D 764 -40.87 -22.76 -30.34
C THR D 764 -40.32 -21.35 -30.25
N LEU D 765 -39.26 -21.06 -31.00
CA LEU D 765 -38.68 -19.72 -31.01
C LEU D 765 -39.71 -18.71 -31.50
N THR D 766 -40.51 -19.09 -32.48
CA THR D 766 -41.50 -18.18 -33.04
C THR D 766 -42.52 -17.82 -31.97
N GLY D 767 -42.87 -18.80 -31.15
CA GLY D 767 -43.80 -18.55 -30.06
C GLY D 767 -43.24 -17.59 -29.04
N VAL D 768 -42.06 -17.92 -28.51
CA VAL D 768 -41.42 -17.09 -27.50
C VAL D 768 -41.08 -15.70 -28.01
N TYR D 769 -40.46 -15.60 -29.17
CA TYR D 769 -40.13 -14.27 -29.69
C TYR D 769 -41.36 -13.48 -30.10
N GLY D 770 -42.37 -14.17 -30.59
CA GLY D 770 -43.64 -13.56 -30.92
C GLY D 770 -44.24 -12.83 -29.72
N PHE D 771 -44.30 -13.52 -28.59
CA PHE D 771 -44.77 -12.90 -27.35
C PHE D 771 -43.87 -11.73 -26.95
N TRP D 772 -42.57 -12.01 -26.82
CA TRP D 772 -41.60 -11.03 -26.36
C TRP D 772 -41.72 -9.76 -27.18
N LYS D 773 -42.17 -9.89 -28.41
CA LYS D 773 -42.45 -8.76 -29.29
C LYS D 773 -43.37 -7.75 -28.62
N HIS D 774 -44.47 -8.26 -28.06
CA HIS D 774 -45.49 -7.42 -27.45
C HIS D 774 -45.07 -6.85 -26.09
N VAL D 775 -44.28 -7.63 -25.36
CA VAL D 775 -43.78 -7.17 -24.06
C VAL D 775 -42.72 -6.10 -24.25
N SER D 776 -41.86 -6.31 -25.25
CA SER D 776 -40.73 -5.42 -25.49
C SER D 776 -41.03 -4.36 -26.55
N ASN D 777 -42.26 -4.36 -27.05
CA ASN D 777 -42.67 -3.47 -28.13
C ASN D 777 -42.29 -2.00 -27.93
N LEU D 778 -42.42 -1.52 -26.70
CA LEU D 778 -42.24 -0.11 -26.40
C LEU D 778 -40.80 0.38 -26.48
N ASP D 779 -39.84 -0.46 -26.14
CA ASP D 779 -38.45 -0.04 -26.28
C ASP D 779 -37.94 -0.11 -27.71
N ARG D 780 -38.38 -1.11 -28.46
CA ARG D 780 -37.88 -1.31 -29.80
C ARG D 780 -38.38 -0.23 -30.74
N LEU D 781 -39.23 0.65 -30.23
CA LEU D 781 -39.79 1.72 -31.04
C LEU D 781 -38.73 2.67 -31.58
N GLU D 782 -37.77 3.05 -30.75
CA GLU D 782 -36.69 3.93 -31.19
C GLU D 782 -35.85 3.24 -32.24
N ALA D 783 -35.42 2.02 -31.94
CA ALA D 783 -34.62 1.25 -32.89
C ALA D 783 -35.35 1.05 -34.22
N ARG D 784 -36.67 0.94 -34.12
CA ARG D 784 -37.49 0.74 -35.31
C ARG D 784 -37.41 1.97 -36.21
N ARG D 785 -37.48 3.14 -35.60
CA ARG D 785 -37.40 4.40 -36.33
C ARG D 785 -35.99 4.61 -36.89
N TYR D 786 -34.98 4.40 -36.06
CA TYR D 786 -33.59 4.47 -36.45
C TYR D 786 -33.32 3.60 -37.68
N LEU D 787 -33.77 2.35 -37.62
CA LEU D 787 -33.61 1.45 -38.76
C LEU D 787 -34.36 1.95 -40.01
N GLU D 788 -35.59 2.45 -39.82
CA GLU D 788 -36.36 2.96 -40.94
C GLU D 788 -35.60 4.05 -41.68
N MET D 789 -34.93 4.91 -40.92
CA MET D 789 -34.19 6.02 -41.51
C MET D 789 -32.95 5.52 -42.25
N PHE D 790 -32.25 4.56 -41.63
CA PHE D 790 -31.08 3.93 -42.24
C PHE D 790 -31.45 3.33 -43.60
N TYR D 791 -32.58 2.62 -43.65
CA TYR D 791 -33.05 2.05 -44.91
C TYR D 791 -33.35 3.14 -45.93
N ALA D 792 -34.19 4.08 -45.51
CA ALA D 792 -34.61 5.15 -46.40
C ALA D 792 -33.45 6.00 -46.94
N LEU D 793 -32.63 6.51 -46.03
CA LEU D 793 -31.58 7.47 -46.40
C LEU D 793 -30.19 6.86 -46.73
N LYS D 794 -30.02 5.57 -46.45
CA LYS D 794 -28.74 4.90 -46.73
C LYS D 794 -28.89 3.79 -47.78
N TYR D 795 -29.67 2.75 -47.47
CA TYR D 795 -29.93 1.72 -48.47
C TYR D 795 -30.50 2.28 -49.79
N ARG D 796 -31.70 2.83 -49.78
CA ARG D 796 -32.34 3.23 -51.05
C ARG D 796 -31.39 3.95 -51.99
N PRO D 797 -30.73 5.02 -51.51
CA PRO D 797 -29.82 5.74 -52.40
C PRO D 797 -28.73 4.82 -52.95
N LEU D 798 -28.11 4.01 -52.10
CA LEU D 798 -27.10 3.08 -52.57
C LEU D 798 -27.64 2.18 -53.66
N ALA D 799 -28.81 1.59 -53.38
CA ALA D 799 -29.45 0.65 -54.32
C ALA D 799 -29.83 1.32 -55.64
N GLN D 800 -30.27 2.57 -55.58
CA GLN D 800 -30.66 3.25 -56.80
C GLN D 800 -29.45 3.57 -57.66
N ALA D 801 -28.29 3.63 -57.02
CA ALA D 801 -27.05 3.87 -57.74
C ALA D 801 -26.58 2.66 -58.53
N VAL D 802 -27.01 1.46 -58.14
CA VAL D 802 -26.63 0.26 -58.88
C VAL D 802 -27.23 0.26 -60.28
N PRO D 803 -26.39 0.03 -61.30
CA PRO D 803 -26.83 0.06 -62.70
C PRO D 803 -27.81 -1.05 -62.99
N LEU D 804 -28.90 -0.71 -63.66
CA LEU D 804 -29.95 -1.65 -64.01
C LEU D 804 -29.52 -2.68 -65.05
N ALA D 805 -30.09 -3.87 -64.95
CA ALA D 805 -29.96 -4.86 -66.01
C ALA D 805 -30.68 -4.32 -67.26
N GLN D 806 -30.11 -4.65 -68.42
CA GLN D 806 -30.66 -4.21 -69.69
C GLN D 806 -31.09 -5.39 -70.56
N ASP D 807 -32.39 -5.53 -70.77
CA ASP D 807 -32.91 -6.52 -71.70
C ASP D 807 -32.74 -6.04 -73.14
N ASN E 27 77.21 6.25 42.86
CA ASN E 27 76.71 7.08 43.95
C ASN E 27 76.13 6.23 45.07
N GLU E 28 76.69 5.03 45.24
CA GLU E 28 76.16 4.02 46.15
C GLU E 28 76.12 4.42 47.64
N VAL E 29 77.27 4.76 48.20
CA VAL E 29 77.36 5.04 49.63
C VAL E 29 76.64 6.32 50.04
N LEU E 30 76.35 7.18 49.06
CA LEU E 30 75.60 8.41 49.29
C LEU E 30 74.10 8.12 49.34
N ALA E 31 73.56 7.67 48.21
CA ALA E 31 72.14 7.32 48.12
C ALA E 31 71.75 6.38 49.24
N LEU E 32 72.66 5.47 49.60
CA LEU E 32 72.40 4.50 50.66
C LEU E 32 72.30 5.22 52.01
N LEU E 33 72.83 6.44 52.08
CA LEU E 33 72.74 7.23 53.31
C LEU E 33 71.30 7.65 53.59
N SER E 34 70.67 8.32 52.62
CA SER E 34 69.26 8.71 52.77
C SER E 34 68.47 7.48 53.13
N ARG E 35 68.87 6.35 52.55
CA ARG E 35 68.29 5.05 52.88
C ARG E 35 68.37 4.79 54.38
N VAL E 36 69.58 4.71 54.90
CA VAL E 36 69.80 4.42 56.32
C VAL E 36 69.01 5.37 57.20
N GLU E 37 68.70 6.56 56.68
CA GLU E 37 67.87 7.50 57.40
C GLU E 37 66.38 7.14 57.28
N ALA E 38 65.97 6.75 56.08
CA ALA E 38 64.60 6.30 55.83
C ALA E 38 64.40 4.89 56.34
N LYS E 39 65.49 4.12 56.37
CA LYS E 39 65.52 2.78 56.92
C LYS E 39 65.58 2.85 58.44
N GLY E 40 66.35 3.81 58.94
CA GLY E 40 66.42 4.06 60.37
C GLY E 40 65.07 4.54 60.88
N LYS E 41 64.34 5.24 60.01
CA LYS E 41 63.00 5.73 60.35
C LYS E 41 62.13 4.57 60.78
N GLY E 42 62.57 3.36 60.41
CA GLY E 42 61.88 2.15 60.82
C GLY E 42 60.70 1.76 59.94
N ILE E 43 59.67 1.23 60.57
CA ILE E 43 58.52 0.68 59.87
C ILE E 43 57.56 1.77 59.44
N LEU E 44 56.35 1.35 59.04
CA LEU E 44 55.34 2.21 58.41
C LEU E 44 55.78 2.88 57.11
N GLN E 45 55.36 4.13 56.93
CA GLN E 45 55.59 4.85 55.69
C GLN E 45 55.51 6.35 55.89
N GLN E 46 56.07 7.10 54.96
CA GLN E 46 56.07 8.55 55.06
C GLN E 46 55.64 9.21 53.77
N ASN E 47 54.87 10.28 53.90
CA ASN E 47 54.41 11.04 52.75
C ASN E 47 55.52 11.92 52.20
N GLN E 48 55.22 12.65 51.14
CA GLN E 48 56.19 13.55 50.50
C GLN E 48 56.76 14.48 51.57
N ILE E 49 55.93 14.84 52.54
CA ILE E 49 56.34 15.61 53.70
C ILE E 49 57.55 14.97 54.39
N ILE E 50 57.34 13.78 54.94
CA ILE E 50 58.35 13.08 55.70
C ILE E 50 59.43 12.46 54.78
N ALA E 51 59.01 11.97 53.62
CA ALA E 51 59.86 11.14 52.76
C ALA E 51 60.78 12.01 51.93
N GLU E 52 60.69 13.30 52.19
CA GLU E 52 61.60 14.28 51.62
C GLU E 52 62.19 15.11 52.76
N PHE E 53 61.32 15.84 53.47
CA PHE E 53 61.75 16.78 54.51
C PHE E 53 62.76 16.17 55.47
N GLU E 54 62.47 14.98 56.00
CA GLU E 54 63.46 14.31 56.83
C GLU E 54 64.77 14.12 56.06
N ALA E 55 64.75 13.23 55.06
CA ALA E 55 65.99 12.75 54.47
C ALA E 55 66.84 13.82 53.77
N LEU E 56 66.30 14.49 52.77
CA LEU E 56 67.12 15.39 51.96
C LEU E 56 67.68 16.58 52.74
N PRO E 57 66.80 17.40 53.34
CA PRO E 57 67.23 18.55 54.13
C PRO E 57 67.95 18.19 55.45
N GLU E 58 67.52 17.13 56.13
CA GLU E 58 68.18 16.70 57.36
C GLU E 58 69.51 16.03 57.07
N GLN E 59 69.77 15.81 55.78
CA GLN E 59 71.04 15.25 55.31
C GLN E 59 72.15 16.31 55.31
N THR E 60 73.39 15.84 55.35
CA THR E 60 74.54 16.71 55.30
C THR E 60 74.67 17.29 53.90
N ARG E 61 75.72 18.06 53.66
CA ARG E 61 75.98 18.66 52.35
C ARG E 61 76.25 17.58 51.30
N LYS E 62 76.31 16.33 51.75
CA LYS E 62 76.50 15.19 50.86
C LYS E 62 75.38 15.21 49.84
N LYS E 63 74.37 16.03 50.09
CA LYS E 63 73.26 16.14 49.16
C LYS E 63 73.77 16.49 47.77
N LEU E 64 74.15 17.75 47.57
CA LEU E 64 74.70 18.19 46.29
C LEU E 64 73.85 17.56 45.19
N GLU E 65 72.55 17.48 45.42
CA GLU E 65 71.77 16.39 44.84
C GLU E 65 71.01 16.61 43.52
N GLY E 66 71.11 17.78 42.92
CA GLY E 66 70.54 17.91 41.59
C GLY E 66 71.08 16.72 40.81
N GLY E 67 70.20 15.96 40.18
CA GLY E 67 70.62 14.75 39.47
C GLY E 67 69.58 13.65 39.40
N PRO E 68 70.04 12.41 39.11
CA PRO E 68 69.17 11.25 38.89
C PRO E 68 68.33 10.85 40.10
N PHE E 69 68.93 10.80 41.29
CA PHE E 69 68.21 10.29 42.46
C PHE E 69 67.36 11.36 43.14
N PHE E 70 67.59 12.62 42.84
CA PHE E 70 66.77 13.72 43.36
C PHE E 70 65.47 13.99 42.61
N ASP E 71 65.51 13.94 41.28
CA ASP E 71 64.32 14.19 40.48
C ASP E 71 63.26 13.14 40.78
N LEU E 72 63.65 11.87 40.67
CA LEU E 72 62.80 10.74 41.01
C LEU E 72 62.39 10.81 42.47
N LEU E 73 63.20 11.50 43.27
CA LEU E 73 62.93 11.65 44.70
C LEU E 73 61.88 12.73 44.98
N LYS E 74 62.00 13.85 44.29
CA LYS E 74 61.11 14.98 44.54
C LYS E 74 59.69 14.68 44.05
N SER E 75 59.57 13.66 43.21
CA SER E 75 58.29 13.23 42.66
C SER E 75 57.64 12.11 43.45
N THR E 76 58.28 11.71 44.55
CA THR E 76 57.76 10.62 45.36
C THR E 76 56.57 11.07 46.19
N GLN E 77 55.46 10.36 46.02
CA GLN E 77 54.23 10.65 46.75
C GLN E 77 54.24 10.05 48.14
N GLU E 78 54.34 8.73 48.24
CA GLU E 78 54.60 8.07 49.51
C GLU E 78 55.66 6.97 49.41
N ALA E 79 56.32 6.70 50.52
CA ALA E 79 57.28 5.60 50.60
C ALA E 79 56.84 4.63 51.69
N ILE E 80 56.86 3.33 51.40
CA ILE E 80 56.46 2.32 52.37
C ILE E 80 57.65 1.47 52.81
N VAL E 81 58.13 1.64 54.03
CA VAL E 81 59.09 0.70 54.59
C VAL E 81 58.61 -0.05 55.82
N LEU E 82 58.24 -1.32 55.66
CA LEU E 82 58.46 -2.38 56.65
C LEU E 82 59.92 -2.86 56.73
N PRO E 83 60.46 -3.22 55.56
CA PRO E 83 61.49 -4.21 55.20
C PRO E 83 62.96 -3.81 55.27
N PRO E 84 63.78 -4.70 54.68
CA PRO E 84 65.16 -4.64 54.20
C PRO E 84 65.26 -3.53 53.17
N TRP E 85 64.12 -2.99 52.76
CA TRP E 85 64.03 -2.13 51.59
C TRP E 85 62.63 -1.50 51.48
N VAL E 86 62.52 -0.46 50.66
CA VAL E 86 61.37 0.44 50.69
C VAL E 86 60.70 0.65 49.33
N ALA E 87 59.39 0.43 49.29
CA ALA E 87 58.58 0.62 48.08
C ALA E 87 58.25 2.10 47.88
N LEU E 88 58.34 2.56 46.64
CA LEU E 88 58.14 3.97 46.33
C LEU E 88 57.08 4.19 45.25
N ALA E 89 56.18 5.14 45.51
CA ALA E 89 55.18 5.56 44.52
C ALA E 89 55.58 6.89 43.89
N VAL E 90 55.91 6.87 42.60
CA VAL E 90 56.47 8.05 41.94
C VAL E 90 55.51 8.70 40.93
N ARG E 91 55.38 10.02 41.02
CA ARG E 91 54.38 10.76 40.26
C ARG E 91 55.02 11.96 39.56
N PRO E 92 55.68 11.69 38.44
CA PRO E 92 56.44 12.67 37.64
C PRO E 92 55.52 13.79 37.17
N ARG E 93 54.37 13.38 36.66
CA ARG E 93 53.36 14.29 36.15
C ARG E 93 52.02 13.86 36.72
N PRO E 94 51.06 14.78 36.76
CA PRO E 94 49.70 14.40 37.19
C PRO E 94 49.16 13.29 36.30
N GLY E 95 48.62 12.23 36.90
CA GLY E 95 48.06 11.14 36.13
C GLY E 95 49.02 10.04 35.70
N VAL E 96 50.31 10.23 35.95
CA VAL E 96 51.34 9.26 35.58
C VAL E 96 52.00 8.68 36.82
N TRP E 97 52.01 7.35 36.94
CA TRP E 97 52.55 6.71 38.15
C TRP E 97 53.56 5.59 37.89
N GLU E 98 54.68 5.64 38.62
CA GLU E 98 55.65 4.55 38.65
C GLU E 98 55.71 3.99 40.07
N TYR E 99 55.69 2.66 40.19
CA TYR E 99 55.87 2.02 41.49
C TYR E 99 57.11 1.14 41.41
N LEU E 100 58.00 1.28 42.39
CA LEU E 100 59.22 0.50 42.38
C LEU E 100 59.75 0.17 43.78
N ARG E 101 60.30 -1.04 43.94
CA ARG E 101 60.91 -1.46 45.19
C ARG E 101 62.41 -1.18 45.14
N VAL E 102 62.96 -0.65 46.21
CA VAL E 102 64.37 -0.36 46.27
C VAL E 102 64.99 -0.80 47.59
N ASN E 103 66.03 -1.62 47.52
CA ASN E 103 66.65 -2.21 48.71
C ASN E 103 67.34 -1.18 49.59
N LEU E 104 66.97 -1.17 50.88
CA LEU E 104 67.59 -0.29 51.86
C LEU E 104 69.03 -0.73 52.11
N HIS E 105 69.26 -2.02 51.89
CA HIS E 105 70.60 -2.59 51.90
C HIS E 105 70.81 -3.23 50.55
N ALA E 106 72.01 -3.09 50.00
CA ALA E 106 72.34 -3.65 48.69
C ALA E 106 71.98 -2.75 47.51
N LEU E 107 71.25 -1.67 47.78
CA LEU E 107 71.06 -0.61 46.79
C LEU E 107 70.70 -1.10 45.38
N VAL E 108 69.71 -1.98 45.26
CA VAL E 108 69.23 -2.42 43.96
C VAL E 108 67.81 -1.90 43.72
N VAL E 109 67.53 -1.47 42.50
CA VAL E 109 66.22 -0.88 42.18
C VAL E 109 65.38 -1.72 41.21
N GLU E 110 64.29 -2.28 41.72
CA GLU E 110 63.38 -3.11 40.91
C GLU E 110 62.04 -2.41 40.70
N GLU E 111 61.43 -2.65 39.54
CA GLU E 111 60.11 -2.10 39.24
C GLU E 111 58.99 -3.00 39.79
N LEU E 112 57.91 -2.38 40.27
CA LEU E 112 56.74 -3.13 40.70
C LEU E 112 55.52 -2.67 39.91
N GLN E 113 54.65 -3.61 39.56
CA GLN E 113 53.36 -3.23 38.98
C GLN E 113 52.50 -2.68 40.10
N PRO E 114 51.37 -2.04 39.75
CA PRO E 114 50.55 -1.39 40.78
C PRO E 114 50.10 -2.36 41.84
N ALA E 115 49.62 -3.54 41.44
CA ALA E 115 49.13 -4.52 42.39
C ALA E 115 50.21 -4.96 43.38
N GLU E 116 51.46 -4.93 42.94
CA GLU E 116 52.61 -5.32 43.78
C GLU E 116 52.94 -4.27 44.84
N PHE E 117 52.99 -3.01 44.44
CA PHE E 117 53.10 -1.92 45.40
C PHE E 117 52.05 -2.05 46.51
N LEU E 118 50.79 -2.22 46.10
CA LEU E 118 49.72 -2.39 47.07
C LEU E 118 49.93 -3.60 47.99
N HIS E 119 50.61 -4.64 47.50
CA HIS E 119 51.01 -5.77 48.33
C HIS E 119 51.71 -5.27 49.58
N PHE E 120 52.65 -4.35 49.38
CA PHE E 120 53.43 -3.78 50.48
C PHE E 120 52.55 -3.12 51.53
N LYS E 121 51.63 -2.27 51.10
CA LYS E 121 50.74 -1.60 52.04
C LYS E 121 49.97 -2.64 52.85
N GLU E 122 49.49 -3.67 52.18
CA GLU E 122 48.74 -4.72 52.86
C GLU E 122 49.58 -5.40 53.92
N GLU E 123 50.87 -5.57 53.66
CA GLU E 123 51.79 -6.16 54.64
C GLU E 123 52.00 -5.24 55.84
N LEU E 124 52.30 -3.98 55.57
CA LEU E 124 52.61 -3.02 56.62
C LEU E 124 51.58 -3.04 57.72
N VAL E 125 50.33 -3.21 57.33
CA VAL E 125 49.24 -3.14 58.28
C VAL E 125 48.88 -4.50 58.87
N ASP E 126 48.47 -5.44 58.01
CA ASP E 126 48.06 -6.78 58.45
C ASP E 126 49.22 -7.75 58.75
N GLY E 127 50.35 -7.55 58.07
CA GLY E 127 51.51 -8.42 58.22
C GLY E 127 51.67 -9.44 57.09
N VAL E 128 50.55 -9.72 56.42
CA VAL E 128 50.57 -10.53 55.19
C VAL E 128 49.82 -9.77 54.11
N LYS E 129 49.99 -10.18 52.85
CA LYS E 129 49.30 -9.51 51.75
C LYS E 129 47.82 -9.89 51.84
N ASN E 130 47.01 -9.39 50.92
CA ASN E 130 45.62 -9.84 50.83
C ASN E 130 45.56 -11.26 50.28
N GLY E 131 44.48 -11.96 50.58
CA GLY E 131 44.36 -13.34 50.14
C GLY E 131 44.69 -13.46 48.67
N ASN E 132 45.36 -14.55 48.30
CA ASN E 132 45.81 -14.79 46.94
C ASN E 132 44.69 -14.50 45.94
N PHE E 133 43.53 -15.08 46.21
CA PHE E 133 42.35 -14.94 45.36
C PHE E 133 41.31 -13.88 45.78
N THR E 134 41.65 -13.08 46.78
CA THR E 134 40.83 -11.94 47.19
C THR E 134 40.68 -10.92 46.06
N LEU E 135 39.56 -10.18 46.08
CA LEU E 135 39.17 -9.26 45.01
C LEU E 135 40.20 -8.19 44.63
N GLU E 136 40.37 -8.03 43.31
CA GLU E 136 41.20 -6.98 42.75
C GLU E 136 40.35 -6.25 41.73
N LEU E 137 40.06 -4.97 42.01
CA LEU E 137 39.21 -4.16 41.14
C LEU E 137 40.03 -3.47 40.07
N ASP E 138 39.73 -3.76 38.81
CA ASP E 138 40.41 -3.08 37.71
C ASP E 138 39.41 -2.61 36.69
N PHE E 139 39.28 -1.29 36.54
CA PHE E 139 38.39 -0.74 35.52
C PHE E 139 39.09 -0.41 34.21
N GLU E 140 40.41 -0.49 34.21
CA GLU E 140 41.22 -0.09 33.07
C GLU E 140 40.71 -0.63 31.72
N PRO E 141 40.50 -1.95 31.62
CA PRO E 141 40.01 -2.60 30.39
C PRO E 141 38.57 -2.27 30.06
N PHE E 142 37.80 -1.76 31.02
CA PHE E 142 36.39 -1.48 30.77
C PHE E 142 36.15 -0.11 30.16
N ASN E 143 37.15 0.76 30.23
CA ASN E 143 36.99 2.11 29.71
C ASN E 143 37.55 2.29 28.30
N ALA E 144 38.12 1.23 27.74
CA ALA E 144 38.94 1.31 26.54
C ALA E 144 38.19 1.83 25.31
N SER E 145 36.88 1.99 25.44
CA SER E 145 36.02 2.34 24.31
C SER E 145 36.60 3.47 23.45
N ILE E 146 36.69 4.67 24.01
CA ILE E 146 37.34 5.80 23.35
C ILE E 146 38.83 5.71 23.65
N PRO E 147 39.66 6.36 22.83
CA PRO E 147 41.06 6.45 23.27
C PRO E 147 41.16 7.48 24.39
N ARG E 148 42.33 7.65 24.97
CA ARG E 148 42.46 8.53 26.13
C ARG E 148 43.49 9.61 25.91
N PRO E 149 43.17 10.81 26.38
CA PRO E 149 44.12 11.93 26.33
C PRO E 149 45.32 11.65 27.19
N THR E 150 46.52 11.88 26.68
CA THR E 150 47.73 11.83 27.48
C THR E 150 48.12 13.24 27.90
N LEU E 151 47.36 14.22 27.41
CA LEU E 151 47.65 15.63 27.64
C LEU E 151 47.00 16.22 28.89
N HIS E 152 47.82 16.84 29.72
CA HIS E 152 47.35 17.51 30.94
C HIS E 152 46.17 18.47 30.66
N LYS E 153 46.09 18.98 29.43
CA LYS E 153 45.05 19.94 29.08
C LYS E 153 43.64 19.34 29.02
N TYR E 154 43.55 18.05 28.76
CA TYR E 154 42.22 17.43 28.62
C TYR E 154 41.69 16.89 29.95
N ILE E 155 42.49 16.98 31.00
CA ILE E 155 41.99 16.59 32.30
C ILE E 155 40.92 17.62 32.68
N GLY E 156 39.72 17.13 32.98
CA GLY E 156 38.61 17.98 33.35
C GLY E 156 37.90 18.55 32.13
N ASN E 157 38.51 18.35 30.98
CA ASN E 157 37.98 18.73 29.67
C ASN E 157 37.25 17.68 28.82
N GLY E 158 36.96 16.53 29.44
CA GLY E 158 36.58 15.34 28.72
C GLY E 158 35.58 15.53 27.60
N VAL E 159 34.60 16.41 27.77
CA VAL E 159 33.62 16.60 26.70
C VAL E 159 34.27 17.14 25.42
N ASP E 160 35.23 18.05 25.56
CA ASP E 160 35.95 18.58 24.42
C ASP E 160 36.60 17.44 23.65
N PHE E 161 37.05 16.44 24.38
CA PHE E 161 37.73 15.30 23.81
C PHE E 161 36.78 14.28 23.17
N LEU E 162 35.60 14.12 23.73
CA LEU E 162 34.63 13.17 23.22
C LEU E 162 33.96 13.74 21.97
N ASN E 163 33.86 15.06 21.90
CA ASN E 163 33.36 15.74 20.71
C ASN E 163 34.23 15.42 19.51
N ARG E 164 35.54 15.48 19.72
CA ARG E 164 36.47 15.28 18.63
C ARG E 164 36.48 13.82 18.17
N HIS E 165 36.35 12.89 19.10
CA HIS E 165 36.25 11.48 18.74
C HIS E 165 34.98 11.19 17.95
N LEU E 166 33.83 11.65 18.47
CA LEU E 166 32.56 11.47 17.80
C LEU E 166 32.54 12.12 16.44
N SER E 167 33.03 13.35 16.40
CA SER E 167 33.13 14.12 15.19
C SER E 167 33.82 13.25 14.15
N ALA E 168 34.96 12.68 14.54
CA ALA E 168 35.77 11.85 13.67
C ALA E 168 35.07 10.56 13.28
N LYS E 169 34.57 9.84 14.28
CA LYS E 169 33.88 8.58 14.04
C LYS E 169 32.73 8.79 13.07
N LEU E 170 32.08 9.94 13.16
CA LEU E 170 30.92 10.25 12.32
C LEU E 170 31.27 10.67 10.90
N PHE E 171 32.54 10.93 10.62
CA PHE E 171 32.86 11.57 9.35
C PHE E 171 32.82 10.54 8.22
N HIS E 172 31.87 10.78 7.32
CA HIS E 172 31.51 9.88 6.21
C HIS E 172 31.53 8.39 6.62
N ASP E 173 30.68 8.07 7.59
CA ASP E 173 30.44 6.70 8.00
C ASP E 173 28.94 6.57 8.14
N LYS E 174 28.31 5.74 7.31
CA LYS E 174 26.87 5.59 7.42
C LYS E 174 26.54 4.89 8.72
N GLU E 175 27.15 3.73 8.93
CA GLU E 175 26.88 2.94 10.13
C GLU E 175 27.12 3.79 11.39
N SER E 176 27.92 4.83 11.24
CA SER E 176 28.18 5.77 12.33
C SER E 176 27.07 6.82 12.47
N LEU E 177 26.53 7.27 11.35
CA LEU E 177 25.52 8.32 11.35
C LEU E 177 24.10 7.88 11.72
N LEU E 178 23.81 6.59 11.53
CA LEU E 178 22.47 6.07 11.81
C LEU E 178 22.01 6.30 13.24
N PRO E 179 22.92 6.12 14.21
CA PRO E 179 22.65 6.36 15.62
C PRO E 179 22.14 7.77 15.86
N LEU E 180 22.67 8.73 15.11
CA LEU E 180 22.18 10.09 15.21
C LEU E 180 20.74 10.17 14.69
N LEU E 181 20.49 9.52 13.56
CA LEU E 181 19.16 9.52 12.96
C LEU E 181 18.16 8.81 13.85
N LYS E 182 18.52 7.62 14.30
CA LYS E 182 17.67 6.86 15.20
C LYS E 182 17.39 7.68 16.45
N PHE E 183 18.41 8.37 16.95
CA PHE E 183 18.29 9.22 18.13
C PHE E 183 17.22 10.28 17.96
N LEU E 184 17.34 11.08 16.91
CA LEU E 184 16.40 12.15 16.67
C LEU E 184 15.02 11.64 16.29
N ARG E 185 14.96 10.41 15.80
CA ARG E 185 13.70 9.81 15.37
C ARG E 185 12.89 9.31 16.56
N LEU E 186 13.58 8.69 17.52
CA LEU E 186 12.92 8.18 18.72
C LEU E 186 12.66 9.24 19.78
N HIS E 187 13.44 10.31 19.74
CA HIS E 187 13.37 11.35 20.76
C HIS E 187 11.98 11.96 20.93
N SER E 188 11.46 11.94 22.15
CA SER E 188 10.12 12.46 22.43
C SER E 188 9.98 12.83 23.89
N HIS E 189 8.95 13.60 24.21
CA HIS E 189 8.60 13.83 25.60
C HIS E 189 7.09 13.79 25.83
N GLN E 190 6.64 12.97 26.76
CA GLN E 190 5.22 12.98 27.18
C GLN E 190 4.26 12.62 26.05
N GLY E 191 4.73 11.80 25.11
CA GLY E 191 3.93 11.43 23.97
C GLY E 191 3.94 12.44 22.83
N LYS E 192 4.58 13.58 23.06
CA LYS E 192 4.83 14.57 22.00
C LYS E 192 6.06 14.12 21.20
N ASN E 193 5.89 13.91 19.89
CA ASN E 193 7.05 13.60 19.06
C ASN E 193 7.89 14.85 18.87
N LEU E 194 9.20 14.67 18.71
CA LEU E 194 10.13 15.78 18.60
C LEU E 194 11.15 15.53 17.50
N MET E 195 11.79 16.59 17.00
CA MET E 195 12.79 16.43 15.94
C MET E 195 12.25 15.77 14.66
N LEU E 196 12.71 14.57 14.34
CA LEU E 196 12.21 13.80 13.19
C LEU E 196 11.00 12.91 13.50
N SER E 197 10.08 12.78 12.55
CA SER E 197 8.92 11.87 12.73
C SER E 197 9.27 10.42 12.38
N GLU E 198 8.25 9.57 12.30
CA GLU E 198 8.48 8.18 11.90
C GLU E 198 8.68 8.10 10.39
N LYS E 199 8.32 9.19 9.71
CA LYS E 199 8.43 9.27 8.26
C LYS E 199 9.87 9.16 7.74
N ILE E 200 10.87 9.57 8.53
CA ILE E 200 12.23 9.49 8.04
C ILE E 200 12.83 8.18 8.50
N GLN E 201 12.98 7.24 7.58
CA GLN E 201 13.55 5.94 7.92
C GLN E 201 15.03 5.74 7.56
N ASN E 202 15.63 6.71 6.88
CA ASN E 202 17.02 6.54 6.44
C ASN E 202 17.74 7.85 6.13
N LEU E 203 19.08 7.79 6.09
CA LEU E 203 19.90 8.96 5.87
C LEU E 203 19.54 9.69 4.59
N ASN E 204 19.10 8.94 3.59
CA ASN E 204 18.72 9.51 2.29
C ASN E 204 17.49 10.40 2.38
N THR E 205 16.43 9.90 3.01
CA THR E 205 15.22 10.68 3.21
C THR E 205 15.50 11.90 4.09
N LEU E 206 16.28 11.66 5.14
CA LEU E 206 16.65 12.72 6.08
C LEU E 206 17.40 13.81 5.34
N GLN E 207 18.46 13.37 4.66
CA GLN E 207 19.27 14.24 3.85
C GLN E 207 18.38 15.08 2.93
N HIS E 208 17.40 14.41 2.33
CA HIS E 208 16.46 15.02 1.40
C HIS E 208 15.54 16.03 2.08
N THR E 209 14.95 15.61 3.20
CA THR E 209 14.02 16.44 3.95
C THR E 209 14.63 17.77 4.44
N LEU E 210 15.83 17.70 5.02
CA LEU E 210 16.46 18.87 5.60
C LEU E 210 16.79 19.88 4.51
N ARG E 211 17.20 19.37 3.36
CA ARG E 211 17.50 20.21 2.19
C ARG E 211 16.25 20.96 1.73
N LYS E 212 15.15 20.22 1.55
CA LYS E 212 13.88 20.83 1.20
C LYS E 212 13.45 21.84 2.27
N ALA E 213 13.51 21.40 3.52
CA ALA E 213 13.17 22.26 4.64
C ALA E 213 13.94 23.57 4.57
N GLU E 214 15.24 23.46 4.32
CA GLU E 214 16.13 24.61 4.32
C GLU E 214 15.77 25.63 3.25
N GLU E 215 15.49 25.15 2.05
CA GLU E 215 15.15 26.04 0.95
C GLU E 215 13.94 26.89 1.30
N TYR E 216 12.93 26.26 1.88
CA TYR E 216 11.69 26.93 2.27
C TYR E 216 11.93 28.03 3.32
N LEU E 217 12.61 27.69 4.40
CA LEU E 217 12.84 28.62 5.49
C LEU E 217 13.70 29.78 5.06
N ALA E 218 14.59 29.53 4.10
CA ALA E 218 15.50 30.56 3.63
C ALA E 218 14.74 31.79 3.14
N GLU E 219 13.63 31.54 2.45
CA GLU E 219 12.84 32.61 1.86
C GLU E 219 12.05 33.43 2.88
N LEU E 220 11.47 32.73 3.87
CA LEU E 220 10.61 33.35 4.87
C LEU E 220 11.35 34.37 5.75
N LYS E 221 10.59 35.30 6.32
CA LYS E 221 11.14 36.34 7.18
C LYS E 221 11.76 35.71 8.44
N SER E 222 12.74 36.39 9.02
CA SER E 222 13.44 35.88 10.20
C SER E 222 12.52 35.60 11.41
N GLU E 223 11.53 36.46 11.63
CA GLU E 223 10.69 36.41 12.83
C GLU E 223 9.51 35.45 12.74
N THR E 224 9.40 34.74 11.62
CA THR E 224 8.23 33.91 11.38
C THR E 224 8.10 32.78 12.40
N LEU E 225 6.94 32.71 13.06
CA LEU E 225 6.73 31.71 14.11
C LEU E 225 6.53 30.29 13.57
N TYR E 226 6.94 29.31 14.36
CA TYR E 226 6.95 27.91 13.92
C TYR E 226 5.56 27.38 13.55
N GLU E 227 4.52 27.94 14.15
CA GLU E 227 3.14 27.52 13.85
C GLU E 227 2.86 27.63 12.35
N GLU E 228 3.33 28.70 11.73
CA GLU E 228 3.18 28.88 10.30
C GLU E 228 3.56 27.62 9.52
N PHE E 229 4.84 27.28 9.51
CA PHE E 229 5.32 26.18 8.69
C PHE E 229 5.16 24.80 9.32
N GLU E 230 4.56 24.77 10.50
CA GLU E 230 4.35 23.50 11.17
C GLU E 230 3.63 22.52 10.25
N ALA E 231 2.65 23.04 9.51
CA ALA E 231 1.83 22.23 8.62
C ALA E 231 2.72 21.51 7.61
N LYS E 232 3.48 22.30 6.87
CA LYS E 232 4.42 21.82 5.87
C LYS E 232 5.42 20.85 6.48
N PHE E 233 6.14 21.32 7.51
CA PHE E 233 7.16 20.52 8.19
C PHE E 233 6.66 19.15 8.61
N GLU E 234 5.46 19.12 9.18
CA GLU E 234 4.87 17.86 9.59
C GLU E 234 4.77 16.89 8.42
N GLU E 235 4.45 17.42 7.25
CA GLU E 235 4.28 16.61 6.03
C GLU E 235 5.54 15.88 5.63
N ILE E 236 6.67 16.58 5.72
CA ILE E 236 7.96 16.03 5.30
C ILE E 236 8.68 15.31 6.43
N GLY E 237 8.02 15.19 7.58
CA GLY E 237 8.55 14.39 8.67
C GLY E 237 9.26 15.14 9.80
N LEU E 238 9.08 16.46 9.87
CA LEU E 238 9.73 17.25 10.91
C LEU E 238 8.80 17.63 12.05
N GLU E 239 9.07 17.06 13.22
CA GLU E 239 8.37 17.40 14.44
C GLU E 239 8.95 18.65 15.09
N ARG E 240 8.36 19.08 16.21
CA ARG E 240 8.79 20.29 16.90
C ARG E 240 10.13 20.19 17.68
N GLY E 241 10.68 21.35 18.01
CA GLY E 241 11.92 21.42 18.76
C GLY E 241 13.13 21.90 17.98
N TRP E 242 12.91 22.27 16.74
CA TRP E 242 13.97 22.82 15.90
C TRP E 242 14.22 24.28 16.23
N GLY E 243 13.20 24.96 16.72
CA GLY E 243 13.33 26.36 17.08
C GLY E 243 11.97 27.01 17.21
N ASP E 244 11.93 28.21 17.77
CA ASP E 244 10.67 28.91 17.96
C ASP E 244 10.23 29.65 16.71
N ASN E 245 11.19 30.28 16.04
CA ASN E 245 10.92 30.96 14.79
C ASN E 245 11.85 30.52 13.65
N ALA E 246 11.64 31.10 12.46
CA ALA E 246 12.29 30.62 11.25
C ALA E 246 13.81 30.71 11.33
N GLU E 247 14.31 31.85 11.77
CA GLU E 247 15.74 32.05 11.89
C GLU E 247 16.41 30.92 12.65
N ARG E 248 15.85 30.55 13.80
CA ARG E 248 16.42 29.50 14.64
C ARG E 248 16.29 28.11 14.03
N VAL E 249 15.12 27.79 13.52
CA VAL E 249 14.90 26.50 12.87
C VAL E 249 15.86 26.36 11.70
N LEU E 250 16.21 27.48 11.09
CA LEU E 250 17.16 27.47 9.97
C LEU E 250 18.56 27.06 10.44
N ASP E 251 19.11 27.77 11.43
CA ASP E 251 20.42 27.44 11.96
C ASP E 251 20.52 25.98 12.36
N MET E 252 19.51 25.51 13.09
CA MET E 252 19.51 24.13 13.56
C MET E 252 19.62 23.15 12.40
N ILE E 253 18.75 23.31 11.41
CA ILE E 253 18.71 22.42 10.25
C ILE E 253 20.06 22.44 9.54
N ARG E 254 20.67 23.62 9.44
CA ARG E 254 21.97 23.73 8.81
C ARG E 254 23.05 23.03 9.66
N LEU E 255 22.95 23.17 10.97
CA LEU E 255 23.85 22.42 11.85
C LEU E 255 23.82 20.95 11.46
N LEU E 256 22.61 20.41 11.28
CA LEU E 256 22.47 18.98 11.08
C LEU E 256 22.96 18.60 9.69
N LEU E 257 22.69 19.47 8.73
CA LEU E 257 23.15 19.24 7.38
C LEU E 257 24.67 19.13 7.40
N ASP E 258 25.30 20.08 8.09
CA ASP E 258 26.74 20.09 8.27
C ASP E 258 27.24 18.79 8.88
N LEU E 259 26.52 18.29 9.88
CA LEU E 259 26.90 17.06 10.56
C LEU E 259 26.83 15.82 9.68
N LEU E 260 25.89 15.80 8.75
CA LEU E 260 25.77 14.66 7.85
C LEU E 260 26.88 14.73 6.81
N GLU E 261 27.42 15.93 6.62
CA GLU E 261 28.36 16.20 5.55
C GLU E 261 29.82 16.18 6.02
N ALA E 262 30.18 17.21 6.79
CA ALA E 262 31.54 17.36 7.31
C ALA E 262 31.49 17.70 8.80
N PRO E 263 31.32 16.67 9.63
CA PRO E 263 31.27 16.79 11.09
C PRO E 263 32.50 17.49 11.68
N ASP E 264 32.27 18.45 12.57
CA ASP E 264 33.34 19.04 13.38
C ASP E 264 32.85 19.20 14.82
N PRO E 265 33.79 19.26 15.77
CA PRO E 265 33.50 19.30 17.20
C PRO E 265 32.59 20.46 17.60
N CYS E 266 32.84 21.66 17.11
CA CYS E 266 32.06 22.80 17.57
C CYS E 266 30.62 22.58 17.16
N THR E 267 30.42 22.02 15.97
CA THR E 267 29.09 21.85 15.44
C THR E 267 28.36 20.71 16.16
N LEU E 268 29.04 19.58 16.30
CA LEU E 268 28.46 18.44 17.01
C LEU E 268 27.95 18.87 18.37
N GLU E 269 28.76 19.64 19.09
CA GLU E 269 28.39 20.10 20.41
C GLU E 269 27.21 21.05 20.34
N THR E 270 27.35 22.12 19.58
CA THR E 270 26.26 23.08 19.46
C THR E 270 24.94 22.35 19.14
N PHE E 271 24.97 21.46 18.15
CA PHE E 271 23.75 20.80 17.77
C PHE E 271 23.23 20.00 18.95
N LEU E 272 24.10 19.21 19.57
CA LEU E 272 23.64 18.31 20.62
C LEU E 272 23.24 19.07 21.88
N GLY E 273 23.76 20.28 22.03
CA GLY E 273 23.41 21.09 23.18
C GLY E 273 22.05 21.70 22.97
N ARG E 274 21.70 21.88 21.69
CA ARG E 274 20.47 22.55 21.31
C ARG E 274 19.19 21.69 21.35
N VAL E 275 19.31 20.41 21.02
CA VAL E 275 18.15 19.52 21.00
C VAL E 275 17.42 19.53 22.34
N PRO E 276 16.12 19.90 22.37
CA PRO E 276 15.53 19.93 23.72
C PRO E 276 15.50 18.53 24.32
N MET E 277 16.09 18.38 25.49
CA MET E 277 16.27 17.06 26.10
C MET E 277 15.80 17.08 27.53
N VAL E 278 16.42 17.96 28.31
CA VAL E 278 16.22 18.02 29.74
C VAL E 278 14.98 18.85 30.10
N PHE E 279 14.02 18.18 30.74
CA PHE E 279 12.74 18.74 31.16
C PHE E 279 12.57 18.41 32.64
N ASN E 280 12.55 17.12 32.95
CA ASN E 280 12.56 16.63 34.33
C ASN E 280 13.95 16.29 34.86
N VAL E 281 14.39 17.01 35.88
CA VAL E 281 15.67 16.73 36.51
C VAL E 281 15.48 16.20 37.93
N VAL E 282 16.22 15.15 38.27
CA VAL E 282 16.19 14.59 39.62
C VAL E 282 17.56 14.65 40.33
N ILE E 283 17.58 15.26 41.50
CA ILE E 283 18.83 15.46 42.23
C ILE E 283 18.83 14.74 43.58
N LEU E 284 19.89 13.99 43.86
CA LEU E 284 19.93 13.15 45.05
C LEU E 284 20.82 13.77 46.10
N SER E 285 20.22 14.12 47.24
CA SER E 285 20.97 14.58 48.41
C SER E 285 20.33 14.07 49.71
N PRO E 286 20.45 12.75 49.98
CA PRO E 286 19.76 12.13 51.13
C PRO E 286 20.19 12.60 52.53
N HIS E 287 21.50 12.75 52.79
CA HIS E 287 21.94 13.02 54.16
C HIS E 287 21.81 14.48 54.59
N GLY E 288 22.14 14.74 55.85
CA GLY E 288 22.04 16.08 56.42
C GLY E 288 20.60 16.50 56.65
N TYR E 289 20.43 17.71 57.16
CA TYR E 289 19.10 18.27 57.28
C TYR E 289 19.02 19.20 56.11
N PHE E 290 18.30 18.82 55.07
CA PHE E 290 18.33 19.61 53.86
C PHE E 290 17.14 20.55 53.84
N ALA E 291 17.40 21.84 53.97
CA ALA E 291 16.31 22.80 53.96
C ALA E 291 16.79 24.19 53.64
N GLN E 292 15.83 25.11 53.52
CA GLN E 292 16.13 26.46 53.09
C GLN E 292 16.37 27.46 54.20
N ASP E 293 16.06 27.06 55.43
CA ASP E 293 16.24 27.95 56.57
C ASP E 293 16.46 27.08 57.79
N ASN E 294 17.14 27.64 58.79
CA ASN E 294 17.27 27.04 60.12
C ASN E 294 18.05 25.74 60.15
N VAL E 295 18.96 25.59 59.19
CA VAL E 295 19.70 24.35 59.01
C VAL E 295 21.22 24.52 58.98
N LEU E 296 21.72 25.33 58.06
CA LEU E 296 23.14 25.36 57.78
C LEU E 296 23.99 25.45 59.05
N GLY E 297 24.94 24.54 59.16
CA GLY E 297 25.79 24.44 60.34
C GLY E 297 25.43 23.26 61.21
N TYR E 298 24.22 22.73 61.06
CA TYR E 298 23.91 21.46 61.72
C TYR E 298 24.91 20.45 61.18
N PRO E 299 25.16 19.36 61.90
CA PRO E 299 26.04 18.34 61.35
C PRO E 299 25.62 17.91 59.94
N ASP E 300 26.59 17.69 59.05
CA ASP E 300 26.30 17.15 57.72
C ASP E 300 25.59 18.14 56.81
N THR E 301 25.32 19.35 57.31
CA THR E 301 24.56 20.33 56.56
C THR E 301 25.36 21.61 56.33
N GLY E 302 25.56 21.96 55.06
CA GLY E 302 26.65 22.85 54.69
C GLY E 302 26.58 23.17 53.22
N GLY E 303 27.74 23.50 52.66
CA GLY E 303 27.86 23.91 51.27
C GLY E 303 27.19 23.04 50.24
N GLN E 304 27.13 21.75 50.47
CA GLN E 304 26.44 20.85 49.56
C GLN E 304 24.96 21.26 49.41
N VAL E 305 24.33 21.65 50.51
CA VAL E 305 22.97 22.17 50.48
C VAL E 305 22.94 23.53 49.80
N VAL E 306 23.90 24.39 50.14
CA VAL E 306 24.01 25.71 49.54
C VAL E 306 24.13 25.58 48.02
N TYR E 307 25.11 24.80 47.61
CA TYR E 307 25.42 24.51 46.22
C TYR E 307 24.18 24.10 45.45
N ILE E 308 23.44 23.13 45.98
CA ILE E 308 22.29 22.55 45.27
C ILE E 308 21.15 23.56 45.11
N LEU E 309 20.85 24.29 46.17
CA LEU E 309 19.85 25.33 46.10
C LEU E 309 20.16 26.33 44.98
N ASP E 310 21.42 26.73 44.85
CA ASP E 310 21.81 27.69 43.84
C ASP E 310 21.70 27.06 42.46
N GLN E 311 22.16 25.82 42.38
CA GLN E 311 22.20 25.07 41.15
C GLN E 311 20.82 25.00 40.51
N VAL E 312 19.82 24.49 41.25
CA VAL E 312 18.48 24.36 40.69
C VAL E 312 17.89 25.70 40.27
N ARG E 313 18.04 26.73 41.08
CA ARG E 313 17.60 28.06 40.66
C ARG E 313 18.17 28.45 39.27
N ALA E 314 19.45 28.21 39.05
CA ALA E 314 20.09 28.60 37.80
C ALA E 314 19.66 27.68 36.64
N LEU E 315 19.60 26.40 36.94
CA LEU E 315 19.20 25.41 35.97
C LEU E 315 17.78 25.73 35.48
N GLU E 316 16.89 26.08 36.40
CA GLU E 316 15.52 26.39 36.04
C GLU E 316 15.45 27.51 35.00
N ILE E 317 16.08 28.63 35.33
CA ILE E 317 16.09 29.75 34.41
C ILE E 317 16.54 29.28 33.03
N GLU E 318 17.69 28.62 32.99
CA GLU E 318 18.28 28.16 31.74
C GLU E 318 17.38 27.17 30.98
N MET E 319 16.78 26.23 31.71
CA MET E 319 15.87 25.27 31.10
C MET E 319 14.68 25.98 30.46
N LEU E 320 14.17 27.01 31.14
CA LEU E 320 13.01 27.74 30.63
C LEU E 320 13.37 28.42 29.31
N GLN E 321 14.55 29.02 29.27
CA GLN E 321 15.07 29.67 28.08
C GLN E 321 15.13 28.66 26.92
N ARG E 322 15.83 27.56 27.15
CA ARG E 322 16.02 26.54 26.14
C ARG E 322 14.69 26.04 25.61
N ILE E 323 13.82 25.55 26.50
CA ILE E 323 12.52 25.02 26.08
C ILE E 323 11.74 26.04 25.24
N LYS E 324 11.81 27.31 25.63
CA LYS E 324 11.18 28.36 24.87
C LYS E 324 11.81 28.48 23.48
N GLN E 325 13.12 28.69 23.46
CA GLN E 325 13.88 28.90 22.22
C GLN E 325 13.67 27.83 21.15
N GLN E 326 13.35 26.61 21.56
CA GLN E 326 13.20 25.53 20.62
C GLN E 326 11.75 25.36 20.19
N GLY E 327 10.90 26.28 20.64
CA GLY E 327 9.49 26.29 20.24
C GLY E 327 8.65 25.29 20.99
N LEU E 328 8.99 25.04 22.25
CA LEU E 328 8.26 24.11 23.07
C LEU E 328 7.55 24.79 24.25
N ASN E 329 6.36 24.31 24.56
CA ASN E 329 5.62 24.78 25.73
C ASN E 329 5.67 23.93 27.01
N ILE E 330 6.45 22.85 26.99
CA ILE E 330 6.58 21.98 28.14
C ILE E 330 6.96 22.72 29.43
N LYS E 331 6.40 22.27 30.55
CA LYS E 331 6.72 22.84 31.85
C LYS E 331 7.73 21.94 32.55
N PRO E 332 8.86 22.52 32.96
CA PRO E 332 9.95 21.73 33.55
C PRO E 332 9.60 21.26 34.95
N ARG E 333 10.33 20.27 35.47
CA ARG E 333 10.28 20.01 36.89
C ARG E 333 11.67 19.62 37.40
N ILE E 334 12.12 20.22 38.50
CA ILE E 334 13.36 19.77 39.15
C ILE E 334 13.12 19.30 40.57
N LEU E 335 13.40 18.04 40.84
CA LEU E 335 13.18 17.50 42.16
C LEU E 335 14.49 17.24 42.90
N ILE E 336 14.60 17.75 44.12
CA ILE E 336 15.70 17.38 45.00
C ILE E 336 15.21 16.34 46.01
N LEU E 337 15.65 15.10 45.83
CA LEU E 337 15.29 14.01 46.73
C LEU E 337 16.18 14.02 47.97
N THR E 338 15.55 14.15 49.14
CA THR E 338 16.29 14.03 50.40
C THR E 338 15.47 13.24 51.40
N ARG E 339 15.97 13.11 52.62
CA ARG E 339 15.32 12.31 53.63
C ARG E 339 14.30 13.10 54.42
N LEU E 340 13.17 12.48 54.75
CA LEU E 340 12.17 13.08 55.64
C LEU E 340 12.57 12.85 57.09
N LEU E 341 12.58 13.94 57.86
CA LEU E 341 12.96 13.90 59.28
C LEU E 341 11.81 14.48 60.06
N PRO E 342 10.89 13.62 60.53
CA PRO E 342 9.64 14.08 61.14
C PRO E 342 9.90 14.86 62.42
N ASP E 343 10.97 14.49 63.13
CA ASP E 343 11.28 15.04 64.45
C ASP E 343 12.22 16.23 64.48
N ALA E 344 12.64 16.76 63.34
CA ALA E 344 13.48 17.94 63.41
C ALA E 344 12.53 19.11 63.57
N VAL E 345 12.63 19.80 64.70
CA VAL E 345 11.67 20.84 65.03
C VAL E 345 12.33 22.16 64.70
N GLY E 346 11.53 23.11 64.25
CA GLY E 346 12.08 24.37 63.82
C GLY E 346 12.45 24.32 62.35
N THR E 347 12.37 23.14 61.74
CA THR E 347 12.63 23.05 60.31
C THR E 347 11.47 22.47 59.51
N THR E 348 11.63 22.50 58.20
CA THR E 348 10.66 21.96 57.25
C THR E 348 11.04 20.55 56.81
N CYS E 349 12.08 20.02 57.43
CA CYS E 349 12.63 18.72 57.07
C CYS E 349 11.62 17.56 57.22
N GLY E 350 10.46 17.82 57.81
CA GLY E 350 9.48 16.78 57.98
C GLY E 350 8.31 16.86 57.00
N GLU E 351 8.38 17.80 56.06
CA GLU E 351 7.35 17.91 55.03
C GLU E 351 7.84 17.33 53.68
N ARG E 352 6.93 16.69 52.96
CA ARG E 352 7.24 15.92 51.76
C ARG E 352 7.58 16.77 50.53
N LEU E 353 6.96 17.94 50.41
CA LEU E 353 7.19 18.77 49.24
C LEU E 353 7.44 20.21 49.64
N GLU E 354 8.55 20.78 49.17
CA GLU E 354 8.86 22.16 49.52
C GLU E 354 9.35 22.95 48.31
N ARG E 355 8.63 24.02 47.97
CA ARG E 355 9.05 24.87 46.86
C ARG E 355 10.36 25.56 47.18
N VAL E 356 11.35 25.43 46.29
CA VAL E 356 12.60 26.15 46.47
C VAL E 356 12.31 27.63 46.28
N TYR E 357 12.89 28.45 47.14
CA TYR E 357 12.67 29.87 47.10
C TYR E 357 13.13 30.46 45.76
N ASP E 358 12.32 31.36 45.22
CA ASP E 358 12.60 32.04 43.96
C ASP E 358 12.65 31.13 42.74
N SER E 359 11.78 30.14 42.72
CA SER E 359 11.65 29.28 41.56
C SER E 359 10.19 28.89 41.42
N GLU E 360 9.73 28.73 40.19
CA GLU E 360 8.44 28.10 39.99
C GLU E 360 8.52 26.58 40.02
N TYR E 361 9.55 26.04 39.38
CA TYR E 361 9.63 24.60 39.12
C TYR E 361 10.49 23.67 39.98
N CYS E 362 11.23 24.22 40.93
CA CYS E 362 12.08 23.39 41.77
C CYS E 362 11.42 23.12 43.11
N ASP E 363 11.33 21.84 43.46
CA ASP E 363 10.74 21.39 44.71
C ASP E 363 11.73 20.47 45.43
N ILE E 364 11.79 20.57 46.76
CA ILE E 364 12.48 19.56 47.53
C ILE E 364 11.46 18.46 47.78
N LEU E 365 11.85 17.22 47.49
CA LEU E 365 10.98 16.07 47.71
C LEU E 365 11.60 15.12 48.72
N ARG E 366 10.92 14.94 49.85
CA ARG E 366 11.44 14.17 50.96
C ARG E 366 10.78 12.82 51.15
N VAL E 367 11.60 11.77 51.20
CA VAL E 367 11.11 10.41 51.38
C VAL E 367 11.81 9.87 52.62
N PRO E 368 11.08 9.14 53.47
CA PRO E 368 11.66 8.62 54.70
C PRO E 368 12.51 7.36 54.53
N PHE E 369 13.48 7.15 55.42
CA PHE E 369 14.14 5.85 55.58
C PHE E 369 13.15 4.87 56.23
N ARG E 370 13.29 3.58 55.95
CA ARG E 370 12.49 2.58 56.66
C ARG E 370 13.13 1.20 56.70
N THR E 371 12.72 0.42 57.69
CA THR E 371 13.05 -1.01 57.74
C THR E 371 11.75 -1.79 57.68
N GLU E 372 11.84 -3.11 57.75
CA GLU E 372 10.63 -3.95 57.78
C GLU E 372 9.73 -3.47 58.90
N LYS E 373 10.34 -2.90 59.93
CA LYS E 373 9.64 -2.48 61.13
C LYS E 373 8.75 -1.24 60.90
N GLY E 374 9.22 -0.30 60.07
CA GLY E 374 8.47 0.90 59.78
C GLY E 374 9.43 2.04 59.47
N ILE E 375 8.92 3.24 59.26
CA ILE E 375 9.82 4.37 58.98
C ILE E 375 10.75 4.71 60.16
N VAL E 376 11.94 5.21 59.84
CA VAL E 376 12.92 5.57 60.84
C VAL E 376 12.93 7.09 61.03
N ARG E 377 12.59 7.52 62.24
CA ARG E 377 12.39 8.95 62.53
C ARG E 377 13.65 9.79 62.80
N LYS E 378 14.65 9.19 63.46
CA LYS E 378 15.76 9.98 63.99
C LYS E 378 16.85 10.29 62.98
N TRP E 379 17.39 11.51 63.04
CA TRP E 379 18.52 11.88 62.20
C TRP E 379 19.63 10.86 62.35
N ILE E 380 20.21 10.45 61.22
CA ILE E 380 21.36 9.57 61.24
C ILE E 380 22.51 10.22 60.50
N SER E 381 23.72 10.02 61.02
CA SER E 381 24.94 10.59 60.45
C SER E 381 25.21 10.04 59.06
N ARG E 382 25.88 10.85 58.23
CA ARG E 382 26.15 10.47 56.86
C ARG E 382 26.98 9.19 56.77
N PHE E 383 27.88 8.98 57.72
CA PHE E 383 28.64 7.74 57.75
C PHE E 383 27.77 6.52 58.05
N GLU E 384 26.60 6.75 58.62
CA GLU E 384 25.70 5.64 58.99
C GLU E 384 24.50 5.30 58.10
N VAL E 385 24.32 6.02 57.00
CA VAL E 385 23.06 5.89 56.26
C VAL E 385 22.97 4.63 55.39
N TRP E 386 24.13 4.04 55.12
CA TRP E 386 24.26 2.98 54.14
C TRP E 386 23.19 1.88 54.15
N PRO E 387 22.90 1.31 55.32
CA PRO E 387 21.92 0.22 55.32
C PRO E 387 20.54 0.63 54.78
N TYR E 388 20.22 1.92 54.79
CA TYR E 388 18.90 2.40 54.36
C TYR E 388 18.78 2.80 52.87
N LEU E 389 19.91 2.88 52.18
CA LEU E 389 19.93 3.51 50.86
C LEU E 389 19.16 2.74 49.79
N GLU E 390 19.31 1.43 49.76
CA GLU E 390 18.61 0.64 48.75
C GLU E 390 17.11 0.80 48.89
N THR E 391 16.60 0.66 50.09
CA THR E 391 15.16 0.81 50.29
C THR E 391 14.75 2.25 50.00
N TYR E 392 15.67 3.17 50.24
CA TYR E 392 15.40 4.58 49.97
C TYR E 392 15.23 4.79 48.46
N THR E 393 16.04 4.06 47.69
CA THR E 393 16.03 4.17 46.23
C THR E 393 14.66 3.79 45.68
N GLU E 394 14.22 2.60 46.06
CA GLU E 394 12.92 2.10 45.61
C GLU E 394 11.82 3.06 45.99
N ASP E 395 11.82 3.54 47.22
CA ASP E 395 10.75 4.42 47.66
C ASP E 395 10.77 5.74 46.90
N ALA E 396 11.97 6.24 46.64
CA ALA E 396 12.12 7.51 45.93
C ALA E 396 11.56 7.38 44.52
N ALA E 397 11.84 6.23 43.90
CA ALA E 397 11.36 5.96 42.55
C ALA E 397 9.85 6.05 42.50
N VAL E 398 9.20 5.37 43.44
CA VAL E 398 7.75 5.43 43.58
C VAL E 398 7.26 6.86 43.81
N GLU E 399 7.96 7.62 44.65
CA GLU E 399 7.56 8.99 44.94
C GLU E 399 7.72 9.92 43.74
N LEU E 400 8.88 9.87 43.10
CA LEU E 400 9.15 10.83 42.03
C LEU E 400 8.33 10.46 40.80
N SER E 401 7.91 9.21 40.73
CA SER E 401 7.02 8.80 39.66
C SER E 401 5.67 9.49 39.81
N LYS E 402 5.24 9.62 41.06
CA LYS E 402 4.00 10.34 41.35
C LYS E 402 4.15 11.80 40.97
N GLU E 403 5.27 12.39 41.36
CA GLU E 403 5.48 13.81 41.13
C GLU E 403 5.70 14.16 39.66
N LEU E 404 6.51 13.34 38.99
CA LEU E 404 6.97 13.67 37.65
C LEU E 404 5.99 13.30 36.56
N ASN E 405 5.90 14.19 35.57
CA ASN E 405 5.13 13.89 34.39
C ASN E 405 6.13 13.51 33.29
N GLY E 406 6.18 12.22 32.98
CA GLY E 406 7.27 11.63 32.22
C GLY E 406 8.35 11.12 33.17
N LYS E 407 9.33 10.37 32.65
CA LYS E 407 10.45 9.96 33.50
C LYS E 407 11.50 11.06 33.55
N PRO E 408 12.55 10.85 34.37
CA PRO E 408 13.55 11.92 34.50
C PRO E 408 14.38 11.97 33.24
N ASP E 409 14.73 13.17 32.78
CA ASP E 409 15.65 13.32 31.66
C ASP E 409 17.13 13.38 32.07
N LEU E 410 17.38 13.66 33.35
CA LEU E 410 18.74 13.77 33.88
C LEU E 410 18.73 13.38 35.34
N ILE E 411 19.77 12.68 35.78
CA ILE E 411 19.89 12.32 37.19
C ILE E 411 21.28 12.73 37.69
N ILE E 412 21.30 13.59 38.70
CA ILE E 412 22.56 14.04 39.29
C ILE E 412 22.74 13.52 40.70
N GLY E 413 23.82 12.78 40.92
CA GLY E 413 24.16 12.29 42.25
C GLY E 413 24.95 13.31 43.05
N ASN E 414 24.74 13.31 44.36
CA ASN E 414 25.48 14.19 45.25
C ASN E 414 26.05 13.49 46.47
N TYR E 415 27.34 13.68 46.63
CA TYR E 415 28.20 13.00 47.59
C TYR E 415 28.10 11.47 47.50
N SER E 416 28.30 10.77 48.60
CA SER E 416 28.43 9.31 48.50
C SER E 416 27.10 8.60 48.47
N ASP E 417 26.22 9.05 49.35
CA ASP E 417 24.89 8.46 49.47
C ASP E 417 24.07 8.92 48.29
N GLY E 418 24.33 10.14 47.81
CA GLY E 418 23.66 10.66 46.65
C GLY E 418 24.09 9.97 45.37
N ASN E 419 25.40 9.83 45.21
CA ASN E 419 25.97 9.15 44.04
C ASN E 419 25.51 7.70 43.97
N LEU E 420 25.57 7.01 45.11
CA LEU E 420 25.12 5.62 45.20
C LEU E 420 23.66 5.45 44.75
N VAL E 421 22.77 6.28 45.25
CA VAL E 421 21.36 6.20 44.88
C VAL E 421 21.12 6.67 43.45
N ALA E 422 21.85 7.70 43.04
CA ALA E 422 21.68 8.23 41.70
C ALA E 422 22.01 7.15 40.67
N SER E 423 23.00 6.32 40.98
CA SER E 423 23.39 5.24 40.08
C SER E 423 22.28 4.20 39.95
N LEU E 424 21.74 3.74 41.09
CA LEU E 424 20.65 2.77 41.08
C LEU E 424 19.40 3.28 40.37
N LEU E 425 19.15 4.59 40.44
CA LEU E 425 18.00 5.20 39.79
C LEU E 425 18.20 5.27 38.29
N ALA E 426 19.39 5.70 37.89
CA ALA E 426 19.77 5.76 36.47
C ALA E 426 19.61 4.40 35.80
N HIS E 427 20.15 3.37 36.46
CA HIS E 427 20.02 2.00 36.03
C HIS E 427 18.54 1.65 35.90
N LYS E 428 17.86 1.59 37.05
CA LYS E 428 16.44 1.24 37.09
C LYS E 428 15.61 2.03 36.08
N LEU E 429 15.81 3.33 36.02
CA LEU E 429 14.97 4.20 35.20
C LEU E 429 15.48 4.44 33.78
N GLY E 430 16.67 3.94 33.47
CA GLY E 430 17.21 4.16 32.14
C GLY E 430 17.38 5.64 31.81
N VAL E 431 18.18 6.34 32.63
CA VAL E 431 18.32 7.78 32.49
C VAL E 431 19.78 8.23 32.59
N THR E 432 20.13 9.29 31.87
CA THR E 432 21.48 9.80 31.86
C THR E 432 21.89 10.29 33.25
N GLN E 433 23.12 9.99 33.63
CA GLN E 433 23.59 10.25 34.99
C GLN E 433 24.82 11.12 35.05
N CYS E 434 24.83 12.04 36.00
CA CYS E 434 25.99 12.84 36.33
C CYS E 434 26.28 12.63 37.82
N THR E 435 27.54 12.67 38.21
CA THR E 435 27.84 12.64 39.63
C THR E 435 28.63 13.87 40.03
N ILE E 436 28.42 14.30 41.26
CA ILE E 436 29.17 15.38 41.88
C ILE E 436 29.58 14.90 43.28
N ALA E 437 30.87 14.88 43.55
CA ALA E 437 31.37 14.32 44.82
C ALA E 437 31.19 15.26 46.01
N HIS E 438 31.55 16.52 45.81
CA HIS E 438 31.54 17.58 46.82
C HIS E 438 32.59 17.32 47.89
N ALA E 439 33.05 16.08 47.96
CA ALA E 439 34.22 15.73 48.74
C ALA E 439 34.40 14.22 48.66
N LEU E 440 35.63 13.78 48.91
CA LEU E 440 35.94 12.36 48.94
C LEU E 440 36.67 12.09 50.23
N GLU E 441 36.03 11.32 51.11
CA GLU E 441 36.51 11.21 52.47
C GLU E 441 37.93 10.65 52.52
N LYS E 442 38.29 9.77 51.58
CA LYS E 442 39.64 9.21 51.57
C LYS E 442 40.74 10.28 51.65
N THR E 443 40.54 11.42 51.00
CA THR E 443 41.52 12.50 51.10
C THR E 443 41.38 13.34 52.38
N LYS E 444 40.18 13.38 52.95
CA LYS E 444 39.96 14.13 54.18
C LYS E 444 40.44 13.37 55.42
N TYR E 445 40.48 12.05 55.33
CA TYR E 445 40.96 11.20 56.42
C TYR E 445 42.14 10.36 55.95
N PRO E 446 43.36 10.90 56.09
CA PRO E 446 44.57 10.26 55.58
C PRO E 446 44.75 8.81 56.05
N ASP E 447 45.17 7.96 55.12
CA ASP E 447 45.42 6.56 55.43
C ASP E 447 44.16 5.88 55.93
N SER E 448 43.00 6.43 55.60
CA SER E 448 41.77 5.79 56.01
C SER E 448 41.45 4.62 55.09
N ASP E 449 42.17 4.50 53.98
CA ASP E 449 42.03 3.30 53.16
C ASP E 449 42.76 2.10 53.76
N ILE E 450 44.02 2.31 54.09
CA ILE E 450 44.89 1.24 54.56
C ILE E 450 44.55 0.93 56.02
N TYR E 451 44.22 1.99 56.76
CA TYR E 451 43.85 1.92 58.18
C TYR E 451 42.34 1.75 58.43
N TRP E 452 41.60 1.51 57.35
CA TRP E 452 40.14 1.42 57.39
C TRP E 452 39.57 0.51 58.47
N LYS E 453 40.27 -0.57 58.78
CA LYS E 453 39.73 -1.57 59.70
C LYS E 453 39.34 -0.97 61.05
N LYS E 454 40.30 -0.34 61.73
CA LYS E 454 40.02 0.28 63.01
C LYS E 454 39.00 1.42 62.90
N LEU E 455 39.11 2.19 61.82
CA LEU E 455 38.19 3.29 61.56
C LEU E 455 36.75 2.89 61.28
N ASP E 456 36.51 1.60 61.05
CA ASP E 456 35.23 1.19 60.47
C ASP E 456 33.99 1.31 61.38
N ASP E 457 34.10 0.85 62.63
CA ASP E 457 32.95 0.87 63.54
C ASP E 457 32.34 2.26 63.59
N LYS E 458 33.20 3.26 63.55
CA LYS E 458 32.81 4.65 63.64
C LYS E 458 32.40 5.23 62.28
N TYR E 459 33.33 5.26 61.33
CA TYR E 459 33.10 5.88 60.02
C TYR E 459 32.53 5.02 58.87
N HIS E 460 32.57 3.69 59.00
CA HIS E 460 32.12 2.78 57.94
C HIS E 460 32.68 3.09 56.53
N PHE E 461 33.97 3.39 56.47
CA PHE E 461 34.61 3.78 55.21
C PHE E 461 34.64 2.67 54.17
N SER E 462 34.65 1.41 54.62
CA SER E 462 34.55 0.30 53.69
C SER E 462 33.27 0.42 52.86
N CYS E 463 32.18 0.88 53.50
CA CYS E 463 30.94 1.13 52.79
C CYS E 463 31.08 2.27 51.80
N GLN E 464 31.50 3.43 52.32
CA GLN E 464 31.54 4.62 51.51
C GLN E 464 32.49 4.45 50.32
N PHE E 465 33.73 4.09 50.60
CA PHE E 465 34.74 3.93 49.55
C PHE E 465 34.21 3.02 48.46
N THR E 466 33.45 2.01 48.85
CA THR E 466 32.83 1.14 47.88
C THR E 466 31.79 1.90 47.06
N ALA E 467 31.02 2.76 47.71
CA ALA E 467 29.99 3.50 46.99
C ALA E 467 30.63 4.52 46.08
N ASP E 468 31.72 5.12 46.54
CA ASP E 468 32.44 6.09 45.76
C ASP E 468 32.92 5.49 44.45
N ILE E 469 33.71 4.42 44.56
CA ILE E 469 34.28 3.72 43.41
C ILE E 469 33.20 3.21 42.46
N PHE E 470 32.12 2.68 43.03
CA PHE E 470 30.97 2.21 42.25
C PHE E 470 30.31 3.28 41.38
N ALA E 471 30.01 4.45 41.96
CA ALA E 471 29.28 5.51 41.26
C ALA E 471 30.16 6.23 40.26
N MET E 472 31.40 6.47 40.67
CA MET E 472 32.42 7.11 39.87
C MET E 472 32.50 6.46 38.48
N ASN E 473 32.58 5.14 38.46
CA ASN E 473 32.60 4.37 37.23
C ASN E 473 31.20 4.10 36.62
N HIS E 474 30.15 4.21 37.44
CA HIS E 474 28.82 3.91 36.94
C HIS E 474 28.21 5.07 36.13
N THR E 475 28.58 6.30 36.49
CA THR E 475 27.95 7.48 35.92
C THR E 475 28.39 7.73 34.47
N ASP E 476 27.55 8.47 33.73
CA ASP E 476 27.86 8.92 32.36
C ASP E 476 28.89 10.03 32.34
N PHE E 477 28.67 11.08 33.14
CA PHE E 477 29.70 12.07 33.35
C PHE E 477 29.82 12.57 34.78
N ILE E 478 30.99 13.12 35.10
CA ILE E 478 31.36 13.61 36.42
C ILE E 478 31.68 15.10 36.37
N ILE E 479 31.03 15.87 37.25
CA ILE E 479 31.35 17.28 37.39
C ILE E 479 32.23 17.56 38.62
N THR E 480 33.23 18.41 38.45
CA THR E 480 34.12 18.76 39.56
C THR E 480 34.19 20.28 39.63
N SER E 481 34.58 20.82 40.78
CA SER E 481 34.64 22.27 40.98
C SER E 481 36.00 22.90 40.68
N THR E 482 37.02 22.06 40.47
CA THR E 482 38.38 22.53 40.25
C THR E 482 39.14 21.45 39.51
N PHE E 483 40.27 21.84 38.90
CA PHE E 483 41.20 20.85 38.36
C PHE E 483 41.79 20.03 39.50
N GLN E 484 42.15 20.71 40.60
CA GLN E 484 42.84 20.02 41.68
C GLN E 484 41.98 18.85 42.20
N GLU E 485 40.68 19.07 42.29
CA GLU E 485 39.77 17.98 42.62
C GLU E 485 40.05 16.72 41.80
N ILE E 486 40.35 16.86 40.51
CA ILE E 486 40.67 15.69 39.69
C ILE E 486 42.13 15.24 39.80
N ALA E 487 43.01 16.02 39.18
CA ALA E 487 44.45 15.70 39.07
C ALA E 487 45.43 16.39 40.03
N GLY E 488 44.89 17.16 40.98
CA GLY E 488 45.72 17.83 41.97
C GLY E 488 46.58 18.91 41.37
N SER E 489 47.89 18.80 41.62
CA SER E 489 48.86 19.73 41.05
C SER E 489 50.11 18.95 40.64
N LYS E 490 51.18 19.65 40.26
CA LYS E 490 52.42 18.98 39.89
C LYS E 490 53.06 18.27 41.08
N GLU E 491 53.07 18.95 42.22
CA GLU E 491 53.69 18.43 43.44
C GLU E 491 52.81 17.48 44.25
N THR E 492 51.48 17.60 44.12
CA THR E 492 50.57 16.84 44.97
C THR E 492 49.42 16.15 44.23
N VAL E 493 49.01 14.99 44.73
CA VAL E 493 48.03 14.14 44.07
C VAL E 493 46.64 14.75 44.19
N GLY E 494 45.77 14.44 43.23
CA GLY E 494 44.42 14.96 43.20
C GLY E 494 43.42 14.11 43.97
N GLN E 495 42.22 14.64 44.17
CA GLN E 495 41.24 13.89 44.94
C GLN E 495 40.79 12.60 44.25
N TYR E 496 40.32 12.66 43.01
CA TYR E 496 39.99 11.41 42.30
C TYR E 496 41.25 10.60 42.04
N GLU E 497 42.34 11.30 41.75
CA GLU E 497 43.58 10.63 41.39
C GLU E 497 44.00 9.66 42.46
N SER E 498 43.77 10.06 43.71
CA SER E 498 44.16 9.25 44.87
C SER E 498 43.38 7.96 44.92
N HIS E 499 42.35 7.84 44.07
CA HIS E 499 41.55 6.63 43.96
C HIS E 499 41.96 5.69 42.82
N THR E 500 42.94 6.10 42.04
CA THR E 500 43.40 5.30 40.92
C THR E 500 43.91 3.95 41.38
N ALA E 501 44.87 3.96 42.30
CA ALA E 501 45.37 2.73 42.87
C ALA E 501 45.45 2.82 44.40
N PHE E 502 44.64 2.02 45.08
CA PHE E 502 44.69 1.98 46.52
C PHE E 502 44.26 0.61 47.01
N THR E 503 44.31 0.39 48.31
CA THR E 503 43.94 -0.90 48.89
C THR E 503 43.34 -0.80 50.28
N LEU E 504 42.39 -1.67 50.56
CA LEU E 504 41.76 -1.75 51.86
C LEU E 504 42.08 -3.15 52.34
N PRO E 505 43.23 -3.30 53.02
CA PRO E 505 43.77 -4.61 53.36
C PRO E 505 42.73 -5.48 54.06
N GLY E 506 42.57 -6.71 53.59
CA GLY E 506 41.62 -7.63 54.16
C GLY E 506 40.22 -7.49 53.56
N LEU E 507 40.00 -6.42 52.81
CA LEU E 507 38.70 -6.20 52.22
C LEU E 507 38.79 -6.43 50.71
N TYR E 508 39.48 -5.53 50.02
CA TYR E 508 39.79 -5.74 48.61
C TYR E 508 40.83 -4.74 48.15
N ARG E 509 41.24 -4.87 46.90
CA ARG E 509 42.32 -4.07 46.34
C ARG E 509 41.85 -3.36 45.09
N VAL E 510 42.25 -2.10 44.92
CA VAL E 510 41.91 -1.38 43.70
C VAL E 510 43.17 -1.08 42.92
N VAL E 511 43.36 -1.82 41.82
CA VAL E 511 44.54 -1.68 40.98
C VAL E 511 44.41 -0.49 40.05
N HIS E 512 43.28 -0.39 39.37
CA HIS E 512 42.91 0.87 38.72
C HIS E 512 41.46 1.13 39.08
N GLY E 513 41.19 2.13 39.92
CA GLY E 513 39.82 2.46 40.26
C GLY E 513 39.20 3.58 39.46
N ILE E 514 40.05 4.48 39.00
CA ILE E 514 39.62 5.62 38.18
C ILE E 514 40.84 6.16 37.45
N ASP E 515 40.60 6.89 36.37
CA ASP E 515 41.70 7.44 35.60
C ASP E 515 41.51 8.94 35.44
N VAL E 516 42.51 9.70 35.87
CA VAL E 516 42.45 11.14 35.86
C VAL E 516 42.20 11.71 34.46
N PHE E 517 42.48 10.92 33.42
CA PHE E 517 42.30 11.34 32.03
C PHE E 517 40.99 10.90 31.39
N ASP E 518 40.20 10.15 32.14
CA ASP E 518 38.93 9.65 31.63
C ASP E 518 38.11 10.80 31.05
N PRO E 519 37.61 10.64 29.82
CA PRO E 519 36.82 11.67 29.13
C PRO E 519 35.54 12.09 29.86
N LYS E 520 35.09 11.33 30.86
CA LYS E 520 33.86 11.69 31.57
C LYS E 520 34.02 12.86 32.55
N PHE E 521 35.26 13.20 32.91
CA PHE E 521 35.47 14.33 33.81
C PHE E 521 35.23 15.64 33.11
N ASN E 522 34.43 16.49 33.74
CA ASN E 522 34.29 17.89 33.31
C ASN E 522 34.32 18.85 34.49
N ILE E 523 35.28 19.78 34.47
CA ILE E 523 35.35 20.79 35.51
C ILE E 523 34.32 21.86 35.20
N VAL E 524 33.33 22.02 36.06
CA VAL E 524 32.41 23.15 35.92
C VAL E 524 32.32 23.84 37.27
N SER E 525 32.87 25.04 37.35
CA SER E 525 33.01 25.67 38.66
C SER E 525 31.73 26.33 39.06
N PRO E 526 31.37 26.20 40.35
CA PRO E 526 30.18 26.83 40.91
C PRO E 526 30.54 28.24 41.36
N GLY E 527 29.60 28.92 41.99
CA GLY E 527 29.80 30.30 42.37
C GLY E 527 29.00 30.56 43.61
N ALA E 528 29.01 31.81 44.07
CA ALA E 528 28.17 32.23 45.19
C ALA E 528 27.01 33.07 44.64
N ASP E 529 25.80 32.88 45.17
CA ASP E 529 24.63 33.63 44.69
C ASP E 529 24.87 35.14 44.81
N MET E 530 24.77 35.85 43.69
CA MET E 530 25.18 37.25 43.68
C MET E 530 24.18 38.23 44.29
N SER E 531 22.97 37.77 44.59
CA SER E 531 22.04 38.64 45.29
C SER E 531 22.39 38.63 46.78
N ILE E 532 22.96 37.51 47.23
CA ILE E 532 23.42 37.38 48.61
C ILE E 532 24.81 37.93 48.92
N TYR E 533 25.76 37.71 48.02
CA TYR E 533 27.14 38.09 48.27
C TYR E 533 27.64 39.10 47.24
N PHE E 534 28.16 40.22 47.71
CA PHE E 534 28.68 41.23 46.82
C PHE E 534 29.59 42.15 47.61
N PRO E 535 30.24 43.08 46.92
CA PRO E 535 31.32 43.85 47.54
C PRO E 535 30.82 44.74 48.67
N TYR E 536 31.57 44.75 49.77
CA TYR E 536 31.18 45.52 50.93
C TYR E 536 31.09 46.99 50.56
N THR E 537 31.70 47.34 49.45
CA THR E 537 31.83 48.74 49.02
C THR E 537 30.60 49.29 48.30
N GLU E 538 29.62 48.45 47.99
CA GLU E 538 28.47 49.01 47.32
C GLU E 538 27.45 49.38 48.39
N GLU E 539 27.29 50.67 48.63
CA GLU E 539 26.58 51.11 49.82
C GLU E 539 25.07 51.00 49.66
N LYS E 540 24.57 51.39 48.50
CA LYS E 540 23.14 51.33 48.24
C LYS E 540 22.61 49.94 48.52
N ARG E 541 23.41 48.92 48.21
CA ARG E 541 23.02 47.53 48.41
C ARG E 541 23.21 46.95 49.82
N ARG E 542 24.07 47.55 50.63
CA ARG E 542 24.31 47.03 51.98
C ARG E 542 23.00 46.95 52.74
N LEU E 543 22.83 45.89 53.54
CA LEU E 543 21.59 45.73 54.27
C LEU E 543 21.84 46.20 55.68
N THR E 544 21.32 47.37 56.01
CA THR E 544 21.67 48.03 57.25
C THR E 544 20.74 47.60 58.36
N LYS E 545 19.64 46.96 57.99
CA LYS E 545 18.68 46.49 58.99
C LYS E 545 19.27 45.40 59.85
N PHE E 546 20.37 44.81 59.38
CA PHE E 546 21.03 43.76 60.15
C PHE E 546 22.12 44.26 61.09
N HIS E 547 22.43 45.56 61.07
CA HIS E 547 23.57 46.01 61.86
C HIS E 547 23.28 45.97 63.37
N SER E 548 22.05 46.28 63.77
CA SER E 548 21.71 46.15 65.17
C SER E 548 22.06 44.75 65.66
N GLU E 549 21.52 43.74 64.99
CA GLU E 549 21.79 42.35 65.36
C GLU E 549 23.28 42.00 65.29
N ILE E 550 23.93 42.31 64.17
CA ILE E 550 25.33 41.97 63.97
C ILE E 550 26.21 42.57 65.06
N GLU E 551 25.97 43.83 65.41
CA GLU E 551 26.75 44.50 66.45
C GLU E 551 26.61 43.78 67.78
N GLU E 552 25.39 43.34 68.09
CA GLU E 552 25.19 42.58 69.31
C GLU E 552 25.88 41.22 69.20
N LEU E 553 25.83 40.64 68.01
CA LEU E 553 26.39 39.33 67.76
C LEU E 553 27.90 39.32 68.00
N LEU E 554 28.58 40.30 67.42
CA LEU E 554 30.01 40.46 67.65
C LEU E 554 30.38 41.11 68.98
N TYR E 555 29.76 42.25 69.27
CA TYR E 555 30.26 43.13 70.32
C TYR E 555 29.62 43.12 71.71
N SER E 556 28.54 42.36 71.91
CA SER E 556 27.80 42.45 73.16
C SER E 556 28.57 41.87 74.35
N ASP E 557 28.19 42.27 75.56
CA ASP E 557 28.85 41.75 76.76
C ASP E 557 28.13 40.51 77.30
N VAL E 558 27.08 40.09 76.59
CA VAL E 558 26.32 38.92 76.97
C VAL E 558 26.99 37.65 76.46
N GLU E 559 27.19 36.70 77.37
CA GLU E 559 27.71 35.39 76.99
C GLU E 559 26.64 34.34 77.16
N ASN E 560 26.35 33.61 76.09
CA ASN E 560 25.30 32.58 76.10
C ASN E 560 25.53 31.53 75.03
N LYS E 561 24.53 30.68 74.82
CA LYS E 561 24.60 29.64 73.81
C LYS E 561 24.61 30.21 72.39
N GLU E 562 24.26 31.49 72.26
CA GLU E 562 24.36 32.14 70.95
C GLU E 562 25.79 32.56 70.67
N HIS E 563 26.47 33.08 71.70
CA HIS E 563 27.85 33.50 71.57
C HIS E 563 28.64 33.43 72.88
N LEU E 564 29.91 33.06 72.78
CA LEU E 564 30.74 32.86 73.95
C LEU E 564 31.94 33.81 73.99
N CYS E 565 32.42 34.04 75.19
CA CYS E 565 33.32 35.14 75.55
C CYS E 565 32.83 36.51 75.12
N VAL E 566 33.76 37.40 74.83
CA VAL E 566 33.42 38.80 74.62
C VAL E 566 34.57 39.48 73.89
N LEU E 567 34.32 40.61 73.26
CA LEU E 567 35.40 41.33 72.61
C LEU E 567 35.67 42.62 73.36
N LYS E 568 36.84 42.69 73.98
CA LYS E 568 37.23 43.82 74.81
C LYS E 568 37.22 45.10 73.99
N ASP E 569 37.80 45.05 72.80
CA ASP E 569 38.02 46.26 72.04
C ASP E 569 37.31 46.23 70.68
N LYS E 570 36.29 47.07 70.54
CA LYS E 570 35.41 47.00 69.39
C LYS E 570 36.11 47.42 68.08
N LYS E 571 37.23 48.13 68.20
CA LYS E 571 37.82 48.78 67.02
C LYS E 571 38.83 47.94 66.22
N LYS E 572 39.28 46.83 66.77
CA LYS E 572 40.26 46.01 66.05
C LYS E 572 39.63 45.39 64.80
N PRO E 573 40.46 45.07 63.80
CA PRO E 573 40.03 44.26 62.66
C PRO E 573 39.60 42.87 63.13
N ILE E 574 38.71 42.23 62.41
CA ILE E 574 38.29 40.90 62.83
C ILE E 574 38.81 39.82 61.91
N LEU E 575 39.48 38.85 62.51
CA LEU E 575 39.87 37.64 61.80
C LEU E 575 38.71 36.68 61.94
N PHE E 576 38.10 36.33 60.82
CA PHE E 576 36.79 35.69 60.86
C PHE E 576 36.83 34.33 60.21
N THR E 577 36.05 33.40 60.75
CA THR E 577 35.78 32.16 60.05
C THR E 577 34.39 31.63 60.42
N MET E 578 33.80 30.86 59.51
CA MET E 578 32.48 30.27 59.71
C MET E 578 32.43 28.90 59.03
N ALA E 579 31.87 27.90 59.70
CA ALA E 579 31.87 26.54 59.19
C ALA E 579 31.13 25.55 60.06
N ARG E 580 30.82 24.40 59.48
CA ARG E 580 30.40 23.26 60.26
C ARG E 580 31.55 22.99 61.22
N LEU E 581 31.24 22.63 62.46
CA LEU E 581 32.31 22.31 63.37
C LEU E 581 32.56 20.82 63.35
N ASP E 582 33.69 20.42 62.77
CA ASP E 582 34.14 19.03 62.87
C ASP E 582 35.65 18.93 62.77
N ARG E 583 36.17 17.70 62.86
CA ARG E 583 37.61 17.49 63.00
C ARG E 583 38.39 18.09 61.84
N VAL E 584 37.97 17.75 60.63
CA VAL E 584 38.67 18.18 59.43
C VAL E 584 38.57 19.70 59.21
N LYS E 585 37.44 20.29 59.59
CA LYS E 585 37.29 21.74 59.50
C LYS E 585 38.37 22.44 60.30
N ASN E 586 38.83 21.77 61.35
CA ASN E 586 39.98 22.21 62.13
C ASN E 586 39.89 23.61 62.73
N LEU E 587 38.68 24.02 63.16
CA LEU E 587 38.50 25.35 63.76
C LEU E 587 39.25 25.51 65.09
N SER E 588 39.22 24.47 65.91
CA SER E 588 39.98 24.42 67.14
C SER E 588 41.47 24.60 66.87
N GLY E 589 41.91 24.10 65.73
CA GLY E 589 43.27 24.36 65.28
C GLY E 589 43.54 25.85 65.17
N LEU E 590 42.69 26.55 64.42
CA LEU E 590 42.80 27.99 64.26
C LEU E 590 42.87 28.66 65.65
N VAL E 591 41.92 28.32 66.51
CA VAL E 591 41.88 28.93 67.83
C VAL E 591 43.21 28.80 68.58
N GLU E 592 43.87 27.66 68.45
CA GLU E 592 45.14 27.48 69.14
C GLU E 592 46.24 28.35 68.54
N TRP E 593 46.27 28.45 67.22
CA TRP E 593 47.25 29.29 66.57
C TRP E 593 47.06 30.73 67.04
N TYR E 594 45.82 31.19 66.97
CA TYR E 594 45.52 32.54 67.42
C TYR E 594 45.99 32.69 68.87
N GLY E 595 45.62 31.76 69.74
CA GLY E 595 45.93 31.87 71.16
C GLY E 595 47.42 31.87 71.50
N LYS E 596 48.21 31.06 70.78
CA LYS E 596 49.64 30.96 71.00
C LYS E 596 50.37 32.23 70.55
N ASN E 597 49.80 32.93 69.58
CA ASN E 597 50.56 33.98 68.91
C ASN E 597 50.17 35.40 69.36
N THR E 598 51.05 36.01 70.15
CA THR E 598 50.72 37.26 70.82
C THR E 598 50.58 38.42 69.86
N ARG E 599 51.34 38.34 68.77
CA ARG E 599 51.42 39.40 67.79
C ARG E 599 50.10 39.48 67.03
N LEU E 600 49.53 38.32 66.71
CA LEU E 600 48.27 38.28 66.01
C LEU E 600 47.14 38.78 66.91
N ARG E 601 47.12 38.34 68.17
CA ARG E 601 46.10 38.76 69.15
C ARG E 601 46.04 40.26 69.38
N GLU E 602 47.17 40.93 69.26
CA GLU E 602 47.20 42.38 69.40
C GLU E 602 46.57 43.08 68.22
N LEU E 603 46.84 42.55 67.03
CA LEU E 603 46.43 43.18 65.78
C LEU E 603 44.96 42.98 65.46
N ALA E 604 44.42 41.84 65.85
CA ALA E 604 43.11 41.44 65.38
C ALA E 604 42.33 40.58 66.37
N ASN E 605 41.01 40.79 66.42
CA ASN E 605 40.13 39.91 67.21
C ASN E 605 39.83 38.64 66.44
N LEU E 606 39.62 37.54 67.16
CA LEU E 606 39.19 36.29 66.51
C LEU E 606 37.69 36.03 66.68
N VAL E 607 36.98 35.92 65.56
CA VAL E 607 35.57 35.55 65.58
C VAL E 607 35.36 34.24 64.82
N VAL E 608 34.85 33.23 65.52
CA VAL E 608 34.64 31.92 64.93
C VAL E 608 33.16 31.54 65.00
N VAL E 609 32.53 31.36 63.85
CA VAL E 609 31.19 30.81 63.83
C VAL E 609 31.29 29.31 63.58
N GLY E 610 30.97 28.50 64.58
CA GLY E 610 30.68 27.10 64.32
C GLY E 610 30.13 26.28 65.46
N GLY E 611 29.35 25.27 65.11
CA GLY E 611 28.61 24.46 66.07
C GLY E 611 27.31 25.15 66.43
N ASP E 612 26.29 24.39 66.79
CA ASP E 612 25.08 25.02 67.31
C ASP E 612 24.92 24.64 68.76
N ARG E 613 25.12 25.62 69.65
CA ARG E 613 25.12 25.37 71.07
C ARG E 613 23.77 25.65 71.71
N ARG E 614 22.82 26.15 70.93
CA ARG E 614 21.44 26.32 71.39
C ARG E 614 20.90 24.98 71.87
N LYS E 615 21.37 23.92 71.24
CA LYS E 615 20.93 22.56 71.57
C LYS E 615 22.09 21.65 71.93
N GLU E 616 21.74 20.39 72.23
CA GLU E 616 22.72 19.38 72.56
C GLU E 616 23.21 18.68 71.29
N SER E 617 24.52 18.51 71.17
CA SER E 617 25.08 17.95 69.96
C SER E 617 24.92 16.44 69.88
N LYS E 618 24.38 15.98 68.76
CA LYS E 618 24.22 14.54 68.51
C LYS E 618 25.37 13.94 67.70
N ASP E 619 26.32 14.78 67.26
CA ASP E 619 27.40 14.34 66.37
C ASP E 619 28.70 14.09 67.12
N ASN E 620 29.34 12.96 66.85
CA ASN E 620 30.59 12.60 67.53
C ASN E 620 31.66 13.68 67.43
N GLU E 621 31.97 14.10 66.21
CA GLU E 621 33.04 15.08 65.99
C GLU E 621 32.67 16.45 66.55
N GLU E 622 31.43 16.87 66.37
CA GLU E 622 31.01 18.16 66.91
C GLU E 622 31.25 18.25 68.42
N LYS E 623 30.97 17.17 69.12
CA LYS E 623 31.17 17.12 70.57
C LYS E 623 32.65 17.21 70.91
N ALA E 624 33.45 16.33 70.33
CA ALA E 624 34.89 16.32 70.59
C ALA E 624 35.44 17.72 70.37
N GLU E 625 34.89 18.39 69.37
CA GLU E 625 35.42 19.65 68.90
C GLU E 625 35.00 20.78 69.84
N MET E 626 33.77 20.74 70.31
CA MET E 626 33.30 21.73 71.27
C MET E 626 34.11 21.70 72.56
N LYS E 627 34.37 20.50 73.05
CA LYS E 627 35.19 20.35 74.24
C LYS E 627 36.58 20.96 74.08
N LYS E 628 37.19 20.81 72.90
CA LYS E 628 38.51 21.39 72.65
C LYS E 628 38.40 22.91 72.71
N MET E 629 37.32 23.43 72.14
CA MET E 629 37.07 24.86 72.10
C MET E 629 36.97 25.42 73.52
N TYR E 630 36.22 24.71 74.36
CA TYR E 630 36.07 25.16 75.74
C TYR E 630 37.42 25.16 76.44
N ASP E 631 38.18 24.08 76.23
CA ASP E 631 39.51 23.96 76.82
C ASP E 631 40.46 25.04 76.32
N LEU E 632 40.45 25.30 75.02
CA LEU E 632 41.33 26.31 74.46
C LEU E 632 41.06 27.68 75.05
N ILE E 633 39.79 28.01 75.25
CA ILE E 633 39.40 29.31 75.79
C ILE E 633 40.04 29.55 77.15
N GLU E 634 40.13 28.51 77.96
CA GLU E 634 40.74 28.66 79.27
C GLU E 634 42.28 28.66 79.19
N GLU E 635 42.83 27.77 78.36
CA GLU E 635 44.28 27.61 78.27
C GLU E 635 44.97 28.89 77.85
N TYR E 636 44.49 29.49 76.78
CA TYR E 636 45.07 30.71 76.23
C TYR E 636 44.37 31.99 76.70
N LYS E 637 43.46 31.84 77.66
CA LYS E 637 42.73 32.96 78.26
C LYS E 637 42.19 33.88 77.17
N LEU E 638 41.29 33.35 76.35
CA LEU E 638 40.89 34.02 75.12
C LEU E 638 39.82 35.09 75.33
N ASN E 639 39.27 35.19 76.54
CA ASN E 639 38.28 36.22 76.80
C ASN E 639 38.82 37.61 76.53
N GLY E 640 38.02 38.39 75.80
CA GLY E 640 38.29 39.75 75.42
C GLY E 640 38.95 39.88 74.06
N GLN E 641 39.67 38.84 73.65
CA GLN E 641 40.17 38.73 72.28
C GLN E 641 39.37 37.78 71.35
N PHE E 642 38.35 37.11 71.88
CA PHE E 642 37.75 35.98 71.16
C PHE E 642 36.23 35.89 71.31
N ARG E 643 35.56 35.61 70.21
CA ARG E 643 34.10 35.50 70.21
C ARG E 643 33.68 34.26 69.45
N TRP E 644 33.06 33.31 70.16
CA TRP E 644 32.70 32.03 69.57
C TRP E 644 31.20 31.98 69.32
N ILE E 645 30.82 32.04 68.05
CA ILE E 645 29.42 32.21 67.70
C ILE E 645 28.80 30.93 67.19
N SER E 646 27.53 30.71 67.53
CA SER E 646 26.77 29.55 67.07
C SER E 646 26.36 29.65 65.61
N SER E 647 25.98 28.51 65.04
CA SER E 647 25.68 28.40 63.63
C SER E 647 24.76 29.49 63.14
N GLN E 648 25.17 30.13 62.06
CA GLN E 648 24.40 31.22 61.49
C GLN E 648 23.63 30.70 60.29
N MET E 649 22.33 30.59 60.46
CA MET E 649 21.54 29.84 59.49
C MET E 649 20.90 30.66 58.37
N ASP E 650 20.99 31.99 58.42
CA ASP E 650 20.40 32.80 57.37
C ASP E 650 21.45 33.36 56.44
N ARG E 651 21.49 32.81 55.24
CA ARG E 651 22.47 33.22 54.25
C ARG E 651 22.35 34.71 53.96
N VAL E 652 21.14 35.25 54.10
CA VAL E 652 20.93 36.65 53.77
C VAL E 652 21.71 37.53 54.72
N ARG E 653 21.53 37.31 56.02
CA ARG E 653 22.28 38.09 57.00
C ARG E 653 23.74 37.73 56.95
N ASN E 654 24.02 36.47 56.62
CA ASN E 654 25.40 36.01 56.51
C ASN E 654 26.17 36.87 55.51
N GLY E 655 25.56 37.15 54.37
CA GLY E 655 26.15 38.03 53.40
C GLY E 655 26.55 39.36 54.03
N GLU E 656 25.64 39.97 54.78
CA GLU E 656 25.94 41.24 55.44
C GLU E 656 27.04 41.08 56.48
N LEU E 657 27.07 39.92 57.14
CA LEU E 657 28.11 39.63 58.13
C LEU E 657 29.48 39.67 57.49
N TYR E 658 29.64 38.99 56.36
CA TYR E 658 30.90 38.99 55.62
C TYR E 658 31.32 40.42 55.33
N ARG E 659 30.34 41.25 54.98
CA ARG E 659 30.63 42.62 54.58
C ARG E 659 30.92 43.48 55.80
N TYR E 660 30.40 43.08 56.95
CA TYR E 660 30.71 43.80 58.18
C TYR E 660 32.19 43.58 58.56
N ILE E 661 32.69 42.36 58.38
CA ILE E 661 34.09 42.08 58.62
C ILE E 661 34.95 42.97 57.73
N CYS E 662 34.52 43.14 56.48
CA CYS E 662 35.19 44.03 55.55
C CYS E 662 35.31 45.44 56.13
N ASP E 663 34.27 45.91 56.82
CA ASP E 663 34.28 47.25 57.39
C ASP E 663 35.35 47.41 58.47
N THR E 664 35.62 46.32 59.19
CA THR E 664 36.62 46.37 60.25
C THR E 664 38.00 46.20 59.66
N LYS E 665 38.07 46.01 58.35
CA LYS E 665 39.33 45.78 57.63
C LYS E 665 39.98 44.48 58.07
N GLY E 666 39.14 43.49 58.36
CA GLY E 666 39.61 42.20 58.85
C GLY E 666 39.97 41.25 57.73
N ALA E 667 39.89 39.95 58.01
CA ALA E 667 40.25 38.97 57.00
C ALA E 667 39.54 37.67 57.30
N PHE E 668 39.44 36.83 56.28
CA PHE E 668 38.79 35.54 56.44
C PHE E 668 39.85 34.46 56.47
N VAL E 669 39.70 33.50 57.36
CA VAL E 669 40.64 32.38 57.40
C VAL E 669 39.95 31.05 57.45
N GLN E 670 40.42 30.13 56.60
CA GLN E 670 39.84 28.80 56.52
C GLN E 670 40.94 27.76 56.74
N PRO E 671 41.11 27.34 58.01
CA PRO E 671 42.22 26.48 58.42
C PRO E 671 41.90 25.00 58.29
N ALA E 672 41.37 24.54 57.17
CA ALA E 672 40.96 23.15 57.13
C ALA E 672 42.17 22.28 56.94
N LEU E 673 42.13 21.06 57.47
CA LEU E 673 43.20 20.12 57.19
C LEU E 673 43.06 19.65 55.75
N TYR E 674 41.82 19.50 55.30
CA TYR E 674 41.56 19.34 53.87
C TYR E 674 40.23 19.99 53.49
N GLU E 675 40.23 20.74 52.40
CA GLU E 675 38.99 21.31 51.93
C GLU E 675 38.74 20.87 50.50
N ALA E 676 37.67 20.11 50.29
CA ALA E 676 37.36 19.62 48.96
C ALA E 676 37.25 20.79 47.99
N PHE E 677 36.41 21.76 48.34
CA PHE E 677 36.25 22.98 47.53
C PHE E 677 36.42 24.25 48.35
N GLY E 678 35.58 24.46 49.36
CA GLY E 678 35.50 25.76 50.00
C GLY E 678 34.61 26.89 49.49
N LEU E 679 33.31 26.61 49.36
CA LEU E 679 32.33 27.66 49.08
C LEU E 679 32.49 28.95 49.90
N THR E 680 32.81 28.86 51.18
CA THR E 680 33.01 30.09 51.97
C THR E 680 34.21 30.93 51.50
N VAL E 681 35.22 30.27 50.95
CA VAL E 681 36.35 30.99 50.37
C VAL E 681 35.82 31.88 49.25
N VAL E 682 34.96 31.31 48.41
CA VAL E 682 34.30 32.06 47.34
C VAL E 682 33.42 33.19 47.88
N GLU E 683 32.59 32.87 48.86
CA GLU E 683 31.73 33.86 49.50
C GLU E 683 32.53 35.05 50.01
N ALA E 684 33.54 34.76 50.82
CA ALA E 684 34.39 35.80 51.41
C ALA E 684 35.00 36.65 50.32
N MET E 685 35.52 35.99 49.29
CA MET E 685 36.18 36.72 48.20
C MET E 685 35.18 37.57 47.41
N THR E 686 33.95 37.08 47.28
CA THR E 686 32.91 37.78 46.55
C THR E 686 32.49 39.08 47.25
N CYS E 687 32.66 39.12 48.57
CA CYS E 687 32.31 40.33 49.31
C CYS E 687 33.48 41.28 49.42
N GLY E 688 34.67 40.82 49.05
CA GLY E 688 35.85 41.67 49.12
C GLY E 688 36.72 41.43 50.35
N LEU E 689 36.41 40.36 51.08
CA LEU E 689 37.15 40.06 52.30
C LEU E 689 38.40 39.26 51.98
N PRO E 690 39.57 39.85 52.26
CA PRO E 690 40.86 39.21 51.99
C PRO E 690 40.92 37.84 52.65
N THR E 691 41.34 36.83 51.91
CA THR E 691 41.18 35.46 52.36
C THR E 691 42.47 34.67 52.52
N PHE E 692 42.58 33.96 53.64
CA PHE E 692 43.70 33.09 53.90
C PHE E 692 43.13 31.69 54.01
N ALA E 693 43.47 30.83 53.06
CA ALA E 693 42.85 29.51 52.99
C ALA E 693 43.84 28.37 53.03
N THR E 694 43.37 27.23 53.51
CA THR E 694 44.16 26.02 53.57
C THR E 694 44.68 25.73 52.18
N CYS E 695 45.90 25.22 52.12
CA CYS E 695 46.52 24.86 50.85
C CYS E 695 46.17 23.41 50.49
N LYS E 696 45.36 22.78 51.31
CA LYS E 696 45.05 21.36 51.10
C LYS E 696 43.67 21.15 50.50
N GLY E 697 43.62 20.75 49.23
CA GLY E 697 42.38 20.63 48.51
C GLY E 697 42.11 21.84 47.63
N GLY E 698 40.84 22.01 47.24
CA GLY E 698 40.44 23.04 46.29
C GLY E 698 40.91 24.47 46.47
N PRO E 699 40.96 24.96 47.72
CA PRO E 699 41.36 26.37 47.82
C PRO E 699 42.76 26.67 47.25
N ALA E 700 43.58 25.62 47.06
CA ALA E 700 44.89 25.80 46.45
C ALA E 700 44.72 26.32 45.02
N GLU E 701 43.64 25.90 44.38
CA GLU E 701 43.24 26.39 43.07
C GLU E 701 42.46 27.72 43.08
N ILE E 702 41.53 27.89 44.01
CA ILE E 702 40.67 29.06 44.00
C ILE E 702 41.47 30.34 44.15
N ILE E 703 42.47 30.29 45.03
CA ILE E 703 43.26 31.47 45.37
C ILE E 703 44.61 31.44 44.69
N VAL E 704 45.08 32.60 44.25
CA VAL E 704 46.46 32.71 43.81
C VAL E 704 47.23 33.51 44.84
N HIS E 705 48.23 32.86 45.41
CA HIS E 705 48.92 33.41 46.56
C HIS E 705 49.51 34.78 46.26
N GLY E 706 49.26 35.71 47.16
CA GLY E 706 49.78 37.07 47.01
C GLY E 706 48.96 37.92 46.08
N LYS E 707 48.03 37.31 45.35
CA LYS E 707 47.25 38.04 44.35
C LYS E 707 45.75 38.14 44.67
N SER E 708 45.07 37.00 44.71
CA SER E 708 43.67 36.93 45.10
C SER E 708 43.45 36.53 46.58
N GLY E 709 44.56 36.34 47.30
CA GLY E 709 44.49 35.90 48.68
C GLY E 709 45.79 35.28 49.09
N PHE E 710 45.77 34.44 50.13
CA PHE E 710 46.97 33.76 50.58
C PHE E 710 46.67 32.33 50.94
N HIS E 711 47.65 31.46 50.72
CA HIS E 711 47.56 30.10 51.23
C HIS E 711 48.26 30.06 52.58
N ILE E 712 47.70 29.27 53.49
CA ILE E 712 48.38 28.95 54.73
C ILE E 712 48.37 27.44 54.83
N ASP E 713 49.32 26.88 55.59
CA ASP E 713 49.43 25.42 55.69
C ASP E 713 48.97 24.95 57.06
N PRO E 714 47.81 24.30 57.11
CA PRO E 714 47.19 23.94 58.40
C PRO E 714 48.12 23.05 59.20
N TYR E 715 49.09 22.45 58.55
CA TYR E 715 50.06 21.63 59.26
C TYR E 715 51.16 22.44 59.91
N HIS E 716 51.42 23.64 59.42
CA HIS E 716 52.16 24.57 60.26
C HIS E 716 51.25 25.72 60.60
N GLY E 717 50.72 25.71 61.81
CA GLY E 717 49.72 26.67 62.22
C GLY E 717 50.34 27.89 62.83
N ASP E 718 51.52 27.70 63.42
CA ASP E 718 52.22 28.81 64.06
C ASP E 718 52.73 29.73 62.95
N GLN E 719 53.06 29.13 61.81
CA GLN E 719 53.46 29.87 60.63
C GLN E 719 52.27 30.59 60.04
N ALA E 720 51.12 29.92 60.01
CA ALA E 720 49.90 30.55 59.55
C ALA E 720 49.62 31.80 60.37
N ALA E 721 49.66 31.66 61.69
CA ALA E 721 49.33 32.75 62.57
C ALA E 721 50.27 33.91 62.33
N ASP E 722 51.53 33.60 62.02
CA ASP E 722 52.49 34.66 61.71
C ASP E 722 52.19 35.37 60.38
N THR E 723 51.82 34.58 59.36
CA THR E 723 51.45 35.14 58.06
C THR E 723 50.32 36.16 58.21
N LEU E 724 49.25 35.75 58.90
CA LEU E 724 48.14 36.64 59.25
C LEU E 724 48.63 37.89 59.98
N ALA E 725 49.46 37.69 61.00
CA ALA E 725 50.07 38.80 61.72
C ALA E 725 50.79 39.76 60.77
N ASP E 726 51.61 39.22 59.88
CA ASP E 726 52.33 40.04 58.91
C ASP E 726 51.37 40.87 58.06
N PHE E 727 50.34 40.22 57.53
CA PHE E 727 49.32 40.91 56.74
C PHE E 727 48.74 42.10 57.49
N PHE E 728 48.27 41.83 58.71
CA PHE E 728 47.66 42.88 59.51
C PHE E 728 48.63 44.02 59.80
N THR E 729 49.93 43.67 59.90
CA THR E 729 50.99 44.65 60.09
C THR E 729 51.18 45.51 58.84
N LYS E 730 51.31 44.86 57.69
CA LYS E 730 51.45 45.58 56.41
C LYS E 730 50.24 46.47 56.11
N CYS E 731 49.04 45.99 56.41
CA CYS E 731 47.83 46.80 56.19
C CYS E 731 47.80 47.98 57.14
N LYS E 732 48.39 47.80 58.32
CA LYS E 732 48.38 48.86 59.31
C LYS E 732 49.25 50.00 58.80
N GLU E 733 50.39 49.65 58.22
CA GLU E 733 51.30 50.66 57.67
C GLU E 733 50.77 51.20 56.34
N ASP E 734 50.31 50.30 55.49
CA ASP E 734 49.86 50.66 54.16
C ASP E 734 48.48 50.08 53.88
N PRO E 735 47.42 50.82 54.25
CA PRO E 735 46.06 50.30 54.10
C PRO E 735 45.73 49.87 52.67
N SER E 736 46.45 50.40 51.69
CA SER E 736 46.18 50.06 50.31
C SER E 736 46.53 48.59 50.07
N HIS E 737 47.28 48.02 51.00
CA HIS E 737 47.67 46.63 50.90
C HIS E 737 46.43 45.76 51.05
N TRP E 738 45.54 46.16 51.96
CA TRP E 738 44.29 45.47 52.14
C TRP E 738 43.54 45.47 50.81
N ASP E 739 43.32 46.65 50.25
CA ASP E 739 42.54 46.81 49.02
C ASP E 739 43.04 46.03 47.81
N GLU E 740 44.36 45.82 47.70
CA GLU E 740 44.93 45.10 46.57
C GLU E 740 44.47 43.65 46.56
N ILE E 741 44.57 43.03 47.73
CA ILE E 741 44.17 41.65 47.89
C ILE E 741 42.66 41.58 47.76
N SER E 742 41.98 42.62 48.23
CA SER E 742 40.53 42.69 48.16
C SER E 742 40.11 42.59 46.70
N LYS E 743 40.74 43.41 45.88
CA LYS E 743 40.40 43.50 44.48
C LYS E 743 40.87 42.26 43.74
N GLY E 744 42.07 41.80 44.08
CA GLY E 744 42.56 40.57 43.49
C GLY E 744 41.46 39.52 43.62
N GLY E 745 40.88 39.43 44.81
CA GLY E 745 39.81 38.49 45.08
C GLY E 745 38.57 38.74 44.25
N LEU E 746 38.08 39.97 44.27
CA LEU E 746 36.89 40.31 43.51
C LEU E 746 37.04 39.88 42.07
N GLN E 747 38.14 40.28 41.44
CA GLN E 747 38.38 39.92 40.04
C GLN E 747 38.45 38.41 39.88
N ARG E 748 39.29 37.80 40.71
CA ARG E 748 39.51 36.36 40.65
C ARG E 748 38.18 35.61 40.64
N ILE E 749 37.26 36.01 41.51
CA ILE E 749 35.92 35.45 41.54
C ILE E 749 35.18 35.71 40.24
N GLU E 750 35.21 36.97 39.79
CA GLU E 750 34.52 37.42 38.59
C GLU E 750 34.91 36.60 37.35
N GLU E 751 36.18 36.22 37.28
CA GLU E 751 36.72 35.51 36.13
C GLU E 751 36.39 34.02 36.14
N LYS E 752 36.39 33.43 37.33
CA LYS E 752 36.29 31.97 37.52
C LYS E 752 34.98 31.43 38.10
N TYR E 753 34.59 31.88 39.29
CA TYR E 753 33.40 31.30 39.94
C TYR E 753 32.12 32.14 39.86
N THR E 754 31.19 31.68 39.04
CA THR E 754 29.88 32.32 38.89
C THR E 754 28.93 31.26 38.33
N TRP E 755 27.63 31.46 38.52
CA TRP E 755 26.67 30.42 38.16
C TRP E 755 26.14 30.48 36.73
N GLN E 756 26.40 31.57 36.03
CA GLN E 756 25.73 31.77 34.74
C GLN E 756 26.07 30.67 33.75
N ILE E 757 27.36 30.51 33.48
CA ILE E 757 27.87 29.48 32.59
C ILE E 757 27.52 28.08 33.07
N TYR E 758 27.43 27.93 34.39
CA TYR E 758 27.31 26.60 34.97
C TYR E 758 26.20 25.81 34.30
N SER E 759 25.02 26.39 34.24
CA SER E 759 23.85 25.65 33.78
C SER E 759 23.91 25.32 32.28
N GLN E 760 24.27 26.29 31.46
CA GLN E 760 24.40 26.03 30.03
C GLN E 760 25.36 24.88 29.81
N ARG E 761 26.48 24.93 30.53
CA ARG E 761 27.48 23.88 30.43
C ARG E 761 26.86 22.53 30.81
N LEU E 762 26.28 22.48 31.99
CA LEU E 762 25.65 21.26 32.48
C LEU E 762 24.67 20.71 31.46
N LEU E 763 23.81 21.57 30.93
CA LEU E 763 22.79 21.12 29.99
C LEU E 763 23.41 20.62 28.68
N THR E 764 24.47 21.30 28.25
CA THR E 764 25.14 20.88 27.05
C THR E 764 25.76 19.51 27.28
N LEU E 765 26.47 19.35 28.40
CA LEU E 765 27.03 18.04 28.73
C LEU E 765 25.98 16.94 28.64
N THR E 766 24.79 17.21 29.17
CA THR E 766 23.70 16.24 29.12
C THR E 766 23.38 15.88 27.68
N GLY E 767 23.36 16.88 26.81
CA GLY E 767 23.14 16.61 25.40
C GLY E 767 24.16 15.64 24.85
N VAL E 768 25.44 15.98 25.00
CA VAL E 768 26.49 15.18 24.40
C VAL E 768 26.56 13.78 25.00
N TYR E 769 26.70 13.72 26.32
CA TYR E 769 26.85 12.42 26.97
C TYR E 769 25.58 11.62 26.77
N GLY E 770 24.47 12.33 26.64
CA GLY E 770 23.20 11.71 26.34
C GLY E 770 23.28 10.96 25.03
N PHE E 771 23.70 11.64 23.97
CA PHE E 771 23.86 10.99 22.68
C PHE E 771 24.92 9.90 22.73
N TRP E 772 26.09 10.22 23.28
CA TRP E 772 27.19 9.27 23.40
C TRP E 772 26.72 7.96 24.01
N LYS E 773 25.74 8.05 24.90
CA LYS E 773 25.14 6.88 25.52
C LYS E 773 24.76 5.87 24.45
N HIS E 774 24.14 6.33 23.38
CA HIS E 774 23.61 5.45 22.33
C HIS E 774 24.68 4.91 21.36
N VAL E 775 25.72 5.70 21.12
CA VAL E 775 26.79 5.29 20.22
C VAL E 775 27.63 4.16 20.82
N SER E 776 28.15 4.42 22.02
CA SER E 776 29.15 3.57 22.66
C SER E 776 28.49 2.48 23.50
N ASN E 777 27.16 2.41 23.43
CA ASN E 777 26.38 1.53 24.28
C ASN E 777 26.93 0.10 24.34
N LEU E 778 27.41 -0.39 23.21
CA LEU E 778 27.89 -1.77 23.16
C LEU E 778 29.04 -2.09 24.11
N ASP E 779 29.98 -1.16 24.30
CA ASP E 779 31.07 -1.38 25.26
C ASP E 779 30.69 -1.12 26.72
N ARG E 780 29.80 -0.15 26.94
CA ARG E 780 29.37 0.19 28.28
C ARG E 780 28.68 -0.99 28.95
N LEU E 781 28.10 -1.88 28.16
CA LEU E 781 27.35 -3.00 28.70
C LEU E 781 28.24 -3.96 29.50
N GLU E 782 29.48 -4.15 29.05
CA GLU E 782 30.46 -4.90 29.83
C GLU E 782 30.70 -4.25 31.19
N ALA E 783 30.85 -2.93 31.18
CA ALA E 783 31.10 -2.19 32.41
C ALA E 783 29.88 -2.19 33.31
N ARG E 784 28.70 -2.28 32.70
CA ARG E 784 27.47 -2.29 33.45
C ARG E 784 27.38 -3.54 34.33
N ARG E 785 27.60 -4.70 33.71
CA ARG E 785 27.57 -5.97 34.41
C ARG E 785 28.66 -6.06 35.49
N TYR E 786 29.85 -5.55 35.18
CA TYR E 786 30.93 -5.52 36.15
C TYR E 786 30.50 -4.77 37.42
N LEU E 787 29.91 -3.60 37.23
CA LEU E 787 29.46 -2.78 38.35
C LEU E 787 28.30 -3.41 39.10
N GLU E 788 27.38 -4.05 38.36
CA GLU E 788 26.26 -4.72 38.98
C GLU E 788 26.74 -5.78 39.96
N MET E 789 27.74 -6.55 39.56
CA MET E 789 28.23 -7.60 40.42
C MET E 789 28.88 -6.98 41.63
N PHE E 790 29.73 -5.99 41.39
CA PHE E 790 30.35 -5.23 42.48
C PHE E 790 29.31 -4.73 43.47
N TYR E 791 28.21 -4.16 42.98
CA TYR E 791 27.19 -3.63 43.86
C TYR E 791 26.53 -4.75 44.65
N ALA E 792 26.06 -5.76 43.93
CA ALA E 792 25.35 -6.90 44.52
C ALA E 792 26.17 -7.66 45.54
N LEU E 793 27.36 -8.09 45.13
CA LEU E 793 28.16 -9.01 45.93
C LEU E 793 29.15 -8.33 46.88
N LYS E 794 29.23 -7.01 46.82
CA LYS E 794 30.21 -6.30 47.63
C LYS E 794 29.57 -5.22 48.48
N TYR E 795 28.92 -4.26 47.83
CA TYR E 795 28.25 -3.20 48.55
C TYR E 795 27.14 -3.73 49.47
N ARG E 796 26.16 -4.43 48.90
CA ARG E 796 25.01 -4.86 49.70
C ARG E 796 25.43 -5.47 51.05
N PRO E 797 26.34 -6.46 51.01
CA PRO E 797 26.79 -7.12 52.25
C PRO E 797 27.37 -6.12 53.25
N LEU E 798 28.23 -5.25 52.77
CA LEU E 798 28.87 -4.24 53.62
C LEU E 798 27.84 -3.29 54.25
N ALA E 799 26.86 -2.90 53.46
CA ALA E 799 25.82 -1.97 53.90
C ALA E 799 24.90 -2.62 54.93
N GLN E 800 24.62 -3.91 54.74
CA GLN E 800 23.76 -4.63 55.67
C GLN E 800 24.51 -4.90 56.97
N ALA E 801 25.84 -4.78 56.90
CA ALA E 801 26.67 -5.01 58.07
C ALA E 801 26.70 -3.75 58.94
N VAL E 802 26.00 -2.71 58.50
CA VAL E 802 25.96 -1.47 59.28
C VAL E 802 24.78 -1.44 60.25
N PRO E 803 25.10 -1.25 61.54
CA PRO E 803 24.12 -1.24 62.62
C PRO E 803 23.05 -0.20 62.33
N LEU E 804 21.79 -0.62 62.43
CA LEU E 804 20.67 0.28 62.24
C LEU E 804 20.51 1.24 63.42
N ALA E 805 19.88 2.38 63.14
CA ALA E 805 19.58 3.34 64.20
C ALA E 805 18.41 2.81 65.04
N GLN E 806 18.29 3.31 66.27
CA GLN E 806 17.16 2.93 67.11
C GLN E 806 16.31 4.12 67.56
N ASP E 807 15.01 4.06 67.27
CA ASP E 807 14.06 5.01 67.80
C ASP E 807 13.58 4.53 69.17
N ASN F 27 -2.48 14.15 -18.69
CA ASN F 27 -2.28 15.56 -19.03
C ASN F 27 -1.51 15.71 -20.34
N GLU F 28 -1.53 14.66 -21.15
CA GLU F 28 -0.82 14.61 -22.41
C GLU F 28 -1.13 15.79 -23.35
N VAL F 29 -2.39 16.21 -23.39
CA VAL F 29 -2.84 17.22 -24.33
C VAL F 29 -1.98 18.48 -24.27
N LEU F 30 -1.44 18.78 -23.09
CA LEU F 30 -0.61 19.96 -22.89
C LEU F 30 0.86 19.75 -23.25
N ALA F 31 1.54 18.89 -22.49
CA ALA F 31 2.98 18.70 -22.66
C ALA F 31 3.32 18.50 -24.12
N LEU F 32 2.40 17.84 -24.84
CA LEU F 32 2.59 17.55 -26.25
C LEU F 32 2.74 18.81 -27.10
N LEU F 33 1.97 19.86 -26.79
CA LEU F 33 2.01 21.07 -27.62
C LEU F 33 3.23 21.96 -27.35
N SER F 34 3.72 21.99 -26.12
CA SER F 34 4.98 22.69 -25.85
C SER F 34 6.04 21.90 -26.62
N ARG F 35 5.89 20.58 -26.61
CA ARG F 35 6.73 19.72 -27.42
C ARG F 35 6.66 20.14 -28.88
N VAL F 36 5.47 20.01 -29.47
CA VAL F 36 5.27 20.30 -30.88
C VAL F 36 5.78 21.70 -31.23
N GLU F 37 5.75 22.61 -30.26
CA GLU F 37 6.29 23.94 -30.48
C GLU F 37 7.82 23.92 -30.41
N ALA F 38 8.35 23.07 -29.53
CA ALA F 38 9.78 22.80 -29.48
C ALA F 38 10.17 22.09 -30.79
N LYS F 39 9.31 21.16 -31.19
CA LYS F 39 9.46 20.39 -32.42
C LYS F 39 9.52 21.31 -33.64
N GLY F 40 8.55 22.21 -33.74
CA GLY F 40 8.47 23.14 -34.84
C GLY F 40 9.63 24.11 -34.85
N LYS F 41 10.27 24.27 -33.69
CA LYS F 41 11.45 25.11 -33.57
C LYS F 41 12.58 24.54 -34.44
N GLY F 42 12.36 23.32 -34.91
CA GLY F 42 13.26 22.68 -35.87
C GLY F 42 14.44 21.96 -35.24
N ILE F 43 15.54 21.97 -35.99
CA ILE F 43 16.77 21.33 -35.57
C ILE F 43 17.55 22.26 -34.63
N LEU F 44 18.81 21.93 -34.40
CA LEU F 44 19.68 22.56 -33.42
C LEU F 44 19.22 22.48 -31.96
N GLN F 45 19.46 23.55 -31.22
CA GLN F 45 19.21 23.53 -29.79
C GLN F 45 19.07 24.94 -29.22
N GLN F 46 18.46 25.02 -28.04
CA GLN F 46 18.27 26.33 -27.42
C GLN F 46 18.35 26.28 -25.89
N ASN F 47 18.69 27.42 -25.30
CA ASN F 47 18.86 27.55 -23.87
C ASN F 47 17.53 27.78 -23.18
N GLN F 48 17.54 28.00 -21.87
CA GLN F 48 16.27 28.21 -21.17
C GLN F 48 15.63 29.52 -21.62
N ILE F 49 16.44 30.52 -21.93
CA ILE F 49 15.90 31.72 -22.53
C ILE F 49 15.02 31.29 -23.70
N ILE F 50 15.64 30.78 -24.76
CA ILE F 50 14.91 30.30 -25.93
C ILE F 50 13.81 29.32 -25.53
N ALA F 51 14.18 28.27 -24.79
CA ALA F 51 13.21 27.26 -24.39
C ALA F 51 12.37 27.87 -23.28
N GLU F 52 11.07 27.93 -23.49
CA GLU F 52 10.18 28.46 -22.47
C GLU F 52 10.07 29.99 -22.44
N PHE F 53 10.96 30.70 -23.12
CA PHE F 53 10.70 32.12 -23.37
C PHE F 53 9.50 32.06 -24.29
N GLU F 54 9.66 31.28 -25.34
CA GLU F 54 8.57 30.80 -26.16
C GLU F 54 8.04 29.62 -25.36
N ALA F 55 7.22 28.77 -25.96
CA ALA F 55 6.60 27.71 -25.16
C ALA F 55 5.69 28.35 -24.12
N LEU F 56 5.93 28.12 -22.83
CA LEU F 56 4.97 28.60 -21.83
C LEU F 56 4.54 30.05 -22.07
N PRO F 57 5.50 31.00 -22.06
CA PRO F 57 5.15 32.31 -22.60
C PRO F 57 5.09 32.25 -24.13
N GLU F 58 4.73 33.33 -24.80
CA GLU F 58 4.28 33.20 -26.18
C GLU F 58 3.13 32.20 -26.10
N GLN F 59 3.09 31.24 -27.02
CA GLN F 59 2.14 30.14 -26.88
C GLN F 59 0.72 30.63 -26.65
N THR F 60 0.19 30.33 -25.47
CA THR F 60 -1.21 30.60 -25.14
C THR F 60 -1.51 30.24 -23.68
N ARG F 61 -2.65 30.74 -23.20
CA ARG F 61 -3.06 30.65 -21.79
C ARG F 61 -3.30 29.21 -21.32
N LYS F 62 -3.19 28.27 -22.26
CA LYS F 62 -3.43 26.85 -22.00
C LYS F 62 -2.54 26.28 -20.90
N LYS F 63 -1.53 27.04 -20.48
CA LYS F 63 -0.48 26.49 -19.61
C LYS F 63 -1.05 25.70 -18.44
N LEU F 64 -1.58 26.40 -17.45
CA LEU F 64 -2.11 25.75 -16.25
C LEU F 64 -1.08 24.70 -15.82
N GLU F 65 0.18 25.01 -16.08
CA GLU F 65 1.30 24.10 -15.82
C GLU F 65 2.05 24.37 -14.52
N GLY F 66 1.58 25.33 -13.74
CA GLY F 66 2.31 25.77 -12.56
C GLY F 66 2.80 24.63 -11.68
N GLY F 67 1.96 23.61 -11.49
CA GLY F 67 2.33 22.46 -10.66
C GLY F 67 2.93 21.24 -11.34
N PRO F 68 2.67 21.07 -12.65
CA PRO F 68 3.12 19.93 -13.46
C PRO F 68 4.64 19.86 -13.75
N PHE F 69 5.02 18.98 -14.67
CA PHE F 69 6.42 18.69 -14.99
C PHE F 69 7.13 19.98 -15.41
N PHE F 70 6.35 21.05 -15.58
CA PHE F 70 6.87 22.35 -15.95
C PHE F 70 8.06 22.73 -15.07
N ASP F 71 8.07 22.26 -13.83
CA ASP F 71 9.22 22.46 -12.95
C ASP F 71 10.54 21.97 -13.58
N LEU F 72 10.53 20.75 -14.14
CA LEU F 72 11.70 20.22 -14.84
C LEU F 72 12.13 21.15 -15.96
N LEU F 73 11.19 21.51 -16.83
CA LEU F 73 11.45 22.44 -17.91
C LEU F 73 12.12 23.70 -17.37
N LYS F 74 11.63 24.17 -16.23
CA LYS F 74 12.10 25.42 -15.64
C LYS F 74 13.61 25.39 -15.36
N SER F 75 14.09 24.24 -14.88
CA SER F 75 15.51 24.09 -14.56
C SER F 75 16.34 23.50 -15.71
N THR F 76 15.70 23.33 -16.87
CA THR F 76 16.43 22.86 -18.05
C THR F 76 17.37 23.93 -18.55
N GLN F 77 18.65 23.60 -18.63
CA GLN F 77 19.69 24.54 -19.06
C GLN F 77 19.81 24.68 -20.57
N GLU F 78 19.74 23.54 -21.25
CA GLU F 78 19.69 23.51 -22.71
C GLU F 78 18.94 22.26 -23.18
N ALA F 79 18.28 22.37 -24.33
CA ALA F 79 17.61 21.23 -24.94
C ALA F 79 18.09 21.11 -26.38
N ILE F 80 18.59 19.92 -26.73
CA ILE F 80 19.00 19.68 -28.11
C ILE F 80 17.90 18.92 -28.83
N VAL F 81 17.44 19.47 -29.95
CA VAL F 81 16.35 18.85 -30.69
C VAL F 81 16.82 18.16 -31.96
N LEU F 82 16.63 16.85 -32.02
CA LEU F 82 16.76 16.12 -33.26
C LEU F 82 15.38 15.50 -33.50
N PRO F 83 14.94 15.44 -34.76
CA PRO F 83 13.51 15.52 -35.03
C PRO F 83 12.60 14.59 -34.24
N PRO F 84 12.91 13.29 -34.13
CA PRO F 84 12.02 12.46 -33.31
C PRO F 84 12.11 12.74 -31.80
N TRP F 85 13.28 13.20 -31.35
CA TRP F 85 13.58 13.33 -29.93
C TRP F 85 14.03 14.72 -29.50
N VAL F 86 13.97 14.96 -28.21
CA VAL F 86 14.54 16.17 -27.65
C VAL F 86 15.32 15.79 -26.40
N ALA F 87 16.61 16.09 -26.40
CA ALA F 87 17.46 15.80 -25.23
C ALA F 87 17.50 16.99 -24.29
N LEU F 88 17.39 16.74 -22.99
CA LEU F 88 17.35 17.83 -22.00
C LEU F 88 18.44 17.73 -20.96
N ALA F 89 19.22 18.79 -20.81
CA ALA F 89 20.14 18.91 -19.67
C ALA F 89 19.44 19.68 -18.54
N VAL F 90 19.23 19.01 -17.41
CA VAL F 90 18.47 19.57 -16.31
C VAL F 90 19.32 19.77 -15.06
N ARG F 91 19.12 20.91 -14.43
CA ARG F 91 20.00 21.37 -13.36
C ARG F 91 19.16 21.92 -12.23
N PRO F 92 18.69 21.02 -11.37
CA PRO F 92 17.85 21.29 -10.20
C PRO F 92 18.53 22.27 -9.24
N ARG F 93 19.79 21.99 -8.94
CA ARG F 93 20.59 22.82 -8.05
C ARG F 93 21.95 22.95 -8.68
N PRO F 94 22.73 23.96 -8.25
CA PRO F 94 24.12 24.05 -8.72
C PRO F 94 24.87 22.73 -8.52
N GLY F 95 25.59 22.29 -9.54
CA GLY F 95 26.43 21.13 -9.40
C GLY F 95 25.68 19.82 -9.45
N VAL F 96 24.37 19.92 -9.60
CA VAL F 96 23.54 18.72 -9.78
C VAL F 96 22.90 18.71 -11.16
N TRP F 97 23.21 17.67 -11.93
CA TRP F 97 22.72 17.53 -13.30
C TRP F 97 22.04 16.17 -13.57
N GLU F 98 21.00 16.22 -14.38
CA GLU F 98 20.22 15.05 -14.71
C GLU F 98 19.95 15.20 -16.20
N TYR F 99 20.27 14.18 -16.99
CA TYR F 99 20.02 14.26 -18.43
C TYR F 99 18.93 13.27 -18.81
N LEU F 100 18.04 13.68 -19.72
CA LEU F 100 17.01 12.77 -20.19
C LEU F 100 16.56 13.01 -21.63
N ARG F 101 16.15 11.91 -22.27
CA ARG F 101 15.66 11.90 -23.64
C ARG F 101 14.15 12.04 -23.59
N VAL F 102 13.60 12.99 -24.35
CA VAL F 102 12.14 13.10 -24.42
C VAL F 102 11.64 13.05 -25.85
N ASN F 103 10.71 12.12 -26.08
CA ASN F 103 10.20 11.84 -27.41
C ASN F 103 9.16 12.86 -27.82
N LEU F 104 9.43 13.59 -28.90
CA LEU F 104 8.56 14.69 -29.31
C LEU F 104 7.10 14.25 -29.50
N HIS F 105 6.84 13.46 -30.53
CA HIS F 105 5.55 12.81 -30.66
C HIS F 105 5.60 11.58 -29.78
N ALA F 106 4.50 11.23 -29.14
CA ALA F 106 4.49 10.03 -28.30
C ALA F 106 4.89 10.17 -26.83
N LEU F 107 5.34 11.35 -26.41
CA LEU F 107 5.43 11.63 -24.98
C LEU F 107 5.99 10.44 -24.15
N VAL F 108 7.28 10.16 -24.31
CA VAL F 108 7.99 9.25 -23.41
C VAL F 108 9.31 9.88 -22.95
N VAL F 109 9.63 9.74 -21.65
CA VAL F 109 10.84 10.35 -21.11
C VAL F 109 11.76 9.32 -20.43
N GLU F 110 12.94 9.11 -21.01
CA GLU F 110 13.93 8.16 -20.47
C GLU F 110 15.23 8.87 -20.08
N GLU F 111 15.80 8.50 -18.93
CA GLU F 111 17.02 9.13 -18.43
C GLU F 111 18.22 8.84 -19.33
N LEU F 112 19.14 9.79 -19.42
CA LEU F 112 20.37 9.58 -20.17
C LEU F 112 21.59 9.63 -19.24
N GLN F 113 22.65 8.97 -19.65
CA GLN F 113 23.94 9.19 -19.00
C GLN F 113 24.60 10.37 -19.70
N PRO F 114 25.52 11.05 -19.01
CA PRO F 114 26.11 12.21 -19.65
C PRO F 114 26.63 11.87 -21.04
N ALA F 115 27.35 10.77 -21.17
CA ALA F 115 27.92 10.42 -22.47
C ALA F 115 26.83 10.31 -23.56
N GLU F 116 25.68 9.75 -23.20
CA GLU F 116 24.57 9.63 -24.14
C GLU F 116 23.99 10.99 -24.54
N PHE F 117 23.83 11.90 -23.59
CA PHE F 117 23.36 13.24 -23.89
C PHE F 117 24.35 14.00 -24.77
N LEU F 118 25.64 13.70 -24.60
CA LEU F 118 26.67 14.32 -25.43
C LEU F 118 26.64 13.73 -26.83
N HIS F 119 26.25 12.45 -26.94
CA HIS F 119 26.02 11.80 -28.23
C HIS F 119 25.16 12.71 -29.11
N PHE F 120 24.09 13.23 -28.50
CA PHE F 120 23.14 14.11 -29.19
C PHE F 120 23.81 15.32 -29.81
N LYS F 121 24.50 16.10 -28.97
CA LYS F 121 25.22 17.27 -29.45
C LYS F 121 26.13 16.89 -30.60
N GLU F 122 26.73 15.71 -30.53
CA GLU F 122 27.65 15.31 -31.59
C GLU F 122 26.93 15.05 -32.91
N GLU F 123 25.82 14.32 -32.84
CA GLU F 123 24.98 14.09 -34.01
C GLU F 123 24.53 15.40 -34.63
N LEU F 124 24.17 16.36 -33.79
CA LEU F 124 23.71 17.67 -34.26
C LEU F 124 24.69 18.33 -35.22
N VAL F 125 25.93 18.47 -34.79
CA VAL F 125 26.94 19.13 -35.62
C VAL F 125 27.48 18.24 -36.74
N ASP F 126 27.85 17.01 -36.38
CA ASP F 126 28.58 16.15 -37.30
C ASP F 126 27.70 15.18 -38.06
N GLY F 127 26.40 15.19 -37.76
CA GLY F 127 25.46 14.32 -38.43
C GLY F 127 25.53 12.93 -37.84
N VAL F 128 26.61 12.67 -37.11
CA VAL F 128 26.81 11.40 -36.45
C VAL F 128 27.62 11.60 -35.16
N LYS F 129 27.48 10.67 -34.22
CA LYS F 129 28.24 10.70 -32.98
C LYS F 129 29.73 10.48 -33.28
N ASN F 130 30.58 10.87 -32.34
CA ASN F 130 32.02 10.64 -32.49
C ASN F 130 32.32 9.15 -32.69
N GLY F 131 33.40 8.86 -33.41
CA GLY F 131 33.78 7.48 -33.69
C GLY F 131 33.80 6.66 -32.42
N ASN F 132 33.35 5.41 -32.52
CA ASN F 132 33.10 4.60 -31.34
C ASN F 132 34.23 4.62 -30.31
N PHE F 133 35.46 4.44 -30.78
CA PHE F 133 36.62 4.30 -29.89
C PHE F 133 37.36 5.62 -29.63
N THR F 134 36.77 6.72 -30.13
CA THR F 134 37.23 8.08 -29.84
C THR F 134 37.27 8.42 -28.34
N LEU F 135 38.26 9.24 -27.98
CA LEU F 135 38.58 9.56 -26.60
C LEU F 135 37.42 10.07 -25.77
N GLU F 136 37.24 9.48 -24.59
CA GLU F 136 36.29 9.99 -23.62
C GLU F 136 37.03 10.33 -22.34
N LEU F 137 37.09 11.61 -22.01
CA LEU F 137 37.76 12.04 -20.80
C LEU F 137 36.84 11.85 -19.60
N ASP F 138 37.26 11.05 -18.64
CA ASP F 138 36.49 10.96 -17.42
C ASP F 138 37.40 11.07 -16.21
N PHE F 139 37.25 12.16 -15.46
CA PHE F 139 38.13 12.41 -14.32
C PHE F 139 37.57 11.89 -13.02
N GLU F 140 36.31 11.46 -13.03
CA GLU F 140 35.59 11.19 -11.79
C GLU F 140 36.21 10.12 -10.94
N PRO F 141 36.63 9.02 -11.56
CA PRO F 141 37.26 7.92 -10.83
C PRO F 141 38.61 8.29 -10.19
N PHE F 142 39.23 9.38 -10.65
CA PHE F 142 40.53 9.77 -10.12
C PHE F 142 40.44 10.62 -8.87
N ASN F 143 39.27 11.16 -8.60
CA ASN F 143 39.07 12.06 -7.46
C ASN F 143 38.52 11.38 -6.23
N ALA F 144 38.32 10.06 -6.30
CA ALA F 144 37.70 9.30 -5.22
C ALA F 144 38.52 9.31 -3.92
N SER F 145 39.72 9.90 -3.98
CA SER F 145 40.62 9.98 -2.83
C SER F 145 39.91 10.38 -1.54
N ILE F 146 39.44 11.63 -1.47
CA ILE F 146 38.57 12.04 -0.37
C ILE F 146 37.15 11.75 -0.82
N PRO F 147 36.21 11.66 0.14
CA PRO F 147 34.82 11.71 -0.31
C PRO F 147 34.53 13.13 -0.77
N ARG F 148 33.33 13.37 -1.28
CA ARG F 148 33.07 14.65 -1.92
C ARG F 148 31.89 15.28 -1.22
N PRO F 149 31.97 16.59 -1.00
CA PRO F 149 30.86 17.27 -0.32
C PRO F 149 29.67 17.36 -1.25
N THR F 150 28.46 17.17 -0.72
CA THR F 150 27.24 17.43 -1.48
C THR F 150 26.60 18.76 -1.13
N LEU F 151 27.17 19.48 -0.17
CA LEU F 151 26.55 20.70 0.34
C LEU F 151 26.97 22.00 -0.39
N HIS F 152 25.98 22.81 -0.74
CA HIS F 152 26.23 24.09 -1.40
C HIS F 152 27.32 24.89 -0.66
N LYS F 153 27.25 24.90 0.67
CA LYS F 153 28.15 25.73 1.47
C LYS F 153 29.64 25.43 1.26
N TYR F 154 29.96 24.23 0.77
CA TYR F 154 31.37 23.88 0.53
C TYR F 154 31.89 24.18 -0.88
N ILE F 155 31.01 24.60 -1.77
CA ILE F 155 31.45 24.96 -3.11
C ILE F 155 32.28 26.21 -2.96
N GLY F 156 33.53 26.14 -3.42
CA GLY F 156 34.45 27.25 -3.27
C GLY F 156 34.93 27.41 -1.84
N ASN F 157 34.42 26.56 -0.97
CA ASN F 157 34.90 26.44 0.42
C ASN F 157 35.90 25.31 0.76
N GLY F 158 36.41 24.65 -0.27
CA GLY F 158 37.12 23.38 -0.13
C GLY F 158 38.14 23.26 0.99
N VAL F 159 38.90 24.30 1.28
CA VAL F 159 39.85 24.17 2.37
C VAL F 159 39.13 23.76 3.66
N ASP F 160 37.99 24.36 3.96
CA ASP F 160 37.25 24.02 5.19
C ASP F 160 36.90 22.55 5.24
N PHE F 161 36.54 21.99 4.08
CA PHE F 161 36.22 20.58 3.99
C PHE F 161 37.47 19.73 4.17
N LEU F 162 38.50 20.01 3.38
CA LEU F 162 39.75 19.28 3.51
C LEU F 162 40.23 19.31 4.97
N ASN F 163 40.07 20.46 5.60
CA ASN F 163 40.44 20.62 7.00
C ASN F 163 39.73 19.66 7.95
N ARG F 164 38.44 19.46 7.71
CA ARG F 164 37.65 18.61 8.58
C ARG F 164 37.94 17.14 8.31
N HIS F 165 38.17 16.80 7.06
CA HIS F 165 38.56 15.45 6.70
C HIS F 165 39.90 15.08 7.35
N LEU F 166 40.91 15.94 7.19
CA LEU F 166 42.23 15.71 7.78
C LEU F 166 42.18 15.63 9.30
N SER F 167 41.44 16.56 9.90
CA SER F 167 41.24 16.59 11.34
C SER F 167 40.77 15.23 11.82
N ALA F 168 39.80 14.65 11.13
CA ALA F 168 39.30 13.32 11.48
C ALA F 168 40.31 12.20 11.14
N LYS F 169 40.79 12.16 9.91
CA LYS F 169 41.74 11.10 9.55
C LYS F 169 42.91 11.08 10.53
N LEU F 170 43.22 12.23 11.11
CA LEU F 170 44.40 12.32 11.97
C LEU F 170 44.13 11.89 13.39
N PHE F 171 42.87 11.75 13.76
CA PHE F 171 42.58 11.62 15.19
C PHE F 171 42.94 10.21 15.63
N HIS F 172 43.92 10.17 16.53
CA HIS F 172 44.54 8.95 17.03
C HIS F 172 44.73 7.91 15.93
N ASP F 173 45.57 8.28 14.97
CA ASP F 173 46.04 7.36 13.95
C ASP F 173 47.55 7.59 13.86
N LYS F 174 48.33 6.59 14.25
CA LYS F 174 49.76 6.76 14.25
C LYS F 174 50.23 6.85 12.81
N GLU F 175 49.86 5.86 12.02
CA GLU F 175 50.20 5.85 10.59
C GLU F 175 49.74 7.13 9.91
N SER F 176 48.72 7.76 10.48
CA SER F 176 48.16 9.00 9.94
C SER F 176 49.00 10.22 10.30
N LEU F 177 49.51 10.25 11.53
CA LEU F 177 50.27 11.39 12.02
C LEU F 177 51.71 11.43 11.51
N LEU F 178 52.25 10.27 11.14
CA LEU F 178 53.64 10.19 10.70
C LEU F 178 53.95 11.20 9.59
N PRO F 179 53.08 11.25 8.57
CA PRO F 179 53.24 12.22 7.47
C PRO F 179 53.48 13.63 8.02
N LEU F 180 52.88 13.94 9.15
CA LEU F 180 53.08 15.25 9.75
C LEU F 180 54.49 15.38 10.33
N LEU F 181 54.97 14.29 10.93
CA LEU F 181 56.32 14.28 11.50
C LEU F 181 57.35 14.41 10.41
N LYS F 182 57.26 13.51 9.44
CA LYS F 182 58.13 13.55 8.27
C LYS F 182 58.12 14.93 7.63
N PHE F 183 56.92 15.52 7.55
CA PHE F 183 56.75 16.83 6.94
C PHE F 183 57.58 17.91 7.62
N LEU F 184 57.48 18.00 8.94
CA LEU F 184 58.16 19.05 9.68
C LEU F 184 59.64 18.75 9.83
N ARG F 185 60.00 17.48 9.67
CA ARG F 185 61.38 17.05 9.82
C ARG F 185 62.20 17.40 8.58
N LEU F 186 61.63 17.11 7.41
CA LEU F 186 62.32 17.38 6.16
C LEU F 186 62.29 18.87 5.82
N HIS F 187 61.29 19.57 6.33
CA HIS F 187 61.06 20.94 5.93
C HIS F 187 62.28 21.81 6.16
N SER F 188 62.72 22.45 5.08
CA SER F 188 63.96 23.21 5.08
C SER F 188 63.89 24.25 3.99
N HIS F 189 64.67 25.31 4.14
CA HIS F 189 64.84 26.25 3.06
C HIS F 189 66.26 26.77 2.97
N GLN F 190 66.83 26.76 1.78
CA GLN F 190 68.19 27.29 1.58
C GLN F 190 69.19 26.62 2.55
N GLY F 191 69.07 25.31 2.70
CA GLY F 191 69.96 24.54 3.56
C GLY F 191 69.89 24.93 5.03
N LYS F 192 68.87 25.70 5.40
CA LYS F 192 68.59 25.97 6.79
C LYS F 192 67.52 24.97 7.21
N ASN F 193 67.75 24.29 8.33
CA ASN F 193 66.73 23.38 8.85
C ASN F 193 65.74 24.19 9.65
N LEU F 194 64.47 23.79 9.60
CA LEU F 194 63.39 24.53 10.24
C LEU F 194 62.53 23.57 11.05
N MET F 195 61.80 24.08 12.04
CA MET F 195 60.93 23.22 12.83
C MET F 195 61.68 22.09 13.54
N LEU F 196 61.42 20.84 13.15
CA LEU F 196 62.13 19.69 13.73
C LEU F 196 63.46 19.35 13.05
N SER F 197 64.44 18.94 13.84
CA SER F 197 65.72 18.47 13.33
C SER F 197 65.61 17.00 12.97
N GLU F 198 66.73 16.37 12.64
CA GLU F 198 66.75 14.95 12.32
C GLU F 198 66.71 14.11 13.59
N LYS F 199 66.92 14.79 14.73
CA LYS F 199 66.91 14.13 16.04
C LYS F 199 65.56 13.56 16.45
N ILE F 200 64.48 13.96 15.77
CA ILE F 200 63.17 13.38 16.09
C ILE F 200 62.76 12.34 15.05
N GLN F 201 62.86 11.06 15.40
CA GLN F 201 62.51 9.99 14.48
C GLN F 201 61.14 9.35 14.65
N ASN F 202 60.39 9.75 15.68
CA ASN F 202 59.10 9.12 15.97
C ASN F 202 58.15 9.97 16.80
N LEU F 203 56.86 9.62 16.77
CA LEU F 203 55.85 10.38 17.49
C LEU F 203 56.11 10.46 19.00
N ASN F 204 56.68 9.40 19.56
CA ASN F 204 56.99 9.36 20.97
C ASN F 204 58.00 10.43 21.36
N THR F 205 59.11 10.47 20.63
CA THR F 205 60.18 11.44 20.91
C THR F 205 59.66 12.85 20.72
N LEU F 206 58.86 13.03 19.66
CA LEU F 206 58.25 14.32 19.34
C LEU F 206 57.33 14.77 20.46
N GLN F 207 56.37 13.92 20.77
CA GLN F 207 55.44 14.14 21.85
C GLN F 207 56.22 14.55 23.11
N HIS F 208 57.32 13.84 23.33
CA HIS F 208 58.19 14.06 24.47
C HIS F 208 58.87 15.43 24.45
N THR F 209 59.56 15.71 23.34
CA THR F 209 60.28 16.96 23.18
C THR F 209 59.36 18.19 23.26
N LEU F 210 58.20 18.08 22.62
CA LEU F 210 57.23 19.16 22.61
C LEU F 210 56.78 19.47 24.03
N ARG F 211 56.49 18.41 24.77
CA ARG F 211 56.10 18.54 26.16
C ARG F 211 57.24 19.20 26.94
N LYS F 212 58.43 18.60 26.87
CA LYS F 212 59.61 19.18 27.51
C LYS F 212 59.76 20.66 27.14
N ALA F 213 59.67 20.95 25.85
CA ALA F 213 59.79 22.31 25.34
C ALA F 213 58.72 23.29 25.87
N GLU F 214 57.50 22.81 26.07
CA GLU F 214 56.41 23.66 26.60
C GLU F 214 56.70 24.10 28.03
N GLU F 215 57.03 23.11 28.86
CA GLU F 215 57.34 23.37 30.25
C GLU F 215 58.39 24.48 30.34
N TYR F 216 59.49 24.30 29.62
CA TYR F 216 60.58 25.27 29.66
C TYR F 216 60.07 26.69 29.40
N LEU F 217 59.33 26.88 28.31
CA LEU F 217 58.97 28.22 27.86
C LEU F 217 57.90 28.91 28.71
N ALA F 218 57.07 28.13 29.39
CA ALA F 218 55.94 28.68 30.15
C ALA F 218 56.41 29.57 31.30
N GLU F 219 57.59 29.26 31.82
CA GLU F 219 58.17 30.03 32.92
C GLU F 219 58.67 31.40 32.46
N LEU F 220 59.29 31.41 31.27
CA LEU F 220 59.95 32.61 30.74
C LEU F 220 58.98 33.74 30.40
N LYS F 221 59.49 34.96 30.35
CA LYS F 221 58.68 36.12 29.97
C LYS F 221 58.24 36.03 28.52
N SER F 222 57.03 36.51 28.23
CA SER F 222 56.48 36.45 26.87
C SER F 222 57.41 37.06 25.82
N GLU F 223 58.14 38.09 26.21
CA GLU F 223 58.92 38.90 25.28
C GLU F 223 60.30 38.29 24.95
N THR F 224 60.60 37.12 25.50
CA THR F 224 61.92 36.54 25.37
C THR F 224 62.20 36.06 23.95
N LEU F 225 63.27 36.58 23.34
CA LEU F 225 63.58 36.22 21.97
C LEU F 225 64.03 34.78 21.80
N TYR F 226 63.77 34.22 20.62
CA TYR F 226 64.13 32.84 20.32
C TYR F 226 65.64 32.59 20.48
N GLU F 227 66.45 33.65 20.41
CA GLU F 227 67.90 33.51 20.59
C GLU F 227 68.27 33.04 22.00
N GLU F 228 67.55 33.54 23.01
CA GLU F 228 67.74 33.10 24.39
C GLU F 228 67.71 31.58 24.50
N PHE F 229 66.56 31.00 24.18
CA PHE F 229 66.40 29.56 24.34
C PHE F 229 66.89 28.72 23.17
N GLU F 230 67.46 29.34 22.15
CA GLU F 230 67.86 28.57 20.99
C GLU F 230 68.80 27.42 21.33
N ALA F 231 69.70 27.66 22.28
CA ALA F 231 70.66 26.65 22.71
C ALA F 231 69.94 25.38 23.16
N LYS F 232 69.02 25.57 24.10
CA LYS F 232 68.23 24.48 24.64
C LYS F 232 67.48 23.74 23.53
N PHE F 233 66.66 24.47 22.77
CA PHE F 233 65.86 23.87 21.71
C PHE F 233 66.68 23.02 20.75
N GLU F 234 67.85 23.53 20.36
CA GLU F 234 68.71 22.82 19.42
C GLU F 234 69.03 21.41 19.91
N GLU F 235 69.35 21.29 21.20
CA GLU F 235 69.69 20.01 21.81
C GLU F 235 68.54 18.99 21.74
N ILE F 236 67.32 19.43 22.04
CA ILE F 236 66.17 18.54 22.09
C ILE F 236 65.60 18.25 20.70
N GLY F 237 66.15 18.91 19.68
CA GLY F 237 65.74 18.67 18.31
C GLY F 237 64.82 19.72 17.71
N LEU F 238 64.71 20.86 18.37
CA LEU F 238 63.91 21.97 17.84
C LEU F 238 64.71 23.01 17.06
N GLU F 239 64.48 23.07 15.75
CA GLU F 239 65.07 24.10 14.89
C GLU F 239 64.19 25.35 14.83
N ARG F 240 64.62 26.37 14.10
CA ARG F 240 63.90 27.64 14.04
C ARG F 240 62.61 27.60 13.21
N GLY F 241 61.77 28.62 13.40
CA GLY F 241 60.49 28.73 12.72
C GLY F 241 59.23 28.52 13.54
N TRP F 242 59.38 28.31 14.84
CA TRP F 242 58.23 28.18 15.71
C TRP F 242 57.65 29.55 16.06
N GLY F 243 58.52 30.56 16.10
CA GLY F 243 58.10 31.91 16.41
C GLY F 243 59.27 32.82 16.74
N ASP F 244 59.03 34.13 16.79
CA ASP F 244 60.07 35.11 17.08
C ASP F 244 60.37 35.23 18.57
N ASN F 245 59.32 35.25 19.39
CA ASN F 245 59.50 35.28 20.84
C ASN F 245 58.85 34.07 21.52
N ALA F 246 58.99 33.98 22.85
CA ALA F 246 58.57 32.79 23.58
C ALA F 246 57.05 32.61 23.53
N GLU F 247 56.34 33.72 23.74
CA GLU F 247 54.89 33.73 23.70
C GLU F 247 54.39 33.04 22.43
N ARG F 248 54.93 33.43 21.28
CA ARG F 248 54.51 32.87 20.01
C ARG F 248 54.95 31.42 19.89
N VAL F 249 56.23 31.16 20.13
CA VAL F 249 56.75 29.80 20.02
C VAL F 249 55.94 28.83 20.86
N LEU F 250 55.44 29.34 21.98
CA LEU F 250 54.64 28.53 22.89
C LEU F 250 53.32 28.12 22.24
N ASP F 251 52.57 29.12 21.78
CA ASP F 251 51.28 28.87 21.15
C ASP F 251 51.42 27.87 20.03
N MET F 252 52.53 27.98 19.29
CA MET F 252 52.72 27.14 18.12
C MET F 252 53.02 25.71 18.56
N ILE F 253 53.70 25.57 19.70
CA ILE F 253 54.01 24.25 20.21
C ILE F 253 52.73 23.62 20.75
N ARG F 254 51.93 24.42 21.44
CA ARG F 254 50.63 23.96 21.93
C ARG F 254 49.66 23.52 20.82
N LEU F 255 49.64 24.25 19.71
CA LEU F 255 48.87 23.84 18.55
C LEU F 255 49.26 22.44 18.12
N LEU F 256 50.57 22.16 18.11
CA LEU F 256 51.03 20.88 17.59
C LEU F 256 50.71 19.74 18.55
N LEU F 257 50.87 19.97 19.84
CA LEU F 257 50.51 18.97 20.83
C LEU F 257 49.05 18.59 20.60
N ASP F 258 48.20 19.60 20.51
CA ASP F 258 46.79 19.41 20.19
C ASP F 258 46.54 18.51 18.99
N LEU F 259 47.31 18.69 17.92
CA LEU F 259 47.12 17.87 16.72
C LEU F 259 47.56 16.43 16.95
N LEU F 260 48.50 16.22 17.86
CA LEU F 260 48.96 14.86 18.15
C LEU F 260 47.97 14.17 19.07
N GLU F 261 47.11 14.97 19.68
CA GLU F 261 46.17 14.50 20.69
C GLU F 261 44.73 14.45 20.18
N ALA F 262 44.13 15.63 20.03
CA ALA F 262 42.75 15.77 19.57
C ALA F 262 42.66 16.83 18.49
N PRO F 263 42.93 16.45 17.24
CA PRO F 263 42.87 17.39 16.12
C PRO F 263 41.47 17.94 15.89
N ASP F 264 41.34 19.26 15.79
CA ASP F 264 40.11 19.88 15.33
C ASP F 264 40.48 20.71 14.10
N PRO F 265 39.50 21.06 13.25
CA PRO F 265 39.92 21.72 12.02
C PRO F 265 40.50 23.12 12.24
N CYS F 266 40.04 23.88 13.24
CA CYS F 266 40.58 25.23 13.43
C CYS F 266 42.06 25.14 13.74
N THR F 267 42.43 24.14 14.54
CA THR F 267 43.82 23.95 14.93
C THR F 267 44.66 23.59 13.70
N LEU F 268 44.23 22.57 12.98
CA LEU F 268 44.93 22.11 11.80
C LEU F 268 45.22 23.28 10.85
N GLU F 269 44.18 24.02 10.48
CA GLU F 269 44.36 25.16 9.61
C GLU F 269 45.35 26.16 10.22
N THR F 270 45.15 26.50 11.48
CA THR F 270 45.98 27.51 12.13
C THR F 270 47.45 27.12 12.22
N PHE F 271 47.72 25.87 12.55
CA PHE F 271 49.10 25.45 12.61
C PHE F 271 49.69 25.42 11.22
N LEU F 272 49.03 24.74 10.28
CA LEU F 272 49.58 24.56 8.95
C LEU F 272 49.71 25.89 8.22
N GLY F 273 48.88 26.85 8.61
CA GLY F 273 48.92 28.17 8.01
C GLY F 273 50.07 28.97 8.57
N ARG F 274 50.47 28.64 9.80
CA ARG F 274 51.50 29.37 10.55
C ARG F 274 52.94 28.83 10.35
N VAL F 275 53.09 27.66 9.76
CA VAL F 275 54.42 27.08 9.56
C VAL F 275 55.11 27.78 8.42
N PRO F 276 56.31 28.36 8.66
CA PRO F 276 56.92 29.10 7.54
C PRO F 276 57.24 28.18 6.37
N MET F 277 56.68 28.52 5.22
CA MET F 277 56.73 27.69 4.02
C MET F 277 57.12 28.50 2.81
N VAL F 278 56.29 29.51 2.54
CA VAL F 278 56.37 30.30 1.33
C VAL F 278 57.39 31.44 1.43
N PHE F 279 58.42 31.33 0.61
CA PHE F 279 59.59 32.21 0.60
C PHE F 279 59.80 32.70 -0.84
N ASN F 280 60.01 31.73 -1.72
CA ASN F 280 60.09 31.97 -3.16
C ASN F 280 58.79 31.68 -3.92
N VAL F 281 58.22 32.70 -4.56
CA VAL F 281 56.99 32.52 -5.34
C VAL F 281 57.17 32.75 -6.84
N VAL F 282 56.62 31.85 -7.66
CA VAL F 282 56.69 31.97 -9.12
C VAL F 282 55.30 32.04 -9.80
N ILE F 283 55.04 33.15 -10.47
CA ILE F 283 53.74 33.44 -11.06
C ILE F 283 53.83 33.47 -12.58
N LEU F 284 52.93 32.80 -13.27
CA LEU F 284 53.01 32.71 -14.73
C LEU F 284 51.94 33.55 -15.41
N SER F 285 52.37 34.48 -16.25
CA SER F 285 51.48 35.23 -17.11
C SER F 285 52.17 35.51 -18.45
N PRO F 286 52.29 34.49 -19.31
CA PRO F 286 53.04 34.61 -20.57
C PRO F 286 52.53 35.61 -21.61
N HIS F 287 51.21 35.68 -21.82
CA HIS F 287 50.66 36.45 -22.94
C HIS F 287 50.48 37.94 -22.62
N GLY F 288 50.02 38.70 -23.61
CA GLY F 288 49.77 40.12 -23.45
C GLY F 288 51.06 40.91 -23.37
N TYR F 289 50.96 42.23 -23.18
CA TYR F 289 52.15 43.04 -22.89
C TYR F 289 52.14 43.30 -21.41
N PHE F 290 52.98 42.60 -20.65
CA PHE F 290 52.90 42.69 -19.20
C PHE F 290 53.87 43.75 -18.70
N ALA F 291 53.35 44.84 -18.16
CA ALA F 291 54.22 45.93 -17.75
C ALA F 291 53.47 46.84 -16.83
N GLN F 292 54.20 47.82 -16.28
CA GLN F 292 53.61 48.72 -15.30
C GLN F 292 53.17 50.07 -15.85
N ASP F 293 53.44 50.29 -17.14
CA ASP F 293 53.05 51.53 -17.78
C ASP F 293 53.00 51.34 -19.28
N ASN F 294 52.24 52.19 -19.96
CA ASN F 294 52.22 52.23 -21.42
C ASN F 294 51.64 51.00 -22.09
N VAL F 295 50.81 50.25 -21.36
CA VAL F 295 50.33 48.93 -21.79
C VAL F 295 48.81 48.73 -21.74
N LEU F 296 48.22 48.93 -20.57
CA LEU F 296 46.84 48.52 -20.35
C LEU F 296 45.92 49.00 -21.48
N GLY F 297 45.09 48.10 -21.98
CA GLY F 297 44.24 48.40 -23.09
C GLY F 297 44.76 47.82 -24.38
N TYR F 298 46.05 47.52 -24.46
CA TYR F 298 46.57 46.83 -25.62
C TYR F 298 45.83 45.49 -25.69
N PRO F 299 45.84 44.86 -26.86
CA PRO F 299 45.26 43.52 -26.94
C PRO F 299 45.81 42.61 -25.84
N ASP F 300 44.94 41.76 -25.25
CA ASP F 300 45.39 40.74 -24.31
C ASP F 300 45.92 41.32 -23.00
N THR F 301 45.92 42.65 -22.89
CA THR F 301 46.56 43.29 -21.76
C THR F 301 45.58 44.11 -20.94
N GLY F 302 45.35 43.71 -19.70
CA GLY F 302 44.13 44.05 -18.99
C GLY F 302 44.11 43.59 -17.54
N GLY F 303 42.91 43.40 -16.99
CA GLY F 303 42.75 43.14 -15.58
C GLY F 303 43.67 42.07 -15.00
N GLN F 304 44.06 41.10 -15.83
CA GLN F 304 44.99 40.09 -15.38
C GLN F 304 46.32 40.69 -14.92
N VAL F 305 46.86 41.62 -15.69
CA VAL F 305 48.08 42.34 -15.33
C VAL F 305 47.84 43.20 -14.08
N VAL F 306 46.67 43.79 -14.02
CA VAL F 306 46.31 44.65 -12.89
C VAL F 306 46.28 43.82 -11.63
N TYR F 307 45.69 42.63 -11.75
CA TYR F 307 45.52 41.70 -10.64
C TYR F 307 46.88 41.24 -10.13
N ILE F 308 47.71 40.73 -11.04
CA ILE F 308 48.98 40.14 -10.61
C ILE F 308 49.87 41.18 -9.94
N LEU F 309 49.84 42.41 -10.45
CA LEU F 309 50.63 43.48 -9.87
C LEU F 309 50.16 43.90 -8.49
N ASP F 310 48.85 43.88 -8.25
CA ASP F 310 48.33 44.19 -6.91
C ASP F 310 48.59 43.03 -5.97
N GLN F 311 48.36 41.83 -6.50
CA GLN F 311 48.49 40.62 -5.72
C GLN F 311 49.89 40.46 -5.14
N VAL F 312 50.92 40.60 -5.96
CA VAL F 312 52.27 40.38 -5.45
C VAL F 312 52.60 41.39 -4.37
N ARG F 313 52.24 42.65 -4.57
CA ARG F 313 52.55 43.66 -3.57
C ARG F 313 51.91 43.24 -2.26
N ALA F 314 50.67 42.82 -2.33
CA ALA F 314 49.95 42.38 -1.14
C ALA F 314 50.62 41.17 -0.51
N LEU F 315 51.11 40.30 -1.37
CA LEU F 315 51.65 39.02 -0.96
C LEU F 315 53.03 39.21 -0.33
N GLU F 316 53.81 40.11 -0.90
CA GLU F 316 55.13 40.40 -0.39
C GLU F 316 55.05 40.94 1.04
N ILE F 317 54.04 41.76 1.29
CA ILE F 317 53.89 42.40 2.57
C ILE F 317 53.58 41.38 3.65
N GLU F 318 52.70 40.44 3.31
CA GLU F 318 52.29 39.39 4.24
C GLU F 318 53.42 38.37 4.44
N MET F 319 54.07 37.95 3.37
CA MET F 319 55.20 37.04 3.51
C MET F 319 56.19 37.60 4.50
N LEU F 320 56.49 38.89 4.40
CA LEU F 320 57.47 39.49 5.28
C LEU F 320 57.01 39.43 6.73
N GLN F 321 55.78 39.87 6.96
CA GLN F 321 55.17 39.81 8.28
C GLN F 321 55.30 38.43 8.89
N ARG F 322 55.03 37.41 8.09
CA ARG F 322 55.07 36.03 8.53
C ARG F 322 56.49 35.60 8.85
N ILE F 323 57.38 35.78 7.87
CA ILE F 323 58.77 35.37 8.03
C ILE F 323 59.36 35.99 9.28
N LYS F 324 59.07 37.27 9.51
CA LYS F 324 59.53 37.94 10.71
C LYS F 324 58.97 37.26 11.95
N GLN F 325 57.64 37.18 12.02
CA GLN F 325 56.93 36.61 13.17
C GLN F 325 57.37 35.21 13.59
N GLN F 326 57.87 34.42 12.64
CA GLN F 326 58.28 33.03 12.92
C GLN F 326 59.75 32.93 13.33
N GLY F 327 60.40 34.08 13.47
CA GLY F 327 61.80 34.12 13.85
C GLY F 327 62.74 33.68 12.75
N LEU F 328 62.51 34.19 11.54
CA LEU F 328 63.38 33.90 10.41
C LEU F 328 63.82 35.19 9.74
N ASN F 329 65.03 35.18 9.20
CA ASN F 329 65.52 36.31 8.44
C ASN F 329 65.49 36.25 6.90
N ILE F 330 64.95 35.16 6.36
CA ILE F 330 64.97 34.95 4.90
C ILE F 330 64.42 36.13 4.09
N LYS F 331 65.10 36.45 2.99
CA LYS F 331 64.63 37.47 2.05
C LYS F 331 63.74 36.77 1.03
N PRO F 332 62.49 37.25 0.90
CA PRO F 332 61.52 36.66 -0.01
C PRO F 332 61.81 37.05 -1.46
N ARG F 333 61.31 36.26 -2.39
CA ARG F 333 61.39 36.62 -3.78
C ARG F 333 60.10 36.25 -4.50
N ILE F 334 59.49 37.20 -5.20
CA ILE F 334 58.35 36.88 -6.03
C ILE F 334 58.65 37.20 -7.48
N LEU F 335 58.68 36.20 -8.33
CA LEU F 335 58.94 36.40 -9.75
C LEU F 335 57.67 36.29 -10.59
N ILE F 336 57.48 37.22 -11.51
CA ILE F 336 56.39 37.12 -12.48
C ILE F 336 56.97 36.77 -13.83
N LEU F 337 56.72 35.54 -14.27
CA LEU F 337 57.25 35.06 -15.56
C LEU F 337 56.32 35.46 -16.69
N THR F 338 56.84 36.22 -17.63
CA THR F 338 56.05 36.55 -18.81
C THR F 338 56.95 36.51 -20.03
N ARG F 339 56.38 36.73 -21.21
CA ARG F 339 57.15 36.68 -22.45
C ARG F 339 57.98 37.95 -22.64
N LEU F 340 59.17 37.78 -23.23
CA LEU F 340 60.01 38.90 -23.61
C LEU F 340 59.67 39.34 -25.01
N LEU F 341 59.39 40.63 -25.17
CA LEU F 341 58.98 41.21 -26.45
C LEU F 341 59.94 42.32 -26.85
N PRO F 342 60.98 41.97 -27.62
CA PRO F 342 62.12 42.84 -27.89
C PRO F 342 61.69 44.08 -28.68
N ASP F 343 60.67 43.91 -29.51
CA ASP F 343 60.19 44.95 -30.42
C ASP F 343 59.03 45.82 -29.92
N ALA F 344 58.59 45.68 -28.67
CA ALA F 344 57.42 46.47 -28.30
C ALA F 344 57.92 47.76 -27.71
N VAL F 345 57.77 48.84 -28.46
CA VAL F 345 58.49 50.06 -28.14
C VAL F 345 57.57 50.99 -27.39
N GLY F 346 58.10 51.71 -26.41
CA GLY F 346 57.25 52.51 -25.55
C GLY F 346 57.01 51.72 -24.29
N THR F 347 57.41 50.46 -24.30
CA THR F 347 57.25 49.61 -23.12
C THR F 347 58.58 49.01 -22.66
N THR F 348 58.57 48.51 -21.44
CA THR F 348 59.72 47.81 -20.84
C THR F 348 59.70 46.30 -21.13
N CYS F 349 58.74 45.88 -21.95
CA CYS F 349 58.53 44.48 -22.24
C CYS F 349 59.74 43.77 -22.86
N GLY F 350 60.75 44.54 -23.27
CA GLY F 350 61.94 43.96 -23.84
C GLY F 350 63.09 43.84 -22.85
N GLU F 351 62.84 44.16 -21.58
CA GLU F 351 63.88 43.97 -20.58
C GLU F 351 63.65 42.68 -19.80
N ARG F 352 64.71 41.90 -19.62
CA ARG F 352 64.64 40.63 -18.91
C ARG F 352 64.10 40.73 -17.46
N LEU F 353 64.47 41.78 -16.73
CA LEU F 353 64.14 41.85 -15.32
C LEU F 353 63.71 43.25 -14.91
N GLU F 354 62.56 43.34 -14.28
CA GLU F 354 62.00 44.65 -13.91
C GLU F 354 61.42 44.64 -12.50
N ARG F 355 61.89 45.54 -11.65
CA ARG F 355 61.35 45.65 -10.30
C ARG F 355 59.90 46.17 -10.31
N VAL F 356 59.02 45.54 -9.54
CA VAL F 356 57.64 46.01 -9.42
C VAL F 356 57.55 47.26 -8.56
N TYR F 357 56.78 48.25 -9.01
CA TYR F 357 56.62 49.50 -8.27
C TYR F 357 56.19 49.24 -6.85
N ASP F 358 56.78 49.96 -5.91
CA ASP F 358 56.44 49.81 -4.49
C ASP F 358 56.65 48.41 -3.92
N SER F 359 57.73 47.77 -4.29
CA SER F 359 58.11 46.53 -3.63
C SER F 359 59.61 46.38 -3.65
N GLU F 360 60.15 45.77 -2.61
CA GLU F 360 61.55 45.36 -2.62
C GLU F 360 61.79 44.03 -3.32
N TYR F 361 60.93 43.07 -3.06
CA TYR F 361 61.15 41.70 -3.50
C TYR F 361 60.43 41.13 -4.74
N CYS F 362 59.55 41.91 -5.36
CA CYS F 362 58.85 41.40 -6.54
C CYS F 362 59.46 41.93 -7.84
N ASP F 363 59.90 41.03 -8.73
CA ASP F 363 60.42 41.39 -10.04
C ASP F 363 59.60 40.71 -11.13
N ILE F 364 59.53 41.34 -12.30
CA ILE F 364 59.00 40.66 -13.47
C ILE F 364 60.18 40.01 -14.18
N LEU F 365 60.07 38.72 -14.45
CA LEU F 365 61.12 38.04 -15.19
C LEU F 365 60.65 37.66 -16.59
N ARG F 366 61.35 38.15 -17.60
CA ARG F 366 60.93 37.94 -18.98
C ARG F 366 61.81 36.96 -19.77
N VAL F 367 61.18 35.96 -20.37
CA VAL F 367 61.89 34.97 -21.13
C VAL F 367 61.29 34.99 -22.51
N PRO F 368 62.12 34.90 -23.55
CA PRO F 368 61.57 34.92 -24.91
C PRO F 368 60.97 33.60 -25.36
N PHE F 369 60.00 33.67 -26.27
CA PHE F 369 59.55 32.51 -27.02
C PHE F 369 60.63 32.20 -28.05
N ARG F 370 60.81 30.93 -28.37
CA ARG F 370 61.74 30.56 -29.43
C ARG F 370 61.44 29.22 -30.07
N THR F 371 62.05 29.03 -31.24
CA THR F 371 61.99 27.78 -31.98
C THR F 371 63.43 27.41 -32.32
N GLU F 372 63.60 26.37 -33.13
CA GLU F 372 64.93 25.95 -33.52
C GLU F 372 65.64 27.05 -34.33
N LYS F 373 64.83 27.88 -34.99
CA LYS F 373 65.32 29.01 -35.79
C LYS F 373 65.84 30.20 -34.93
N GLY F 374 65.69 30.10 -33.61
CA GLY F 374 66.04 31.21 -32.72
C GLY F 374 64.82 31.93 -32.15
N ILE F 375 65.05 33.01 -31.41
CA ILE F 375 63.94 33.66 -30.69
C ILE F 375 62.87 34.22 -31.63
N VAL F 376 61.62 34.15 -31.19
CA VAL F 376 60.51 34.77 -31.91
C VAL F 376 60.28 36.18 -31.35
N ARG F 377 60.37 37.18 -32.22
CA ARG F 377 60.26 38.58 -31.80
C ARG F 377 58.87 39.18 -31.63
N LYS F 378 57.96 38.89 -32.55
CA LYS F 378 56.69 39.63 -32.62
C LYS F 378 55.65 39.22 -31.57
N TRP F 379 54.84 40.19 -31.16
CA TRP F 379 53.74 39.90 -30.26
C TRP F 379 52.83 38.86 -30.90
N ILE F 380 52.25 37.99 -30.09
CA ILE F 380 51.37 36.96 -30.60
C ILE F 380 50.13 36.93 -29.74
N SER F 381 48.97 36.89 -30.40
CA SER F 381 47.69 36.80 -29.70
C SER F 381 47.73 35.60 -28.79
N ARG F 382 47.13 35.77 -27.62
CA ARG F 382 46.98 34.69 -26.64
C ARG F 382 46.36 33.40 -27.23
N PHE F 383 45.56 33.55 -28.28
CA PHE F 383 44.94 32.41 -28.92
C PHE F 383 45.96 31.59 -29.72
N GLU F 384 47.03 32.25 -30.15
CA GLU F 384 48.10 31.62 -30.94
C GLU F 384 49.40 31.17 -30.25
N VAL F 385 49.50 31.32 -28.92
CA VAL F 385 50.78 31.08 -28.22
C VAL F 385 51.13 29.59 -28.03
N TRP F 386 50.17 28.72 -28.28
CA TRP F 386 50.26 27.31 -27.92
C TRP F 386 51.56 26.58 -28.30
N PRO F 387 51.95 26.65 -29.58
CA PRO F 387 53.16 25.94 -30.00
C PRO F 387 54.39 26.25 -29.14
N TYR F 388 54.44 27.45 -28.55
CA TYR F 388 55.64 27.92 -27.86
C TYR F 388 55.74 27.59 -26.36
N LEU F 389 54.62 27.15 -25.78
CA LEU F 389 54.56 27.04 -24.33
C LEU F 389 55.51 26.02 -23.70
N GLU F 390 55.77 24.93 -24.41
CA GLU F 390 56.67 23.90 -23.88
C GLU F 390 58.11 24.41 -23.74
N THR F 391 58.66 24.91 -24.85
CA THR F 391 60.01 25.46 -24.81
C THR F 391 60.06 26.59 -23.76
N TYR F 392 59.04 27.45 -23.77
CA TYR F 392 58.99 28.53 -22.79
C TYR F 392 59.20 27.99 -21.38
N THR F 393 58.55 26.86 -21.08
CA THR F 393 58.65 26.28 -19.75
C THR F 393 60.09 25.89 -19.40
N GLU F 394 60.74 25.16 -20.29
CA GLU F 394 62.12 24.76 -20.08
C GLU F 394 62.98 25.99 -19.83
N ASP F 395 62.95 26.92 -20.78
CA ASP F 395 63.68 28.17 -20.64
C ASP F 395 63.35 28.89 -19.32
N ALA F 396 62.06 28.94 -18.99
CA ALA F 396 61.62 29.60 -17.78
C ALA F 396 62.29 28.97 -16.57
N ALA F 397 62.38 27.65 -16.56
CA ALA F 397 62.91 26.91 -15.42
C ALA F 397 64.36 27.28 -15.20
N VAL F 398 65.11 27.30 -16.30
CA VAL F 398 66.49 27.77 -16.26
C VAL F 398 66.61 29.19 -15.71
N GLU F 399 65.82 30.12 -16.23
CA GLU F 399 65.96 31.50 -15.80
C GLU F 399 65.56 31.70 -14.35
N LEU F 400 64.46 31.10 -13.93
CA LEU F 400 63.99 31.36 -12.58
C LEU F 400 64.97 30.73 -11.61
N SER F 401 65.59 29.64 -12.03
CA SER F 401 66.61 29.01 -11.21
C SER F 401 67.83 29.92 -10.98
N LYS F 402 68.19 30.72 -11.99
CA LYS F 402 69.28 31.67 -11.83
C LYS F 402 68.92 32.78 -10.84
N GLU F 403 67.66 33.19 -10.85
CA GLU F 403 67.21 34.28 -10.02
C GLU F 403 66.95 33.86 -8.59
N LEU F 404 66.50 32.62 -8.39
CA LEU F 404 66.03 32.20 -7.09
C LEU F 404 67.11 31.53 -6.26
N ASN F 405 67.10 31.85 -4.98
CA ASN F 405 67.98 31.18 -4.03
C ASN F 405 67.09 30.15 -3.35
N GLY F 406 67.33 28.87 -3.69
CA GLY F 406 66.43 27.80 -3.32
C GLY F 406 65.38 27.67 -4.41
N LYS F 407 64.63 26.58 -4.42
CA LYS F 407 63.60 26.44 -5.46
C LYS F 407 62.33 27.12 -4.99
N PRO F 408 61.32 27.18 -5.86
CA PRO F 408 60.07 27.89 -5.59
C PRO F 408 59.25 27.14 -4.54
N ASP F 409 58.66 27.87 -3.61
CA ASP F 409 57.76 27.26 -2.66
C ASP F 409 56.29 27.19 -3.10
N LEU F 410 55.93 28.02 -4.08
CA LEU F 410 54.59 28.05 -4.62
C LEU F 410 54.64 28.47 -6.07
N ILE F 411 53.77 27.89 -6.89
CA ILE F 411 53.65 28.27 -8.28
C ILE F 411 52.18 28.61 -8.59
N ILE F 412 51.93 29.84 -9.00
CA ILE F 412 50.59 30.25 -9.40
C ILE F 412 50.44 30.37 -10.91
N GLY F 413 49.57 29.56 -11.49
CA GLY F 413 49.26 29.67 -12.90
C GLY F 413 48.24 30.76 -13.06
N ASN F 414 48.30 31.48 -14.18
CA ASN F 414 47.29 32.48 -14.49
C ASN F 414 46.80 32.31 -15.93
N TYR F 415 45.49 32.44 -16.10
CA TYR F 415 44.79 32.18 -17.36
C TYR F 415 45.15 30.82 -17.94
N SER F 416 45.19 30.66 -19.25
CA SER F 416 45.26 29.29 -19.79
C SER F 416 46.69 28.88 -19.98
N ASP F 417 47.38 29.58 -20.86
CA ASP F 417 48.80 29.42 -21.03
C ASP F 417 49.53 29.43 -19.68
N GLY F 418 49.19 30.36 -18.80
CA GLY F 418 49.85 30.42 -17.51
C GLY F 418 49.64 29.14 -16.72
N ASN F 419 48.38 28.70 -16.64
CA ASN F 419 48.05 27.46 -15.98
C ASN F 419 48.71 26.23 -16.61
N LEU F 420 48.74 26.17 -17.94
CA LEU F 420 49.44 25.10 -18.65
C LEU F 420 50.90 25.10 -18.27
N VAL F 421 51.56 26.24 -18.35
CA VAL F 421 52.96 26.32 -18.02
C VAL F 421 53.22 25.99 -16.55
N ALA F 422 52.40 26.52 -15.65
CA ALA F 422 52.60 26.25 -14.23
C ALA F 422 52.49 24.75 -13.94
N SER F 423 51.53 24.10 -14.59
CA SER F 423 51.32 22.67 -14.43
C SER F 423 52.59 21.92 -14.80
N LEU F 424 53.21 22.29 -15.91
CA LEU F 424 54.45 21.66 -16.33
C LEU F 424 55.60 21.93 -15.36
N LEU F 425 55.67 23.15 -14.83
CA LEU F 425 56.80 23.53 -13.96
C LEU F 425 56.69 22.93 -12.59
N ALA F 426 55.46 22.86 -12.08
CA ALA F 426 55.22 22.32 -10.76
C ALA F 426 55.60 20.83 -10.75
N HIS F 427 55.18 20.13 -11.80
CA HIS F 427 55.53 18.75 -12.01
C HIS F 427 57.05 18.62 -12.07
N LYS F 428 57.66 19.35 -12.99
CA LYS F 428 59.11 19.31 -13.18
C LYS F 428 59.90 19.64 -11.92
N LEU F 429 59.47 20.66 -11.20
CA LEU F 429 60.21 21.13 -10.03
C LEU F 429 59.72 20.60 -8.69
N GLY F 430 58.64 19.82 -8.70
CA GLY F 430 58.08 19.33 -7.45
C GLY F 430 57.56 20.40 -6.48
N VAL F 431 56.60 21.21 -6.91
CA VAL F 431 56.18 22.34 -6.10
C VAL F 431 54.65 22.48 -6.01
N THR F 432 54.16 22.93 -4.85
CA THR F 432 52.72 23.17 -4.66
C THR F 432 52.23 24.15 -5.70
N GLN F 433 51.11 23.83 -6.34
CA GLN F 433 50.60 24.60 -7.47
C GLN F 433 49.20 25.17 -7.23
N CYS F 434 49.02 26.43 -7.61
CA CYS F 434 47.70 27.05 -7.61
C CYS F 434 47.40 27.50 -9.04
N THR F 435 46.16 27.39 -9.48
CA THR F 435 45.80 28.00 -10.75
C THR F 435 44.69 29.03 -10.55
N ILE F 436 44.70 30.05 -11.41
CA ILE F 436 43.66 31.08 -11.47
C ILE F 436 43.26 31.29 -12.92
N ALA F 437 41.98 31.10 -13.21
CA ALA F 437 41.51 31.14 -14.59
C ALA F 437 41.48 32.55 -15.18
N HIS F 438 40.92 33.45 -14.39
CA HIS F 438 40.70 34.84 -14.77
C HIS F 438 39.66 34.94 -15.88
N ALA F 439 39.47 33.82 -16.57
CA ALA F 439 38.38 33.69 -17.52
C ALA F 439 38.47 32.34 -18.20
N LEU F 440 37.33 31.86 -18.69
CA LEU F 440 37.27 30.58 -19.36
C LEU F 440 36.57 30.83 -20.66
N GLU F 441 37.30 30.70 -21.76
CA GLU F 441 36.79 31.21 -23.02
C GLU F 441 35.55 30.44 -23.41
N LYS F 442 35.42 29.20 -22.94
CA LYS F 442 34.26 28.41 -23.28
C LYS F 442 32.95 29.14 -22.94
N THR F 443 32.91 29.84 -21.81
CA THR F 443 31.71 30.57 -21.45
C THR F 443 31.58 31.92 -22.16
N LYS F 444 32.71 32.52 -22.50
CA LYS F 444 32.69 33.82 -23.16
C LYS F 444 32.28 33.66 -24.61
N TYR F 445 32.56 32.50 -25.20
CA TYR F 445 32.22 32.23 -26.59
C TYR F 445 31.28 31.03 -26.67
N PRO F 446 29.97 31.28 -26.54
CA PRO F 446 28.94 30.26 -26.45
C PRO F 446 28.92 29.29 -27.63
N ASP F 447 28.68 28.02 -27.30
CA ASP F 447 28.65 26.94 -28.28
C ASP F 447 29.99 26.79 -28.98
N SER F 448 31.06 27.26 -28.35
CA SER F 448 32.39 27.20 -28.95
C SER F 448 33.02 25.82 -28.76
N ASP F 449 32.43 25.01 -27.88
CA ASP F 449 32.85 23.63 -27.76
C ASP F 449 32.27 22.76 -28.86
N ILE F 450 30.98 22.90 -29.08
CA ILE F 450 30.26 22.05 -30.02
C ILE F 450 30.57 22.53 -31.43
N TYR F 451 30.75 23.83 -31.55
CA TYR F 451 31.07 24.48 -32.82
C TYR F 451 32.58 24.73 -33.05
N TRP F 452 33.40 24.19 -32.16
CA TRP F 452 34.84 24.42 -32.17
C TRP F 452 35.51 24.30 -33.55
N LYS F 453 35.11 23.33 -34.36
CA LYS F 453 35.79 23.12 -35.64
C LYS F 453 35.84 24.39 -36.50
N LYS F 454 34.70 25.04 -36.69
CA LYS F 454 34.65 26.25 -37.52
C LYS F 454 35.38 27.42 -36.86
N LEU F 455 35.54 27.38 -35.54
CA LEU F 455 36.22 28.42 -34.80
C LEU F 455 37.73 28.22 -34.71
N ASP F 456 38.19 27.04 -35.08
CA ASP F 456 39.53 26.60 -34.71
C ASP F 456 40.69 27.28 -35.43
N ASP F 457 40.53 27.56 -36.72
CA ASP F 457 41.61 28.20 -37.46
C ASP F 457 41.96 29.57 -36.85
N LYS F 458 40.94 30.26 -36.34
CA LYS F 458 41.08 31.59 -35.77
C LYS F 458 41.43 31.58 -34.28
N TYR F 459 40.53 31.03 -33.46
CA TYR F 459 40.72 30.98 -32.01
C TYR F 459 41.49 29.80 -31.41
N HIS F 460 41.64 28.72 -32.17
CA HIS F 460 42.35 27.53 -31.65
C HIS F 460 41.83 27.00 -30.31
N PHE F 461 40.51 26.94 -30.15
CA PHE F 461 39.89 26.51 -28.89
C PHE F 461 40.16 25.04 -28.54
N SER F 462 40.54 24.24 -29.53
CA SER F 462 40.87 22.86 -29.25
C SER F 462 42.12 22.80 -28.39
N CYS F 463 43.09 23.67 -28.68
CA CYS F 463 44.26 23.73 -27.82
C CYS F 463 43.91 24.21 -26.42
N GLN F 464 43.22 25.35 -26.35
CA GLN F 464 42.92 26.01 -25.08
C GLN F 464 42.09 25.14 -24.15
N PHE F 465 40.99 24.59 -24.66
CA PHE F 465 40.12 23.76 -23.83
C PHE F 465 40.90 22.58 -23.26
N THR F 466 41.73 21.96 -24.10
CA THR F 466 42.65 20.93 -23.63
C THR F 466 43.52 21.48 -22.47
N ALA F 467 44.13 22.64 -22.69
CA ALA F 467 44.95 23.25 -21.65
C ALA F 467 44.15 23.54 -20.39
N ASP F 468 42.90 23.97 -20.54
CA ASP F 468 42.09 24.30 -19.38
C ASP F 468 41.76 23.08 -18.55
N ILE F 469 41.22 22.06 -19.22
CA ILE F 469 40.85 20.83 -18.56
C ILE F 469 42.08 20.20 -17.90
N PHE F 470 43.21 20.32 -18.59
CA PHE F 470 44.47 19.78 -18.08
C PHE F 470 44.89 20.43 -16.78
N ALA F 471 45.05 21.74 -16.82
CA ALA F 471 45.61 22.48 -15.69
C ALA F 471 44.64 22.43 -14.52
N MET F 472 43.36 22.42 -14.86
CA MET F 472 42.24 22.39 -13.92
C MET F 472 42.39 21.20 -12.98
N ASN F 473 42.65 20.04 -13.56
CA ASN F 473 42.82 18.82 -12.79
C ASN F 473 44.24 18.61 -12.27
N HIS F 474 45.19 19.29 -12.89
CA HIS F 474 46.59 19.06 -12.54
C HIS F 474 46.98 19.75 -11.25
N THR F 475 46.34 20.88 -10.98
CA THR F 475 46.78 21.77 -9.91
C THR F 475 46.39 21.26 -8.54
N ASP F 476 47.10 21.72 -7.52
CA ASP F 476 46.80 21.39 -6.13
C ASP F 476 45.54 22.09 -5.62
N PHE F 477 45.45 23.40 -5.82
CA PHE F 477 44.20 24.09 -5.54
C PHE F 477 43.88 25.14 -6.59
N ILE F 478 42.63 25.60 -6.54
CA ILE F 478 42.15 26.64 -7.43
C ILE F 478 41.63 27.85 -6.65
N ILE F 479 41.97 29.05 -7.11
CA ILE F 479 41.41 30.26 -6.54
C ILE F 479 40.43 30.89 -7.53
N THR F 480 39.27 31.32 -7.04
CA THR F 480 38.30 31.99 -7.88
C THR F 480 37.89 33.28 -7.23
N SER F 481 37.33 34.19 -8.01
CA SER F 481 36.98 35.53 -7.51
C SER F 481 35.56 35.62 -7.01
N THR F 482 34.75 34.60 -7.29
CA THR F 482 33.35 34.59 -6.89
C THR F 482 32.86 33.15 -6.82
N PHE F 483 31.74 32.96 -6.16
CA PHE F 483 31.00 31.72 -6.26
C PHE F 483 30.53 31.48 -7.70
N GLN F 484 30.04 32.53 -8.36
CA GLN F 484 29.46 32.36 -9.69
C GLN F 484 30.43 31.76 -10.70
N GLU F 485 31.71 32.11 -10.55
CA GLU F 485 32.77 31.52 -11.36
C GLU F 485 32.77 29.98 -11.30
N ILE F 486 32.51 29.42 -10.11
CA ILE F 486 32.46 27.97 -9.95
C ILE F 486 31.10 27.40 -10.31
N ALA F 487 30.12 27.68 -9.44
CA ALA F 487 28.77 27.15 -9.56
C ALA F 487 27.67 28.06 -10.17
N GLY F 488 28.05 29.26 -10.60
CA GLY F 488 27.07 30.21 -11.12
C GLY F 488 26.00 30.54 -10.07
N SER F 489 24.74 30.38 -10.44
CA SER F 489 23.64 30.67 -9.53
C SER F 489 22.53 29.62 -9.60
N LYS F 490 21.46 29.83 -8.83
CA LYS F 490 20.31 28.93 -8.88
C LYS F 490 19.79 28.76 -10.30
N GLU F 491 19.63 29.87 -11.01
CA GLU F 491 19.11 29.87 -12.37
C GLU F 491 20.12 29.52 -13.47
N THR F 492 21.40 29.87 -13.27
CA THR F 492 22.36 29.77 -14.36
C THR F 492 23.66 29.05 -14.00
N VAL F 493 24.31 28.47 -15.01
CA VAL F 493 25.47 27.61 -14.81
C VAL F 493 26.78 28.37 -14.61
N GLY F 494 27.62 27.85 -13.71
CA GLY F 494 28.91 28.44 -13.41
C GLY F 494 29.93 28.25 -14.50
N GLN F 495 31.05 28.97 -14.41
CA GLN F 495 32.06 28.89 -15.46
C GLN F 495 32.80 27.55 -15.43
N TYR F 496 33.31 27.17 -14.27
CA TYR F 496 33.91 25.84 -14.16
C TYR F 496 32.84 24.80 -14.40
N GLU F 497 31.66 25.03 -13.83
CA GLU F 497 30.59 24.06 -13.92
C GLU F 497 30.30 23.70 -15.36
N SER F 498 30.49 24.66 -16.25
CA SER F 498 30.15 24.45 -17.64
C SER F 498 31.13 23.48 -18.27
N HIS F 499 32.22 23.21 -17.57
CA HIS F 499 33.24 22.29 -18.07
C HIS F 499 33.08 20.85 -17.58
N THR F 500 32.07 20.60 -16.75
CA THR F 500 31.80 19.27 -16.22
C THR F 500 31.49 18.26 -17.32
N ALA F 501 30.48 18.55 -18.13
CA ALA F 501 30.17 17.69 -19.26
C ALA F 501 30.06 18.49 -20.54
N PHE F 502 31.00 18.28 -21.46
CA PHE F 502 30.90 18.89 -22.77
C PHE F 502 31.60 18.03 -23.80
N THR F 503 31.53 18.46 -25.05
CA THR F 503 32.12 17.67 -26.12
C THR F 503 32.57 18.53 -27.30
N LEU F 504 33.67 18.14 -27.91
CA LEU F 504 34.15 18.83 -29.09
C LEU F 504 34.07 17.78 -30.19
N PRO F 505 32.90 17.73 -30.86
CA PRO F 505 32.63 16.64 -31.80
C PRO F 505 33.77 16.48 -32.79
N GLY F 506 34.24 15.25 -32.95
CA GLY F 506 35.29 14.95 -33.91
C GLY F 506 36.66 14.97 -33.28
N LEU F 507 36.72 15.40 -32.02
CA LEU F 507 38.00 15.54 -31.33
C LEU F 507 38.02 14.64 -30.10
N TYR F 508 37.29 15.03 -29.07
CA TYR F 508 37.06 14.15 -27.93
C TYR F 508 35.83 14.57 -27.14
N ARG F 509 35.54 13.85 -26.07
CA ARG F 509 34.33 14.05 -25.31
C ARG F 509 34.65 14.07 -23.81
N VAL F 510 34.18 15.08 -23.10
CA VAL F 510 34.45 15.16 -21.68
C VAL F 510 33.20 14.77 -20.92
N VAL F 511 33.25 13.58 -20.33
CA VAL F 511 32.10 13.03 -19.61
C VAL F 511 31.96 13.64 -18.22
N HIS F 512 33.05 13.67 -17.47
CA HIS F 512 33.14 14.49 -16.27
C HIS F 512 34.51 15.17 -16.34
N GLY F 513 34.56 16.47 -16.55
CA GLY F 513 35.86 17.14 -16.58
C GLY F 513 36.30 17.86 -15.32
N ILE F 514 35.34 18.28 -14.52
CA ILE F 514 35.61 18.96 -13.27
C ILE F 514 34.35 18.85 -12.45
N ASP F 515 34.47 19.00 -11.15
CA ASP F 515 33.31 18.91 -10.28
C ASP F 515 33.22 20.15 -9.42
N VAL F 516 32.10 20.83 -9.53
CA VAL F 516 31.87 22.06 -8.82
C VAL F 516 32.08 21.88 -7.30
N PHE F 517 32.06 20.64 -6.82
CA PHE F 517 32.22 20.35 -5.39
C PHE F 517 33.66 20.02 -4.96
N ASP F 518 34.60 20.08 -5.89
CA ASP F 518 35.98 19.71 -5.60
C ASP F 518 36.56 20.57 -4.48
N PRO F 519 37.12 19.92 -3.45
CA PRO F 519 37.70 20.58 -2.28
C PRO F 519 38.85 21.50 -2.63
N LYS F 520 39.38 21.39 -3.85
CA LYS F 520 40.44 22.29 -4.30
C LYS F 520 39.96 23.71 -4.65
N PHE F 521 38.65 23.90 -4.81
CA PHE F 521 38.10 25.22 -5.13
C PHE F 521 38.10 26.15 -3.92
N ASN F 522 38.66 27.32 -4.08
CA ASN F 522 38.60 28.31 -3.03
C ASN F 522 38.31 29.70 -3.57
N ILE F 523 37.28 30.34 -3.05
CA ILE F 523 36.98 31.70 -3.46
C ILE F 523 37.83 32.62 -2.62
N VAL F 524 38.74 33.34 -3.26
CA VAL F 524 39.44 34.43 -2.60
C VAL F 524 39.31 35.64 -3.49
N SER F 525 38.53 36.61 -3.03
CA SER F 525 38.16 37.70 -3.88
C SER F 525 39.26 38.72 -3.87
N PRO F 526 39.56 39.30 -5.03
CA PRO F 526 40.52 40.39 -5.22
C PRO F 526 39.91 41.74 -4.85
N GLY F 527 40.62 42.81 -5.14
CA GLY F 527 40.24 44.15 -4.73
C GLY F 527 40.86 45.18 -5.67
N ALA F 528 40.75 46.45 -5.34
CA ALA F 528 41.35 47.51 -6.15
C ALA F 528 42.36 48.26 -5.29
N ASP F 529 43.53 48.57 -5.84
CA ASP F 529 44.53 49.24 -5.00
C ASP F 529 43.90 50.49 -4.40
N MET F 530 43.91 50.59 -3.07
CA MET F 530 43.17 51.63 -2.39
C MET F 530 43.88 52.97 -2.38
N SER F 531 45.14 52.98 -2.79
CA SER F 531 45.85 54.24 -2.94
C SER F 531 45.43 54.85 -4.26
N ILE F 532 45.14 53.99 -5.22
CA ILE F 532 44.71 54.41 -6.54
C ILE F 532 43.22 54.76 -6.66
N TYR F 533 42.37 53.93 -6.07
CA TYR F 533 40.94 54.12 -6.21
C TYR F 533 40.27 54.36 -4.87
N PHE F 534 39.74 55.56 -4.69
CA PHE F 534 39.02 55.85 -3.46
C PHE F 534 37.84 56.74 -3.80
N PRO F 535 37.01 57.04 -2.79
CA PRO F 535 35.77 57.80 -2.96
C PRO F 535 36.06 59.21 -3.44
N TYR F 536 35.25 59.65 -4.41
CA TYR F 536 35.41 60.95 -5.06
C TYR F 536 35.15 62.07 -4.06
N THR F 537 34.58 61.71 -2.92
CA THR F 537 34.22 62.70 -1.90
C THR F 537 35.37 63.10 -0.99
N GLU F 538 36.51 62.44 -1.08
CA GLU F 538 37.60 62.85 -0.21
C GLU F 538 38.46 63.86 -0.96
N GLU F 539 38.35 65.11 -0.56
CA GLU F 539 38.90 66.19 -1.36
C GLU F 539 40.40 66.23 -1.22
N LYS F 540 40.86 66.11 0.01
CA LYS F 540 42.28 66.21 0.32
C LYS F 540 43.06 65.28 -0.60
N ARG F 541 42.45 64.13 -0.91
CA ARG F 541 43.11 63.14 -1.74
C ARG F 541 42.89 63.28 -3.25
N ARG F 542 41.97 64.13 -3.68
CA ARG F 542 41.69 64.22 -5.13
C ARG F 542 42.91 64.76 -5.83
N LEU F 543 43.22 64.26 -7.03
CA LEU F 543 44.45 64.72 -7.65
C LEU F 543 44.05 65.78 -8.65
N THR F 544 44.25 67.03 -8.26
CA THR F 544 43.59 68.11 -8.97
C THR F 544 44.48 68.54 -10.11
N LYS F 545 45.72 68.08 -10.04
CA LYS F 545 46.71 68.46 -11.03
C LYS F 545 46.44 67.72 -12.32
N PHE F 546 45.57 66.71 -12.26
CA PHE F 546 45.19 66.01 -13.48
C PHE F 546 44.01 66.67 -14.18
N HIS F 547 43.34 67.61 -13.50
CA HIS F 547 42.07 68.09 -14.03
C HIS F 547 42.19 68.80 -15.37
N SER F 548 43.25 69.58 -15.55
CA SER F 548 43.53 70.17 -16.86
C SER F 548 43.49 69.09 -17.95
N GLU F 549 44.22 68.00 -17.74
CA GLU F 549 44.29 66.93 -18.74
C GLU F 549 42.94 66.25 -18.98
N ILE F 550 42.20 66.00 -17.92
CA ILE F 550 40.94 65.28 -18.03
C ILE F 550 39.92 66.13 -18.77
N GLU F 551 39.92 67.43 -18.46
CA GLU F 551 39.03 68.38 -19.14
C GLU F 551 39.30 68.31 -20.64
N GLU F 552 40.57 68.31 -21.01
CA GLU F 552 40.93 68.22 -22.42
C GLU F 552 40.46 66.89 -22.98
N LEU F 553 40.67 65.83 -22.20
CA LEU F 553 40.35 64.49 -22.67
C LEU F 553 38.87 64.37 -22.96
N LEU F 554 38.04 64.75 -21.99
CA LEU F 554 36.60 64.71 -22.15
C LEU F 554 36.04 65.81 -23.07
N TYR F 555 36.37 67.05 -22.74
CA TYR F 555 35.69 68.20 -23.33
C TYR F 555 36.30 68.97 -24.51
N SER F 556 37.51 68.64 -24.94
CA SER F 556 38.16 69.46 -25.96
C SER F 556 37.40 69.34 -27.28
N ASP F 557 37.59 70.29 -28.18
CA ASP F 557 36.97 70.24 -29.50
C ASP F 557 37.87 69.63 -30.55
N VAL F 558 39.04 69.15 -30.13
CA VAL F 558 39.98 68.50 -31.03
C VAL F 558 39.65 67.03 -31.23
N GLU F 559 39.56 66.58 -32.48
CA GLU F 559 39.39 65.15 -32.77
C GLU F 559 40.65 64.52 -33.34
N ASN F 560 41.09 63.44 -32.71
CA ASN F 560 42.33 62.77 -33.10
C ASN F 560 42.36 61.31 -32.66
N LYS F 561 43.52 60.71 -32.80
CA LYS F 561 43.69 59.30 -32.45
C LYS F 561 43.57 59.06 -30.95
N GLU F 562 43.65 60.13 -30.17
CA GLU F 562 43.38 60.03 -28.74
C GLU F 562 41.90 60.09 -28.36
N HIS F 563 41.13 60.96 -29.00
CA HIS F 563 39.70 61.00 -28.74
C HIS F 563 38.90 61.42 -29.95
N LEU F 564 37.76 60.76 -30.16
CA LEU F 564 36.93 61.01 -31.34
C LEU F 564 35.58 61.58 -30.96
N CYS F 565 35.07 62.35 -31.90
CA CYS F 565 33.98 63.29 -31.75
C CYS F 565 34.18 64.26 -30.61
N VAL F 566 33.06 64.73 -30.08
CA VAL F 566 33.12 65.90 -29.25
C VAL F 566 31.89 65.93 -28.40
N LEU F 567 31.99 66.55 -27.24
CA LEU F 567 30.84 66.67 -26.38
C LEU F 567 30.38 68.12 -26.45
N LYS F 568 29.18 68.32 -26.98
CA LYS F 568 28.62 69.65 -27.17
C LYS F 568 28.30 70.32 -25.84
N ASP F 569 27.68 69.61 -24.90
CA ASP F 569 27.29 70.21 -23.62
C ASP F 569 28.05 69.63 -22.42
N LYS F 570 28.94 70.44 -21.87
CA LYS F 570 29.87 69.97 -20.86
C LYS F 570 29.21 69.69 -19.50
N LYS F 571 27.96 70.10 -19.33
CA LYS F 571 27.34 69.98 -18.01
C LYS F 571 26.58 68.67 -17.75
N LYS F 572 26.32 67.90 -18.79
CA LYS F 572 25.56 66.67 -18.64
C LYS F 572 26.34 65.66 -17.82
N PRO F 573 25.63 64.81 -17.06
CA PRO F 573 26.28 63.64 -16.47
C PRO F 573 26.87 62.77 -17.55
N ILE F 574 27.99 62.12 -17.25
CA ILE F 574 28.63 61.28 -18.24
C ILE F 574 28.33 59.81 -17.96
N LEU F 575 27.91 59.12 -19.01
CA LEU F 575 27.76 57.67 -18.96
C LEU F 575 29.11 57.13 -19.42
N PHE F 576 29.80 56.43 -18.52
CA PHE F 576 31.20 56.12 -18.74
C PHE F 576 31.54 54.62 -18.81
N THR F 577 32.44 54.26 -19.73
CA THR F 577 33.01 52.92 -19.72
C THR F 577 34.47 52.91 -20.21
N MET F 578 35.24 51.94 -19.71
CA MET F 578 36.63 51.75 -20.09
C MET F 578 36.92 50.25 -20.10
N ALA F 579 37.60 49.76 -21.13
CA ALA F 579 37.85 48.32 -21.26
C ALA F 579 38.72 48.08 -22.47
N ARG F 580 39.25 46.87 -22.59
CA ARG F 580 39.91 46.50 -23.83
C ARG F 580 38.82 46.42 -24.87
N LEU F 581 39.18 46.72 -26.12
CA LEU F 581 38.20 46.67 -27.21
C LEU F 581 38.23 45.30 -27.86
N ASP F 582 37.16 44.54 -27.67
CA ASP F 582 37.03 43.25 -28.34
C ASP F 582 35.56 42.80 -28.35
N ARG F 583 35.28 41.67 -28.99
CA ARG F 583 33.90 41.35 -29.33
C ARG F 583 33.07 41.24 -28.09
N VAL F 584 33.61 40.53 -27.10
CA VAL F 584 32.87 40.18 -25.89
C VAL F 584 32.66 41.36 -24.96
N LYS F 585 33.60 42.30 -24.96
CA LYS F 585 33.43 43.51 -24.14
C LYS F 585 32.22 44.29 -24.61
N ASN F 586 31.93 44.20 -25.91
CA ASN F 586 30.65 44.63 -26.44
C ASN F 586 30.39 46.13 -26.33
N LEU F 587 31.45 46.93 -26.37
CA LEU F 587 31.32 48.38 -26.28
C LEU F 587 30.52 48.90 -27.47
N SER F 588 30.74 48.29 -28.64
CA SER F 588 29.98 48.64 -29.83
C SER F 588 28.47 48.44 -29.63
N GLY F 589 28.09 47.49 -28.78
CA GLY F 589 26.69 47.32 -28.40
C GLY F 589 26.21 48.48 -27.54
N LEU F 590 27.00 48.85 -26.56
CA LEU F 590 26.64 49.99 -25.72
C LEU F 590 26.36 51.20 -26.62
N VAL F 591 27.24 51.44 -27.60
CA VAL F 591 27.12 52.61 -28.42
C VAL F 591 25.82 52.57 -29.19
N GLU F 592 25.52 51.42 -29.79
CA GLU F 592 24.23 51.27 -30.44
C GLU F 592 23.04 51.47 -29.50
N TRP F 593 23.06 50.89 -28.30
CA TRP F 593 21.96 51.10 -27.36
C TRP F 593 21.80 52.60 -27.12
N TYR F 594 22.89 53.23 -26.74
CA TYR F 594 22.89 54.67 -26.53
C TYR F 594 22.33 55.40 -27.76
N GLY F 595 22.84 55.05 -28.94
CA GLY F 595 22.47 55.75 -30.16
C GLY F 595 20.98 55.75 -30.43
N LYS F 596 20.37 54.59 -30.26
CA LYS F 596 18.95 54.40 -30.54
C LYS F 596 18.03 55.20 -29.63
N ASN F 597 18.51 55.51 -28.43
CA ASN F 597 17.60 55.96 -27.37
C ASN F 597 17.72 57.46 -27.11
N THR F 598 16.70 58.18 -27.57
CA THR F 598 16.72 59.63 -27.56
C THR F 598 16.63 60.16 -26.14
N ARG F 599 15.97 59.39 -25.29
CA ARG F 599 15.77 59.78 -23.90
C ARG F 599 17.09 59.80 -23.13
N LEU F 600 17.92 58.80 -23.36
CA LEU F 600 19.20 58.68 -22.67
C LEU F 600 20.18 59.72 -23.17
N ARG F 601 20.24 59.89 -24.50
CA ARG F 601 21.08 60.91 -25.11
C ARG F 601 20.79 62.32 -24.55
N GLU F 602 19.54 62.57 -24.22
CA GLU F 602 19.17 63.85 -23.63
C GLU F 602 19.71 64.02 -22.22
N LEU F 603 19.71 62.92 -21.47
CA LEU F 603 20.04 62.93 -20.05
C LEU F 603 21.54 62.93 -19.80
N ALA F 604 22.28 62.27 -20.67
CA ALA F 604 23.69 62.04 -20.42
C ALA F 604 24.55 61.89 -21.67
N ASN F 605 25.82 62.25 -21.53
CA ASN F 605 26.80 62.05 -22.57
C ASN F 605 27.43 60.68 -22.45
N LEU F 606 27.69 60.06 -23.60
CA LEU F 606 28.37 58.76 -23.63
C LEU F 606 29.88 58.89 -23.86
N VAL F 607 30.67 58.43 -22.89
CA VAL F 607 32.13 58.40 -23.04
C VAL F 607 32.66 56.97 -22.92
N VAL F 608 33.25 56.49 -24.00
CA VAL F 608 33.76 55.13 -24.06
C VAL F 608 35.28 55.11 -24.27
N VAL F 609 36.01 54.61 -23.29
CA VAL F 609 37.44 54.38 -23.48
C VAL F 609 37.63 52.94 -23.95
N GLY F 610 38.06 52.75 -25.18
CA GLY F 610 38.68 51.48 -25.55
C GLY F 610 39.31 51.41 -26.93
N GLY F 611 40.33 50.57 -27.05
CA GLY F 611 41.15 50.50 -28.25
C GLY F 611 42.25 51.55 -28.19
N ASP F 612 43.42 51.27 -28.76
CA ASP F 612 44.41 52.33 -28.87
C ASP F 612 44.53 52.73 -30.33
N ARG F 613 44.04 53.92 -30.65
CA ARG F 613 44.05 54.36 -32.04
C ARG F 613 45.33 55.10 -32.40
N ARG F 614 46.14 55.42 -31.39
CA ARG F 614 47.46 56.00 -31.62
C ARG F 614 48.27 55.14 -32.58
N LYS F 615 48.00 53.83 -32.58
CA LYS F 615 48.71 52.96 -33.51
C LYS F 615 47.80 52.11 -34.39
N GLU F 616 48.43 51.35 -35.28
CA GLU F 616 47.76 50.43 -36.18
C GLU F 616 47.49 49.15 -35.41
N SER F 617 46.26 48.66 -35.48
CA SER F 617 45.85 47.52 -34.69
C SER F 617 46.26 46.18 -35.31
N LYS F 618 46.92 45.35 -34.51
CA LYS F 618 47.31 44.02 -34.99
C LYS F 618 46.37 42.90 -34.54
N ASP F 619 45.34 43.25 -33.76
CA ASP F 619 44.41 42.26 -33.21
C ASP F 619 43.15 42.11 -34.07
N ASN F 620 42.71 40.88 -34.27
CA ASN F 620 41.53 40.62 -35.10
C ASN F 620 40.28 41.35 -34.62
N GLU F 621 39.89 41.09 -33.38
CA GLU F 621 38.65 41.62 -32.82
C GLU F 621 38.68 43.13 -32.68
N GLU F 622 39.81 43.66 -32.22
CA GLU F 622 39.97 45.11 -32.11
C GLU F 622 39.65 45.77 -33.45
N LYS F 623 40.24 45.26 -34.52
CA LYS F 623 40.01 45.81 -35.85
C LYS F 623 38.53 45.77 -36.20
N ALA F 624 37.89 44.64 -35.97
CA ALA F 624 36.48 44.49 -36.27
C ALA F 624 35.69 45.53 -35.51
N GLU F 625 36.04 45.69 -34.25
CA GLU F 625 35.27 46.46 -33.31
C GLU F 625 35.42 47.95 -33.59
N MET F 626 36.59 48.35 -34.08
CA MET F 626 36.80 49.76 -34.42
C MET F 626 35.95 50.14 -35.61
N LYS F 627 35.97 49.31 -36.63
CA LYS F 627 35.10 49.52 -37.78
C LYS F 627 33.66 49.73 -37.33
N LYS F 628 33.14 48.84 -36.46
CA LYS F 628 31.78 48.99 -35.98
C LYS F 628 31.57 50.37 -35.34
N MET F 629 32.50 50.77 -34.48
CA MET F 629 32.44 52.06 -33.79
C MET F 629 32.36 53.23 -34.76
N TYR F 630 33.24 53.21 -35.76
CA TYR F 630 33.27 54.29 -36.72
C TYR F 630 31.91 54.37 -37.42
N ASP F 631 31.37 53.21 -37.79
CA ASP F 631 30.09 53.16 -38.49
C ASP F 631 28.97 53.67 -37.61
N LEU F 632 28.97 53.21 -36.36
CA LEU F 632 27.93 53.59 -35.41
C LEU F 632 27.88 55.10 -35.22
N ILE F 633 29.06 55.71 -35.16
CA ILE F 633 29.15 57.16 -35.00
C ILE F 633 28.36 57.87 -36.10
N GLU F 634 28.56 57.42 -37.34
CA GLU F 634 27.84 57.98 -38.46
C GLU F 634 26.34 57.62 -38.43
N GLU F 635 26.03 56.34 -38.29
CA GLU F 635 24.64 55.87 -38.33
C GLU F 635 23.74 56.61 -37.35
N TYR F 636 24.18 56.73 -36.10
CA TYR F 636 23.39 57.38 -35.06
C TYR F 636 23.74 58.85 -34.83
N LYS F 637 24.60 59.39 -35.70
CA LYS F 637 24.94 60.81 -35.66
C LYS F 637 25.32 61.21 -34.24
N LEU F 638 26.38 60.61 -33.73
CA LEU F 638 26.68 60.68 -32.30
C LEU F 638 27.49 61.91 -31.90
N ASN F 639 28.04 62.60 -32.90
CA ASN F 639 28.84 63.75 -32.57
C ASN F 639 28.07 64.74 -31.72
N GLY F 640 28.71 65.15 -30.63
CA GLY F 640 28.22 66.15 -29.71
C GLY F 640 27.61 65.50 -28.48
N GLN F 641 27.15 64.27 -28.64
CA GLN F 641 26.77 63.42 -27.50
C GLN F 641 27.80 62.34 -27.10
N PHE F 642 28.90 62.25 -27.83
CA PHE F 642 29.77 61.07 -27.72
C PHE F 642 31.25 61.43 -27.80
N ARG F 643 32.04 60.85 -26.91
CA ARG F 643 33.49 61.00 -26.95
C ARG F 643 34.14 59.62 -26.89
N TRP F 644 34.83 59.22 -27.95
CA TRP F 644 35.50 57.92 -27.97
C TRP F 644 37.01 58.05 -27.72
N ILE F 645 37.42 57.64 -26.53
CA ILE F 645 38.77 57.87 -26.03
C ILE F 645 39.62 56.61 -26.17
N SER F 646 40.89 56.78 -26.53
CA SER F 646 41.79 55.64 -26.63
C SER F 646 42.28 55.20 -25.27
N SER F 647 43.03 54.10 -25.27
CA SER F 647 43.42 53.41 -24.05
C SER F 647 44.12 54.31 -23.06
N GLN F 648 43.65 54.27 -21.83
CA GLN F 648 44.19 55.11 -20.79
C GLN F 648 45.10 54.24 -19.95
N MET F 649 46.39 54.47 -20.09
CA MET F 649 47.38 53.51 -19.65
C MET F 649 47.96 53.77 -18.27
N ASP F 650 47.52 54.85 -17.64
CA ASP F 650 48.05 55.18 -16.33
C ASP F 650 46.99 55.06 -15.23
N ARG F 651 47.15 54.03 -14.40
CA ARG F 651 46.17 53.78 -13.36
C ARG F 651 46.00 54.98 -12.46
N VAL F 652 47.05 55.79 -12.30
CA VAL F 652 46.93 56.87 -11.33
C VAL F 652 45.92 57.91 -11.81
N ARG F 653 46.09 58.39 -13.04
CA ARG F 653 45.14 59.33 -13.62
C ARG F 653 43.74 58.70 -13.73
N ASN F 654 43.70 57.44 -14.16
CA ASN F 654 42.48 56.67 -14.25
C ASN F 654 41.64 56.74 -12.99
N GLY F 655 42.29 56.58 -11.85
CA GLY F 655 41.62 56.79 -10.58
C GLY F 655 40.92 58.13 -10.58
N GLU F 656 41.62 59.19 -10.98
CA GLU F 656 40.99 60.51 -10.99
C GLU F 656 39.88 60.59 -12.03
N LEU F 657 40.12 60.06 -13.22
CA LEU F 657 39.10 59.97 -14.25
C LEU F 657 37.78 59.38 -13.74
N TYR F 658 37.85 58.29 -12.97
CA TYR F 658 36.64 57.75 -12.37
C TYR F 658 35.97 58.79 -11.48
N ARG F 659 36.73 59.36 -10.55
CA ARG F 659 36.17 60.33 -9.61
C ARG F 659 35.61 61.54 -10.34
N TYR F 660 36.17 61.86 -11.50
CA TYR F 660 35.68 62.98 -12.27
C TYR F 660 34.26 62.69 -12.81
N ILE F 661 34.06 61.48 -13.32
CA ILE F 661 32.74 61.05 -13.74
C ILE F 661 31.78 61.24 -12.58
N CYS F 662 32.26 60.94 -11.37
CA CYS F 662 31.47 61.15 -10.17
C CYS F 662 31.02 62.59 -10.00
N ASP F 663 31.94 63.53 -10.22
CA ASP F 663 31.62 64.94 -10.08
C ASP F 663 30.45 65.34 -10.99
N THR F 664 30.38 64.70 -12.16
CA THR F 664 29.32 65.00 -13.12
C THR F 664 28.03 64.26 -12.80
N LYS F 665 28.06 63.48 -11.73
CA LYS F 665 26.90 62.70 -11.34
C LYS F 665 26.45 61.73 -12.42
N GLY F 666 27.44 61.05 -12.98
CA GLY F 666 27.25 60.06 -14.04
C GLY F 666 27.21 58.64 -13.52
N ALA F 667 27.63 57.70 -14.36
CA ALA F 667 27.48 56.29 -14.02
C ALA F 667 28.47 55.48 -14.81
N PHE F 668 28.77 54.28 -14.32
CA PHE F 668 29.63 53.37 -15.05
C PHE F 668 28.76 52.29 -15.64
N VAL F 669 28.99 51.96 -16.91
CA VAL F 669 28.25 50.88 -17.55
C VAL F 669 29.21 49.83 -18.12
N GLN F 670 28.92 48.58 -17.82
CA GLN F 670 29.75 47.47 -18.27
C GLN F 670 28.85 46.51 -19.07
N PRO F 671 28.78 46.72 -20.39
CA PRO F 671 27.87 45.95 -21.23
C PRO F 671 28.46 44.68 -21.82
N ALA F 672 29.15 43.85 -21.05
CA ALA F 672 29.82 42.72 -21.68
C ALA F 672 28.82 41.62 -21.89
N LEU F 673 28.91 40.98 -23.04
CA LEU F 673 28.12 39.78 -23.28
C LEU F 673 28.46 38.74 -22.19
N TYR F 674 29.74 38.58 -21.87
CA TYR F 674 30.13 37.80 -20.71
C TYR F 674 31.33 38.43 -20.03
N GLU F 675 31.24 38.57 -18.71
CA GLU F 675 32.35 39.11 -17.96
C GLU F 675 32.71 38.19 -16.80
N ALA F 676 33.91 37.63 -16.88
CA ALA F 676 34.37 36.61 -15.92
C ALA F 676 34.40 37.14 -14.49
N PHE F 677 35.00 38.30 -14.30
CA PHE F 677 34.99 38.99 -13.01
C PHE F 677 34.52 40.45 -13.11
N GLY F 678 35.22 41.28 -13.89
CA GLY F 678 35.02 42.73 -13.86
C GLY F 678 35.70 43.69 -12.89
N LEU F 679 37.03 43.68 -12.87
CA LEU F 679 37.79 44.69 -12.12
C LEU F 679 37.32 46.16 -12.27
N THR F 680 37.03 46.62 -13.48
CA THR F 680 36.45 47.98 -13.63
C THR F 680 35.21 48.19 -12.78
N VAL F 681 34.40 47.13 -12.62
CA VAL F 681 33.21 47.23 -11.80
C VAL F 681 33.60 47.52 -10.35
N VAL F 682 34.66 46.86 -9.90
CA VAL F 682 35.16 47.07 -8.56
C VAL F 682 35.74 48.46 -8.46
N GLU F 683 36.47 48.85 -9.51
CA GLU F 683 37.09 50.17 -9.50
C GLU F 683 36.09 51.29 -9.41
N ALA F 684 35.08 51.27 -10.28
CA ALA F 684 34.03 52.28 -10.30
C ALA F 684 33.31 52.40 -8.96
N MET F 685 32.92 51.25 -8.41
CA MET F 685 32.25 51.19 -7.12
C MET F 685 33.15 51.71 -6.00
N THR F 686 34.43 51.36 -6.05
CA THR F 686 35.33 51.80 -5.02
C THR F 686 35.48 53.31 -4.99
N CYS F 687 35.33 53.95 -6.16
CA CYS F 687 35.41 55.40 -6.26
C CYS F 687 34.09 56.06 -5.94
N GLY F 688 33.02 55.28 -5.91
CA GLY F 688 31.70 55.83 -5.60
C GLY F 688 30.81 56.03 -6.80
N LEU F 689 31.24 55.55 -7.96
CA LEU F 689 30.46 55.70 -9.17
C LEU F 689 29.36 54.64 -9.31
N PRO F 690 28.09 55.08 -9.27
CA PRO F 690 26.99 54.14 -9.46
C PRO F 690 27.23 53.33 -10.72
N THR F 691 27.03 52.02 -10.64
CA THR F 691 27.44 51.12 -11.71
C THR F 691 26.35 50.19 -12.22
N PHE F 692 26.18 50.18 -13.54
CA PHE F 692 25.25 49.26 -14.17
C PHE F 692 26.11 48.25 -14.89
N ALA F 693 26.02 46.99 -14.49
CA ALA F 693 26.90 45.96 -15.06
C ALA F 693 26.17 44.74 -15.62
N THR F 694 26.80 44.10 -16.59
CA THR F 694 26.28 42.92 -17.25
C THR F 694 25.93 41.88 -16.21
N CYS F 695 24.83 41.18 -16.44
CA CYS F 695 24.34 40.18 -15.50
C CYS F 695 24.83 38.80 -15.89
N LYS F 696 25.68 38.76 -16.92
CA LYS F 696 26.26 37.52 -17.40
C LYS F 696 27.71 37.36 -16.91
N GLY F 697 27.94 36.45 -15.98
CA GLY F 697 29.24 36.30 -15.34
C GLY F 697 29.37 36.95 -13.95
N GLY F 698 30.62 37.16 -13.54
CA GLY F 698 30.94 37.62 -12.21
C GLY F 698 30.19 38.82 -11.68
N PRO F 699 30.01 39.86 -12.50
CA PRO F 699 29.28 41.01 -11.97
C PRO F 699 27.86 40.69 -11.45
N ALA F 700 27.30 39.52 -11.79
CA ALA F 700 26.01 39.16 -11.22
C ALA F 700 26.13 38.94 -9.71
N GLU F 701 27.29 38.48 -9.29
CA GLU F 701 27.61 38.34 -7.87
C GLU F 701 28.08 39.63 -7.23
N ILE F 702 28.96 40.37 -7.90
CA ILE F 702 29.52 41.59 -7.32
C ILE F 702 28.44 42.58 -6.89
N ILE F 703 27.52 42.86 -7.82
CA ILE F 703 26.49 43.84 -7.59
C ILE F 703 25.20 43.24 -7.05
N VAL F 704 24.60 43.93 -6.10
CA VAL F 704 23.29 43.56 -5.58
C VAL F 704 22.29 44.59 -6.12
N HIS F 705 21.42 44.12 -7.02
CA HIS F 705 20.56 45.00 -7.79
C HIS F 705 19.71 45.92 -6.92
N GLY F 706 19.76 47.21 -7.23
CA GLY F 706 19.00 48.20 -6.50
C GLY F 706 19.67 48.60 -5.20
N LYS F 707 20.73 47.87 -4.84
CA LYS F 707 21.45 48.18 -3.61
C LYS F 707 22.87 48.72 -3.89
N SER F 708 23.74 47.89 -4.45
CA SER F 708 25.11 48.32 -4.75
C SER F 708 25.29 48.74 -6.19
N GLY F 709 24.23 48.62 -6.98
CA GLY F 709 24.31 48.92 -8.39
C GLY F 709 23.09 48.36 -9.08
N PHE F 710 23.21 48.12 -10.38
CA PHE F 710 22.12 47.54 -11.15
C PHE F 710 22.70 46.58 -12.18
N HIS F 711 21.96 45.51 -12.46
CA HIS F 711 22.35 44.59 -13.50
C HIS F 711 21.64 45.01 -14.76
N ILE F 712 22.31 44.82 -15.88
CA ILE F 712 21.65 44.97 -17.16
C ILE F 712 21.95 43.70 -17.95
N ASP F 713 21.19 43.50 -19.02
CA ASP F 713 21.33 42.28 -19.81
C ASP F 713 21.80 42.60 -21.23
N PRO F 714 23.05 42.24 -21.56
CA PRO F 714 23.61 42.59 -22.88
C PRO F 714 22.71 42.11 -23.99
N TYR F 715 21.89 41.10 -23.72
CA TYR F 715 21.01 40.59 -24.74
C TYR F 715 19.69 41.35 -24.86
N HIS F 716 19.33 42.17 -23.87
CA HIS F 716 18.43 43.27 -24.18
C HIS F 716 19.04 44.63 -23.92
N GLY F 717 19.49 45.30 -24.97
CA GLY F 717 20.25 46.51 -24.80
C GLY F 717 19.35 47.71 -24.73
N ASP F 718 18.21 47.57 -25.40
CA ASP F 718 17.21 48.62 -25.47
C ASP F 718 16.66 48.87 -24.08
N GLN F 719 16.45 47.78 -23.34
CA GLN F 719 16.04 47.92 -21.94
C GLN F 719 17.19 48.45 -21.06
N ALA F 720 18.41 48.04 -21.38
CA ALA F 720 19.56 48.57 -20.68
C ALA F 720 19.56 50.10 -20.78
N ALA F 721 19.35 50.60 -21.99
CA ALA F 721 19.33 52.05 -22.20
C ALA F 721 18.16 52.72 -21.46
N ASP F 722 17.02 52.03 -21.36
CA ASP F 722 15.84 52.59 -20.70
C ASP F 722 16.01 52.58 -19.18
N THR F 723 16.70 51.57 -18.67
CA THR F 723 17.01 51.52 -17.24
C THR F 723 17.99 52.63 -16.89
N LEU F 724 19.00 52.81 -17.74
CA LEU F 724 19.90 53.93 -17.66
C LEU F 724 19.18 55.28 -17.68
N ALA F 725 18.26 55.44 -18.62
CA ALA F 725 17.42 56.64 -18.67
C ALA F 725 16.59 56.82 -17.38
N ASP F 726 15.99 55.75 -16.91
CA ASP F 726 15.18 55.85 -15.70
C ASP F 726 15.99 56.35 -14.52
N PHE F 727 17.17 55.77 -14.37
CA PHE F 727 18.07 56.12 -13.29
C PHE F 727 18.44 57.62 -13.36
N PHE F 728 18.87 58.07 -14.54
CA PHE F 728 19.24 59.47 -14.70
C PHE F 728 18.08 60.39 -14.43
N THR F 729 16.90 60.00 -14.93
CA THR F 729 15.67 60.73 -14.62
C THR F 729 15.39 60.79 -13.11
N LYS F 730 15.36 59.62 -12.45
CA LYS F 730 15.12 59.62 -11.00
C LYS F 730 16.11 60.52 -10.29
N CYS F 731 17.38 60.45 -10.71
CA CYS F 731 18.44 61.22 -10.08
C CYS F 731 18.22 62.72 -10.24
N LYS F 732 17.60 63.10 -11.35
CA LYS F 732 17.31 64.50 -11.60
C LYS F 732 16.25 64.96 -10.62
N GLU F 733 15.19 64.17 -10.50
CA GLU F 733 14.10 64.47 -9.59
C GLU F 733 14.55 64.39 -8.14
N ASP F 734 15.31 63.34 -7.82
CA ASP F 734 15.81 63.19 -6.46
C ASP F 734 17.30 62.85 -6.40
N PRO F 735 18.13 63.90 -6.36
CA PRO F 735 19.59 63.73 -6.34
C PRO F 735 20.09 62.77 -5.27
N SER F 736 19.36 62.63 -4.17
CA SER F 736 19.82 61.72 -3.11
C SER F 736 19.81 60.27 -3.60
N HIS F 737 19.11 60.02 -4.71
CA HIS F 737 19.06 58.68 -5.28
C HIS F 737 20.45 58.24 -5.78
N TRP F 738 21.17 59.16 -6.38
CA TRP F 738 22.51 58.89 -6.85
C TRP F 738 23.38 58.53 -5.64
N ASP F 739 23.31 59.35 -4.60
CA ASP F 739 24.06 59.08 -3.36
C ASP F 739 23.78 57.69 -2.76
N GLU F 740 22.52 57.26 -2.73
CA GLU F 740 22.15 55.96 -2.18
C GLU F 740 22.92 54.83 -2.84
N ILE F 741 22.92 54.83 -4.17
CA ILE F 741 23.60 53.80 -4.92
C ILE F 741 25.11 53.90 -4.67
N SER F 742 25.60 55.12 -4.61
CA SER F 742 27.02 55.36 -4.38
C SER F 742 27.48 54.71 -3.08
N LYS F 743 26.82 55.05 -1.98
CA LYS F 743 27.17 54.48 -0.68
C LYS F 743 27.00 52.97 -0.71
N GLY F 744 25.96 52.51 -1.40
CA GLY F 744 25.72 51.10 -1.58
C GLY F 744 26.96 50.43 -2.13
N GLY F 745 27.47 50.97 -3.24
CA GLY F 745 28.68 50.45 -3.82
C GLY F 745 29.84 50.46 -2.84
N LEU F 746 30.12 51.63 -2.28
CA LEU F 746 31.26 51.79 -1.38
C LEU F 746 31.25 50.73 -0.29
N GLN F 747 30.07 50.45 0.23
CA GLN F 747 29.94 49.49 1.32
C GLN F 747 30.11 48.06 0.82
N ARG F 748 29.45 47.77 -0.30
CA ARG F 748 29.55 46.45 -0.93
C ARG F 748 31.00 46.07 -1.18
N ILE F 749 31.81 47.05 -1.56
CA ILE F 749 33.23 46.83 -1.78
C ILE F 749 33.98 46.64 -0.46
N GLU F 750 33.72 47.52 0.49
CA GLU F 750 34.38 47.47 1.79
C GLU F 750 34.17 46.11 2.46
N GLU F 751 33.00 45.51 2.20
CA GLU F 751 32.60 44.23 2.77
C GLU F 751 33.26 43.02 2.10
N LYS F 752 33.27 43.03 0.77
CA LYS F 752 33.65 41.87 -0.04
C LYS F 752 35.02 41.95 -0.68
N TYR F 753 35.28 42.98 -1.48
CA TYR F 753 36.50 42.98 -2.29
C TYR F 753 37.63 43.90 -1.82
N THR F 754 38.66 43.30 -1.23
CA THR F 754 39.83 44.02 -0.77
C THR F 754 41.02 43.07 -0.65
N TRP F 755 42.23 43.63 -0.69
CA TRP F 755 43.43 42.81 -0.74
C TRP F 755 43.99 42.37 0.60
N GLN F 756 43.54 42.95 1.70
CA GLN F 756 44.18 42.69 2.98
C GLN F 756 44.09 41.22 3.31
N ILE F 757 42.88 40.70 3.25
CA ILE F 757 42.63 39.30 3.57
C ILE F 757 43.16 38.34 2.51
N TYR F 758 43.27 38.83 1.27
CA TYR F 758 43.61 37.98 0.14
C TYR F 758 44.84 37.16 0.41
N SER F 759 45.92 37.83 0.79
CA SER F 759 47.22 37.18 0.89
C SER F 759 47.27 36.22 2.08
N GLN F 760 46.70 36.61 3.22
CA GLN F 760 46.66 35.74 4.38
C GLN F 760 45.96 34.44 4.04
N ARG F 761 44.87 34.54 3.29
CA ARG F 761 44.20 33.34 2.82
C ARG F 761 45.11 32.58 1.88
N LEU F 762 45.70 33.27 0.92
CA LEU F 762 46.51 32.59 -0.06
C LEU F 762 47.57 31.72 0.60
N LEU F 763 48.32 32.29 1.54
CA LEU F 763 49.42 31.56 2.19
C LEU F 763 48.95 30.39 3.07
N THR F 764 47.83 30.61 3.75
CA THR F 764 47.22 29.56 4.53
C THR F 764 46.88 28.38 3.64
N LEU F 765 46.23 28.63 2.51
CA LEU F 765 45.86 27.51 1.63
C LEU F 765 47.11 26.77 1.18
N THR F 766 48.21 27.51 1.01
CA THR F 766 49.46 26.91 0.56
C THR F 766 50.04 25.93 1.59
N GLY F 767 49.90 26.25 2.87
CA GLY F 767 50.31 25.33 3.91
C GLY F 767 49.46 24.08 3.91
N VAL F 768 48.15 24.28 3.98
CA VAL F 768 47.20 23.18 4.02
C VAL F 768 47.32 22.27 2.81
N TYR F 769 47.23 22.82 1.60
CA TYR F 769 47.31 21.97 0.40
C TYR F 769 48.68 21.35 0.24
N GLY F 770 49.69 22.06 0.73
CA GLY F 770 51.05 21.54 0.71
C GLY F 770 51.13 20.27 1.52
N PHE F 771 50.64 20.32 2.76
CA PHE F 771 50.60 19.13 3.60
C PHE F 771 49.74 18.05 2.94
N TRP F 772 48.52 18.42 2.58
CA TRP F 772 47.61 17.47 1.95
C TRP F 772 48.28 16.74 0.80
N LYS F 773 49.19 17.43 0.11
CA LYS F 773 49.96 16.85 -0.99
C LYS F 773 50.60 15.54 -0.60
N HIS F 774 51.25 15.53 0.57
CA HIS F 774 52.02 14.38 1.04
C HIS F 774 51.17 13.24 1.57
N VAL F 775 50.01 13.57 2.12
CA VAL F 775 49.09 12.55 2.61
C VAL F 775 48.41 11.85 1.43
N SER F 776 47.95 12.65 0.48
CA SER F 776 47.15 12.16 -0.63
C SER F 776 48.00 11.77 -1.83
N ASN F 777 49.32 11.83 -1.64
CA ASN F 777 50.28 11.55 -2.69
C ASN F 777 50.03 10.24 -3.44
N LEU F 778 49.62 9.20 -2.71
CA LEU F 778 49.46 7.88 -3.30
C LEU F 778 48.26 7.78 -4.25
N ASP F 779 47.17 8.46 -3.95
CA ASP F 779 46.01 8.39 -4.82
C ASP F 779 46.13 9.25 -6.07
N ARG F 780 46.63 10.47 -5.89
CA ARG F 780 46.73 11.40 -6.99
C ARG F 780 47.73 10.88 -8.00
N LEU F 781 48.49 9.86 -7.62
CA LEU F 781 49.53 9.31 -8.49
C LEU F 781 48.91 8.80 -9.79
N GLU F 782 47.81 8.07 -9.69
CA GLU F 782 47.09 7.63 -10.88
C GLU F 782 46.66 8.84 -11.68
N ALA F 783 45.97 9.78 -11.04
CA ALA F 783 45.54 10.99 -11.72
C ALA F 783 46.71 11.62 -12.46
N ARG F 784 47.86 11.64 -11.80
CA ARG F 784 49.03 12.27 -12.37
C ARG F 784 49.43 11.61 -13.68
N ARG F 785 49.45 10.29 -13.70
CA ARG F 785 49.79 9.56 -14.91
C ARG F 785 48.79 9.83 -16.03
N TYR F 786 47.51 9.74 -15.71
CA TYR F 786 46.44 10.03 -16.65
C TYR F 786 46.71 11.39 -17.24
N LEU F 787 46.87 12.38 -16.37
CA LEU F 787 47.16 13.73 -16.83
C LEU F 787 48.41 13.81 -17.74
N GLU F 788 49.51 13.19 -17.33
CA GLU F 788 50.72 13.18 -18.14
C GLU F 788 50.43 12.73 -19.56
N MET F 789 49.65 11.66 -19.69
CA MET F 789 49.37 11.08 -21.00
C MET F 789 48.49 12.01 -21.84
N PHE F 790 47.54 12.67 -21.17
CA PHE F 790 46.65 13.61 -21.84
C PHE F 790 47.41 14.78 -22.43
N TYR F 791 48.35 15.31 -21.65
CA TYR F 791 49.22 16.36 -22.15
C TYR F 791 50.02 15.83 -23.33
N ALA F 792 50.75 14.76 -23.07
CA ALA F 792 51.68 14.18 -24.03
C ALA F 792 51.05 13.85 -25.37
N LEU F 793 49.95 13.10 -25.33
CA LEU F 793 49.32 12.58 -26.53
C LEU F 793 48.13 13.39 -27.07
N LYS F 794 47.74 14.45 -26.38
CA LYS F 794 46.59 15.26 -26.81
C LYS F 794 46.98 16.72 -27.03
N TYR F 795 47.43 17.38 -25.96
CA TYR F 795 47.92 18.74 -26.09
C TYR F 795 49.07 18.90 -27.09
N ARG F 796 50.19 18.21 -26.91
CA ARG F 796 51.35 18.46 -27.79
C ARG F 796 51.03 18.41 -29.30
N PRO F 797 50.30 17.38 -29.73
CA PRO F 797 49.93 17.27 -31.15
C PRO F 797 49.09 18.47 -31.58
N LEU F 798 48.10 18.84 -30.78
CA LEU F 798 47.28 20.03 -31.04
C LEU F 798 48.14 21.30 -31.12
N ALA F 799 48.94 21.52 -30.08
CA ALA F 799 49.83 22.68 -30.01
C ALA F 799 50.71 22.76 -31.25
N GLN F 800 51.38 21.66 -31.58
CA GLN F 800 52.29 21.64 -32.71
C GLN F 800 51.61 21.92 -34.05
N ALA F 801 50.30 21.81 -34.08
CA ALA F 801 49.57 22.08 -35.32
C ALA F 801 49.11 23.54 -35.44
N VAL F 802 49.28 24.33 -34.38
CA VAL F 802 49.00 25.75 -34.47
C VAL F 802 50.11 26.41 -35.30
N PRO F 803 49.72 27.08 -36.39
CA PRO F 803 50.72 27.71 -37.27
C PRO F 803 51.60 28.69 -36.50
N LEU F 804 52.92 28.57 -36.66
CA LEU F 804 53.89 29.45 -35.99
C LEU F 804 53.86 30.89 -36.54
N ALA F 805 54.30 31.83 -35.72
CA ALA F 805 54.42 33.22 -36.17
C ALA F 805 55.60 33.35 -37.11
N GLN F 806 55.51 34.30 -38.03
CA GLN F 806 56.61 34.59 -38.94
C GLN F 806 57.19 35.99 -38.73
N ASP F 807 58.42 36.05 -38.21
CA ASP F 807 59.15 37.31 -38.11
C ASP F 807 59.66 37.74 -39.48
N ASN G 27 89.26 -5.93 -4.19
CA ASN G 27 88.27 -4.85 -4.22
C ASN G 27 88.78 -3.59 -4.93
N GLU G 28 89.65 -2.86 -4.25
CA GLU G 28 89.98 -1.49 -4.62
C GLU G 28 90.38 -1.27 -6.08
N VAL G 29 91.57 -1.73 -6.47
CA VAL G 29 92.11 -1.47 -7.80
C VAL G 29 91.81 -2.60 -8.79
N LEU G 30 91.05 -3.59 -8.31
CA LEU G 30 90.68 -4.75 -9.11
C LEU G 30 89.39 -4.48 -9.88
N ALA G 31 88.30 -4.27 -9.14
CA ALA G 31 87.02 -3.94 -9.77
C ALA G 31 87.20 -2.81 -10.77
N LEU G 32 88.09 -1.88 -10.46
CA LEU G 32 88.34 -0.72 -11.31
C LEU G 32 88.85 -1.12 -12.70
N LEU G 33 89.26 -2.37 -12.82
CA LEU G 33 89.76 -2.94 -14.07
C LEU G 33 88.64 -3.58 -14.90
N SER G 34 87.95 -4.56 -14.31
CA SER G 34 86.78 -5.16 -14.95
C SER G 34 85.90 -4.06 -15.54
N ARG G 35 85.78 -2.97 -14.81
CA ARG G 35 85.07 -1.81 -15.34
C ARG G 35 85.76 -1.20 -16.56
N VAL G 36 87.07 -0.98 -16.45
CA VAL G 36 87.84 -0.33 -17.51
C VAL G 36 87.81 -1.11 -18.83
N GLU G 37 87.70 -2.43 -18.73
CA GLU G 37 87.56 -3.26 -19.92
C GLU G 37 86.13 -3.19 -20.43
N ALA G 38 85.17 -3.08 -19.50
CA ALA G 38 83.78 -2.84 -19.86
C ALA G 38 83.74 -1.59 -20.74
N LYS G 39 84.40 -0.54 -20.27
CA LYS G 39 84.57 0.68 -21.04
C LYS G 39 85.28 0.40 -22.36
N GLY G 40 86.15 -0.60 -22.36
CA GLY G 40 87.02 -0.89 -23.48
C GLY G 40 86.30 -0.95 -24.82
N LYS G 41 85.14 -1.60 -24.83
CA LYS G 41 84.38 -1.81 -26.06
C LYS G 41 83.45 -0.63 -26.39
N GLY G 42 83.50 0.41 -25.57
CA GLY G 42 82.82 1.66 -25.86
C GLY G 42 81.31 1.64 -25.67
N ILE G 43 80.64 2.67 -26.20
CA ILE G 43 79.19 2.77 -26.07
C ILE G 43 78.54 1.51 -26.66
N LEU G 44 77.71 0.83 -25.87
CA LEU G 44 76.97 -0.31 -26.38
C LEU G 44 76.19 -1.07 -25.32
N GLN G 45 75.40 -2.04 -25.79
CA GLN G 45 74.73 -3.02 -24.95
C GLN G 45 75.68 -4.15 -24.58
N GLN G 46 75.57 -4.64 -23.35
CA GLN G 46 76.18 -5.91 -23.03
C GLN G 46 75.24 -6.80 -22.26
N ASN G 47 74.87 -7.91 -22.86
CA ASN G 47 74.09 -8.93 -22.16
C ASN G 47 74.94 -9.73 -21.18
N GLN G 48 74.33 -10.40 -20.22
CA GLN G 48 75.08 -11.13 -19.19
C GLN G 48 76.18 -11.97 -19.83
N ILE G 49 75.84 -12.58 -20.96
CA ILE G 49 76.78 -13.37 -21.74
C ILE G 49 78.10 -12.60 -21.87
N ILE G 50 78.08 -11.47 -22.58
CA ILE G 50 79.25 -10.61 -22.71
C ILE G 50 79.61 -9.88 -21.39
N ALA G 51 78.58 -9.38 -20.69
CA ALA G 51 78.75 -8.44 -19.57
C ALA G 51 79.50 -9.07 -18.43
N GLU G 52 79.76 -10.35 -18.56
CA GLU G 52 80.58 -11.05 -17.60
C GLU G 52 81.67 -11.84 -18.31
N PHE G 53 81.27 -12.80 -19.13
CA PHE G 53 82.22 -13.68 -19.81
C PHE G 53 83.33 -12.86 -20.45
N GLU G 54 82.97 -11.84 -21.22
CA GLU G 54 83.99 -10.95 -21.70
C GLU G 54 84.80 -10.46 -20.50
N ALA G 55 84.18 -9.63 -19.65
CA ALA G 55 84.92 -8.99 -18.58
C ALA G 55 85.65 -9.96 -17.65
N LEU G 56 84.92 -10.68 -16.81
CA LEU G 56 85.55 -11.40 -15.72
C LEU G 56 86.57 -12.43 -16.23
N PRO G 57 86.12 -13.42 -17.03
CA PRO G 57 86.96 -14.52 -17.51
C PRO G 57 88.13 -14.13 -18.42
N GLU G 58 87.90 -13.28 -19.41
CA GLU G 58 88.95 -12.90 -20.34
C GLU G 58 89.98 -12.07 -19.58
N GLN G 59 89.57 -11.65 -18.38
CA GLN G 59 90.42 -10.91 -17.48
C GLN G 59 91.48 -11.79 -16.83
N THR G 60 92.49 -11.14 -16.25
CA THR G 60 93.67 -11.82 -15.75
C THR G 60 93.31 -12.67 -14.54
N ARG G 61 94.31 -13.32 -13.92
CA ARG G 61 94.07 -14.30 -12.85
C ARG G 61 93.82 -13.53 -11.56
N LYS G 62 93.84 -12.21 -11.69
CA LYS G 62 93.54 -11.31 -10.61
C LYS G 62 92.13 -11.57 -10.09
N LYS G 63 91.37 -12.40 -10.81
CA LYS G 63 89.95 -12.54 -10.54
C LYS G 63 89.76 -12.65 -9.04
N LEU G 64 90.16 -13.76 -8.44
CA LEU G 64 90.15 -13.82 -6.99
C LEU G 64 88.83 -13.24 -6.43
N GLU G 65 87.71 -13.56 -7.08
CA GLU G 65 86.43 -12.93 -6.76
C GLU G 65 85.38 -13.86 -6.15
N GLY G 66 85.08 -13.64 -4.87
CA GLY G 66 83.84 -14.11 -4.28
C GLY G 66 83.56 -13.25 -3.06
N GLY G 67 82.28 -13.11 -2.72
CA GLY G 67 81.88 -12.26 -1.60
C GLY G 67 81.77 -10.76 -1.89
N PRO G 68 82.40 -10.28 -2.99
CA PRO G 68 82.52 -8.88 -3.40
C PRO G 68 81.26 -8.54 -4.13
N PHE G 69 81.21 -7.42 -4.85
CA PHE G 69 80.09 -7.36 -5.75
C PHE G 69 80.72 -8.05 -6.95
N PHE G 70 80.30 -9.31 -7.10
CA PHE G 70 80.65 -10.23 -8.16
C PHE G 70 79.33 -10.84 -8.59
N ASP G 71 78.73 -11.53 -7.62
CA ASP G 71 77.41 -12.12 -7.78
C ASP G 71 76.45 -11.04 -8.30
N LEU G 72 76.77 -9.79 -7.99
CA LEU G 72 76.10 -8.65 -8.60
C LEU G 72 76.23 -8.71 -10.12
N LEU G 73 77.45 -8.93 -10.58
CA LEU G 73 77.71 -9.13 -12.01
C LEU G 73 77.02 -10.40 -12.50
N LYS G 74 77.01 -11.44 -11.67
CA LYS G 74 76.40 -12.70 -12.05
C LYS G 74 74.89 -12.55 -12.24
N SER G 75 74.30 -11.63 -11.47
CA SER G 75 72.86 -11.36 -11.53
C SER G 75 72.48 -10.20 -12.44
N THR G 76 73.47 -9.63 -13.12
CA THR G 76 73.21 -8.52 -14.03
C THR G 76 72.71 -9.02 -15.39
N GLN G 77 71.51 -8.58 -15.77
CA GLN G 77 70.88 -8.99 -17.03
C GLN G 77 71.40 -8.24 -18.24
N GLU G 78 71.57 -6.93 -18.11
CA GLU G 78 72.26 -6.17 -19.15
C GLU G 78 72.94 -4.93 -18.58
N ALA G 79 74.03 -4.52 -19.23
CA ALA G 79 74.73 -3.31 -18.87
C ALA G 79 74.76 -2.36 -20.05
N ILE G 80 74.49 -1.08 -19.81
CA ILE G 80 74.56 -0.10 -20.87
C ILE G 80 75.72 0.82 -20.59
N VAL G 81 76.78 0.75 -21.39
CA VAL G 81 77.85 1.72 -21.22
C VAL G 81 77.98 2.61 -22.43
N LEU G 82 77.50 3.85 -22.35
CA LEU G 82 78.09 4.96 -23.08
C LEU G 82 79.37 5.60 -22.48
N PRO G 83 79.21 6.10 -21.25
CA PRO G 83 79.91 7.15 -20.51
C PRO G 83 81.16 6.76 -19.76
N PRO G 84 81.63 7.67 -18.89
CA PRO G 84 82.37 7.32 -17.68
C PRO G 84 81.46 6.42 -16.87
N TRP G 85 80.18 6.42 -17.25
CA TRP G 85 79.15 5.64 -16.59
C TRP G 85 78.81 4.30 -17.26
N VAL G 86 78.52 3.30 -16.44
CA VAL G 86 77.88 2.07 -16.90
C VAL G 86 76.63 1.79 -16.07
N ALA G 87 75.50 1.67 -16.73
CA ALA G 87 74.24 1.36 -16.05
C ALA G 87 74.05 -0.15 -15.98
N LEU G 88 73.64 -0.64 -14.81
CA LEU G 88 73.38 -2.06 -14.64
C LEU G 88 71.89 -2.35 -14.33
N ALA G 89 71.35 -3.38 -14.97
CA ALA G 89 70.06 -3.93 -14.60
C ALA G 89 70.29 -5.24 -13.85
N VAL G 90 69.99 -5.25 -12.55
CA VAL G 90 70.31 -6.39 -11.72
C VAL G 90 69.06 -7.17 -11.33
N ARG G 91 69.15 -8.49 -11.41
CA ARG G 91 68.01 -9.38 -11.22
C ARG G 91 68.36 -10.53 -10.29
N PRO G 92 68.38 -10.27 -8.98
CA PRO G 92 68.65 -11.22 -7.90
C PRO G 92 67.74 -12.44 -7.97
N ARG G 93 66.45 -12.18 -8.14
CA ARG G 93 65.43 -13.22 -8.25
C ARG G 93 64.51 -12.86 -9.39
N PRO G 94 63.82 -13.87 -9.95
CA PRO G 94 62.80 -13.57 -10.95
C PRO G 94 61.81 -12.55 -10.40
N GLY G 95 61.53 -11.51 -11.18
CA GLY G 95 60.54 -10.51 -10.82
C GLY G 95 61.04 -9.43 -9.89
N VAL G 96 62.33 -9.49 -9.55
CA VAL G 96 62.94 -8.51 -8.63
C VAL G 96 64.12 -7.83 -9.31
N TRP G 97 64.08 -6.50 -9.36
CA TRP G 97 65.09 -5.76 -10.12
C TRP G 97 65.64 -4.55 -9.38
N GLU G 98 66.96 -4.38 -9.41
CA GLU G 98 67.61 -3.16 -8.94
C GLU G 98 68.37 -2.53 -10.11
N TYR G 99 68.25 -1.22 -10.27
CA TYR G 99 69.03 -0.54 -11.30
C TYR G 99 70.12 0.31 -10.67
N LEU G 100 71.34 0.15 -11.15
CA LEU G 100 72.46 0.94 -10.66
C LEU G 100 73.17 1.65 -11.79
N ARG G 101 74.15 2.45 -11.43
CA ARG G 101 75.09 2.96 -12.39
C ARG G 101 76.42 3.16 -11.68
N VAL G 102 77.50 2.90 -12.41
CA VAL G 102 78.82 2.96 -11.82
C VAL G 102 79.78 3.70 -12.72
N ASN G 103 80.54 4.61 -12.13
CA ASN G 103 81.58 5.31 -12.86
C ASN G 103 82.76 4.36 -13.09
N LEU G 104 83.32 4.41 -14.28
CA LEU G 104 84.35 3.47 -14.71
C LEU G 104 85.75 3.89 -14.28
N HIS G 105 85.88 5.14 -13.83
CA HIS G 105 87.16 5.62 -13.33
C HIS G 105 87.06 5.75 -11.82
N ALA G 106 86.37 6.79 -11.37
CA ALA G 106 86.06 6.91 -9.95
C ALA G 106 85.08 5.78 -9.67
N LEU G 107 85.26 5.05 -8.58
CA LEU G 107 84.32 3.99 -8.28
C LEU G 107 83.24 4.58 -7.38
N VAL G 108 82.06 4.76 -7.96
CA VAL G 108 80.91 5.27 -7.24
C VAL G 108 79.67 4.53 -7.73
N VAL G 109 78.93 3.94 -6.80
CA VAL G 109 77.73 3.17 -7.15
C VAL G 109 76.48 3.90 -6.69
N GLU G 110 75.70 4.41 -7.64
CA GLU G 110 74.49 5.17 -7.32
C GLU G 110 73.26 4.41 -7.80
N GLU G 111 72.27 4.28 -6.92
CA GLU G 111 71.01 3.61 -7.28
C GLU G 111 70.27 4.40 -8.35
N LEU G 112 69.48 3.70 -9.17
CA LEU G 112 68.69 4.34 -10.20
C LEU G 112 67.24 3.90 -10.14
N GLN G 113 66.33 4.82 -10.41
CA GLN G 113 64.94 4.44 -10.61
C GLN G 113 64.77 3.97 -12.05
N PRO G 114 63.83 3.04 -12.27
CA PRO G 114 63.69 2.44 -13.59
C PRO G 114 63.71 3.48 -14.68
N ALA G 115 63.04 4.60 -14.46
CA ALA G 115 62.95 5.60 -15.51
C ALA G 115 64.34 6.11 -15.94
N GLU G 116 65.23 6.29 -14.97
CA GLU G 116 66.57 6.83 -15.24
C GLU G 116 67.45 5.83 -15.99
N PHE G 117 67.25 4.55 -15.72
CA PHE G 117 67.96 3.49 -16.43
C PHE G 117 67.56 3.56 -17.89
N LEU G 118 66.26 3.68 -18.12
CA LEU G 118 65.73 3.76 -19.47
C LEU G 118 66.26 4.99 -20.19
N HIS G 119 66.51 6.07 -19.44
CA HIS G 119 67.17 7.25 -19.99
C HIS G 119 68.45 6.85 -20.72
N PHE G 120 69.27 6.03 -20.05
CA PHE G 120 70.53 5.54 -20.62
C PHE G 120 70.33 4.91 -21.99
N LYS G 121 69.44 3.94 -22.07
CA LYS G 121 69.18 3.26 -23.33
C LYS G 121 68.81 4.28 -24.41
N GLU G 122 68.14 5.35 -24.01
CA GLU G 122 67.69 6.34 -24.99
C GLU G 122 68.85 7.21 -25.47
N GLU G 123 69.72 7.61 -24.55
CA GLU G 123 70.92 8.36 -24.91
C GLU G 123 71.72 7.51 -25.88
N LEU G 124 71.77 6.21 -25.62
CA LEU G 124 72.58 5.30 -26.41
C LEU G 124 72.17 5.32 -27.88
N VAL G 125 70.89 5.12 -28.13
CA VAL G 125 70.41 5.04 -29.50
C VAL G 125 70.20 6.41 -30.15
N ASP G 126 69.60 7.33 -29.42
CA ASP G 126 69.25 8.62 -30.00
C ASP G 126 70.28 9.74 -29.81
N GLY G 127 71.30 9.50 -28.98
CA GLY G 127 72.28 10.51 -28.68
C GLY G 127 71.79 11.45 -27.59
N VAL G 128 70.48 11.37 -27.34
CA VAL G 128 69.83 12.07 -26.23
C VAL G 128 68.61 11.26 -25.78
N LYS G 129 68.21 11.44 -24.52
CA LYS G 129 67.02 10.78 -23.96
C LYS G 129 65.70 11.42 -24.46
N ASN G 130 64.60 10.68 -24.34
CA ASN G 130 63.30 11.18 -24.84
C ASN G 130 62.93 12.55 -24.26
N GLY G 131 62.26 13.37 -25.07
CA GLY G 131 61.91 14.73 -24.69
C GLY G 131 61.28 14.77 -23.32
N ASN G 132 61.60 15.82 -22.56
CA ASN G 132 61.20 15.88 -21.15
C ASN G 132 59.74 15.51 -20.92
N PHE G 133 58.87 16.01 -21.79
CA PHE G 133 57.43 15.81 -21.64
C PHE G 133 56.86 14.65 -22.46
N THR G 134 57.74 13.90 -23.10
CA THR G 134 57.39 12.64 -23.76
C THR G 134 56.82 11.59 -22.79
N LEU G 135 55.94 10.75 -23.32
CA LEU G 135 55.12 9.83 -22.54
C LEU G 135 55.88 8.82 -21.69
N GLU G 136 55.52 8.77 -20.42
CA GLU G 136 55.93 7.69 -19.54
C GLU G 136 54.69 6.85 -19.21
N LEU G 137 54.66 5.61 -19.72
CA LEU G 137 53.62 4.65 -19.37
C LEU G 137 53.95 4.05 -18.01
N ASP G 138 53.06 4.24 -17.04
CA ASP G 138 53.27 3.61 -15.76
C ASP G 138 52.00 2.97 -15.27
N PHE G 139 51.96 1.66 -15.18
CA PHE G 139 50.75 0.98 -14.72
C PHE G 139 50.75 0.68 -13.23
N GLU G 140 51.88 0.86 -12.57
CA GLU G 140 52.00 0.47 -11.17
C GLU G 140 50.84 0.97 -10.31
N PRO G 141 50.59 2.28 -10.30
CA PRO G 141 49.57 2.84 -9.42
C PRO G 141 48.15 2.35 -9.72
N PHE G 142 47.92 1.80 -10.90
CA PHE G 142 46.58 1.35 -11.28
C PHE G 142 46.25 -0.05 -10.77
N ASN G 143 47.29 -0.80 -10.42
CA ASN G 143 47.13 -2.18 -9.98
C ASN G 143 47.09 -2.36 -8.45
N ALA G 144 47.13 -1.25 -7.73
CA ALA G 144 47.29 -1.27 -6.28
C ALA G 144 46.12 -1.95 -5.56
N SER G 145 45.09 -2.33 -6.30
CA SER G 145 43.87 -2.89 -5.71
C SER G 145 44.15 -3.95 -4.65
N ILE G 146 44.65 -5.11 -5.09
CA ILE G 146 45.04 -6.18 -4.18
C ILE G 146 46.48 -5.95 -3.78
N PRO G 147 46.88 -6.41 -2.60
CA PRO G 147 48.32 -6.39 -2.37
C PRO G 147 48.95 -7.33 -3.40
N ARG G 148 50.27 -7.45 -3.41
CA ARG G 148 50.89 -8.28 -4.43
C ARG G 148 51.73 -9.39 -3.82
N PRO G 149 51.64 -10.58 -4.39
CA PRO G 149 52.47 -11.71 -3.93
C PRO G 149 53.93 -11.37 -4.09
N THR G 150 54.73 -11.60 -3.05
CA THR G 150 56.17 -11.50 -3.17
C THR G 150 56.82 -12.87 -3.37
N LEU G 151 56.02 -13.92 -3.31
CA LEU G 151 56.54 -15.29 -3.29
C LEU G 151 56.61 -15.95 -4.67
N HIS G 152 57.75 -16.51 -5.00
CA HIS G 152 57.94 -17.19 -6.28
C HIS G 152 56.80 -18.18 -6.58
N LYS G 153 56.27 -18.81 -5.53
CA LYS G 153 55.20 -19.81 -5.67
C LYS G 153 53.92 -19.26 -6.32
N TYR G 154 53.66 -17.97 -6.18
CA TYR G 154 52.41 -17.42 -6.71
C TYR G 154 52.48 -16.94 -8.15
N ILE G 155 53.68 -16.84 -8.69
CA ILE G 155 53.82 -16.44 -10.09
C ILE G 155 53.12 -17.47 -10.97
N GLY G 156 52.19 -17.01 -11.81
CA GLY G 156 51.43 -17.88 -12.66
C GLY G 156 50.31 -18.58 -11.90
N ASN G 157 50.35 -18.41 -10.59
CA ASN G 157 49.34 -18.93 -9.68
C ASN G 157 48.21 -18.02 -9.15
N GLY G 158 48.09 -16.82 -9.70
CA GLY G 158 47.26 -15.78 -9.12
C GLY G 158 45.83 -16.09 -8.68
N VAL G 159 45.13 -17.01 -9.32
CA VAL G 159 43.79 -17.35 -8.87
C VAL G 159 43.87 -17.84 -7.42
N ASP G 160 44.86 -18.69 -7.14
CA ASP G 160 45.11 -19.18 -5.79
C ASP G 160 45.23 -18.03 -4.81
N PHE G 161 45.94 -16.99 -5.24
CA PHE G 161 46.16 -15.82 -4.39
C PHE G 161 44.91 -14.94 -4.27
N LEU G 162 44.13 -14.86 -5.35
CA LEU G 162 42.95 -14.01 -5.38
C LEU G 162 41.84 -14.64 -4.57
N ASN G 163 41.75 -15.97 -4.61
CA ASN G 163 40.79 -16.68 -3.77
C ASN G 163 41.04 -16.36 -2.31
N ARG G 164 42.32 -16.32 -1.94
CA ARG G 164 42.67 -16.17 -0.54
C ARG G 164 42.38 -14.77 -0.01
N HIS G 165 42.47 -13.78 -0.91
CA HIS G 165 42.12 -12.40 -0.60
C HIS G 165 40.60 -12.19 -0.57
N LEU G 166 39.88 -12.76 -1.54
CA LEU G 166 38.41 -12.68 -1.56
C LEU G 166 37.85 -13.43 -0.37
N SER G 167 38.45 -14.58 -0.12
CA SER G 167 38.10 -15.42 1.01
C SER G 167 38.11 -14.59 2.29
N ALA G 168 39.17 -13.82 2.47
CA ALA G 168 39.31 -12.98 3.64
C ALA G 168 38.39 -11.76 3.60
N LYS G 169 38.42 -11.03 2.50
CA LYS G 169 37.57 -9.84 2.35
C LYS G 169 36.12 -10.18 2.65
N LEU G 170 35.72 -11.40 2.29
CA LEU G 170 34.34 -11.83 2.45
C LEU G 170 33.96 -12.21 3.89
N PHE G 171 34.95 -12.35 4.77
CA PHE G 171 34.67 -13.01 6.05
C PHE G 171 33.96 -12.07 7.02
N HIS G 172 32.74 -12.47 7.37
CA HIS G 172 31.86 -11.71 8.27
C HIS G 172 31.88 -10.21 7.92
N ASP G 173 31.84 -9.93 6.62
CA ASP G 173 31.80 -8.55 6.14
C ASP G 173 30.56 -8.42 5.27
N LYS G 174 29.58 -7.65 5.74
CA LYS G 174 28.27 -7.64 5.11
C LYS G 174 28.29 -6.85 3.82
N GLU G 175 29.03 -5.74 3.81
CA GLU G 175 29.20 -4.96 2.59
C GLU G 175 29.92 -5.79 1.54
N SER G 176 30.73 -6.74 2.00
CA SER G 176 31.49 -7.61 1.11
C SER G 176 30.68 -8.76 0.52
N LEU G 177 29.78 -9.31 1.32
CA LEU G 177 28.93 -10.44 0.86
C LEU G 177 27.89 -10.04 -0.17
N LEU G 178 27.36 -8.83 -0.04
CA LEU G 178 26.27 -8.37 -0.90
C LEU G 178 26.52 -8.64 -2.37
N PRO G 179 27.70 -8.22 -2.87
CA PRO G 179 28.05 -8.38 -4.29
C PRO G 179 27.82 -9.80 -4.80
N LEU G 180 28.08 -10.79 -3.96
CA LEU G 180 27.84 -12.18 -4.34
C LEU G 180 26.34 -12.44 -4.52
N LEU G 181 25.53 -11.89 -3.61
CA LEU G 181 24.08 -12.01 -3.68
C LEU G 181 23.50 -11.31 -4.91
N LYS G 182 24.00 -10.12 -5.18
CA LYS G 182 23.61 -9.39 -6.38
C LYS G 182 23.96 -10.24 -7.60
N PHE G 183 25.18 -10.73 -7.62
CA PHE G 183 25.68 -11.57 -8.69
C PHE G 183 24.76 -12.75 -8.97
N LEU G 184 24.47 -13.53 -7.95
CA LEU G 184 23.70 -14.73 -8.14
C LEU G 184 22.28 -14.38 -8.50
N ARG G 185 21.84 -13.21 -8.05
CA ARG G 185 20.45 -12.81 -8.28
C ARG G 185 20.24 -12.38 -9.73
N LEU G 186 21.12 -11.51 -10.22
CA LEU G 186 21.05 -11.03 -11.60
C LEU G 186 21.31 -12.15 -12.57
N HIS G 187 22.20 -13.06 -12.19
CA HIS G 187 22.71 -14.04 -13.13
C HIS G 187 21.59 -14.77 -13.84
N SER G 188 21.70 -14.81 -15.17
CA SER G 188 20.74 -15.53 -15.99
C SER G 188 21.39 -15.77 -17.35
N HIS G 189 20.66 -16.47 -18.21
CA HIS G 189 21.10 -16.62 -19.58
C HIS G 189 19.92 -16.80 -20.53
N GLN G 190 20.01 -16.21 -21.71
CA GLN G 190 18.99 -16.39 -22.75
C GLN G 190 17.57 -16.22 -22.19
N GLY G 191 17.40 -15.24 -21.31
CA GLY G 191 16.10 -14.95 -20.73
C GLY G 191 15.60 -16.06 -19.84
N LYS G 192 16.48 -16.60 -19.02
CA LYS G 192 16.14 -17.64 -18.06
C LYS G 192 16.85 -17.28 -16.77
N ASN G 193 16.11 -17.26 -15.66
CA ASN G 193 16.74 -16.99 -14.38
C ASN G 193 17.47 -18.22 -13.91
N LEU G 194 18.57 -18.00 -13.17
CA LEU G 194 19.36 -19.12 -12.63
C LEU G 194 19.73 -18.78 -11.21
N MET G 195 20.11 -19.79 -10.41
CA MET G 195 20.50 -19.52 -9.02
C MET G 195 19.39 -18.84 -8.21
N LEU G 196 19.61 -17.60 -7.78
CA LEU G 196 18.61 -16.84 -7.03
C LEU G 196 17.62 -16.05 -7.90
N SER G 197 16.37 -15.99 -7.46
CA SER G 197 15.35 -15.16 -8.12
C SER G 197 15.26 -13.78 -7.50
N GLU G 198 14.37 -12.94 -8.03
CA GLU G 198 14.19 -11.58 -7.54
C GLU G 198 13.57 -11.53 -6.13
N LYS G 199 13.08 -12.66 -5.66
CA LYS G 199 12.52 -12.75 -4.32
C LYS G 199 13.52 -12.45 -3.23
N ILE G 200 14.80 -12.75 -3.47
CA ILE G 200 15.80 -12.60 -2.43
C ILE G 200 16.39 -11.22 -2.57
N GLN G 201 16.05 -10.32 -1.65
CA GLN G 201 16.61 -8.96 -1.68
C GLN G 201 17.77 -8.67 -0.71
N ASN G 202 18.08 -9.61 0.19
CA ASN G 202 19.08 -9.36 1.25
C ASN G 202 19.67 -10.64 1.84
N LEU G 203 20.81 -10.48 2.53
CA LEU G 203 21.55 -11.60 3.10
C LEU G 203 20.74 -12.41 4.09
N ASN G 204 19.85 -11.74 4.82
CA ASN G 204 19.01 -12.45 5.80
C ASN G 204 18.10 -13.46 5.13
N THR G 205 17.32 -13.00 4.14
CA THR G 205 16.37 -13.88 3.47
C THR G 205 17.09 -15.00 2.72
N LEU G 206 18.26 -14.69 2.15
CA LEU G 206 19.10 -15.67 1.47
C LEU G 206 19.57 -16.74 2.44
N GLN G 207 20.11 -16.28 3.57
CA GLN G 207 20.50 -17.16 4.65
C GLN G 207 19.33 -18.05 4.97
N HIS G 208 18.19 -17.41 5.25
CA HIS G 208 17.00 -18.11 5.67
C HIS G 208 16.53 -19.14 4.65
N THR G 209 16.54 -18.76 3.38
CA THR G 209 16.12 -19.63 2.28
C THR G 209 17.01 -20.86 2.08
N LEU G 210 18.33 -20.64 2.05
CA LEU G 210 19.29 -21.71 1.86
C LEU G 210 19.15 -22.76 2.94
N ARG G 211 18.87 -22.31 4.15
CA ARG G 211 18.67 -23.22 5.28
C ARG G 211 17.41 -24.05 5.04
N LYS G 212 16.30 -23.38 4.73
CA LYS G 212 15.06 -24.09 4.41
C LYS G 212 15.31 -25.09 3.28
N ALA G 213 15.90 -24.59 2.21
CA ALA G 213 16.30 -25.44 1.09
C ALA G 213 17.10 -26.68 1.54
N GLU G 214 18.09 -26.47 2.42
CA GLU G 214 18.95 -27.57 2.87
C GLU G 214 18.21 -28.60 3.71
N GLU G 215 17.35 -28.12 4.61
CA GLU G 215 16.59 -29.01 5.49
C GLU G 215 15.75 -29.97 4.66
N TYR G 216 15.02 -29.40 3.70
CA TYR G 216 14.18 -30.17 2.79
C TYR G 216 15.00 -31.21 2.03
N LEU G 217 16.03 -30.75 1.33
CA LEU G 217 16.82 -31.62 0.48
C LEU G 217 17.48 -32.76 1.25
N ALA G 218 17.91 -32.47 2.47
CA ALA G 218 18.65 -33.44 3.26
C ALA G 218 17.91 -34.78 3.40
N GLU G 219 16.58 -34.71 3.34
CA GLU G 219 15.74 -35.90 3.53
C GLU G 219 15.66 -36.77 2.27
N LEU G 220 15.58 -36.14 1.11
CA LEU G 220 15.30 -36.82 -0.15
C LEU G 220 16.42 -37.79 -0.56
N LYS G 221 16.07 -38.73 -1.42
CA LYS G 221 17.06 -39.67 -1.98
C LYS G 221 18.07 -38.92 -2.83
N SER G 222 19.33 -39.34 -2.77
CA SER G 222 20.40 -38.66 -3.49
C SER G 222 20.08 -38.42 -4.97
N GLU G 223 19.48 -39.41 -5.63
CA GLU G 223 19.29 -39.35 -7.07
C GLU G 223 18.03 -38.62 -7.50
N THR G 224 17.27 -38.10 -6.53
CA THR G 224 16.05 -37.37 -6.87
C THR G 224 16.37 -36.26 -7.87
N LEU G 225 15.67 -36.24 -9.00
CA LEU G 225 15.99 -35.25 -10.02
C LEU G 225 15.47 -33.89 -9.60
N TYR G 226 16.08 -32.85 -10.14
CA TYR G 226 15.76 -31.48 -9.76
C TYR G 226 14.26 -31.19 -9.94
N GLU G 227 13.66 -31.76 -11.00
CA GLU G 227 12.28 -31.45 -11.35
C GLU G 227 11.29 -31.65 -10.20
N GLU G 228 11.55 -32.67 -9.37
CA GLU G 228 10.69 -32.91 -8.21
C GLU G 228 10.56 -31.64 -7.37
N PHE G 229 11.68 -31.23 -6.75
CA PHE G 229 11.63 -30.14 -5.80
C PHE G 229 11.69 -28.76 -6.45
N GLU G 230 11.71 -28.74 -7.77
CA GLU G 230 11.72 -27.48 -8.51
C GLU G 230 10.56 -26.60 -8.09
N ALA G 231 9.38 -27.20 -7.95
CA ALA G 231 8.18 -26.46 -7.55
C ALA G 231 8.46 -25.72 -6.24
N LYS G 232 8.89 -26.47 -5.24
CA LYS G 232 9.21 -25.92 -3.93
C LYS G 232 10.23 -24.79 -4.08
N PHE G 233 11.38 -25.12 -4.66
CA PHE G 233 12.47 -24.15 -4.81
C PHE G 233 11.99 -22.83 -5.39
N GLU G 234 11.08 -22.90 -6.36
CA GLU G 234 10.61 -21.72 -7.06
C GLU G 234 9.90 -20.76 -6.11
N GLU G 235 9.12 -21.31 -5.18
CA GLU G 235 8.41 -20.50 -4.19
C GLU G 235 9.34 -19.74 -3.27
N ILE G 236 10.39 -20.43 -2.81
CA ILE G 236 11.33 -19.84 -1.86
C ILE G 236 12.42 -19.00 -2.55
N GLY G 237 12.39 -18.95 -3.87
CA GLY G 237 13.24 -18.06 -4.64
C GLY G 237 14.47 -18.66 -5.28
N LEU G 238 14.53 -19.99 -5.31
CA LEU G 238 15.67 -20.65 -5.92
C LEU G 238 15.39 -21.06 -7.35
N GLU G 239 16.10 -20.43 -8.28
CA GLU G 239 16.00 -20.79 -9.69
C GLU G 239 16.95 -21.94 -10.01
N ARG G 240 16.97 -22.35 -11.28
CA ARG G 240 17.76 -23.49 -11.72
C ARG G 240 19.27 -23.23 -11.77
N GLY G 241 20.05 -24.32 -11.83
CA GLY G 241 21.50 -24.23 -11.91
C GLY G 241 22.32 -24.64 -10.70
N TRP G 242 21.66 -25.09 -9.65
CA TRP G 242 22.34 -25.62 -8.47
C TRP G 242 22.88 -27.04 -8.69
N GLY G 243 22.23 -27.77 -9.60
CA GLY G 243 22.60 -29.15 -9.88
C GLY G 243 21.49 -29.91 -10.58
N ASP G 244 21.80 -31.13 -11.03
CA ASP G 244 20.81 -32.01 -11.65
C ASP G 244 19.96 -32.82 -10.65
N ASN G 245 20.58 -33.24 -9.55
CA ASN G 245 19.86 -33.99 -8.52
C ASN G 245 19.95 -33.34 -7.13
N ALA G 246 19.40 -34.01 -6.12
CA ALA G 246 19.40 -33.48 -4.76
C ALA G 246 20.80 -33.52 -4.16
N GLU G 247 21.54 -34.56 -4.49
CA GLU G 247 22.88 -34.71 -3.96
C GLU G 247 23.76 -33.52 -4.33
N ARG G 248 23.73 -33.11 -5.60
CA ARG G 248 24.55 -32.00 -6.06
C ARG G 248 23.98 -30.67 -5.59
N VAL G 249 22.66 -30.49 -5.68
CA VAL G 249 22.03 -29.25 -5.24
C VAL G 249 22.33 -29.02 -3.75
N LEU G 250 22.47 -30.11 -3.01
CA LEU G 250 22.72 -30.04 -1.59
C LEU G 250 24.12 -29.48 -1.35
N ASP G 251 25.10 -30.09 -1.99
CA ASP G 251 26.49 -29.66 -1.86
C ASP G 251 26.68 -28.21 -2.31
N MET G 252 26.02 -27.83 -3.40
CA MET G 252 26.11 -26.46 -3.88
C MET G 252 25.55 -25.50 -2.85
N ILE G 253 24.41 -25.84 -2.27
CA ILE G 253 23.76 -24.95 -1.32
C ILE G 253 24.60 -24.80 -0.06
N ARG G 254 25.02 -25.92 0.52
CA ARG G 254 25.92 -25.90 1.67
C ARG G 254 27.19 -25.08 1.44
N LEU G 255 27.80 -25.26 0.26
CA LEU G 255 28.98 -24.50 -0.12
C LEU G 255 28.78 -23.01 0.07
N LEU G 256 27.59 -22.53 -0.27
CA LEU G 256 27.30 -21.10 -0.18
C LEU G 256 26.98 -20.67 1.26
N LEU G 257 26.28 -21.53 2.00
CA LEU G 257 26.01 -21.28 3.40
C LEU G 257 27.36 -21.04 4.06
N ASP G 258 28.33 -21.87 3.70
CA ASP G 258 29.69 -21.77 4.23
C ASP G 258 30.31 -20.41 3.93
N LEU G 259 30.14 -19.94 2.69
CA LEU G 259 30.71 -18.67 2.28
C LEU G 259 30.06 -17.51 3.00
N LEU G 260 28.82 -17.68 3.43
CA LEU G 260 28.11 -16.66 4.17
C LEU G 260 28.58 -16.62 5.62
N GLU G 261 29.14 -17.75 6.07
CA GLU G 261 29.49 -17.97 7.47
C GLU G 261 31.01 -17.85 7.69
N ALA G 262 31.73 -18.85 7.21
CA ALA G 262 33.19 -18.88 7.33
C ALA G 262 33.84 -19.27 6.00
N PRO G 263 34.06 -18.28 5.13
CA PRO G 263 34.64 -18.48 3.79
C PRO G 263 36.10 -18.94 3.86
N ASP G 264 36.45 -19.92 3.03
CA ASP G 264 37.83 -20.33 2.83
C ASP G 264 38.13 -20.36 1.34
N PRO G 265 39.41 -20.37 0.97
CA PRO G 265 39.74 -20.23 -0.45
C PRO G 265 39.22 -21.43 -1.25
N CYS G 266 39.24 -22.62 -0.68
CA CYS G 266 38.82 -23.81 -1.43
C CYS G 266 37.32 -23.80 -1.65
N THR G 267 36.55 -23.49 -0.61
CA THR G 267 35.10 -23.38 -0.74
C THR G 267 34.79 -22.38 -1.84
N LEU G 268 35.39 -21.21 -1.72
CA LEU G 268 35.13 -20.13 -2.66
C LEU G 268 35.35 -20.55 -4.10
N GLU G 269 36.51 -21.14 -4.38
CA GLU G 269 36.87 -21.46 -5.75
C GLU G 269 35.97 -22.53 -6.32
N THR G 270 35.63 -23.50 -5.48
CA THR G 270 34.73 -24.55 -5.93
C THR G 270 33.35 -24.00 -6.29
N PHE G 271 32.80 -23.16 -5.42
CA PHE G 271 31.47 -22.63 -5.67
C PHE G 271 31.46 -21.80 -6.94
N LEU G 272 32.47 -20.95 -7.09
CA LEU G 272 32.52 -20.05 -8.22
C LEU G 272 32.79 -20.81 -9.50
N GLY G 273 33.50 -21.93 -9.37
CA GLY G 273 33.79 -22.73 -10.54
C GLY G 273 32.57 -23.53 -10.94
N ARG G 274 31.74 -23.86 -9.96
CA ARG G 274 30.56 -24.68 -10.21
C ARG G 274 29.36 -23.91 -10.77
N VAL G 275 29.22 -22.64 -10.40
CA VAL G 275 28.10 -21.83 -10.88
C VAL G 275 28.05 -21.82 -12.41
N PRO G 276 26.92 -22.26 -12.99
CA PRO G 276 26.92 -22.27 -14.46
C PRO G 276 27.05 -20.85 -15.01
N MET G 277 28.06 -20.65 -15.84
CA MET G 277 28.40 -19.34 -16.37
C MET G 277 28.64 -19.36 -17.86
N VAL G 278 29.64 -20.15 -18.27
CA VAL G 278 30.12 -20.12 -19.63
C VAL G 278 29.28 -21.02 -20.53
N PHE G 279 28.60 -20.38 -21.47
CA PHE G 279 27.71 -21.03 -22.44
C PHE G 279 28.16 -20.64 -23.85
N ASN G 280 28.15 -19.34 -24.13
CA ASN G 280 28.72 -18.83 -25.35
C ASN G 280 30.18 -18.38 -25.18
N VAL G 281 31.08 -18.85 -26.04
CA VAL G 281 32.47 -18.42 -25.99
C VAL G 281 32.94 -17.86 -27.33
N VAL G 282 33.52 -16.66 -27.30
CA VAL G 282 34.12 -16.05 -28.50
C VAL G 282 35.65 -16.06 -28.43
N ILE G 283 36.27 -16.51 -29.51
CA ILE G 283 37.72 -16.60 -29.60
C ILE G 283 38.30 -15.76 -30.76
N LEU G 284 39.30 -14.93 -30.47
CA LEU G 284 39.84 -14.03 -31.48
C LEU G 284 41.21 -14.48 -31.97
N SER G 285 41.27 -14.81 -33.27
CA SER G 285 42.51 -15.14 -33.95
C SER G 285 42.48 -14.64 -35.40
N PRO G 286 42.71 -13.33 -35.61
CA PRO G 286 42.55 -12.71 -36.95
C PRO G 286 43.56 -13.07 -38.05
N HIS G 287 44.83 -13.26 -37.74
CA HIS G 287 45.85 -13.42 -38.79
C HIS G 287 46.09 -14.85 -39.22
N GLY G 288 46.97 -15.00 -40.21
CA GLY G 288 47.34 -16.30 -40.74
C GLY G 288 46.23 -16.80 -41.63
N TYR G 289 46.37 -18.02 -42.13
CA TYR G 289 45.27 -18.64 -42.87
C TYR G 289 44.67 -19.61 -41.89
N PHE G 290 43.51 -19.29 -41.33
CA PHE G 290 42.98 -20.11 -40.25
C PHE G 290 42.01 -21.12 -40.83
N ALA G 291 42.38 -22.38 -40.80
CA ALA G 291 41.53 -23.42 -41.37
C ALA G 291 41.93 -24.77 -40.82
N GLN G 292 41.17 -25.80 -41.17
CA GLN G 292 41.47 -27.12 -40.65
C GLN G 292 42.23 -28.02 -41.60
N ASP G 293 42.48 -27.55 -42.82
CA ASP G 293 43.19 -28.33 -43.83
C ASP G 293 43.90 -27.44 -44.84
N ASN G 294 45.02 -27.95 -45.31
CA ASN G 294 45.85 -27.32 -46.33
C ASN G 294 46.33 -25.94 -45.94
N VAL G 295 46.27 -25.55 -44.67
CA VAL G 295 46.97 -24.33 -44.28
C VAL G 295 48.31 -24.40 -43.51
N LEU G 296 48.63 -25.53 -42.90
CA LEU G 296 49.68 -25.52 -41.88
C LEU G 296 51.08 -25.38 -42.49
N GLY G 297 51.84 -24.39 -42.02
CA GLY G 297 53.15 -24.09 -42.59
C GLY G 297 53.18 -22.86 -43.48
N TYR G 298 52.00 -22.42 -43.92
CA TYR G 298 51.89 -21.13 -44.59
C TYR G 298 52.40 -20.06 -43.63
N PRO G 299 52.80 -18.91 -44.16
CA PRO G 299 53.19 -17.79 -43.30
C PRO G 299 52.15 -17.48 -42.21
N ASP G 300 52.59 -17.28 -40.97
CA ASP G 300 51.69 -16.89 -39.88
C ASP G 300 50.75 -18.00 -39.41
N THR G 301 50.84 -19.17 -40.05
CA THR G 301 49.90 -20.25 -39.81
C THR G 301 50.61 -21.47 -39.24
N GLY G 302 50.28 -21.84 -38.00
CA GLY G 302 51.17 -22.60 -37.13
C GLY G 302 50.49 -22.98 -35.81
N GLY G 303 51.30 -23.20 -34.78
CA GLY G 303 50.81 -23.74 -33.54
C GLY G 303 49.66 -22.98 -32.91
N GLN G 304 49.51 -21.72 -33.27
CA GLN G 304 48.39 -20.96 -32.75
C GLN G 304 47.04 -21.50 -33.28
N VAL G 305 47.02 -21.91 -34.55
CA VAL G 305 45.83 -22.52 -35.14
C VAL G 305 45.62 -23.88 -34.51
N VAL G 306 46.69 -24.62 -34.36
CA VAL G 306 46.62 -25.94 -33.76
C VAL G 306 46.10 -25.89 -32.34
N TYR G 307 46.68 -25.01 -31.52
CA TYR G 307 46.28 -24.79 -30.13
C TYR G 307 44.77 -24.53 -29.99
N ILE G 308 44.26 -23.63 -30.82
CA ILE G 308 42.84 -23.21 -30.77
C ILE G 308 41.85 -24.32 -31.17
N LEU G 309 42.19 -25.09 -32.20
CA LEU G 309 41.34 -26.19 -32.61
C LEU G 309 41.29 -27.30 -31.55
N ASP G 310 42.41 -27.59 -30.90
CA ASP G 310 42.40 -28.55 -29.81
C ASP G 310 41.64 -27.96 -28.63
N GLN G 311 41.81 -26.65 -28.45
CA GLN G 311 41.28 -25.96 -27.28
C GLN G 311 39.77 -25.92 -27.26
N VAL G 312 39.17 -25.50 -28.36
CA VAL G 312 37.71 -25.39 -28.42
C VAL G 312 37.03 -26.74 -28.32
N ARG G 313 37.67 -27.78 -28.83
CA ARG G 313 37.13 -29.14 -28.69
C ARG G 313 37.11 -29.53 -27.22
N ALA G 314 38.22 -29.31 -26.54
CA ALA G 314 38.29 -29.69 -25.14
C ALA G 314 37.26 -28.88 -24.36
N LEU G 315 37.07 -27.64 -24.79
CA LEU G 315 36.33 -26.70 -23.99
C LEU G 315 34.87 -27.03 -24.08
N GLU G 316 34.43 -27.36 -25.28
CA GLU G 316 33.03 -27.69 -25.55
C GLU G 316 32.59 -28.91 -24.75
N ILE G 317 33.45 -29.92 -24.68
CA ILE G 317 33.17 -31.13 -23.92
C ILE G 317 32.96 -30.79 -22.45
N GLU G 318 33.89 -30.04 -21.87
CA GLU G 318 33.79 -29.63 -20.47
C GLU G 318 32.55 -28.76 -20.28
N MET G 319 32.27 -27.91 -21.26
CA MET G 319 31.12 -27.05 -21.17
C MET G 319 29.84 -27.86 -21.11
N LEU G 320 29.67 -28.79 -22.03
CA LEU G 320 28.47 -29.61 -22.04
C LEU G 320 28.28 -30.30 -20.69
N GLN G 321 29.34 -30.96 -20.25
CA GLN G 321 29.40 -31.68 -18.98
C GLN G 321 28.96 -30.77 -17.84
N ARG G 322 29.53 -29.58 -17.77
CA ARG G 322 29.18 -28.64 -16.72
C ARG G 322 27.70 -28.40 -16.75
N ILE G 323 27.22 -27.90 -17.89
CA ILE G 323 25.81 -27.57 -18.09
C ILE G 323 24.86 -28.70 -17.65
N LYS G 324 25.19 -29.93 -17.99
CA LYS G 324 24.40 -31.08 -17.57
C LYS G 324 24.39 -31.25 -16.06
N GLN G 325 25.57 -31.24 -15.44
CA GLN G 325 25.71 -31.42 -14.00
C GLN G 325 24.89 -30.39 -13.24
N GLN G 326 24.69 -29.22 -13.82
CA GLN G 326 24.04 -28.13 -13.12
C GLN G 326 22.55 -28.12 -13.39
N GLY G 327 22.08 -29.12 -14.14
CA GLY G 327 20.67 -29.25 -14.42
C GLY G 327 20.15 -28.25 -15.42
N LEU G 328 20.97 -27.97 -16.44
CA LEU G 328 20.56 -27.07 -17.50
C LEU G 328 20.56 -27.79 -18.85
N ASN G 329 19.62 -27.41 -19.70
CA ASN G 329 19.53 -27.94 -21.06
C ASN G 329 20.11 -27.06 -22.18
N ILE G 330 20.74 -25.95 -21.78
CA ILE G 330 21.28 -24.98 -22.71
C ILE G 330 22.26 -25.58 -23.73
N LYS G 331 22.25 -25.01 -24.93
CA LYS G 331 23.17 -25.41 -26.00
C LYS G 331 24.34 -24.42 -26.08
N PRO G 332 25.58 -24.92 -25.94
CA PRO G 332 26.75 -24.03 -25.97
C PRO G 332 27.06 -23.54 -27.37
N ARG G 333 27.83 -22.47 -27.47
CA ARG G 333 28.39 -22.08 -28.75
C ARG G 333 29.83 -21.54 -28.56
N ILE G 334 30.76 -22.01 -29.37
CA ILE G 334 32.08 -21.44 -29.40
C ILE G 334 32.40 -20.91 -30.79
N LEU G 335 32.71 -19.62 -30.91
CA LEU G 335 33.05 -19.06 -32.22
C LEU G 335 34.52 -18.66 -32.29
N ILE G 336 35.19 -19.09 -33.35
CA ILE G 336 36.54 -18.63 -33.61
C ILE G 336 36.46 -17.53 -34.68
N LEU G 337 36.71 -16.29 -34.27
CA LEU G 337 36.67 -15.18 -35.21
C LEU G 337 38.00 -15.04 -35.86
N THR G 338 38.00 -15.03 -37.19
CA THR G 338 39.22 -14.76 -37.94
C THR G 338 38.91 -14.04 -39.24
N ARG G 339 39.94 -13.80 -40.04
CA ARG G 339 39.79 -13.06 -41.28
C ARG G 339 39.33 -13.93 -42.44
N LEU G 340 38.42 -13.39 -43.25
CA LEU G 340 37.95 -14.05 -44.46
C LEU G 340 38.94 -13.76 -45.57
N LEU G 341 39.53 -14.79 -46.16
CA LEU G 341 40.38 -14.55 -47.32
C LEU G 341 39.73 -15.18 -48.54
N PRO G 342 39.17 -14.34 -49.42
CA PRO G 342 38.37 -14.78 -50.56
C PRO G 342 39.22 -15.49 -51.62
N ASP G 343 40.46 -15.03 -51.75
CA ASP G 343 41.35 -15.46 -52.81
C ASP G 343 42.30 -16.60 -52.46
N ALA G 344 42.19 -17.19 -51.28
CA ALA G 344 43.14 -18.22 -50.93
C ALA G 344 42.52 -19.53 -51.37
N VAL G 345 43.07 -20.08 -52.45
CA VAL G 345 42.44 -21.22 -53.10
C VAL G 345 43.11 -22.47 -52.62
N GLY G 346 42.32 -23.53 -52.47
CA GLY G 346 42.82 -24.73 -51.87
C GLY G 346 42.51 -24.73 -50.39
N THR G 347 41.99 -23.62 -49.90
CA THR G 347 41.57 -23.56 -48.51
C THR G 347 40.07 -23.28 -48.40
N THR G 348 39.58 -23.31 -47.17
CA THR G 348 38.21 -22.93 -46.84
C THR G 348 38.15 -21.49 -46.34
N CYS G 349 39.28 -20.81 -46.40
CA CYS G 349 39.41 -19.51 -45.77
C CYS G 349 38.46 -18.46 -46.30
N GLY G 350 37.76 -18.79 -47.39
CA GLY G 350 36.93 -17.81 -48.05
C GLY G 350 35.46 -17.93 -47.68
N GLU G 351 35.16 -18.83 -46.75
CA GLU G 351 33.79 -19.06 -46.36
C GLU G 351 33.51 -18.58 -44.93
N ARG G 352 32.36 -17.94 -44.76
CA ARG G 352 32.00 -17.30 -43.51
C ARG G 352 31.87 -18.24 -42.29
N LEU G 353 31.35 -19.44 -42.48
CA LEU G 353 31.09 -20.33 -41.35
C LEU G 353 31.54 -21.78 -41.60
N GLU G 354 32.36 -22.32 -40.69
CA GLU G 354 32.91 -23.65 -40.87
C GLU G 354 32.87 -24.44 -39.57
N ARG G 355 32.25 -25.62 -39.60
CA ARG G 355 32.14 -26.47 -38.41
C ARG G 355 33.49 -27.09 -38.07
N VAL G 356 33.92 -26.98 -36.81
CA VAL G 356 35.20 -27.57 -36.41
C VAL G 356 35.04 -29.09 -36.39
N TYR G 357 36.03 -29.80 -36.90
CA TYR G 357 35.96 -31.26 -36.93
C TYR G 357 35.74 -31.78 -35.52
N ASP G 358 34.94 -32.82 -35.42
CA ASP G 358 34.75 -33.50 -34.15
C ASP G 358 34.11 -32.65 -33.08
N SER G 359 33.23 -31.74 -33.47
CA SER G 359 32.45 -30.99 -32.50
C SER G 359 31.05 -30.72 -33.04
N GLU G 360 30.07 -30.62 -32.14
CA GLU G 360 28.75 -30.14 -32.52
C GLU G 360 28.62 -28.63 -32.55
N TYR G 361 29.17 -28.01 -31.51
CA TYR G 361 28.95 -26.58 -31.25
C TYR G 361 30.03 -25.55 -31.61
N CYS G 362 31.17 -26.00 -32.14
CA CYS G 362 32.26 -25.06 -32.42
C CYS G 362 32.32 -24.69 -33.89
N ASP G 363 32.35 -23.40 -34.17
CA ASP G 363 32.43 -22.94 -35.55
C ASP G 363 33.53 -21.89 -35.71
N ILE G 364 34.17 -21.92 -36.88
CA ILE G 364 35.05 -20.84 -37.30
C ILE G 364 34.18 -19.82 -38.00
N LEU G 365 34.18 -18.59 -37.49
CA LEU G 365 33.43 -17.49 -38.08
C LEU G 365 34.40 -16.52 -38.68
N ARG G 366 34.27 -16.28 -39.97
CA ARG G 366 35.21 -15.45 -40.70
C ARG G 366 34.59 -14.16 -41.16
N VAL G 367 35.25 -13.04 -40.86
CA VAL G 367 34.80 -11.72 -41.28
C VAL G 367 35.92 -11.04 -42.08
N PRO G 368 35.59 -10.35 -43.16
CA PRO G 368 36.64 -9.77 -43.99
C PRO G 368 37.23 -8.50 -43.40
N PHE G 369 38.46 -8.16 -43.78
CA PHE G 369 39.00 -6.83 -43.52
C PHE G 369 38.37 -5.89 -44.54
N ARG G 370 38.17 -4.63 -44.19
CA ARG G 370 37.67 -3.71 -45.19
C ARG G 370 38.01 -2.26 -44.91
N THR G 371 37.93 -1.43 -45.95
CA THR G 371 38.07 0.01 -45.81
C THR G 371 36.90 0.73 -46.49
N GLU G 372 36.95 2.06 -46.49
CA GLU G 372 35.89 2.83 -47.11
C GLU G 372 35.66 2.35 -48.53
N LYS G 373 36.75 1.99 -49.20
CA LYS G 373 36.73 1.51 -50.58
C LYS G 373 35.95 0.19 -50.75
N GLY G 374 36.05 -0.70 -49.76
CA GLY G 374 35.35 -1.98 -49.81
C GLY G 374 36.19 -3.01 -49.09
N ILE G 375 35.79 -4.28 -49.18
CA ILE G 375 36.57 -5.33 -48.52
C ILE G 375 37.95 -5.52 -49.17
N VAL G 376 38.90 -5.96 -48.36
CA VAL G 376 40.26 -6.20 -48.80
C VAL G 376 40.50 -7.70 -48.95
N ARG G 377 40.85 -8.12 -50.15
CA ARG G 377 40.93 -9.54 -50.49
C ARG G 377 42.21 -10.26 -50.08
N LYS G 378 43.36 -9.62 -50.30
CA LYS G 378 44.63 -10.33 -50.24
C LYS G 378 45.13 -10.60 -48.82
N TRP G 379 45.85 -11.70 -48.68
CA TRP G 379 46.48 -12.04 -47.41
C TRP G 379 47.34 -10.89 -46.95
N ILE G 380 47.38 -10.67 -45.65
CA ILE G 380 48.28 -9.67 -45.09
C ILE G 380 49.08 -10.28 -43.97
N SER G 381 50.37 -9.91 -43.88
CA SER G 381 51.26 -10.39 -42.84
C SER G 381 50.78 -9.93 -41.48
N ARG G 382 50.92 -10.79 -40.48
CA ARG G 382 50.54 -10.43 -39.12
C ARG G 382 51.19 -9.13 -38.67
N PHE G 383 52.39 -8.85 -39.18
CA PHE G 383 53.05 -7.59 -38.85
C PHE G 383 52.35 -6.33 -39.42
N GLU G 384 51.63 -6.50 -40.51
CA GLU G 384 50.91 -5.38 -41.15
C GLU G 384 49.40 -5.21 -40.93
N VAL G 385 48.76 -6.05 -40.12
CA VAL G 385 47.28 -6.06 -40.05
C VAL G 385 46.67 -4.90 -39.27
N TRP G 386 47.50 -4.15 -38.56
CA TRP G 386 47.03 -3.13 -37.61
C TRP G 386 45.95 -2.16 -38.11
N PRO G 387 46.16 -1.54 -39.28
CA PRO G 387 45.14 -0.58 -39.71
C PRO G 387 43.74 -1.17 -39.80
N TYR G 388 43.60 -2.48 -39.94
CA TYR G 388 42.28 -3.06 -40.15
C TYR G 388 41.55 -3.52 -38.90
N LEU G 389 42.24 -3.55 -37.76
CA LEU G 389 41.70 -4.20 -36.57
C LEU G 389 40.46 -3.54 -35.92
N GLU G 390 40.44 -2.22 -35.87
CA GLU G 390 39.31 -1.53 -35.29
C GLU G 390 38.02 -1.78 -36.07
N THR G 391 38.09 -1.61 -37.39
CA THR G 391 36.94 -1.89 -38.25
C THR G 391 36.59 -3.36 -38.17
N TYR G 392 37.62 -4.20 -38.04
CA TYR G 392 37.38 -5.63 -37.92
C TYR G 392 36.54 -5.90 -36.68
N THR G 393 36.89 -5.24 -35.57
CA THR G 393 36.20 -5.42 -34.31
C THR G 393 34.73 -5.06 -34.41
N GLU G 394 34.43 -3.95 -35.06
CA GLU G 394 33.05 -3.52 -35.24
C GLU G 394 32.28 -4.58 -36.02
N ASP G 395 32.77 -4.89 -37.23
CA ASP G 395 32.09 -5.84 -38.11
C ASP G 395 31.92 -7.18 -37.43
N ALA G 396 32.97 -7.61 -36.73
CA ALA G 396 32.97 -8.88 -36.02
C ALA G 396 31.87 -8.89 -34.98
N ALA G 397 31.76 -7.79 -34.24
CA ALA G 397 30.72 -7.67 -33.22
C ALA G 397 29.32 -7.89 -33.81
N VAL G 398 29.06 -7.27 -34.95
CA VAL G 398 27.80 -7.47 -35.65
C VAL G 398 27.55 -8.93 -35.97
N GLU G 399 28.58 -9.59 -36.50
CA GLU G 399 28.43 -10.96 -36.99
C GLU G 399 28.25 -11.97 -35.86
N LEU G 400 29.07 -11.86 -34.83
CA LEU G 400 28.97 -12.82 -33.73
C LEU G 400 27.65 -12.61 -33.01
N SER G 401 27.09 -11.40 -33.16
CA SER G 401 25.76 -11.10 -32.64
C SER G 401 24.64 -11.87 -33.38
N LYS G 402 24.77 -12.00 -34.71
CA LYS G 402 23.82 -12.80 -35.48
C LYS G 402 23.90 -14.26 -35.07
N GLU G 403 25.10 -14.72 -34.79
CA GLU G 403 25.33 -16.13 -34.50
C GLU G 403 24.93 -16.59 -33.10
N LEU G 404 25.18 -15.77 -32.08
CA LEU G 404 24.93 -16.17 -30.70
C LEU G 404 23.53 -15.85 -30.22
N ASN G 405 22.96 -16.76 -29.43
CA ASN G 405 21.74 -16.45 -28.71
C ASN G 405 22.19 -15.96 -27.33
N GLY G 406 22.03 -14.67 -27.08
CA GLY G 406 22.61 -14.05 -25.91
C GLY G 406 24.05 -13.68 -26.22
N LYS G 407 24.63 -12.81 -25.41
CA LYS G 407 25.96 -12.32 -25.70
C LYS G 407 26.97 -13.34 -25.25
N PRO G 408 28.26 -13.07 -25.51
CA PRO G 408 29.37 -13.95 -25.12
C PRO G 408 29.51 -13.93 -23.61
N ASP G 409 29.69 -15.10 -23.00
CA ASP G 409 30.00 -15.18 -21.58
C ASP G 409 31.50 -15.13 -21.31
N LEU G 410 32.30 -15.38 -22.33
CA LEU G 410 33.74 -15.30 -22.19
C LEU G 410 34.37 -14.88 -23.51
N ILE G 411 35.39 -14.01 -23.48
CA ILE G 411 36.12 -13.66 -24.71
C ILE G 411 37.61 -13.90 -24.56
N ILE G 412 38.19 -14.68 -25.46
CA ILE G 412 39.61 -14.98 -25.39
C ILE G 412 40.41 -14.38 -26.53
N GLY G 413 41.35 -13.49 -26.19
CA GLY G 413 42.26 -12.97 -27.18
C GLY G 413 43.42 -13.93 -27.44
N ASN G 414 43.84 -13.99 -28.70
CA ASN G 414 45.00 -14.78 -29.08
C ASN G 414 45.97 -13.95 -29.92
N TYR G 415 47.22 -13.96 -29.46
CA TYR G 415 48.33 -13.13 -29.90
C TYR G 415 48.03 -11.62 -29.90
N SER G 416 48.68 -10.86 -30.77
CA SER G 416 48.68 -9.43 -30.52
C SER G 416 47.44 -8.81 -31.05
N ASP G 417 47.09 -9.25 -32.25
CA ASP G 417 45.96 -8.72 -32.97
C ASP G 417 44.71 -9.28 -32.32
N GLY G 418 44.77 -10.54 -31.93
CA GLY G 418 43.64 -11.14 -31.28
C GLY G 418 43.41 -10.57 -29.89
N ASN G 419 44.49 -10.22 -29.20
CA ASN G 419 44.37 -9.63 -27.88
C ASN G 419 43.80 -8.22 -27.94
N LEU G 420 44.25 -7.45 -28.93
CA LEU G 420 43.75 -6.12 -29.18
C LEU G 420 42.24 -6.15 -29.43
N VAL G 421 41.83 -6.95 -30.42
CA VAL G 421 40.42 -7.04 -30.78
C VAL G 421 39.60 -7.53 -29.60
N ALA G 422 40.16 -8.49 -28.87
CA ALA G 422 39.46 -9.05 -27.71
C ALA G 422 39.21 -7.98 -26.67
N SER G 423 40.19 -7.12 -26.46
CA SER G 423 40.07 -6.03 -25.51
C SER G 423 38.92 -5.09 -25.88
N LEU G 424 38.91 -4.63 -27.13
CA LEU G 424 37.85 -3.75 -27.61
C LEU G 424 36.46 -4.39 -27.57
N LEU G 425 36.39 -5.69 -27.81
CA LEU G 425 35.09 -6.39 -27.79
C LEU G 425 34.58 -6.53 -26.39
N ALA G 426 35.50 -6.86 -25.48
CA ALA G 426 35.15 -7.08 -24.08
C ALA G 426 34.58 -5.80 -23.50
N HIS G 427 35.29 -4.71 -23.77
CA HIS G 427 34.86 -3.38 -23.36
C HIS G 427 33.49 -3.10 -23.95
N LYS G 428 33.38 -3.19 -25.27
CA LYS G 428 32.13 -2.92 -25.98
C LYS G 428 30.98 -3.81 -25.51
N LEU G 429 31.23 -5.11 -25.33
CA LEU G 429 30.16 -6.03 -24.97
C LEU G 429 29.98 -6.32 -23.49
N GLY G 430 30.86 -5.80 -22.64
CA GLY G 430 30.76 -6.08 -21.21
C GLY G 430 30.95 -7.55 -20.89
N VAL G 431 32.08 -8.12 -21.29
CA VAL G 431 32.34 -9.54 -21.06
C VAL G 431 33.67 -9.81 -20.36
N THR G 432 33.73 -10.91 -19.62
CA THR G 432 34.97 -11.34 -19.00
C THR G 432 35.99 -11.69 -20.08
N GLN G 433 37.21 -11.17 -19.93
CA GLN G 433 38.26 -11.32 -20.93
C GLN G 433 39.47 -12.15 -20.48
N CYS G 434 39.95 -13.01 -21.37
CA CYS G 434 41.22 -13.67 -21.16
C CYS G 434 42.10 -13.41 -22.37
N THR G 435 43.41 -13.21 -22.14
CA THR G 435 44.36 -13.12 -23.24
C THR G 435 45.37 -14.26 -23.16
N ILE G 436 45.82 -14.71 -24.34
CA ILE G 436 46.91 -15.65 -24.49
C ILE G 436 47.86 -15.10 -25.56
N ALA G 437 49.13 -14.93 -25.21
CA ALA G 437 50.07 -14.26 -26.11
C ALA G 437 50.53 -15.14 -27.27
N HIS G 438 50.88 -16.38 -26.93
CA HIS G 438 51.34 -17.39 -27.86
C HIS G 438 52.75 -17.06 -28.32
N ALA G 439 53.10 -15.79 -28.19
CA ALA G 439 54.47 -15.37 -28.31
C ALA G 439 54.46 -13.87 -28.14
N LEU G 440 55.59 -13.33 -27.70
CA LEU G 440 55.73 -11.90 -27.58
C LEU G 440 56.90 -11.51 -28.44
N GLU G 441 56.61 -10.83 -29.53
CA GLU G 441 57.63 -10.61 -30.54
C GLU G 441 58.88 -9.98 -29.93
N LYS G 442 58.70 -9.23 -28.84
CA LYS G 442 59.81 -8.50 -28.24
C LYS G 442 60.92 -9.41 -27.72
N THR G 443 60.57 -10.60 -27.25
CA THR G 443 61.60 -11.58 -26.87
C THR G 443 62.17 -12.34 -28.06
N LYS G 444 61.38 -12.47 -29.12
CA LYS G 444 61.83 -13.20 -30.31
C LYS G 444 62.79 -12.38 -31.18
N TYR G 445 62.67 -11.06 -31.15
CA TYR G 445 63.54 -10.20 -31.93
C TYR G 445 64.34 -9.28 -31.01
N PRO G 446 65.50 -9.74 -30.51
CA PRO G 446 66.28 -9.05 -29.47
C PRO G 446 66.55 -7.56 -29.76
N ASP G 447 66.40 -6.75 -28.71
CA ASP G 447 66.59 -5.31 -28.82
C ASP G 447 65.68 -4.70 -29.86
N SER G 448 64.50 -5.30 -30.07
CA SER G 448 63.57 -4.74 -31.03
C SER G 448 62.86 -3.53 -30.44
N ASP G 449 62.91 -3.38 -29.12
CA ASP G 449 62.38 -2.18 -28.48
C ASP G 449 63.30 -0.94 -28.61
N ILE G 450 64.57 -1.10 -28.30
CA ILE G 450 65.50 0.02 -28.33
C ILE G 450 65.83 0.39 -29.77
N TYR G 451 65.94 -0.64 -30.61
CA TYR G 451 66.26 -0.48 -32.02
C TYR G 451 65.02 -0.41 -32.92
N TRP G 452 63.86 -0.33 -32.29
CA TRP G 452 62.59 -0.40 -32.98
C TRP G 452 62.52 0.53 -34.19
N LYS G 453 63.16 1.69 -34.11
CA LYS G 453 63.01 2.66 -35.18
C LYS G 453 63.45 2.14 -36.55
N LYS G 454 64.59 1.46 -36.60
CA LYS G 454 65.06 0.97 -37.89
C LYS G 454 64.28 -0.26 -38.36
N LEU G 455 63.59 -0.92 -37.45
CA LEU G 455 62.73 -2.06 -37.82
C LEU G 455 61.30 -1.68 -38.27
N ASP G 456 60.87 -0.46 -37.97
CA ASP G 456 59.44 -0.19 -38.02
C ASP G 456 58.79 -0.38 -39.38
N ASP G 457 59.40 0.16 -40.43
CA ASP G 457 58.79 0.07 -41.76
C ASP G 457 58.55 -1.37 -42.21
N LYS G 458 59.38 -2.27 -41.70
CA LYS G 458 59.27 -3.68 -42.02
C LYS G 458 58.31 -4.39 -41.05
N TYR G 459 58.68 -4.39 -39.76
CA TYR G 459 57.92 -5.06 -38.69
C TYR G 459 56.85 -4.29 -37.89
N HIS G 460 56.78 -2.98 -38.01
CA HIS G 460 55.75 -2.19 -37.32
C HIS G 460 55.59 -2.49 -35.83
N PHE G 461 56.70 -2.76 -35.15
CA PHE G 461 56.69 -3.11 -33.73
C PHE G 461 56.12 -2.00 -32.82
N SER G 462 56.26 -0.74 -33.23
CA SER G 462 55.62 0.33 -32.47
C SER G 462 54.13 0.05 -32.28
N CYS G 463 53.46 -0.44 -33.33
CA CYS G 463 52.05 -0.84 -33.21
C CYS G 463 51.89 -2.07 -32.34
N GLN G 464 52.69 -3.09 -32.62
CA GLN G 464 52.51 -4.37 -31.96
C GLN G 464 52.75 -4.25 -30.46
N PHE G 465 53.92 -3.71 -30.08
CA PHE G 465 54.26 -3.54 -28.69
C PHE G 465 53.20 -2.70 -27.97
N THR G 466 52.67 -1.70 -28.67
CA THR G 466 51.60 -0.90 -28.11
C THR G 466 50.39 -1.78 -27.83
N ALA G 467 50.01 -2.61 -28.80
CA ALA G 467 48.85 -3.50 -28.63
C ALA G 467 49.09 -4.48 -27.49
N ASP G 468 50.30 -5.03 -27.46
CA ASP G 468 50.69 -5.97 -26.41
C ASP G 468 50.56 -5.37 -25.00
N ILE G 469 51.13 -4.20 -24.79
CA ILE G 469 51.05 -3.55 -23.48
C ILE G 469 49.61 -3.20 -23.14
N PHE G 470 48.88 -2.79 -24.16
CA PHE G 470 47.48 -2.44 -24.01
C PHE G 470 46.66 -3.61 -23.52
N ALA G 471 46.68 -4.71 -24.26
CA ALA G 471 45.82 -5.86 -23.99
C ALA G 471 46.20 -6.56 -22.68
N MET G 472 47.50 -6.64 -22.45
CA MET G 472 48.06 -7.22 -21.25
C MET G 472 47.45 -6.60 -19.97
N ASN G 473 47.38 -5.27 -19.91
CA ASN G 473 46.80 -4.58 -18.77
C ASN G 473 45.28 -4.53 -18.79
N HIS G 474 44.70 -4.56 -19.98
CA HIS G 474 43.26 -4.44 -20.17
C HIS G 474 42.49 -5.71 -19.78
N THR G 475 43.16 -6.86 -19.84
CA THR G 475 42.48 -8.15 -19.71
C THR G 475 42.16 -8.50 -18.26
N ASP G 476 41.06 -9.22 -18.03
CA ASP G 476 40.73 -9.68 -16.67
C ASP G 476 41.74 -10.70 -16.14
N PHE G 477 42.09 -11.69 -16.96
CA PHE G 477 43.15 -12.62 -16.58
C PHE G 477 43.91 -13.09 -17.78
N ILE G 478 45.10 -13.63 -17.52
CA ILE G 478 46.02 -14.06 -18.55
C ILE G 478 46.35 -15.54 -18.38
N ILE G 479 46.41 -16.27 -19.47
CA ILE G 479 46.81 -17.68 -19.44
C ILE G 479 48.13 -17.87 -20.17
N THR G 480 49.09 -18.52 -19.51
CA THR G 480 50.37 -18.86 -20.12
C THR G 480 50.55 -20.38 -20.18
N SER G 481 51.41 -20.82 -21.09
CA SER G 481 51.69 -22.25 -21.28
C SER G 481 52.80 -22.78 -20.37
N THR G 482 53.60 -21.88 -19.79
CA THR G 482 54.71 -22.26 -18.93
C THR G 482 54.99 -21.17 -17.91
N PHE G 483 55.72 -21.52 -16.86
CA PHE G 483 56.22 -20.51 -15.92
C PHE G 483 57.25 -19.60 -16.62
N GLN G 484 58.10 -20.17 -17.44
CA GLN G 484 59.15 -19.34 -18.04
C GLN G 484 58.54 -18.23 -18.91
N GLU G 485 57.36 -18.46 -19.45
CA GLU G 485 56.70 -17.43 -20.24
C GLU G 485 56.44 -16.16 -19.40
N ILE G 486 56.24 -16.33 -18.08
CA ILE G 486 56.10 -15.18 -17.21
C ILE G 486 57.43 -14.69 -16.65
N ALA G 487 57.96 -15.44 -15.68
CA ALA G 487 59.15 -15.06 -14.92
C ALA G 487 60.48 -15.68 -15.39
N GLY G 488 60.44 -16.48 -16.46
CA GLY G 488 61.65 -17.08 -17.01
C GLY G 488 62.31 -18.09 -16.08
N SER G 489 63.61 -17.95 -15.87
CA SER G 489 64.33 -18.81 -14.94
C SER G 489 65.18 -17.97 -13.99
N LYS G 490 65.90 -18.62 -13.08
CA LYS G 490 66.76 -17.90 -12.17
C LYS G 490 67.81 -17.10 -12.94
N GLU G 491 68.38 -17.70 -13.98
CA GLU G 491 69.36 -17.01 -14.83
C GLU G 491 68.78 -16.09 -15.91
N THR G 492 67.67 -16.50 -16.52
CA THR G 492 67.13 -15.76 -17.67
C THR G 492 65.79 -15.09 -17.37
N VAL G 493 65.56 -13.96 -18.03
CA VAL G 493 64.36 -13.16 -17.81
C VAL G 493 63.17 -13.71 -18.59
N GLY G 494 61.99 -13.65 -18.00
CA GLY G 494 60.79 -14.14 -18.64
C GLY G 494 60.33 -13.32 -19.84
N GLN G 495 59.39 -13.88 -20.60
CA GLN G 495 58.81 -13.18 -21.74
C GLN G 495 57.96 -11.97 -21.34
N TYR G 496 56.99 -12.16 -20.46
CA TYR G 496 56.25 -11.03 -19.89
C TYR G 496 57.15 -10.16 -19.04
N GLU G 497 58.04 -10.82 -18.28
CA GLU G 497 58.95 -10.10 -17.40
C GLU G 497 59.78 -9.07 -18.17
N SER G 498 60.07 -9.36 -19.42
CA SER G 498 60.89 -8.47 -20.22
C SER G 498 60.12 -7.19 -20.59
N HIS G 499 58.83 -7.19 -20.30
CA HIS G 499 57.97 -6.05 -20.56
C HIS G 499 57.75 -5.14 -19.35
N THR G 500 58.38 -5.50 -18.23
CA THR G 500 58.20 -4.73 -17.00
C THR G 500 58.74 -3.31 -17.16
N ALA G 501 59.98 -3.20 -17.59
CA ALA G 501 60.55 -1.89 -17.87
C ALA G 501 61.30 -1.89 -19.20
N PHE G 502 60.82 -1.11 -20.14
CA PHE G 502 61.52 -0.96 -21.41
C PHE G 502 61.27 0.40 -22.02
N THR G 503 61.89 0.67 -23.17
CA THR G 503 61.73 1.96 -23.79
C THR G 503 61.79 1.85 -25.31
N LEU G 504 61.07 2.71 -25.99
CA LEU G 504 61.11 2.79 -27.45
C LEU G 504 61.51 4.22 -27.73
N PRO G 505 62.82 4.46 -27.85
CA PRO G 505 63.38 5.82 -27.93
C PRO G 505 62.75 6.66 -29.04
N GLY G 506 62.29 7.85 -28.67
CA GLY G 506 61.62 8.73 -29.60
C GLY G 506 60.13 8.51 -29.66
N LEU G 507 59.63 7.52 -28.93
CA LEU G 507 58.23 7.13 -29.02
C LEU G 507 57.56 7.12 -27.64
N TYR G 508 57.99 6.21 -26.78
CA TYR G 508 57.65 6.30 -25.36
C TYR G 508 58.47 5.36 -24.48
N ARG G 509 58.24 5.48 -23.19
CA ARG G 509 59.03 4.75 -22.22
C ARG G 509 58.08 4.04 -21.28
N VAL G 510 58.25 2.73 -21.11
CA VAL G 510 57.36 2.00 -20.23
C VAL G 510 58.11 1.77 -18.93
N VAL G 511 57.72 2.51 -17.91
CA VAL G 511 58.42 2.48 -16.64
C VAL G 511 58.01 1.28 -15.81
N HIS G 512 56.71 1.05 -15.72
CA HIS G 512 56.22 -0.24 -15.26
C HIS G 512 55.11 -0.69 -16.21
N GLY G 513 55.36 -1.73 -17.00
CA GLY G 513 54.40 -2.12 -18.01
C GLY G 513 53.57 -3.33 -17.66
N ILE G 514 54.06 -4.11 -16.71
CA ILE G 514 53.39 -5.32 -16.26
C ILE G 514 54.30 -5.86 -15.18
N ASP G 515 53.75 -6.69 -14.31
CA ASP G 515 54.52 -7.22 -13.20
C ASP G 515 54.29 -8.70 -13.08
N VAL G 516 55.39 -9.42 -13.08
CA VAL G 516 55.42 -10.85 -13.00
C VAL G 516 54.53 -11.40 -11.87
N PHE G 517 54.43 -10.68 -10.75
CA PHE G 517 53.66 -11.15 -9.59
C PHE G 517 52.18 -10.82 -9.66
N ASP G 518 51.74 -10.16 -10.73
CA ASP G 518 50.33 -9.84 -10.90
C ASP G 518 49.51 -11.12 -10.75
N PRO G 519 48.45 -11.07 -9.92
CA PRO G 519 47.54 -12.17 -9.63
C PRO G 519 46.71 -12.63 -10.84
N LYS G 520 46.65 -11.85 -11.90
CA LYS G 520 45.89 -12.26 -13.08
C LYS G 520 46.59 -13.33 -13.92
N PHE G 521 47.89 -13.51 -13.71
CA PHE G 521 48.62 -14.54 -14.44
C PHE G 521 48.23 -15.94 -13.97
N ASN G 522 47.95 -16.82 -14.92
CA ASN G 522 47.70 -18.22 -14.61
C ASN G 522 48.33 -19.15 -15.64
N ILE G 523 49.11 -20.12 -15.17
CA ILE G 523 49.70 -21.11 -16.07
C ILE G 523 48.71 -22.25 -16.26
N VAL G 524 48.25 -22.44 -17.49
CA VAL G 524 47.50 -23.64 -17.86
C VAL G 524 48.14 -24.21 -19.10
N SER G 525 48.77 -25.36 -18.95
CA SER G 525 49.57 -25.87 -20.04
C SER G 525 48.70 -26.66 -20.99
N PRO G 526 48.91 -26.46 -22.29
CA PRO G 526 48.18 -27.09 -23.39
C PRO G 526 48.70 -28.49 -23.60
N GLY G 527 48.27 -29.11 -24.68
CA GLY G 527 48.58 -30.49 -24.95
C GLY G 527 48.61 -30.72 -26.44
N ALA G 528 48.78 -31.97 -26.81
CA ALA G 528 48.70 -32.38 -28.19
C ALA G 528 47.53 -33.34 -28.27
N ASP G 529 46.76 -33.30 -29.33
CA ASP G 529 45.61 -34.20 -29.39
C ASP G 529 46.11 -35.64 -29.38
N MET G 530 45.68 -36.41 -28.39
CA MET G 530 46.23 -37.75 -28.22
C MET G 530 45.65 -38.78 -29.19
N SER G 531 44.62 -38.39 -29.94
CA SER G 531 44.12 -39.23 -31.00
C SER G 531 45.06 -39.12 -32.20
N ILE G 532 45.65 -37.95 -32.37
CA ILE G 532 46.68 -37.70 -33.38
C ILE G 532 48.10 -38.11 -32.99
N TYR G 533 48.49 -37.83 -31.75
CA TYR G 533 49.87 -38.07 -31.32
C TYR G 533 49.93 -39.06 -30.17
N PHE G 534 50.56 -40.19 -30.43
CA PHE G 534 50.72 -41.23 -29.42
C PHE G 534 51.99 -42.03 -29.69
N PRO G 535 52.29 -42.97 -28.78
CA PRO G 535 53.57 -43.68 -28.84
C PRO G 535 53.70 -44.49 -30.12
N TYR G 536 54.87 -44.42 -30.75
CA TYR G 536 55.14 -45.18 -31.96
C TYR G 536 55.10 -46.67 -31.69
N THR G 537 55.17 -47.03 -30.41
CA THR G 537 55.21 -48.43 -30.00
C THR G 537 53.84 -49.10 -29.94
N GLU G 538 52.75 -48.37 -30.13
CA GLU G 538 51.45 -49.02 -30.11
C GLU G 538 51.14 -49.37 -31.54
N GLU G 539 51.22 -50.66 -31.84
CA GLU G 539 51.22 -51.10 -33.22
C GLU G 539 49.83 -51.08 -33.78
N LYS G 540 48.86 -51.49 -32.97
CA LYS G 540 47.50 -51.55 -33.43
C LYS G 540 47.09 -50.19 -33.94
N ARG G 541 47.61 -49.16 -33.28
CA ARG G 541 47.23 -47.79 -33.59
C ARG G 541 47.97 -47.14 -34.76
N ARG G 542 49.14 -47.66 -35.12
CA ARG G 542 49.93 -47.06 -36.18
C ARG G 542 49.08 -46.98 -37.43
N LEU G 543 49.26 -45.93 -38.23
CA LEU G 543 48.51 -45.84 -39.47
C LEU G 543 49.43 -46.26 -40.60
N THR G 544 49.22 -47.47 -41.09
CA THR G 544 50.16 -48.06 -42.04
C THR G 544 49.89 -47.56 -43.43
N LYS G 545 48.62 -47.27 -43.73
CA LYS G 545 48.23 -46.87 -45.07
C LYS G 545 49.02 -45.67 -45.56
N PHE G 546 49.60 -44.91 -44.62
CA PHE G 546 50.39 -43.74 -44.98
C PHE G 546 51.84 -44.07 -45.30
N HIS G 547 52.27 -45.27 -44.96
CA HIS G 547 53.68 -45.61 -45.12
C HIS G 547 54.16 -45.50 -46.57
N SER G 548 53.28 -45.79 -47.52
CA SER G 548 53.63 -45.62 -48.92
C SER G 548 54.04 -44.16 -49.19
N GLU G 549 53.15 -43.22 -48.88
CA GLU G 549 53.39 -41.80 -49.15
C GLU G 549 54.62 -41.28 -48.40
N ILE G 550 54.77 -41.70 -47.15
CA ILE G 550 55.87 -41.25 -46.32
C ILE G 550 57.23 -41.67 -46.86
N GLU G 551 57.30 -42.88 -47.42
CA GLU G 551 58.53 -43.39 -47.98
C GLU G 551 58.89 -42.59 -49.23
N GLU G 552 57.90 -42.31 -50.07
CA GLU G 552 58.14 -41.45 -51.22
C GLU G 552 58.66 -40.13 -50.70
N LEU G 553 57.97 -39.64 -49.68
CA LEU G 553 58.25 -38.36 -49.07
C LEU G 553 59.70 -38.28 -48.61
N LEU G 554 60.08 -39.21 -47.74
CA LEU G 554 61.43 -39.26 -47.24
C LEU G 554 62.44 -39.74 -48.29
N TYR G 555 62.15 -40.91 -48.85
CA TYR G 555 63.17 -41.70 -49.55
C TYR G 555 63.28 -41.68 -51.09
N SER G 556 62.38 -41.00 -51.79
CA SER G 556 62.33 -41.10 -53.25
C SER G 556 63.47 -40.35 -53.95
N ASP G 557 63.74 -40.74 -55.19
CA ASP G 557 64.84 -40.18 -55.97
C ASP G 557 64.41 -38.96 -56.77
N VAL G 558 63.16 -38.55 -56.58
CA VAL G 558 62.63 -37.38 -57.25
C VAL G 558 62.90 -36.10 -56.47
N GLU G 559 63.32 -35.06 -57.18
CA GLU G 559 63.48 -33.74 -56.58
C GLU G 559 62.50 -32.76 -57.20
N ASN G 560 61.67 -32.17 -56.36
CA ASN G 560 60.66 -31.24 -56.82
C ASN G 560 60.23 -30.26 -55.72
N LYS G 561 59.19 -29.49 -56.02
CA LYS G 561 58.71 -28.47 -55.10
C LYS G 561 58.19 -29.08 -53.80
N GLU G 562 57.88 -30.37 -53.79
CA GLU G 562 57.50 -31.05 -52.57
C GLU G 562 58.68 -31.44 -51.69
N HIS G 563 59.76 -31.90 -52.30
CA HIS G 563 60.97 -32.22 -51.55
C HIS G 563 62.22 -32.01 -52.38
N LEU G 564 63.26 -31.49 -51.75
CA LEU G 564 64.50 -31.21 -52.45
C LEU G 564 65.64 -32.07 -51.90
N CYS G 565 66.62 -32.25 -52.77
CA CYS G 565 67.65 -33.28 -52.71
C CYS G 565 67.10 -34.68 -52.53
N VAL G 566 67.87 -35.54 -51.89
CA VAL G 566 67.53 -36.97 -51.84
C VAL G 566 68.33 -37.63 -50.73
N LEU G 567 67.85 -38.76 -50.23
CA LEU G 567 68.65 -39.48 -49.25
C LEU G 567 69.30 -40.66 -49.94
N LYS G 568 70.63 -40.70 -49.87
CA LYS G 568 71.45 -41.72 -50.50
C LYS G 568 71.34 -43.04 -49.73
N ASP G 569 71.46 -42.97 -48.41
CA ASP G 569 71.34 -44.15 -47.56
C ASP G 569 70.07 -44.07 -46.71
N LYS G 570 69.19 -45.05 -46.88
CA LYS G 570 67.85 -45.04 -46.27
C LYS G 570 67.77 -45.71 -44.89
N LYS G 571 68.86 -46.35 -44.47
CA LYS G 571 68.89 -47.04 -43.18
C LYS G 571 69.39 -46.22 -41.97
N LYS G 572 70.00 -45.06 -42.24
CA LYS G 572 70.45 -44.19 -41.16
C LYS G 572 69.25 -43.70 -40.37
N PRO G 573 69.45 -43.35 -39.09
CA PRO G 573 68.39 -42.62 -38.38
C PRO G 573 68.16 -41.23 -38.98
N ILE G 574 66.96 -40.70 -38.78
CA ILE G 574 66.66 -39.37 -39.28
C ILE G 574 66.70 -38.29 -38.19
N LEU G 575 67.42 -37.21 -38.48
CA LEU G 575 67.38 -36.02 -37.67
C LEU G 575 66.32 -35.10 -38.28
N PHE G 576 65.24 -34.90 -37.54
CA PHE G 576 63.98 -34.40 -38.11
C PHE G 576 63.49 -33.09 -37.50
N THR G 577 62.98 -32.21 -38.36
CA THR G 577 62.35 -30.98 -37.86
C THR G 577 61.21 -30.52 -38.79
N MET G 578 60.24 -29.85 -38.18
CA MET G 578 59.07 -29.35 -38.88
C MET G 578 58.68 -27.99 -38.26
N ALA G 579 58.40 -27.02 -39.10
CA ALA G 579 58.08 -25.68 -38.62
C ALA G 579 57.78 -24.73 -39.77
N ARG G 580 57.13 -23.63 -39.43
CA ARG G 580 56.99 -22.54 -40.38
C ARG G 580 58.43 -22.13 -40.69
N LEU G 581 58.65 -21.56 -41.87
CA LEU G 581 59.99 -21.14 -42.23
C LEU G 581 60.13 -19.64 -42.02
N ASP G 582 60.87 -19.26 -40.99
CA ASP G 582 61.27 -17.86 -40.81
C ASP G 582 62.56 -17.70 -40.02
N ARG G 583 62.99 -16.44 -39.87
CA ARG G 583 64.30 -16.12 -39.33
C ARG G 583 64.48 -16.73 -37.94
N VAL G 584 63.59 -16.39 -37.03
CA VAL G 584 63.64 -16.89 -35.66
C VAL G 584 63.66 -18.42 -35.59
N LYS G 585 62.83 -19.07 -36.39
CA LYS G 585 62.79 -20.53 -36.40
C LYS G 585 64.17 -21.12 -36.69
N ASN G 586 64.96 -20.37 -37.46
CA ASN G 586 66.37 -20.69 -37.63
C ASN G 586 66.59 -22.11 -38.17
N LEU G 587 65.85 -22.45 -39.22
CA LEU G 587 66.02 -23.78 -39.80
C LEU G 587 67.33 -23.78 -40.56
N SER G 588 67.58 -22.69 -41.28
CA SER G 588 68.81 -22.54 -42.05
C SER G 588 70.00 -22.61 -41.12
N GLY G 589 69.79 -22.28 -39.86
CA GLY G 589 70.87 -22.39 -38.91
C GLY G 589 71.24 -23.84 -38.71
N LEU G 590 70.24 -24.63 -38.30
CA LEU G 590 70.44 -26.06 -38.09
C LEU G 590 71.09 -26.70 -39.30
N VAL G 591 70.59 -26.34 -40.48
CA VAL G 591 71.10 -26.93 -41.72
C VAL G 591 72.60 -26.66 -41.89
N GLU G 592 73.04 -25.47 -41.48
CA GLU G 592 74.47 -25.14 -41.45
C GLU G 592 75.28 -25.87 -40.37
N TRP G 593 74.70 -26.09 -39.20
CA TRP G 593 75.38 -26.90 -38.18
C TRP G 593 75.63 -28.28 -38.78
N TYR G 594 74.55 -28.90 -39.24
CA TYR G 594 74.59 -30.20 -39.88
C TYR G 594 75.61 -30.26 -41.02
N GLY G 595 75.50 -29.32 -41.96
CA GLY G 595 76.38 -29.24 -43.11
C GLY G 595 77.86 -29.31 -42.75
N LYS G 596 78.25 -28.55 -41.73
CA LYS G 596 79.65 -28.47 -41.30
C LYS G 596 80.16 -29.70 -40.57
N ASN G 597 79.26 -30.47 -39.96
CA ASN G 597 79.70 -31.54 -39.09
C ASN G 597 79.64 -32.91 -39.78
N THR G 598 80.82 -33.42 -40.11
CA THR G 598 80.96 -34.65 -40.89
C THR G 598 80.60 -35.88 -40.05
N ARG G 599 80.97 -35.85 -38.78
CA ARG G 599 80.62 -36.93 -37.88
C ARG G 599 79.11 -37.13 -37.89
N LEU G 600 78.36 -36.04 -37.72
CA LEU G 600 76.91 -36.12 -37.64
C LEU G 600 76.29 -36.51 -38.97
N ARG G 601 76.72 -35.86 -40.06
CA ARG G 601 76.27 -36.22 -41.39
C ARG G 601 76.37 -37.73 -41.61
N GLU G 602 77.48 -38.32 -41.17
CA GLU G 602 77.67 -39.75 -41.28
C GLU G 602 76.69 -40.54 -40.41
N LEU G 603 76.31 -39.97 -39.28
CA LEU G 603 75.47 -40.65 -38.30
C LEU G 603 73.97 -40.69 -38.62
N ALA G 604 73.46 -39.63 -39.25
CA ALA G 604 72.04 -39.57 -39.57
C ALA G 604 71.72 -38.64 -40.73
N ASN G 605 70.57 -38.83 -41.35
CA ASN G 605 70.12 -37.97 -42.44
C ASN G 605 69.29 -36.81 -41.89
N LEU G 606 69.50 -35.62 -42.44
CA LEU G 606 68.71 -34.47 -42.02
C LEU G 606 67.46 -34.28 -42.88
N VAL G 607 66.30 -34.49 -42.26
CA VAL G 607 65.03 -34.19 -42.88
C VAL G 607 64.43 -32.95 -42.23
N VAL G 608 64.13 -31.95 -43.04
CA VAL G 608 63.58 -30.70 -42.55
C VAL G 608 62.30 -30.39 -43.29
N VAL G 609 61.18 -30.35 -42.59
CA VAL G 609 59.96 -29.84 -43.22
C VAL G 609 59.80 -28.36 -42.91
N GLY G 610 59.96 -27.51 -43.91
CA GLY G 610 59.46 -26.15 -43.81
C GLY G 610 59.46 -25.34 -45.10
N GLY G 611 58.52 -24.41 -45.18
CA GLY G 611 58.23 -23.66 -46.39
C GLY G 611 57.27 -24.43 -47.29
N ASP G 612 56.44 -23.71 -48.05
CA ASP G 612 55.70 -24.39 -49.10
C ASP G 612 56.20 -23.87 -50.43
N ARG G 613 56.93 -24.72 -51.13
CA ARG G 613 57.62 -24.31 -52.33
C ARG G 613 56.77 -24.61 -53.55
N ARG G 614 55.59 -25.16 -53.31
CA ARG G 614 54.61 -25.40 -54.37
C ARG G 614 54.19 -24.09 -55.02
N LYS G 615 54.07 -23.04 -54.22
CA LYS G 615 53.72 -21.71 -54.72
C LYS G 615 54.84 -20.69 -54.54
N GLU G 616 54.57 -19.46 -54.97
CA GLU G 616 55.50 -18.35 -54.82
C GLU G 616 55.31 -17.75 -53.44
N SER G 617 56.37 -17.65 -52.66
CA SER G 617 56.20 -17.14 -51.31
C SER G 617 55.90 -15.66 -51.31
N LYS G 618 54.86 -15.27 -50.57
CA LYS G 618 54.52 -13.86 -50.42
C LYS G 618 55.07 -13.23 -49.13
N ASP G 619 55.73 -14.03 -48.30
CA ASP G 619 56.22 -13.59 -46.98
C ASP G 619 57.72 -13.28 -46.97
N ASN G 620 58.09 -12.15 -46.37
CA ASN G 620 59.47 -11.66 -46.38
C ASN G 620 60.53 -12.62 -45.84
N GLU G 621 60.36 -13.07 -44.60
CA GLU G 621 61.37 -13.94 -44.02
C GLU G 621 61.42 -15.27 -44.77
N GLU G 622 60.25 -15.83 -45.06
CA GLU G 622 60.20 -17.10 -45.77
C GLU G 622 61.07 -17.04 -47.02
N LYS G 623 60.92 -15.97 -47.81
CA LYS G 623 61.73 -15.80 -49.01
C LYS G 623 63.23 -15.85 -48.69
N ALA G 624 63.67 -14.99 -47.78
CA ALA G 624 65.07 -14.92 -47.40
C ALA G 624 65.57 -16.26 -46.88
N GLU G 625 64.69 -16.98 -46.20
CA GLU G 625 65.06 -18.25 -45.61
C GLU G 625 65.24 -19.28 -46.71
N MET G 626 64.37 -19.21 -47.71
CA MET G 626 64.46 -20.13 -48.83
C MET G 626 65.75 -19.95 -49.58
N LYS G 627 66.06 -18.70 -49.93
CA LYS G 627 67.35 -18.40 -50.54
C LYS G 627 68.49 -18.96 -49.71
N LYS G 628 68.51 -18.68 -48.40
CA LYS G 628 69.54 -19.25 -47.53
C LYS G 628 69.62 -20.78 -47.67
N MET G 629 68.46 -21.42 -47.76
CA MET G 629 68.42 -22.88 -47.81
C MET G 629 69.03 -23.41 -49.10
N TYR G 630 68.62 -22.86 -50.25
CA TYR G 630 69.18 -23.24 -51.54
C TYR G 630 70.69 -23.15 -51.48
N ASP G 631 71.17 -22.00 -51.02
CA ASP G 631 72.61 -21.71 -50.94
C ASP G 631 73.38 -22.69 -50.07
N LEU G 632 72.77 -23.14 -48.99
CA LEU G 632 73.44 -24.07 -48.09
C LEU G 632 73.58 -25.44 -48.74
N ILE G 633 72.57 -25.81 -49.52
CA ILE G 633 72.58 -27.07 -50.23
C ILE G 633 73.82 -27.18 -51.13
N GLU G 634 74.05 -26.12 -51.91
CA GLU G 634 75.18 -26.06 -52.84
C GLU G 634 76.53 -25.88 -52.12
N GLU G 635 76.53 -25.13 -51.03
CA GLU G 635 77.77 -24.82 -50.31
C GLU G 635 78.30 -26.00 -49.50
N TYR G 636 77.41 -26.71 -48.83
CA TYR G 636 77.82 -27.87 -48.05
C TYR G 636 77.65 -29.19 -48.77
N LYS G 637 77.25 -29.11 -50.04
CA LYS G 637 77.03 -30.31 -50.87
C LYS G 637 76.15 -31.29 -50.10
N LEU G 638 74.93 -30.84 -49.83
CA LEU G 638 74.06 -31.53 -48.90
C LEU G 638 73.28 -32.66 -49.56
N ASN G 639 73.24 -32.65 -50.90
CA ASN G 639 72.57 -33.74 -51.58
C ASN G 639 73.15 -35.07 -51.16
N GLY G 640 72.24 -35.98 -50.85
CA GLY G 640 72.50 -37.34 -50.44
C GLY G 640 72.44 -37.50 -48.94
N GLN G 641 72.73 -36.43 -48.20
CA GLN G 641 72.49 -36.45 -46.75
C GLN G 641 71.22 -35.72 -46.29
N PHE G 642 70.55 -35.05 -47.22
CA PHE G 642 69.59 -34.02 -46.83
C PHE G 642 68.32 -34.04 -47.68
N ARG G 643 67.17 -34.10 -47.01
CA ARG G 643 65.87 -34.04 -47.68
C ARG G 643 65.07 -32.83 -47.19
N TRP G 644 64.82 -31.87 -48.08
CA TRP G 644 64.10 -30.66 -47.69
C TRP G 644 62.62 -30.68 -48.16
N ILE G 645 61.73 -30.87 -47.20
CA ILE G 645 60.33 -31.13 -47.50
C ILE G 645 59.46 -29.90 -47.29
N SER G 646 58.50 -29.73 -48.19
CA SER G 646 57.54 -28.63 -48.11
C SER G 646 56.55 -28.87 -47.00
N SER G 647 55.86 -27.81 -46.63
CA SER G 647 54.93 -27.78 -45.51
C SER G 647 53.96 -28.95 -45.55
N GLN G 648 53.82 -29.60 -44.40
CA GLN G 648 53.00 -30.78 -44.31
C GLN G 648 51.67 -30.44 -43.64
N MET G 649 50.61 -30.42 -44.42
CA MET G 649 49.41 -29.75 -43.95
C MET G 649 48.37 -30.64 -43.28
N ASP G 650 48.58 -31.96 -43.24
CA ASP G 650 47.63 -32.84 -42.55
C ASP G 650 48.16 -33.40 -41.22
N ARG G 651 47.58 -32.93 -40.13
CA ARG G 651 48.00 -33.31 -38.80
C ARG G 651 47.96 -34.80 -38.59
N VAL G 652 47.05 -35.46 -39.30
CA VAL G 652 46.86 -36.90 -39.08
C VAL G 652 48.05 -37.69 -39.62
N ARG G 653 48.43 -37.42 -40.87
CA ARG G 653 49.58 -38.07 -41.47
C ARG G 653 50.85 -37.66 -40.72
N ASN G 654 50.86 -36.41 -40.26
CA ASN G 654 51.96 -35.87 -39.47
C ASN G 654 52.24 -36.71 -38.21
N GLY G 655 51.18 -37.13 -37.53
CA GLY G 655 51.31 -37.98 -36.38
C GLY G 655 52.12 -39.22 -36.73
N GLU G 656 51.82 -39.78 -37.90
CA GLU G 656 52.49 -40.99 -38.35
C GLU G 656 53.91 -40.68 -38.81
N LEU G 657 54.07 -39.54 -39.48
CA LEU G 657 55.41 -39.10 -39.87
C LEU G 657 56.33 -39.10 -38.65
N TYR G 658 55.90 -38.47 -37.55
CA TYR G 658 56.64 -38.48 -36.29
C TYR G 658 56.98 -39.90 -35.85
N ARG G 659 55.96 -40.74 -35.76
CA ARG G 659 56.14 -42.11 -35.33
C ARG G 659 57.10 -42.89 -36.24
N TYR G 660 57.13 -42.50 -37.51
CA TYR G 660 58.00 -43.16 -38.47
C TYR G 660 59.46 -42.80 -38.20
N ILE G 661 59.71 -41.54 -37.84
CA ILE G 661 61.04 -41.11 -37.49
C ILE G 661 61.53 -41.90 -36.28
N CYS G 662 60.61 -42.25 -35.39
CA CYS G 662 60.93 -43.09 -34.25
C CYS G 662 61.42 -44.45 -34.73
N ASP G 663 60.75 -44.99 -35.74
CA ASP G 663 61.11 -46.29 -36.29
C ASP G 663 62.58 -46.30 -36.66
N THR G 664 63.08 -45.15 -37.10
CA THR G 664 64.45 -45.03 -37.58
C THR G 664 65.45 -44.66 -36.47
N LYS G 665 64.95 -44.57 -35.24
CA LYS G 665 65.81 -44.25 -34.10
C LYS G 665 66.55 -42.93 -34.32
N GLY G 666 65.82 -41.96 -34.86
CA GLY G 666 66.32 -40.61 -35.03
C GLY G 666 65.88 -39.73 -33.87
N ALA G 667 65.83 -38.43 -34.12
CA ALA G 667 65.51 -37.49 -33.08
C ALA G 667 64.87 -36.25 -33.66
N PHE G 668 64.05 -35.58 -32.87
CA PHE G 668 63.50 -34.30 -33.25
C PHE G 668 64.44 -33.21 -32.78
N VAL G 669 64.75 -32.26 -33.64
CA VAL G 669 65.56 -31.11 -33.25
C VAL G 669 64.79 -29.84 -33.54
N GLN G 670 64.85 -28.90 -32.61
CA GLN G 670 64.09 -27.67 -32.67
C GLN G 670 65.07 -26.53 -32.41
N PRO G 671 65.73 -26.05 -33.48
CA PRO G 671 66.86 -25.11 -33.35
C PRO G 671 66.47 -23.65 -33.37
N ALA G 672 65.47 -23.23 -32.62
CA ALA G 672 64.97 -21.87 -32.77
C ALA G 672 65.78 -20.93 -31.91
N LEU G 673 66.08 -19.74 -32.43
CA LEU G 673 66.72 -18.70 -31.65
C LEU G 673 65.88 -18.37 -30.40
N TYR G 674 64.56 -18.29 -30.57
CA TYR G 674 63.65 -18.22 -29.45
C TYR G 674 62.38 -19.00 -29.78
N GLU G 675 61.90 -19.80 -28.83
CA GLU G 675 60.61 -20.47 -29.01
C GLU G 675 59.68 -20.23 -27.80
N ALA G 676 58.56 -19.52 -28.04
CA ALA G 676 57.72 -19.08 -26.93
C ALA G 676 57.23 -20.27 -26.15
N PHE G 677 56.73 -21.26 -26.86
CA PHE G 677 56.28 -22.49 -26.24
C PHE G 677 56.91 -23.72 -26.85
N GLY G 678 56.70 -23.94 -28.15
CA GLY G 678 57.00 -25.22 -28.78
C GLY G 678 56.08 -26.44 -28.76
N LEU G 679 54.86 -26.28 -29.28
CA LEU G 679 53.99 -27.44 -29.58
C LEU G 679 54.65 -28.64 -30.32
N THR G 680 55.48 -28.41 -31.33
CA THR G 680 56.14 -29.55 -31.97
C THR G 680 56.96 -30.35 -30.96
N VAL G 681 57.58 -29.65 -30.03
CA VAL G 681 58.33 -30.28 -28.95
C VAL G 681 57.43 -31.25 -28.18
N VAL G 682 56.25 -30.80 -27.80
CA VAL G 682 55.28 -31.70 -27.17
C VAL G 682 54.88 -32.88 -28.09
N GLU G 683 54.57 -32.58 -29.35
CA GLU G 683 54.12 -33.61 -30.30
C GLU G 683 55.19 -34.66 -30.43
N ALA G 684 56.42 -34.22 -30.66
CA ALA G 684 57.53 -35.14 -30.77
C ALA G 684 57.62 -36.04 -29.54
N MET G 685 57.74 -35.43 -28.36
CA MET G 685 57.86 -36.18 -27.11
C MET G 685 56.70 -37.15 -26.96
N THR G 686 55.52 -36.72 -27.39
CA THR G 686 54.31 -37.51 -27.21
C THR G 686 54.32 -38.75 -28.08
N CYS G 687 54.99 -38.67 -29.22
CA CYS G 687 55.08 -39.83 -30.10
C CYS G 687 56.21 -40.78 -29.69
N GLY G 688 57.07 -40.32 -28.78
CA GLY G 688 58.19 -41.12 -28.31
C GLY G 688 59.51 -40.69 -28.92
N LEU G 689 59.50 -39.59 -29.66
CA LEU G 689 60.70 -39.15 -30.34
C LEU G 689 61.60 -38.35 -29.42
N PRO G 690 62.85 -38.80 -29.26
CA PRO G 690 63.82 -38.05 -28.44
C PRO G 690 64.06 -36.65 -28.99
N THR G 691 63.96 -35.64 -28.13
CA THR G 691 63.93 -34.26 -28.59
C THR G 691 65.07 -33.39 -28.10
N PHE G 692 65.66 -32.66 -29.03
CA PHE G 692 66.68 -31.67 -28.70
C PHE G 692 66.08 -30.33 -29.04
N ALA G 693 65.75 -29.54 -28.02
CA ALA G 693 65.03 -28.30 -28.24
C ALA G 693 65.85 -27.08 -27.82
N THR G 694 65.57 -25.93 -28.43
CA THR G 694 66.26 -24.71 -28.08
C THR G 694 66.06 -24.40 -26.62
N CYS G 695 67.07 -23.80 -26.00
CA CYS G 695 67.01 -23.45 -24.58
C CYS G 695 66.43 -22.06 -24.38
N LYS G 696 66.22 -21.34 -25.50
CA LYS G 696 65.72 -19.97 -25.45
C LYS G 696 64.19 -19.96 -25.57
N GLY G 697 63.50 -19.62 -24.47
CA GLY G 697 62.06 -19.72 -24.42
C GLY G 697 61.50 -20.97 -23.75
N GLY G 698 60.23 -21.26 -24.04
CA GLY G 698 59.50 -22.34 -23.38
C GLY G 698 60.14 -23.72 -23.27
N PRO G 699 60.72 -24.23 -24.35
CA PRO G 699 61.27 -25.59 -24.29
C PRO G 699 62.28 -25.81 -23.15
N ALA G 700 62.89 -24.74 -22.66
CA ALA G 700 63.78 -24.83 -21.50
C ALA G 700 63.01 -25.38 -20.31
N GLU G 701 61.74 -25.00 -20.20
CA GLU G 701 60.89 -25.53 -19.15
C GLU G 701 60.28 -26.89 -19.48
N ILE G 702 59.89 -27.08 -20.75
CA ILE G 702 59.18 -28.30 -21.13
C ILE G 702 60.00 -29.55 -20.90
N ILE G 703 61.30 -29.44 -21.20
CA ILE G 703 62.23 -30.55 -21.17
C ILE G 703 63.13 -30.51 -19.95
N VAL G 704 63.36 -31.67 -19.35
CA VAL G 704 64.40 -31.78 -18.31
C VAL G 704 65.65 -32.42 -18.92
N HIS G 705 66.71 -31.61 -19.03
CA HIS G 705 67.89 -32.00 -19.77
C HIS G 705 68.40 -33.34 -19.25
N GLY G 706 68.78 -34.20 -20.19
CA GLY G 706 69.27 -35.52 -19.85
C GLY G 706 68.19 -36.45 -19.35
N LYS G 707 66.97 -35.97 -19.19
CA LYS G 707 65.89 -36.81 -18.67
C LYS G 707 64.71 -37.02 -19.63
N SER G 708 64.00 -35.94 -19.95
CA SER G 708 62.91 -35.99 -20.94
C SER G 708 63.33 -35.53 -22.34
N GLY G 709 64.60 -35.18 -22.50
CA GLY G 709 65.11 -34.65 -23.76
C GLY G 709 66.43 -33.95 -23.54
N PHE G 710 66.80 -33.03 -24.41
CA PHE G 710 68.03 -32.27 -24.23
C PHE G 710 67.86 -30.83 -24.67
N HIS G 711 68.59 -29.93 -24.02
CA HIS G 711 68.65 -28.54 -24.43
C HIS G 711 69.86 -28.32 -25.31
N ILE G 712 69.69 -27.44 -26.28
CA ILE G 712 70.80 -27.03 -27.13
C ILE G 712 70.70 -25.52 -27.25
N ASP G 713 71.81 -24.87 -27.59
CA ASP G 713 71.83 -23.42 -27.65
C ASP G 713 72.01 -22.89 -29.07
N PRO G 714 70.94 -22.32 -29.64
CA PRO G 714 71.00 -21.91 -31.05
C PRO G 714 72.13 -20.92 -31.29
N TYR G 715 72.64 -20.32 -30.21
CA TYR G 715 73.76 -19.40 -30.35
C TYR G 715 75.11 -20.12 -30.43
N HIS G 716 75.19 -21.36 -29.92
CA HIS G 716 76.31 -22.19 -30.30
C HIS G 716 75.82 -23.40 -31.08
N GLY G 717 75.99 -23.33 -32.40
CA GLY G 717 75.36 -24.28 -33.29
C GLY G 717 76.18 -25.52 -33.53
N ASP G 718 77.50 -25.35 -33.43
CA ASP G 718 78.45 -26.44 -33.62
C ASP G 718 78.46 -27.32 -32.37
N GLN G 719 78.33 -26.70 -31.19
CA GLN G 719 78.22 -27.48 -29.96
C GLN G 719 76.92 -28.25 -30.01
N ALA G 720 75.95 -27.66 -30.71
CA ALA G 720 74.65 -28.30 -30.92
C ALA G 720 74.79 -29.59 -31.73
N ALA G 721 75.37 -29.47 -32.92
CA ALA G 721 75.57 -30.63 -33.78
C ALA G 721 76.40 -31.70 -33.07
N ASP G 722 77.52 -31.30 -32.45
CA ASP G 722 78.34 -32.23 -31.66
C ASP G 722 77.49 -32.97 -30.61
N THR G 723 76.60 -32.25 -29.94
CA THR G 723 75.76 -32.87 -28.92
C THR G 723 74.82 -33.91 -29.52
N LEU G 724 74.22 -33.58 -30.65
CA LEU G 724 73.40 -34.53 -31.41
C LEU G 724 74.25 -35.73 -31.80
N ALA G 725 75.36 -35.47 -32.48
CA ALA G 725 76.31 -36.50 -32.87
C ALA G 725 76.69 -37.41 -31.71
N ASP G 726 76.89 -36.83 -30.53
CA ASP G 726 77.22 -37.62 -29.35
C ASP G 726 76.05 -38.52 -28.94
N PHE G 727 74.82 -38.01 -29.05
CA PHE G 727 73.64 -38.81 -28.72
C PHE G 727 73.51 -40.02 -29.62
N PHE G 728 73.64 -39.78 -30.92
CA PHE G 728 73.54 -40.85 -31.89
C PHE G 728 74.65 -41.88 -31.65
N THR G 729 75.87 -41.41 -31.42
CA THR G 729 76.97 -42.32 -31.11
C THR G 729 76.64 -43.21 -29.91
N LYS G 730 76.26 -42.60 -28.79
CA LYS G 730 75.86 -43.37 -27.61
C LYS G 730 74.84 -44.46 -27.95
N CYS G 731 73.81 -44.10 -28.71
CA CYS G 731 72.73 -45.02 -29.04
C CYS G 731 73.24 -46.20 -29.86
N LYS G 732 74.18 -45.92 -30.74
CA LYS G 732 74.82 -46.95 -31.54
C LYS G 732 75.42 -48.01 -30.61
N GLU G 733 76.29 -47.58 -29.68
CA GLU G 733 76.95 -48.50 -28.77
C GLU G 733 75.98 -49.02 -27.71
N ASP G 734 75.02 -48.19 -27.34
CA ASP G 734 74.02 -48.55 -26.34
C ASP G 734 72.61 -48.14 -26.79
N PRO G 735 71.92 -49.03 -27.51
CA PRO G 735 70.54 -48.81 -27.98
C PRO G 735 69.49 -48.62 -26.88
N SER G 736 69.77 -49.01 -25.63
CA SER G 736 68.80 -48.80 -24.56
C SER G 736 68.75 -47.32 -24.17
N HIS G 737 69.73 -46.56 -24.62
CA HIS G 737 69.82 -45.14 -24.33
C HIS G 737 68.69 -44.35 -25.03
N TRP G 738 68.47 -44.66 -26.31
CA TRP G 738 67.41 -44.05 -27.08
C TRP G 738 66.06 -44.27 -26.39
N ASP G 739 65.92 -45.42 -25.76
CA ASP G 739 64.66 -45.79 -25.12
C ASP G 739 64.43 -45.03 -23.82
N GLU G 740 65.52 -44.71 -23.13
CA GLU G 740 65.43 -44.01 -21.85
C GLU G 740 64.91 -42.60 -22.07
N ILE G 741 65.54 -41.88 -22.99
CA ILE G 741 65.09 -40.54 -23.32
C ILE G 741 63.68 -40.58 -23.89
N SER G 742 63.38 -41.65 -24.64
CA SER G 742 62.03 -41.82 -25.20
C SER G 742 60.95 -41.90 -24.12
N LYS G 743 61.12 -42.82 -23.18
CA LYS G 743 60.19 -42.96 -22.05
C LYS G 743 60.22 -41.72 -21.19
N GLY G 744 61.34 -41.01 -21.24
CA GLY G 744 61.52 -39.80 -20.46
C GLY G 744 60.55 -38.73 -20.89
N GLY G 745 60.50 -38.48 -22.20
CA GLY G 745 59.59 -37.52 -22.76
C GLY G 745 58.14 -37.95 -22.57
N LEU G 746 57.87 -39.22 -22.80
CA LEU G 746 56.52 -39.75 -22.64
C LEU G 746 55.98 -39.52 -21.25
N GLN G 747 56.80 -39.79 -20.24
CA GLN G 747 56.39 -39.59 -18.86
C GLN G 747 56.14 -38.13 -18.61
N ARG G 748 57.06 -37.31 -19.11
CA ARG G 748 57.00 -35.85 -18.93
C ARG G 748 55.68 -35.28 -19.43
N ILE G 749 55.35 -35.53 -20.71
CA ILE G 749 54.07 -35.10 -21.27
C ILE G 749 52.89 -35.56 -20.41
N GLU G 750 52.90 -36.83 -20.01
CA GLU G 750 51.82 -37.36 -19.18
C GLU G 750 51.58 -36.50 -17.94
N GLU G 751 52.67 -35.99 -17.38
CA GLU G 751 52.66 -35.25 -16.13
C GLU G 751 52.17 -33.80 -16.26
N LYS G 752 52.65 -33.10 -17.28
CA LYS G 752 52.39 -31.67 -17.47
C LYS G 752 51.33 -31.38 -18.52
N TYR G 753 51.62 -31.75 -19.76
CA TYR G 753 50.85 -31.25 -20.89
C TYR G 753 49.79 -32.20 -21.47
N THR G 754 48.53 -31.90 -21.18
CA THR G 754 47.40 -32.69 -21.64
C THR G 754 46.18 -31.77 -21.64
N TRP G 755 45.17 -32.08 -22.44
CA TRP G 755 44.08 -31.14 -22.61
C TRP G 755 42.92 -31.27 -21.62
N GLN G 756 42.87 -32.35 -20.85
CA GLN G 756 41.67 -32.56 -20.03
C GLN G 756 41.60 -31.58 -18.87
N ILE G 757 42.72 -31.45 -18.14
CA ILE G 757 42.83 -30.49 -17.05
C ILE G 757 42.60 -29.05 -17.53
N TYR G 758 43.11 -28.74 -18.72
CA TYR G 758 43.08 -27.38 -19.24
C TYR G 758 41.69 -26.77 -19.23
N SER G 759 40.74 -27.45 -19.85
CA SER G 759 39.41 -26.90 -19.98
C SER G 759 38.77 -26.64 -18.62
N GLN G 760 38.90 -27.58 -17.68
CA GLN G 760 38.32 -27.36 -16.35
C GLN G 760 38.93 -26.14 -15.66
N ARG G 761 40.24 -26.02 -15.75
CA ARG G 761 40.93 -24.89 -15.16
C ARG G 761 40.42 -23.58 -15.76
N LEU G 762 40.26 -23.55 -17.08
CA LEU G 762 39.84 -22.32 -17.76
C LEU G 762 38.44 -21.88 -17.32
N LEU G 763 37.52 -22.82 -17.17
CA LEU G 763 36.15 -22.46 -16.81
C LEU G 763 36.07 -22.02 -15.36
N THR G 764 36.88 -22.65 -14.52
CA THR G 764 37.00 -22.27 -13.13
C THR G 764 37.56 -20.85 -13.03
N LEU G 765 38.65 -20.59 -13.76
CA LEU G 765 39.22 -19.26 -13.78
C LEU G 765 38.20 -18.21 -14.18
N THR G 766 37.36 -18.54 -15.17
CA THR G 766 36.37 -17.59 -15.68
C THR G 766 35.31 -17.28 -14.63
N GLY G 767 34.99 -18.28 -13.83
CA GLY G 767 34.08 -18.08 -12.72
C GLY G 767 34.67 -17.12 -11.70
N VAL G 768 35.89 -17.40 -11.27
CA VAL G 768 36.50 -16.63 -10.21
C VAL G 768 36.81 -15.21 -10.64
N TYR G 769 37.36 -15.05 -11.83
CA TYR G 769 37.69 -13.72 -12.33
C TYR G 769 36.45 -12.92 -12.72
N GLY G 770 35.40 -13.64 -13.09
CA GLY G 770 34.13 -13.01 -13.40
C GLY G 770 33.56 -12.33 -12.18
N PHE G 771 33.58 -13.04 -11.05
CA PHE G 771 33.09 -12.51 -9.80
C PHE G 771 33.97 -11.36 -9.34
N TRP G 772 35.27 -11.59 -9.37
CA TRP G 772 36.24 -10.60 -8.93
C TRP G 772 35.98 -9.29 -9.65
N LYS G 773 35.63 -9.39 -10.94
CA LYS G 773 35.28 -8.24 -11.77
C LYS G 773 34.25 -7.37 -11.06
N HIS G 774 33.24 -7.98 -10.47
CA HIS G 774 32.19 -7.21 -9.80
C HIS G 774 32.67 -6.57 -8.50
N VAL G 775 33.51 -7.27 -7.77
CA VAL G 775 34.01 -6.79 -6.49
C VAL G 775 34.96 -5.60 -6.64
N SER G 776 35.90 -5.76 -7.57
CA SER G 776 37.00 -4.83 -7.74
C SER G 776 36.69 -3.72 -8.74
N ASN G 777 35.45 -3.70 -9.22
CA ASN G 777 35.02 -2.79 -10.27
C ASN G 777 35.42 -1.32 -10.10
N LEU G 778 35.35 -0.81 -8.88
CA LEU G 778 35.60 0.61 -8.64
C LEU G 778 37.07 1.01 -8.83
N ASP G 779 38.00 0.09 -8.54
CA ASP G 779 39.42 0.35 -8.78
C ASP G 779 39.84 0.18 -10.26
N ARG G 780 39.16 -0.71 -10.97
CA ARG G 780 39.47 -0.93 -12.37
C ARG G 780 38.96 0.18 -13.27
N LEU G 781 38.20 1.11 -12.71
CA LEU G 781 37.68 2.24 -13.48
C LEU G 781 38.81 3.16 -13.91
N GLU G 782 39.70 3.48 -12.98
CA GLU G 782 40.86 4.31 -13.29
C GLU G 782 41.73 3.70 -14.40
N ALA G 783 42.05 2.42 -14.26
CA ALA G 783 42.89 1.73 -15.23
C ALA G 783 42.24 1.70 -16.62
N ARG G 784 40.93 1.56 -16.62
CA ARG G 784 40.15 1.45 -17.84
C ARG G 784 40.14 2.76 -18.64
N ARG G 785 40.08 3.87 -17.92
CA ARG G 785 40.13 5.17 -18.57
C ARG G 785 41.54 5.41 -19.10
N TYR G 786 42.53 5.02 -18.30
CA TYR G 786 43.93 5.13 -18.72
C TYR G 786 44.14 4.37 -20.02
N LEU G 787 43.71 3.12 -20.03
CA LEU G 787 43.84 2.27 -21.20
C LEU G 787 43.12 2.86 -22.43
N GLU G 788 41.92 3.43 -22.23
CA GLU G 788 41.18 4.00 -23.34
C GLU G 788 41.96 5.12 -24.01
N MET G 789 42.46 6.05 -23.20
CA MET G 789 43.26 7.14 -23.71
C MET G 789 44.44 6.60 -24.51
N PHE G 790 45.10 5.59 -23.96
CA PHE G 790 46.23 4.93 -24.63
C PHE G 790 45.86 4.30 -25.97
N TYR G 791 44.74 3.59 -26.01
CA TYR G 791 44.28 3.03 -27.26
C TYR G 791 43.94 4.17 -28.21
N ALA G 792 43.06 5.07 -27.76
CA ALA G 792 42.60 6.17 -28.58
C ALA G 792 43.74 7.05 -29.12
N LEU G 793 44.62 7.49 -28.23
CA LEU G 793 45.65 8.46 -28.59
C LEU G 793 47.01 7.90 -29.00
N LYS G 794 47.24 6.61 -28.80
CA LYS G 794 48.55 6.02 -29.12
C LYS G 794 48.47 4.94 -30.19
N TYR G 795 47.72 3.88 -29.90
CA TYR G 795 47.50 2.85 -30.90
C TYR G 795 46.90 3.42 -32.20
N ARG G 796 45.82 4.18 -32.11
CA ARG G 796 45.11 4.54 -33.35
C ARG G 796 46.00 5.29 -34.33
N PRO G 797 46.69 6.33 -33.86
CA PRO G 797 47.54 7.04 -34.83
C PRO G 797 48.63 6.12 -35.39
N LEU G 798 49.26 5.30 -34.55
CA LEU G 798 50.25 4.36 -35.03
C LEU G 798 49.66 3.45 -36.11
N ALA G 799 48.59 2.74 -35.76
CA ALA G 799 47.90 1.85 -36.68
C ALA G 799 47.47 2.55 -37.98
N GLN G 800 46.93 3.76 -37.85
CA GLN G 800 46.49 4.47 -39.05
C GLN G 800 47.68 4.81 -39.94
N ALA G 801 48.88 4.78 -39.36
CA ALA G 801 50.08 5.14 -40.10
C ALA G 801 50.69 3.99 -40.90
N VAL G 802 50.29 2.76 -40.59
CA VAL G 802 50.78 1.61 -41.33
C VAL G 802 50.11 1.59 -42.70
N PRO G 803 50.91 1.42 -43.76
CA PRO G 803 50.41 1.43 -45.15
C PRO G 803 49.40 0.32 -45.43
N LEU G 804 48.36 0.64 -46.21
CA LEU G 804 47.32 -0.33 -46.53
C LEU G 804 47.74 -1.31 -47.63
N ALA G 805 47.19 -2.51 -47.58
CA ALA G 805 47.38 -3.50 -48.63
C ALA G 805 46.77 -2.94 -49.89
N GLN G 806 47.31 -3.31 -51.05
CA GLN G 806 46.71 -2.89 -52.32
C GLN G 806 46.30 -4.05 -53.24
N ASP G 807 44.98 -4.22 -53.42
CA ASP G 807 44.46 -5.21 -54.36
C ASP G 807 44.54 -4.69 -55.79
N GLU H 28 -11.66 -28.16 13.75
CA GLU H 28 -10.30 -27.90 14.19
C GLU H 28 -9.84 -28.92 15.22
N VAL H 29 -10.68 -29.90 15.50
CA VAL H 29 -10.36 -30.95 16.46
C VAL H 29 -10.60 -30.53 17.92
N LEU H 30 -11.04 -29.29 18.11
CA LEU H 30 -11.07 -28.69 19.44
C LEU H 30 -9.63 -28.60 19.94
N ALA H 31 -9.35 -29.21 21.09
CA ALA H 31 -7.99 -29.21 21.64
C ALA H 31 -7.42 -27.84 22.04
N LEU H 32 -8.19 -27.05 22.76
CA LEU H 32 -7.65 -25.99 23.60
C LEU H 32 -7.54 -26.59 25.00
N LEU H 33 -7.92 -27.87 25.10
CA LEU H 33 -7.90 -28.61 26.36
C LEU H 33 -6.55 -29.26 26.62
N SER H 34 -5.64 -29.15 25.66
CA SER H 34 -4.26 -29.57 25.89
C SER H 34 -3.74 -28.72 27.05
N ARG H 35 -4.34 -27.54 27.18
CA ARG H 35 -4.12 -26.63 28.30
C ARG H 35 -4.95 -27.05 29.51
N VAL H 36 -5.99 -27.83 29.26
CA VAL H 36 -6.90 -28.25 30.33
C VAL H 36 -6.32 -29.39 31.19
N GLU H 37 -5.71 -30.37 30.54
CA GLU H 37 -5.08 -31.48 31.26
C GLU H 37 -3.73 -31.09 31.84
N ALA H 38 -3.06 -30.15 31.19
CA ALA H 38 -1.80 -29.62 31.70
C ALA H 38 -2.03 -28.61 32.83
N LYS H 39 -3.07 -27.80 32.66
CA LYS H 39 -3.43 -26.76 33.62
C LYS H 39 -3.61 -27.33 35.01
N GLY H 40 -4.21 -28.52 35.08
CA GLY H 40 -4.56 -29.14 36.34
C GLY H 40 -3.53 -30.09 36.91
N LYS H 41 -2.27 -29.94 36.47
CA LYS H 41 -1.19 -30.79 36.95
C LYS H 41 -0.52 -30.23 38.21
N GLY H 42 -0.96 -29.04 38.64
CA GLY H 42 -0.45 -28.41 39.85
C GLY H 42 0.73 -27.48 39.59
N ILE H 43 1.37 -27.03 40.67
CA ILE H 43 2.57 -26.20 40.56
C ILE H 43 3.76 -27.11 40.27
N LEU H 44 4.42 -26.92 39.12
CA LEU H 44 5.44 -27.87 38.68
C LEU H 44 6.07 -27.57 37.32
N GLN H 45 7.05 -28.40 36.96
CA GLN H 45 7.68 -28.38 35.65
C GLN H 45 7.16 -29.52 34.76
N GLN H 46 7.07 -29.25 33.47
CA GLN H 46 6.75 -30.28 32.49
C GLN H 46 7.92 -30.50 31.54
N ASN H 47 8.59 -31.64 31.67
CA ASN H 47 9.54 -32.10 30.66
C ASN H 47 8.73 -32.63 29.47
N GLN H 48 9.34 -32.73 28.30
CA GLN H 48 8.61 -33.26 27.14
C GLN H 48 7.99 -34.61 27.43
N ILE H 49 8.67 -35.40 28.26
CA ILE H 49 8.15 -36.68 28.74
C ILE H 49 6.75 -36.47 29.31
N ILE H 50 6.50 -35.26 29.80
CA ILE H 50 5.23 -34.84 30.38
C ILE H 50 4.51 -33.79 29.51
N ALA H 51 5.13 -32.62 29.34
CA ALA H 51 4.52 -31.50 28.61
C ALA H 51 3.94 -31.98 27.30
N GLU H 52 4.59 -33.00 26.74
CA GLU H 52 4.08 -33.70 25.57
C GLU H 52 3.13 -34.85 25.96
N PHE H 53 3.68 -35.88 26.60
CA PHE H 53 2.95 -37.12 26.85
C PHE H 53 1.59 -36.92 27.51
N GLU H 54 1.49 -35.92 28.39
CA GLU H 54 0.23 -35.58 29.03
C GLU H 54 -0.86 -35.27 28.00
N ALA H 55 -0.67 -34.16 27.28
CA ALA H 55 -1.69 -33.66 26.37
C ALA H 55 -2.05 -34.59 25.20
N LEU H 56 -1.08 -34.91 24.35
CA LEU H 56 -1.38 -35.63 23.10
C LEU H 56 -1.91 -37.07 23.20
N PRO H 57 -1.13 -37.99 23.80
CA PRO H 57 -1.61 -39.38 23.92
C PRO H 57 -2.73 -39.61 24.94
N GLU H 58 -2.78 -38.80 26.00
CA GLU H 58 -3.74 -38.98 27.09
C GLU H 58 -5.06 -38.25 26.85
N GLN H 59 -5.07 -37.40 25.84
CA GLN H 59 -6.28 -36.66 25.43
C GLN H 59 -7.27 -37.58 24.70
N THR H 60 -8.52 -37.13 24.60
CA THR H 60 -9.57 -37.88 23.94
C THR H 60 -9.28 -37.90 22.44
N ARG H 61 -10.18 -38.47 21.65
CA ARG H 61 -9.92 -38.69 20.21
C ARG H 61 -10.12 -37.42 19.38
N LYS H 62 -10.48 -36.34 20.07
CA LYS H 62 -10.56 -35.01 19.49
C LYS H 62 -9.19 -34.54 19.03
N LYS H 63 -8.16 -35.32 19.35
CA LYS H 63 -6.79 -34.92 19.07
C LYS H 63 -6.67 -34.36 17.66
N LEU H 64 -6.79 -35.22 16.66
CA LEU H 64 -6.71 -34.78 15.27
C LEU H 64 -5.52 -33.83 15.12
N GLU H 65 -4.40 -34.21 15.71
CA GLU H 65 -3.28 -33.29 15.94
C GLU H 65 -2.22 -33.25 14.84
N GLY H 66 -2.45 -33.95 13.73
CA GLY H 66 -1.51 -33.97 12.63
C GLY H 66 -1.39 -32.61 11.95
N GLY H 67 -2.12 -31.62 12.47
CA GLY H 67 -2.12 -30.28 11.92
C GLY H 67 -0.98 -29.40 12.43
N PRO H 68 -1.21 -28.07 12.47
CA PRO H 68 -0.19 -27.07 12.84
C PRO H 68 0.33 -27.20 14.29
N PHE H 69 -0.41 -27.89 15.14
CA PHE H 69 -0.16 -27.94 16.58
C PHE H 69 1.10 -28.70 16.99
N PHE H 70 1.40 -29.81 16.30
CA PHE H 70 2.47 -30.71 16.72
C PHE H 70 3.88 -30.09 16.62
N ASP H 71 3.97 -28.92 15.98
CA ASP H 71 5.23 -28.21 15.85
C ASP H 71 5.72 -27.59 17.16
N LEU H 72 4.86 -26.78 17.78
CA LEU H 72 5.27 -25.94 18.91
C LEU H 72 5.12 -26.59 20.28
N LEU H 73 4.67 -27.85 20.30
CA LEU H 73 4.53 -28.63 21.55
C LEU H 73 5.74 -29.54 21.78
N LYS H 74 5.96 -30.49 20.88
CA LYS H 74 7.11 -31.39 20.98
C LYS H 74 8.41 -30.59 20.89
N SER H 75 8.31 -29.31 20.52
CA SER H 75 9.46 -28.41 20.43
C SER H 75 9.69 -27.54 21.69
N THR H 76 8.89 -27.77 22.74
CA THR H 76 8.82 -26.86 23.90
C THR H 76 10.02 -26.83 24.89
N GLN H 77 10.42 -28.01 25.36
CA GLN H 77 11.45 -28.11 26.41
C GLN H 77 10.93 -27.94 27.84
N GLU H 78 9.71 -27.42 28.01
CA GLU H 78 9.06 -27.49 29.32
C GLU H 78 7.70 -26.79 29.45
N ALA H 79 6.94 -27.20 30.47
CA ALA H 79 5.70 -26.54 30.86
C ALA H 79 5.72 -26.29 32.38
N ILE H 80 5.76 -25.03 32.78
CA ILE H 80 5.84 -24.67 34.20
C ILE H 80 4.50 -24.14 34.69
N VAL H 81 3.83 -24.88 35.56
CA VAL H 81 2.44 -24.60 35.87
C VAL H 81 2.25 -23.69 37.08
N LEU H 82 1.27 -22.81 36.96
CA LEU H 82 1.07 -21.72 37.91
C LEU H 82 -0.28 -21.01 37.74
N PRO H 83 -0.44 -19.88 38.45
CA PRO H 83 -1.49 -18.86 38.36
C PRO H 83 -1.44 -18.17 36.98
N PRO H 84 -2.18 -17.06 36.78
CA PRO H 84 -2.84 -16.72 35.51
C PRO H 84 -1.99 -16.94 34.27
N TRP H 85 -0.68 -16.81 34.36
CA TRP H 85 0.17 -17.24 33.26
C TRP H 85 1.00 -18.48 33.61
N VAL H 86 0.88 -19.52 32.79
CA VAL H 86 1.75 -20.71 32.87
C VAL H 86 2.76 -20.64 31.73
N ALA H 87 4.02 -20.94 32.03
CA ALA H 87 5.10 -20.74 31.05
C ALA H 87 5.57 -22.01 30.34
N LEU H 88 5.67 -21.93 29.02
CA LEU H 88 6.25 -23.01 28.23
C LEU H 88 7.50 -22.50 27.49
N ALA H 89 8.38 -23.42 27.10
CA ALA H 89 9.57 -23.07 26.34
C ALA H 89 9.42 -23.52 24.87
N VAL H 90 10.02 -22.81 23.93
CA VAL H 90 10.12 -23.35 22.58
C VAL H 90 11.47 -23.11 21.88
N ARG H 91 12.08 -24.21 21.45
CA ARG H 91 13.39 -24.17 20.82
C ARG H 91 13.23 -24.61 19.37
N PRO H 92 13.26 -23.65 18.45
CA PRO H 92 13.06 -23.88 17.02
C PRO H 92 14.19 -24.69 16.41
N ARG H 93 15.40 -24.34 16.79
CA ARG H 93 16.63 -24.92 16.28
C ARG H 93 17.61 -24.95 17.44
N PRO H 94 18.51 -25.94 17.47
CA PRO H 94 19.49 -25.96 18.55
C PRO H 94 20.20 -24.62 18.60
N GLY H 95 20.27 -24.03 19.79
CA GLY H 95 20.93 -22.75 19.96
C GLY H 95 20.06 -21.52 19.74
N VAL H 96 18.93 -21.69 19.05
CA VAL H 96 18.01 -20.59 18.83
C VAL H 96 16.89 -20.67 19.85
N TRP H 97 16.73 -19.62 20.65
CA TRP H 97 15.79 -19.67 21.78
C TRP H 97 14.67 -18.61 21.80
N GLU H 98 13.43 -19.10 21.84
CA GLU H 98 12.25 -18.29 22.14
C GLU H 98 11.23 -19.08 22.99
N TYR H 99 10.76 -18.44 24.07
CA TYR H 99 9.92 -19.11 25.09
C TYR H 99 8.66 -18.31 25.45
N LEU H 100 7.55 -19.02 25.68
CA LEU H 100 6.25 -18.37 25.93
C LEU H 100 5.66 -18.64 27.32
N ARG H 101 4.85 -17.70 27.81
CA ARG H 101 4.03 -17.91 29.01
C ARG H 101 2.62 -17.39 28.75
N VAL H 102 1.63 -18.27 28.81
CA VAL H 102 0.26 -17.90 28.43
C VAL H 102 -0.80 -18.50 29.36
N ASN H 103 -2.04 -18.02 29.25
CA ASN H 103 -3.13 -18.45 30.12
C ASN H 103 -3.76 -19.81 29.76
N LEU H 104 -4.11 -20.59 30.80
CA LEU H 104 -4.62 -21.95 30.64
C LEU H 104 -5.85 -22.02 29.76
N HIS H 105 -6.71 -21.01 29.90
CA HIS H 105 -7.98 -20.97 29.19
C HIS H 105 -8.02 -19.95 28.05
N ALA H 106 -8.06 -18.66 28.39
CA ALA H 106 -8.30 -17.61 27.41
C ALA H 106 -7.24 -16.48 27.36
N LEU H 107 -6.65 -16.32 26.18
CA LEU H 107 -5.72 -15.23 25.88
C LEU H 107 -4.55 -15.04 26.84
N VAL H 108 -4.25 -13.78 27.13
CA VAL H 108 -3.09 -13.41 27.96
C VAL H 108 -1.79 -14.10 27.53
N VAL H 109 -1.56 -14.20 26.22
CA VAL H 109 -0.41 -14.91 25.68
C VAL H 109 0.69 -13.96 25.19
N GLU H 110 1.80 -13.90 25.93
CA GLU H 110 2.93 -13.04 25.56
C GLU H 110 4.27 -13.74 25.71
N GLU H 111 5.00 -13.89 24.60
CA GLU H 111 6.35 -14.46 24.65
C GLU H 111 7.31 -13.45 25.24
N LEU H 112 8.44 -13.93 25.76
CA LEU H 112 9.26 -13.10 26.65
C LEU H 112 10.75 -13.02 26.30
N GLN H 113 11.42 -12.02 26.88
CA GLN H 113 12.86 -11.84 26.77
C GLN H 113 13.60 -12.71 27.80
N PRO H 114 14.92 -12.90 27.63
CA PRO H 114 15.58 -13.90 28.48
C PRO H 114 15.47 -13.57 29.97
N ALA H 115 15.79 -12.34 30.35
CA ALA H 115 15.79 -11.98 31.75
C ALA H 115 14.36 -11.97 32.28
N GLU H 116 13.40 -11.64 31.42
CA GLU H 116 12.00 -11.57 31.79
C GLU H 116 11.32 -12.94 31.86
N PHE H 117 11.86 -13.92 31.13
CA PHE H 117 11.32 -15.27 31.20
C PHE H 117 11.80 -15.99 32.44
N LEU H 118 12.98 -15.62 32.92
CA LEU H 118 13.53 -16.18 34.15
C LEU H 118 12.81 -15.59 35.35
N HIS H 119 12.49 -14.29 35.24
CA HIS H 119 11.68 -13.59 36.23
C HIS H 119 10.45 -14.41 36.52
N PHE H 120 9.84 -14.93 35.46
CA PHE H 120 8.66 -15.78 35.54
C PHE H 120 8.94 -17.04 36.37
N LYS H 121 10.07 -17.69 36.09
CA LYS H 121 10.44 -18.93 36.77
C LYS H 121 10.66 -18.72 38.26
N GLU H 122 11.06 -17.52 38.64
CA GLU H 122 11.39 -17.26 40.03
C GLU H 122 10.17 -17.09 40.91
N GLU H 123 9.09 -16.55 40.35
CA GLU H 123 7.86 -16.37 41.11
C GLU H 123 7.18 -17.70 41.41
N LEU H 124 7.63 -18.76 40.73
CA LEU H 124 7.05 -20.08 40.93
C LEU H 124 7.56 -20.71 42.23
N VAL H 125 8.67 -20.17 42.75
CA VAL H 125 9.29 -20.75 43.94
C VAL H 125 9.33 -19.76 45.11
N ASP H 126 10.06 -18.68 44.92
CA ASP H 126 10.13 -17.63 45.93
C ASP H 126 8.73 -17.12 46.25
N GLY H 127 7.95 -16.91 45.20
CA GLY H 127 6.62 -16.31 45.29
C GLY H 127 6.65 -14.85 44.85
N VAL H 128 7.84 -14.26 44.88
CA VAL H 128 8.02 -12.88 44.46
C VAL H 128 9.14 -12.81 43.43
N LYS H 129 9.22 -11.67 42.73
CA LYS H 129 10.32 -11.44 41.81
C LYS H 129 11.59 -11.36 42.63
N ASN H 130 12.74 -11.54 42.01
CA ASN H 130 13.98 -11.68 42.76
C ASN H 130 14.65 -10.37 43.15
N GLY H 131 14.76 -10.10 44.46
CA GLY H 131 15.90 -9.35 44.94
C GLY H 131 16.09 -8.02 44.25
N ASN H 132 15.15 -7.09 44.34
CA ASN H 132 14.90 -6.16 43.23
C ASN H 132 16.19 -5.71 42.57
N PHE H 133 17.26 -5.49 43.34
CA PHE H 133 18.55 -5.47 42.67
C PHE H 133 19.23 -6.82 42.90
N THR H 134 19.25 -7.62 41.82
CA THR H 134 19.64 -9.03 41.87
C THR H 134 20.70 -9.30 40.83
N LEU H 135 21.75 -9.99 41.27
CA LEU H 135 22.83 -10.29 40.36
C LEU H 135 22.25 -10.99 39.15
N GLU H 136 22.55 -10.44 37.96
CA GLU H 136 22.28 -11.11 36.71
C GLU H 136 23.63 -11.38 36.07
N LEU H 137 23.94 -12.64 35.83
CA LEU H 137 25.17 -12.99 35.13
C LEU H 137 24.93 -12.95 33.65
N ASP H 138 25.69 -12.11 32.95
CA ASP H 138 25.55 -12.01 31.51
C ASP H 138 26.93 -12.05 30.90
N PHE H 139 27.23 -13.11 30.16
CA PHE H 139 28.54 -13.20 29.53
C PHE H 139 28.58 -12.68 28.08
N GLU H 140 27.41 -12.41 27.50
CA GLU H 140 27.33 -12.11 26.08
C GLU H 140 28.15 -10.88 25.67
N PRO H 141 28.00 -9.78 26.41
CA PRO H 141 28.80 -8.58 26.13
C PRO H 141 30.31 -8.83 26.17
N PHE H 142 30.75 -9.84 26.90
CA PHE H 142 32.17 -10.16 26.98
C PHE H 142 32.58 -11.09 25.83
N ASN H 143 31.57 -11.66 25.17
CA ASN H 143 31.76 -12.56 24.04
C ASN H 143 31.65 -11.94 22.65
N ALA H 144 31.44 -10.63 22.59
CA ALA H 144 31.42 -9.89 21.33
C ALA H 144 32.81 -9.96 20.71
N SER H 145 33.71 -10.59 21.46
CA SER H 145 35.13 -10.69 21.14
C SER H 145 35.38 -11.03 19.68
N ILE H 146 35.04 -12.25 19.29
CA ILE H 146 35.10 -12.64 17.89
C ILE H 146 33.67 -12.63 17.35
N PRO H 147 33.50 -12.91 16.06
CA PRO H 147 32.11 -13.10 15.62
C PRO H 147 31.63 -14.47 16.06
N ARG H 148 30.36 -14.79 15.79
CA ARG H 148 29.85 -16.08 16.19
C ARG H 148 29.27 -16.77 14.99
N PRO H 149 29.50 -18.07 14.88
CA PRO H 149 28.86 -18.84 13.81
C PRO H 149 27.37 -18.94 14.07
N THR H 150 26.55 -18.84 13.04
CA THR H 150 25.14 -19.18 13.15
C THR H 150 24.83 -20.59 12.64
N LEU H 151 25.84 -21.25 12.08
CA LEU H 151 25.63 -22.53 11.37
C LEU H 151 25.83 -23.78 12.25
N HIS H 152 24.86 -24.68 12.18
CA HIS H 152 24.90 -25.95 12.92
C HIS H 152 26.25 -26.66 12.78
N LYS H 153 26.81 -26.64 11.58
CA LYS H 153 28.04 -27.37 11.29
C LYS H 153 29.20 -26.95 12.17
N TYR H 154 29.13 -25.75 12.74
CA TYR H 154 30.24 -25.25 13.53
C TYR H 154 30.13 -25.55 15.03
N ILE H 155 28.99 -26.11 15.44
CA ILE H 155 28.79 -26.40 16.84
C ILE H 155 29.70 -27.55 17.21
N GLY H 156 30.56 -27.34 18.22
CA GLY H 156 31.55 -28.31 18.60
C GLY H 156 32.66 -28.42 17.58
N ASN H 157 32.56 -27.63 16.52
CA ASN H 157 33.63 -27.47 15.54
C ASN H 157 34.57 -26.27 15.63
N GLY H 158 34.48 -25.53 16.73
CA GLY H 158 35.02 -24.18 16.82
C GLY H 158 36.42 -23.87 16.35
N VAL H 159 37.34 -24.82 16.45
CA VAL H 159 38.69 -24.53 15.95
C VAL H 159 38.66 -24.29 14.44
N ASP H 160 37.77 -24.99 13.73
CA ASP H 160 37.64 -24.79 12.28
C ASP H 160 37.26 -23.35 11.96
N PHE H 161 36.31 -22.83 12.73
CA PHE H 161 35.88 -21.44 12.58
C PHE H 161 36.98 -20.48 12.99
N LEU H 162 37.58 -20.72 14.16
CA LEU H 162 38.66 -19.87 14.66
C LEU H 162 39.82 -19.82 13.67
N ASN H 163 40.02 -20.90 12.91
CA ASN H 163 41.06 -20.93 11.90
C ASN H 163 40.78 -20.01 10.73
N ARG H 164 39.51 -19.93 10.33
CA ARG H 164 39.13 -19.09 9.20
C ARG H 164 39.08 -17.62 9.59
N HIS H 165 38.65 -17.35 10.83
CA HIS H 165 38.75 -16.00 11.37
C HIS H 165 40.19 -15.52 11.40
N LEU H 166 41.08 -16.28 12.06
CA LEU H 166 42.49 -15.92 12.14
C LEU H 166 43.14 -15.77 10.77
N SER H 167 42.87 -16.76 9.91
CA SER H 167 43.37 -16.79 8.54
C SER H 167 43.04 -15.49 7.80
N ALA H 168 41.84 -14.97 8.01
CA ALA H 168 41.45 -13.68 7.43
C ALA H 168 42.12 -12.50 8.12
N LYS H 169 42.03 -12.46 9.44
CA LYS H 169 42.66 -11.39 10.23
C LYS H 169 44.13 -11.30 9.87
N LEU H 170 44.73 -12.45 9.57
CA LEU H 170 46.15 -12.52 9.30
C LEU H 170 46.51 -12.08 7.88
N PHE H 171 45.51 -11.88 7.03
CA PHE H 171 45.83 -11.64 5.62
C PHE H 171 46.30 -10.21 5.39
N HIS H 172 47.55 -10.13 4.95
CA HIS H 172 48.26 -8.88 4.68
C HIS H 172 47.93 -7.83 5.75
N ASP H 173 48.27 -8.15 6.98
CA ASP H 173 48.17 -7.22 8.08
C ASP H 173 49.47 -7.35 8.84
N LYS H 174 50.28 -6.30 8.84
CA LYS H 174 51.53 -6.36 9.56
C LYS H 174 51.15 -6.41 11.03
N GLU H 175 50.31 -5.48 11.45
CA GLU H 175 49.84 -5.43 12.83
C GLU H 175 49.31 -6.78 13.29
N SER H 176 48.67 -7.51 12.38
CA SER H 176 48.11 -8.83 12.71
C SER H 176 49.13 -9.97 12.69
N LEU H 177 50.14 -9.85 11.83
CA LEU H 177 51.17 -10.88 11.68
C LEU H 177 52.27 -10.79 12.74
N LEU H 178 52.35 -9.66 13.44
CA LEU H 178 53.41 -9.42 14.43
C LEU H 178 53.39 -10.40 15.60
N PRO H 179 52.20 -10.61 16.19
CA PRO H 179 51.98 -11.58 17.26
C PRO H 179 52.52 -12.99 16.94
N LEU H 180 52.38 -13.41 15.70
CA LEU H 180 52.89 -14.72 15.28
C LEU H 180 54.42 -14.75 15.26
N LEU H 181 55.01 -13.57 15.05
CA LEU H 181 56.47 -13.43 15.08
C LEU H 181 56.96 -13.44 16.51
N LYS H 182 56.27 -12.67 17.36
CA LYS H 182 56.59 -12.64 18.78
C LYS H 182 56.41 -14.04 19.36
N PHE H 183 55.28 -14.66 19.04
CA PHE H 183 54.98 -15.98 19.55
C PHE H 183 56.17 -16.91 19.32
N LEU H 184 56.62 -16.98 18.08
CA LEU H 184 57.72 -17.87 17.72
C LEU H 184 59.05 -17.41 18.28
N ARG H 185 59.17 -16.10 18.54
CA ARG H 185 60.42 -15.49 19.00
C ARG H 185 60.66 -15.79 20.48
N LEU H 186 59.64 -15.60 21.29
CA LEU H 186 59.74 -15.86 22.72
C LEU H 186 59.75 -17.34 23.01
N HIS H 187 59.12 -18.12 22.14
CA HIS H 187 58.89 -19.54 22.41
C HIS H 187 60.19 -20.27 22.75
N SER H 188 60.17 -20.92 23.91
CA SER H 188 61.34 -21.62 24.40
C SER H 188 60.90 -22.68 25.40
N HIS H 189 61.77 -23.63 25.70
CA HIS H 189 61.46 -24.60 26.73
C HIS H 189 62.68 -25.00 27.57
N GLN H 190 62.53 -24.98 28.88
CA GLN H 190 63.59 -25.43 29.78
C GLN H 190 64.88 -24.64 29.54
N GLY H 191 64.73 -23.40 29.09
CA GLY H 191 65.88 -22.52 28.89
C GLY H 191 66.60 -22.71 27.57
N LYS H 192 66.08 -23.58 26.70
CA LYS H 192 66.58 -23.68 25.33
C LYS H 192 65.66 -22.90 24.38
N ASN H 193 66.26 -22.22 23.40
CA ASN H 193 65.49 -21.45 22.44
C ASN H 193 64.99 -22.28 21.27
N LEU H 194 63.77 -22.00 20.84
CA LEU H 194 63.12 -22.75 19.76
C LEU H 194 62.64 -21.80 18.65
N MET H 195 62.39 -22.36 17.47
CA MET H 195 61.89 -21.56 16.35
C MET H 195 62.82 -20.40 16.02
N LEU H 196 62.38 -19.16 16.24
CA LEU H 196 63.22 -17.99 15.99
C LEU H 196 64.04 -17.55 17.20
N SER H 197 65.29 -17.16 16.96
CA SER H 197 66.15 -16.59 18.01
C SER H 197 65.85 -15.10 18.21
N GLU H 198 66.69 -14.43 18.98
CA GLU H 198 66.47 -13.00 19.23
C GLU H 198 66.91 -12.09 18.07
N LYS H 199 67.61 -12.69 17.10
CA LYS H 199 68.10 -11.96 15.94
C LYS H 199 66.99 -11.39 15.04
N ILE H 200 65.83 -12.03 15.00
CA ILE H 200 64.80 -11.58 14.07
C ILE H 200 63.88 -10.59 14.79
N GLN H 201 64.01 -9.31 14.47
CA GLN H 201 63.20 -8.29 15.12
C GLN H 201 61.97 -7.79 14.36
N ASN H 202 61.79 -8.23 13.11
CA ASN H 202 60.70 -7.72 12.26
C ASN H 202 60.31 -8.65 11.11
N LEU H 203 59.10 -8.46 10.61
CA LEU H 203 58.58 -9.34 9.57
C LEU H 203 59.51 -9.41 8.36
N ASN H 204 60.25 -8.31 8.13
CA ASN H 204 61.15 -8.23 6.98
C ASN H 204 62.33 -9.18 7.14
N THR H 205 63.00 -9.08 8.29
CA THR H 205 64.13 -9.93 8.60
C THR H 205 63.70 -11.40 8.55
N LEU H 206 62.54 -11.68 9.12
CA LEU H 206 61.98 -13.03 9.11
C LEU H 206 61.78 -13.50 7.68
N GLN H 207 61.04 -12.71 6.91
CA GLN H 207 60.74 -13.01 5.53
C GLN H 207 62.04 -13.37 4.79
N HIS H 208 63.06 -12.54 4.97
CA HIS H 208 64.34 -12.73 4.30
C HIS H 208 65.04 -14.02 4.77
N THR H 209 65.01 -14.27 6.07
CA THR H 209 65.65 -15.44 6.65
C THR H 209 65.00 -16.74 6.18
N LEU H 210 63.68 -16.82 6.31
CA LEU H 210 62.93 -18.01 5.91
C LEU H 210 63.27 -18.35 4.47
N ARG H 211 63.48 -17.30 3.67
CA ARG H 211 63.77 -17.44 2.25
C ARG H 211 65.16 -18.04 2.03
N LYS H 212 66.17 -17.45 2.66
CA LYS H 212 67.53 -17.95 2.51
C LYS H 212 67.58 -19.38 3.01
N ALA H 213 66.78 -19.65 4.05
CA ALA H 213 66.70 -20.97 4.63
C ALA H 213 66.13 -21.96 3.62
N GLU H 214 64.98 -21.63 3.04
CA GLU H 214 64.35 -22.50 2.04
C GLU H 214 65.34 -22.85 0.94
N GLU H 215 66.00 -21.82 0.42
CA GLU H 215 66.96 -21.96 -0.66
C GLU H 215 68.00 -22.99 -0.24
N TYR H 216 68.64 -22.74 0.90
CA TYR H 216 69.67 -23.62 1.41
C TYR H 216 69.23 -25.10 1.44
N LEU H 217 68.06 -25.36 2.02
CA LEU H 217 67.61 -26.73 2.22
C LEU H 217 67.18 -27.40 0.93
N ALA H 218 66.70 -26.59 -0.02
CA ALA H 218 66.18 -27.10 -1.28
C ALA H 218 67.22 -28.00 -1.97
N GLU H 219 68.49 -27.68 -1.76
CA GLU H 219 69.57 -28.46 -2.34
C GLU H 219 69.91 -29.76 -1.60
N LEU H 220 69.94 -29.71 -0.27
CA LEU H 220 70.38 -30.83 0.54
C LEU H 220 69.47 -32.05 0.42
N LYS H 221 70.05 -33.23 0.62
CA LYS H 221 69.29 -34.48 0.58
C LYS H 221 68.17 -34.49 1.61
N SER H 222 67.02 -35.07 1.23
CA SER H 222 65.84 -35.07 2.08
C SER H 222 66.09 -35.58 3.49
N GLU H 223 66.89 -36.63 3.60
CA GLU H 223 67.10 -37.30 4.88
C GLU H 223 68.15 -36.63 5.74
N THR H 224 68.74 -35.55 5.24
CA THR H 224 69.82 -34.89 5.99
C THR H 224 69.32 -34.52 7.37
N LEU H 225 70.05 -34.98 8.38
CA LEU H 225 69.66 -34.73 9.77
C LEU H 225 69.96 -33.28 10.14
N TYR H 226 69.11 -32.70 10.98
CA TYR H 226 69.18 -31.27 11.34
C TYR H 226 70.57 -30.81 11.79
N GLU H 227 71.32 -31.68 12.46
CA GLU H 227 72.64 -31.28 12.98
C GLU H 227 73.54 -30.66 11.90
N GLU H 228 73.50 -31.21 10.69
CA GLU H 228 74.28 -30.70 9.58
C GLU H 228 74.12 -29.19 9.43
N PHE H 229 72.89 -28.76 9.15
CA PHE H 229 72.61 -27.35 8.89
C PHE H 229 72.36 -26.51 10.15
N GLU H 230 72.48 -27.13 11.32
CA GLU H 230 72.26 -26.44 12.58
C GLU H 230 73.10 -25.16 12.69
N ALA H 231 74.40 -25.31 12.49
CA ALA H 231 75.31 -24.17 12.55
C ALA H 231 74.83 -23.05 11.63
N LYS H 232 74.55 -23.42 10.39
CA LYS H 232 74.08 -22.46 9.40
C LYS H 232 72.82 -21.74 9.90
N PHE H 233 71.79 -22.51 10.24
CA PHE H 233 70.55 -21.93 10.71
C PHE H 233 70.80 -20.98 11.87
N GLU H 234 71.56 -21.43 12.85
CA GLU H 234 71.85 -20.62 14.03
C GLU H 234 72.31 -19.21 13.67
N GLU H 235 73.15 -19.11 12.64
CA GLU H 235 73.69 -17.82 12.21
C GLU H 235 72.60 -16.89 11.72
N ILE H 236 71.68 -17.44 10.94
CA ILE H 236 70.65 -16.64 10.29
C ILE H 236 69.44 -16.41 11.21
N GLY H 237 69.54 -16.92 12.44
CA GLY H 237 68.55 -16.65 13.46
C GLY H 237 67.54 -17.76 13.75
N LEU H 238 67.79 -18.96 13.22
CA LEU H 238 66.83 -20.06 13.41
C LEU H 238 67.24 -21.09 14.48
N GLU H 239 66.51 -21.09 15.59
CA GLU H 239 66.71 -22.07 16.64
C GLU H 239 65.98 -23.37 16.30
N ARG H 240 66.16 -24.39 17.14
CA ARG H 240 65.62 -25.72 16.88
C ARG H 240 64.09 -25.88 16.92
N GLY H 241 63.59 -26.97 16.36
CA GLY H 241 62.16 -27.26 16.36
C GLY H 241 61.38 -27.17 15.06
N TRP H 242 62.08 -26.92 13.95
CA TRP H 242 61.45 -26.97 12.64
C TRP H 242 61.28 -28.40 12.10
N GLY H 243 62.11 -29.33 12.60
CA GLY H 243 62.03 -30.71 12.17
C GLY H 243 63.29 -31.50 12.49
N ASP H 244 63.23 -32.82 12.29
CA ASP H 244 64.39 -33.68 12.51
C ASP H 244 65.36 -33.67 11.34
N ASN H 245 64.81 -33.72 10.13
CA ASN H 245 65.64 -33.65 8.93
C ASN H 245 65.24 -32.51 8.00
N ALA H 246 65.95 -32.39 6.89
CA ALA H 246 65.75 -31.28 5.96
C ALA H 246 64.39 -31.33 5.29
N GLU H 247 63.94 -32.54 4.96
CA GLU H 247 62.63 -32.69 4.34
C GLU H 247 61.56 -31.99 5.18
N ARG H 248 61.59 -32.24 6.48
CA ARG H 248 60.57 -31.72 7.39
C ARG H 248 60.76 -30.24 7.67
N VAL H 249 62.00 -29.79 7.75
CA VAL H 249 62.25 -28.39 8.04
C VAL H 249 61.81 -27.52 6.85
N LEU H 250 62.03 -28.04 5.65
CA LEU H 250 61.59 -27.36 4.44
C LEU H 250 60.08 -27.18 4.48
N ASP H 251 59.36 -28.28 4.67
CA ASP H 251 57.90 -28.23 4.73
C ASP H 251 57.38 -27.20 5.72
N MET H 252 58.03 -27.09 6.88
CA MET H 252 57.56 -26.21 7.94
C MET H 252 57.91 -24.76 7.67
N ILE H 253 59.01 -24.53 6.97
CA ILE H 253 59.38 -23.18 6.62
C ILE H 253 58.46 -22.66 5.52
N ARG H 254 58.15 -23.53 4.56
CA ARG H 254 57.25 -23.17 3.47
C ARG H 254 55.85 -22.78 3.95
N LEU H 255 55.37 -23.47 4.99
CA LEU H 255 54.09 -23.13 5.59
C LEU H 255 54.14 -21.72 6.14
N LEU H 256 55.23 -21.40 6.82
CA LEU H 256 55.32 -20.10 7.45
C LEU H 256 55.40 -19.00 6.39
N LEU H 257 56.24 -19.22 5.38
CA LEU H 257 56.34 -18.27 4.27
C LEU H 257 54.96 -18.10 3.66
N ASP H 258 54.22 -19.20 3.59
CA ASP H 258 52.84 -19.20 3.10
C ASP H 258 51.90 -18.40 4.00
N LEU H 259 52.06 -18.50 5.30
CA LEU H 259 51.23 -17.74 6.22
C LEU H 259 51.53 -16.26 6.12
N LEU H 260 52.79 -15.93 5.89
CA LEU H 260 53.21 -14.53 5.82
C LEU H 260 52.62 -13.82 4.61
N GLU H 261 52.49 -14.58 3.52
CA GLU H 261 52.06 -14.05 2.23
C GLU H 261 50.54 -14.15 2.01
N ALA H 262 50.05 -15.39 1.96
CA ALA H 262 48.65 -15.67 1.74
C ALA H 262 48.13 -16.77 2.69
N PRO H 263 47.74 -16.38 3.90
CA PRO H 263 47.22 -17.33 4.90
C PRO H 263 45.91 -17.99 4.48
N ASP H 264 45.77 -19.29 4.78
CA ASP H 264 44.50 -19.99 4.65
C ASP H 264 44.37 -20.94 5.84
N PRO H 265 43.16 -21.42 6.13
CA PRO H 265 42.97 -22.19 7.36
C PRO H 265 43.81 -23.46 7.42
N CYS H 266 43.90 -24.21 6.32
CA CYS H 266 44.61 -25.48 6.32
C CYS H 266 46.08 -25.27 6.68
N THR H 267 46.67 -24.22 6.12
CA THR H 267 48.06 -23.91 6.43
C THR H 267 48.20 -23.51 7.90
N LEU H 268 47.43 -22.52 8.31
CA LEU H 268 47.48 -22.01 9.68
C LEU H 268 47.36 -23.13 10.72
N GLU H 269 46.37 -24.00 10.55
CA GLU H 269 46.16 -25.06 11.52
C GLU H 269 47.34 -26.04 11.52
N THR H 270 47.80 -26.39 10.34
CA THR H 270 48.90 -27.33 10.21
C THR H 270 50.17 -26.80 10.89
N PHE H 271 50.48 -25.53 10.69
CA PHE H 271 51.67 -24.96 11.28
C PHE H 271 51.56 -24.87 12.80
N LEU H 272 50.47 -24.28 13.29
CA LEU H 272 50.33 -24.09 14.73
C LEU H 272 50.30 -25.41 15.45
N GLY H 273 49.64 -26.39 14.84
CA GLY H 273 49.58 -27.71 15.43
C GLY H 273 50.95 -28.31 15.45
N ARG H 274 51.75 -28.00 14.44
CA ARG H 274 53.06 -28.64 14.27
C ARG H 274 54.17 -28.03 15.13
N VAL H 275 54.04 -26.76 15.46
CA VAL H 275 55.02 -26.10 16.33
C VAL H 275 55.11 -26.85 17.66
N PRO H 276 56.30 -27.33 18.01
CA PRO H 276 56.39 -28.05 19.30
C PRO H 276 56.08 -27.13 20.47
N MET H 277 55.09 -27.52 21.25
CA MET H 277 54.54 -26.69 22.31
C MET H 277 54.40 -27.45 23.61
N VAL H 278 53.61 -28.51 23.54
CA VAL H 278 53.15 -29.22 24.72
C VAL H 278 54.11 -30.34 25.12
N PHE H 279 54.78 -30.12 26.24
CA PHE H 279 55.78 -31.03 26.81
C PHE H 279 55.35 -31.43 28.22
N ASN H 280 55.25 -30.42 29.11
CA ASN H 280 54.66 -30.61 30.45
C ASN H 280 53.14 -30.45 30.44
N VAL H 281 52.43 -31.48 30.90
CA VAL H 281 50.97 -31.43 30.95
C VAL H 281 50.44 -31.69 32.36
N VAL H 282 49.56 -30.81 32.85
CA VAL H 282 48.95 -30.96 34.16
C VAL H 282 47.45 -31.22 34.05
N ILE H 283 46.99 -32.34 34.62
CA ILE H 283 45.58 -32.74 34.55
C ILE H 283 44.95 -32.76 35.96
N LEU H 284 43.80 -32.12 36.11
CA LEU H 284 43.17 -31.99 37.43
C LEU H 284 41.95 -32.88 37.55
N SER H 285 41.99 -33.79 38.52
CA SER H 285 40.87 -34.63 38.90
C SER H 285 40.87 -34.89 40.41
N PRO H 286 40.48 -33.90 41.23
CA PRO H 286 40.58 -34.02 42.70
C PRO H 286 39.74 -35.12 43.41
N HIS H 287 38.47 -35.30 43.03
CA HIS H 287 37.54 -36.14 43.79
C HIS H 287 37.65 -37.65 43.54
N GLY H 288 36.84 -38.43 44.24
CA GLY H 288 36.83 -39.88 44.10
C GLY H 288 38.09 -40.51 44.67
N TYR H 289 38.22 -41.83 44.50
CA TYR H 289 39.49 -42.48 44.80
C TYR H 289 40.15 -42.71 43.45
N PHE H 290 41.17 -41.92 43.14
CA PHE H 290 41.74 -42.02 41.81
C PHE H 290 42.92 -42.97 41.87
N ALA H 291 42.76 -44.15 41.26
CA ALA H 291 43.76 -45.20 41.30
C ALA H 291 43.62 -46.18 40.15
N GLN H 292 44.66 -46.97 39.95
CA GLN H 292 44.69 -47.92 38.85
C GLN H 292 44.14 -49.30 39.23
N ASP H 293 43.88 -49.53 40.51
CA ASP H 293 43.35 -50.81 41.00
C ASP H 293 42.51 -50.61 42.27
N ASN H 294 41.62 -51.57 42.53
CA ASN H 294 40.84 -51.62 43.78
C ASN H 294 39.97 -50.38 44.04
N VAL H 295 39.53 -49.73 42.96
CA VAL H 295 38.85 -48.45 43.05
C VAL H 295 37.52 -48.40 42.31
N LEU H 296 37.54 -48.68 41.01
CA LEU H 296 36.37 -48.45 40.18
C LEU H 296 35.08 -49.04 40.76
N GLY H 297 34.06 -48.20 40.85
CA GLY H 297 32.78 -48.59 41.41
C GLY H 297 32.56 -47.99 42.77
N TYR H 298 33.61 -47.48 43.40
CA TYR H 298 33.47 -46.78 44.66
C TYR H 298 32.64 -45.53 44.41
N PRO H 299 32.10 -44.93 45.49
CA PRO H 299 31.45 -43.63 45.27
C PRO H 299 32.37 -42.67 44.48
N ASP H 300 31.82 -41.94 43.52
CA ASP H 300 32.56 -40.88 42.85
C ASP H 300 33.69 -41.40 41.97
N THR H 301 33.86 -42.71 41.95
CA THR H 301 34.99 -43.30 41.22
C THR H 301 34.51 -44.18 40.07
N GLY H 302 34.86 -43.78 38.84
CA GLY H 302 34.12 -44.19 37.66
C GLY H 302 34.79 -43.78 36.37
N GLY H 303 33.99 -43.70 35.31
CA GLY H 303 34.46 -43.43 33.95
C GLY H 303 35.43 -42.25 33.80
N GLN H 304 35.32 -41.26 34.67
CA GLN H 304 36.25 -40.16 34.65
C GLN H 304 37.72 -40.58 34.90
N VAL H 305 37.91 -41.57 35.76
CA VAL H 305 39.23 -42.06 36.08
C VAL H 305 39.76 -42.88 34.91
N VAL H 306 38.85 -43.62 34.29
CA VAL H 306 39.19 -44.46 33.16
C VAL H 306 39.59 -43.61 31.95
N TYR H 307 38.77 -42.60 31.68
CA TYR H 307 39.01 -41.62 30.62
C TYR H 307 40.44 -41.05 30.68
N ILE H 308 40.84 -40.62 31.87
CA ILE H 308 42.13 -39.96 32.07
C ILE H 308 43.32 -40.90 31.96
N LEU H 309 43.19 -42.10 32.51
CA LEU H 309 44.25 -43.10 32.36
C LEU H 309 44.48 -43.46 30.89
N ASP H 310 43.40 -43.66 30.13
CA ASP H 310 43.51 -43.89 28.69
C ASP H 310 44.06 -42.64 27.97
N GLN H 311 43.54 -41.48 28.36
CA GLN H 311 43.94 -40.21 27.79
C GLN H 311 45.44 -39.99 27.94
N VAL H 312 45.96 -39.99 29.17
CA VAL H 312 47.37 -39.70 29.35
C VAL H 312 48.23 -40.68 28.55
N ARG H 313 47.81 -41.93 28.46
CA ARG H 313 48.60 -42.91 27.72
C ARG H 313 48.72 -42.57 26.23
N ALA H 314 47.57 -42.34 25.58
CA ALA H 314 47.57 -41.95 24.17
C ALA H 314 48.34 -40.64 23.98
N LEU H 315 48.17 -39.72 24.93
CA LEU H 315 48.76 -38.40 24.86
C LEU H 315 50.29 -38.46 24.92
N GLU H 316 50.80 -39.28 25.83
CA GLU H 316 52.25 -39.43 25.97
C GLU H 316 52.89 -39.97 24.69
N ILE H 317 52.21 -40.93 24.07
CA ILE H 317 52.68 -41.51 22.81
C ILE H 317 52.79 -40.47 21.70
N GLU H 318 51.80 -39.60 21.61
CA GLU H 318 51.76 -38.53 20.61
C GLU H 318 52.79 -37.44 20.90
N MET H 319 52.89 -37.05 22.17
CA MET H 319 53.89 -36.06 22.55
C MET H 319 55.29 -36.51 22.16
N LEU H 320 55.65 -37.73 22.53
CA LEU H 320 56.98 -38.23 22.26
C LEU H 320 57.25 -38.22 20.76
N GLN H 321 56.22 -38.58 20.01
CA GLN H 321 56.29 -38.67 18.55
C GLN H 321 56.54 -37.30 17.92
N ARG H 322 55.73 -36.32 18.32
CA ARG H 322 55.89 -34.95 17.86
C ARG H 322 57.25 -34.39 18.27
N ILE H 323 57.61 -34.57 19.54
CA ILE H 323 58.88 -34.09 20.05
C ILE H 323 60.04 -34.54 19.16
N LYS H 324 60.00 -35.80 18.74
CA LYS H 324 61.05 -36.38 17.91
C LYS H 324 61.06 -35.83 16.48
N GLN H 325 59.89 -35.81 15.83
CA GLN H 325 59.76 -35.30 14.47
C GLN H 325 60.29 -33.88 14.33
N GLN H 326 60.34 -33.13 15.42
CA GLN H 326 60.74 -31.74 15.37
C GLN H 326 62.23 -31.52 15.67
N GLY H 327 62.95 -32.60 15.88
CA GLY H 327 64.37 -32.53 16.14
C GLY H 327 64.69 -32.22 17.59
N LEU H 328 63.77 -32.58 18.48
CA LEU H 328 63.91 -32.27 19.89
C LEU H 328 64.15 -33.51 20.76
N ASN H 329 65.02 -33.37 21.76
CA ASN H 329 65.23 -34.39 22.77
C ASN H 329 64.52 -34.27 24.13
N ILE H 330 63.70 -33.25 24.28
CA ILE H 330 63.00 -32.98 25.54
C ILE H 330 62.25 -34.20 26.10
N LYS H 331 62.37 -34.40 27.41
CA LYS H 331 61.64 -35.43 28.12
C LYS H 331 60.29 -34.89 28.64
N PRO H 332 59.17 -35.48 28.17
CA PRO H 332 57.84 -35.00 28.55
C PRO H 332 57.49 -35.42 29.98
N ARG H 333 56.54 -34.74 30.60
CA ARG H 333 55.94 -35.21 31.84
C ARG H 333 54.42 -34.91 31.89
N ILE H 334 53.60 -35.93 32.16
CA ILE H 334 52.17 -35.68 32.38
C ILE H 334 51.77 -36.03 33.81
N LEU H 335 51.24 -35.03 34.51
CA LEU H 335 50.86 -35.19 35.91
C LEU H 335 49.35 -35.15 36.09
N ILE H 336 48.77 -36.23 36.61
CA ILE H 336 47.38 -36.23 37.04
C ILE H 336 47.36 -35.85 38.51
N LEU H 337 46.81 -34.68 38.81
CA LEU H 337 46.72 -34.15 40.18
C LEU H 337 45.42 -34.62 40.81
N THR H 338 45.50 -35.32 41.93
CA THR H 338 44.29 -35.68 42.64
C THR H 338 44.53 -35.56 44.13
N ARG H 339 43.50 -35.84 44.92
CA ARG H 339 43.63 -35.74 46.36
C ARG H 339 44.33 -36.97 46.92
N LEU H 340 45.09 -36.75 47.99
CA LEU H 340 45.72 -37.85 48.69
C LEU H 340 44.80 -38.25 49.83
N LEU H 341 44.37 -39.51 49.84
CA LEU H 341 43.52 -40.04 50.89
C LEU H 341 44.36 -41.01 51.73
N PRO H 342 44.73 -40.60 52.94
CA PRO H 342 45.65 -41.35 53.78
C PRO H 342 45.05 -42.63 54.37
N ASP H 343 43.73 -42.62 54.57
CA ASP H 343 43.03 -43.72 55.23
C ASP H 343 42.37 -44.73 54.29
N ALA H 344 42.57 -44.62 52.99
CA ALA H 344 41.87 -45.56 52.13
C ALA H 344 42.81 -46.73 51.98
N VAL H 345 42.41 -47.84 52.58
CA VAL H 345 43.24 -49.02 52.62
C VAL H 345 42.82 -49.91 51.48
N GLY H 346 43.78 -50.62 50.90
CA GLY H 346 43.49 -51.46 49.77
C GLY H 346 43.71 -50.70 48.50
N THR H 347 43.92 -49.39 48.61
CA THR H 347 44.26 -48.59 47.43
C THR H 347 45.69 -48.05 47.57
N THR H 348 46.15 -47.41 46.50
CA THR H 348 47.42 -46.69 46.45
C THR H 348 47.18 -45.19 46.69
N CYS H 349 45.93 -44.87 47.03
CA CYS H 349 45.47 -43.50 47.12
C CYS H 349 46.21 -42.66 48.16
N GLY H 350 47.02 -43.30 48.97
CA GLY H 350 47.68 -42.58 50.05
C GLY H 350 49.13 -42.26 49.75
N GLU H 351 49.57 -42.63 48.56
CA GLU H 351 50.94 -42.31 48.16
C GLU H 351 50.96 -41.10 47.23
N ARG H 352 51.91 -40.21 47.47
CA ARG H 352 52.03 -38.97 46.74
C ARG H 352 52.18 -39.17 45.23
N LEU H 353 53.01 -40.13 44.84
CA LEU H 353 53.37 -40.24 43.44
C LEU H 353 53.28 -41.67 42.90
N GLU H 354 52.57 -41.85 41.80
CA GLU H 354 52.39 -43.18 41.26
C GLU H 354 52.55 -43.22 39.74
N ARG H 355 53.46 -44.07 39.27
CA ARG H 355 53.63 -44.29 37.83
C ARG H 355 52.41 -45.00 37.20
N VAL H 356 51.89 -44.43 36.12
CA VAL H 356 50.74 -44.97 35.40
C VAL H 356 51.19 -46.15 34.55
N TYR H 357 50.50 -47.28 34.67
CA TYR H 357 50.92 -48.48 33.99
C TYR H 357 51.01 -48.29 32.49
N ASP H 358 52.03 -48.90 31.90
CA ASP H 358 52.22 -48.84 30.46
C ASP H 358 52.61 -47.46 29.92
N SER H 359 53.35 -46.70 30.71
CA SER H 359 53.82 -45.40 30.28
C SER H 359 55.15 -45.08 30.96
N GLU H 360 56.06 -44.42 30.25
CA GLU H 360 57.27 -43.95 30.90
C GLU H 360 57.12 -42.61 31.62
N TYR H 361 56.42 -41.69 30.99
CA TYR H 361 56.31 -40.32 31.53
C TYR H 361 55.06 -39.83 32.29
N CYS H 362 54.03 -40.65 32.46
CA CYS H 362 52.81 -40.21 33.15
C CYS H 362 52.75 -40.61 34.63
N ASP H 363 52.63 -39.63 35.53
CA ASP H 363 52.52 -39.92 36.96
C ASP H 363 51.27 -39.30 37.59
N ILE H 364 50.63 -40.05 38.48
CA ILE H 364 49.60 -39.47 39.34
C ILE H 364 50.30 -38.73 40.47
N LEU H 365 49.91 -37.49 40.72
CA LEU H 365 50.48 -36.73 41.82
C LEU H 365 49.39 -36.42 42.80
N ARG H 366 49.52 -36.98 43.99
CA ARG H 366 48.47 -36.83 45.00
C ARG H 366 48.84 -35.79 46.04
N VAL H 367 47.93 -34.85 46.27
CA VAL H 367 48.12 -33.79 47.25
C VAL H 367 46.95 -33.81 48.23
N PRO H 368 47.24 -33.59 49.52
CA PRO H 368 46.18 -33.62 50.53
C PRO H 368 45.30 -32.37 50.57
N PHE H 369 44.01 -32.56 50.88
CA PHE H 369 43.17 -31.46 51.35
C PHE H 369 43.71 -31.04 52.71
N ARG H 370 43.53 -29.78 53.09
CA ARG H 370 43.90 -29.36 54.43
C ARG H 370 43.18 -28.10 54.89
N THR H 371 43.16 -27.86 56.20
CA THR H 371 42.72 -26.59 56.78
C THR H 371 43.80 -26.07 57.73
N GLU H 372 43.47 -25.01 58.45
CA GLU H 372 44.37 -24.47 59.46
C GLU H 372 44.80 -25.56 60.43
N LYS H 373 43.86 -26.45 60.75
CA LYS H 373 44.05 -27.52 61.73
C LYS H 373 44.99 -28.64 61.26
N GLY H 374 45.42 -28.59 60.01
CA GLY H 374 46.20 -29.65 59.40
C GLY H 374 45.44 -30.47 58.34
N ILE H 375 46.13 -31.44 57.73
CA ILE H 375 45.54 -32.22 56.64
C ILE H 375 44.25 -32.95 57.01
N VAL H 376 43.32 -33.04 56.06
CA VAL H 376 42.07 -33.74 56.24
C VAL H 376 42.19 -35.18 55.71
N ARG H 377 42.00 -36.15 56.60
CA ARG H 377 42.21 -37.56 56.24
C ARG H 377 41.08 -38.19 55.43
N LYS H 378 39.84 -38.01 55.87
CA LYS H 378 38.73 -38.83 55.39
C LYS H 378 38.27 -38.50 53.96
N TRP H 379 37.66 -39.49 53.32
CA TRP H 379 37.06 -39.29 52.01
C TRP H 379 35.88 -38.33 52.11
N ILE H 380 35.79 -37.43 51.14
CA ILE H 380 34.65 -36.54 51.03
C ILE H 380 33.95 -36.76 49.70
N SER H 381 32.62 -36.72 49.76
CA SER H 381 31.77 -36.80 48.58
C SER H 381 32.11 -35.66 47.66
N ARG H 382 32.04 -35.88 46.36
CA ARG H 382 32.35 -34.82 45.42
C ARG H 382 31.46 -33.57 45.62
N PHE H 383 30.23 -33.76 46.10
CA PHE H 383 29.36 -32.62 46.34
C PHE H 383 29.82 -31.76 47.53
N GLU H 384 30.65 -32.33 48.40
CA GLU H 384 31.16 -31.61 49.57
C GLU H 384 32.59 -31.03 49.50
N VAL H 385 33.29 -31.21 48.40
CA VAL H 385 34.72 -30.87 48.38
C VAL H 385 35.00 -29.38 48.37
N TRP H 386 33.98 -28.57 48.11
CA TRP H 386 34.18 -27.17 47.73
C TRP H 386 35.07 -26.31 48.63
N PRO H 387 34.83 -26.33 49.95
CA PRO H 387 35.60 -25.45 50.85
C PRO H 387 37.10 -25.69 50.75
N TYR H 388 37.48 -26.86 50.23
CA TYR H 388 38.89 -27.27 50.20
C TYR H 388 39.66 -26.93 48.93
N LEU H 389 38.97 -26.48 47.87
CA LEU H 389 39.57 -26.39 46.54
C LEU H 389 40.63 -25.28 46.34
N GLU H 390 40.49 -24.17 47.05
CA GLU H 390 41.41 -23.06 46.87
C GLU H 390 42.78 -23.38 47.47
N THR H 391 42.80 -23.83 48.71
CA THR H 391 44.04 -24.24 49.33
C THR H 391 44.62 -25.38 48.49
N TYR H 392 43.75 -26.27 48.01
CA TYR H 392 44.22 -27.38 47.19
C TYR H 392 45.01 -26.86 46.02
N THR H 393 44.48 -25.81 45.39
CA THR H 393 45.14 -25.18 44.26
C THR H 393 46.54 -24.69 44.64
N GLU H 394 46.61 -23.89 45.71
CA GLU H 394 47.87 -23.37 46.22
C GLU H 394 48.92 -24.46 46.40
N ASP H 395 48.50 -25.55 47.06
CA ASP H 395 49.42 -26.64 47.36
C ASP H 395 49.83 -27.42 46.12
N ALA H 396 48.84 -27.75 45.29
CA ALA H 396 49.08 -28.44 44.04
C ALA H 396 50.15 -27.72 43.23
N ALA H 397 50.04 -26.40 43.21
CA ALA H 397 50.99 -25.57 42.49
C ALA H 397 52.42 -25.84 42.95
N VAL H 398 52.66 -25.67 44.25
CA VAL H 398 53.97 -25.92 44.83
C VAL H 398 54.48 -27.32 44.50
N GLU H 399 53.57 -28.29 44.58
CA GLU H 399 53.94 -29.67 44.34
C GLU H 399 54.30 -29.95 42.89
N LEU H 400 53.41 -29.58 41.96
CA LEU H 400 53.68 -29.86 40.55
C LEU H 400 54.94 -29.12 40.11
N SER H 401 55.18 -27.99 40.76
CA SER H 401 56.39 -27.22 40.49
C SER H 401 57.66 -28.03 40.81
N LYS H 402 57.55 -28.94 41.77
CA LYS H 402 58.67 -29.78 42.18
C LYS H 402 58.90 -30.92 41.21
N GLU H 403 57.82 -31.45 40.66
CA GLU H 403 57.91 -32.55 39.71
C GLU H 403 58.22 -32.11 38.28
N LEU H 404 57.98 -30.84 37.96
CA LEU H 404 58.14 -30.40 36.57
C LEU H 404 59.42 -29.61 36.31
N ASN H 405 60.06 -29.90 35.18
CA ASN H 405 61.20 -29.11 34.75
C ASN H 405 60.70 -28.15 33.68
N GLY H 406 60.61 -26.87 34.08
CA GLY H 406 59.85 -25.90 33.34
C GLY H 406 58.43 -25.90 33.85
N LYS H 407 57.59 -24.98 33.38
CA LYS H 407 56.20 -24.93 33.83
C LYS H 407 55.31 -25.70 32.88
N PRO H 408 54.01 -25.81 33.23
CA PRO H 408 53.05 -26.57 32.43
C PRO H 408 52.85 -25.90 31.09
N ASP H 409 52.82 -26.67 30.01
CA ASP H 409 52.44 -26.10 28.72
C ASP H 409 50.95 -26.29 28.44
N LEU H 410 50.28 -27.13 29.23
CA LEU H 410 48.85 -27.29 29.10
C LEU H 410 48.25 -27.67 30.46
N ILE H 411 47.07 -27.15 30.75
CA ILE H 411 46.33 -27.53 31.96
C ILE H 411 44.92 -27.95 31.55
N ILE H 412 44.54 -29.19 31.88
CA ILE H 412 43.23 -29.71 31.52
C ILE H 412 42.42 -29.95 32.78
N GLY H 413 41.28 -29.29 32.91
CA GLY H 413 40.42 -29.51 34.06
C GLY H 413 39.47 -30.66 33.82
N ASN H 414 39.10 -31.36 34.89
CA ASN H 414 38.10 -32.42 34.79
C ASN H 414 36.98 -32.30 35.82
N TYR H 415 35.77 -32.40 35.32
CA TYR H 415 34.51 -32.17 36.03
C TYR H 415 34.43 -30.81 36.74
N SER H 416 33.70 -30.72 37.83
CA SER H 416 33.42 -29.39 38.38
C SER H 416 34.58 -28.88 39.22
N ASP H 417 35.04 -29.74 40.12
CA ASP H 417 36.10 -29.37 41.02
C ASP H 417 37.40 -29.26 40.24
N GLY H 418 37.58 -30.13 39.26
CA GLY H 418 38.76 -30.12 38.44
C GLY H 418 38.79 -28.91 37.51
N ASN H 419 37.62 -28.52 37.02
CA ASN H 419 37.56 -27.35 36.15
C ASN H 419 37.81 -26.06 36.95
N LEU H 420 37.20 -25.98 38.13
CA LEU H 420 37.43 -24.89 39.06
C LEU H 420 38.92 -24.77 39.36
N VAL H 421 39.57 -25.88 39.73
CA VAL H 421 40.98 -25.84 40.07
C VAL H 421 41.81 -25.49 38.86
N ALA H 422 41.54 -26.13 37.73
CA ALA H 422 42.31 -25.89 36.50
C ALA H 422 42.32 -24.42 36.09
N SER H 423 41.19 -23.73 36.29
CA SER H 423 41.08 -22.30 36.01
C SER H 423 42.01 -21.47 36.89
N LEU H 424 41.86 -21.60 38.20
CA LEU H 424 42.72 -20.87 39.12
C LEU H 424 44.18 -21.15 38.80
N LEU H 425 44.49 -22.41 38.51
CA LEU H 425 45.86 -22.78 38.19
C LEU H 425 46.36 -22.08 36.92
N ALA H 426 45.52 -22.09 35.90
CA ALA H 426 45.86 -21.52 34.60
C ALA H 426 46.14 -20.03 34.73
N HIS H 427 45.29 -19.36 35.52
CA HIS H 427 45.44 -17.96 35.89
C HIS H 427 46.81 -17.72 36.53
N LYS H 428 47.00 -18.33 37.69
CA LYS H 428 48.25 -18.19 38.43
C LYS H 428 49.51 -18.49 37.60
N LEU H 429 49.48 -19.57 36.83
CA LEU H 429 50.68 -19.99 36.11
C LEU H 429 50.83 -19.45 34.70
N GLY H 430 49.79 -18.83 34.16
CA GLY H 430 49.84 -18.38 32.78
C GLY H 430 49.96 -19.50 31.75
N VAL H 431 49.02 -20.44 31.79
CA VAL H 431 49.08 -21.60 30.92
C VAL H 431 47.75 -21.82 30.18
N THR H 432 47.86 -22.24 28.91
CA THR H 432 46.69 -22.53 28.08
C THR H 432 45.82 -23.53 28.80
N GLN H 433 44.52 -23.24 28.88
CA GLN H 433 43.62 -24.09 29.64
C GLN H 433 42.60 -24.80 28.76
N CYS H 434 42.32 -26.06 29.11
CA CYS H 434 41.22 -26.82 28.52
C CYS H 434 40.33 -27.36 29.63
N THR H 435 39.03 -27.43 29.40
CA THR H 435 38.16 -28.07 30.38
C THR H 435 37.31 -29.16 29.76
N ILE H 436 37.02 -30.18 30.56
CA ILE H 436 36.21 -31.32 30.15
C ILE H 436 35.17 -31.55 31.23
N ALA H 437 33.89 -31.53 30.86
CA ALA H 437 32.83 -31.57 31.88
C ALA H 437 32.69 -32.95 32.52
N HIS H 438 32.55 -33.94 31.65
CA HIS H 438 32.32 -35.35 31.98
C HIS H 438 30.89 -35.54 32.48
N ALA H 439 30.29 -34.44 32.91
CA ALA H 439 28.88 -34.43 33.24
C ALA H 439 28.58 -33.08 33.80
N LEU H 440 27.31 -32.69 33.73
CA LEU H 440 26.89 -31.43 34.31
C LEU H 440 25.66 -31.78 35.11
N GLU H 441 25.78 -31.63 36.42
CA GLU H 441 24.78 -32.16 37.32
C GLU H 441 23.42 -31.58 36.99
N LYS H 442 23.40 -30.33 36.54
CA LYS H 442 22.13 -29.66 36.28
C LYS H 442 21.20 -30.52 35.41
N THR H 443 21.75 -31.25 34.45
CA THR H 443 20.93 -32.11 33.58
C THR H 443 20.61 -33.47 34.19
N LYS H 444 21.42 -33.88 35.15
CA LYS H 444 21.22 -35.18 35.80
C LYS H 444 20.16 -35.07 36.89
N TYR H 445 19.96 -33.83 37.37
CA TYR H 445 19.02 -33.57 38.44
C TYR H 445 18.04 -32.53 37.98
N PRO H 446 16.92 -32.97 37.38
CA PRO H 446 15.93 -32.07 36.77
C PRO H 446 15.43 -31.02 37.75
N ASP H 447 15.41 -29.77 37.30
CA ASP H 447 14.94 -28.65 38.12
C ASP H 447 15.81 -28.41 39.33
N SER H 448 17.07 -28.80 39.23
CA SER H 448 18.00 -28.62 40.34
C SER H 448 18.38 -27.16 40.50
N ASP H 449 18.26 -26.39 39.41
CA ASP H 449 18.52 -24.95 39.45
C ASP H 449 17.39 -24.15 40.10
N ILE H 450 16.16 -24.41 39.68
CA ILE H 450 15.05 -23.62 40.16
C ILE H 450 14.72 -24.06 41.58
N TYR H 451 14.94 -25.34 41.84
CA TYR H 451 14.70 -25.96 43.16
C TYR H 451 15.94 -26.07 44.06
N TRP H 452 17.03 -25.46 43.61
CA TRP H 452 18.33 -25.59 44.26
C TRP H 452 18.31 -25.45 45.78
N LYS H 453 17.49 -24.54 46.30
CA LYS H 453 17.52 -24.23 47.73
C LYS H 453 17.22 -25.45 48.62
N LYS H 454 16.24 -26.26 48.25
CA LYS H 454 15.89 -27.43 49.06
C LYS H 454 16.89 -28.58 48.86
N LEU H 455 17.69 -28.51 47.80
CA LEU H 455 18.70 -29.53 47.53
C LEU H 455 20.05 -29.20 48.16
N ASP H 456 20.19 -28.00 48.71
CA ASP H 456 21.51 -27.46 48.96
C ASP H 456 22.31 -28.09 50.10
N ASP H 457 21.66 -28.31 51.24
CA ASP H 457 22.36 -28.89 52.39
C ASP H 457 22.95 -30.23 52.03
N LYS H 458 22.29 -30.91 51.10
CA LYS H 458 22.74 -32.22 50.65
C LYS H 458 23.71 -32.13 49.46
N TYR H 459 23.22 -31.63 48.32
CA TYR H 459 24.02 -31.51 47.08
C TYR H 459 24.93 -30.27 46.85
N HIS H 460 24.64 -29.16 47.52
CA HIS H 460 25.43 -27.94 47.37
C HIS H 460 25.55 -27.43 45.92
N PHE H 461 24.47 -27.55 45.15
CA PHE H 461 24.48 -27.12 43.75
C PHE H 461 24.79 -25.62 43.57
N SER H 462 24.48 -24.80 44.56
CA SER H 462 24.86 -23.40 44.48
C SER H 462 26.39 -23.22 44.28
N CYS H 463 27.19 -24.11 44.85
CA CYS H 463 28.64 -24.04 44.60
C CYS H 463 28.99 -24.63 43.25
N GLN H 464 28.38 -25.75 42.92
CA GLN H 464 28.81 -26.48 41.75
C GLN H 464 28.43 -25.74 40.49
N PHE H 465 27.15 -25.33 40.43
CA PHE H 465 26.68 -24.58 39.29
C PHE H 465 27.51 -23.30 39.13
N THR H 466 27.88 -22.67 40.24
CA THR H 466 28.78 -21.52 40.16
C THR H 466 30.12 -21.91 39.53
N ALA H 467 30.73 -22.98 40.01
CA ALA H 467 32.04 -23.37 39.49
C ALA H 467 31.96 -23.84 38.04
N ASP H 468 30.82 -24.41 37.66
CA ASP H 468 30.61 -24.84 36.27
C ASP H 468 30.55 -23.67 35.30
N ILE H 469 29.81 -22.62 35.69
CA ILE H 469 29.73 -21.39 34.93
C ILE H 469 31.08 -20.65 34.91
N PHE H 470 31.69 -20.53 36.07
CA PHE H 470 33.00 -19.89 36.16
C PHE H 470 34.00 -20.53 35.20
N ALA H 471 34.10 -21.85 35.21
CA ALA H 471 35.11 -22.55 34.40
C ALA H 471 34.78 -22.56 32.92
N MET H 472 33.51 -22.77 32.62
CA MET H 472 33.00 -22.80 31.25
C MET H 472 33.50 -21.58 30.47
N ASN H 473 33.33 -20.41 31.08
CA ASN H 473 33.79 -19.15 30.52
C ASN H 473 35.26 -18.83 30.75
N HIS H 474 35.82 -19.38 31.81
CA HIS H 474 37.19 -19.08 32.12
C HIS H 474 38.19 -19.76 31.17
N THR H 475 37.83 -20.93 30.65
CA THR H 475 38.78 -21.76 29.90
C THR H 475 39.07 -21.23 28.50
N ASP H 476 40.26 -21.54 27.98
CA ASP H 476 40.61 -21.25 26.59
C ASP H 476 39.80 -22.04 25.58
N PHE H 477 39.80 -23.37 25.73
CA PHE H 477 38.92 -24.20 24.94
C PHE H 477 38.31 -25.32 25.75
N ILE H 478 37.27 -25.91 25.17
CA ILE H 478 36.45 -26.93 25.82
C ILE H 478 36.41 -28.17 24.97
N ILE H 479 36.70 -29.33 25.56
CA ILE H 479 36.51 -30.60 24.86
C ILE H 479 35.23 -31.29 25.31
N THR H 480 34.47 -31.84 24.38
CA THR H 480 33.30 -32.63 24.72
C THR H 480 33.35 -33.96 23.97
N SER H 481 32.59 -34.95 24.46
CA SER H 481 32.59 -36.29 23.88
C SER H 481 31.55 -36.51 22.78
N THR H 482 30.61 -35.58 22.64
CA THR H 482 29.56 -35.72 21.65
C THR H 482 28.98 -34.37 21.31
N PHE H 483 28.35 -34.29 20.14
CA PHE H 483 27.62 -33.10 19.77
C PHE H 483 26.50 -32.84 20.78
N GLN H 484 25.83 -33.91 21.21
CA GLN H 484 24.68 -33.80 22.11
C GLN H 484 25.05 -33.12 23.42
N GLU H 485 26.27 -33.37 23.88
CA GLU H 485 26.78 -32.73 25.09
C GLU H 485 26.66 -31.19 25.00
N ILE H 486 26.87 -30.64 23.80
CA ILE H 486 26.72 -29.20 23.57
C ILE H 486 25.29 -28.79 23.19
N ALA H 487 24.89 -29.13 21.97
CA ALA H 487 23.58 -28.72 21.42
C ALA H 487 22.43 -29.74 21.46
N GLY H 488 22.65 -30.90 22.07
CA GLY H 488 21.62 -31.91 22.19
C GLY H 488 21.16 -32.43 20.84
N SER H 489 19.87 -32.36 20.56
CA SER H 489 19.30 -32.76 19.27
C SER H 489 18.22 -31.76 18.84
N LYS H 490 17.54 -32.07 17.73
CA LYS H 490 16.52 -31.15 17.21
C LYS H 490 15.39 -30.95 18.22
N GLU H 491 14.92 -32.06 18.78
CA GLU H 491 13.82 -32.03 19.75
C GLU H 491 14.26 -31.63 21.16
N THR H 492 15.41 -32.12 21.60
CA THR H 492 15.81 -31.97 23.01
C THR H 492 17.06 -31.09 23.20
N VAL H 493 17.13 -30.41 24.34
CA VAL H 493 18.21 -29.46 24.64
C VAL H 493 19.50 -30.14 25.11
N GLY H 494 20.64 -29.56 24.72
CA GLY H 494 21.94 -30.14 25.03
C GLY H 494 22.38 -29.89 26.47
N GLN H 495 23.47 -30.53 26.88
CA GLN H 495 23.94 -30.40 28.25
C GLN H 495 24.46 -29.00 28.54
N TYR H 496 25.42 -28.54 27.73
CA TYR H 496 25.91 -27.18 27.87
C TYR H 496 24.85 -26.19 27.48
N GLU H 497 23.99 -26.56 26.52
CA GLU H 497 22.96 -25.65 26.05
C GLU H 497 22.03 -25.24 27.18
N SER H 498 21.72 -26.18 28.06
CA SER H 498 20.79 -25.92 29.15
C SER H 498 21.33 -24.91 30.15
N HIS H 499 22.60 -24.54 29.98
CA HIS H 499 23.23 -23.51 30.82
C HIS H 499 23.19 -22.12 30.22
N THR H 500 22.57 -21.99 29.05
CA THR H 500 22.52 -20.71 28.37
C THR H 500 21.71 -19.69 29.16
N ALA H 501 20.47 -20.02 29.48
CA ALA H 501 19.69 -19.15 30.35
C ALA H 501 18.96 -19.93 31.43
N PHE H 502 19.38 -19.70 32.68
CA PHE H 502 18.76 -20.36 33.84
C PHE H 502 18.84 -19.46 35.07
N THR H 503 18.05 -19.79 36.09
CA THR H 503 18.04 -19.00 37.31
C THR H 503 18.09 -19.87 38.55
N LEU H 504 18.69 -19.33 39.60
CA LEU H 504 18.72 -19.94 40.92
C LEU H 504 18.04 -18.95 41.85
N PRO H 505 16.71 -19.08 42.01
CA PRO H 505 15.95 -18.01 42.67
C PRO H 505 16.49 -17.65 44.05
N GLY H 506 16.70 -16.36 44.26
CA GLY H 506 17.16 -15.90 45.55
C GLY H 506 18.66 -15.94 45.65
N LEU H 507 19.30 -16.53 44.64
CA LEU H 507 20.76 -16.55 44.61
C LEU H 507 21.27 -15.65 43.47
N TYR H 508 21.04 -16.08 42.24
CA TYR H 508 21.30 -15.22 41.09
C TYR H 508 20.65 -15.75 39.81
N ARG H 509 20.80 -15.01 38.73
CA ARG H 509 20.11 -15.33 37.49
C ARG H 509 21.09 -15.31 36.33
N VAL H 510 21.16 -16.39 35.56
CA VAL H 510 22.10 -16.37 34.46
C VAL H 510 21.32 -16.07 33.19
N VAL H 511 21.52 -14.85 32.69
CA VAL H 511 20.80 -14.40 31.50
C VAL H 511 21.40 -14.93 30.21
N HIS H 512 22.71 -14.83 30.06
CA HIS H 512 23.41 -15.66 29.10
C HIS H 512 24.62 -16.27 29.81
N GLY H 513 24.60 -17.57 30.09
CA GLY H 513 25.76 -18.19 30.72
C GLY H 513 26.73 -18.92 29.82
N ILE H 514 26.25 -19.40 28.68
CA ILE H 514 27.11 -20.01 27.68
C ILE H 514 26.42 -19.97 26.33
N ASP H 515 27.19 -19.94 25.27
CA ASP H 515 26.62 -19.98 23.94
C ASP H 515 27.04 -21.25 23.22
N VAL H 516 26.04 -22.02 22.80
CA VAL H 516 26.25 -23.27 22.09
C VAL H 516 27.10 -23.10 20.80
N PHE H 517 27.18 -21.88 20.26
CA PHE H 517 27.94 -21.65 19.03
C PHE H 517 29.38 -21.18 19.30
N ASP H 518 29.74 -21.07 20.58
CA ASP H 518 31.04 -20.53 20.96
C ASP H 518 32.16 -21.35 20.33
N PRO H 519 33.08 -20.66 19.64
CA PRO H 519 34.23 -21.22 18.91
C PRO H 519 35.18 -22.02 19.80
N LYS H 520 35.05 -21.90 21.12
CA LYS H 520 35.86 -22.71 22.04
C LYS H 520 35.38 -24.17 22.19
N PHE H 521 34.16 -24.49 21.78
CA PHE H 521 33.69 -25.88 21.86
C PHE H 521 34.33 -26.76 20.81
N ASN H 522 34.91 -27.86 21.24
CA ASN H 522 35.42 -28.87 20.32
C ASN H 522 35.03 -30.29 20.73
N ILE H 523 34.40 -31.02 19.82
CA ILE H 523 34.05 -32.41 20.08
C ILE H 523 35.25 -33.27 19.75
N VAL H 524 35.82 -33.92 20.76
CA VAL H 524 36.88 -34.89 20.53
C VAL H 524 36.49 -36.16 21.28
N SER H 525 36.18 -37.20 20.51
CA SER H 525 35.55 -38.38 21.08
C SER H 525 36.55 -39.40 21.60
N PRO H 526 36.37 -39.82 22.86
CA PRO H 526 37.27 -40.78 23.51
C PRO H 526 37.00 -42.18 22.97
N GLY H 527 37.64 -43.17 23.59
CA GLY H 527 37.50 -44.55 23.16
C GLY H 527 37.67 -45.50 24.33
N ALA H 528 37.66 -46.79 24.02
CA ALA H 528 37.95 -47.83 24.99
C ALA H 528 39.36 -48.36 24.72
N ASP H 529 40.09 -48.78 25.75
CA ASP H 529 41.42 -49.31 25.50
C ASP H 529 41.28 -50.64 24.78
N MET H 530 41.86 -50.74 23.60
CA MET H 530 41.58 -51.86 22.70
C MET H 530 42.36 -53.14 23.04
N SER H 531 43.32 -53.04 23.95
CA SER H 531 43.95 -54.23 24.48
C SER H 531 43.09 -54.84 25.57
N ILE H 532 42.31 -53.98 26.24
CA ILE H 532 41.40 -54.42 27.29
C ILE H 532 40.06 -54.96 26.79
N TYR H 533 39.47 -54.27 25.82
CA TYR H 533 38.14 -54.63 25.34
C TYR H 533 38.25 -54.87 23.85
N PHE H 534 37.89 -56.07 23.42
CA PHE H 534 37.92 -56.41 22.01
C PHE H 534 36.81 -57.41 21.74
N PRO H 535 36.68 -57.81 20.48
CA PRO H 535 35.53 -58.67 20.17
C PRO H 535 35.66 -60.04 20.82
N TYR H 536 34.54 -60.58 21.28
CA TYR H 536 34.51 -61.85 21.99
C TYR H 536 34.87 -62.99 21.04
N THR H 537 34.80 -62.70 19.74
CA THR H 537 35.01 -63.71 18.72
C THR H 537 36.47 -64.08 18.50
N GLU H 538 37.39 -63.30 19.05
CA GLU H 538 38.79 -63.63 18.78
C GLU H 538 39.25 -64.53 19.89
N GLU H 539 39.44 -65.79 19.56
CA GLU H 539 39.67 -66.83 20.55
C GLU H 539 41.12 -66.79 20.98
N LYS H 540 41.97 -66.35 20.06
CA LYS H 540 43.38 -66.24 20.34
C LYS H 540 43.53 -65.37 21.58
N ARG H 541 42.83 -64.25 21.57
CA ARG H 541 43.03 -63.20 22.57
C ARG H 541 42.28 -63.40 23.89
N ARG H 542 41.20 -64.20 23.88
CA ARG H 542 40.36 -64.37 25.06
C ARG H 542 41.19 -64.79 26.25
N LEU H 543 40.85 -64.29 27.44
CA LEU H 543 41.62 -64.70 28.59
C LEU H 543 40.82 -65.77 29.35
N THR H 544 41.25 -67.01 29.21
CA THR H 544 40.50 -68.15 29.73
C THR H 544 40.80 -68.34 31.20
N LYS H 545 41.98 -67.88 31.58
CA LYS H 545 42.52 -68.00 32.93
C LYS H 545 41.54 -67.43 33.95
N PHE H 546 40.67 -66.53 33.50
CA PHE H 546 39.71 -65.88 34.39
C PHE H 546 38.41 -66.66 34.50
N HIS H 547 38.24 -67.69 33.67
CA HIS H 547 36.93 -68.31 33.57
C HIS H 547 36.48 -68.99 34.86
N SER H 548 37.42 -69.55 35.62
CA SER H 548 37.10 -70.09 36.93
C SER H 548 36.45 -69.02 37.82
N GLU H 549 37.17 -67.92 38.05
CA GLU H 549 36.64 -66.82 38.85
C GLU H 549 35.30 -66.33 38.32
N ILE H 550 35.21 -66.12 37.01
CA ILE H 550 33.99 -65.59 36.40
C ILE H 550 32.79 -66.51 36.61
N GLU H 551 33.03 -67.81 36.47
CA GLU H 551 31.97 -68.79 36.64
C GLU H 551 31.43 -68.74 38.07
N GLU H 552 32.34 -68.67 39.03
CA GLU H 552 31.95 -68.53 40.42
C GLU H 552 31.10 -67.28 40.55
N LEU H 553 31.63 -66.19 40.00
CA LEU H 553 31.01 -64.88 40.10
C LEU H 553 29.54 -64.89 39.67
N LEU H 554 29.27 -65.35 38.46
CA LEU H 554 27.91 -65.44 37.96
C LEU H 554 27.07 -66.56 38.58
N TYR H 555 27.57 -67.79 38.47
CA TYR H 555 26.75 -68.96 38.69
C TYR H 555 26.79 -69.68 40.04
N SER H 556 27.67 -69.25 40.95
CA SER H 556 27.87 -69.99 42.19
C SER H 556 26.65 -69.90 43.10
N ASP H 557 26.52 -70.84 44.03
CA ASP H 557 25.36 -70.88 44.92
C ASP H 557 25.55 -70.12 46.24
N VAL H 558 26.68 -69.43 46.39
CA VAL H 558 26.97 -68.70 47.61
C VAL H 558 26.39 -67.28 47.58
N GLU H 559 25.76 -66.87 48.67
CA GLU H 559 25.31 -65.47 48.80
C GLU H 559 26.15 -64.72 49.83
N ASN H 560 26.76 -63.62 49.39
CA ASN H 560 27.64 -62.87 50.27
C ASN H 560 27.76 -61.41 49.82
N LYS H 561 28.68 -60.67 50.44
CA LYS H 561 28.85 -59.27 50.08
C LYS H 561 29.33 -59.15 48.64
N GLU H 562 29.89 -60.23 48.11
CA GLU H 562 30.37 -60.21 46.73
C GLU H 562 29.25 -60.41 45.72
N HIS H 563 28.33 -61.32 45.99
CA HIS H 563 27.19 -61.52 45.09
C HIS H 563 25.92 -61.96 45.81
N LEU H 564 24.78 -61.46 45.33
CA LEU H 564 23.51 -61.75 45.98
C LEU H 564 22.50 -62.45 45.08
N CYS H 565 21.71 -63.28 45.73
CA CYS H 565 20.91 -64.37 45.19
C CYS H 565 21.70 -65.30 44.30
N VAL H 566 21.01 -65.90 43.35
CA VAL H 566 21.57 -67.02 42.63
C VAL H 566 20.93 -67.20 41.27
N LEU H 567 21.71 -67.64 40.29
CA LEU H 567 21.14 -67.97 38.99
C LEU H 567 20.83 -69.48 38.97
N LYS H 568 19.54 -69.80 38.87
CA LYS H 568 19.09 -71.18 38.85
C LYS H 568 19.45 -71.83 37.52
N ASP H 569 19.17 -71.13 36.42
CA ASP H 569 19.51 -71.66 35.09
C ASP H 569 20.80 -71.07 34.56
N LYS H 570 21.82 -71.92 34.43
CA LYS H 570 23.15 -71.51 34.04
C LYS H 570 23.23 -71.22 32.53
N LYS H 571 22.26 -71.75 31.78
CA LYS H 571 22.29 -71.68 30.32
C LYS H 571 21.55 -70.51 29.66
N LYS H 572 20.76 -69.74 30.42
CA LYS H 572 19.98 -68.65 29.84
C LYS H 572 20.91 -67.52 29.37
N PRO H 573 20.43 -66.70 28.41
CA PRO H 573 21.15 -65.46 28.05
C PRO H 573 21.21 -64.50 29.23
N ILE H 574 22.31 -63.75 29.35
CA ILE H 574 22.42 -62.79 30.45
C ILE H 574 22.13 -61.36 30.02
N LEU H 575 21.25 -60.70 30.78
CA LEU H 575 20.99 -59.30 30.58
C LEU H 575 21.82 -58.57 31.62
N PHE H 576 22.83 -57.83 31.14
CA PHE H 576 23.95 -57.41 31.98
C PHE H 576 24.09 -55.89 32.13
N THR H 577 24.44 -55.44 33.34
CA THR H 577 24.83 -54.06 33.54
C THR H 577 25.92 -53.91 34.61
N MET H 578 26.68 -52.83 34.50
CA MET H 578 27.75 -52.51 35.45
C MET H 578 27.82 -50.98 35.56
N ALA H 579 28.04 -50.46 36.77
CA ALA H 579 28.04 -49.03 36.96
C ALA H 579 28.28 -48.69 38.42
N ARG H 580 28.58 -47.43 38.70
CA ARG H 580 28.56 -46.98 40.08
C ARG H 580 27.11 -47.09 40.50
N LEU H 581 26.88 -47.18 41.79
CA LEU H 581 25.51 -47.26 42.30
C LEU H 581 25.10 -45.88 42.83
N ASP H 582 24.19 -45.22 42.10
CA ASP H 582 23.56 -44.00 42.60
C ASP H 582 22.21 -43.78 41.93
N ARG H 583 21.51 -42.72 42.32
CA ARG H 583 20.11 -42.55 41.93
C ARG H 583 19.98 -42.49 40.43
N VAL H 584 20.78 -41.61 39.82
CA VAL H 584 20.70 -41.32 38.40
C VAL H 584 21.07 -42.52 37.54
N LYS H 585 22.03 -43.32 37.99
CA LYS H 585 22.39 -44.52 37.25
C LYS H 585 21.18 -45.45 37.17
N ASN H 586 20.32 -45.36 38.18
CA ASN H 586 18.99 -45.96 38.10
C ASN H 586 19.02 -47.47 37.96
N LEU H 587 19.95 -48.14 38.63
CA LEU H 587 20.00 -49.60 38.55
C LEU H 587 18.76 -50.20 39.20
N SER H 588 18.25 -49.55 40.24
CA SER H 588 17.09 -50.06 40.96
C SER H 588 15.84 -50.01 40.09
N GLY H 589 15.80 -49.02 39.18
CA GLY H 589 14.74 -48.98 38.20
C GLY H 589 14.81 -50.24 37.37
N LEU H 590 15.98 -50.48 36.77
CA LEU H 590 16.21 -51.64 35.91
C LEU H 590 15.74 -52.91 36.58
N VAL H 591 16.08 -53.08 37.87
CA VAL H 591 15.70 -54.28 38.60
C VAL H 591 14.18 -54.40 38.63
N GLU H 592 13.50 -53.31 38.96
CA GLU H 592 12.05 -53.30 39.00
C GLU H 592 11.40 -53.66 37.66
N TRP H 593 11.87 -53.05 36.57
CA TRP H 593 11.36 -53.38 35.26
C TRP H 593 11.46 -54.87 35.06
N TYR H 594 12.64 -55.41 35.35
CA TYR H 594 12.90 -56.83 35.14
C TYR H 594 11.96 -57.71 35.99
N GLY H 595 11.88 -57.41 37.28
CA GLY H 595 11.03 -58.16 38.18
C GLY H 595 9.59 -58.18 37.72
N LYS H 596 9.14 -57.06 37.15
CA LYS H 596 7.75 -56.91 36.73
C LYS H 596 7.41 -57.71 35.47
N ASN H 597 8.39 -57.95 34.62
CA ASN H 597 8.08 -58.59 33.34
C ASN H 597 8.45 -60.06 33.33
N THR H 598 7.40 -60.90 33.38
CA THR H 598 7.56 -62.34 33.48
C THR H 598 8.18 -62.93 32.22
N ARG H 599 7.81 -62.36 31.07
CA ARG H 599 8.34 -62.81 29.80
C ARG H 599 9.85 -62.64 29.76
N LEU H 600 10.32 -61.47 30.20
CA LEU H 600 11.74 -61.14 30.17
C LEU H 600 12.50 -62.04 31.12
N ARG H 601 12.00 -62.14 32.35
CA ARG H 601 12.60 -63.03 33.34
C ARG H 601 12.71 -64.46 32.84
N GLU H 602 11.78 -64.86 31.98
CA GLU H 602 11.85 -66.17 31.35
C GLU H 602 13.03 -66.31 30.39
N LEU H 603 13.23 -65.30 29.55
CA LEU H 603 14.22 -65.35 28.47
C LEU H 603 15.67 -65.12 28.89
N ALA H 604 15.87 -64.40 29.99
CA ALA H 604 17.20 -63.97 30.39
C ALA H 604 17.37 -63.82 31.90
N ASN H 605 18.58 -64.10 32.39
CA ASN H 605 18.94 -63.85 33.78
C ASN H 605 19.44 -62.42 33.92
N LEU H 606 19.02 -61.73 34.98
CA LEU H 606 19.51 -60.38 35.22
C LEU H 606 20.77 -60.36 36.09
N VAL H 607 21.86 -59.87 35.53
CA VAL H 607 23.06 -59.67 36.32
C VAL H 607 23.39 -58.18 36.41
N VAL H 608 23.30 -57.62 37.61
CA VAL H 608 23.67 -56.23 37.85
C VAL H 608 24.95 -56.15 38.70
N VAL H 609 25.97 -55.48 38.16
CA VAL H 609 27.15 -55.17 38.97
C VAL H 609 27.05 -53.73 39.40
N GLY H 610 26.83 -53.48 40.70
CA GLY H 610 27.09 -52.16 41.24
C GLY H 610 27.00 -52.04 42.74
N GLY H 611 27.77 -51.10 43.28
CA GLY H 611 27.90 -50.90 44.71
C GLY H 611 28.97 -51.85 45.24
N ASP H 612 29.68 -51.44 46.28
CA ASP H 612 30.62 -52.35 46.92
C ASP H 612 30.08 -52.69 48.30
N ARG H 613 29.62 -53.92 48.46
CA ARG H 613 28.97 -54.33 49.69
C ARG H 613 29.95 -54.97 50.65
N ARG H 614 31.20 -55.14 50.19
CA ARG H 614 32.29 -55.63 51.04
C ARG H 614 32.47 -54.74 52.26
N LYS H 615 32.29 -53.44 52.08
CA LYS H 615 32.49 -52.49 53.17
C LYS H 615 31.18 -51.81 53.54
N GLU H 616 31.24 -50.98 54.56
CA GLU H 616 30.08 -50.17 54.96
C GLU H 616 30.03 -48.97 54.02
N SER H 617 28.84 -48.56 53.61
CA SER H 617 28.74 -47.51 52.62
C SER H 617 28.69 -46.12 53.23
N LYS H 618 29.59 -45.25 52.78
CA LYS H 618 29.66 -43.87 53.30
C LYS H 618 28.90 -42.83 52.45
N ASP H 619 28.32 -43.26 51.33
CA ASP H 619 27.72 -42.34 50.36
C ASP H 619 26.19 -42.38 50.40
N ASN H 620 25.56 -41.20 50.43
CA ASN H 620 24.11 -41.13 50.64
C ASN H 620 23.30 -41.87 49.60
N GLU H 621 23.52 -41.54 48.34
CA GLU H 621 22.78 -42.16 47.25
C GLU H 621 23.05 -43.65 47.18
N GLU H 622 24.32 -44.04 47.33
CA GLU H 622 24.69 -45.45 47.30
C GLU H 622 23.94 -46.20 48.39
N LYS H 623 23.90 -45.63 49.58
CA LYS H 623 23.20 -46.24 50.71
C LYS H 623 21.73 -46.43 50.35
N ALA H 624 21.09 -45.37 49.90
CA ALA H 624 19.67 -45.42 49.59
C ALA H 624 19.41 -46.48 48.54
N GLU H 625 20.26 -46.48 47.53
CA GLU H 625 20.11 -47.37 46.39
C GLU H 625 20.15 -48.82 46.85
N MET H 626 21.09 -49.14 47.73
CA MET H 626 21.25 -50.50 48.24
C MET H 626 19.98 -51.01 48.91
N LYS H 627 19.32 -50.14 49.67
CA LYS H 627 18.06 -50.51 50.29
C LYS H 627 17.04 -50.84 49.21
N LYS H 628 16.84 -49.92 48.27
CA LYS H 628 15.90 -50.14 47.18
C LYS H 628 16.17 -51.50 46.52
N MET H 629 17.45 -51.85 46.35
CA MET H 629 17.85 -53.12 45.74
C MET H 629 17.44 -54.33 46.59
N TYR H 630 17.80 -54.30 47.86
CA TYR H 630 17.40 -55.32 48.81
C TYR H 630 15.90 -55.55 48.78
N ASP H 631 15.12 -54.46 48.92
CA ASP H 631 13.66 -54.54 48.99
C ASP H 631 13.07 -55.13 47.71
N LEU H 632 13.66 -54.76 46.58
CA LEU H 632 13.17 -55.22 45.28
C LEU H 632 13.34 -56.73 45.14
N ILE H 633 14.43 -57.26 45.66
CA ILE H 633 14.70 -58.68 45.61
C ILE H 633 13.55 -59.45 46.26
N GLU H 634 13.09 -58.98 47.41
CA GLU H 634 11.97 -59.61 48.08
C GLU H 634 10.63 -59.37 47.36
N GLU H 635 10.34 -58.11 47.06
CA GLU H 635 9.08 -57.75 46.42
C GLU H 635 8.82 -58.62 45.21
N TYR H 636 9.79 -58.67 44.31
CA TYR H 636 9.62 -59.40 43.06
C TYR H 636 10.17 -60.83 43.09
N LYS H 637 10.60 -61.28 44.26
CA LYS H 637 11.07 -62.66 44.43
C LYS H 637 12.12 -62.97 43.37
N LEU H 638 13.23 -62.25 43.44
CA LEU H 638 14.20 -62.24 42.35
C LEU H 638 15.19 -63.40 42.39
N ASN H 639 15.29 -64.07 43.53
CA ASN H 639 16.25 -65.14 43.63
C ASN H 639 15.99 -66.22 42.59
N GLY H 640 17.06 -66.58 41.90
CA GLY H 640 17.09 -67.61 40.89
C GLY H 640 17.06 -67.05 39.48
N GLN H 641 16.50 -65.85 39.32
CA GLN H 641 16.61 -65.10 38.07
C GLN H 641 17.66 -63.96 38.07
N PHE H 642 18.30 -63.72 39.21
CA PHE H 642 18.98 -62.44 39.44
C PHE H 642 20.25 -62.64 40.22
N ARG H 643 21.32 -61.95 39.82
CA ARG H 643 22.60 -61.99 40.53
C ARG H 643 23.10 -60.57 40.71
N TRP H 644 23.18 -60.11 41.97
CA TRP H 644 23.63 -58.75 42.25
C TRP H 644 25.07 -58.77 42.72
N ILE H 645 25.97 -58.31 41.87
CA ILE H 645 27.40 -58.45 42.11
C ILE H 645 28.00 -57.13 42.58
N SER H 646 28.97 -57.19 43.48
CA SER H 646 29.58 -55.96 43.93
C SER H 646 30.58 -55.42 42.93
N SER H 647 31.14 -54.27 43.24
CA SER H 647 31.96 -53.56 42.28
C SER H 647 33.15 -54.33 41.75
N GLN H 648 33.34 -54.30 40.44
CA GLN H 648 34.45 -55.00 39.79
C GLN H 648 35.58 -54.05 39.46
N MET H 649 36.67 -54.16 40.20
CA MET H 649 37.71 -53.14 40.12
C MET H 649 38.80 -53.39 39.08
N ASP H 650 38.82 -54.59 38.50
CA ASP H 650 39.85 -54.91 37.54
C ASP H 650 39.32 -54.93 36.12
N ARG H 651 39.75 -53.95 35.34
CA ARG H 651 39.28 -53.78 33.97
C ARG H 651 39.73 -54.94 33.08
N VAL H 652 40.92 -55.47 33.33
CA VAL H 652 41.42 -56.58 32.53
C VAL H 652 40.40 -57.71 32.55
N ARG H 653 40.04 -58.17 33.75
CA ARG H 653 39.04 -59.22 33.89
C ARG H 653 37.68 -58.72 33.43
N ASN H 654 37.39 -57.46 33.70
CA ASN H 654 36.13 -56.85 33.26
C ASN H 654 35.91 -57.03 31.78
N GLY H 655 36.96 -56.85 30.99
CA GLY H 655 36.88 -57.08 29.56
C GLY H 655 36.44 -58.50 29.23
N GLU H 656 37.03 -59.47 29.92
CA GLU H 656 36.70 -60.87 29.71
C GLU H 656 35.28 -61.18 30.20
N LEU H 657 34.86 -60.48 31.26
CA LEU H 657 33.49 -60.56 31.75
C LEU H 657 32.47 -60.12 30.69
N TYR H 658 32.74 -58.98 30.05
CA TYR H 658 31.90 -58.50 28.95
C TYR H 658 31.77 -59.59 27.90
N ARG H 659 32.89 -60.12 27.47
CA ARG H 659 32.91 -61.14 26.42
C ARG H 659 32.15 -62.41 26.84
N TYR H 660 32.21 -62.74 28.13
CA TYR H 660 31.50 -63.90 28.64
C TYR H 660 29.99 -63.71 28.49
N ILE H 661 29.53 -62.49 28.78
CA ILE H 661 28.13 -62.17 28.57
C ILE H 661 27.78 -62.40 27.10
N CYS H 662 28.75 -62.11 26.23
CA CYS H 662 28.56 -62.33 24.79
C CYS H 662 28.38 -63.82 24.51
N ASP H 663 29.17 -64.65 25.16
CA ASP H 663 29.07 -66.09 24.99
C ASP H 663 27.67 -66.58 25.31
N THR H 664 26.98 -65.90 26.24
CA THR H 664 25.65 -66.34 26.63
C THR H 664 24.61 -65.78 25.66
N LYS H 665 25.10 -65.05 24.66
CA LYS H 665 24.25 -64.40 23.68
C LYS H 665 23.25 -63.47 24.37
N GLY H 666 23.79 -62.68 25.31
CA GLY H 666 22.98 -61.76 26.08
C GLY H 666 22.99 -60.35 25.55
N ALA H 667 22.81 -59.40 26.46
CA ALA H 667 22.74 -58.01 26.08
C ALA H 667 23.22 -57.15 27.23
N PHE H 668 23.72 -55.95 26.88
CA PHE H 668 24.10 -54.98 27.89
C PHE H 668 23.03 -53.89 27.91
N VAL H 669 22.54 -53.55 29.10
CA VAL H 669 21.53 -52.50 29.22
C VAL H 669 22.02 -51.39 30.12
N GLN H 670 21.73 -50.15 29.73
CA GLN H 670 22.16 -49.00 30.51
C GLN H 670 21.01 -48.04 30.80
N PRO H 671 20.30 -48.25 31.92
CA PRO H 671 19.06 -47.50 32.18
C PRO H 671 19.22 -46.19 32.94
N ALA H 672 20.13 -45.32 32.56
CA ALA H 672 20.32 -44.09 33.30
C ALA H 672 19.14 -43.15 33.05
N LEU H 673 18.76 -42.40 34.07
CA LEU H 673 17.80 -41.32 33.90
C LEU H 673 18.46 -40.24 33.04
N TYR H 674 19.75 -40.05 33.26
CA TYR H 674 20.58 -39.26 32.36
C TYR H 674 21.99 -39.83 32.37
N GLU H 675 22.63 -39.85 31.20
CA GLU H 675 24.01 -40.28 31.12
C GLU H 675 24.77 -39.29 30.26
N ALA H 676 25.77 -38.62 30.84
CA ALA H 676 26.50 -37.59 30.10
C ALA H 676 27.18 -38.15 28.85
N PHE H 677 27.94 -39.22 29.02
CA PHE H 677 28.54 -39.94 27.89
C PHE H 677 28.22 -41.44 27.85
N GLY H 678 28.59 -42.18 28.89
CA GLY H 678 28.51 -43.64 28.85
C GLY H 678 29.56 -44.57 28.26
N LEU H 679 30.80 -44.43 28.75
CA LEU H 679 31.88 -45.36 28.40
C LEU H 679 31.54 -46.85 28.43
N THR H 680 30.77 -47.32 29.40
CA THR H 680 30.39 -48.74 29.35
C THR H 680 29.69 -49.08 28.04
N VAL H 681 28.82 -48.19 27.57
CA VAL H 681 28.17 -48.39 26.28
C VAL H 681 29.23 -48.63 25.22
N VAL H 682 30.29 -47.84 25.25
CA VAL H 682 31.37 -48.04 24.31
C VAL H 682 32.04 -49.39 24.57
N GLU H 683 32.36 -49.67 25.82
CA GLU H 683 33.04 -50.91 26.15
C GLU H 683 32.27 -52.13 25.64
N ALA H 684 30.99 -52.16 25.93
CA ALA H 684 30.12 -53.25 25.54
C ALA H 684 30.10 -53.47 24.02
N MET H 685 29.96 -52.39 23.26
CA MET H 685 29.96 -52.48 21.80
C MET H 685 31.32 -52.96 21.27
N THR H 686 32.38 -52.46 21.88
CA THR H 686 33.74 -52.82 21.52
C THR H 686 33.96 -54.31 21.71
N CYS H 687 33.26 -54.90 22.67
CA CYS H 687 33.38 -56.32 22.96
C CYS H 687 32.41 -57.18 22.15
N GLY H 688 31.48 -56.53 21.45
CA GLY H 688 30.52 -57.25 20.64
C GLY H 688 29.15 -57.43 21.27
N LEU H 689 28.98 -56.92 22.49
CA LEU H 689 27.72 -57.06 23.20
C LEU H 689 26.66 -56.09 22.70
N PRO H 690 25.58 -56.62 22.11
CA PRO H 690 24.44 -55.78 21.70
C PRO H 690 24.00 -54.92 22.87
N THR H 691 23.75 -53.64 22.64
CA THR H 691 23.50 -52.71 23.74
C THR H 691 22.16 -51.97 23.68
N PHE H 692 21.48 -51.90 24.82
CA PHE H 692 20.29 -51.07 24.95
C PHE H 692 20.57 -49.96 25.94
N ALA H 693 20.64 -48.72 25.46
CA ALA H 693 21.06 -47.63 26.32
C ALA H 693 20.00 -46.55 26.48
N THR H 694 20.12 -45.80 27.57
CA THR H 694 19.23 -44.69 27.85
C THR H 694 19.31 -43.71 26.69
N CYS H 695 18.18 -43.11 26.35
CA CYS H 695 18.13 -42.14 25.26
C CYS H 695 18.31 -40.74 25.81
N LYS H 696 18.55 -40.65 27.11
CA LYS H 696 18.70 -39.36 27.77
C LYS H 696 20.19 -39.06 27.98
N GLY H 697 20.71 -38.08 27.22
CA GLY H 697 22.13 -37.78 27.24
C GLY H 697 22.93 -38.42 26.11
N GLY H 698 24.25 -38.53 26.31
CA GLY H 698 25.18 -38.99 25.29
C GLY H 698 24.88 -40.25 24.50
N PRO H 699 24.38 -41.30 25.15
CA PRO H 699 24.09 -42.53 24.41
C PRO H 699 23.13 -42.36 23.23
N ALA H 700 22.35 -41.28 23.22
CA ALA H 700 21.50 -40.96 22.08
C ALA H 700 22.33 -40.78 20.81
N GLU H 701 23.49 -40.15 20.97
CA GLU H 701 24.43 -39.96 19.87
C GLU H 701 25.33 -41.15 19.57
N ILE H 702 25.63 -41.95 20.59
CA ILE H 702 26.54 -43.07 20.40
C ILE H 702 25.89 -44.17 19.60
N ILE H 703 24.66 -44.51 19.96
CA ILE H 703 23.97 -45.63 19.33
C ILE H 703 23.05 -45.14 18.23
N VAL H 704 23.16 -45.78 17.06
CA VAL H 704 22.18 -45.56 16.00
C VAL H 704 21.13 -46.65 16.16
N HIS H 705 19.92 -46.24 16.55
CA HIS H 705 18.89 -47.18 16.94
C HIS H 705 18.62 -48.24 15.87
N GLY H 706 18.58 -49.51 16.29
CA GLY H 706 18.34 -50.61 15.37
C GLY H 706 19.49 -50.92 14.44
N LYS H 707 20.63 -50.25 14.62
CA LYS H 707 21.76 -50.45 13.73
C LYS H 707 23.03 -50.82 14.50
N SER H 708 23.48 -49.89 15.35
CA SER H 708 24.58 -50.16 16.28
C SER H 708 24.08 -50.53 17.70
N GLY H 709 22.77 -50.61 17.86
CA GLY H 709 22.17 -50.90 19.16
C GLY H 709 20.75 -50.38 19.26
N PHE H 710 20.25 -50.20 20.48
CA PHE H 710 18.89 -49.69 20.66
C PHE H 710 18.79 -48.63 21.76
N HIS H 711 17.85 -47.70 21.60
CA HIS H 711 17.56 -46.72 22.61
C HIS H 711 16.40 -47.20 23.45
N ILE H 712 16.43 -46.87 24.74
CA ILE H 712 15.30 -47.13 25.62
C ILE H 712 15.06 -45.90 26.48
N ASP H 713 13.81 -45.68 26.86
CA ASP H 713 13.43 -44.51 27.65
C ASP H 713 13.23 -44.91 29.11
N PRO H 714 14.18 -44.51 29.98
CA PRO H 714 14.18 -44.82 31.41
C PRO H 714 12.92 -44.33 32.12
N TYR H 715 12.21 -43.40 31.49
CA TYR H 715 10.94 -42.95 32.03
C TYR H 715 9.77 -43.89 31.71
N HIS H 716 9.89 -44.64 30.61
CA HIS H 716 8.99 -45.77 30.43
C HIS H 716 9.81 -47.05 30.49
N GLY H 717 9.72 -47.76 31.61
CA GLY H 717 10.64 -48.84 31.88
C GLY H 717 10.07 -50.17 31.48
N ASP H 718 8.76 -50.23 31.39
CA ASP H 718 8.08 -51.46 31.03
C ASP H 718 8.16 -51.65 29.52
N GLN H 719 8.14 -50.54 28.79
CA GLN H 719 8.33 -50.55 27.35
C GLN H 719 9.77 -50.98 27.04
N ALA H 720 10.71 -50.55 27.89
CA ALA H 720 12.10 -50.95 27.75
C ALA H 720 12.25 -52.44 28.05
N ALA H 721 11.61 -52.87 29.13
CA ALA H 721 11.63 -54.28 29.49
C ALA H 721 11.16 -55.11 28.30
N ASP H 722 9.97 -54.80 27.80
CA ASP H 722 9.39 -55.53 26.68
C ASP H 722 10.30 -55.49 25.45
N THR H 723 10.81 -54.30 25.14
CA THR H 723 11.74 -54.13 24.05
C THR H 723 12.88 -55.15 24.15
N LEU H 724 13.41 -55.30 25.36
CA LEU H 724 14.45 -56.29 25.64
C LEU H 724 13.99 -57.72 25.41
N ALA H 725 12.81 -58.04 25.94
CA ALA H 725 12.20 -59.35 25.72
C ALA H 725 12.00 -59.61 24.22
N ASP H 726 11.66 -58.57 23.47
CA ASP H 726 11.50 -58.70 22.03
C ASP H 726 12.80 -59.18 21.41
N PHE H 727 13.88 -58.46 21.66
CA PHE H 727 15.19 -58.81 21.13
C PHE H 727 15.53 -60.27 21.42
N PHE H 728 15.29 -60.70 22.65
CA PHE H 728 15.63 -62.07 22.99
C PHE H 728 14.76 -63.07 22.23
N THR H 729 13.46 -62.81 22.16
CA THR H 729 12.55 -63.63 21.36
C THR H 729 13.01 -63.70 19.90
N LYS H 730 13.18 -62.54 19.26
CA LYS H 730 13.66 -62.50 17.88
C LYS H 730 14.98 -63.25 17.74
N CYS H 731 15.83 -63.12 18.75
CA CYS H 731 17.15 -63.74 18.72
C CYS H 731 17.04 -65.25 18.82
N LYS H 732 16.03 -65.72 19.55
CA LYS H 732 15.77 -67.15 19.69
C LYS H 732 15.34 -67.74 18.35
N GLU H 733 14.33 -67.12 17.73
CA GLU H 733 13.88 -67.53 16.38
C GLU H 733 15.01 -67.39 15.37
N ASP H 734 15.66 -66.24 15.37
CA ASP H 734 16.66 -65.91 14.37
C ASP H 734 18.01 -65.52 15.00
N PRO H 735 18.90 -66.52 15.17
CA PRO H 735 20.15 -66.30 15.91
C PRO H 735 21.01 -65.19 15.32
N SER H 736 20.86 -64.96 14.01
CA SER H 736 21.68 -63.99 13.31
C SER H 736 21.23 -62.54 13.55
N HIS H 737 20.08 -62.38 14.21
CA HIS H 737 19.63 -61.04 14.57
C HIS H 737 20.61 -60.45 15.58
N TRP H 738 21.07 -61.31 16.50
CA TRP H 738 22.05 -60.93 17.51
C TRP H 738 23.37 -60.49 16.85
N ASP H 739 23.86 -61.31 15.92
CA ASP H 739 25.08 -61.00 15.16
C ASP H 739 24.98 -59.69 14.38
N GLU H 740 23.79 -59.40 13.83
CA GLU H 740 23.59 -58.16 13.07
C GLU H 740 23.91 -56.96 13.95
N ILE H 741 23.24 -56.91 15.10
CA ILE H 741 23.42 -55.79 16.02
C ILE H 741 24.83 -55.73 16.56
N SER H 742 25.43 -56.90 16.78
CA SER H 742 26.81 -56.98 17.29
C SER H 742 27.83 -56.37 16.33
N LYS H 743 27.79 -56.81 15.07
CA LYS H 743 28.66 -56.26 14.05
C LYS H 743 28.36 -54.78 13.86
N GLY H 744 27.11 -54.41 14.12
CA GLY H 744 26.67 -53.03 14.00
C GLY H 744 27.41 -52.07 14.91
N GLY H 745 27.39 -52.36 16.21
CA GLY H 745 28.09 -51.54 17.18
C GLY H 745 29.60 -51.65 17.04
N LEU H 746 30.07 -52.82 16.65
CA LEU H 746 31.49 -53.02 16.43
C LEU H 746 32.05 -52.00 15.46
N GLN H 747 31.35 -51.79 14.37
CA GLN H 747 31.81 -50.88 13.32
C GLN H 747 31.57 -49.45 13.73
N ARG H 748 30.48 -49.23 14.46
CA ARG H 748 30.16 -47.92 14.96
C ARG H 748 31.30 -47.40 15.81
N ILE H 749 31.87 -48.28 16.64
CA ILE H 749 33.03 -47.92 17.44
C ILE H 749 34.25 -47.57 16.57
N GLU H 750 34.59 -48.44 15.63
CA GLU H 750 35.68 -48.17 14.69
C GLU H 750 35.57 -46.80 14.01
N GLU H 751 34.34 -46.41 13.69
CA GLU H 751 34.10 -45.19 12.94
C GLU H 751 34.29 -43.93 13.80
N LYS H 752 33.76 -43.97 15.03
CA LYS H 752 33.67 -42.78 15.88
C LYS H 752 34.62 -42.78 17.08
N TYR H 753 34.49 -43.76 17.97
CA TYR H 753 35.24 -43.69 19.23
C TYR H 753 36.47 -44.59 19.33
N THR H 754 37.64 -43.96 19.22
CA THR H 754 38.92 -44.63 19.33
C THR H 754 39.92 -43.61 19.80
N TRP H 755 40.99 -44.05 20.45
CA TRP H 755 41.87 -43.13 21.13
C TRP H 755 42.94 -42.44 20.28
N GLN H 756 43.26 -42.99 19.11
CA GLN H 756 44.48 -42.52 18.42
C GLN H 756 44.37 -41.17 17.71
N ILE H 757 43.15 -40.78 17.33
CA ILE H 757 42.91 -39.45 16.78
C ILE H 757 42.79 -38.40 17.89
N TYR H 758 42.22 -38.81 19.03
CA TYR H 758 41.96 -37.91 20.13
C TYR H 758 43.20 -37.14 20.50
N SER H 759 44.28 -37.86 20.78
CA SER H 759 45.52 -37.23 21.20
C SER H 759 46.02 -36.22 20.16
N GLN H 760 46.01 -36.60 18.89
CA GLN H 760 46.50 -35.72 17.82
C GLN H 760 45.64 -34.47 17.72
N ARG H 761 44.33 -34.65 17.78
CA ARG H 761 43.39 -33.54 17.75
C ARG H 761 43.68 -32.57 18.89
N LEU H 762 43.88 -33.12 20.08
CA LEU H 762 44.06 -32.32 21.28
C LEU H 762 45.32 -31.47 21.27
N LEU H 763 46.44 -32.01 20.80
CA LEU H 763 47.68 -31.23 20.74
C LEU H 763 47.52 -30.08 19.76
N THR H 764 47.02 -30.41 18.57
CA THR H 764 46.70 -29.41 17.57
C THR H 764 45.84 -28.28 18.13
N LEU H 765 44.79 -28.62 18.88
CA LEU H 765 43.95 -27.60 19.49
C LEU H 765 44.74 -26.71 20.46
N THR H 766 45.75 -27.28 21.12
CA THR H 766 46.56 -26.51 22.05
C THR H 766 47.42 -25.49 21.30
N GLY H 767 47.91 -25.89 20.12
CA GLY H 767 48.69 -24.99 19.29
C GLY H 767 47.88 -23.77 18.88
N VAL H 768 46.68 -24.03 18.36
CA VAL H 768 45.81 -22.98 17.85
C VAL H 768 45.28 -22.05 18.93
N TYR H 769 44.63 -22.60 19.95
CA TYR H 769 44.09 -21.76 21.02
C TYR H 769 45.20 -21.13 21.83
N GLY H 770 46.39 -21.73 21.76
CA GLY H 770 47.56 -21.16 22.39
C GLY H 770 47.92 -19.86 21.73
N PHE H 771 48.01 -19.87 20.40
CA PHE H 771 48.29 -18.66 19.65
C PHE H 771 47.15 -17.65 19.74
N TRP H 772 45.91 -18.14 19.64
CA TRP H 772 44.74 -17.29 19.78
C TRP H 772 44.79 -16.51 21.10
N LYS H 773 45.36 -17.14 22.13
CA LYS H 773 45.54 -16.48 23.41
C LYS H 773 46.19 -15.12 23.28
N HIS H 774 47.28 -15.05 22.52
CA HIS H 774 48.06 -13.81 22.40
C HIS H 774 47.39 -12.79 21.49
N VAL H 775 46.67 -13.27 20.50
CA VAL H 775 45.95 -12.40 19.59
C VAL H 775 44.75 -11.75 20.27
N SER H 776 43.90 -12.58 20.85
CA SER H 776 42.66 -12.10 21.47
C SER H 776 42.82 -11.66 22.93
N ASN H 777 44.06 -11.73 23.43
CA ASN H 777 44.38 -11.39 24.81
C ASN H 777 43.91 -10.02 25.27
N LEU H 778 44.01 -9.03 24.38
CA LEU H 778 43.64 -7.66 24.71
C LEU H 778 42.17 -7.55 25.08
N ASP H 779 41.31 -8.23 24.32
CA ASP H 779 39.87 -8.16 24.55
C ASP H 779 39.33 -9.00 25.72
N ARG H 780 39.87 -10.20 25.88
CA ARG H 780 39.40 -11.11 26.93
C ARG H 780 39.75 -10.54 28.31
N LEU H 781 40.51 -9.46 28.33
CA LEU H 781 40.90 -8.80 29.57
C LEU H 781 39.72 -8.39 30.44
N GLU H 782 38.61 -8.01 29.83
CA GLU H 782 37.42 -7.62 30.59
C GLU H 782 36.68 -8.83 31.13
N ALA H 783 36.60 -9.88 30.32
CA ALA H 783 36.04 -11.14 30.76
C ALA H 783 36.88 -11.75 31.90
N ARG H 784 38.19 -11.58 31.80
CA ARG H 784 39.09 -12.05 32.83
C ARG H 784 38.72 -11.40 34.17
N ARG H 785 38.53 -10.10 34.17
CA ARG H 785 38.22 -9.37 35.40
C ARG H 785 36.85 -9.74 35.96
N TYR H 786 35.86 -9.78 35.07
CA TYR H 786 34.50 -10.16 35.44
C TYR H 786 34.54 -11.49 36.17
N LEU H 787 35.26 -12.45 35.60
CA LEU H 787 35.35 -13.81 36.15
C LEU H 787 36.13 -13.89 37.47
N GLU H 788 37.21 -13.13 37.57
CA GLU H 788 37.93 -13.02 38.84
C GLU H 788 36.97 -12.54 39.93
N MET H 789 36.11 -11.59 39.57
CA MET H 789 35.17 -11.05 40.53
C MET H 789 34.12 -12.07 40.94
N PHE H 790 33.55 -12.77 39.96
CA PHE H 790 32.58 -13.82 40.22
C PHE H 790 33.18 -14.86 41.19
N TYR H 791 34.41 -15.25 40.94
CA TYR H 791 35.07 -16.19 41.83
C TYR H 791 35.16 -15.63 43.23
N ALA H 792 35.78 -14.46 43.36
CA ALA H 792 36.04 -13.88 44.67
C ALA H 792 34.77 -13.57 45.47
N LEU H 793 33.82 -12.88 44.85
CA LEU H 793 32.67 -12.38 45.59
C LEU H 793 31.48 -13.34 45.62
N LYS H 794 31.56 -14.41 44.82
CA LYS H 794 30.44 -15.33 44.65
C LYS H 794 30.76 -16.76 45.10
N TYR H 795 31.75 -17.37 44.45
CA TYR H 795 32.18 -18.71 44.84
C TYR H 795 32.73 -18.79 46.27
N ARG H 796 33.75 -18.01 46.58
CA ARG H 796 34.39 -18.15 47.89
C ARG H 796 33.37 -18.14 49.04
N PRO H 797 32.42 -17.19 49.04
CA PRO H 797 31.40 -17.23 50.07
C PRO H 797 30.59 -18.54 50.07
N LEU H 798 30.15 -18.98 48.89
CA LEU H 798 29.35 -20.19 48.81
C LEU H 798 30.11 -21.40 49.36
N ALA H 799 31.38 -21.48 49.00
CA ALA H 799 32.25 -22.58 49.40
C ALA H 799 32.50 -22.60 50.90
N GLN H 800 32.85 -21.44 51.45
CA GLN H 800 33.17 -21.34 52.86
C GLN H 800 31.98 -21.71 53.72
N ALA H 801 30.78 -21.49 53.19
CA ALA H 801 29.54 -21.85 53.86
C ALA H 801 29.29 -23.37 53.89
N VAL H 802 29.96 -24.11 53.01
CA VAL H 802 29.86 -25.57 53.04
C VAL H 802 30.53 -26.12 54.29
N PRO H 803 29.80 -26.95 55.06
CA PRO H 803 30.31 -27.50 56.33
C PRO H 803 31.54 -28.38 56.11
N LEU H 804 32.55 -28.20 56.95
CA LEU H 804 33.80 -28.95 56.84
C LEU H 804 33.67 -30.37 57.35
N ALA H 805 34.43 -31.28 56.73
CA ALA H 805 34.55 -32.63 57.22
C ALA H 805 35.20 -32.65 58.60
N GLN H 806 34.78 -33.58 59.45
CA GLN H 806 35.38 -33.78 60.77
C GLN H 806 36.04 -35.16 60.80
N ASP H 807 37.35 -35.17 61.05
CA ASP H 807 38.10 -36.42 61.09
C ASP H 807 37.91 -37.18 62.40
#